data_7QH7
#
_entry.id   7QH7
#
_cell.length_a   1.00
_cell.length_b   1.00
_cell.length_c   1.00
_cell.angle_alpha   90.00
_cell.angle_beta   90.00
_cell.angle_gamma   90.00
#
_symmetry.space_group_name_H-M   'P 1'
#
loop_
_entity.id
_entity.type
_entity.pdbx_description
1 polymer '39S ribosomal protein L2, mitochondrial'
2 polymer '39S ribosomal protein L3, mitochondrial'
3 polymer '39S ribosomal protein L4, mitochondrial'
4 polymer '39S ribosomal protein L9, mitochondrial'
5 polymer '39S ribosomal protein L10, mitochondrial'
6 polymer '39S ribosomal protein L13, mitochondrial'
7 polymer '39S ribosomal protein L14, mitochondrial'
8 polymer '39S ribosomal protein L15, mitochondrial'
9 polymer '39S ribosomal protein L16, mitochondrial'
10 polymer '39S ribosomal protein L17, mitochondrial'
11 polymer '39S ribosomal protein L18, mitochondrial'
12 polymer '39S ribosomal protein L19, mitochondrial'
13 polymer '39S ribosomal protein L20, mitochondrial'
14 polymer '39S ribosomal protein L21, mitochondrial'
15 polymer '39S ribosomal protein L22, mitochondrial'
16 polymer '39S ribosomal protein L23, mitochondrial'
17 polymer '39S ribosomal protein L24, mitochondrial'
18 polymer '39S ribosomal protein L27, mitochondrial'
19 polymer '39S ribosomal protein L28, mitochondrial'
20 polymer '39S ribosomal protein L47, mitochondrial'
21 polymer '39S ribosomal protein L30, mitochondrial'
22 polymer '39S ribosomal protein L32, mitochondrial'
23 polymer '39S ribosomal protein L33, mitochondrial'
24 polymer '39S ribosomal protein L34, mitochondrial'
25 polymer '39S ribosomal protein L35, mitochondrial'
26 polymer '39S ribosomal protein L37, mitochondrial'
27 polymer '39S ribosomal protein L38, mitochondrial'
28 polymer '39S ribosomal protein L39, mitochondrial'
29 polymer '39S ribosomal protein L41, mitochondrial'
30 polymer '39S ribosomal protein L42, mitochondrial'
31 polymer '39S ribosomal protein L43, mitochondrial'
32 polymer '39S ribosomal protein L44, mitochondrial'
33 polymer '39S ribosomal protein L45, mitochondrial'
34 polymer '39S ribosomal protein L48, mitochondrial'
35 polymer '39S ribosomal protein L49, mitochondrial'
36 polymer '39S ribosomal protein L50, mitochondrial'
37 polymer '39S ribosomal protein L51, mitochondrial'
38 polymer '39S ribosomal protein L52, mitochondrial'
39 polymer 'Ribosomal protein 63, mitochondrial'
40 polymer 'Peptidyl-tRNA hydrolase ICT1, mitochondrial'
41 polymer 'Growth arrest and DNA damage-inducible proteins-interacting protein 1'
42 polymer '39S ribosomal protein S18a, mitochondrial'
43 polymer '39S ribosomal protein S30, mitochondrial'
44 polymer 'Mitochondrial assembly of ribosomal large subunit protein 1'
45 polymer 'MIEF1 upstream open reading frame protein'
46 polymer 'Acyl carrier protein, mitochondrial'
47 polymer '16S ribosomal RNA'
48 polymer 'mitochondrial tRNAVal'
49 polymer '39S ribosomal protein L36, mitochondrial'
50 non-polymer 'MAGNESIUM ION'
51 non-polymer 'ZINC ION'
52 water water
#
loop_
_entity_poly.entity_id
_entity_poly.type
_entity_poly.pdbx_seq_one_letter_code
_entity_poly.pdbx_strand_id
1 'polypeptide(L)'
;ANFVSWKSRTKYTITPVKMRKSGGRDHTGRIRVHGIGGGHKQRYRMIDFLRFRPEETKSGPFEEKVIQVRYDPCRSADIA
LVAGGSRKRWIIATENMQAGDTILNSNHIGRMAVAAREGDAHPLGALPVGTLINNVESEPGRGAQYIRAAGTCGVLLRKV
NGTAIIQLPSKRQMQVLETCVATVGRVSNVDHNKRVIGKAGRNRWLGKRPNSGRW
;
D
2 'polypeptide(L)'
;SGTWWDEHLSEENVPFIKQLVSDEDKAQLASKLCPLKDEPWPIHPWEPGSFRVGLIALKLGMMPLWTKDGQKHVVTLLQV
QDCHVLKYTSKENCNGKMATLSVGGKTVSRFRKATSILEFYRELGLPPKQTVKIFNITDNAAIKPGTPLYAAHFRPGQYV
DVTAKTIGKGFQGVMKRWGFKGQPATHGQTKTHRRPGAVATGDIGRVWPGTKMPGKMGNIYRTEYGLKVWRINTKHNIIY
VNGSVPGHKNCLVKVKDSKLPAYKDLGKNLPFPTYFPDGDEEELPEDLYDENVCQPGAPSITFA
;
E
3 'polypeptide(L)'
;EPVLRKVELPVPTHRRPVQAWVESLRGFEQERVGLADLHPDVFATAPRLDILHQVAMWQKNFKRISYAKTKTRAEVRGGG
RKPWPQKGTGRARHGSIRSPLWRGGGVAHGPRGPTSYYYMLPMKVRALGLKVALTVKLAQDDLHIMDSLELPTGDPQYLT
ELAHYRRWGDSVLLVDLTHEEMPQSIVEATSRLKTFNLIPAVGLNVHSMLKHQTLVLTLPTVAFLEDKLLWQDSRYRPLY
PFSLPYSDFP
;
F
4 'polypeptide(L)'
;TVIVERWWKVPLAGEGRKPRLHRRHRVYKLVEDTKHRPKENLELILTQSVENVGVRGDLVSVKKSLGRNRLLPQGLAVYA
SPENKKLFEEEKLLR
;
H
5 'polypeptide(L)' RRVMHFQRQKLMAVTEYIPPKPAIHPSCLP I
6 'polypeptide(L)'
;SSFSRAPQQWATFARIWYLLDGKMQPPGKLAAMASIRLQGLHKPVYHALSDCGDHVVIMNTRHIAFSGNKWEQKVYSSHT
GYPGGFRQVTAAQLHLRDPVAIVKLAIYGMLPKNLHRRTMMERLHLFPDEYIPEDILKNLVEELPQPRKIPKRLDEYTQE
EIDAFPRLWTPPEDYRL
;
K
7 'polypeptide(L)'
;AIQKMTRVRVVDNSALGNSPYHRAPRCIHVYKKNGVGKVGDQILLAIKGQKKKALIVGHCMPGPRMTPRFDSNNVVLIED
NGNPVGTRIKTPIPTSLRKREGEYSKVLAIAQNFV
;
L
8 'polypeptide(L)'
;ARALDLLRGLPRVSLANLKPNPGSKKPERRPRGRRRGRKCGRGHKGERQRGTRPRLGFEGGQTPFYIRIPKYGFNEGHSF
RRQYKPLSLNRLQYLIDLGRVDPSQPIDLTQLVNGRGVTIQPLKRDYGVQLVEEGADTFTAKVNIEVQLASELAIAAIEK
NGGVVTTAFYDPRSLDIVCKPVPFFLRGQPIPKRMLPPEELVPYYTDAKNRGYLADPAKFPEARLELARKYGYILPDITK
DELFKMLCTRKDPRQIFFGLAPGWVVNMADKKILKPTDENLLKYYTS
;
M
9 'polypeptide(L)'
;RFIERAPLVPKVRREPKNLSDIRGPSTEATEFTEGNFAILALGGGYLHWGHFEMMRLTINRSMDPKNMFAIWRVPAPFKP
ITRKSVGHRMGGGKGAIDHYVTPVKAGRLVVEMGGRCEFEEVQGFLDQVAHKLPFAAKAVSRGTLEKMRKDQEERERNNQ
NPWTFERIATANMLGIRKVLSPYDLTHKGKYWGKFYMPKRV
;
N
10 'polypeptide(L)'
;ISHGRVFRRMGLGPESRIHLLRNLLTGLVRHERIEAPWARVDEMRGYAEKLIDYGKLGDTNERAMRMADFWLTEKDLIPK
LFQVLAPRYKDQTGGYTRMLQIPNRSLDRAKMAVIEYKGNCLPPLPLPRRDSHLTLLNQLLQGLRQDLRQSQ
;
O
11 'polypeptide(L)'
;VENEAVAPEFTNRNPRNLELLSVARKERGWRTVFPSREFWHRLRVIRTQHHVEALVEHQNGKVVVSASTREWAIKKHLYS
TRNVVACESIGRVLAQRCLEAGINFMVYQPTPWEAASDSMKRLQSAMTEGGVVLREPQRIY
;
P
12 'polypeptide(L)'
;RFLSPEFIPRRGRTDPLKFQIERKDMLERRKVLHIPEFYVGSILRVTTADPYASGKISQFLGICIQRSGRGLGATFILRN
VIEGQGVEICFELYNPRVQEIQVVKLEKRLDDSLLYLRDALPEYSTFDVNMKPVVQEPNQKVPVNELKVKMKPKPWSKRW
ERPNFNIKGIRFDLCLTEQQMKEAQKWNQPWLEFDMMREYDTSKIEAAIWKEIEASK
;
Q
13 'polypeptide(L)'
;LRNRVTDRYFRIQEVLKHARHFRGRKNRCYRLAVRTVIRAFVKCTKARYLKKKNMRTLWINRITAASQEHGLKYPALIGN
LVKCQVELNRKVLADLAIYEPKTFKSLAALASRRRHEGFAAALGDGKEPEGIFSRVVQY
;
R
14 'polypeptide(L)'
;GYVPKTSLSSPPWPEVVLPDPVEETRHHAEVVKKVNEMIVTGQYGRLFAVVHFASRQWKVTSEDLILIGNELDLACGERI
RLEKVLLVGADNFTLLGKPLLGKDLVRVEATVIEKTESWPRIIMRFRKRKNFKKKRIVTTPQTVLRINSIEIAPCL
;
S
15 'polypeptide(L)'
;ISRKWEKKNKIVYPPQLPGEPRRPAEIYHCRRQIKYSKDKMWYLAKLIRGMSIDQALAQLEFNDKKGAKIIKEVLLEAQD
MAVRDHNVEFRSNLYIAESTSGRGQCLKRIRYHGRGRFGIMEKVYCHYFVKLVEGPPPPPEPPKTAVAHAKEYIQQLRSR
TIVHTL
;
T
16 'polypeptide(L)'
;ARNVVYPLYRLGGPQLRVFRTNFFIQLVRPGVAQPEDTVQFRIPMEMTRVDLRNYLEGIYNVPVAAVRTRVQHGSNKRRD
HRNVRIKKPDYKVAYVQLAHGQTFTFPDLFPSDPRRGGVPSWFGL
;
U
17 'polypeptide(L)' TWIDGPKDTSVEDALERTYVPCLKTLQEEVMEAMGIKETRKYKKVYWY V
18 'polypeptide(L)'
;RRQGIKKMEGHYVHAGNIIATQRHFRWHPGAHVGVGKNKCLYALEEGIVRYTKEVYVPHPRNTEAVDLITRLPKGAVLYK
TFVHVVPAKPEGTFKLVAML
;
W
19 'polypeptide(L)'
;PLHKYPVWLWKRLQLREGICSRLPGHYLRSLEEERTPTPVHYRPHGAKFKINPKNGQRERVEDVPIPIYFPPESQRGLWG
GEGWILGQIYANNDKLSKRLKKVWKPQLFEREFYSEILDKKFTVTVTMRTLDLIDEAYGLDFYILKTPKEDLCSKFGMDL
KRGMLLRLARQDPQLHPEDPERRAAIYDKYKEFAIPEEEAEWVGLTLEEAIEKQRLLEEKDPVPLFKIYVAELIQQLQQQ
ALS
;
X
20 'polypeptide(L)'
;GLEEFFDDPKNWGQEKVKSGAAWTCQQLRNKSNEDLHKLWYVLLKERNMLLTLEQEAKRQRLPMPSPERLDKVVDSMDAL
DKVVQEREDALRLLQTGQERARPGAWRRDIFGRIIWHKFKQWVIPWHLNKRYNRKRFFALPYVDHFLRLEREKRARIKAR
KENLERKKAKILLKK
;
Y
21 'polypeptide(L)'
;KFTRSRIPEKVFQASPEDHEKYGGDPQNPHKLHIVTRIKSTRRRPYWEKDIIKMLGLEKAHTPQVHKNIPSVNAKLKVVK
HLIRIKPLKLPQGLPAEENMSNTCLKSTGELVVQW
;
Z
22 'polypeptide(L)'
;AAPKNRRTIEVNRCRRRNPQKLIKVKNNIDVCPECGHLKQKHVLCAYCYEKVCKETAEIRRQIGKQEGGPFKAPTIETVV
LYTGETPSEQDQGKRIIERDRKRPSWFT
;
0
23 'polypeptide(L)' KNILVRMVSEAGTGFCFNTKRNRLREKLTLLHYDPVVKQRVLFVEKKKI 1
24 'polypeptide(L)' ARGNEYQPSNIKRKNKHGWVRRLSTPAGVQVILRRMLKGRKSLSH 2
25 'polypeptide(L)'
;LTYFSARKGKRKTVKAVIDRFLRLHCGLWVRRKAGYKKKLWKKTPARKKRLREFVFCNKTQSKLLDKMTTSFWKRRNWYV
DDPYQKYHDRTNLKV
;
3
26 'polypeptide(L)'
;YEWGVRSTRKSEPPPLDRVYEIPGLEPITFAGKMHFVPWLARPIFPPWDRGYKDPRFYRSPPLHEHPLYKDQACYIFHHR
CRLLEGVKQALWLTKTKLIEGLPEKVLSLVDDPRNHIENQDECVLNVISHARLWQTTEEIPKRETYCPVIVDNLIQLCKS
QILKHPSLARRICVQNSTFSATWNRESLLLQVRGSGGARLSTKDPLPTIASREEIEATKNHVLETFYPISPIIDLHECNI
YDVKNDTGFQEGYPYPYPHTLYLLDKANLRPHRLQPDQLRAKMILFAFGSALAQARLLYGNDAKVLEQPVVVQSVGTDGR
VFHFLVFQLNTTDLDCNEGVKNLAWVDSDQLLYQHFWCLPVIKKRVVVEPVGPVGFKPETFRKFLALYLHGA
;
5
27 'polypeptide(L)'
;RRTPPLGPMPNSDIDLSNLERLEKYRSFDRYRRRAEQEAQAPHWWRTYREYFGPLDAVRAEWERTCGPYHKQRLAEYYGL
YRDLFHGATFVPRVPLHVAYAVGEDDLMPVYCGNEVTPTEAAQAPEVTYEAELWTLLLTSLDGHLLEPDAEYLHWLLTNI
PGNRVAEGQVTCPYLPPFPARGSGIHRLAFLLFKQDQPIDFSYQLAQRTFRTFDFYKKHQETMTPAGLSFFQCRWDDSVT
YIFHQLLDMREPVFEFVRPPPYHPKQKRFPHRQPLRYLDRYRDSHEPTYGIY
;
6
28 'polypeptide(L)'
;SPTELTEMRNDLFNKEKARQLSLTPRTEKIEVKHVGKTDPGTVFVMNKNISTPYSCAMHLSEWYCRKSILALVDGQPWDM
YKPLTKSCEIKFLTFKDCDPGEVNKAYWRSCAMMMGCVIERAFKDEYMVNLVRAPEVPVISGAFCYDVVLDSKLDEWMPT
KENLRSFTKDAHALIYKDLPFETLEVEAKVALEIFQHSKYKVDFIEEKASQNPERIVKLHRIGDFIDVSEGPLIPRTSIC
FQYEVSAVHNLQPTQPSLIRRFQGVSLPVHLRAHFTIWDKLLERSRK
;
7
29 'polypeptide(L)'
;ADRMSKWTSKRGPRSFRGRKGRGAKGIGFLTSGWRFVQIKEMVPEFVVPDLTGFKLKPYVSYLAPESEETPLTAAQLFSE
AVAPAIEKDFKDGTFDPDNLEKYGFEPTQEGKLFQLYPRNFLR
;
9
30 'polypeptide(L)' LPDDYNCNVELALTSDGRTIVCYHPSVDIPYEHTKPIPRHLEEGPMIEQLSKMFFTTKHRWYPHGRYHRCRKNLNPPKDR a
31 'polypeptide(L)'
;TARGTPSRFLASVLHNGLGRYVQQLQRLSFSVSRDGASSRGAREFVEREVIDFARRNPGVVIYVNSRPCCVPRVVAEYLN
GAVREESIHCKSVEEISTLVQKLADQSGLDVIRIRKPFHTDNPSIQGQWHPFTNKPTTFRGLRPREVQ
;
b
32 'polypeptide(L)'
;VKKGFRAAFRFQKELERQRLLRCPPPPVRRSEKPNWDYHAEIQAFGHRLQENFSLDLLKTAFVNSCYIKSEEAKRQQLGI
EKEAVLLNLKSNQELSEQGTSFSQTCLTQFLEDEYPDMPTEGIKNLVDFLTGEEVVCHVARNLAVEQLTLSEEFPVPPAV
LQQTFFAVIGALLQSSGPERTALFIRDFLITQMTGKELFEMWKIINPMGLLVEELKKRNVSAPESRLTRQSGGTTALPLY
FVGLYCDKKLIAEGPGETVLVAEEEAARVALRKLYGFTENRRPWNYS
;
c
33 'polypeptide(L)'
;ASQVSIRRIKDYDANFKIKDFPEKAKDIFIEAHLCLNNSDHDRLHTLVTEHCFPDMTWDIKYKTVRWSFVESLEPSHVVQ
VRCSSMMNQGNVYGQITVRMHTRQTLAIYDRFGRLMYGQEDVPKDVLEYVVFEKQLTNPYGSWRMHTKIVPPWAPPKQPI
LKTVMIPGP
;
d
34 'polypeptide(L)' YKTKPTHGIGKYKHLIK f
35 'polypeptide(L)'
;FVESVDEYQFVERLLPATRIPDPPKHEHYPTPSGWQPPRDPPPNLPYFVRRSRMHNIPVYKDITHGNRQMTVIRKVEGDI
WALQKDVEDFLSPLLGKTPVTQVNEVTGTLRIKGYFDQELKAWLLEKGF
;
g
36 'polypeptide(L)'
;PPLRSRAYTPPEDLQSRLESYVKEVFGSSLPSNWQDISLEDSRLKFNLLAHLADDLGHVVPNSRLHQMCRVRDVLDFYNV
PIQDRSKFDELSASNLPPNLKITWS
;
h
37 'polypeptide(L)'
;IGIRLTLPPPKVVDRWNEKRAMFGVYDNIGILGNFEKHPKELIRGPIWLRGWKGNELQRCIRKRKMVGSRMFADDLHNLN
KRIRYLYKHFNRHGKFR
;
i
38 'polypeptide(L)'
;AGGQWRLQQGLAANPSGYGPLTELPDWSYADGRPAPPMKGQLRRKAERETFARRVVLLSQEMDAGLQAWQLRQQKLQEEQ
RKQENA
;
j
39 'polypeptide(L)'
;RRPRFVSLRAKQNMIRRLEIEAENHYWLSMPYMTREQERGHAAVRRREAFEAIKAAATSKFPPHRFIADQLDHLNVTKKW
S
;
o
40 'polypeptide(L)'
;EFKSIYSLDKLYPESQGSDTAWRVDIPLDRLTISYCRNSKAEVRFHLATAEWIAEPVRQKIAITHKNKINRLGELILTSE
SSRYQFRNLADCLQKIRDMITEASQKLHRIRIENMNRERLRQKRI
;
p
41 'polypeptide(L)'
;YRARPPPRRRPGPRWPDPEDLLTPRWQLGPRYAAKQFARYGAASGVVPGSLWPSPEQLRELEAEEREWYPSLATMQESLR
VKQLAEEQKRREREQHIAECM
;
q
42 'polypeptide(L)'
;PKESPNPPNPSGQCPICRWNLKHKYNYDDVLLLSQFIRPHGGMLPRKITGLCQEEHRKIEECVKMAHRAGLLPNHRPRLP
EGVVPKSKPQLNRYLTRWAPGSVKPIYKKGPRWNRVRMPVGSPLLRDNVCYSRTPWKLYH
;
r
43 'polypeptide(L)'
;VARYPPIVASMTADSKAARLRRIERWQATVHAAESVDEKLRILTKMQFMKYMVYPQTFALNADRWYQYFTKTVFLSGLPP
PPAEPEPEPEPEPEPALDLAALRAVACDCLLQEHFYLRRRRRVHRYEESEVISLPFLDQLVSTLVGLLSPHNPALAAAAL
DYRCPVHFYWVRGEEIIPRGHRRGRIDDLRYQIDDKPNNQIRISKQLAEFVPLDYSVPIEIPTIKCKPDKLPLFKRQYEN
HIFVGSKTADPCCYGHTQFHLLPDKLRRERLLRQNCADQIEVVFRANAIASLFAWTGAQAMYQGFWSEADVTRPFVSQAV
ITDGKYFSFFCYQLNTLALTTQADQNNPRKNICWGTQSKPLYETIEDNDVKGFNDDVLLQIVHFLLNRPK
;
s
44 'polypeptide(L)'
;KFDIDMMVSLLRQENARDICVIQVPPEMRYTDYFVIVSGTSTRHLHAMAFYVVKMYKHLKCKRDPHVKIEGKDTDDWLCV
DFGSMVIHLMLPETREIYELEKLWTLRSYDD
;
u
45 'polypeptide(L)' APWSREAVLSLYRALLRQGRQLRYTDRDFYFASIRREFRKNQKLEDAEARERQLEKGLVFLNGKLGRII v
46 'polypeptide(L)' LTLEGIQDRVLYVLKLYDKIDPEKLSVNSHFMKDLGLDSLDQVEIIMAMEDEFGFEIPDIDAEKLMCPQEIVDYIADKK w
47 'polyribonucleotide'
;GCUAAACCUAGCCCCAAACCCCCACCUUACUACCACAACUUAGCCAAACCAUUUACAUAAAGUAUAGGCGAUAGAAAUUG
AUGGCGCAAUAGAUAUAGUACCGCAAGGGAAAGACAAGCAUAAUAUAGCAAGGACUAACCCCUAUACCUUCUGCAUAAUG
AAUUAACUAGAAAUAACUUUGCAAGGAGAGCCAAAGCUAAGACCCCCGAAACCAGACGAGCUACCUAAGAACAGCUAAAA
GAGCACACCCGUCUAUGUAGCAAAAUAGUGGGAAGAUUUAUAGGUAGAGGCGACAAACCUACCGAGCCUGGUGAUAGCUG
GUUGUCCAAGAUAGAAUCUUAGUUCAACUUUAAAUUUGCCCACAGAACCAAAUCCCCUUGUAAAUUUAACUGUUAGUCCA
AAGAGGAACAGCUCUUUGGACACUAGGAAAAAACCUUGUAGAGAGAGUAAAAAAUGAUCCCAAACAUAUAACUGAACUCC
UCACACCCAAUUGGACCAAUCUAUCAUAUAGAAGAACUAAUGUUAGUAUAAGUAACAUGAAAACAUUCUCCUCCGCAUAA
GCCUGCGUCAGAUCUGACAAUUAACAGCCCAAUAUCUACAAUCAACCAACAAGUUAUUACCCUCACUGUCAACCCAACCA
GGCAUGCUCAUAAGGAAAGGUUAAAAAAAGUAAAAGGAACUCGGCAAAUCUUACCCCGCCUGUUUACCAAAAACAUCACC
UCUAGCAUCACCAGUAUUAGAGGCACCGCCUCCUUAAAUAGGCUCCACGAGGGUUCAGCUGUCUCUUACUUUUAACCAGU
GAAAUUGACCUGCCCGUGAGGCGGGCAUAACACAGCAAGACGAAGACCCUAUGGAGCUUUAAUUUAUUAAUGCAAAACCU
GCAUUAAAAAUUUCGGUUGGGGCGACCUCGGAGCAGAACCCAACCUCCGAGGCUAAGACUUCACCAGUCAAAGCGAAGAU
CCAAUAACUUGACCAACGGAACAAGUUACCCUAGGGCAAUCCUAUUCUAGAGUCCAUAUCAACAAUAGGGUUUACUGGAU
CAGGACAUCCCGAUGGUGCAGCCGCUAUUAAAGGUUCGUUUGUUCAACGAUUAAAGUCCUCGUGAUCUGAGUUCAGACCG
GAGUAAUCCAGGUCGGUUUCUAUCUACUUUAUUCCUCCCUGUACGAAAGGACAAGAGAAAUAAGGCCUACUUCACAAAGC
GCCUUCUAAAUGAUAUCAUCUCAACUUAAUACCCACACCCACCCAAGAACAGGGUU
;
A
48 'polyribonucleotide' AGAGUGUAGCUUAACACAAAGCACCCAACUUACACUUAGGAGAUUUCAAUUGACGCUCUGA B
49 'polypeptide(L)' FKNKTVLKKRCKDCYLVKRRGRWYVYCKTHPRHKQRQ 4
#
loop_
_chem_comp.id
_chem_comp.type
_chem_comp.name
_chem_comp.formula
A RNA linking ADENOSINE-5'-MONOPHOSPHATE 'C10 H14 N5 O7 P'
C RNA linking CYTIDINE-5'-MONOPHOSPHATE 'C9 H14 N3 O8 P'
G RNA linking GUANOSINE-5'-MONOPHOSPHATE 'C10 H14 N5 O8 P'
MG non-polymer 'MAGNESIUM ION' 'Mg 2'
U RNA linking URIDINE-5'-MONOPHOSPHATE 'C9 H13 N2 O9 P'
ZN non-polymer 'ZINC ION' 'Zn 2'
#
# COMPACT_ATOMS: atom_id res chain seq x y z
N ALA A 1 13.87 -44.32 -25.31
CA ALA A 1 14.48 -45.26 -24.36
C ALA A 1 15.37 -46.27 -25.09
N ASN A 2 16.58 -46.45 -24.58
CA ASN A 2 17.55 -47.40 -25.12
C ASN A 2 17.18 -48.77 -24.57
N PHE A 3 16.33 -49.49 -25.31
CA PHE A 3 15.76 -50.76 -24.86
C PHE A 3 16.06 -51.82 -25.91
N VAL A 4 17.22 -52.46 -25.79
CA VAL A 4 17.58 -53.60 -26.64
C VAL A 4 16.98 -54.84 -25.99
N SER A 5 16.01 -55.45 -26.64
CA SER A 5 15.34 -56.60 -26.07
C SER A 5 16.33 -57.71 -25.81
N TRP A 6 16.11 -58.46 -24.73
CA TRP A 6 17.07 -59.49 -24.33
C TRP A 6 17.10 -60.66 -25.28
N LYS A 7 16.05 -60.84 -26.09
CA LYS A 7 15.91 -62.04 -26.92
C LYS A 7 16.81 -61.92 -28.14
N SER A 8 18.09 -61.74 -27.89
CA SER A 8 19.07 -61.48 -28.93
C SER A 8 19.93 -62.67 -29.27
N ARG A 9 19.73 -63.82 -28.63
CA ARG A 9 20.57 -64.96 -28.92
C ARG A 9 20.19 -65.56 -30.26
N THR A 10 21.19 -66.05 -30.98
CA THR A 10 20.98 -66.64 -32.30
C THR A 10 21.26 -68.14 -32.31
N LYS A 11 22.40 -68.56 -31.77
CA LYS A 11 22.73 -69.98 -31.69
C LYS A 11 21.85 -70.66 -30.64
N TYR A 12 21.67 -71.96 -30.80
CA TYR A 12 20.85 -72.74 -29.87
C TYR A 12 21.74 -73.50 -28.91
N THR A 13 21.36 -73.51 -27.63
CA THR A 13 22.08 -74.28 -26.62
C THR A 13 21.14 -74.55 -25.45
N ILE A 14 21.39 -75.66 -24.75
CA ILE A 14 20.51 -76.05 -23.66
C ILE A 14 20.75 -75.26 -22.39
N THR A 15 21.82 -74.47 -22.32
CA THR A 15 22.12 -73.76 -21.10
C THR A 15 21.07 -72.66 -20.87
N PRO A 16 20.61 -72.47 -19.63
CA PRO A 16 19.68 -71.37 -19.38
C PRO A 16 20.33 -70.04 -19.74
N VAL A 17 19.49 -69.10 -20.18
CA VAL A 17 19.94 -67.76 -20.54
C VAL A 17 19.24 -66.75 -19.65
N LYS A 18 19.80 -65.55 -19.58
CA LYS A 18 19.46 -64.57 -18.56
C LYS A 18 18.28 -63.72 -19.03
N MET A 19 17.09 -64.03 -18.52
CA MET A 19 15.90 -63.22 -18.81
C MET A 19 16.05 -61.84 -18.21
N ARG A 20 15.52 -60.84 -18.91
CA ARG A 20 15.30 -59.52 -18.35
C ARG A 20 13.81 -59.22 -18.40
N LYS A 21 13.23 -58.90 -17.25
CA LYS A 21 11.81 -58.64 -17.19
C LYS A 21 11.48 -57.35 -17.92
N SER A 22 10.21 -57.19 -18.25
CA SER A 22 9.74 -56.00 -18.95
C SER A 22 8.82 -55.14 -18.09
N GLY A 23 8.02 -55.73 -17.23
CA GLY A 23 7.15 -54.94 -16.39
C GLY A 23 5.95 -54.38 -17.09
N GLY A 24 5.72 -54.77 -18.34
CA GLY A 24 4.70 -54.15 -19.16
C GLY A 24 5.21 -53.04 -20.05
N ARG A 25 6.43 -52.57 -19.81
CA ARG A 25 7.01 -51.50 -20.60
C ARG A 25 7.44 -52.04 -21.95
N ASP A 26 6.98 -51.40 -23.01
CA ASP A 26 7.41 -51.75 -24.36
C ASP A 26 8.68 -50.97 -24.67
N HIS A 27 9.11 -50.99 -25.93
CA HIS A 27 10.37 -50.34 -26.29
C HIS A 27 10.32 -48.84 -26.11
N THR A 28 9.15 -48.22 -26.21
CA THR A 28 9.06 -46.78 -25.98
C THR A 28 9.36 -46.44 -24.52
N GLY A 29 8.71 -47.13 -23.59
CA GLY A 29 8.90 -46.90 -22.18
C GLY A 29 7.62 -46.85 -21.38
N ARG A 30 6.47 -47.03 -22.00
CA ARG A 30 5.18 -46.83 -21.34
C ARG A 30 4.53 -48.15 -21.00
N ILE A 31 3.64 -48.10 -20.01
CA ILE A 31 2.93 -49.30 -19.59
C ILE A 31 2.01 -49.71 -20.71
N ARG A 32 2.37 -50.78 -21.42
CA ARG A 32 1.53 -51.29 -22.50
C ARG A 32 0.53 -52.30 -21.98
N VAL A 33 0.95 -53.18 -21.07
CA VAL A 33 0.06 -54.15 -20.44
C VAL A 33 0.21 -54.02 -18.94
N HIS A 34 -0.87 -53.62 -18.27
CA HIS A 34 -0.84 -53.43 -16.83
C HIS A 34 -0.82 -54.78 -16.12
N GLY A 35 -0.29 -54.77 -14.90
CA GLY A 35 -0.29 -55.96 -14.08
C GLY A 35 0.90 -56.87 -14.26
N ILE A 36 2.05 -56.34 -14.63
CA ILE A 36 3.26 -57.13 -14.84
C ILE A 36 4.43 -56.38 -14.24
N GLY A 37 5.26 -57.10 -13.50
CA GLY A 37 6.47 -56.54 -12.93
C GLY A 37 6.87 -57.26 -11.67
N GLY A 38 8.16 -57.22 -11.39
CA GLY A 38 8.65 -57.79 -10.16
C GLY A 38 8.73 -59.30 -10.20
N GLY A 39 8.74 -59.91 -9.03
CA GLY A 39 8.74 -61.35 -8.92
C GLY A 39 10.14 -61.93 -9.00
N HIS A 40 10.20 -63.25 -8.82
CA HIS A 40 11.47 -63.94 -8.71
C HIS A 40 12.27 -63.82 -10.00
N LYS A 41 13.58 -63.73 -9.87
CA LYS A 41 14.43 -63.74 -11.04
C LYS A 41 14.32 -65.08 -11.72
N GLN A 42 14.41 -65.09 -13.05
CA GLN A 42 14.22 -66.31 -13.82
C GLN A 42 15.30 -66.42 -14.89
N ARG A 43 15.55 -67.65 -15.31
CA ARG A 43 16.37 -67.93 -16.47
C ARG A 43 15.54 -68.71 -17.48
N TYR A 44 15.92 -68.59 -18.75
CA TYR A 44 15.14 -69.13 -19.85
C TYR A 44 15.89 -70.28 -20.49
N ARG A 45 15.18 -71.38 -20.70
CA ARG A 45 15.72 -72.55 -21.39
C ARG A 45 15.06 -72.65 -22.75
N MET A 46 15.87 -72.62 -23.81
CA MET A 46 15.35 -72.47 -25.15
C MET A 46 14.69 -73.75 -25.62
N ILE A 47 13.44 -73.96 -25.22
CA ILE A 47 12.74 -75.19 -25.57
C ILE A 47 12.50 -75.21 -27.07
N ASP A 48 12.85 -76.32 -27.71
CA ASP A 48 12.80 -76.45 -29.15
C ASP A 48 11.54 -77.21 -29.55
N PHE A 49 10.74 -76.59 -30.41
CA PHE A 49 9.40 -77.07 -30.72
C PHE A 49 9.30 -77.82 -32.02
N LEU A 50 10.25 -77.68 -32.94
CA LEU A 50 10.22 -78.46 -34.16
C LEU A 50 10.66 -79.87 -33.83
N ARG A 51 9.76 -80.66 -33.24
CA ARG A 51 10.20 -81.90 -32.60
C ARG A 51 10.75 -82.90 -33.61
N PHE A 52 10.50 -82.69 -34.89
CA PHE A 52 11.19 -83.46 -35.94
C PHE A 52 12.26 -82.57 -36.55
N ARG A 53 13.42 -82.51 -35.92
CA ARG A 53 14.58 -81.85 -36.50
C ARG A 53 15.73 -82.85 -36.56
N PRO A 54 16.12 -83.33 -37.73
CA PRO A 54 17.25 -84.26 -37.78
C PRO A 54 18.57 -83.53 -37.62
N GLU A 55 19.52 -84.22 -36.98
CA GLU A 55 20.81 -83.62 -36.72
C GLU A 55 21.52 -83.31 -38.04
N GLU A 56 22.69 -82.68 -37.93
CA GLU A 56 23.46 -82.31 -39.11
C GLU A 56 23.73 -83.51 -40.00
N THR A 57 23.56 -83.32 -41.30
CA THR A 57 23.87 -84.34 -42.32
C THR A 57 23.33 -85.71 -41.94
N LYS A 58 22.10 -85.76 -41.44
CA LYS A 58 21.39 -87.01 -41.21
C LYS A 58 19.92 -86.82 -41.58
N SER A 59 19.17 -87.91 -41.54
CA SER A 59 17.76 -87.87 -41.90
C SER A 59 17.08 -89.10 -41.35
N GLY A 60 15.84 -89.32 -41.78
CA GLY A 60 15.08 -90.50 -41.39
C GLY A 60 14.67 -90.42 -39.94
N PRO A 61 13.60 -91.13 -39.57
CA PRO A 61 13.12 -91.06 -38.19
C PRO A 61 14.22 -91.39 -37.20
N PHE A 62 14.21 -90.71 -36.05
CA PHE A 62 15.26 -90.83 -35.06
C PHE A 62 14.65 -91.06 -33.68
N GLU A 63 15.39 -91.78 -32.86
CA GLU A 63 14.98 -92.07 -31.49
C GLU A 63 15.82 -91.22 -30.55
N GLU A 64 15.20 -90.72 -29.48
CA GLU A 64 15.91 -90.00 -28.43
C GLU A 64 15.42 -90.49 -27.08
N LYS A 65 16.32 -90.48 -26.10
CA LYS A 65 15.97 -90.90 -24.75
C LYS A 65 16.09 -89.73 -23.80
N VAL A 66 15.14 -89.65 -22.86
CA VAL A 66 15.10 -88.53 -21.95
C VAL A 66 16.18 -88.70 -20.88
N ILE A 67 16.43 -87.62 -20.14
CA ILE A 67 17.39 -87.63 -19.04
C ILE A 67 16.75 -87.15 -17.75
N GLN A 68 16.01 -86.04 -17.80
CA GLN A 68 15.31 -85.54 -16.64
C GLN A 68 14.11 -84.73 -17.08
N VAL A 69 13.12 -84.64 -16.20
CA VAL A 69 11.89 -83.89 -16.48
C VAL A 69 11.66 -82.92 -15.33
N ARG A 70 12.12 -81.69 -15.50
CA ARG A 70 12.25 -80.75 -14.40
C ARG A 70 11.24 -79.64 -14.52
N TYR A 71 11.03 -78.95 -13.40
CA TYR A 71 10.25 -77.73 -13.37
C TYR A 71 10.80 -76.73 -14.37
N ASP A 72 9.95 -75.84 -14.85
CA ASP A 72 10.36 -74.73 -15.70
C ASP A 72 9.58 -73.51 -15.28
N PRO A 73 10.22 -72.38 -14.98
CA PRO A 73 9.45 -71.21 -14.56
C PRO A 73 8.58 -70.64 -15.66
N CYS A 74 9.13 -70.52 -16.87
CA CYS A 74 8.41 -69.83 -17.94
C CYS A 74 7.17 -70.57 -18.37
N ARG A 75 7.29 -71.88 -18.61
CA ARG A 75 6.15 -72.65 -19.09
C ARG A 75 5.12 -72.82 -17.98
N SER A 76 4.05 -73.52 -18.30
CA SER A 76 3.25 -74.17 -17.27
C SER A 76 3.47 -75.66 -17.24
N ALA A 77 3.86 -76.27 -18.35
CA ALA A 77 4.16 -77.69 -18.42
C ALA A 77 5.57 -77.94 -17.91
N ASP A 78 5.99 -79.20 -17.95
CA ASP A 78 7.32 -79.60 -17.49
C ASP A 78 8.17 -80.00 -18.68
N ILE A 79 9.30 -79.31 -18.84
CA ILE A 79 10.20 -79.58 -19.95
C ILE A 79 10.95 -80.87 -19.68
N ALA A 80 11.63 -81.39 -20.69
CA ALA A 80 12.43 -82.59 -20.57
C ALA A 80 13.62 -82.49 -21.50
N LEU A 81 14.77 -82.96 -21.01
CA LEU A 81 16.01 -82.89 -21.78
C LEU A 81 16.20 -84.23 -22.47
N VAL A 82 16.06 -84.23 -23.79
CA VAL A 82 16.14 -85.43 -24.61
C VAL A 82 17.47 -85.45 -25.30
N ALA A 83 18.15 -86.59 -25.24
CA ALA A 83 19.42 -86.80 -25.91
C ALA A 83 19.23 -87.75 -27.07
N GLY A 84 19.84 -87.42 -28.20
CA GLY A 84 19.77 -88.25 -29.37
C GLY A 84 21.00 -88.03 -30.21
N GLY A 85 21.57 -89.10 -30.74
CA GLY A 85 22.75 -88.95 -31.56
C GLY A 85 23.84 -88.23 -30.80
N SER A 86 24.11 -86.99 -31.17
CA SER A 86 25.10 -86.15 -30.52
C SER A 86 24.52 -84.80 -30.19
N ARG A 87 23.30 -84.79 -29.64
CA ARG A 87 22.55 -83.55 -29.50
C ARG A 87 21.58 -83.65 -28.33
N LYS A 88 21.51 -82.59 -27.53
CA LYS A 88 20.57 -82.47 -26.44
C LYS A 88 19.58 -81.36 -26.76
N ARG A 89 18.31 -81.59 -26.45
CA ARG A 89 17.28 -80.60 -26.71
C ARG A 89 16.30 -80.54 -25.56
N TRP A 90 15.75 -79.36 -25.34
CA TRP A 90 14.68 -79.16 -24.38
C TRP A 90 13.36 -79.26 -25.14
N ILE A 91 12.50 -80.19 -24.72
CA ILE A 91 11.21 -80.37 -25.38
C ILE A 91 10.14 -80.48 -24.31
N ILE A 92 8.96 -79.95 -24.62
CA ILE A 92 7.85 -80.07 -23.70
C ILE A 92 7.46 -81.53 -23.59
N ALA A 93 7.31 -82.01 -22.36
CA ALA A 93 7.02 -83.41 -22.10
C ALA A 93 5.55 -83.60 -21.76
N THR A 94 5.07 -84.82 -21.98
CA THR A 94 3.70 -85.18 -21.66
C THR A 94 3.64 -85.73 -20.24
N GLU A 95 2.44 -86.15 -19.83
CA GLU A 95 2.21 -86.44 -18.41
C GLU A 95 3.06 -87.61 -17.95
N ASN A 96 3.00 -88.73 -18.64
CA ASN A 96 3.64 -89.96 -18.17
C ASN A 96 4.98 -90.16 -18.89
N MET A 97 5.88 -89.22 -18.64
CA MET A 97 7.26 -89.31 -19.10
C MET A 97 8.17 -89.33 -17.89
N GLN A 98 8.91 -90.41 -17.74
CA GLN A 98 9.86 -90.60 -16.66
C GLN A 98 11.28 -90.52 -17.22
N ALA A 99 12.23 -90.21 -16.34
CA ALA A 99 13.62 -90.24 -16.75
C ALA A 99 13.98 -91.65 -17.20
N GLY A 100 14.65 -91.73 -18.34
CA GLY A 100 15.08 -93.00 -18.90
C GLY A 100 14.25 -93.51 -20.06
N ASP A 101 13.03 -93.01 -20.23
CA ASP A 101 12.19 -93.47 -21.32
C ASP A 101 12.84 -93.17 -22.67
N THR A 102 12.24 -93.70 -23.72
CA THR A 102 12.66 -93.45 -25.08
C THR A 102 11.47 -93.00 -25.90
N ILE A 103 11.73 -92.17 -26.92
CA ILE A 103 10.67 -91.61 -27.74
C ILE A 103 11.14 -91.58 -29.18
N LEU A 104 10.22 -91.85 -30.09
CA LEU A 104 10.47 -91.83 -31.52
C LEU A 104 10.01 -90.51 -32.11
N ASN A 105 10.72 -90.05 -33.14
CA ASN A 105 10.35 -88.86 -33.88
C ASN A 105 10.44 -89.22 -35.36
N SER A 106 9.30 -89.22 -36.05
CA SER A 106 9.23 -89.69 -37.42
C SER A 106 8.37 -88.75 -38.26
N ASN A 107 8.68 -88.70 -39.55
CA ASN A 107 7.85 -88.05 -40.56
C ASN A 107 7.30 -89.05 -41.57
N HIS A 108 7.40 -90.34 -41.28
CA HIS A 108 7.11 -91.39 -42.26
C HIS A 108 5.65 -91.78 -42.13
N ILE A 109 4.85 -91.40 -43.12
CA ILE A 109 3.43 -91.74 -43.13
C ILE A 109 3.31 -93.17 -43.64
N GLY A 110 2.87 -94.07 -42.77
CA GLY A 110 2.75 -95.46 -43.12
C GLY A 110 1.52 -95.74 -43.97
N ARG A 111 1.43 -96.99 -44.42
CA ARG A 111 0.27 -97.40 -45.20
C ARG A 111 -1.03 -97.15 -44.45
N MET A 112 -1.03 -97.38 -43.14
CA MET A 112 -2.20 -97.16 -42.31
C MET A 112 -1.72 -96.65 -40.95
N ALA A 113 -2.65 -96.40 -40.05
CA ALA A 113 -2.32 -95.80 -38.77
C ALA A 113 -1.43 -96.73 -37.96
N VAL A 114 -0.35 -96.17 -37.43
CA VAL A 114 0.58 -96.89 -36.58
C VAL A 114 0.27 -96.54 -35.13
N ALA A 115 -0.01 -97.58 -34.33
CA ALA A 115 -0.25 -97.40 -32.91
C ALA A 115 0.99 -96.74 -32.30
N ALA A 116 0.83 -95.51 -31.83
CA ALA A 116 1.95 -94.70 -31.37
C ALA A 116 1.97 -94.63 -29.86
N ARG A 117 3.16 -94.76 -29.28
CA ARG A 117 3.31 -94.59 -27.85
C ARG A 117 2.94 -93.17 -27.46
N GLU A 118 2.63 -92.98 -26.18
CA GLU A 118 2.01 -91.75 -25.70
C GLU A 118 2.99 -90.59 -25.56
N GLY A 119 4.18 -90.68 -26.17
CA GLY A 119 5.10 -89.57 -26.14
C GLY A 119 5.76 -89.28 -27.47
N ASP A 120 5.55 -90.16 -28.46
CA ASP A 120 6.25 -90.02 -29.73
C ASP A 120 5.62 -88.92 -30.58
N ALA A 121 6.40 -88.47 -31.56
CA ALA A 121 5.98 -87.43 -32.50
C ALA A 121 5.76 -88.06 -33.86
N HIS A 122 4.56 -87.90 -34.40
CA HIS A 122 4.18 -88.45 -35.70
C HIS A 122 3.44 -87.39 -36.51
N PRO A 123 3.46 -87.50 -37.84
CA PRO A 123 2.60 -86.62 -38.63
C PRO A 123 1.13 -86.90 -38.36
N LEU A 124 0.31 -85.85 -38.49
CA LEU A 124 -1.10 -85.98 -38.16
C LEU A 124 -1.75 -87.15 -38.90
N GLY A 125 -1.47 -87.27 -40.19
CA GLY A 125 -2.09 -88.33 -40.97
C GLY A 125 -1.76 -89.71 -40.43
N ALA A 126 -0.54 -89.88 -39.90
CA ALA A 126 -0.10 -91.18 -39.43
C ALA A 126 -0.89 -91.68 -38.23
N LEU A 127 -1.50 -90.80 -37.47
CA LEU A 127 -2.26 -91.24 -36.31
C LEU A 127 -3.63 -91.73 -36.71
N PRO A 128 -4.28 -92.52 -35.88
CA PRO A 128 -5.67 -92.91 -36.12
C PRO A 128 -6.61 -91.82 -35.60
N VAL A 129 -7.91 -92.06 -35.75
CA VAL A 129 -8.94 -91.10 -35.39
C VAL A 129 -9.35 -91.34 -33.95
N GLY A 130 -9.47 -90.26 -33.18
CA GLY A 130 -9.90 -90.33 -31.81
C GLY A 130 -8.80 -90.25 -30.76
N THR A 131 -7.55 -90.10 -31.17
CA THR A 131 -6.46 -89.99 -30.21
C THR A 131 -6.33 -88.57 -29.70
N LEU A 132 -5.41 -88.38 -28.76
CA LEU A 132 -5.13 -87.10 -28.15
C LEU A 132 -3.74 -86.64 -28.57
N ILE A 133 -3.62 -85.37 -28.95
CA ILE A 133 -2.34 -84.85 -29.44
C ILE A 133 -2.02 -83.51 -28.79
N ASN A 134 -0.72 -83.19 -28.80
CA ASN A 134 -0.20 -81.93 -28.29
C ASN A 134 0.84 -81.41 -29.27
N ASN A 135 1.26 -80.17 -29.05
CA ASN A 135 2.30 -79.54 -29.86
C ASN A 135 1.93 -79.55 -31.35
N VAL A 136 0.65 -79.36 -31.64
CA VAL A 136 0.24 -79.30 -33.04
C VAL A 136 0.90 -78.09 -33.68
N GLU A 137 1.02 -78.12 -35.00
CA GLU A 137 1.53 -77.00 -35.75
C GLU A 137 0.55 -76.62 -36.85
N SER A 138 0.48 -75.32 -37.13
CA SER A 138 -0.48 -74.82 -38.11
C SER A 138 -0.16 -75.35 -39.50
N GLU A 139 1.12 -75.33 -39.89
CA GLU A 139 1.51 -75.77 -41.21
C GLU A 139 2.85 -76.48 -41.09
N PRO A 140 3.16 -77.40 -42.02
CA PRO A 140 4.30 -78.28 -41.83
C PRO A 140 5.62 -77.53 -41.80
N GLY A 141 6.59 -78.09 -41.08
CA GLY A 141 7.94 -77.53 -41.06
C GLY A 141 7.97 -76.14 -40.48
N ARG A 142 7.09 -75.85 -39.52
CA ARG A 142 6.98 -74.53 -38.92
C ARG A 142 7.35 -74.51 -37.46
N GLY A 143 6.87 -75.45 -36.68
CA GLY A 143 7.04 -75.45 -35.24
C GLY A 143 5.72 -75.61 -34.53
N ALA A 144 5.79 -75.98 -33.26
CA ALA A 144 4.60 -76.17 -32.46
C ALA A 144 4.20 -74.83 -31.86
N GLN A 145 2.98 -74.42 -32.14
CA GLN A 145 2.40 -73.24 -31.53
C GLN A 145 1.13 -73.52 -30.77
N TYR A 146 0.30 -74.41 -31.29
CA TYR A 146 -0.94 -74.78 -30.64
C TYR A 146 -0.60 -75.78 -29.56
N ILE A 147 -1.56 -76.56 -29.07
CA ILE A 147 -1.62 -76.92 -27.66
C ILE A 147 -0.24 -77.14 -27.06
N ARG A 148 0.07 -76.37 -26.03
CA ARG A 148 1.32 -76.46 -25.29
C ARG A 148 1.15 -76.29 -23.80
N ALA A 149 0.00 -75.80 -23.33
CA ALA A 149 -0.12 -75.43 -21.93
C ALA A 149 -0.16 -76.67 -21.06
N ALA A 150 -0.27 -76.44 -19.77
CA ALA A 150 -0.27 -77.53 -18.81
C ALA A 150 -1.60 -78.28 -18.86
N GLY A 151 -1.52 -79.60 -19.00
CA GLY A 151 -2.68 -80.44 -18.86
C GLY A 151 -3.76 -80.25 -19.90
N THR A 152 -3.39 -80.07 -21.16
CA THR A 152 -4.35 -79.79 -22.22
C THR A 152 -4.30 -80.88 -23.27
N CYS A 153 -5.46 -81.47 -23.55
CA CYS A 153 -5.58 -82.56 -24.51
C CYS A 153 -6.23 -82.05 -25.79
N GLY A 154 -5.65 -82.43 -26.91
CA GLY A 154 -6.18 -82.07 -28.22
C GLY A 154 -6.57 -83.30 -29.01
N VAL A 155 -7.86 -83.46 -29.28
CA VAL A 155 -8.38 -84.66 -29.94
C VAL A 155 -8.25 -84.49 -31.44
N LEU A 156 -7.93 -85.58 -32.12
CA LEU A 156 -7.98 -85.59 -33.58
C LEU A 156 -9.35 -86.05 -34.04
N LEU A 157 -9.95 -85.28 -34.95
CA LEU A 157 -11.35 -85.50 -35.32
C LEU A 157 -11.50 -86.31 -36.61
N ARG A 158 -10.88 -85.89 -37.71
CA ARG A 158 -11.05 -86.68 -38.92
C ARG A 158 -9.94 -86.35 -39.91
N LYS A 159 -9.89 -87.11 -41.00
CA LYS A 159 -8.92 -86.93 -42.06
C LYS A 159 -9.63 -86.96 -43.40
N VAL A 160 -9.21 -86.08 -44.31
CA VAL A 160 -9.68 -86.11 -45.69
C VAL A 160 -8.46 -85.91 -46.60
N ASN A 161 -8.70 -85.84 -47.90
CA ASN A 161 -7.60 -85.93 -48.86
C ASN A 161 -6.62 -84.79 -48.67
N GLY A 162 -5.46 -85.10 -48.08
CA GLY A 162 -4.40 -84.17 -47.90
C GLY A 162 -4.49 -83.31 -46.65
N THR A 163 -5.56 -83.44 -45.86
CA THR A 163 -5.73 -82.61 -44.69
C THR A 163 -6.36 -83.41 -43.56
N ALA A 164 -6.36 -82.81 -42.37
CA ALA A 164 -6.95 -83.41 -41.18
C ALA A 164 -7.55 -82.31 -40.32
N ILE A 165 -8.70 -82.61 -39.73
CA ILE A 165 -9.42 -81.69 -38.85
C ILE A 165 -9.17 -82.15 -37.42
N ILE A 166 -8.63 -81.23 -36.61
CA ILE A 166 -8.31 -81.49 -35.21
C ILE A 166 -9.12 -80.53 -34.35
N GLN A 167 -9.40 -80.96 -33.12
CA GLN A 167 -10.15 -80.17 -32.16
C GLN A 167 -9.21 -79.59 -31.13
N LEU A 168 -9.16 -78.27 -31.05
CA LEU A 168 -8.34 -77.56 -30.09
C LEU A 168 -9.02 -77.54 -28.73
N PRO A 169 -8.29 -77.27 -27.66
CA PRO A 169 -8.89 -77.37 -26.32
C PRO A 169 -10.03 -76.41 -26.10
N SER A 170 -10.10 -75.34 -26.88
CA SER A 170 -11.17 -74.36 -26.74
C SER A 170 -12.48 -74.81 -27.35
N LYS A 171 -12.62 -76.09 -27.67
CA LYS A 171 -13.88 -76.65 -28.16
C LYS A 171 -14.23 -76.09 -29.53
N ARG A 172 -13.27 -76.16 -30.45
CA ARG A 172 -13.52 -75.80 -31.83
C ARG A 172 -12.44 -76.43 -32.71
N GLN A 173 -12.72 -76.55 -34.00
CA GLN A 173 -11.92 -77.33 -34.94
C GLN A 173 -10.97 -76.45 -35.73
N MET A 174 -10.04 -77.11 -36.41
CA MET A 174 -9.24 -76.44 -37.43
C MET A 174 -8.61 -77.48 -38.35
N GLN A 175 -8.40 -77.07 -39.60
CA GLN A 175 -7.81 -77.92 -40.62
C GLN A 175 -6.31 -77.72 -40.66
N VAL A 176 -5.57 -78.79 -40.96
CA VAL A 176 -4.13 -78.72 -41.13
C VAL A 176 -3.68 -79.82 -42.07
N LEU A 177 -2.61 -79.56 -42.81
CA LEU A 177 -2.11 -80.57 -43.73
C LEU A 177 -1.70 -81.82 -42.97
N GLU A 178 -1.95 -82.99 -43.58
CA GLU A 178 -1.72 -84.25 -42.89
C GLU A 178 -0.25 -84.49 -42.58
N THR A 179 0.66 -83.74 -43.18
CA THR A 179 2.08 -83.91 -42.92
C THR A 179 2.57 -83.07 -41.75
N CYS A 180 1.68 -82.36 -41.06
CA CYS A 180 2.07 -81.63 -39.86
C CYS A 180 2.36 -82.60 -38.72
N VAL A 181 3.46 -82.36 -38.03
CA VAL A 181 3.97 -83.28 -37.01
C VAL A 181 3.45 -82.83 -35.66
N ALA A 182 2.75 -83.72 -34.98
CA ALA A 182 2.26 -83.50 -33.63
C ALA A 182 2.83 -84.56 -32.71
N THR A 183 2.52 -84.46 -31.42
CA THR A 183 2.90 -85.46 -30.43
C THR A 183 1.62 -86.02 -29.83
N VAL A 184 1.60 -87.33 -29.60
CA VAL A 184 0.41 -87.97 -29.08
C VAL A 184 0.50 -88.04 -27.57
N GLY A 185 -0.55 -87.62 -26.89
CA GLY A 185 -0.62 -87.64 -25.45
C GLY A 185 -1.19 -86.35 -24.91
N ARG A 186 -1.02 -86.15 -23.62
CA ARG A 186 -1.53 -85.00 -22.90
C ARG A 186 -0.35 -84.27 -22.26
N VAL A 187 -0.34 -82.95 -22.37
CA VAL A 187 0.81 -82.19 -21.90
C VAL A 187 0.94 -82.34 -20.40
N SER A 188 2.18 -82.30 -19.92
CA SER A 188 2.50 -82.74 -18.57
C SER A 188 1.88 -81.81 -17.54
N ASN A 189 2.14 -82.12 -16.27
CA ASN A 189 1.74 -81.27 -15.15
C ASN A 189 0.23 -81.19 -15.06
N VAL A 190 -0.43 -82.35 -15.16
CA VAL A 190 -1.87 -82.39 -15.08
C VAL A 190 -2.32 -81.82 -13.73
N ASP A 191 -3.61 -81.48 -13.66
CA ASP A 191 -4.24 -80.91 -12.46
C ASP A 191 -3.47 -79.70 -11.93
N HIS A 192 -2.81 -78.98 -12.83
CA HIS A 192 -2.27 -77.67 -12.50
C HIS A 192 -3.38 -76.67 -12.22
N ASN A 193 -4.63 -77.01 -12.55
CA ASN A 193 -5.76 -76.17 -12.18
C ASN A 193 -5.80 -75.96 -10.68
N LYS A 194 -5.59 -77.04 -9.93
CA LYS A 194 -5.85 -77.05 -8.49
C LYS A 194 -4.59 -76.62 -7.75
N ARG A 195 -4.21 -75.37 -8.00
CA ARG A 195 -3.08 -74.71 -7.33
C ARG A 195 -3.66 -73.49 -6.61
N VAL A 196 -4.13 -73.70 -5.39
CA VAL A 196 -4.59 -72.59 -4.56
C VAL A 196 -3.34 -71.84 -4.10
N ILE A 197 -3.05 -70.71 -4.73
CA ILE A 197 -1.85 -69.96 -4.41
C ILE A 197 -1.89 -69.32 -3.03
N GLY A 198 -3.06 -69.28 -2.40
CA GLY A 198 -3.13 -69.04 -0.97
C GLY A 198 -3.04 -67.60 -0.53
N LYS A 199 -2.05 -66.86 -1.03
CA LYS A 199 -1.78 -65.53 -0.52
C LYS A 199 -1.23 -64.66 -1.62
N ALA A 200 -1.48 -63.35 -1.50
CA ALA A 200 -1.03 -62.41 -2.51
C ALA A 200 0.46 -62.49 -2.75
N GLY A 201 1.23 -62.87 -1.74
CA GLY A 201 2.66 -62.94 -1.91
C GLY A 201 3.06 -63.90 -3.02
N ARG A 202 2.30 -64.98 -3.18
CA ARG A 202 2.62 -65.92 -4.25
C ARG A 202 2.42 -65.27 -5.61
N ASN A 203 1.32 -64.52 -5.77
CA ASN A 203 1.13 -63.78 -7.01
C ASN A 203 2.28 -62.84 -7.26
N ARG A 204 2.75 -62.15 -6.23
CA ARG A 204 3.88 -61.25 -6.44
C ARG A 204 5.12 -62.03 -6.84
N TRP A 205 5.32 -63.20 -6.26
CA TRP A 205 6.48 -64.03 -6.63
C TRP A 205 6.43 -64.40 -8.09
N LEU A 206 5.27 -64.80 -8.58
CA LEU A 206 5.15 -65.24 -9.96
C LEU A 206 5.49 -64.13 -10.94
N GLY A 207 5.07 -62.91 -10.65
CA GLY A 207 5.40 -61.78 -11.49
C GLY A 207 4.30 -60.75 -11.60
N LYS A 208 3.09 -61.12 -11.19
CA LYS A 208 1.96 -60.22 -11.25
C LYS A 208 2.00 -59.23 -10.09
N ARG A 209 1.42 -58.06 -10.33
CA ARG A 209 1.23 -57.05 -9.30
C ARG A 209 -0.15 -56.44 -9.47
N PRO A 210 -0.73 -55.92 -8.43
CA PRO A 210 -2.09 -55.37 -8.52
C PRO A 210 -2.02 -53.94 -9.02
N ASN A 211 -2.69 -53.68 -10.15
CA ASN A 211 -2.62 -52.37 -10.78
C ASN A 211 -4.02 -51.81 -10.95
N SER A 212 -4.23 -50.65 -10.32
CA SER A 212 -5.51 -49.92 -10.52
C SER A 212 -5.29 -49.02 -11.73
N GLY A 213 -6.36 -48.69 -12.44
CA GLY A 213 -6.29 -47.92 -13.65
C GLY A 213 -6.64 -48.75 -14.88
N ARG A 214 -5.69 -48.91 -15.79
CA ARG A 214 -5.93 -49.62 -17.05
C ARG A 214 -6.96 -48.86 -17.89
N TRP A 215 -6.68 -47.60 -18.12
CA TRP A 215 -7.61 -46.71 -18.81
C TRP A 215 -7.96 -47.23 -20.18
N SER B 1 26.94 13.26 53.87
CA SER B 1 27.06 12.47 52.66
C SER B 1 26.37 11.12 52.82
N GLY B 2 27.13 10.04 53.01
CA GLY B 2 26.56 8.75 53.28
C GLY B 2 27.48 7.89 54.11
N THR B 3 26.99 7.38 55.24
CA THR B 3 27.86 6.69 56.18
C THR B 3 27.00 6.06 57.28
N TRP B 4 27.57 5.08 57.96
CA TRP B 4 26.97 4.39 59.08
C TRP B 4 27.80 4.64 60.33
N TRP B 5 27.26 4.25 61.49
CA TRP B 5 27.79 4.76 62.75
C TRP B 5 29.25 4.36 62.95
N ASP B 6 29.58 3.09 62.79
CA ASP B 6 30.90 2.57 63.14
C ASP B 6 31.81 2.43 61.93
N GLU B 7 31.71 3.33 60.94
CA GLU B 7 32.61 3.24 59.80
C GLU B 7 33.96 3.84 60.13
N HIS B 8 33.99 4.92 60.90
CA HIS B 8 35.23 5.61 61.17
C HIS B 8 35.78 5.33 62.56
N LEU B 9 35.04 4.61 63.40
CA LEU B 9 35.59 4.21 64.69
C LEU B 9 36.75 3.26 64.47
N SER B 10 37.65 3.20 65.45
CA SER B 10 38.84 2.38 65.35
C SER B 10 38.58 1.02 66.00
N GLU B 11 39.59 0.15 65.91
CA GLU B 11 39.39 -1.25 66.28
C GLU B 11 38.95 -1.38 67.72
N GLU B 12 39.54 -0.60 68.61
CA GLU B 12 39.29 -0.70 70.04
C GLU B 12 38.17 0.20 70.50
N ASN B 13 37.44 0.84 69.59
CA ASN B 13 36.39 1.78 69.96
C ASN B 13 34.98 1.22 69.76
N VAL B 14 34.79 0.30 68.80
CA VAL B 14 33.46 -0.26 68.59
C VAL B 14 32.96 -1.03 69.81
N PRO B 15 33.75 -1.90 70.45
CA PRO B 15 33.19 -2.56 71.64
C PRO B 15 32.82 -1.58 72.73
N PHE B 16 33.61 -0.52 72.90
CA PHE B 16 33.30 0.44 73.95
C PHE B 16 31.98 1.14 73.67
N ILE B 17 31.77 1.59 72.45
CA ILE B 17 30.55 2.31 72.14
C ILE B 17 29.36 1.38 72.29
N LYS B 18 29.50 0.13 71.85
CA LYS B 18 28.42 -0.84 72.03
C LYS B 18 28.08 -0.96 73.50
N GLN B 19 29.09 -1.18 74.35
CA GLN B 19 28.84 -1.34 75.77
C GLN B 19 28.24 -0.09 76.38
N LEU B 20 28.74 1.08 75.99
CA LEU B 20 28.27 2.33 76.58
C LEU B 20 26.81 2.57 76.25
N VAL B 21 26.43 2.43 74.97
CA VAL B 21 25.05 2.68 74.60
C VAL B 21 24.13 1.61 75.18
N SER B 22 24.60 0.37 75.27
CA SER B 22 23.76 -0.66 75.90
C SER B 22 23.54 -0.34 77.37
N ASP B 23 24.59 0.11 78.07
CA ASP B 23 24.44 0.48 79.46
C ASP B 23 23.49 1.66 79.62
N GLU B 24 23.59 2.66 78.74
CA GLU B 24 22.68 3.79 78.83
C GLU B 24 21.24 3.35 78.55
N ASP B 25 21.05 2.44 77.59
CA ASP B 25 19.72 1.94 77.33
C ASP B 25 19.15 1.24 78.54
N LYS B 26 19.94 0.37 79.18
CA LYS B 26 19.46 -0.32 80.36
C LYS B 26 19.15 0.67 81.48
N ALA B 27 20.01 1.66 81.66
CA ALA B 27 19.78 2.66 82.70
C ALA B 27 18.48 3.41 82.48
N GLN B 28 18.25 3.87 81.25
CA GLN B 28 17.03 4.61 80.95
C GLN B 28 15.80 3.72 81.11
N LEU B 29 15.90 2.47 80.68
CA LEU B 29 14.78 1.55 80.87
C LEU B 29 14.47 1.37 82.34
N ALA B 30 15.51 1.26 83.18
CA ALA B 30 15.30 1.02 84.59
C ALA B 30 14.80 2.27 85.30
N SER B 31 15.16 3.45 84.82
CA SER B 31 14.78 4.69 85.48
C SER B 31 13.35 5.10 85.20
N LYS B 32 12.52 4.18 84.71
CA LYS B 32 11.10 4.43 84.52
C LYS B 32 10.25 3.34 85.15
N LEU B 33 10.84 2.43 85.92
CA LEU B 33 10.10 1.26 86.39
C LEU B 33 9.08 1.60 87.45
N CYS B 34 9.24 2.73 88.15
CA CYS B 34 8.32 3.14 89.20
C CYS B 34 7.60 4.41 88.74
N PRO B 35 6.38 4.32 88.21
CA PRO B 35 5.70 5.51 87.71
C PRO B 35 4.80 6.21 88.71
N LEU B 36 4.70 5.72 89.95
CA LEU B 36 3.95 6.44 90.98
C LEU B 36 4.86 7.28 91.86
N LYS B 37 6.11 6.88 92.07
CA LYS B 37 7.07 7.76 92.72
C LYS B 37 7.45 8.95 91.84
N ASP B 38 7.28 8.83 90.53
CA ASP B 38 7.33 9.98 89.64
C ASP B 38 5.99 10.68 89.74
N GLU B 39 5.68 11.57 88.79
CA GLU B 39 4.43 12.32 88.87
C GLU B 39 3.35 11.67 88.02
N PRO B 40 2.49 10.81 88.59
CA PRO B 40 1.40 10.25 87.80
C PRO B 40 0.36 11.29 87.50
N TRP B 41 -0.69 10.89 86.80
CA TRP B 41 -1.84 11.71 86.51
C TRP B 41 -3.03 11.17 87.26
N PRO B 42 -4.15 11.88 87.29
CA PRO B 42 -5.31 11.39 88.03
C PRO B 42 -5.72 9.99 87.60
N ILE B 43 -6.09 9.17 88.59
CA ILE B 43 -6.53 7.80 88.38
C ILE B 43 -8.01 7.73 88.74
N HIS B 44 -8.86 7.84 87.73
CA HIS B 44 -10.29 7.85 88.00
C HIS B 44 -10.83 6.43 88.08
N PRO B 45 -11.84 6.17 88.90
CA PRO B 45 -12.51 4.87 88.83
C PRO B 45 -13.20 4.69 87.50
N TRP B 46 -13.20 3.45 87.01
CA TRP B 46 -13.83 3.14 85.74
C TRP B 46 -15.33 3.37 85.81
N GLU B 47 -15.91 3.80 84.70
CA GLU B 47 -17.34 3.94 84.54
C GLU B 47 -17.73 3.47 83.16
N PRO B 48 -18.98 3.10 82.94
CA PRO B 48 -19.37 2.54 81.64
C PRO B 48 -19.05 3.51 80.51
N GLY B 49 -18.69 2.95 79.37
CA GLY B 49 -18.42 3.74 78.19
C GLY B 49 -17.02 4.28 78.09
N SER B 50 -16.07 3.73 78.81
CA SER B 50 -14.69 4.18 78.75
C SER B 50 -13.81 3.15 78.07
N PHE B 51 -12.69 3.62 77.52
CA PHE B 51 -11.75 2.79 76.80
C PHE B 51 -10.36 3.03 77.34
N ARG B 52 -9.58 1.96 77.47
CA ARG B 52 -8.27 2.01 78.09
C ARG B 52 -7.20 1.53 77.13
N VAL B 53 -5.98 2.05 77.31
CA VAL B 53 -4.91 1.79 76.37
C VAL B 53 -4.68 0.28 76.24
N GLY B 54 -4.04 -0.10 75.14
CA GLY B 54 -3.65 -1.47 74.88
C GLY B 54 -2.14 -1.63 74.80
N LEU B 55 -1.73 -2.85 74.47
CA LEU B 55 -0.32 -3.23 74.50
C LEU B 55 0.21 -3.49 73.11
N ILE B 56 1.53 -3.45 72.99
CA ILE B 56 2.23 -3.89 71.80
C ILE B 56 3.05 -5.10 72.19
N ALA B 57 2.60 -6.28 71.79
CA ALA B 57 3.27 -7.53 72.13
C ALA B 57 4.07 -8.04 70.95
N LEU B 58 4.78 -9.14 71.18
CA LEU B 58 5.57 -9.83 70.18
C LEU B 58 5.11 -11.27 70.15
N LYS B 59 4.86 -11.79 68.95
CA LYS B 59 4.27 -13.12 68.80
C LYS B 59 5.37 -14.16 68.91
N LEU B 60 5.29 -15.01 69.93
CA LEU B 60 6.33 -16.01 70.15
C LEU B 60 6.03 -17.30 69.39
N GLY B 61 4.84 -17.85 69.57
CA GLY B 61 4.52 -19.13 68.99
C GLY B 61 3.17 -19.59 69.51
N MET B 62 2.95 -20.89 69.47
CA MET B 62 1.66 -21.44 69.84
C MET B 62 1.86 -22.72 70.64
N MET B 63 0.82 -23.11 71.36
CA MET B 63 0.81 -24.28 72.22
C MET B 63 -0.64 -24.68 72.43
N PRO B 64 -0.89 -25.89 72.90
CA PRO B 64 -2.24 -26.23 73.32
C PRO B 64 -2.45 -25.95 74.79
N LEU B 65 -3.71 -26.04 75.19
CA LEU B 65 -4.08 -25.90 76.58
C LEU B 65 -5.51 -26.40 76.71
N TRP B 66 -5.72 -27.32 77.63
CA TRP B 66 -7.00 -28.02 77.73
C TRP B 66 -7.88 -27.35 78.76
N THR B 67 -9.08 -27.89 78.92
CA THR B 67 -10.09 -27.31 79.79
C THR B 67 -10.82 -28.40 80.56
N LYS B 68 -11.36 -28.01 81.71
CA LYS B 68 -12.02 -28.97 82.58
C LYS B 68 -13.17 -29.69 81.90
N ASP B 69 -13.78 -29.09 80.88
CA ASP B 69 -14.85 -29.76 80.16
C ASP B 69 -14.32 -30.81 79.19
N GLY B 70 -13.02 -30.86 78.96
CA GLY B 70 -12.40 -31.91 78.18
C GLY B 70 -11.99 -31.56 76.77
N GLN B 71 -12.16 -30.32 76.35
CA GLN B 71 -11.84 -29.93 74.98
C GLN B 71 -10.42 -29.41 74.88
N LYS B 72 -9.98 -29.22 73.64
CA LYS B 72 -8.67 -28.66 73.36
C LYS B 72 -8.85 -27.23 72.86
N HIS B 73 -7.83 -26.40 73.08
CA HIS B 73 -7.89 -24.99 72.69
C HIS B 73 -6.46 -24.54 72.42
N VAL B 74 -6.09 -24.48 71.14
CA VAL B 74 -4.79 -23.91 70.81
C VAL B 74 -4.75 -22.48 71.33
N VAL B 75 -3.54 -21.98 71.58
CA VAL B 75 -3.36 -20.61 72.03
C VAL B 75 -2.09 -20.06 71.44
N THR B 76 -1.99 -18.74 71.45
CA THR B 76 -0.83 -18.02 70.96
C THR B 76 -0.20 -17.25 72.11
N LEU B 77 1.13 -17.22 72.10
CA LEU B 77 1.91 -16.58 73.15
C LEU B 77 2.34 -15.20 72.70
N LEU B 78 2.06 -14.20 73.52
CA LEU B 78 2.38 -12.80 73.23
C LEU B 78 3.24 -12.25 74.35
N GLN B 79 4.48 -11.91 74.05
CA GLN B 79 5.41 -11.38 75.04
C GLN B 79 5.45 -9.86 74.94
N VAL B 80 5.20 -9.20 76.05
CA VAL B 80 5.19 -7.73 76.09
C VAL B 80 6.60 -7.26 76.39
N GLN B 81 7.25 -6.65 75.41
CA GLN B 81 8.64 -6.21 75.53
C GLN B 81 8.70 -4.69 75.53
N ASP B 82 9.07 -4.10 76.65
CA ASP B 82 9.43 -2.68 76.72
C ASP B 82 8.27 -1.79 76.30
N CYS B 83 7.05 -2.23 76.55
CA CYS B 83 5.88 -1.46 76.15
C CYS B 83 5.78 -0.23 77.02
N HIS B 84 6.08 0.94 76.44
CA HIS B 84 5.99 2.22 77.12
C HIS B 84 5.01 3.13 76.39
N VAL B 85 4.19 3.83 77.16
CA VAL B 85 3.36 4.88 76.57
C VAL B 85 4.26 6.04 76.19
N LEU B 86 4.22 6.43 74.92
CA LEU B 86 5.18 7.38 74.37
C LEU B 86 4.61 8.78 74.18
N LYS B 87 3.32 8.92 73.93
CA LYS B 87 2.79 10.24 73.59
C LYS B 87 1.31 10.32 73.92
N TYR B 88 0.82 11.55 74.06
CA TYR B 88 -0.57 11.83 74.37
C TYR B 88 -1.06 12.97 73.50
N THR B 89 -2.28 12.82 72.96
CA THR B 89 -2.90 13.86 72.14
C THR B 89 -4.34 14.03 72.59
N SER B 90 -4.74 15.30 72.73
CA SER B 90 -5.94 15.64 73.49
C SER B 90 -7.20 15.46 72.65
N LYS B 91 -8.34 15.54 73.35
CA LYS B 91 -9.63 15.22 72.76
C LYS B 91 -9.88 16.03 71.49
N GLU B 92 -9.76 17.35 71.60
CA GLU B 92 -9.98 18.24 70.46
C GLU B 92 -8.68 18.58 69.74
N ASN B 93 -7.55 18.00 70.16
CA ASN B 93 -6.36 18.03 69.33
C ASN B 93 -6.53 17.12 68.12
N CYS B 94 -7.28 16.03 68.28
CA CYS B 94 -7.72 15.23 67.15
C CYS B 94 -9.02 15.72 66.56
N ASN B 95 -9.57 16.82 67.09
CA ASN B 95 -10.66 17.56 66.47
C ASN B 95 -12.02 16.87 66.64
N GLY B 96 -12.16 16.07 67.69
CA GLY B 96 -13.48 15.59 68.08
C GLY B 96 -13.59 14.12 68.39
N LYS B 97 -12.76 13.28 67.78
CA LYS B 97 -12.96 11.84 67.88
C LYS B 97 -12.84 11.34 69.32
N MET B 98 -11.64 11.37 69.88
CA MET B 98 -11.35 10.84 71.22
C MET B 98 -9.98 11.35 71.62
N ALA B 99 -9.53 11.00 72.83
CA ALA B 99 -8.15 11.22 73.20
C ALA B 99 -7.32 10.06 72.68
N THR B 100 -6.04 10.28 72.47
CA THR B 100 -5.21 9.22 71.90
C THR B 100 -3.89 9.09 72.65
N LEU B 101 -3.44 7.85 72.76
CA LEU B 101 -2.13 7.52 73.30
C LEU B 101 -1.29 6.89 72.21
N SER B 102 0.00 7.18 72.22
CA SER B 102 0.96 6.55 71.34
C SER B 102 1.83 5.65 72.19
N VAL B 103 1.77 4.34 71.94
CA VAL B 103 2.48 3.33 72.69
C VAL B 103 3.51 2.70 71.77
N GLY B 104 4.72 2.46 72.29
CA GLY B 104 5.80 1.88 71.52
C GLY B 104 6.19 0.52 72.06
N GLY B 105 6.86 -0.28 71.23
CA GLY B 105 7.27 -1.60 71.64
C GLY B 105 8.61 -2.01 71.06
N LYS B 106 9.23 -3.01 71.69
CA LYS B 106 10.35 -3.74 71.13
C LYS B 106 11.54 -2.83 70.85
N THR B 107 12.22 -2.45 71.93
CA THR B 107 13.42 -1.61 71.85
C THR B 107 14.31 -2.01 70.68
N VAL B 108 14.88 -1.00 70.03
CA VAL B 108 15.67 -1.19 68.81
C VAL B 108 16.98 -0.44 68.99
N SER B 109 17.89 -0.68 68.06
CA SER B 109 19.14 0.06 68.07
C SER B 109 18.86 1.54 67.94
N ARG B 110 19.90 2.32 68.17
CA ARG B 110 19.82 3.77 68.12
C ARG B 110 20.69 4.35 67.01
N PHE B 111 21.55 3.53 66.43
CA PHE B 111 22.35 3.95 65.29
C PHE B 111 21.63 3.76 63.97
N ARG B 112 20.41 3.22 63.99
CA ARG B 112 19.67 2.89 62.78
C ARG B 112 18.30 3.55 62.79
N LYS B 113 18.26 4.83 63.12
CA LYS B 113 17.01 5.58 63.13
C LYS B 113 17.26 6.98 62.61
N ALA B 114 16.18 7.64 62.22
CA ALA B 114 16.26 9.00 61.71
C ALA B 114 16.48 9.98 62.85
N THR B 115 17.02 11.15 62.50
CA THR B 115 17.39 12.11 63.53
C THR B 115 16.17 12.58 64.30
N SER B 116 15.04 12.78 63.63
CA SER B 116 13.86 13.27 64.32
C SER B 116 13.39 12.28 65.39
N ILE B 117 13.40 10.98 65.07
CA ILE B 117 12.93 10.01 66.05
C ILE B 117 13.87 9.95 67.24
N LEU B 118 15.17 10.05 66.99
CA LEU B 118 16.12 10.09 68.10
C LEU B 118 15.91 11.32 68.95
N GLU B 119 15.62 12.47 68.35
CA GLU B 119 15.35 13.67 69.14
C GLU B 119 14.12 13.48 70.01
N PHE B 120 13.06 12.92 69.43
CA PHE B 120 11.85 12.69 70.20
C PHE B 120 12.13 11.81 71.40
N TYR B 121 12.78 10.67 71.17
CA TYR B 121 13.04 9.78 72.29
C TYR B 121 14.04 10.35 73.28
N ARG B 122 15.00 11.14 72.83
CA ARG B 122 15.92 11.77 73.78
C ARG B 122 15.17 12.72 74.71
N GLU B 123 14.28 13.55 74.15
CA GLU B 123 13.52 14.42 75.03
C GLU B 123 12.59 13.61 75.91
N LEU B 124 12.22 12.40 75.48
CA LEU B 124 11.35 11.56 76.30
C LEU B 124 12.12 10.65 77.24
N GLY B 125 13.44 10.57 77.13
CA GLY B 125 14.22 9.73 78.03
C GLY B 125 13.95 8.25 77.92
N LEU B 126 13.91 7.71 76.71
CA LEU B 126 13.77 6.28 76.47
C LEU B 126 14.58 5.91 75.23
N PRO B 127 14.89 4.64 75.05
CA PRO B 127 15.57 4.23 73.83
C PRO B 127 14.55 3.88 72.76
N PRO B 128 14.88 4.08 71.49
CA PRO B 128 13.85 4.02 70.45
C PRO B 128 13.18 2.66 70.38
N LYS B 129 11.87 2.68 70.19
CA LYS B 129 11.07 1.50 69.97
C LYS B 129 10.99 1.18 68.48
N GLN B 130 10.42 0.03 68.16
CA GLN B 130 10.29 -0.40 66.77
C GLN B 130 8.98 0.07 66.17
N THR B 131 7.87 -0.32 66.76
CA THR B 131 6.55 0.08 66.29
C THR B 131 5.88 0.97 67.32
N VAL B 132 5.31 2.06 66.84
CA VAL B 132 4.47 2.96 67.61
C VAL B 132 3.07 2.84 67.06
N LYS B 133 2.09 2.70 67.95
CA LYS B 133 0.72 2.55 67.54
C LYS B 133 -0.16 3.45 68.39
N ILE B 134 -1.25 3.92 67.79
CA ILE B 134 -2.11 4.93 68.36
C ILE B 134 -3.40 4.29 68.82
N PHE B 135 -3.68 4.38 70.11
CA PHE B 135 -4.90 3.84 70.71
C PHE B 135 -5.85 4.98 71.03
N ASN B 136 -7.12 4.80 70.69
CA ASN B 136 -8.16 5.77 70.98
C ASN B 136 -8.76 5.45 72.33
N ILE B 137 -8.61 6.35 73.30
CA ILE B 137 -9.12 6.16 74.63
C ILE B 137 -9.91 7.40 75.05
N THR B 138 -10.71 7.21 76.09
CA THR B 138 -11.43 8.32 76.70
C THR B 138 -10.45 9.17 77.49
N ASP B 139 -10.94 10.32 77.96
CA ASP B 139 -10.08 11.25 78.67
C ASP B 139 -9.56 10.67 79.97
N ASN B 140 -10.42 9.97 80.72
CA ASN B 140 -10.04 9.54 82.05
C ASN B 140 -9.07 8.37 82.05
N ALA B 141 -8.81 7.78 80.89
CA ALA B 141 -7.88 6.66 80.79
C ALA B 141 -6.46 7.12 80.52
N ALA B 142 -6.20 8.42 80.64
CA ALA B 142 -4.90 8.94 80.28
C ALA B 142 -3.81 8.34 81.15
N ILE B 143 -2.64 8.18 80.57
CA ILE B 143 -1.45 7.69 81.26
C ILE B 143 -0.30 8.59 80.88
N LYS B 144 0.50 8.98 81.84
CA LYS B 144 1.59 9.89 81.54
C LYS B 144 2.56 9.20 80.59
N PRO B 145 3.05 9.88 79.57
CA PRO B 145 4.11 9.27 78.76
C PRO B 145 5.31 8.96 79.62
N GLY B 146 5.98 7.86 79.30
CA GLY B 146 7.10 7.37 80.06
C GLY B 146 6.77 6.20 80.96
N THR B 147 5.50 5.95 81.24
CA THR B 147 5.14 4.84 82.09
C THR B 147 5.25 3.54 81.30
N PRO B 148 5.54 2.42 81.94
CA PRO B 148 5.54 1.13 81.24
C PRO B 148 4.20 0.44 81.34
N LEU B 149 4.00 -0.52 80.45
CA LEU B 149 2.82 -1.37 80.45
C LEU B 149 3.25 -2.82 80.51
N TYR B 150 2.50 -3.64 81.22
CA TYR B 150 2.92 -4.98 81.57
C TYR B 150 1.79 -5.97 81.27
N ALA B 151 2.20 -7.21 80.99
CA ALA B 151 1.24 -8.23 80.56
C ALA B 151 0.08 -8.33 81.53
N ALA B 152 0.34 -8.12 82.82
CA ALA B 152 -0.74 -8.10 83.79
C ALA B 152 -1.79 -7.06 83.46
N HIS B 153 -1.52 -6.16 82.49
CA HIS B 153 -2.52 -5.20 82.07
C HIS B 153 -3.85 -5.86 81.79
N PHE B 154 -3.83 -7.07 81.24
CA PHE B 154 -5.04 -7.84 81.00
C PHE B 154 -5.25 -8.82 82.14
N ARG B 155 -6.43 -9.43 82.15
CA ARG B 155 -6.71 -10.50 83.08
C ARG B 155 -7.49 -11.59 82.36
N PRO B 156 -7.27 -12.85 82.71
CA PRO B 156 -8.03 -13.92 82.06
C PRO B 156 -9.52 -13.80 82.36
N GLY B 157 -10.31 -14.30 81.42
CA GLY B 157 -11.75 -14.21 81.49
C GLY B 157 -12.36 -13.17 80.59
N GLN B 158 -11.55 -12.36 79.93
CA GLN B 158 -12.03 -11.34 79.02
C GLN B 158 -11.79 -11.79 77.59
N TYR B 159 -12.10 -10.92 76.65
CA TYR B 159 -11.82 -11.13 75.24
C TYR B 159 -11.01 -9.95 74.74
N VAL B 160 -10.25 -10.17 73.68
CA VAL B 160 -9.21 -9.24 73.26
C VAL B 160 -9.05 -9.33 71.76
N ASP B 161 -8.74 -8.20 71.14
CA ASP B 161 -8.58 -8.10 69.70
C ASP B 161 -7.13 -7.83 69.35
N VAL B 162 -6.66 -8.46 68.27
CA VAL B 162 -5.25 -8.45 67.93
C VAL B 162 -5.12 -8.06 66.46
N THR B 163 -4.22 -7.13 66.17
CA THR B 163 -4.02 -6.64 64.81
C THR B 163 -2.55 -6.65 64.44
N ALA B 164 -2.25 -7.15 63.25
CA ALA B 164 -0.86 -7.29 62.84
C ALA B 164 -0.77 -7.41 61.33
N LYS B 165 0.46 -7.40 60.84
CA LYS B 165 0.73 -7.54 59.41
C LYS B 165 0.81 -9.00 59.03
N THR B 166 -0.08 -9.43 58.14
CA THR B 166 -0.14 -10.81 57.73
C THR B 166 1.14 -11.21 57.01
N ILE B 167 1.31 -12.52 56.79
CA ILE B 167 2.51 -13.02 56.14
C ILE B 167 2.44 -12.73 54.65
N GLY B 168 3.57 -12.30 54.09
CA GLY B 168 3.59 -11.87 52.70
C GLY B 168 3.88 -12.97 51.72
N LYS B 169 2.85 -13.39 51.00
CA LYS B 169 3.00 -14.43 50.00
C LYS B 169 3.68 -13.94 48.74
N GLY B 170 3.90 -12.65 48.59
CA GLY B 170 4.47 -12.14 47.36
C GLY B 170 3.40 -11.93 46.30
N PHE B 171 3.85 -11.88 45.05
CA PHE B 171 2.93 -11.84 43.93
C PHE B 171 2.31 -13.21 43.78
N GLN B 172 0.98 -13.26 43.74
CA GLN B 172 0.26 -14.51 43.66
C GLN B 172 -0.74 -14.46 42.52
N GLY B 173 -0.92 -15.63 41.90
CA GLY B 173 -1.92 -15.82 40.88
C GLY B 173 -3.27 -15.89 41.52
N VAL B 174 -4.28 -16.23 40.76
CA VAL B 174 -5.64 -15.95 41.20
C VAL B 174 -6.21 -17.05 42.09
N MET B 175 -5.73 -18.29 41.96
CA MET B 175 -6.30 -19.34 42.79
C MET B 175 -5.66 -19.41 44.17
N LYS B 176 -4.38 -19.08 44.28
CA LYS B 176 -3.79 -19.00 45.61
C LYS B 176 -4.27 -17.76 46.35
N ARG B 177 -4.81 -16.78 45.63
CA ARG B 177 -5.16 -15.50 46.21
C ARG B 177 -6.64 -15.34 46.48
N TRP B 178 -7.51 -15.95 45.68
CA TRP B 178 -8.94 -15.78 45.88
C TRP B 178 -9.74 -17.08 45.82
N GLY B 179 -9.08 -18.23 45.82
CA GLY B 179 -9.82 -19.48 45.81
C GLY B 179 -10.60 -19.72 44.53
N PHE B 180 -9.98 -19.48 43.39
CA PHE B 180 -10.63 -19.66 42.11
C PHE B 180 -10.49 -21.08 41.60
N LYS B 181 -11.61 -21.71 41.30
CA LYS B 181 -11.57 -23.02 40.65
C LYS B 181 -10.98 -22.84 39.27
N GLY B 182 -9.70 -23.14 39.10
CA GLY B 182 -9.07 -22.95 37.81
C GLY B 182 -9.65 -23.86 36.76
N GLN B 183 -9.07 -23.90 35.63
CA GLN B 183 -9.63 -24.74 34.58
C GLN B 183 -9.10 -26.16 34.69
N PRO B 184 -9.88 -27.16 34.29
CA PRO B 184 -9.44 -28.55 34.45
C PRO B 184 -8.10 -28.82 33.79
N ALA B 185 -7.55 -29.96 34.16
CA ALA B 185 -6.34 -30.52 33.57
C ALA B 185 -6.72 -31.16 32.24
N THR B 186 -5.95 -32.14 31.79
CA THR B 186 -6.15 -32.78 30.49
C THR B 186 -7.61 -33.09 30.21
N HIS B 187 -7.92 -33.52 29.00
CA HIS B 187 -9.10 -33.15 28.23
C HIS B 187 -8.81 -31.89 27.41
N GLY B 188 -7.54 -31.59 27.21
CA GLY B 188 -7.14 -30.66 26.19
C GLY B 188 -7.02 -29.22 26.62
N GLN B 189 -7.14 -28.93 27.92
CA GLN B 189 -7.06 -27.55 28.39
C GLN B 189 -5.61 -27.11 28.29
N THR B 190 -5.22 -26.73 27.08
CA THR B 190 -3.85 -26.34 26.80
C THR B 190 -3.60 -24.92 27.27
N LYS B 191 -2.50 -24.73 28.00
CA LYS B 191 -2.04 -23.40 28.39
C LYS B 191 -3.11 -22.63 29.16
N THR B 192 -3.98 -23.34 29.86
CA THR B 192 -4.91 -22.72 30.79
C THR B 192 -5.21 -23.74 31.89
N HIS B 193 -4.50 -23.65 32.99
CA HIS B 193 -4.81 -24.45 34.16
C HIS B 193 -5.11 -23.61 35.39
N ARG B 194 -4.33 -22.58 35.64
CA ARG B 194 -4.44 -21.78 36.86
C ARG B 194 -4.74 -20.33 36.51
N ARG B 195 -5.51 -20.13 35.45
CA ARG B 195 -5.72 -18.80 34.89
C ARG B 195 -7.09 -18.27 35.25
N PRO B 196 -7.25 -16.96 35.40
CA PRO B 196 -8.58 -16.41 35.57
C PRO B 196 -9.37 -16.63 34.30
N GLY B 197 -10.68 -16.69 34.44
CA GLY B 197 -11.50 -16.99 33.29
C GLY B 197 -11.79 -15.73 32.51
N ALA B 198 -13.05 -15.33 32.45
CA ALA B 198 -13.39 -14.03 31.90
C ALA B 198 -13.30 -12.97 32.98
N VAL B 199 -12.46 -11.97 32.77
CA VAL B 199 -12.31 -10.91 33.76
C VAL B 199 -13.58 -10.09 33.94
N ALA B 200 -14.27 -9.74 32.87
CA ALA B 200 -15.49 -8.94 32.96
C ALA B 200 -16.39 -9.28 31.79
N THR B 201 -17.62 -8.81 31.82
CA THR B 201 -18.59 -9.08 30.77
C THR B 201 -18.17 -8.35 29.50
N GLY B 202 -18.97 -8.50 28.44
CA GLY B 202 -18.54 -8.06 27.13
C GLY B 202 -19.06 -6.71 26.69
N ASP B 203 -20.28 -6.34 27.07
CA ASP B 203 -20.83 -5.07 26.62
C ASP B 203 -20.06 -3.89 27.20
N ILE B 204 -19.66 -4.00 28.47
CA ILE B 204 -18.83 -2.95 29.05
C ILE B 204 -17.41 -3.14 28.54
N GLY B 205 -16.82 -2.05 28.07
CA GLY B 205 -15.50 -2.12 27.49
C GLY B 205 -14.42 -1.79 28.48
N ARG B 206 -14.59 -2.31 29.69
CA ARG B 206 -13.66 -2.02 30.77
C ARG B 206 -13.78 -3.15 31.78
N VAL B 207 -12.79 -3.24 32.66
CA VAL B 207 -12.85 -4.13 33.81
C VAL B 207 -13.18 -3.27 35.02
N TRP B 208 -14.16 -3.68 35.80
CA TRP B 208 -14.56 -2.87 36.92
C TRP B 208 -13.38 -2.66 37.86
N PRO B 209 -13.31 -1.54 38.56
CA PRO B 209 -12.40 -1.47 39.70
C PRO B 209 -12.85 -2.43 40.79
N GLY B 210 -11.89 -3.01 41.47
CA GLY B 210 -12.22 -4.01 42.46
C GLY B 210 -12.47 -5.38 41.86
N THR B 211 -11.90 -5.66 40.71
CA THR B 211 -11.96 -6.99 40.14
C THR B 211 -10.84 -7.82 40.75
N LYS B 212 -11.10 -9.10 40.93
CA LYS B 212 -10.15 -9.99 41.55
C LYS B 212 -9.14 -10.42 40.50
N MET B 213 -7.87 -10.13 40.72
CA MET B 213 -6.83 -10.36 39.73
C MET B 213 -5.51 -10.69 40.41
N PRO B 214 -4.54 -11.20 39.65
CA PRO B 214 -3.24 -11.49 40.25
C PRO B 214 -2.61 -10.25 40.85
N GLY B 215 -1.80 -10.46 41.89
CA GLY B 215 -1.11 -9.34 42.50
C GLY B 215 -0.56 -9.72 43.86
N LYS B 216 -0.05 -8.71 44.56
CA LYS B 216 0.59 -8.96 45.84
C LYS B 216 -0.44 -9.41 46.87
N MET B 217 -0.03 -10.31 47.75
CA MET B 217 -0.91 -10.91 48.74
C MET B 217 -0.32 -10.74 50.13
N GLY B 218 -1.20 -10.68 51.13
CA GLY B 218 -0.74 -10.52 52.49
C GLY B 218 0.09 -9.27 52.66
N ASN B 219 0.78 -9.21 53.78
CA ASN B 219 1.63 -8.08 54.14
C ASN B 219 0.81 -6.81 54.34
N ILE B 220 -0.47 -6.98 54.69
CA ILE B 220 -1.34 -5.88 55.03
C ILE B 220 -1.82 -6.09 56.45
N TYR B 221 -2.07 -4.98 57.14
CA TYR B 221 -2.57 -5.06 58.50
C TYR B 221 -3.96 -5.66 58.49
N ARG B 222 -4.25 -6.50 59.48
CA ARG B 222 -5.59 -7.02 59.63
C ARG B 222 -5.80 -7.43 61.08
N THR B 223 -7.06 -7.56 61.45
CA THR B 223 -7.47 -7.68 62.84
C THR B 223 -8.29 -8.95 63.03
N GLU B 224 -8.02 -9.65 64.13
CA GLU B 224 -8.83 -10.75 64.60
C GLU B 224 -9.55 -10.30 65.86
N TYR B 225 -10.86 -10.53 65.89
CA TYR B 225 -11.73 -10.07 66.95
C TYR B 225 -12.17 -11.26 67.80
N GLY B 226 -12.43 -10.99 69.07
CA GLY B 226 -13.05 -11.97 69.94
C GLY B 226 -12.13 -12.97 70.57
N LEU B 227 -10.82 -12.83 70.43
CA LEU B 227 -9.90 -13.78 71.02
C LEU B 227 -9.94 -13.66 72.54
N LYS B 228 -10.09 -14.80 73.20
CA LYS B 228 -10.17 -14.86 74.66
C LYS B 228 -8.78 -15.05 75.24
N VAL B 229 -8.59 -14.58 76.47
CA VAL B 229 -7.30 -14.71 77.15
C VAL B 229 -7.44 -15.75 78.25
N TRP B 230 -6.61 -16.78 78.19
CA TRP B 230 -6.67 -17.90 79.11
C TRP B 230 -5.68 -17.77 80.26
N ARG B 231 -4.43 -17.41 79.95
CA ARG B 231 -3.35 -17.39 80.91
C ARG B 231 -2.55 -16.11 80.77
N ILE B 232 -1.97 -15.68 81.88
CA ILE B 232 -1.01 -14.59 81.87
C ILE B 232 0.20 -15.01 82.68
N ASN B 233 1.38 -14.79 82.13
CA ASN B 233 2.64 -15.09 82.80
C ASN B 233 3.25 -13.76 83.18
N THR B 234 3.08 -13.38 84.44
CA THR B 234 3.49 -12.08 84.93
C THR B 234 4.97 -11.98 85.23
N LYS B 235 5.71 -13.07 85.12
CA LYS B 235 7.15 -13.04 85.34
C LYS B 235 7.91 -12.84 84.05
N HIS B 236 7.41 -13.41 82.95
CA HIS B 236 7.97 -13.19 81.63
C HIS B 236 7.08 -12.30 80.76
N ASN B 237 5.92 -11.88 81.27
CA ASN B 237 5.01 -11.02 80.54
C ASN B 237 4.50 -11.68 79.26
N ILE B 238 3.85 -12.83 79.42
CA ILE B 238 3.24 -13.54 78.32
C ILE B 238 1.74 -13.47 78.47
N ILE B 239 1.04 -13.34 77.35
CA ILE B 239 -0.41 -13.44 77.29
C ILE B 239 -0.73 -14.65 76.43
N TYR B 240 -1.68 -15.47 76.88
CA TYR B 240 -2.08 -16.67 76.18
C TYR B 240 -3.44 -16.41 75.56
N VAL B 241 -3.46 -15.98 74.30
CA VAL B 241 -4.71 -15.60 73.64
C VAL B 241 -5.22 -16.78 72.83
N ASN B 242 -6.51 -17.03 72.93
CA ASN B 242 -7.13 -18.14 72.21
C ASN B 242 -6.92 -18.00 70.71
N GLY B 243 -7.11 -19.10 69.99
CA GLY B 243 -7.04 -19.09 68.56
C GLY B 243 -5.72 -18.59 68.04
N SER B 244 -5.66 -18.36 66.73
CA SER B 244 -4.48 -17.89 66.06
C SER B 244 -4.54 -16.40 65.85
N VAL B 245 -3.37 -15.80 65.69
CA VAL B 245 -3.22 -14.35 65.59
C VAL B 245 -2.42 -14.05 64.33
N PRO B 246 -2.72 -13.00 63.58
CA PRO B 246 -2.00 -12.75 62.33
C PRO B 246 -0.53 -12.51 62.59
N GLY B 247 0.20 -12.36 61.52
CA GLY B 247 1.63 -12.13 61.59
C GLY B 247 2.41 -13.41 61.67
N HIS B 248 3.72 -13.25 61.59
CA HIS B 248 4.67 -14.32 61.83
C HIS B 248 5.19 -14.21 63.24
N LYS B 249 6.06 -15.14 63.60
CA LYS B 249 6.71 -15.10 64.91
C LYS B 249 7.72 -13.95 64.97
N ASN B 250 7.85 -13.37 66.16
CA ASN B 250 8.82 -12.30 66.42
C ASN B 250 8.43 -10.99 65.74
N CYS B 251 7.17 -10.86 65.36
CA CYS B 251 6.66 -9.63 64.78
C CYS B 251 5.64 -9.02 65.73
N LEU B 252 5.66 -7.70 65.82
CA LEU B 252 4.92 -6.97 66.82
C LEU B 252 3.46 -6.90 66.44
N VAL B 253 2.59 -7.23 67.39
CA VAL B 253 1.15 -7.16 67.19
C VAL B 253 0.58 -6.17 68.20
N LYS B 254 -0.58 -5.62 67.86
CA LYS B 254 -1.25 -4.62 68.68
C LYS B 254 -2.45 -5.28 69.33
N VAL B 255 -2.49 -5.24 70.66
CA VAL B 255 -3.51 -5.91 71.45
C VAL B 255 -4.34 -4.84 72.13
N LYS B 256 -5.67 -4.99 72.08
CA LYS B 256 -6.52 -4.08 72.81
C LYS B 256 -7.79 -4.81 73.20
N ASP B 257 -8.61 -4.16 74.00
CA ASP B 257 -9.81 -4.83 74.50
C ASP B 257 -10.78 -5.08 73.35
N SER B 258 -11.60 -6.12 73.52
CA SER B 258 -12.54 -6.50 72.47
C SER B 258 -13.59 -5.41 72.29
N LYS B 259 -13.80 -5.02 71.03
CA LYS B 259 -14.76 -3.97 70.72
C LYS B 259 -16.10 -4.52 70.26
N LEU B 260 -16.28 -5.84 70.26
CA LEU B 260 -17.52 -6.38 69.74
C LEU B 260 -18.67 -6.01 70.66
N PRO B 261 -19.88 -5.88 70.14
CA PRO B 261 -20.98 -5.42 70.97
C PRO B 261 -21.62 -6.53 71.79
N ALA B 262 -20.78 -7.36 72.37
CA ALA B 262 -21.21 -8.25 73.44
C ALA B 262 -20.27 -8.24 74.62
N TYR B 263 -19.15 -7.51 74.53
CA TYR B 263 -18.20 -7.37 75.62
C TYR B 263 -17.96 -5.91 75.97
N LYS B 264 -18.92 -5.02 75.66
CA LYS B 264 -18.75 -3.62 76.01
C LYS B 264 -18.66 -3.44 77.51
N ASP B 265 -19.43 -4.21 78.26
CA ASP B 265 -19.28 -4.24 79.71
C ASP B 265 -18.05 -5.06 80.05
N LEU B 266 -17.92 -5.48 81.30
CA LEU B 266 -16.82 -6.31 81.77
C LEU B 266 -15.46 -5.69 81.45
N GLY B 267 -15.42 -4.38 81.25
CA GLY B 267 -14.20 -3.62 81.43
C GLY B 267 -14.06 -3.09 82.85
N LYS B 268 -14.95 -3.51 83.75
CA LYS B 268 -15.01 -2.99 85.11
C LYS B 268 -13.98 -3.63 86.02
N ASN B 269 -13.99 -4.96 86.11
CA ASN B 269 -13.09 -5.65 87.01
C ASN B 269 -11.64 -5.57 86.56
N LEU B 270 -11.39 -5.15 85.32
CA LEU B 270 -10.03 -4.97 84.86
C LEU B 270 -9.41 -3.75 85.55
N PRO B 271 -8.09 -3.72 85.68
CA PRO B 271 -7.44 -2.53 86.22
C PRO B 271 -7.58 -1.37 85.25
N PHE B 272 -8.25 -0.30 85.67
CA PHE B 272 -8.77 0.62 84.67
C PHE B 272 -7.69 1.38 83.91
N PRO B 273 -6.94 2.28 84.54
CA PRO B 273 -5.97 3.05 83.75
C PRO B 273 -4.88 2.16 83.18
N THR B 274 -4.32 1.30 84.02
CA THR B 274 -3.38 0.27 83.62
C THR B 274 -3.10 -0.56 84.87
N TYR B 275 -2.15 -1.47 84.79
CA TYR B 275 -1.64 -2.16 85.96
C TYR B 275 -0.28 -1.58 86.31
N PHE B 276 -0.15 -1.07 87.53
CA PHE B 276 1.13 -0.61 88.05
C PHE B 276 1.65 -1.65 89.03
N PRO B 277 2.76 -2.33 88.75
CA PRO B 277 3.26 -3.31 89.72
C PRO B 277 3.59 -2.70 91.07
N ASP B 278 3.76 -1.39 91.14
CA ASP B 278 4.09 -0.72 92.39
C ASP B 278 2.87 -0.41 93.24
N GLY B 279 1.67 -0.67 92.75
CA GLY B 279 0.50 -0.51 93.58
C GLY B 279 0.55 -1.38 94.82
N ASP B 280 1.20 -2.53 94.71
CA ASP B 280 1.41 -3.42 95.85
C ASP B 280 0.08 -3.86 96.45
N GLU B 281 -0.74 -4.50 95.61
CA GLU B 281 -2.05 -5.00 96.01
C GLU B 281 -2.03 -6.51 95.86
N GLU B 282 -1.52 -7.21 96.88
CA GLU B 282 -1.48 -8.66 96.90
C GLU B 282 -0.78 -9.19 95.63
N GLU B 283 0.51 -8.88 95.56
CA GLU B 283 1.31 -9.08 94.36
C GLU B 283 0.92 -10.36 93.62
N LEU B 284 0.83 -10.25 92.30
CA LEU B 284 0.26 -11.31 91.49
C LEU B 284 1.21 -12.50 91.39
N PRO B 285 0.67 -13.73 91.38
CA PRO B 285 1.54 -14.90 91.27
C PRO B 285 2.19 -15.02 89.91
N GLU B 286 2.95 -16.08 89.69
CA GLU B 286 3.72 -16.21 88.46
C GLU B 286 2.81 -16.43 87.26
N ASP B 287 1.70 -17.14 87.45
CA ASP B 287 0.80 -17.49 86.36
C ASP B 287 -0.65 -17.29 86.82
N LEU B 288 -1.36 -16.41 86.14
CA LEU B 288 -2.78 -16.21 86.36
C LEU B 288 -3.55 -17.06 85.37
N TYR B 289 -4.53 -17.82 85.86
CA TYR B 289 -5.25 -18.80 85.08
C TYR B 289 -6.74 -18.49 85.07
N ASP B 290 -7.37 -18.81 83.95
CA ASP B 290 -8.80 -18.74 83.82
C ASP B 290 -9.48 -19.77 84.72
N GLU B 291 -10.76 -19.58 84.95
CA GLU B 291 -11.54 -20.51 85.77
C GLU B 291 -11.62 -21.90 85.18
N ASN B 292 -11.37 -22.07 83.87
CA ASN B 292 -11.64 -23.33 83.18
C ASN B 292 -10.45 -23.76 82.36
N VAL B 293 -9.27 -23.78 82.96
CA VAL B 293 -8.05 -24.27 82.33
C VAL B 293 -7.51 -25.42 83.16
N CYS B 294 -7.30 -26.57 82.53
CA CYS B 294 -6.68 -27.72 83.18
C CYS B 294 -5.18 -27.47 83.30
N GLN B 295 -4.84 -26.59 84.22
CA GLN B 295 -3.47 -26.16 84.36
C GLN B 295 -2.58 -27.31 84.80
N PRO B 296 -1.29 -27.24 84.54
CA PRO B 296 -0.39 -28.33 84.92
C PRO B 296 -0.25 -28.41 86.43
N GLY B 297 0.17 -29.58 86.90
CA GLY B 297 0.33 -29.81 88.31
C GLY B 297 -0.94 -30.16 89.05
N ALA B 298 -2.06 -30.27 88.35
CA ALA B 298 -3.31 -30.63 88.98
C ALA B 298 -3.64 -32.09 88.71
N PRO B 299 -4.48 -32.71 89.53
CA PRO B 299 -4.85 -34.10 89.27
C PRO B 299 -5.52 -34.26 87.92
N SER B 300 -5.22 -35.38 87.27
CA SER B 300 -5.82 -35.66 85.97
C SER B 300 -7.34 -35.74 86.10
N ILE B 301 -8.02 -35.11 85.14
CA ILE B 301 -9.44 -34.87 85.28
C ILE B 301 -10.21 -36.18 85.30
N THR B 302 -11.40 -36.12 85.87
CA THR B 302 -12.33 -37.24 85.87
C THR B 302 -13.74 -36.69 85.64
N PHE B 303 -14.56 -37.47 84.96
CA PHE B 303 -15.87 -37.02 84.51
C PHE B 303 -17.01 -37.57 85.36
N ALA B 304 -16.72 -38.02 86.58
CA ALA B 304 -17.75 -38.45 87.51
C ALA B 304 -18.03 -37.35 88.53
N GLU C 1 27.80 60.42 -61.40
CA GLU C 1 26.92 59.84 -62.41
C GLU C 1 25.88 58.94 -61.75
N PRO C 2 24.63 59.41 -61.64
CA PRO C 2 23.64 58.64 -60.89
C PRO C 2 23.41 57.27 -61.48
N VAL C 3 22.87 56.38 -60.66
CA VAL C 3 22.52 55.03 -61.05
C VAL C 3 21.05 54.86 -60.68
N LEU C 4 20.17 55.24 -61.59
CA LEU C 4 18.74 55.17 -61.31
C LEU C 4 18.27 53.74 -61.55
N ARG C 5 17.00 53.49 -61.23
CA ARG C 5 16.40 52.19 -61.47
C ARG C 5 14.89 52.34 -61.34
N LYS C 6 14.17 52.04 -62.41
CA LYS C 6 12.72 52.13 -62.40
C LYS C 6 12.12 50.76 -62.11
N VAL C 7 10.88 50.76 -61.67
CA VAL C 7 10.17 49.50 -61.43
C VAL C 7 9.66 48.98 -62.77
N GLU C 8 9.96 47.72 -63.08
CA GLU C 8 9.59 47.12 -64.35
C GLU C 8 8.17 46.58 -64.37
N LEU C 9 7.81 45.72 -63.43
CA LEU C 9 6.49 45.15 -63.45
C LEU C 9 5.45 46.25 -63.26
N PRO C 10 4.25 46.07 -63.80
CA PRO C 10 3.22 47.11 -63.67
C PRO C 10 2.87 47.41 -62.22
N VAL C 11 2.70 48.69 -61.91
CA VAL C 11 2.25 49.13 -60.59
C VAL C 11 0.75 49.35 -60.66
N PRO C 12 -0.03 49.01 -59.64
CA PRO C 12 -1.44 49.39 -59.66
C PRO C 12 -1.58 50.90 -59.76
N THR C 13 -2.60 51.35 -60.49
CA THR C 13 -2.67 52.75 -60.85
C THR C 13 -3.00 53.64 -59.66
N HIS C 14 -3.31 53.08 -58.50
CA HIS C 14 -3.62 53.86 -57.32
C HIS C 14 -2.52 53.82 -56.26
N ARG C 15 -1.28 53.50 -56.63
CA ARG C 15 -0.19 53.40 -55.69
C ARG C 15 1.11 53.86 -56.32
N ARG C 16 1.78 54.78 -55.68
CA ARG C 16 3.07 55.19 -56.19
C ARG C 16 4.16 54.29 -55.65
N PRO C 17 5.27 54.15 -56.37
CA PRO C 17 6.36 53.29 -55.86
C PRO C 17 7.02 53.86 -54.62
N VAL C 18 7.80 53.04 -53.93
CA VAL C 18 8.62 53.51 -52.82
C VAL C 18 10.03 53.64 -53.37
N GLN C 19 10.91 54.28 -52.60
CA GLN C 19 12.23 54.60 -53.11
C GLN C 19 13.27 54.37 -52.03
N ALA C 20 14.53 54.26 -52.46
CA ALA C 20 15.62 54.00 -51.54
C ALA C 20 16.92 54.50 -52.15
N TRP C 21 17.90 54.75 -51.31
CA TRP C 21 19.21 55.14 -51.77
C TRP C 21 19.94 53.93 -52.31
N VAL C 22 20.91 54.19 -53.18
CA VAL C 22 21.74 53.16 -53.78
C VAL C 22 23.17 53.47 -53.38
N GLU C 23 23.70 52.68 -52.47
CA GLU C 23 24.99 52.92 -51.85
C GLU C 23 26.05 52.08 -52.54
N SER C 24 27.29 52.29 -52.13
CA SER C 24 28.42 51.53 -52.62
C SER C 24 29.29 51.14 -51.44
N LEU C 25 29.94 49.98 -51.52
CA LEU C 25 30.92 49.59 -50.53
C LEU C 25 32.32 50.02 -50.88
N ARG C 26 32.53 50.59 -52.06
CA ARG C 26 33.88 50.94 -52.50
C ARG C 26 34.52 52.02 -51.65
N GLY C 27 33.77 52.69 -50.80
CA GLY C 27 34.33 53.73 -49.96
C GLY C 27 33.46 53.95 -48.74
N PHE C 28 34.09 54.45 -47.69
CA PHE C 28 33.37 54.62 -46.43
C PHE C 28 32.19 55.56 -46.60
N GLU C 29 32.38 56.67 -47.31
CA GLU C 29 31.40 57.74 -47.38
C GLU C 29 30.68 57.75 -48.73
N GLN C 30 30.49 56.57 -49.32
CA GLN C 30 29.85 56.43 -50.62
C GLN C 30 28.38 56.06 -50.51
N GLU C 31 27.67 56.58 -49.52
CA GLU C 31 26.22 56.44 -49.54
C GLU C 31 25.64 57.51 -50.47
N ARG C 32 24.37 57.37 -50.77
CA ARG C 32 23.71 58.15 -51.82
C ARG C 32 24.57 58.20 -53.09
N VAL C 33 24.80 57.04 -53.70
CA VAL C 33 25.40 56.99 -55.03
C VAL C 33 24.32 57.15 -56.09
N GLY C 34 23.16 56.55 -55.88
CA GLY C 34 22.07 56.68 -56.82
C GLY C 34 20.74 56.57 -56.09
N LEU C 35 19.66 56.57 -56.85
CA LEU C 35 18.33 56.46 -56.29
C LEU C 35 17.59 55.35 -57.02
N ALA C 36 17.00 54.44 -56.27
CA ALA C 36 16.32 53.28 -56.81
C ALA C 36 14.86 53.31 -56.44
N ASP C 37 14.05 52.77 -57.34
CA ASP C 37 12.61 52.66 -57.17
C ASP C 37 12.25 51.21 -56.89
N LEU C 38 11.33 51.01 -55.97
CA LEU C 38 10.95 49.69 -55.52
C LEU C 38 9.43 49.55 -55.57
N HIS C 39 9.00 48.38 -56.01
CA HIS C 39 7.60 48.17 -56.32
C HIS C 39 6.77 48.16 -55.04
N PRO C 40 5.65 48.89 -54.99
CA PRO C 40 4.96 49.06 -53.71
C PRO C 40 4.48 47.78 -53.06
N ASP C 41 4.05 46.80 -53.84
CA ASP C 41 3.47 45.61 -53.24
C ASP C 41 4.51 44.63 -52.71
N VAL C 42 5.79 44.89 -52.91
CA VAL C 42 6.87 44.05 -52.42
C VAL C 42 7.71 44.75 -51.37
N PHE C 43 7.57 46.07 -51.26
CA PHE C 43 8.33 46.85 -50.28
C PHE C 43 7.45 47.80 -49.47
N ALA C 44 6.14 47.78 -49.67
CA ALA C 44 5.23 48.63 -48.91
C ALA C 44 3.92 47.91 -48.62
N THR C 45 3.96 46.60 -48.45
CA THR C 45 2.75 45.87 -48.11
C THR C 45 2.24 46.31 -46.75
N ALA C 46 1.10 45.78 -46.37
CA ALA C 46 0.65 46.00 -45.01
C ALA C 46 1.66 45.38 -44.05
N PRO C 47 1.80 45.92 -42.84
CA PRO C 47 2.85 45.42 -41.95
C PRO C 47 2.70 43.95 -41.65
N ARG C 48 1.57 43.54 -41.07
CA ARG C 48 1.23 42.13 -40.89
C ARG C 48 2.33 41.34 -40.22
N LEU C 49 2.59 41.65 -38.95
CA LEU C 49 3.59 40.92 -38.20
C LEU C 49 3.16 39.49 -37.91
N ASP C 50 1.86 39.24 -37.72
CA ASP C 50 1.42 37.89 -37.37
C ASP C 50 1.76 36.89 -38.46
N ILE C 51 1.73 37.32 -39.73
CA ILE C 51 2.16 36.44 -40.79
C ILE C 51 3.66 36.20 -40.71
N LEU C 52 4.42 37.21 -40.31
CA LEU C 52 5.84 36.98 -40.08
C LEU C 52 6.03 35.91 -39.04
N HIS C 53 5.19 35.90 -38.02
CA HIS C 53 5.27 34.87 -37.00
C HIS C 53 4.95 33.50 -37.57
N GLN C 54 3.85 33.40 -38.31
CA GLN C 54 3.48 32.12 -38.92
C GLN C 54 4.65 31.58 -39.73
N VAL C 55 5.26 32.43 -40.55
CA VAL C 55 6.29 31.96 -41.45
C VAL C 55 7.54 31.56 -40.68
N ALA C 56 7.94 32.35 -39.68
CA ALA C 56 9.14 31.99 -38.92
C ALA C 56 8.94 30.70 -38.15
N MET C 57 7.76 30.49 -37.58
CA MET C 57 7.50 29.26 -36.84
C MET C 57 7.49 28.05 -37.78
N TRP C 58 6.87 28.17 -38.96
CA TRP C 58 6.99 27.09 -39.93
C TRP C 58 8.42 26.86 -40.31
N GLN C 59 9.19 27.92 -40.50
CA GLN C 59 10.56 27.77 -40.97
C GLN C 59 11.42 27.13 -39.89
N LYS C 60 11.00 27.24 -38.64
CA LYS C 60 11.68 26.55 -37.55
C LYS C 60 11.29 25.08 -37.51
N ASN C 61 10.00 24.79 -37.61
CA ASN C 61 9.50 23.47 -37.27
C ASN C 61 9.37 22.49 -38.43
N PHE C 62 9.31 22.95 -39.68
CA PHE C 62 8.99 22.02 -40.76
C PHE C 62 10.11 21.02 -41.01
N LYS C 63 11.32 21.34 -40.59
CA LYS C 63 12.47 20.48 -40.82
C LYS C 63 12.98 19.83 -39.55
N ARG C 64 12.11 19.55 -38.60
CA ARG C 64 12.51 18.98 -37.32
C ARG C 64 12.14 17.51 -37.26
N ILE C 65 13.13 16.65 -37.00
CA ILE C 65 12.90 15.29 -36.58
C ILE C 65 13.40 15.16 -35.15
N SER C 66 12.52 14.80 -34.24
CA SER C 66 12.89 14.59 -32.85
C SER C 66 13.32 13.15 -32.70
N TYR C 67 14.60 12.95 -32.40
CA TYR C 67 15.18 11.62 -32.23
C TYR C 67 15.19 11.21 -30.76
N ALA C 68 14.00 11.10 -30.19
CA ALA C 68 13.84 10.73 -28.78
C ALA C 68 12.96 9.51 -28.69
N LYS C 69 13.52 8.41 -28.20
CA LYS C 69 12.76 7.17 -28.03
C LYS C 69 12.89 6.72 -26.59
N THR C 70 11.81 6.22 -26.03
CA THR C 70 11.81 5.67 -24.69
C THR C 70 11.12 4.33 -24.70
N LYS C 71 11.77 3.33 -24.10
CA LYS C 71 11.31 1.96 -24.21
C LYS C 71 10.00 1.77 -23.46
N THR C 72 8.96 1.39 -24.18
CA THR C 72 7.68 1.13 -23.56
C THR C 72 7.78 -0.08 -22.65
N ARG C 73 6.67 -0.44 -22.02
CA ARG C 73 6.66 -1.52 -21.04
C ARG C 73 6.92 -2.88 -21.66
N ALA C 74 6.83 -3.01 -22.98
CA ALA C 74 7.07 -4.26 -23.67
C ALA C 74 8.36 -4.31 -24.44
N GLU C 75 9.16 -3.27 -24.39
CA GLU C 75 10.43 -3.22 -25.10
C GLU C 75 11.62 -3.29 -24.18
N VAL C 76 11.39 -3.31 -22.87
CA VAL C 76 12.45 -3.36 -21.88
C VAL C 76 12.78 -4.81 -21.57
N ARG C 77 14.05 -5.08 -21.30
CA ARG C 77 14.54 -6.45 -21.21
C ARG C 77 13.81 -7.22 -20.12
N GLY C 78 13.55 -8.49 -20.38
CA GLY C 78 12.94 -9.32 -19.37
C GLY C 78 11.50 -8.94 -19.12
N GLY C 79 11.01 -9.30 -17.94
CA GLY C 79 9.71 -8.85 -17.52
C GLY C 79 8.57 -9.77 -17.84
N GLY C 80 8.84 -11.01 -18.20
CA GLY C 80 7.77 -11.91 -18.57
C GLY C 80 6.94 -12.41 -17.41
N ARG C 81 7.59 -12.91 -16.37
CA ARG C 81 6.89 -13.75 -15.41
C ARG C 81 6.17 -12.91 -14.36
N LYS C 82 5.15 -13.51 -13.78
CA LYS C 82 4.47 -12.88 -12.67
C LYS C 82 5.35 -12.97 -11.41
N PRO C 83 5.72 -11.85 -10.80
CA PRO C 83 6.70 -11.91 -9.70
C PRO C 83 6.25 -12.74 -8.51
N TRP C 84 5.01 -12.59 -8.07
CA TRP C 84 4.48 -13.39 -6.98
C TRP C 84 2.99 -13.58 -7.21
N PRO C 85 2.42 -14.65 -6.65
CA PRO C 85 1.01 -14.93 -6.90
C PRO C 85 0.14 -13.81 -6.39
N GLN C 86 -1.11 -13.81 -6.85
CA GLN C 86 -2.00 -12.70 -6.58
C GLN C 86 -2.54 -12.68 -5.15
N LYS C 87 -2.91 -13.83 -4.60
CA LYS C 87 -3.65 -13.87 -3.34
C LYS C 87 -2.76 -14.11 -2.13
N GLY C 88 -1.82 -15.05 -2.22
CA GLY C 88 -1.10 -15.50 -1.05
C GLY C 88 -0.45 -14.41 -0.23
N THR C 89 0.60 -13.79 -0.76
CA THR C 89 1.39 -12.87 0.03
C THR C 89 0.58 -11.63 0.40
N GLY C 90 1.22 -10.73 1.13
CA GLY C 90 0.64 -9.47 1.53
C GLY C 90 1.09 -8.28 0.72
N ARG C 91 1.71 -8.51 -0.42
CA ARG C 91 2.23 -7.41 -1.23
C ARG C 91 1.22 -6.99 -2.30
N ALA C 92 1.48 -5.84 -2.91
CA ALA C 92 0.62 -5.33 -3.96
C ALA C 92 0.65 -6.24 -5.18
N ARG C 93 -0.51 -6.35 -5.83
CA ARG C 93 -0.61 -7.18 -7.02
C ARG C 93 0.28 -6.62 -8.11
N HIS C 94 1.01 -7.50 -8.79
CA HIS C 94 1.85 -7.08 -9.89
C HIS C 94 2.00 -8.23 -10.87
N GLY C 95 2.01 -7.87 -12.14
CA GLY C 95 2.07 -8.83 -13.22
C GLY C 95 3.30 -8.64 -14.05
N SER C 96 4.24 -7.85 -13.55
CA SER C 96 5.55 -7.79 -14.18
C SER C 96 6.46 -6.90 -13.36
N ILE C 97 7.76 -7.15 -13.49
CA ILE C 97 8.74 -6.29 -12.86
C ILE C 97 9.17 -5.16 -13.78
N ARG C 98 8.39 -4.87 -14.82
CA ARG C 98 8.73 -3.83 -15.77
C ARG C 98 7.57 -2.87 -16.06
N SER C 99 6.51 -2.91 -15.26
CA SER C 99 5.47 -1.92 -15.40
C SER C 99 6.07 -0.52 -15.30
N PRO C 100 5.32 0.51 -15.69
CA PRO C 100 5.78 1.87 -15.40
C PRO C 100 5.92 2.14 -13.92
N LEU C 101 5.07 1.53 -13.11
CA LEU C 101 5.14 1.68 -11.66
C LEU C 101 6.54 1.36 -11.14
N TRP C 102 7.10 0.24 -11.54
CA TRP C 102 8.33 -0.27 -10.95
C TRP C 102 9.53 0.56 -11.36
N ARG C 103 10.56 0.53 -10.52
CA ARG C 103 11.84 1.07 -10.91
C ARG C 103 12.36 0.28 -12.08
N GLY C 104 13.13 0.93 -12.94
CA GLY C 104 13.71 0.25 -14.07
C GLY C 104 12.72 -0.22 -15.12
N GLY C 105 11.46 0.19 -15.01
CA GLY C 105 10.46 -0.18 -15.99
C GLY C 105 10.46 0.77 -17.17
N GLY C 106 9.33 0.79 -17.86
CA GLY C 106 9.18 1.60 -19.04
C GLY C 106 8.24 2.77 -18.84
N VAL C 107 8.43 3.79 -19.67
CA VAL C 107 7.62 4.99 -19.60
C VAL C 107 6.24 4.69 -20.14
N ALA C 108 5.21 5.06 -19.38
CA ALA C 108 3.84 4.83 -19.83
C ALA C 108 3.54 5.66 -21.08
N HIS C 109 3.98 6.92 -21.11
CA HIS C 109 3.70 7.85 -22.19
C HIS C 109 4.95 8.68 -22.42
N GLY C 110 5.78 8.25 -23.35
CA GLY C 110 7.06 8.90 -23.57
C GLY C 110 7.31 9.17 -25.03
N PRO C 111 8.43 9.79 -25.33
CA PRO C 111 8.74 10.08 -26.73
C PRO C 111 8.92 8.79 -27.51
N ARG C 112 8.07 8.61 -28.50
CA ARG C 112 8.01 7.36 -29.25
C ARG C 112 8.67 7.59 -30.61
N GLY C 113 9.73 6.84 -30.86
CA GLY C 113 10.33 6.79 -32.16
C GLY C 113 10.79 8.15 -32.62
N PRO C 114 11.46 8.20 -33.76
CA PRO C 114 11.76 9.49 -34.37
C PRO C 114 10.47 10.09 -34.91
N THR C 115 10.19 11.31 -34.48
CA THR C 115 8.94 11.98 -34.80
C THR C 115 9.22 13.10 -35.80
N SER C 116 8.43 13.15 -36.86
CA SER C 116 8.51 14.24 -37.83
C SER C 116 7.46 15.28 -37.48
N TYR C 117 7.78 16.55 -37.74
CA TYR C 117 6.88 17.66 -37.45
C TYR C 117 6.53 18.46 -38.70
N TYR C 118 6.75 17.86 -39.87
CA TYR C 118 6.65 18.58 -41.13
C TYR C 118 5.23 19.03 -41.40
N TYR C 119 5.11 20.21 -42.01
CA TYR C 119 3.87 20.71 -42.58
C TYR C 119 4.22 21.89 -43.46
N MET C 120 3.40 22.13 -44.48
CA MET C 120 3.68 23.16 -45.47
C MET C 120 2.54 24.15 -45.50
N LEU C 121 2.88 25.44 -45.40
CA LEU C 121 1.90 26.48 -45.53
C LEU C 121 1.62 26.74 -47.00
N PRO C 122 0.45 27.30 -47.31
CA PRO C 122 0.20 27.72 -48.68
C PRO C 122 1.32 28.61 -49.18
N MET C 123 1.80 28.31 -50.39
CA MET C 123 2.95 29.01 -50.95
C MET C 123 2.75 30.52 -50.93
N LYS C 124 1.52 30.96 -51.16
CA LYS C 124 1.24 32.38 -51.17
C LYS C 124 1.51 33.00 -49.80
N VAL C 125 1.23 32.26 -48.73
CA VAL C 125 1.48 32.79 -47.39
C VAL C 125 2.97 33.02 -47.18
N ARG C 126 3.80 32.13 -47.69
CA ARG C 126 5.24 32.27 -47.48
C ARG C 126 5.81 33.40 -48.33
N ALA C 127 5.34 33.53 -49.56
CA ALA C 127 5.75 34.69 -50.35
C ALA C 127 5.31 35.99 -49.68
N LEU C 128 4.09 36.00 -49.15
CA LEU C 128 3.60 37.19 -48.46
C LEU C 128 4.47 37.51 -47.27
N GLY C 129 4.89 36.48 -46.53
CA GLY C 129 5.81 36.71 -45.43
C GLY C 129 7.12 37.33 -45.89
N LEU C 130 7.64 36.87 -47.02
CA LEU C 130 8.86 37.47 -47.55
C LEU C 130 8.65 38.95 -47.82
N LYS C 131 7.53 39.29 -48.43
CA LYS C 131 7.25 40.69 -48.73
C LYS C 131 7.11 41.51 -47.45
N VAL C 132 6.43 40.94 -46.45
CA VAL C 132 6.26 41.63 -45.18
C VAL C 132 7.61 41.89 -44.52
N ALA C 133 8.50 40.91 -44.55
CA ALA C 133 9.80 41.10 -43.94
C ALA C 133 10.58 42.19 -44.64
N LEU C 134 10.56 42.19 -45.97
CA LEU C 134 11.27 43.23 -46.70
C LEU C 134 10.72 44.61 -46.36
N THR C 135 9.39 44.75 -46.30
CA THR C 135 8.84 46.06 -46.02
C THR C 135 9.10 46.50 -44.59
N VAL C 136 9.09 45.59 -43.62
CA VAL C 136 9.39 45.99 -42.26
C VAL C 136 10.86 46.39 -42.14
N LYS C 137 11.75 45.70 -42.83
CA LYS C 137 13.16 46.08 -42.78
C LYS C 137 13.44 47.30 -43.62
N LEU C 138 12.47 47.77 -44.40
CA LEU C 138 12.60 49.08 -45.05
C LEU C 138 12.03 50.18 -44.16
N ALA C 139 10.81 49.99 -43.67
CA ALA C 139 10.13 51.03 -42.93
C ALA C 139 10.93 51.47 -41.70
N GLN C 140 11.73 50.59 -41.14
CA GLN C 140 12.51 50.90 -39.94
C GLN C 140 13.96 51.21 -40.26
N ASP C 141 14.23 51.79 -41.42
CA ASP C 141 15.54 52.33 -41.74
C ASP C 141 16.62 51.28 -41.54
N ASP C 142 16.36 50.06 -42.00
CA ASP C 142 17.33 48.97 -41.92
C ASP C 142 17.68 48.37 -43.26
N LEU C 143 16.80 48.44 -44.26
CA LEU C 143 17.10 47.91 -45.58
C LEU C 143 18.00 48.88 -46.31
N HIS C 144 18.93 48.35 -47.07
CA HIS C 144 19.80 49.15 -47.92
C HIS C 144 19.79 48.57 -49.33
N ILE C 145 20.43 49.28 -50.23
CA ILE C 145 20.62 48.82 -51.61
C ILE C 145 22.05 49.15 -52.01
N MET C 146 22.68 48.25 -52.74
CA MET C 146 24.04 48.42 -53.23
C MET C 146 24.07 48.16 -54.72
N ASP C 147 24.85 48.96 -55.46
CA ASP C 147 25.04 48.66 -56.87
C ASP C 147 25.69 47.31 -57.03
N SER C 148 26.67 47.00 -56.18
CA SER C 148 27.29 45.69 -56.13
C SER C 148 27.98 45.56 -54.78
N LEU C 149 28.27 44.32 -54.41
CA LEU C 149 28.98 44.04 -53.16
C LEU C 149 30.49 44.14 -53.32
N GLU C 150 30.97 44.83 -54.35
CA GLU C 150 32.39 44.93 -54.58
C GLU C 150 33.06 45.66 -53.42
N LEU C 151 34.33 45.36 -53.20
CA LEU C 151 35.12 45.97 -52.13
C LEU C 151 36.52 46.27 -52.65
N PRO C 152 37.23 47.20 -52.01
CA PRO C 152 38.61 47.46 -52.45
C PRO C 152 39.55 46.31 -52.17
N THR C 153 39.54 45.80 -50.94
CA THR C 153 40.37 44.66 -50.56
C THR C 153 39.58 43.76 -49.63
N GLY C 154 39.95 42.49 -49.61
CA GLY C 154 39.20 41.50 -48.87
C GLY C 154 39.39 41.51 -47.37
N ASP C 155 40.17 42.45 -46.85
CA ASP C 155 40.44 42.48 -45.42
C ASP C 155 39.13 42.66 -44.65
N PRO C 156 38.78 41.75 -43.74
CA PRO C 156 37.49 41.90 -43.03
C PRO C 156 37.42 43.14 -42.18
N GLN C 157 38.57 43.62 -41.69
CA GLN C 157 38.57 44.83 -40.88
C GLN C 157 37.88 45.97 -41.61
N TYR C 158 38.13 46.08 -42.92
CA TYR C 158 37.51 47.14 -43.70
C TYR C 158 36.00 47.03 -43.67
N LEU C 159 35.46 45.84 -43.93
CA LEU C 159 34.02 45.69 -43.99
C LEU C 159 33.38 45.95 -42.64
N THR C 160 33.98 45.46 -41.56
CA THR C 160 33.37 45.69 -40.25
C THR C 160 33.46 47.16 -39.85
N GLU C 161 34.58 47.82 -40.16
CA GLU C 161 34.66 49.26 -39.89
C GLU C 161 33.59 50.00 -40.67
N LEU C 162 33.45 49.70 -41.96
CA LEU C 162 32.44 50.35 -42.77
C LEU C 162 31.06 50.14 -42.19
N ALA C 163 30.77 48.93 -41.74
CA ALA C 163 29.46 48.69 -41.13
C ALA C 163 29.30 49.50 -39.86
N HIS C 164 30.39 49.74 -39.14
CA HIS C 164 30.32 50.59 -37.96
C HIS C 164 30.05 52.04 -38.33
N TYR C 165 30.64 52.51 -39.42
CA TYR C 165 30.58 53.92 -39.80
C TYR C 165 29.17 54.41 -40.11
N ARG C 166 28.26 53.52 -40.49
CA ARG C 166 26.95 53.92 -40.99
C ARG C 166 25.81 53.45 -40.09
N ARG C 167 26.09 53.09 -38.84
CA ARG C 167 25.05 52.63 -37.94
C ARG C 167 24.29 51.43 -38.51
N TRP C 168 24.99 50.56 -39.23
CA TRP C 168 24.30 49.39 -39.78
C TRP C 168 23.75 48.50 -38.68
N GLY C 169 24.59 48.11 -37.73
CA GLY C 169 24.13 47.31 -36.62
C GLY C 169 25.17 46.30 -36.23
N ASP C 170 24.73 45.31 -35.45
CA ASP C 170 25.63 44.24 -35.05
C ASP C 170 25.92 43.29 -36.20
N SER C 171 24.88 42.90 -36.94
CA SER C 171 24.97 41.85 -37.94
C SER C 171 24.37 42.33 -39.25
N VAL C 172 24.96 41.89 -40.36
CA VAL C 172 24.55 42.29 -41.70
C VAL C 172 24.32 41.02 -42.51
N LEU C 173 23.21 41.00 -43.26
CA LEU C 173 22.89 39.92 -44.19
C LEU C 173 23.01 40.47 -45.60
N LEU C 174 24.11 40.16 -46.27
CA LEU C 174 24.34 40.60 -47.64
C LEU C 174 23.74 39.58 -48.59
N VAL C 175 23.03 40.05 -49.61
CA VAL C 175 22.35 39.21 -50.57
C VAL C 175 22.78 39.60 -51.98
N ASP C 176 23.28 38.61 -52.72
CA ASP C 176 23.66 38.76 -54.11
C ASP C 176 22.81 37.83 -54.97
N LEU C 177 23.00 37.91 -56.29
CA LEU C 177 22.08 37.25 -57.21
C LEU C 177 22.35 35.77 -57.33
N THR C 178 23.52 35.39 -57.85
CA THR C 178 23.84 34.00 -58.10
C THR C 178 25.08 33.62 -57.31
N HIS C 179 25.12 32.37 -56.85
CA HIS C 179 26.20 31.92 -55.99
C HIS C 179 27.54 31.94 -56.72
N GLU C 180 27.53 31.93 -58.05
CA GLU C 180 28.77 31.89 -58.79
C GLU C 180 29.32 33.29 -59.07
N GLU C 181 28.49 34.32 -58.98
CA GLU C 181 28.86 35.66 -59.43
C GLU C 181 29.16 36.60 -58.27
N MET C 182 29.21 36.11 -57.04
CA MET C 182 29.62 37.03 -55.98
C MET C 182 31.09 37.41 -56.16
N PRO C 183 31.48 38.67 -56.05
CA PRO C 183 32.87 39.02 -56.34
C PRO C 183 33.83 38.36 -55.36
N GLN C 184 35.09 38.27 -55.77
CA GLN C 184 36.09 37.59 -54.95
C GLN C 184 36.25 38.28 -53.60
N SER C 185 36.28 39.62 -53.60
CA SER C 185 36.60 40.33 -52.38
C SER C 185 35.58 40.08 -51.28
N ILE C 186 34.29 40.11 -51.62
CA ILE C 186 33.28 39.97 -50.59
C ILE C 186 33.27 38.55 -50.04
N VAL C 187 33.43 37.56 -50.90
CA VAL C 187 33.43 36.18 -50.41
C VAL C 187 34.64 35.93 -49.53
N GLU C 188 35.80 36.45 -49.93
CA GLU C 188 36.98 36.29 -49.08
C GLU C 188 36.80 36.98 -47.74
N ALA C 189 36.26 38.21 -47.74
CA ALA C 189 36.11 38.96 -46.50
C ALA C 189 35.07 38.31 -45.58
N THR C 190 33.96 37.86 -46.14
CA THR C 190 32.86 37.40 -45.30
C THR C 190 33.02 35.96 -44.86
N SER C 191 34.10 35.29 -45.28
CA SER C 191 34.37 33.96 -44.76
C SER C 191 34.86 34.03 -43.33
N ARG C 192 35.75 34.97 -43.04
CA ARG C 192 36.30 35.11 -41.70
C ARG C 192 35.32 35.68 -40.69
N LEU C 193 34.56 36.70 -41.05
CA LEU C 193 33.69 37.35 -40.09
C LEU C 193 32.61 36.38 -39.62
N LYS C 194 31.86 36.81 -38.62
CA LYS C 194 30.93 35.96 -37.92
C LYS C 194 29.49 36.46 -38.01
N THR C 195 29.28 37.76 -37.80
CA THR C 195 27.94 38.34 -37.86
C THR C 195 27.59 38.89 -39.24
N PHE C 196 28.53 38.89 -40.18
CA PHE C 196 28.27 39.22 -41.57
C PHE C 196 28.07 37.92 -42.33
N ASN C 197 26.96 37.81 -43.03
CA ASN C 197 26.63 36.58 -43.74
C ASN C 197 26.24 36.90 -45.17
N LEU C 198 26.86 36.22 -46.12
CA LEU C 198 26.64 36.44 -47.54
C LEU C 198 25.86 35.27 -48.10
N ILE C 199 24.69 35.56 -48.68
CA ILE C 199 23.87 34.51 -49.29
C ILE C 199 23.47 34.95 -50.68
N PRO C 200 23.22 33.99 -51.56
CA PRO C 200 22.63 34.31 -52.86
C PRO C 200 21.12 34.43 -52.73
N ALA C 201 20.53 35.16 -53.68
CA ALA C 201 19.14 35.57 -53.54
C ALA C 201 18.20 34.40 -53.36
N VAL C 202 18.57 33.22 -53.84
CA VAL C 202 17.66 32.09 -53.77
C VAL C 202 17.48 31.60 -52.34
N GLY C 203 18.31 32.06 -51.41
CA GLY C 203 18.25 31.61 -50.05
C GLY C 203 17.56 32.55 -49.09
N LEU C 204 17.12 33.70 -49.55
CA LEU C 204 16.49 34.67 -48.67
C LEU C 204 15.30 34.05 -47.96
N ASN C 205 15.22 34.29 -46.65
CA ASN C 205 14.15 33.72 -45.84
C ASN C 205 13.81 34.66 -44.70
N VAL C 206 12.65 34.43 -44.10
CA VAL C 206 12.14 35.33 -43.08
C VAL C 206 12.98 35.27 -41.82
N HIS C 207 13.26 34.05 -41.35
CA HIS C 207 13.97 33.88 -40.08
C HIS C 207 15.37 34.47 -40.16
N SER C 208 16.08 34.21 -41.25
CA SER C 208 17.44 34.71 -41.37
C SER C 208 17.45 36.22 -41.54
N MET C 209 16.30 36.82 -41.86
CA MET C 209 16.24 38.27 -41.95
C MET C 209 15.91 38.88 -40.60
N LEU C 210 14.92 38.34 -39.91
CA LEU C 210 14.59 38.85 -38.58
C LEU C 210 15.74 38.63 -37.61
N LYS C 211 16.61 37.65 -37.87
CA LYS C 211 17.77 37.48 -36.99
C LYS C 211 18.75 38.63 -37.16
N HIS C 212 19.32 38.78 -38.35
CA HIS C 212 20.23 39.88 -38.58
C HIS C 212 19.48 41.20 -38.50
N GLN C 213 20.17 42.23 -38.03
CA GLN C 213 19.52 43.54 -37.93
C GLN C 213 19.44 44.24 -39.27
N THR C 214 20.54 44.25 -40.02
CA THR C 214 20.62 44.96 -41.28
C THR C 214 20.58 43.98 -42.45
N LEU C 215 19.90 44.37 -43.51
CA LEU C 215 19.76 43.56 -44.71
C LEU C 215 20.22 44.40 -45.90
N VAL C 216 21.15 43.87 -46.68
CA VAL C 216 21.82 44.62 -47.73
C VAL C 216 21.68 43.84 -49.03
N LEU C 217 20.79 44.30 -49.91
CA LEU C 217 20.53 43.67 -51.18
C LEU C 217 21.32 44.35 -52.29
N THR C 218 21.76 43.57 -53.27
CA THR C 218 22.23 44.19 -54.49
C THR C 218 21.05 44.61 -55.36
N LEU C 219 21.31 45.46 -56.35
CA LEU C 219 20.25 45.90 -57.26
C LEU C 219 19.70 44.76 -58.10
N PRO C 220 20.53 43.96 -58.77
CA PRO C 220 19.98 42.78 -59.46
C PRO C 220 19.13 41.94 -58.54
N THR C 221 19.51 41.87 -57.27
CA THR C 221 18.73 41.09 -56.32
C THR C 221 17.34 41.66 -56.16
N VAL C 222 17.20 42.98 -56.09
CA VAL C 222 15.86 43.52 -55.90
C VAL C 222 15.03 43.32 -57.16
N ALA C 223 15.67 43.41 -58.33
CA ALA C 223 14.94 43.05 -59.55
C ALA C 223 14.43 41.62 -59.48
N PHE C 224 15.32 40.69 -59.13
CA PHE C 224 14.96 39.29 -59.00
C PHE C 224 13.83 39.10 -58.00
N LEU C 225 13.92 39.76 -56.85
CA LEU C 225 12.90 39.61 -55.83
C LEU C 225 11.55 40.12 -56.30
N GLU C 226 11.53 41.29 -56.96
CA GLU C 226 10.27 41.81 -57.47
C GLU C 226 9.65 40.84 -58.46
N ASP C 227 10.47 40.33 -59.38
CA ASP C 227 9.97 39.37 -60.35
C ASP C 227 9.39 38.14 -59.67
N LYS C 228 10.16 37.51 -58.78
CA LYS C 228 9.77 36.21 -58.25
C LYS C 228 8.69 36.31 -57.20
N LEU C 229 8.49 37.47 -56.59
CA LEU C 229 7.45 37.61 -55.58
C LEU C 229 6.19 38.24 -56.11
N LEU C 230 6.27 39.07 -57.14
CA LEU C 230 5.06 39.55 -57.79
C LEU C 230 4.38 38.47 -58.61
N TRP C 231 5.11 37.44 -58.98
CA TRP C 231 4.56 36.33 -59.74
C TRP C 231 3.49 35.57 -58.96
N GLN C 232 3.42 35.74 -57.65
CA GLN C 232 2.52 34.91 -56.85
C GLN C 232 1.11 35.45 -56.88
N ASP C 233 0.94 36.76 -56.74
CA ASP C 233 -0.36 37.38 -57.00
C ASP C 233 -0.47 37.56 -58.51
N SER C 234 -1.63 37.20 -59.05
CA SER C 234 -1.83 37.14 -60.50
C SER C 234 -1.13 35.93 -61.13
N ARG C 235 -1.29 34.75 -60.52
CA ARG C 235 -1.02 33.48 -61.19
C ARG C 235 -2.19 32.55 -60.96
N TYR C 236 -2.51 31.76 -61.97
CA TYR C 236 -3.62 30.82 -61.87
C TYR C 236 -3.40 29.87 -60.71
N ARG C 237 -4.44 29.12 -60.38
CA ARG C 237 -4.22 27.95 -59.57
C ARG C 237 -3.51 26.89 -60.41
N PRO C 238 -2.61 26.12 -59.82
CA PRO C 238 -1.78 25.22 -60.62
C PRO C 238 -2.60 24.11 -61.21
N LEU C 239 -2.19 23.65 -62.39
CA LEU C 239 -2.73 22.44 -62.97
C LEU C 239 -1.83 21.25 -62.71
N TYR C 240 -0.57 21.49 -62.40
CA TYR C 240 0.37 20.46 -61.99
C TYR C 240 1.65 21.17 -61.54
N PRO C 241 2.61 20.48 -60.92
CA PRO C 241 3.69 21.20 -60.27
C PRO C 241 4.43 22.11 -61.23
N PHE C 242 4.78 23.29 -60.75
CA PHE C 242 5.44 24.28 -61.59
C PHE C 242 6.84 23.84 -62.00
N SER C 243 7.30 22.66 -61.59
CA SER C 243 8.54 22.13 -62.13
C SER C 243 8.35 21.59 -63.54
N LEU C 244 7.12 21.20 -63.87
CA LEU C 244 6.83 20.74 -65.21
C LEU C 244 6.72 21.94 -66.15
N PRO C 245 6.99 21.77 -67.44
CA PRO C 245 6.95 22.92 -68.35
C PRO C 245 5.58 23.57 -68.42
N TYR C 246 5.60 24.90 -68.46
CA TYR C 246 4.45 25.74 -68.74
C TYR C 246 4.80 26.64 -69.92
N SER C 247 3.79 27.25 -70.52
CA SER C 247 4.04 28.11 -71.68
C SER C 247 4.89 29.32 -71.31
N ASP C 248 4.58 29.97 -70.20
CA ASP C 248 5.14 31.27 -69.87
C ASP C 248 6.12 31.27 -68.71
N PHE C 249 6.37 30.11 -68.09
CA PHE C 249 7.14 30.06 -66.86
C PHE C 249 8.54 29.54 -67.13
N PRO C 250 9.59 30.36 -67.00
CA PRO C 250 10.93 29.81 -67.23
C PRO C 250 11.29 28.71 -66.25
N THR D 1 -4.56 -37.31 -60.31
CA THR D 1 -4.36 -35.93 -59.89
C THR D 1 -5.62 -35.38 -59.26
N VAL D 2 -5.46 -34.72 -58.12
CA VAL D 2 -6.59 -34.04 -57.48
C VAL D 2 -6.57 -32.57 -57.87
N ILE D 3 -7.71 -32.06 -58.31
CA ILE D 3 -7.84 -30.68 -58.75
C ILE D 3 -8.76 -29.97 -57.78
N VAL D 4 -8.25 -28.91 -57.13
CA VAL D 4 -8.99 -28.15 -56.13
C VAL D 4 -8.91 -26.68 -56.48
N GLU D 5 -9.92 -25.94 -56.04
CA GLU D 5 -9.94 -24.49 -56.22
C GLU D 5 -10.37 -23.85 -54.92
N ARG D 6 -9.98 -22.60 -54.74
CA ARG D 6 -10.17 -21.93 -53.48
C ARG D 6 -11.64 -21.65 -53.22
N TRP D 7 -11.94 -21.37 -51.96
CA TRP D 7 -13.26 -20.89 -51.60
C TRP D 7 -13.28 -19.38 -51.45
N TRP D 8 -12.13 -18.78 -51.17
CA TRP D 8 -12.01 -17.35 -50.95
C TRP D 8 -11.16 -16.70 -52.04
N LYS D 9 -11.69 -15.63 -52.62
CA LYS D 9 -10.95 -14.92 -53.65
C LYS D 9 -9.61 -14.44 -53.11
N VAL D 10 -8.55 -14.68 -53.86
CA VAL D 10 -7.22 -14.17 -53.54
C VAL D 10 -7.08 -12.80 -54.19
N PRO D 11 -6.88 -11.72 -53.43
CA PRO D 11 -6.69 -10.42 -54.05
C PRO D 11 -5.56 -10.46 -55.06
N LEU D 12 -5.71 -9.66 -56.11
CA LEU D 12 -4.68 -9.59 -57.15
C LEU D 12 -3.37 -9.14 -56.52
N ALA D 13 -2.30 -9.17 -57.30
CA ALA D 13 -0.99 -8.83 -56.79
C ALA D 13 -0.22 -7.84 -57.64
N GLY D 14 -0.47 -7.80 -58.95
CA GLY D 14 0.28 -6.93 -59.83
C GLY D 14 1.07 -7.70 -60.86
N GLU D 15 2.13 -7.05 -61.36
CA GLU D 15 2.96 -7.67 -62.38
C GLU D 15 4.28 -8.17 -61.80
N GLY D 16 4.89 -7.41 -60.89
CA GLY D 16 6.16 -7.79 -60.31
C GLY D 16 6.01 -8.51 -58.99
N ARG D 17 5.21 -7.93 -58.10
CA ARG D 17 4.97 -8.53 -56.80
C ARG D 17 4.32 -9.90 -56.96
N LYS D 18 4.29 -10.64 -55.87
CA LYS D 18 3.63 -11.92 -55.82
C LYS D 18 2.55 -11.92 -54.75
N PRO D 19 1.48 -12.69 -54.91
CA PRO D 19 0.34 -12.56 -53.98
C PRO D 19 0.75 -12.93 -52.57
N ARG D 20 0.23 -12.19 -51.61
CA ARG D 20 0.40 -12.52 -50.20
C ARG D 20 -0.89 -13.16 -49.70
N LEU D 21 -0.77 -14.38 -49.18
CA LEU D 21 -1.92 -15.19 -48.84
C LEU D 21 -2.16 -15.18 -47.34
N HIS D 22 -3.35 -15.57 -46.94
CA HIS D 22 -3.82 -15.45 -45.58
C HIS D 22 -4.41 -16.79 -45.14
N ARG D 23 -4.70 -16.89 -43.84
CA ARG D 23 -5.12 -18.16 -43.28
C ARG D 23 -6.38 -18.69 -43.94
N ARG D 24 -7.15 -17.81 -44.59
CA ARG D 24 -8.38 -18.25 -45.25
C ARG D 24 -8.14 -18.71 -46.67
N HIS D 25 -6.95 -18.50 -47.22
CA HIS D 25 -6.65 -18.89 -48.59
C HIS D 25 -6.13 -20.30 -48.69
N ARG D 26 -6.28 -21.10 -47.64
CA ARG D 26 -5.94 -22.51 -47.69
C ARG D 26 -7.15 -23.40 -47.53
N VAL D 27 -8.35 -22.84 -47.42
CA VAL D 27 -9.55 -23.65 -47.54
C VAL D 27 -9.76 -23.97 -49.00
N TYR D 28 -10.37 -25.12 -49.28
CA TYR D 28 -10.36 -25.67 -50.61
C TYR D 28 -11.68 -26.38 -50.91
N LYS D 29 -11.93 -26.57 -52.20
CA LYS D 29 -13.05 -27.36 -52.69
C LYS D 29 -12.49 -28.39 -53.65
N LEU D 30 -13.13 -29.55 -53.70
CA LEU D 30 -12.67 -30.62 -54.60
C LEU D 30 -13.31 -30.38 -55.95
N VAL D 31 -12.56 -29.77 -56.87
CA VAL D 31 -13.08 -29.58 -58.22
C VAL D 31 -13.28 -30.93 -58.88
N GLU D 32 -12.27 -31.79 -58.83
CA GLU D 32 -12.44 -33.16 -59.29
C GLU D 32 -11.22 -33.98 -58.92
N ASP D 33 -11.30 -35.27 -59.23
CA ASP D 33 -10.18 -36.19 -59.12
C ASP D 33 -10.01 -36.88 -60.47
N THR D 34 -8.91 -36.59 -61.16
CA THR D 34 -8.77 -37.02 -62.54
C THR D 34 -8.81 -38.52 -62.70
N LYS D 35 -8.63 -39.29 -61.63
CA LYS D 35 -8.68 -40.74 -61.76
C LYS D 35 -10.10 -41.26 -61.88
N HIS D 36 -11.07 -40.62 -61.23
CA HIS D 36 -12.46 -41.02 -61.43
C HIS D 36 -12.93 -40.74 -62.85
N ARG D 37 -12.21 -39.93 -63.60
CA ARG D 37 -12.64 -39.56 -64.93
C ARG D 37 -12.78 -40.81 -65.79
N PRO D 38 -13.72 -40.83 -66.74
CA PRO D 38 -13.87 -42.02 -67.57
C PRO D 38 -12.58 -42.35 -68.31
N LYS D 39 -12.29 -43.64 -68.40
CA LYS D 39 -11.00 -44.13 -68.87
C LYS D 39 -10.67 -43.60 -70.26
N GLU D 40 -9.40 -43.63 -70.62
CA GLU D 40 -8.91 -43.11 -71.88
C GLU D 40 -8.13 -44.21 -72.60
N ASN D 41 -7.97 -44.04 -73.91
CA ASN D 41 -7.30 -45.02 -74.76
C ASN D 41 -6.24 -44.31 -75.57
N LEU D 42 -5.04 -44.90 -75.68
CA LEU D 42 -3.91 -44.23 -76.31
C LEU D 42 -3.64 -44.80 -77.70
N GLU D 43 -3.00 -43.99 -78.53
CA GLU D 43 -2.76 -44.28 -79.93
C GLU D 43 -1.30 -44.63 -80.15
N LEU D 44 -1.05 -45.75 -80.81
CA LEU D 44 0.32 -46.20 -81.06
C LEU D 44 0.35 -46.91 -82.41
N ILE D 45 1.54 -47.34 -82.81
CA ILE D 45 1.72 -48.17 -83.99
C ILE D 45 2.57 -49.38 -83.61
N LEU D 46 2.74 -50.30 -84.55
CA LEU D 46 3.37 -51.59 -84.26
C LEU D 46 4.62 -51.79 -85.11
N THR D 47 5.62 -52.43 -84.50
CA THR D 47 6.80 -52.92 -85.19
C THR D 47 6.73 -54.40 -85.50
N GLN D 48 5.78 -55.11 -84.90
CA GLN D 48 5.67 -56.55 -84.98
C GLN D 48 4.19 -56.89 -85.15
N SER D 49 3.82 -58.12 -84.84
CA SER D 49 2.43 -58.55 -84.94
C SER D 49 2.01 -59.24 -83.66
N VAL D 50 0.71 -59.10 -83.33
CA VAL D 50 0.05 -59.97 -82.37
C VAL D 50 -1.39 -60.14 -82.87
N GLU D 51 -1.77 -61.38 -83.16
CA GLU D 51 -3.01 -61.64 -83.88
C GLU D 51 -4.24 -61.18 -83.12
N ASN D 52 -4.14 -60.99 -81.80
CA ASN D 52 -5.32 -60.60 -81.04
C ASN D 52 -5.74 -59.17 -81.33
N VAL D 53 -4.79 -58.31 -81.71
CA VAL D 53 -5.06 -56.90 -81.95
C VAL D 53 -4.86 -56.52 -83.41
N GLY D 54 -3.84 -57.05 -84.06
CA GLY D 54 -3.59 -56.68 -85.44
C GLY D 54 -2.23 -57.13 -85.91
N VAL D 55 -1.78 -56.48 -86.99
CA VAL D 55 -0.53 -56.83 -87.65
C VAL D 55 0.26 -55.55 -87.90
N ARG D 56 1.56 -55.73 -88.14
CA ARG D 56 2.50 -54.63 -88.27
C ARG D 56 1.99 -53.57 -89.24
N GLY D 57 2.37 -52.31 -88.97
CA GLY D 57 2.28 -51.23 -89.93
C GLY D 57 1.21 -50.19 -89.64
N ASP D 58 0.17 -50.53 -88.90
CA ASP D 58 -1.03 -49.71 -88.82
C ASP D 58 -1.19 -49.08 -87.44
N LEU D 59 -1.97 -48.00 -87.40
CA LEU D 59 -2.36 -47.37 -86.15
C LEU D 59 -3.25 -48.29 -85.34
N VAL D 60 -3.18 -48.14 -84.02
CA VAL D 60 -4.06 -48.87 -83.12
C VAL D 60 -4.34 -47.99 -81.90
N SER D 61 -5.61 -47.92 -81.50
CA SER D 61 -6.01 -47.30 -80.24
C SER D 61 -6.24 -48.44 -79.25
N VAL D 62 -5.41 -48.49 -78.23
CA VAL D 62 -5.45 -49.58 -77.24
C VAL D 62 -5.52 -48.99 -75.85
N LYS D 63 -6.05 -49.77 -74.92
CA LYS D 63 -6.20 -49.33 -73.54
C LYS D 63 -4.85 -49.06 -72.90
N LYS D 64 -4.80 -48.04 -72.05
CA LYS D 64 -3.52 -47.55 -71.55
C LYS D 64 -2.75 -48.64 -70.81
N SER D 65 -3.42 -49.37 -69.91
CA SER D 65 -2.74 -50.41 -69.17
C SER D 65 -2.20 -51.49 -70.10
N LEU D 66 -3.03 -51.94 -71.04
CA LEU D 66 -2.61 -52.99 -71.95
C LEU D 66 -1.43 -52.53 -72.80
N GLY D 67 -1.46 -51.29 -73.27
CA GLY D 67 -0.40 -50.77 -74.10
C GLY D 67 0.84 -50.34 -73.36
N ARG D 68 0.78 -50.22 -72.03
CA ARG D 68 1.93 -49.85 -71.23
C ARG D 68 2.62 -51.03 -70.58
N ASN D 69 1.88 -52.07 -70.22
CA ASN D 69 2.48 -53.23 -69.57
C ASN D 69 2.90 -54.30 -70.56
N ARG D 70 2.24 -54.42 -71.71
CA ARG D 70 2.56 -55.47 -72.67
C ARG D 70 3.08 -54.92 -74.00
N LEU D 71 2.32 -54.09 -74.71
CA LEU D 71 2.69 -53.76 -76.07
C LEU D 71 3.96 -52.93 -76.12
N LEU D 72 4.12 -51.99 -75.19
CA LEU D 72 5.23 -51.04 -75.28
C LEU D 72 6.54 -51.64 -74.79
N PRO D 73 6.63 -52.16 -73.57
CA PRO D 73 7.96 -52.53 -73.04
C PRO D 73 8.41 -53.92 -73.46
N GLN D 74 8.18 -54.26 -74.72
CA GLN D 74 8.67 -55.51 -75.29
C GLN D 74 9.19 -55.38 -76.71
N GLY D 75 8.93 -54.27 -77.40
CA GLY D 75 9.28 -54.12 -78.79
C GLY D 75 8.12 -54.27 -79.75
N LEU D 76 6.96 -54.71 -79.27
CA LEU D 76 5.82 -54.89 -80.15
C LEU D 76 5.40 -53.58 -80.79
N ALA D 77 5.35 -52.50 -80.01
CA ALA D 77 4.72 -51.26 -80.44
C ALA D 77 5.62 -50.07 -80.14
N VAL D 78 5.32 -48.96 -80.81
CA VAL D 78 5.99 -47.69 -80.57
C VAL D 78 4.93 -46.60 -80.51
N TYR D 79 5.31 -45.46 -79.92
CA TYR D 79 4.40 -44.35 -79.79
C TYR D 79 4.09 -43.75 -81.16
N ALA D 80 2.82 -43.47 -81.39
CA ALA D 80 2.36 -42.89 -82.65
C ALA D 80 2.77 -41.42 -82.68
N SER D 81 4.05 -41.19 -82.89
CA SER D 81 4.61 -39.87 -82.81
C SER D 81 4.80 -39.27 -84.20
N PRO D 82 4.89 -37.95 -84.32
CA PRO D 82 5.21 -37.37 -85.63
C PRO D 82 6.70 -37.44 -85.95
N GLU D 83 7.31 -38.58 -85.66
CA GLU D 83 8.61 -38.92 -86.23
C GLU D 83 8.69 -40.36 -86.70
N ASN D 84 7.86 -41.27 -86.20
CA ASN D 84 7.82 -42.64 -86.68
C ASN D 84 6.62 -42.91 -87.58
N LYS D 85 5.76 -41.92 -87.81
CA LYS D 85 4.82 -42.01 -88.92
C LYS D 85 5.56 -42.06 -90.25
N LYS D 86 6.47 -41.11 -90.45
CA LYS D 86 7.23 -41.02 -91.69
C LYS D 86 8.15 -42.22 -91.89
N LEU D 87 8.41 -43.00 -90.85
CA LEU D 87 9.36 -44.10 -90.99
C LEU D 87 8.66 -45.37 -91.46
N PHE D 88 7.49 -45.67 -90.91
CA PHE D 88 6.83 -46.93 -91.24
C PHE D 88 6.14 -46.92 -92.60
N GLU D 89 5.91 -45.75 -93.19
CA GLU D 89 5.38 -45.72 -94.54
C GLU D 89 6.35 -46.36 -95.53
N GLU D 90 7.66 -46.23 -95.30
CA GLU D 90 8.62 -46.95 -96.12
C GLU D 90 8.46 -48.45 -95.97
N GLU D 91 8.18 -48.92 -94.75
CA GLU D 91 8.06 -50.35 -94.51
C GLU D 91 6.93 -50.98 -95.30
N LYS D 92 5.96 -50.18 -95.76
CA LYS D 92 4.95 -50.66 -96.68
C LYS D 92 5.26 -50.33 -98.13
N LEU D 93 5.95 -49.22 -98.38
CA LEU D 93 6.33 -48.88 -99.75
C LEU D 93 7.25 -49.94 -100.34
N LEU D 94 8.18 -50.46 -99.54
CA LEU D 94 9.05 -51.53 -100.03
C LEU D 94 8.23 -52.75 -100.42
N ARG D 95 7.24 -53.12 -99.63
CA ARG D 95 6.35 -54.23 -99.97
C ARG D 95 5.62 -53.95 -101.27
N ARG E 1 -53.29 7.06 17.26
CA ARG E 1 -53.02 8.36 17.87
C ARG E 1 -51.61 8.77 17.51
N ARG E 2 -51.34 8.81 16.22
CA ARG E 2 -50.00 9.09 15.72
C ARG E 2 -49.64 10.56 15.95
N VAL E 3 -48.34 10.84 15.87
CA VAL E 3 -47.86 12.20 16.07
C VAL E 3 -48.11 13.02 14.81
N MET E 4 -48.17 14.33 14.99
CA MET E 4 -48.39 15.27 13.90
C MET E 4 -47.09 15.96 13.53
N HIS E 5 -46.96 16.32 12.25
CA HIS E 5 -45.90 17.20 11.84
C HIS E 5 -45.88 18.41 12.76
N PHE E 6 -44.70 18.99 12.98
CA PHE E 6 -44.58 20.04 13.98
C PHE E 6 -45.40 21.26 13.62
N GLN E 7 -45.40 21.67 12.35
CA GLN E 7 -46.13 22.87 11.97
C GLN E 7 -47.62 22.67 12.16
N ARG E 8 -48.12 21.46 11.87
CA ARG E 8 -49.50 21.18 12.20
C ARG E 8 -49.74 21.27 13.69
N GLN E 9 -48.74 20.91 14.49
CA GLN E 9 -48.88 21.06 15.93
C GLN E 9 -49.03 22.52 16.33
N LYS E 10 -48.17 23.39 15.80
CA LYS E 10 -48.28 24.81 16.11
C LYS E 10 -49.62 25.35 15.66
N LEU E 11 -50.08 24.96 14.48
CA LEU E 11 -51.37 25.42 14.02
C LEU E 11 -52.48 24.97 14.95
N MET E 12 -52.40 23.74 15.47
CA MET E 12 -53.42 23.28 16.39
C MET E 12 -53.36 24.05 17.70
N ALA E 13 -52.16 24.45 18.12
CA ALA E 13 -52.02 25.16 19.38
C ALA E 13 -52.53 26.59 19.28
N VAL E 14 -52.19 27.30 18.21
CA VAL E 14 -52.57 28.70 18.08
C VAL E 14 -54.07 28.86 17.89
N THR E 15 -54.71 27.92 17.19
CA THR E 15 -56.13 27.99 16.92
C THR E 15 -56.97 27.34 18.01
N GLU E 16 -56.41 27.15 19.20
CA GLU E 16 -57.14 26.45 20.25
C GLU E 16 -58.24 27.35 20.80
N TYR E 17 -59.37 26.72 21.10
CA TYR E 17 -60.54 27.45 21.59
C TYR E 17 -60.21 28.20 22.87
N ILE E 18 -60.63 29.46 22.92
CA ILE E 18 -60.51 30.32 24.10
C ILE E 18 -61.92 30.72 24.51
N PRO E 19 -62.37 30.44 25.72
CA PRO E 19 -63.77 30.67 26.07
C PRO E 19 -63.98 32.09 26.57
N PRO E 20 -65.18 32.65 26.40
CA PRO E 20 -65.43 34.02 26.86
C PRO E 20 -65.51 34.06 28.38
N LYS E 21 -64.69 34.90 29.00
CA LYS E 21 -64.70 35.00 30.44
C LYS E 21 -66.07 35.48 30.92
N PRO E 22 -66.67 34.84 31.92
CA PRO E 22 -67.92 35.36 32.46
C PRO E 22 -67.71 36.70 33.13
N ALA E 23 -68.74 37.56 33.09
CA ALA E 23 -68.61 38.90 33.64
C ALA E 23 -68.30 38.86 35.13
N ILE E 24 -68.97 37.97 35.86
CA ILE E 24 -68.74 37.80 37.28
C ILE E 24 -68.62 36.32 37.58
N HIS E 25 -67.91 36.01 38.66
CA HIS E 25 -67.76 34.62 39.09
C HIS E 25 -69.05 34.16 39.78
N PRO E 26 -69.66 33.05 39.34
CA PRO E 26 -70.93 32.64 39.97
C PRO E 26 -70.85 32.41 41.46
N SER E 27 -69.71 31.94 41.99
CA SER E 27 -69.62 31.63 43.42
C SER E 27 -69.99 32.83 44.27
N CYS E 28 -69.48 34.00 43.93
CA CYS E 28 -69.67 35.20 44.73
C CYS E 28 -70.73 36.12 44.16
N LEU E 29 -71.56 35.63 43.24
CA LEU E 29 -72.71 36.38 42.75
C LEU E 29 -73.58 35.46 41.89
N PRO E 30 -74.92 35.51 42.01
CA PRO E 30 -75.73 34.65 41.16
C PRO E 30 -75.55 34.93 39.67
N SER F 1 -7.70 57.63 38.48
CA SER F 1 -7.82 58.75 39.40
C SER F 1 -6.44 59.28 39.75
N SER F 2 -5.50 59.13 38.83
CA SER F 2 -4.12 59.58 38.99
C SER F 2 -3.31 58.64 39.87
N PHE F 3 -3.85 57.47 40.20
CA PHE F 3 -3.04 56.44 40.81
C PHE F 3 -1.89 56.07 39.87
N SER F 4 -0.78 55.66 40.45
CA SER F 4 0.31 55.17 39.62
C SER F 4 -0.12 53.89 38.90
N ARG F 5 0.76 53.40 38.04
CA ARG F 5 0.40 52.22 37.24
C ARG F 5 0.09 51.02 38.13
N ALA F 6 1.10 50.54 38.87
CA ALA F 6 0.90 49.31 39.63
C ALA F 6 -0.23 49.42 40.64
N PRO F 7 -0.35 50.49 41.42
CA PRO F 7 -1.49 50.59 42.33
C PRO F 7 -2.83 50.56 41.62
N GLN F 8 -2.95 51.21 40.47
CA GLN F 8 -4.21 51.16 39.73
C GLN F 8 -4.53 49.73 39.32
N GLN F 9 -3.54 49.07 38.73
CA GLN F 9 -3.76 47.69 38.30
C GLN F 9 -4.17 46.82 39.47
N TRP F 10 -3.57 47.03 40.64
CA TRP F 10 -3.95 46.22 41.78
C TRP F 10 -5.35 46.57 42.27
N ALA F 11 -5.71 47.84 42.21
CA ALA F 11 -7.02 48.23 42.70
C ALA F 11 -8.14 47.65 41.85
N THR F 12 -7.92 47.61 40.54
CA THR F 12 -9.04 47.23 39.67
C THR F 12 -9.33 45.74 39.73
N PHE F 13 -8.30 44.90 39.81
CA PHE F 13 -8.47 43.46 39.73
C PHE F 13 -8.49 42.77 41.09
N ALA F 14 -8.57 43.53 42.18
CA ALA F 14 -8.48 42.92 43.51
C ALA F 14 -9.69 42.05 43.80
N ARG F 15 -9.55 41.20 44.82
CA ARG F 15 -10.58 40.26 45.21
C ARG F 15 -11.32 40.76 46.43
N ILE F 16 -12.63 40.55 46.44
CA ILE F 16 -13.52 41.08 47.46
C ILE F 16 -14.27 39.93 48.09
N TRP F 17 -14.35 39.93 49.41
CA TRP F 17 -14.98 38.85 50.16
C TRP F 17 -16.43 39.20 50.45
N TYR F 18 -17.36 38.47 49.86
CA TYR F 18 -18.78 38.74 50.01
C TYR F 18 -19.40 37.73 50.96
N LEU F 19 -19.95 38.22 52.07
CA LEU F 19 -20.75 37.37 52.94
C LEU F 19 -22.09 37.16 52.26
N LEU F 20 -22.78 36.10 52.64
CA LEU F 20 -24.13 35.88 52.15
C LEU F 20 -24.85 34.96 53.11
N ASP F 21 -25.78 35.50 53.88
CA ASP F 21 -26.52 34.67 54.79
C ASP F 21 -27.36 33.66 54.01
N GLY F 22 -27.85 32.65 54.71
CA GLY F 22 -28.59 31.60 54.08
C GLY F 22 -29.77 31.11 54.88
N LYS F 23 -30.10 31.80 55.96
CA LYS F 23 -31.19 31.35 56.80
C LYS F 23 -32.51 31.39 56.05
N MET F 24 -33.16 30.25 55.95
CA MET F 24 -34.44 30.10 55.26
C MET F 24 -34.36 30.55 53.80
N GLN F 25 -33.18 30.52 53.23
CA GLN F 25 -33.01 30.79 51.82
C GLN F 25 -32.96 29.48 51.05
N PRO F 26 -33.48 29.40 49.83
CA PRO F 26 -33.37 28.16 49.08
C PRO F 26 -31.97 27.97 48.51
N PRO F 27 -31.53 26.74 48.34
CA PRO F 27 -30.18 26.51 47.85
C PRO F 27 -29.96 27.09 46.47
N GLY F 28 -30.98 27.07 45.62
CA GLY F 28 -30.77 27.52 44.25
C GLY F 28 -30.50 28.99 44.13
N LYS F 29 -31.21 29.81 44.91
CA LYS F 29 -31.01 31.25 44.83
C LYS F 29 -29.63 31.63 45.36
N LEU F 30 -29.26 31.12 46.53
CA LEU F 30 -27.90 31.32 47.00
C LEU F 30 -26.92 30.83 45.96
N ALA F 31 -27.24 29.74 45.29
CA ALA F 31 -26.33 29.20 44.28
C ALA F 31 -26.19 30.17 43.12
N ALA F 32 -27.28 30.78 42.69
CA ALA F 32 -27.22 31.73 41.59
C ALA F 32 -26.33 32.91 41.95
N MET F 33 -26.57 33.50 43.12
CA MET F 33 -25.76 34.64 43.53
C MET F 33 -24.29 34.26 43.69
N ALA F 34 -24.04 33.10 44.31
CA ALA F 34 -22.67 32.67 44.50
C ALA F 34 -21.99 32.38 43.18
N SER F 35 -22.72 31.80 42.23
CA SER F 35 -22.15 31.54 40.92
C SER F 35 -21.74 32.83 40.24
N ILE F 36 -22.64 33.81 40.23
CA ILE F 36 -22.31 35.08 39.59
C ILE F 36 -21.06 35.67 40.22
N ARG F 37 -21.00 35.70 41.56
CA ARG F 37 -19.88 36.38 42.20
C ARG F 37 -18.58 35.59 42.05
N LEU F 38 -18.62 34.28 42.20
CA LEU F 38 -17.39 33.50 42.06
C LEU F 38 -16.85 33.61 40.65
N GLN F 39 -17.71 33.54 39.63
CA GLN F 39 -17.22 33.58 38.26
C GLN F 39 -16.57 34.90 37.93
N GLY F 40 -17.00 35.99 38.56
CA GLY F 40 -16.58 37.31 38.14
C GLY F 40 -17.59 38.03 37.28
N LEU F 41 -18.82 37.54 37.20
CA LEU F 41 -19.85 38.13 36.36
C LEU F 41 -20.62 39.22 37.08
N HIS F 42 -19.99 39.90 38.01
CA HIS F 42 -20.49 41.13 38.58
C HIS F 42 -19.51 42.26 38.44
N LYS F 43 -18.44 42.07 37.73
CA LYS F 43 -17.42 43.06 37.51
C LYS F 43 -17.50 43.57 36.08
N PRO F 44 -17.76 44.85 35.85
CA PRO F 44 -17.67 45.37 34.48
C PRO F 44 -16.36 45.06 33.80
N VAL F 45 -15.35 44.59 34.52
CA VAL F 45 -14.03 44.35 33.93
C VAL F 45 -13.85 42.87 33.68
N TYR F 46 -14.95 42.13 33.65
CA TYR F 46 -14.86 40.67 33.61
C TYR F 46 -14.24 40.17 32.32
N HIS F 47 -13.61 39.00 32.40
CA HIS F 47 -13.26 38.20 31.25
C HIS F 47 -13.03 36.79 31.76
N ALA F 48 -13.10 35.82 30.86
CA ALA F 48 -12.89 34.44 31.28
C ALA F 48 -11.43 34.18 31.63
N LEU F 49 -10.51 34.78 30.89
CA LEU F 49 -9.09 34.50 31.05
C LEU F 49 -8.38 35.52 31.93
N SER F 50 -9.11 36.27 32.74
CA SER F 50 -8.51 37.26 33.62
C SER F 50 -8.56 36.87 35.09
N ASP F 51 -9.30 35.84 35.45
CA ASP F 51 -9.32 35.34 36.82
C ASP F 51 -9.75 36.46 37.78
N CYS F 52 -10.91 37.01 37.49
CA CYS F 52 -11.47 38.10 38.29
C CYS F 52 -12.40 37.59 39.37
N GLY F 53 -12.49 36.28 39.56
CA GLY F 53 -13.40 35.74 40.55
C GLY F 53 -13.09 36.28 41.94
N ASP F 54 -14.13 36.37 42.74
CA ASP F 54 -14.05 36.88 44.10
C ASP F 54 -14.28 35.73 45.09
N HIS F 55 -14.36 36.08 46.36
CA HIS F 55 -14.62 35.12 47.43
C HIS F 55 -16.06 35.27 47.89
N VAL F 56 -16.65 34.14 48.29
CA VAL F 56 -18.00 34.10 48.82
C VAL F 56 -17.97 33.30 50.11
N VAL F 57 -18.74 33.75 51.10
CA VAL F 57 -18.78 33.14 52.42
C VAL F 57 -20.25 32.98 52.78
N ILE F 58 -20.77 31.78 52.62
CA ILE F 58 -22.16 31.49 52.94
C ILE F 58 -22.21 30.82 54.30
N MET F 59 -22.91 31.42 55.23
CA MET F 59 -23.09 30.89 56.57
C MET F 59 -24.54 30.52 56.76
N ASN F 60 -24.84 29.93 57.91
CA ASN F 60 -26.16 29.39 58.19
C ASN F 60 -26.60 28.43 57.08
N THR F 61 -25.63 27.74 56.48
CA THR F 61 -25.96 26.80 55.42
C THR F 61 -26.75 25.61 55.93
N ARG F 62 -26.79 25.39 57.23
CA ARG F 62 -27.58 24.31 57.78
C ARG F 62 -29.07 24.61 57.75
N HIS F 63 -29.45 25.88 57.63
CA HIS F 63 -30.82 26.30 57.85
C HIS F 63 -31.58 26.60 56.58
N ILE F 64 -31.04 26.26 55.42
CA ILE F 64 -31.72 26.54 54.17
C ILE F 64 -33.08 25.86 54.16
N ALA F 65 -33.94 26.32 53.25
CA ALA F 65 -35.28 25.78 53.12
C ALA F 65 -35.54 25.44 51.66
N PHE F 66 -36.00 24.22 51.41
CA PHE F 66 -36.27 23.73 50.07
C PHE F 66 -37.75 23.91 49.78
N SER F 67 -38.06 24.42 48.59
CA SER F 67 -39.45 24.61 48.24
C SER F 67 -40.15 23.28 48.08
N GLY F 68 -41.40 23.23 48.53
CA GLY F 68 -42.21 22.05 48.30
C GLY F 68 -41.73 20.86 49.10
N ASN F 69 -42.05 19.67 48.59
CA ASN F 69 -41.65 18.41 49.20
C ASN F 69 -40.27 17.97 48.74
N LYS F 70 -39.45 18.90 48.30
CA LYS F 70 -38.14 18.53 47.77
C LYS F 70 -37.32 17.76 48.78
N TRP F 71 -37.50 18.04 50.08
CA TRP F 71 -36.76 17.29 51.09
C TRP F 71 -36.94 15.80 50.92
N GLU F 72 -38.15 15.35 50.59
CA GLU F 72 -38.43 13.94 50.42
C GLU F 72 -38.34 13.46 48.98
N GLN F 73 -37.98 14.31 48.04
CA GLN F 73 -37.96 13.89 46.66
C GLN F 73 -36.63 14.12 45.97
N LYS F 74 -35.94 15.20 46.28
CA LYS F 74 -34.71 15.47 45.57
C LYS F 74 -33.66 14.46 46.00
N VAL F 75 -33.25 13.61 45.08
CA VAL F 75 -32.33 12.51 45.36
C VAL F 75 -30.99 12.80 44.72
N TYR F 76 -29.95 12.88 45.53
CA TYR F 76 -28.59 12.99 45.05
C TYR F 76 -28.00 11.59 44.90
N SER F 77 -27.25 11.40 43.83
CA SER F 77 -26.76 10.10 43.46
C SER F 77 -25.25 10.13 43.31
N SER F 78 -24.60 9.06 43.74
CA SER F 78 -23.17 8.94 43.62
C SER F 78 -22.83 7.50 43.32
N HIS F 79 -21.64 7.28 42.80
CA HIS F 79 -21.19 5.93 42.52
C HIS F 79 -19.70 5.82 42.85
N THR F 80 -19.37 4.87 43.72
CA THR F 80 -17.99 4.72 44.16
C THR F 80 -17.08 4.35 43.02
N GLY F 81 -17.59 3.57 42.07
CA GLY F 81 -16.76 3.01 41.02
C GLY F 81 -16.77 1.50 41.09
N TYR F 82 -16.88 0.98 42.31
CA TYR F 82 -16.93 -0.45 42.51
C TYR F 82 -18.33 -0.99 42.25
N PRO F 83 -18.46 -2.24 41.82
CA PRO F 83 -19.79 -2.77 41.52
C PRO F 83 -20.71 -2.69 42.73
N GLY F 84 -21.95 -2.31 42.48
CA GLY F 84 -22.94 -2.21 43.53
C GLY F 84 -22.85 -0.96 44.36
N GLY F 85 -21.92 -0.06 44.06
CA GLY F 85 -21.72 1.13 44.87
C GLY F 85 -22.51 2.33 44.40
N PHE F 86 -23.69 2.12 43.82
CA PHE F 86 -24.55 3.19 43.36
C PHE F 86 -25.49 3.59 44.49
N ARG F 87 -25.20 4.72 45.13
CA ARG F 87 -25.95 5.17 46.30
C ARG F 87 -26.83 6.34 45.93
N GLN F 88 -28.12 6.23 46.24
CA GLN F 88 -29.08 7.30 46.05
C GLN F 88 -29.66 7.71 47.39
N VAL F 89 -29.49 8.98 47.75
CA VAL F 89 -29.82 9.47 49.08
C VAL F 89 -30.65 10.73 48.94
N THR F 90 -31.76 10.81 49.68
CA THR F 90 -32.64 11.96 49.59
C THR F 90 -31.96 13.20 50.14
N ALA F 91 -32.68 14.32 50.09
CA ALA F 91 -32.11 15.58 50.53
C ALA F 91 -32.04 15.66 52.05
N ALA F 92 -33.04 15.14 52.75
CA ALA F 92 -33.00 15.15 54.20
C ALA F 92 -31.81 14.35 54.71
N GLN F 93 -31.62 13.17 54.14
CA GLN F 93 -30.50 12.33 54.55
C GLN F 93 -29.17 13.01 54.29
N LEU F 94 -28.96 13.55 53.09
CA LEU F 94 -27.68 14.18 52.81
C LEU F 94 -27.49 15.46 53.59
N HIS F 95 -28.59 16.08 54.03
CA HIS F 95 -28.47 17.27 54.87
C HIS F 95 -27.99 16.89 56.26
N LEU F 96 -28.58 15.84 56.84
CA LEU F 96 -28.09 15.37 58.14
C LEU F 96 -26.64 14.91 58.03
N ARG F 97 -26.32 14.17 56.98
CA ARG F 97 -24.98 13.59 56.85
C ARG F 97 -23.91 14.66 56.69
N ASP F 98 -24.15 15.68 55.87
CA ASP F 98 -23.20 16.76 55.69
C ASP F 98 -23.98 18.05 55.49
N PRO F 99 -24.06 18.94 56.47
CA PRO F 99 -24.98 20.08 56.39
C PRO F 99 -24.58 21.14 55.37
N VAL F 100 -23.41 20.99 54.74
CA VAL F 100 -22.95 21.94 53.74
C VAL F 100 -23.14 21.44 52.32
N ALA F 101 -23.38 20.15 52.11
CA ALA F 101 -23.25 19.58 50.78
C ALA F 101 -24.32 20.03 49.81
N ILE F 102 -25.55 20.30 50.27
CA ILE F 102 -26.60 20.67 49.34
C ILE F 102 -26.23 21.97 48.63
N VAL F 103 -25.86 22.99 49.38
CA VAL F 103 -25.51 24.27 48.77
C VAL F 103 -24.27 24.12 47.90
N LYS F 104 -23.32 23.32 48.35
CA LYS F 104 -22.10 23.13 47.57
C LYS F 104 -22.42 22.48 46.23
N LEU F 105 -23.32 21.50 46.21
CA LEU F 105 -23.65 20.84 44.96
C LEU F 105 -24.45 21.78 44.05
N ALA F 106 -25.34 22.59 44.63
CA ALA F 106 -26.02 23.59 43.82
C ALA F 106 -25.02 24.50 43.12
N ILE F 107 -24.10 25.08 43.89
CA ILE F 107 -23.15 26.02 43.31
C ILE F 107 -22.25 25.30 42.32
N TYR F 108 -21.96 24.03 42.57
CA TYR F 108 -21.13 23.27 41.65
C TYR F 108 -21.85 23.07 40.33
N GLY F 109 -23.15 22.78 40.39
CA GLY F 109 -23.91 22.62 39.17
C GLY F 109 -23.99 23.89 38.36
N MET F 110 -24.29 25.02 39.01
CA MET F 110 -24.48 26.24 38.23
C MET F 110 -23.19 26.71 37.58
N LEU F 111 -22.06 26.64 38.27
CA LEU F 111 -20.81 27.14 37.72
C LEU F 111 -20.53 26.51 36.36
N PRO F 112 -19.62 27.09 35.59
CA PRO F 112 -19.32 26.54 34.27
C PRO F 112 -18.52 25.25 34.37
N LYS F 113 -18.61 24.43 33.33
CA LYS F 113 -18.02 23.09 33.34
C LYS F 113 -16.68 23.10 32.61
N ASN F 114 -15.70 23.73 33.23
CA ASN F 114 -14.35 23.82 32.68
C ASN F 114 -13.34 23.59 33.79
N LEU F 115 -12.06 23.70 33.43
CA LEU F 115 -11.01 23.47 34.41
C LEU F 115 -11.04 24.49 35.53
N HIS F 116 -11.45 25.73 35.22
CA HIS F 116 -11.48 26.76 36.24
C HIS F 116 -12.43 26.43 37.38
N ARG F 117 -13.38 25.52 37.16
CA ARG F 117 -14.43 25.32 38.16
C ARG F 117 -13.85 25.04 39.53
N ARG F 118 -12.93 24.08 39.62
CA ARG F 118 -12.35 23.75 40.92
C ARG F 118 -11.74 24.97 41.58
N THR F 119 -10.98 25.76 40.82
CA THR F 119 -10.38 26.95 41.40
C THR F 119 -11.46 27.85 42.01
N MET F 120 -12.55 28.05 41.30
CA MET F 120 -13.62 28.88 41.83
C MET F 120 -14.18 28.26 43.10
N MET F 121 -14.30 26.95 43.13
CA MET F 121 -14.81 26.30 44.33
C MET F 121 -13.84 26.39 45.50
N GLU F 122 -12.56 26.67 45.24
CA GLU F 122 -11.66 26.89 46.35
C GLU F 122 -11.91 28.23 47.01
N ARG F 123 -12.68 29.12 46.36
CA ARG F 123 -13.03 30.41 46.91
C ARG F 123 -14.44 30.44 47.46
N LEU F 124 -15.14 29.32 47.51
CA LEU F 124 -16.43 29.24 48.19
C LEU F 124 -16.20 28.65 49.57
N HIS F 125 -16.62 29.39 50.59
CA HIS F 125 -16.48 28.99 51.98
C HIS F 125 -17.87 28.82 52.55
N LEU F 126 -18.19 27.62 53.01
CA LEU F 126 -19.50 27.29 53.53
C LEU F 126 -19.37 26.81 54.97
N PHE F 127 -20.06 27.49 55.89
CA PHE F 127 -19.98 27.18 57.30
C PHE F 127 -21.38 26.87 57.80
N PRO F 128 -21.60 25.71 58.40
CA PRO F 128 -22.97 25.27 58.65
C PRO F 128 -23.77 26.18 59.55
N ASP F 129 -23.16 26.83 60.53
CA ASP F 129 -23.90 27.60 61.52
C ASP F 129 -23.31 29.01 61.60
N GLU F 130 -23.85 29.81 62.51
CA GLU F 130 -23.52 31.22 62.59
C GLU F 130 -22.04 31.47 62.77
N TYR F 131 -21.31 30.51 63.31
CA TYR F 131 -19.90 30.70 63.64
C TYR F 131 -19.06 30.79 62.38
N ILE F 132 -18.15 31.77 62.35
CA ILE F 132 -17.21 31.92 61.24
C ILE F 132 -15.83 32.14 61.84
N PRO F 133 -14.77 31.61 61.26
CA PRO F 133 -13.43 31.88 61.79
C PRO F 133 -13.11 33.36 61.79
N GLU F 134 -12.18 33.76 62.68
CA GLU F 134 -11.74 35.13 62.72
C GLU F 134 -11.00 35.52 61.45
N ASP F 135 -10.12 34.65 60.96
CA ASP F 135 -9.33 35.00 59.80
C ASP F 135 -10.18 35.21 58.56
N ILE F 136 -11.44 34.77 58.59
CA ILE F 136 -12.36 35.01 57.49
C ILE F 136 -13.31 36.17 57.79
N LEU F 137 -13.72 36.34 59.04
CA LEU F 137 -14.50 37.53 59.38
C LEU F 137 -13.72 38.80 59.08
N LYS F 138 -12.43 38.80 59.38
CA LYS F 138 -11.63 39.99 59.15
C LYS F 138 -11.36 40.25 57.70
N ASN F 139 -11.98 39.53 56.76
CA ASN F 139 -11.78 39.77 55.34
C ASN F 139 -13.02 40.26 54.62
N LEU F 140 -14.20 40.10 55.21
CA LEU F 140 -15.43 40.43 54.51
C LEU F 140 -15.50 41.92 54.21
N VAL F 141 -16.25 42.25 53.15
CA VAL F 141 -16.39 43.62 52.69
C VAL F 141 -17.85 44.01 52.63
N GLU F 142 -18.66 43.22 51.95
CA GLU F 142 -20.07 43.52 51.75
C GLU F 142 -20.93 42.43 52.37
N GLU F 143 -22.23 42.56 52.20
CA GLU F 143 -23.18 41.60 52.74
C GLU F 143 -24.36 41.56 51.78
N LEU F 144 -24.32 40.63 50.84
CA LEU F 144 -25.32 40.60 49.79
C LEU F 144 -26.68 40.34 50.40
N PRO F 145 -27.74 40.92 49.84
CA PRO F 145 -29.07 40.72 50.43
C PRO F 145 -29.60 39.32 50.18
N GLN F 146 -30.39 38.84 51.13
CA GLN F 146 -31.03 37.55 50.96
C GLN F 146 -32.00 37.60 49.79
N PRO F 147 -32.09 36.55 48.98
CA PRO F 147 -32.94 36.63 47.79
C PRO F 147 -34.38 36.26 48.05
N ARG F 148 -34.68 35.53 49.11
CA ARG F 148 -36.05 35.27 49.51
C ARG F 148 -36.35 36.06 50.77
N LYS F 149 -37.50 36.73 50.78
CA LYS F 149 -37.92 37.47 51.97
C LYS F 149 -38.61 36.50 52.94
N ILE F 150 -37.99 36.30 54.09
CA ILE F 150 -38.52 35.37 55.08
C ILE F 150 -39.91 35.81 55.48
N PRO F 151 -40.97 35.11 55.09
CA PRO F 151 -42.30 35.47 55.60
C PRO F 151 -42.34 35.30 57.09
N LYS F 152 -43.06 36.20 57.76
CA LYS F 152 -43.06 36.26 59.21
C LYS F 152 -44.38 35.72 59.75
N ARG F 153 -44.28 34.92 60.82
CA ARG F 153 -45.39 34.17 61.36
C ARG F 153 -46.12 34.99 62.42
N LEU F 154 -47.26 34.46 62.88
CA LEU F 154 -48.10 35.22 63.80
C LEU F 154 -47.38 35.58 65.08
N ASP F 155 -46.33 34.85 65.44
CA ASP F 155 -45.64 35.14 66.70
C ASP F 155 -44.99 36.51 66.69
N GLU F 156 -44.72 37.08 65.52
CA GLU F 156 -44.05 38.37 65.42
C GLU F 156 -44.86 39.39 64.62
N TYR F 157 -46.18 39.33 64.74
CA TYR F 157 -47.06 40.41 64.31
C TYR F 157 -47.53 41.15 65.55
N THR F 158 -47.23 42.45 65.62
CA THR F 158 -47.68 43.24 66.75
C THR F 158 -49.19 43.42 66.68
N GLN F 159 -49.79 43.75 67.83
CA GLN F 159 -51.24 43.93 67.85
C GLN F 159 -51.68 45.05 66.92
N GLU F 160 -50.79 46.01 66.66
CA GLU F 160 -51.12 47.09 65.73
C GLU F 160 -51.46 46.55 64.35
N GLU F 161 -50.58 45.73 63.79
CA GLU F 161 -50.83 45.19 62.46
C GLU F 161 -51.79 44.01 62.48
N ILE F 162 -52.16 43.49 63.65
CA ILE F 162 -53.19 42.46 63.72
C ILE F 162 -54.58 43.08 63.71
N ASP F 163 -54.80 44.12 64.51
CA ASP F 163 -56.10 44.79 64.50
C ASP F 163 -56.24 45.75 63.34
N ALA F 164 -55.15 46.16 62.71
CA ALA F 164 -55.27 46.94 61.48
C ALA F 164 -55.97 46.14 60.38
N PHE F 165 -55.60 44.89 60.24
CA PHE F 165 -56.28 44.02 59.29
C PHE F 165 -57.72 43.83 59.74
N PRO F 166 -58.69 43.84 58.85
CA PRO F 166 -60.08 43.72 59.29
C PRO F 166 -60.42 42.32 59.78
N ARG F 167 -61.63 42.15 60.31
CA ARG F 167 -62.16 40.85 60.69
C ARG F 167 -63.20 40.44 59.66
N LEU F 168 -62.81 39.55 58.75
CA LEU F 168 -63.54 39.35 57.51
C LEU F 168 -64.88 38.66 57.67
N TRP F 169 -65.21 38.12 58.83
CA TRP F 169 -66.43 37.34 58.94
C TRP F 169 -66.94 37.37 60.37
N THR F 170 -68.20 36.98 60.54
CA THR F 170 -68.89 37.00 61.81
C THR F 170 -69.21 35.59 62.27
N PRO F 171 -68.76 35.18 63.45
CA PRO F 171 -69.19 33.89 63.98
C PRO F 171 -70.55 34.00 64.63
N PRO F 172 -71.28 32.89 64.77
CA PRO F 172 -72.43 32.91 65.68
C PRO F 172 -71.96 33.02 67.11
N GLU F 173 -72.85 33.39 68.03
CA GLU F 173 -72.48 33.47 69.44
C GLU F 173 -72.72 32.17 70.18
N ASP F 174 -73.77 31.42 69.81
CA ASP F 174 -74.01 30.12 70.42
C ASP F 174 -72.86 29.15 70.18
N TYR F 175 -72.19 29.25 69.02
CA TYR F 175 -71.01 28.43 68.75
C TYR F 175 -70.02 28.58 69.89
N ARG F 176 -69.24 27.52 70.13
CA ARG F 176 -68.39 27.44 71.32
C ARG F 176 -66.99 27.98 71.08
N LEU F 177 -66.81 28.93 70.17
CA LEU F 177 -65.53 29.59 69.97
C LEU F 177 -65.62 31.08 70.29
N ALA G 1 -13.80 -39.51 55.49
CA ALA G 1 -14.26 -39.14 54.15
C ALA G 1 -14.96 -40.29 53.48
N ILE G 2 -16.23 -40.48 53.84
CA ILE G 2 -17.10 -41.40 53.15
C ILE G 2 -18.01 -40.53 52.27
N GLN G 3 -17.60 -40.33 51.02
CA GLN G 3 -18.34 -39.51 50.09
C GLN G 3 -19.00 -40.38 49.02
N LYS G 4 -19.67 -39.74 48.08
CA LYS G 4 -20.33 -40.47 47.00
C LYS G 4 -19.31 -41.29 46.24
N MET G 5 -19.71 -42.50 45.87
CA MET G 5 -18.86 -43.43 45.12
C MET G 5 -17.68 -43.92 45.93
N THR G 6 -17.92 -44.35 47.17
CA THR G 6 -16.90 -45.01 47.97
C THR G 6 -17.47 -46.32 48.54
N ARG G 7 -16.66 -47.37 48.46
CA ARG G 7 -17.08 -48.69 48.90
C ARG G 7 -16.99 -48.78 50.42
N VAL G 8 -18.07 -49.27 51.03
CA VAL G 8 -18.13 -49.44 52.48
C VAL G 8 -18.55 -50.87 52.78
N ARG G 9 -17.88 -51.48 53.75
CA ARG G 9 -18.17 -52.84 54.17
C ARG G 9 -19.18 -52.81 55.29
N VAL G 10 -20.35 -53.39 55.06
CA VAL G 10 -21.37 -53.42 56.08
C VAL G 10 -20.95 -54.40 57.18
N VAL G 11 -20.89 -53.91 58.41
CA VAL G 11 -20.59 -54.77 59.56
C VAL G 11 -21.71 -54.67 60.57
N ASP G 12 -22.78 -55.45 60.39
CA ASP G 12 -23.82 -55.53 61.40
C ASP G 12 -24.47 -56.91 61.47
N ASN G 13 -23.93 -57.90 60.78
CA ASN G 13 -24.52 -59.23 60.62
C ASN G 13 -25.68 -59.20 59.63
N SER G 14 -26.15 -58.01 59.28
CA SER G 14 -26.74 -57.70 57.98
C SER G 14 -27.64 -58.83 57.48
N ALA G 15 -28.74 -59.03 58.20
CA ALA G 15 -29.77 -59.95 57.73
C ALA G 15 -29.99 -59.77 56.23
N LEU G 16 -30.02 -58.52 55.78
CA LEU G 16 -30.04 -58.25 54.34
C LEU G 16 -28.65 -58.45 53.74
N GLY G 17 -27.69 -57.61 54.11
CA GLY G 17 -26.37 -57.63 53.52
C GLY G 17 -25.60 -58.88 53.89
N ASN G 18 -24.30 -58.81 53.69
CA ASN G 18 -23.38 -59.91 53.98
C ASN G 18 -23.58 -61.11 53.06
N SER G 19 -24.59 -61.06 52.18
CA SER G 19 -24.75 -62.14 51.22
C SER G 19 -24.00 -61.81 49.93
N PRO G 20 -23.52 -62.80 49.19
CA PRO G 20 -22.73 -62.50 48.00
C PRO G 20 -23.52 -61.68 46.99
N TYR G 21 -22.82 -60.79 46.31
CA TYR G 21 -23.39 -60.00 45.23
C TYR G 21 -22.23 -59.42 44.45
N HIS G 22 -22.35 -59.38 43.13
CA HIS G 22 -21.20 -59.04 42.32
C HIS G 22 -20.75 -57.61 42.54
N ARG G 23 -21.68 -56.68 42.76
CA ARG G 23 -21.31 -55.33 43.16
C ARG G 23 -20.78 -55.37 44.59
N ALA G 24 -20.32 -54.22 45.08
CA ALA G 24 -20.09 -54.02 46.49
C ALA G 24 -20.82 -52.77 46.92
N PRO G 25 -21.21 -52.66 48.18
CA PRO G 25 -22.02 -51.50 48.59
C PRO G 25 -21.27 -50.22 48.30
N ARG G 26 -22.00 -49.22 47.80
CA ARG G 26 -21.43 -47.92 47.47
C ARG G 26 -22.30 -46.84 48.10
N CYS G 27 -21.66 -45.75 48.52
CA CYS G 27 -22.42 -44.62 49.01
C CYS G 27 -22.84 -43.73 47.85
N ILE G 28 -24.13 -43.46 47.76
CA ILE G 28 -24.68 -42.62 46.71
C ILE G 28 -25.09 -41.26 47.21
N HIS G 29 -25.06 -41.02 48.52
CA HIS G 29 -25.44 -39.73 49.04
C HIS G 29 -25.09 -39.66 50.52
N VAL G 30 -24.67 -38.47 50.95
CA VAL G 30 -24.28 -38.21 52.33
C VAL G 30 -25.20 -37.12 52.85
N TYR G 31 -25.82 -37.36 54.02
CA TYR G 31 -26.79 -36.42 54.57
C TYR G 31 -26.10 -35.30 55.34
N LYS G 32 -25.16 -34.66 54.67
CA LYS G 32 -24.55 -33.43 55.15
C LYS G 32 -24.47 -32.45 54.00
N LYS G 33 -24.56 -31.16 54.32
CA LYS G 33 -24.59 -30.14 53.27
C LYS G 33 -23.43 -30.31 52.31
N ASN G 34 -22.23 -30.49 52.84
CA ASN G 34 -21.10 -30.90 52.02
C ASN G 34 -21.10 -32.41 51.87
N GLY G 35 -20.36 -32.89 50.87
CA GLY G 35 -20.34 -34.32 50.60
C GLY G 35 -19.66 -35.15 51.67
N VAL G 36 -18.55 -34.68 52.24
CA VAL G 36 -17.76 -35.49 53.15
C VAL G 36 -18.63 -35.96 54.31
N GLY G 37 -18.41 -37.19 54.74
CA GLY G 37 -19.11 -37.77 55.87
C GLY G 37 -18.11 -38.31 56.89
N LYS G 38 -18.35 -37.97 58.15
CA LYS G 38 -17.55 -38.43 59.28
C LYS G 38 -18.42 -39.32 60.15
N VAL G 39 -17.85 -39.73 61.30
CA VAL G 39 -18.54 -40.66 62.18
C VAL G 39 -19.91 -40.12 62.53
N GLY G 40 -20.90 -41.01 62.54
CA GLY G 40 -22.25 -40.66 62.90
C GLY G 40 -23.07 -40.06 61.79
N ASP G 41 -22.46 -39.69 60.66
CA ASP G 41 -23.17 -39.11 59.54
C ASP G 41 -23.84 -40.21 58.75
N GLN G 42 -25.17 -40.22 58.76
CA GLN G 42 -25.92 -41.32 58.18
C GLN G 42 -26.14 -41.10 56.69
N ILE G 43 -25.72 -42.07 55.88
CA ILE G 43 -25.62 -41.95 54.43
C ILE G 43 -26.55 -42.96 53.79
N LEU G 44 -26.57 -42.94 52.46
CA LEU G 44 -27.44 -43.80 51.66
C LEU G 44 -26.58 -44.75 50.82
N LEU G 45 -26.98 -46.02 50.77
CA LEU G 45 -26.18 -47.05 50.14
C LEU G 45 -26.96 -47.76 49.05
N ALA G 46 -26.27 -48.08 47.97
CA ALA G 46 -26.75 -48.98 46.94
C ALA G 46 -26.15 -50.35 47.22
N ILE G 47 -26.95 -51.24 47.81
CA ILE G 47 -26.51 -52.58 48.19
C ILE G 47 -27.51 -53.57 47.63
N LYS G 48 -27.00 -54.59 46.94
CA LYS G 48 -27.84 -55.62 46.33
C LYS G 48 -28.97 -55.00 45.52
N GLY G 49 -28.60 -54.08 44.63
CA GLY G 49 -29.58 -53.48 43.76
C GLY G 49 -30.70 -52.78 44.47
N GLN G 50 -30.50 -52.38 45.73
CA GLN G 50 -31.52 -51.75 46.53
C GLN G 50 -30.91 -50.55 47.24
N LYS G 51 -31.77 -49.59 47.58
CA LYS G 51 -31.36 -48.37 48.26
C LYS G 51 -31.72 -48.46 49.73
N LYS G 52 -30.74 -48.29 50.60
CA LYS G 52 -30.96 -48.44 52.03
C LYS G 52 -30.17 -47.39 52.79
N LYS G 53 -30.79 -46.84 53.84
CA LYS G 53 -30.10 -45.86 54.67
C LYS G 53 -29.01 -46.54 55.47
N ALA G 54 -27.97 -45.77 55.81
CA ALA G 54 -26.77 -46.31 56.44
C ALA G 54 -26.39 -45.43 57.62
N LEU G 55 -25.31 -45.81 58.30
CA LEU G 55 -24.77 -45.02 59.39
C LEU G 55 -23.29 -45.33 59.53
N ILE G 56 -22.44 -44.34 59.32
CA ILE G 56 -21.00 -44.53 59.35
C ILE G 56 -20.55 -44.73 60.78
N VAL G 57 -19.69 -45.74 61.01
CA VAL G 57 -19.21 -46.03 62.36
C VAL G 57 -17.70 -46.22 62.37
N GLY G 58 -17.01 -45.77 61.34
CA GLY G 58 -15.56 -45.81 61.33
C GLY G 58 -15.02 -45.57 59.95
N HIS G 59 -13.86 -44.91 59.87
CA HIS G 59 -13.31 -44.55 58.57
C HIS G 59 -11.81 -44.43 58.68
N CYS G 60 -11.15 -44.67 57.56
CA CYS G 60 -9.69 -44.65 57.53
C CYS G 60 -9.13 -43.24 57.64
N MET G 61 -9.97 -42.22 57.56
CA MET G 61 -9.47 -40.85 57.53
C MET G 61 -9.18 -40.37 58.94
N PRO G 62 -7.96 -39.90 59.23
CA PRO G 62 -7.65 -39.47 60.59
C PRO G 62 -8.61 -38.40 61.08
N GLY G 63 -9.08 -38.57 62.30
CA GLY G 63 -9.98 -37.61 62.91
C GLY G 63 -9.26 -36.79 63.96
N PRO G 64 -9.93 -36.48 65.06
CA PRO G 64 -9.24 -35.85 66.18
C PRO G 64 -8.23 -36.79 66.82
N ARG G 65 -7.61 -36.39 67.92
CA ARG G 65 -6.55 -37.20 68.51
C ARG G 65 -7.10 -38.45 69.20
N MET G 66 -7.97 -38.27 70.18
CA MET G 66 -8.34 -39.36 71.06
C MET G 66 -9.45 -40.24 70.50
N THR G 67 -9.68 -40.25 69.19
CA THR G 67 -10.69 -41.11 68.61
C THR G 67 -10.06 -42.08 67.63
N PRO G 68 -10.59 -43.30 67.52
CA PRO G 68 -9.91 -44.34 66.75
C PRO G 68 -9.89 -44.05 65.26
N ARG G 69 -8.85 -44.56 64.60
CA ARG G 69 -8.63 -44.44 63.17
C ARG G 69 -8.61 -45.84 62.60
N PHE G 70 -9.76 -46.32 62.15
CA PHE G 70 -9.83 -47.69 61.65
C PHE G 70 -9.07 -47.81 60.34
N ASP G 71 -9.12 -49.01 59.75
CA ASP G 71 -8.53 -49.24 58.44
C ASP G 71 -9.53 -49.76 57.43
N SER G 72 -10.82 -49.58 57.69
CA SER G 72 -11.86 -49.91 56.73
C SER G 72 -13.08 -49.06 57.03
N ASN G 73 -13.74 -48.63 55.96
CA ASN G 73 -14.82 -47.67 56.05
C ASN G 73 -16.09 -48.41 56.48
N ASN G 74 -16.32 -48.47 57.78
CA ASN G 74 -17.34 -49.35 58.33
C ASN G 74 -18.68 -48.64 58.44
N VAL G 75 -19.75 -49.38 58.17
CA VAL G 75 -21.10 -48.84 58.10
C VAL G 75 -22.08 -49.84 58.70
N VAL G 76 -23.13 -49.32 59.33
CA VAL G 76 -24.21 -50.12 59.87
C VAL G 76 -25.48 -49.77 59.10
N LEU G 77 -26.19 -50.79 58.62
CA LEU G 77 -27.43 -50.53 57.93
C LEU G 77 -28.51 -50.15 58.93
N ILE G 78 -29.22 -49.06 58.63
CA ILE G 78 -30.32 -48.59 59.46
C ILE G 78 -31.55 -48.41 58.59
N GLU G 79 -32.68 -48.82 59.13
CA GLU G 79 -33.95 -48.62 58.47
C GLU G 79 -34.28 -47.13 58.44
N ASP G 80 -35.26 -46.75 57.60
CA ASP G 80 -35.57 -45.34 57.41
C ASP G 80 -35.94 -44.67 58.72
N ASN G 81 -36.75 -45.32 59.54
CA ASN G 81 -37.21 -44.71 60.79
C ASN G 81 -36.18 -44.80 61.91
N GLY G 82 -34.93 -45.12 61.61
CA GLY G 82 -33.86 -45.11 62.58
C GLY G 82 -33.54 -46.46 63.19
N ASN G 83 -34.46 -47.42 63.12
CA ASN G 83 -34.18 -48.74 63.67
C ASN G 83 -33.05 -49.40 62.90
N PRO G 84 -32.05 -49.97 63.57
CA PRO G 84 -31.05 -50.75 62.85
C PRO G 84 -31.66 -52.03 62.32
N VAL G 85 -31.35 -52.35 61.07
CA VAL G 85 -31.87 -53.57 60.45
C VAL G 85 -31.27 -54.80 61.10
N GLY G 86 -29.96 -54.80 61.34
CA GLY G 86 -29.32 -55.93 61.97
C GLY G 86 -29.73 -56.07 63.42
N THR G 87 -29.19 -57.11 64.05
CA THR G 87 -29.39 -57.36 65.48
C THR G 87 -28.09 -57.45 66.25
N ARG G 88 -26.94 -57.33 65.59
CA ARG G 88 -25.66 -57.45 66.26
C ARG G 88 -24.64 -56.58 65.54
N ILE G 89 -23.54 -56.32 66.23
CA ILE G 89 -22.36 -55.71 65.63
C ILE G 89 -21.14 -56.33 66.29
N LYS G 90 -20.20 -56.78 65.47
CA LYS G 90 -18.99 -57.42 65.98
C LYS G 90 -17.77 -56.52 65.89
N THR G 91 -17.53 -55.88 64.75
CA THR G 91 -16.41 -54.97 64.65
C THR G 91 -16.54 -53.88 65.71
N PRO G 92 -15.43 -53.45 66.32
CA PRO G 92 -15.54 -52.39 67.32
C PRO G 92 -16.11 -51.11 66.74
N ILE G 93 -16.92 -50.42 67.53
CA ILE G 93 -17.45 -49.11 67.16
C ILE G 93 -16.91 -48.09 68.14
N PRO G 94 -16.54 -46.89 67.70
CA PRO G 94 -15.94 -45.93 68.63
C PRO G 94 -16.94 -45.46 69.68
N THR G 95 -16.40 -45.05 70.82
CA THR G 95 -17.22 -44.46 71.86
C THR G 95 -17.56 -43.01 71.58
N SER G 96 -17.21 -42.50 70.40
CA SER G 96 -17.54 -41.14 70.00
C SER G 96 -18.90 -41.05 69.32
N LEU G 97 -19.83 -41.93 69.66
CA LEU G 97 -21.20 -41.83 69.22
C LEU G 97 -22.17 -41.44 70.32
N ARG G 98 -21.77 -41.58 71.58
CA ARG G 98 -22.54 -41.02 72.68
C ARG G 98 -22.51 -39.50 72.69
N LYS G 99 -21.59 -38.90 71.93
CA LYS G 99 -21.44 -37.47 71.74
C LYS G 99 -22.45 -36.96 70.70
N ARG G 100 -22.08 -35.89 69.97
CA ARG G 100 -22.98 -35.00 69.25
C ARG G 100 -24.27 -35.65 68.75
N GLU G 101 -25.37 -34.95 69.01
CA GLU G 101 -26.73 -35.46 68.87
C GLU G 101 -26.97 -36.27 67.59
N GLY G 102 -27.86 -37.24 67.69
CA GLY G 102 -28.18 -38.11 66.57
C GLY G 102 -28.86 -39.37 67.08
N GLU G 103 -29.25 -40.21 66.13
CA GLU G 103 -29.86 -41.50 66.43
C GLU G 103 -28.73 -42.51 66.64
N TYR G 104 -28.25 -42.55 67.88
CA TYR G 104 -27.12 -43.39 68.24
C TYR G 104 -27.39 -44.29 69.44
N SER G 105 -28.42 -44.01 70.23
CA SER G 105 -28.68 -44.84 71.41
C SER G 105 -28.98 -46.27 71.03
N LYS G 106 -29.82 -46.47 70.01
CA LYS G 106 -30.15 -47.82 69.58
C LYS G 106 -28.94 -48.56 69.05
N VAL G 107 -28.09 -47.85 68.28
CA VAL G 107 -26.93 -48.50 67.68
C VAL G 107 -25.88 -48.89 68.71
N LEU G 108 -25.94 -48.34 69.91
CA LEU G 108 -25.06 -48.79 70.99
C LEU G 108 -25.69 -49.89 71.83
N ALA G 109 -27.02 -49.95 71.87
CA ALA G 109 -27.69 -51.05 72.54
C ALA G 109 -27.62 -52.34 71.77
N ILE G 110 -27.10 -52.32 70.55
CA ILE G 110 -27.07 -53.49 69.69
C ILE G 110 -25.64 -54.00 69.48
N ALA G 111 -24.63 -53.16 69.67
CA ALA G 111 -23.26 -53.61 69.52
C ALA G 111 -22.82 -54.38 70.76
N GLN G 112 -21.57 -54.82 70.76
CA GLN G 112 -21.01 -55.54 71.89
C GLN G 112 -19.62 -55.07 72.31
N ASN G 113 -18.87 -54.41 71.44
CA ASN G 113 -17.49 -54.04 71.75
C ASN G 113 -17.26 -52.58 71.41
N PHE G 114 -16.34 -51.96 72.15
CA PHE G 114 -15.94 -50.57 71.96
C PHE G 114 -14.42 -50.48 71.88
N VAL G 115 -13.90 -49.27 71.73
CA VAL G 115 -12.47 -49.04 71.84
C VAL G 115 -12.23 -47.80 72.69
N ALA H 1 2.32 54.81 -45.85
CA ALA H 1 1.00 54.52 -45.31
C ALA H 1 0.89 55.09 -43.91
N ARG H 2 -0.05 54.57 -43.12
CA ARG H 2 -0.20 54.96 -41.73
C ARG H 2 0.56 54.03 -40.80
N ALA H 3 0.32 52.72 -40.90
CA ALA H 3 1.01 51.77 -40.04
C ALA H 3 2.51 51.77 -40.29
N LEU H 4 2.92 51.87 -41.55
CA LEU H 4 4.34 51.90 -41.85
C LEU H 4 5.02 53.09 -41.18
N ASP H 5 4.27 54.15 -40.90
CA ASP H 5 4.84 55.26 -40.15
C ASP H 5 4.93 54.92 -38.67
N LEU H 6 3.97 54.15 -38.17
CA LEU H 6 4.05 53.71 -36.78
C LEU H 6 5.30 52.88 -36.55
N LEU H 7 5.62 51.97 -37.47
CA LEU H 7 6.75 51.08 -37.25
C LEU H 7 8.08 51.83 -37.08
N ARG H 8 8.18 53.06 -37.56
CA ARG H 8 9.47 53.74 -37.51
C ARG H 8 9.86 54.07 -36.08
N GLY H 9 8.88 54.35 -35.22
CA GLY H 9 9.16 54.77 -33.87
C GLY H 9 8.98 53.67 -32.85
N LEU H 10 8.95 52.43 -33.31
CA LEU H 10 8.90 51.26 -32.45
C LEU H 10 10.23 50.55 -32.51
N PRO H 11 10.48 49.59 -31.63
CA PRO H 11 11.76 48.89 -31.67
C PRO H 11 11.85 47.99 -32.89
N ARG H 12 13.08 47.63 -33.24
CA ARG H 12 13.33 46.77 -34.38
C ARG H 12 12.60 45.45 -34.23
N VAL H 13 12.06 44.95 -35.34
CA VAL H 13 11.36 43.67 -35.31
C VAL H 13 12.40 42.57 -35.36
N SER H 14 12.21 41.55 -34.53
CA SER H 14 13.13 40.45 -34.43
C SER H 14 12.38 39.25 -33.88
N LEU H 15 13.09 38.13 -33.73
CA LEU H 15 12.46 36.93 -33.25
C LEU H 15 12.14 36.98 -31.76
N ALA H 16 12.52 38.06 -31.08
CA ALA H 16 12.14 38.30 -29.70
C ALA H 16 10.81 39.01 -29.55
N ASN H 17 10.25 39.51 -30.65
CA ASN H 17 9.06 40.34 -30.60
C ASN H 17 7.81 39.68 -31.16
N LEU H 18 7.95 38.63 -31.95
CA LEU H 18 6.82 38.09 -32.67
C LEU H 18 5.75 37.61 -31.69
N LYS H 19 4.58 37.28 -32.24
CA LYS H 19 3.44 36.92 -31.45
C LYS H 19 2.49 36.18 -32.37
N PRO H 20 1.64 35.30 -31.86
CA PRO H 20 0.56 34.77 -32.70
C PRO H 20 -0.60 35.74 -32.76
N ASN H 21 -1.36 35.63 -33.84
CA ASN H 21 -2.55 36.45 -33.96
C ASN H 21 -3.53 36.04 -32.87
N PRO H 22 -4.05 36.98 -32.08
CA PRO H 22 -4.95 36.58 -30.99
C PRO H 22 -6.15 35.78 -31.50
N GLY H 23 -6.54 34.79 -30.71
CA GLY H 23 -7.63 33.92 -31.06
C GLY H 23 -7.24 32.71 -31.90
N SER H 24 -5.99 32.63 -32.35
CA SER H 24 -5.58 31.49 -33.15
C SER H 24 -5.12 30.34 -32.29
N LYS H 25 -4.12 30.58 -31.43
CA LYS H 25 -3.50 29.53 -30.63
C LYS H 25 -4.35 29.31 -29.38
N LYS H 26 -5.37 28.50 -29.51
CA LYS H 26 -6.18 28.12 -28.37
C LYS H 26 -5.30 27.41 -27.34
N PRO H 27 -5.50 27.65 -26.05
CA PRO H 27 -4.64 27.02 -25.05
C PRO H 27 -4.92 25.52 -24.94
N GLU H 28 -3.98 24.81 -24.34
CA GLU H 28 -4.08 23.36 -24.22
C GLU H 28 -4.79 22.98 -22.92
N ARG H 29 -5.22 21.73 -22.87
CA ARG H 29 -5.93 21.19 -21.72
C ARG H 29 -5.26 19.91 -21.26
N ARG H 30 -4.84 19.90 -20.01
CA ARG H 30 -4.14 18.78 -19.40
C ARG H 30 -4.84 18.46 -18.10
N PRO H 31 -4.93 17.19 -17.73
CA PRO H 31 -5.61 16.86 -16.47
C PRO H 31 -4.71 17.03 -15.26
N ARG H 32 -4.60 18.27 -14.80
CA ARG H 32 -3.85 18.61 -13.60
C ARG H 32 -4.62 19.69 -12.86
N GLY H 33 -4.76 19.54 -11.55
CA GLY H 33 -5.47 20.48 -10.74
C GLY H 33 -6.79 19.93 -10.27
N ARG H 34 -7.52 20.74 -9.51
CA ARG H 34 -8.79 20.26 -8.98
C ARG H 34 -9.88 20.32 -10.02
N ARG H 35 -9.69 21.07 -11.09
CA ARG H 35 -10.72 21.15 -12.11
C ARG H 35 -10.46 20.18 -13.25
N ARG H 36 -9.34 20.33 -13.95
CA ARG H 36 -9.10 19.51 -15.12
C ARG H 36 -9.06 18.03 -14.74
N GLY H 37 -8.19 17.66 -13.81
CA GLY H 37 -8.08 16.26 -13.43
C GLY H 37 -8.26 15.92 -11.97
N ARG H 38 -9.41 15.33 -11.65
CA ARG H 38 -9.56 14.42 -10.51
C ARG H 38 -10.08 13.09 -11.01
N LYS H 39 -11.02 13.11 -11.95
CA LYS H 39 -11.29 12.02 -12.86
C LYS H 39 -11.01 12.39 -14.30
N CYS H 40 -10.43 13.55 -14.54
CA CYS H 40 -9.92 13.94 -15.84
C CYS H 40 -10.99 13.94 -16.91
N GLY H 41 -12.25 14.07 -16.49
CA GLY H 41 -13.34 14.21 -17.42
C GLY H 41 -13.99 12.92 -17.84
N ARG H 42 -13.51 11.78 -17.40
CA ARG H 42 -13.98 10.51 -17.91
C ARG H 42 -15.18 9.96 -17.16
N GLY H 43 -15.58 10.58 -16.07
CA GLY H 43 -16.80 10.16 -15.42
C GLY H 43 -16.60 9.07 -14.39
N HIS H 44 -17.71 8.58 -13.86
CA HIS H 44 -17.68 7.56 -12.83
C HIS H 44 -17.16 6.26 -13.40
N LYS H 45 -17.06 5.25 -12.54
CA LYS H 45 -16.66 3.92 -12.97
C LYS H 45 -17.71 3.36 -13.93
N GLY H 46 -17.24 2.61 -14.91
CA GLY H 46 -18.07 2.11 -15.97
C GLY H 46 -17.27 2.04 -17.25
N GLU H 47 -17.75 1.24 -18.20
CA GLU H 47 -16.92 1.03 -19.37
C GLU H 47 -16.73 2.29 -20.19
N ARG H 48 -17.53 3.32 -19.94
CA ARG H 48 -17.21 4.63 -20.52
C ARG H 48 -15.83 5.08 -20.07
N GLN H 49 -15.58 5.04 -18.76
CA GLN H 49 -14.34 5.57 -18.21
C GLN H 49 -13.12 4.77 -18.63
N ARG H 50 -13.19 3.44 -18.59
CA ARG H 50 -12.02 2.63 -18.90
C ARG H 50 -11.64 2.69 -20.36
N GLY H 51 -12.45 3.28 -21.21
CA GLY H 51 -12.18 3.27 -22.63
C GLY H 51 -12.50 1.95 -23.29
N THR H 52 -13.63 1.36 -22.94
CA THR H 52 -14.05 0.08 -23.48
C THR H 52 -15.54 0.08 -23.74
N ARG H 53 -16.03 1.07 -24.46
CA ARG H 53 -17.45 1.04 -24.82
C ARG H 53 -17.61 0.55 -26.24
N PRO H 54 -18.76 -0.06 -26.54
CA PRO H 54 -18.90 -0.80 -27.81
C PRO H 54 -18.60 0.05 -29.02
N ARG H 55 -18.55 -0.64 -30.16
CA ARG H 55 -18.18 -0.01 -31.41
C ARG H 55 -19.22 1.03 -31.83
N LEU H 56 -18.76 1.99 -32.61
CA LEU H 56 -19.63 3.06 -33.09
C LEU H 56 -20.83 2.50 -33.83
N GLY H 57 -22.00 2.66 -33.24
CA GLY H 57 -23.24 2.22 -33.85
C GLY H 57 -23.86 1.02 -33.20
N PHE H 58 -23.25 0.50 -32.14
CA PHE H 58 -23.82 -0.62 -31.40
C PHE H 58 -24.85 -0.10 -30.41
N GLU H 59 -26.11 -0.50 -30.58
CA GLU H 59 -27.21 0.05 -29.80
C GLU H 59 -27.51 -0.79 -28.55
N GLY H 60 -26.51 -1.46 -28.00
CA GLY H 60 -26.74 -2.23 -26.79
C GLY H 60 -27.36 -3.59 -27.00
N GLY H 61 -27.28 -4.13 -28.20
CA GLY H 61 -27.86 -5.43 -28.51
C GLY H 61 -29.12 -5.35 -29.33
N GLN H 62 -30.02 -4.41 -29.03
CA GLN H 62 -31.09 -4.09 -29.95
C GLN H 62 -30.52 -3.96 -31.35
N THR H 63 -31.26 -4.43 -32.34
CA THR H 63 -30.71 -4.50 -33.67
C THR H 63 -30.37 -3.09 -34.13
N PRO H 64 -29.15 -2.80 -34.55
CA PRO H 64 -28.77 -1.42 -34.82
C PRO H 64 -29.68 -0.78 -35.85
N PHE H 65 -29.62 0.55 -35.87
CA PHE H 65 -30.44 1.32 -36.81
C PHE H 65 -30.01 1.06 -38.25
N TYR H 66 -28.71 0.94 -38.49
CA TYR H 66 -28.20 0.71 -39.83
C TYR H 66 -28.22 -0.75 -40.24
N ILE H 67 -28.98 -1.60 -39.53
CA ILE H 67 -29.15 -2.98 -39.93
C ILE H 67 -30.61 -3.40 -39.95
N ARG H 68 -31.51 -2.62 -39.38
CA ARG H 68 -32.93 -2.93 -39.41
C ARG H 68 -33.64 -2.24 -40.55
N ILE H 69 -32.90 -1.58 -41.44
CA ILE H 69 -33.45 -0.86 -42.57
C ILE H 69 -33.02 -1.58 -43.84
N PRO H 70 -33.93 -2.03 -44.68
CA PRO H 70 -33.57 -2.97 -45.74
C PRO H 70 -32.59 -2.36 -46.74
N LYS H 71 -31.96 -3.25 -47.49
CA LYS H 71 -31.05 -2.84 -48.53
C LYS H 71 -31.81 -2.41 -49.76
N TYR H 72 -31.22 -1.47 -50.50
CA TYR H 72 -31.79 -1.00 -51.74
C TYR H 72 -30.65 -0.39 -52.54
N GLY H 73 -30.71 -0.56 -53.85
CA GLY H 73 -29.58 -0.20 -54.68
C GLY H 73 -29.42 1.29 -54.91
N PHE H 74 -29.49 2.09 -53.85
CA PHE H 74 -29.24 3.51 -53.98
C PHE H 74 -27.88 3.77 -54.59
N ASN H 75 -26.92 2.88 -54.37
CA ASN H 75 -25.55 3.10 -54.78
C ASN H 75 -24.97 1.98 -55.64
N GLU H 76 -25.73 0.93 -55.93
CA GLU H 76 -25.17 -0.16 -56.71
C GLU H 76 -24.71 0.35 -58.06
N GLY H 77 -23.48 0.04 -58.41
CA GLY H 77 -22.91 0.48 -59.67
C GLY H 77 -22.26 1.83 -59.65
N HIS H 78 -22.27 2.53 -58.53
CA HIS H 78 -21.88 3.93 -58.52
C HIS H 78 -20.49 4.12 -59.11
N SER H 79 -19.63 3.13 -59.00
CA SER H 79 -18.29 3.30 -59.52
C SER H 79 -18.25 3.27 -61.03
N PHE H 80 -19.35 2.91 -61.70
CA PHE H 80 -19.38 2.78 -63.14
C PHE H 80 -20.41 3.68 -63.82
N ARG H 81 -21.32 4.27 -63.05
CA ARG H 81 -22.16 5.33 -63.61
C ARG H 81 -21.28 6.52 -63.97
N ARG H 82 -21.22 6.85 -65.25
CA ARG H 82 -20.33 7.89 -65.72
C ARG H 82 -20.82 9.25 -65.26
N GLN H 83 -19.89 10.19 -65.10
CA GLN H 83 -20.18 11.52 -64.60
C GLN H 83 -19.64 12.56 -65.57
N TYR H 84 -20.29 13.73 -65.61
CA TYR H 84 -19.89 14.81 -66.48
C TYR H 84 -19.97 16.13 -65.73
N LYS H 85 -18.91 16.93 -65.84
CA LYS H 85 -18.86 18.21 -65.15
C LYS H 85 -19.64 19.27 -65.92
N PRO H 86 -20.66 19.89 -65.34
CA PRO H 86 -21.40 20.90 -66.10
C PRO H 86 -20.54 22.10 -66.47
N LEU H 87 -20.84 22.66 -67.64
CA LEU H 87 -20.22 23.90 -68.12
C LEU H 87 -21.38 24.79 -68.57
N SER H 88 -21.93 25.55 -67.64
CA SER H 88 -23.06 26.40 -67.95
C SER H 88 -22.65 27.49 -68.93
N LEU H 89 -23.61 27.92 -69.74
CA LEU H 89 -23.34 28.98 -70.70
C LEU H 89 -22.91 30.26 -70.00
N ASN H 90 -23.45 30.53 -68.81
CA ASN H 90 -22.95 31.65 -68.02
C ASN H 90 -21.44 31.55 -67.86
N ARG H 91 -20.96 30.37 -67.47
CA ARG H 91 -19.53 30.23 -67.25
C ARG H 91 -18.76 30.34 -68.54
N LEU H 92 -19.30 29.82 -69.64
CA LEU H 92 -18.60 29.93 -70.90
C LEU H 92 -18.47 31.39 -71.32
N GLN H 93 -19.54 32.16 -71.17
CA GLN H 93 -19.48 33.57 -71.50
C GLN H 93 -18.48 34.29 -70.60
N TYR H 94 -18.52 34.00 -69.31
CA TYR H 94 -17.61 34.64 -68.37
C TYR H 94 -16.17 34.36 -68.74
N LEU H 95 -15.87 33.12 -69.12
CA LEU H 95 -14.50 32.79 -69.50
C LEU H 95 -14.12 33.46 -70.80
N ILE H 96 -15.04 33.56 -71.74
CA ILE H 96 -14.72 34.22 -73.00
C ILE H 96 -14.40 35.68 -72.76
N ASP H 97 -15.23 36.37 -71.98
CA ASP H 97 -15.08 37.81 -71.82
C ASP H 97 -13.73 38.17 -71.22
N LEU H 98 -13.36 37.56 -70.11
CA LEU H 98 -12.12 37.88 -69.43
C LEU H 98 -10.89 37.31 -70.12
N GLY H 99 -11.05 36.79 -71.34
CA GLY H 99 -9.89 36.42 -72.13
C GLY H 99 -9.26 35.11 -71.76
N ARG H 100 -9.95 34.26 -71.01
CA ARG H 100 -9.35 33.00 -70.60
C ARG H 100 -9.41 31.97 -71.73
N VAL H 101 -10.59 31.70 -72.27
CA VAL H 101 -10.72 30.89 -73.47
C VAL H 101 -10.75 31.82 -74.66
N ASP H 102 -10.44 31.28 -75.83
CA ASP H 102 -10.31 32.08 -77.04
C ASP H 102 -11.35 31.66 -78.08
N PRO H 103 -12.41 32.45 -78.31
CA PRO H 103 -13.44 32.00 -79.26
C PRO H 103 -12.99 32.06 -80.70
N SER H 104 -11.84 32.63 -80.99
CA SER H 104 -11.31 32.64 -82.35
C SER H 104 -10.45 31.40 -82.62
N GLN H 105 -10.70 30.32 -81.89
CA GLN H 105 -9.94 29.09 -81.95
C GLN H 105 -10.83 27.99 -81.41
N PRO H 106 -10.83 26.81 -82.01
CA PRO H 106 -11.77 25.77 -81.58
C PRO H 106 -11.65 25.45 -80.11
N ILE H 107 -12.77 25.49 -79.39
CA ILE H 107 -12.78 25.24 -77.95
C ILE H 107 -13.00 23.75 -77.73
N ASP H 108 -11.93 23.04 -77.41
CA ASP H 108 -11.97 21.64 -77.01
C ASP H 108 -11.83 21.58 -75.50
N LEU H 109 -11.76 20.36 -74.97
CA LEU H 109 -11.57 20.21 -73.53
C LEU H 109 -10.24 20.77 -73.07
N THR H 110 -9.20 20.61 -73.89
CA THR H 110 -7.88 21.08 -73.50
C THR H 110 -7.87 22.58 -73.24
N GLN H 111 -8.54 23.35 -74.10
CA GLN H 111 -8.56 24.80 -73.93
C GLN H 111 -9.57 25.27 -72.90
N LEU H 112 -10.54 24.45 -72.53
CA LEU H 112 -11.35 24.76 -71.37
C LEU H 112 -10.54 24.60 -70.09
N VAL H 113 -9.67 23.59 -70.05
CA VAL H 113 -8.90 23.34 -68.83
C VAL H 113 -7.70 24.28 -68.75
N ASN H 114 -6.97 24.46 -69.84
CA ASN H 114 -5.82 25.34 -69.83
C ASN H 114 -6.19 26.77 -69.47
N GLY H 115 -7.47 27.13 -69.58
CA GLY H 115 -7.96 28.37 -69.02
C GLY H 115 -8.60 28.22 -67.68
N ARG H 116 -8.44 27.07 -67.04
CA ARG H 116 -8.99 26.80 -65.73
C ARG H 116 -10.47 27.09 -65.69
N GLY H 117 -11.20 26.70 -66.72
CA GLY H 117 -12.63 26.90 -66.75
C GLY H 117 -13.42 25.81 -66.08
N VAL H 118 -12.99 24.56 -66.21
CA VAL H 118 -13.55 23.45 -65.48
C VAL H 118 -12.40 22.58 -64.98
N THR H 119 -12.65 21.82 -63.93
CA THR H 119 -11.67 20.93 -63.35
C THR H 119 -12.15 19.50 -63.59
N ILE H 120 -11.46 18.79 -64.47
CA ILE H 120 -11.81 17.43 -64.84
C ILE H 120 -10.97 16.48 -64.00
N GLN H 121 -11.63 15.47 -63.45
CA GLN H 121 -10.99 14.43 -62.65
C GLN H 121 -11.18 13.12 -63.38
N PRO H 122 -10.22 12.69 -64.20
CA PRO H 122 -10.40 11.40 -64.87
C PRO H 122 -10.59 10.25 -63.90
N LEU H 123 -9.85 10.27 -62.79
CA LEU H 123 -9.77 9.11 -61.93
C LEU H 123 -11.04 8.89 -61.12
N LYS H 124 -11.96 9.84 -61.12
CA LYS H 124 -13.23 9.69 -60.44
C LYS H 124 -14.37 9.40 -61.40
N ARG H 125 -14.07 8.90 -62.59
CA ARG H 125 -15.06 8.53 -63.58
C ARG H 125 -15.79 9.75 -64.14
N ASP H 126 -15.12 10.89 -64.24
CA ASP H 126 -15.60 11.94 -65.10
C ASP H 126 -15.15 11.67 -66.52
N TYR H 127 -16.09 11.72 -67.45
CA TYR H 127 -15.82 11.48 -68.85
C TYR H 127 -15.64 12.77 -69.64
N GLY H 128 -16.22 13.88 -69.18
CA GLY H 128 -16.04 15.15 -69.83
C GLY H 128 -17.09 16.15 -69.39
N VAL H 129 -17.29 17.16 -70.24
CA VAL H 129 -18.14 18.31 -69.95
C VAL H 129 -19.52 18.05 -70.51
N GLN H 130 -20.53 18.68 -69.90
CA GLN H 130 -21.83 18.80 -70.51
C GLN H 130 -22.30 20.23 -70.45
N LEU H 131 -22.64 20.81 -71.61
CA LEU H 131 -23.28 22.11 -71.63
C LEU H 131 -24.65 22.00 -70.98
N VAL H 132 -25.02 23.00 -70.20
CA VAL H 132 -26.32 23.04 -69.57
C VAL H 132 -26.98 24.36 -69.94
N GLU H 133 -28.31 24.32 -69.99
CA GLU H 133 -29.06 25.44 -70.56
C GLU H 133 -28.95 26.71 -69.73
N GLU H 134 -28.48 26.63 -68.49
CA GLU H 134 -28.48 27.80 -67.62
C GLU H 134 -27.77 28.96 -68.30
N GLY H 135 -28.43 30.11 -68.33
CA GLY H 135 -27.89 31.28 -68.97
C GLY H 135 -28.04 31.33 -70.47
N ALA H 136 -29.00 30.60 -71.04
CA ALA H 136 -29.23 30.69 -72.48
C ALA H 136 -29.45 32.13 -72.89
N ASP H 137 -30.22 32.87 -72.10
CA ASP H 137 -30.32 34.31 -72.28
C ASP H 137 -28.99 34.96 -71.94
N THR H 138 -28.66 36.00 -72.69
CA THR H 138 -27.46 36.80 -72.49
C THR H 138 -26.21 36.15 -73.06
N PHE H 139 -26.29 34.94 -73.59
CA PHE H 139 -25.15 34.31 -74.23
C PHE H 139 -25.04 34.88 -75.64
N THR H 140 -23.94 35.58 -75.92
CA THR H 140 -23.70 36.17 -77.23
C THR H 140 -22.23 35.96 -77.56
N ALA H 141 -21.93 34.86 -78.25
CA ALA H 141 -20.56 34.55 -78.61
C ALA H 141 -20.55 33.55 -79.74
N LYS H 142 -19.54 33.64 -80.59
CA LYS H 142 -19.38 32.77 -81.75
C LYS H 142 -18.27 31.79 -81.44
N VAL H 143 -18.64 30.58 -81.00
CA VAL H 143 -17.69 29.59 -80.50
C VAL H 143 -17.90 28.28 -81.22
N ASN H 144 -16.79 27.59 -81.51
CA ASN H 144 -16.81 26.22 -82.03
C ASN H 144 -16.43 25.29 -80.89
N ILE H 145 -17.43 24.85 -80.13
CA ILE H 145 -17.22 24.16 -78.86
C ILE H 145 -17.39 22.67 -79.09
N GLU H 146 -16.44 21.88 -78.58
CA GLU H 146 -16.53 20.42 -78.64
C GLU H 146 -16.63 19.90 -77.21
N VAL H 147 -17.80 19.37 -76.88
CA VAL H 147 -18.09 18.90 -75.53
C VAL H 147 -18.48 17.44 -75.60
N GLN H 148 -18.85 16.88 -74.45
CA GLN H 148 -19.21 15.47 -74.36
C GLN H 148 -20.70 15.25 -74.14
N LEU H 149 -21.49 16.32 -74.04
CA LEU H 149 -22.93 16.20 -74.05
C LEU H 149 -23.50 17.58 -74.29
N ALA H 150 -24.79 17.62 -74.55
CA ALA H 150 -25.44 18.90 -74.70
C ALA H 150 -26.94 18.74 -74.69
N SER H 151 -27.62 19.51 -73.84
CA SER H 151 -29.06 19.64 -73.95
C SER H 151 -29.40 20.40 -75.23
N GLU H 152 -30.59 20.13 -75.76
CA GLU H 152 -30.97 20.79 -77.00
C GLU H 152 -30.98 22.30 -76.83
N LEU H 153 -31.31 22.81 -75.64
CA LEU H 153 -31.28 24.24 -75.42
C LEU H 153 -29.89 24.81 -75.58
N ALA H 154 -28.87 24.08 -75.12
CA ALA H 154 -27.51 24.55 -75.32
C ALA H 154 -27.14 24.53 -76.79
N ILE H 155 -27.56 23.50 -77.51
CA ILE H 155 -27.34 23.47 -78.95
C ILE H 155 -27.94 24.71 -79.58
N ALA H 156 -29.15 25.06 -79.19
CA ALA H 156 -29.76 26.28 -79.69
C ALA H 156 -28.90 27.48 -79.35
N ALA H 157 -28.58 27.66 -78.07
CA ALA H 157 -27.85 28.85 -77.66
C ALA H 157 -26.56 29.00 -78.45
N ILE H 158 -25.95 27.89 -78.86
CA ILE H 158 -24.69 27.99 -79.58
C ILE H 158 -24.91 28.20 -81.07
N GLU H 159 -26.06 27.75 -81.59
CA GLU H 159 -26.34 27.92 -83.02
C GLU H 159 -26.85 29.33 -83.31
N LYS H 160 -27.83 29.79 -82.54
CA LYS H 160 -28.48 31.09 -82.78
C LYS H 160 -27.48 32.19 -83.03
N ASN H 161 -26.27 32.08 -82.51
CA ASN H 161 -25.23 33.07 -82.73
C ASN H 161 -24.21 32.62 -83.76
N GLY H 162 -24.62 31.77 -84.70
CA GLY H 162 -23.70 31.33 -85.73
C GLY H 162 -22.56 30.52 -85.19
N GLY H 163 -22.84 29.55 -84.33
CA GLY H 163 -21.80 28.71 -83.75
C GLY H 163 -22.08 27.24 -84.01
N VAL H 164 -21.01 26.45 -84.02
CA VAL H 164 -21.09 25.01 -84.24
C VAL H 164 -20.75 24.32 -82.93
N VAL H 165 -21.59 23.40 -82.51
CA VAL H 165 -21.33 22.57 -81.34
C VAL H 165 -21.41 21.11 -81.75
N THR H 166 -20.41 20.34 -81.32
CA THR H 166 -20.31 18.93 -81.67
C THR H 166 -19.99 18.14 -80.41
N THR H 167 -20.75 17.05 -80.18
CA THR H 167 -20.55 16.19 -79.04
C THR H 167 -19.60 15.06 -79.41
N ALA H 168 -18.43 15.03 -78.80
CA ALA H 168 -17.46 13.97 -79.00
C ALA H 168 -17.53 12.99 -77.83
N PHE H 169 -16.66 11.99 -77.86
CA PHE H 169 -16.52 11.04 -76.77
C PHE H 169 -15.05 10.86 -76.47
N TYR H 170 -14.74 10.62 -75.20
CA TYR H 170 -13.38 10.36 -74.77
C TYR H 170 -13.41 9.22 -73.77
N ASP H 171 -12.61 8.20 -74.01
CA ASP H 171 -12.51 7.07 -73.09
C ASP H 171 -11.67 7.47 -71.89
N PRO H 172 -11.78 6.72 -70.79
CA PRO H 172 -11.06 7.13 -69.57
C PRO H 172 -9.56 7.22 -69.74
N ARG H 173 -8.98 6.51 -70.71
CA ARG H 173 -7.52 6.56 -70.87
C ARG H 173 -7.09 7.79 -71.65
N SER H 174 -7.89 8.24 -72.61
CA SER H 174 -7.51 9.38 -73.42
C SER H 174 -7.98 10.68 -72.82
N LEU H 175 -9.00 10.64 -71.98
CA LEU H 175 -9.47 11.85 -71.32
C LEU H 175 -8.39 12.44 -70.44
N ASP H 176 -7.65 11.59 -69.73
CA ASP H 176 -6.55 12.09 -68.92
C ASP H 176 -5.49 12.74 -69.79
N ILE H 177 -5.25 12.17 -70.97
CA ILE H 177 -4.23 12.73 -71.85
C ILE H 177 -4.67 14.09 -72.36
N VAL H 178 -5.94 14.21 -72.74
CA VAL H 178 -6.40 15.46 -73.32
C VAL H 178 -6.54 16.54 -72.25
N CYS H 179 -6.90 16.16 -71.02
CA CYS H 179 -7.14 17.16 -69.98
C CYS H 179 -5.85 17.73 -69.44
N LYS H 180 -4.82 16.90 -69.30
CA LYS H 180 -3.52 17.32 -68.76
C LYS H 180 -2.42 16.80 -69.68
N PRO H 181 -2.28 17.39 -70.86
CA PRO H 181 -1.39 16.81 -71.86
C PRO H 181 0.08 16.83 -71.50
N VAL H 182 0.59 17.88 -70.89
CA VAL H 182 2.03 18.03 -70.71
C VAL H 182 2.58 16.88 -69.87
N PRO H 183 1.90 16.45 -68.80
CA PRO H 183 2.31 15.20 -68.15
C PRO H 183 2.45 14.03 -69.11
N PHE H 184 1.47 13.83 -70.01
CA PHE H 184 1.57 12.72 -70.93
C PHE H 184 2.77 12.87 -71.85
N PHE H 185 2.98 14.06 -72.39
CA PHE H 185 4.15 14.28 -73.23
C PHE H 185 5.43 14.08 -72.45
N LEU H 186 5.37 14.15 -71.12
CA LEU H 186 6.55 13.83 -70.32
C LEU H 186 6.72 12.32 -70.15
N ARG H 187 5.64 11.56 -70.07
CA ARG H 187 5.76 10.11 -69.87
C ARG H 187 6.63 9.47 -70.94
N GLY H 188 6.56 9.97 -72.17
CA GLY H 188 7.34 9.44 -73.27
C GLY H 188 6.60 8.42 -74.12
N GLN H 189 5.41 8.02 -73.73
CA GLN H 189 4.63 7.10 -74.53
C GLN H 189 4.18 7.77 -75.82
N PRO H 190 4.11 7.04 -76.94
CA PRO H 190 3.52 7.63 -78.14
C PRO H 190 2.04 7.90 -77.95
N ILE H 191 1.53 8.91 -78.64
CA ILE H 191 0.14 9.32 -78.46
C ILE H 191 -0.75 8.14 -78.81
N PRO H 192 -1.60 7.66 -77.92
CA PRO H 192 -2.52 6.59 -78.27
C PRO H 192 -3.60 7.11 -79.20
N LYS H 193 -4.55 6.25 -79.52
CA LYS H 193 -5.67 6.60 -80.37
C LYS H 193 -6.97 6.43 -79.60
N ARG H 194 -7.87 7.38 -79.80
CA ARG H 194 -9.10 7.38 -79.04
C ARG H 194 -9.91 6.13 -79.31
N MET H 195 -10.44 5.54 -78.25
CA MET H 195 -11.31 4.39 -78.43
C MET H 195 -12.68 4.88 -78.87
N LEU H 196 -13.47 3.98 -79.35
CA LEU H 196 -14.83 4.30 -79.73
C LEU H 196 -15.75 4.16 -78.54
N PRO H 197 -16.96 4.70 -78.62
CA PRO H 197 -17.84 4.66 -77.47
C PRO H 197 -18.10 3.23 -77.03
N PRO H 198 -18.68 3.05 -75.87
CA PRO H 198 -19.15 1.72 -75.51
C PRO H 198 -20.40 1.37 -76.28
N GLU H 199 -20.93 0.17 -76.04
CA GLU H 199 -22.10 -0.27 -76.79
C GLU H 199 -23.30 0.62 -76.52
N GLU H 200 -23.50 1.01 -75.26
CA GLU H 200 -24.70 1.73 -74.87
C GLU H 200 -24.75 3.15 -75.39
N LEU H 201 -23.64 3.70 -75.88
CA LEU H 201 -23.55 5.11 -76.23
C LEU H 201 -23.47 5.40 -77.72
N VAL H 202 -23.19 4.41 -78.57
CA VAL H 202 -23.16 4.66 -80.01
C VAL H 202 -24.47 5.23 -80.52
N PRO H 203 -25.65 4.79 -80.06
CA PRO H 203 -26.86 5.45 -80.56
C PRO H 203 -26.93 6.91 -80.21
N TYR H 204 -26.13 7.36 -79.24
CA TYR H 204 -26.08 8.78 -78.91
C TYR H 204 -25.17 9.55 -79.85
N TYR H 205 -23.97 9.04 -80.10
CA TYR H 205 -23.00 9.76 -80.91
C TYR H 205 -23.15 9.50 -82.40
N THR H 206 -24.16 8.74 -82.80
CA THR H 206 -24.50 8.57 -84.21
C THR H 206 -25.92 9.06 -84.49
N ASP H 207 -26.26 10.22 -83.94
CA ASP H 207 -27.57 10.84 -84.12
C ASP H 207 -27.35 12.32 -84.36
N ALA H 208 -27.94 12.83 -85.45
CA ALA H 208 -27.78 14.24 -85.77
C ALA H 208 -28.43 15.15 -84.74
N LYS H 209 -29.44 14.69 -84.01
CA LYS H 209 -30.09 15.53 -83.02
C LYS H 209 -29.11 16.00 -81.95
N ASN H 210 -28.01 15.28 -81.73
CA ASN H 210 -27.05 15.63 -80.70
C ASN H 210 -25.72 16.09 -81.26
N ARG H 211 -25.66 16.41 -82.55
CA ARG H 211 -24.43 16.85 -83.18
C ARG H 211 -23.31 15.86 -82.89
N GLY H 212 -23.64 14.58 -82.97
CA GLY H 212 -22.64 13.56 -82.69
C GLY H 212 -21.47 13.64 -83.65
N TYR H 213 -20.31 13.22 -83.16
CA TYR H 213 -19.12 13.27 -83.98
C TYR H 213 -18.97 12.06 -84.89
N LEU H 214 -19.90 11.10 -84.81
CA LEU H 214 -19.91 9.95 -85.70
C LEU H 214 -21.15 9.88 -86.58
N ALA H 215 -22.14 10.73 -86.34
CA ALA H 215 -23.29 10.78 -87.24
C ALA H 215 -22.87 11.38 -88.58
N ASP H 216 -23.64 11.08 -89.62
CA ASP H 216 -23.26 11.48 -90.96
C ASP H 216 -23.33 12.99 -91.11
N PRO H 217 -22.26 13.66 -91.57
CA PRO H 217 -22.29 15.12 -91.74
C PRO H 217 -23.06 15.56 -92.97
N ALA H 218 -24.26 14.98 -93.16
CA ALA H 218 -25.21 15.44 -94.15
C ALA H 218 -26.61 15.56 -93.61
N LYS H 219 -26.94 14.89 -92.50
CA LYS H 219 -28.21 15.11 -91.83
C LYS H 219 -28.17 16.30 -90.89
N PHE H 220 -27.01 16.91 -90.70
CA PHE H 220 -26.92 18.06 -89.79
C PHE H 220 -27.82 19.22 -90.22
N PRO H 221 -27.83 19.67 -91.47
CA PRO H 221 -28.67 20.83 -91.80
C PRO H 221 -30.12 20.64 -91.44
N GLU H 222 -30.66 19.44 -91.64
CA GLU H 222 -32.04 19.20 -91.25
C GLU H 222 -32.21 19.39 -89.75
N ALA H 223 -31.27 18.89 -88.95
CA ALA H 223 -31.37 19.06 -87.51
C ALA H 223 -31.29 20.53 -87.13
N ARG H 224 -30.37 21.27 -87.74
CA ARG H 224 -30.20 22.68 -87.40
C ARG H 224 -31.44 23.48 -87.74
N LEU H 225 -31.99 23.27 -88.93
CA LEU H 225 -33.20 24.00 -89.32
C LEU H 225 -34.37 23.59 -88.45
N GLU H 226 -34.47 22.31 -88.07
CA GLU H 226 -35.53 21.90 -87.18
C GLU H 226 -35.41 22.60 -85.84
N LEU H 227 -34.20 22.68 -85.30
CA LEU H 227 -34.01 23.34 -84.02
C LEU H 227 -34.38 24.81 -84.11
N ALA H 228 -33.93 25.47 -85.17
CA ALA H 228 -34.26 26.88 -85.36
C ALA H 228 -35.77 27.07 -85.46
N ARG H 229 -36.44 26.21 -86.23
CA ARG H 229 -37.88 26.34 -86.40
C ARG H 229 -38.62 26.12 -85.10
N LYS H 230 -38.09 25.27 -84.22
CA LYS H 230 -38.73 25.09 -82.93
C LYS H 230 -38.46 26.23 -81.97
N TYR H 231 -37.27 26.84 -82.04
CA TYR H 231 -36.86 27.85 -81.08
C TYR H 231 -36.90 29.27 -81.65
N GLY H 232 -37.60 29.48 -82.76
CA GLY H 232 -37.95 30.82 -83.19
C GLY H 232 -36.78 31.74 -83.46
N TYR H 233 -35.79 31.29 -84.23
CA TYR H 233 -34.78 32.17 -84.76
C TYR H 233 -34.39 31.69 -86.15
N ILE H 234 -33.53 32.45 -86.81
CA ILE H 234 -33.15 32.17 -88.19
C ILE H 234 -31.73 31.62 -88.21
N LEU H 235 -31.59 30.38 -88.66
CA LEU H 235 -30.30 29.73 -88.70
C LEU H 235 -29.34 30.54 -89.56
N PRO H 236 -28.35 31.22 -88.99
CA PRO H 236 -27.42 32.00 -89.82
C PRO H 236 -26.59 31.09 -90.70
N ASP H 237 -26.42 31.51 -91.95
CA ASP H 237 -25.55 30.78 -92.88
C ASP H 237 -24.12 30.96 -92.41
N ILE H 238 -23.56 29.92 -91.79
CA ILE H 238 -22.19 30.05 -91.31
C ILE H 238 -21.19 29.96 -92.45
N THR H 239 -21.60 29.48 -93.63
CA THR H 239 -20.65 29.26 -94.71
C THR H 239 -20.03 30.56 -95.20
N LYS H 240 -20.65 31.70 -94.95
CA LYS H 240 -20.12 32.99 -95.36
C LYS H 240 -19.36 33.72 -94.28
N ASP H 241 -19.19 33.11 -93.11
CA ASP H 241 -18.52 33.78 -92.01
C ASP H 241 -17.07 34.10 -92.37
N GLU H 242 -16.53 35.14 -91.74
CA GLU H 242 -15.16 35.55 -92.00
C GLU H 242 -14.17 34.45 -91.63
N LEU H 243 -14.48 33.64 -90.63
CA LEU H 243 -13.60 32.58 -90.17
C LEU H 243 -14.36 31.26 -90.05
N PHE H 244 -15.15 30.95 -91.08
CA PHE H 244 -15.86 29.68 -91.14
C PHE H 244 -14.91 28.50 -91.32
N LYS H 245 -13.74 28.73 -91.91
CA LYS H 245 -12.75 27.67 -91.99
C LYS H 245 -12.41 27.12 -90.62
N MET H 246 -12.50 27.95 -89.58
CA MET H 246 -12.24 27.51 -88.23
C MET H 246 -13.45 26.78 -87.64
N LEU H 247 -14.65 27.35 -87.77
CA LEU H 247 -15.82 26.68 -87.24
C LEU H 247 -16.05 25.34 -87.89
N CYS H 248 -15.47 25.11 -89.08
CA CYS H 248 -15.61 23.82 -89.73
C CYS H 248 -14.72 22.76 -89.10
N THR H 249 -13.54 23.17 -88.61
CA THR H 249 -12.53 22.20 -88.18
C THR H 249 -13.10 21.26 -87.14
N ARG H 250 -12.75 19.99 -87.28
CA ARG H 250 -13.21 18.96 -86.35
C ARG H 250 -12.12 17.92 -86.19
N LYS H 251 -12.16 17.23 -85.06
CA LYS H 251 -11.27 16.11 -84.80
C LYS H 251 -11.98 14.84 -85.25
N ASP H 252 -11.32 14.08 -86.10
CA ASP H 252 -11.87 12.80 -86.51
C ASP H 252 -11.70 11.79 -85.38
N PRO H 253 -12.58 10.80 -85.29
CA PRO H 253 -12.39 9.78 -84.26
C PRO H 253 -11.04 9.11 -84.46
N ARG H 254 -10.47 8.64 -83.34
CA ARG H 254 -9.10 8.15 -83.26
C ARG H 254 -8.08 9.27 -83.31
N GLN H 255 -8.40 10.46 -82.81
CA GLN H 255 -7.42 11.53 -82.66
C GLN H 255 -7.68 12.26 -81.36
N ILE H 256 -6.61 12.54 -80.61
CA ILE H 256 -6.76 13.22 -79.33
C ILE H 256 -6.55 14.71 -79.49
N PHE H 257 -5.39 15.10 -79.98
CA PHE H 257 -5.06 16.49 -80.21
C PHE H 257 -5.38 16.85 -81.66
N PHE H 258 -5.48 18.15 -81.92
CA PHE H 258 -5.96 18.58 -83.23
C PHE H 258 -4.96 18.23 -84.33
N GLY H 259 -3.75 18.76 -84.25
CA GLY H 259 -2.81 18.56 -85.33
C GLY H 259 -1.79 17.48 -85.05
N LEU H 260 -2.17 16.45 -84.30
CA LEU H 260 -1.28 15.36 -83.97
C LEU H 260 -1.94 14.03 -84.33
N ALA H 261 -1.15 13.14 -84.91
CA ALA H 261 -1.63 11.86 -85.41
C ALA H 261 -1.22 10.74 -84.45
N PRO H 262 -2.16 9.90 -84.02
CA PRO H 262 -1.80 8.80 -83.11
C PRO H 262 -0.54 8.09 -83.57
N GLY H 263 0.33 7.82 -82.63
CA GLY H 263 1.60 7.18 -82.92
C GLY H 263 2.77 8.12 -82.91
N TRP H 264 2.55 9.43 -82.99
CA TRP H 264 3.67 10.35 -82.89
C TRP H 264 4.19 10.37 -81.46
N VAL H 265 5.40 10.89 -81.30
CA VAL H 265 6.01 11.08 -79.99
C VAL H 265 6.50 12.51 -79.90
N VAL H 266 6.05 13.21 -78.87
CA VAL H 266 6.39 14.61 -78.67
C VAL H 266 7.67 14.67 -77.84
N ASN H 267 8.64 15.42 -78.31
CA ASN H 267 9.92 15.62 -77.63
C ASN H 267 9.94 17.09 -77.23
N MET H 268 9.62 17.36 -75.98
CA MET H 268 9.55 18.74 -75.50
C MET H 268 10.95 19.30 -75.24
N ALA H 269 11.90 18.43 -74.93
CA ALA H 269 13.25 18.92 -74.66
C ALA H 269 13.85 19.61 -75.88
N ASP H 270 13.71 18.99 -77.05
CA ASP H 270 14.33 19.51 -78.26
C ASP H 270 13.36 20.22 -79.19
N LYS H 271 12.08 20.29 -78.82
CA LYS H 271 11.06 20.93 -79.66
C LYS H 271 10.89 20.16 -80.96
N LYS H 272 10.64 18.86 -80.88
CA LYS H 272 10.48 18.06 -82.09
C LYS H 272 9.31 17.08 -81.93
N ILE H 273 8.84 16.57 -83.05
CA ILE H 273 7.85 15.51 -83.07
C ILE H 273 8.40 14.39 -83.93
N LEU H 274 8.45 13.19 -83.37
CA LEU H 274 8.99 12.03 -84.06
C LEU H 274 7.84 11.17 -84.55
N LYS H 275 7.92 10.74 -85.81
CA LYS H 275 6.90 9.93 -86.43
C LYS H 275 7.48 8.58 -86.82
N PRO H 276 6.73 7.49 -86.71
CA PRO H 276 7.23 6.19 -87.14
C PRO H 276 7.20 6.04 -88.66
N THR H 277 7.85 4.98 -89.14
CA THR H 277 7.80 4.63 -90.55
C THR H 277 7.57 3.15 -90.81
N ASP H 278 7.71 2.28 -89.81
CA ASP H 278 7.44 0.87 -90.03
C ASP H 278 5.98 0.67 -90.41
N GLU H 279 5.74 -0.15 -91.43
CA GLU H 279 4.41 -0.29 -91.98
C GLU H 279 3.43 -0.86 -90.95
N ASN H 280 3.89 -1.80 -90.12
CA ASN H 280 2.99 -2.38 -89.14
C ASN H 280 2.54 -1.35 -88.11
N LEU H 281 3.46 -0.49 -87.67
CA LEU H 281 3.09 0.54 -86.69
C LEU H 281 2.07 1.50 -87.28
N LEU H 282 2.30 1.96 -88.51
CA LEU H 282 1.31 2.84 -89.15
C LEU H 282 -0.02 2.14 -89.28
N LYS H 283 -0.01 0.87 -89.68
CA LYS H 283 -1.25 0.12 -89.80
C LYS H 283 -1.99 0.09 -88.47
N TYR H 284 -1.26 -0.14 -87.38
CA TYR H 284 -1.91 -0.22 -86.08
C TYR H 284 -2.48 1.13 -85.66
N TYR H 285 -1.73 2.20 -85.88
CA TYR H 285 -2.15 3.51 -85.39
C TYR H 285 -3.28 4.09 -86.24
N THR H 286 -3.19 3.98 -87.57
CA THR H 286 -4.18 4.60 -88.43
C THR H 286 -5.55 3.96 -88.30
N SER H 287 -5.67 2.82 -87.63
CA SER H 287 -6.97 2.20 -87.44
C SER H 287 -7.59 2.64 -86.13
N ARG I 1 -83.07 -9.45 11.57
CA ARG I 1 -81.89 -8.68 11.20
C ARG I 1 -80.61 -9.32 11.73
N PHE I 2 -80.70 -10.59 12.11
CA PHE I 2 -79.53 -11.32 12.56
C PHE I 2 -78.53 -11.46 11.42
N ILE I 3 -77.24 -11.44 11.78
CA ILE I 3 -76.17 -11.43 10.77
C ILE I 3 -75.29 -12.66 10.94
N GLU I 4 -74.35 -12.84 10.01
CA GLU I 4 -73.49 -14.00 9.98
C GLU I 4 -72.04 -13.55 9.89
N ARG I 5 -71.13 -14.50 10.09
CA ARG I 5 -69.70 -14.17 10.12
C ARG I 5 -69.24 -13.64 8.77
N ALA I 6 -69.67 -14.25 7.69
CA ALA I 6 -69.27 -13.85 6.35
C ALA I 6 -70.49 -13.70 5.46
N PRO I 7 -70.45 -12.81 4.47
CA PRO I 7 -71.62 -12.63 3.61
C PRO I 7 -71.96 -13.90 2.86
N LEU I 8 -73.25 -14.17 2.73
CA LEU I 8 -73.70 -15.31 1.96
C LEU I 8 -73.40 -15.17 0.48
N VAL I 9 -73.16 -13.95 0.00
CA VAL I 9 -72.87 -13.68 -1.40
C VAL I 9 -71.62 -12.80 -1.52
N PRO I 10 -70.43 -13.35 -1.27
CA PRO I 10 -69.22 -12.51 -1.31
C PRO I 10 -69.00 -11.91 -2.69
N LYS I 11 -68.41 -10.71 -2.70
CA LYS I 11 -68.07 -10.06 -3.95
C LYS I 11 -66.98 -10.84 -4.67
N VAL I 12 -67.16 -11.05 -5.98
CA VAL I 12 -66.22 -11.84 -6.75
C VAL I 12 -64.91 -11.09 -6.93
N ARG I 13 -64.98 -9.79 -7.25
CA ARG I 13 -63.78 -9.00 -7.44
C ARG I 13 -63.14 -8.70 -6.09
N ARG I 14 -61.84 -8.96 -5.98
CA ARG I 14 -61.12 -8.80 -4.72
C ARG I 14 -60.90 -7.31 -4.48
N GLU I 15 -61.81 -6.70 -3.71
CA GLU I 15 -61.76 -5.26 -3.51
C GLU I 15 -60.50 -4.88 -2.74
N PRO I 16 -59.88 -3.73 -3.05
CA PRO I 16 -58.68 -3.33 -2.32
C PRO I 16 -59.03 -2.85 -0.92
N LYS I 17 -58.01 -2.42 -0.19
CA LYS I 17 -58.18 -1.95 1.19
C LYS I 17 -58.60 -0.49 1.16
N ASN I 18 -59.90 -0.26 1.08
CA ASN I 18 -60.46 1.10 0.99
C ASN I 18 -60.66 1.62 2.41
N LEU I 19 -59.80 2.55 2.81
CA LEU I 19 -59.83 3.12 4.16
C LEU I 19 -60.39 4.53 4.21
N SER I 20 -60.61 5.16 3.06
CA SER I 20 -61.18 6.51 3.06
C SER I 20 -62.63 6.53 3.49
N ASP I 21 -63.23 5.37 3.77
CA ASP I 21 -64.62 5.27 4.20
C ASP I 21 -64.77 5.24 5.71
N ILE I 22 -63.71 5.55 6.46
CA ILE I 22 -63.81 5.66 7.91
C ILE I 22 -63.26 6.96 8.45
N ARG I 23 -62.36 7.65 7.76
CA ARG I 23 -61.73 8.85 8.29
C ARG I 23 -62.49 10.10 7.87
N GLY I 24 -63.70 10.24 8.39
CA GLY I 24 -64.50 11.40 8.11
C GLY I 24 -65.73 11.48 8.98
N PRO I 25 -66.51 12.56 8.81
CA PRO I 25 -67.76 12.69 9.57
C PRO I 25 -68.86 11.84 8.97
N SER I 26 -69.51 11.05 9.82
CA SER I 26 -70.62 10.24 9.38
C SER I 26 -71.72 11.14 8.81
N THR I 27 -72.23 10.76 7.64
CA THR I 27 -73.26 11.54 6.96
C THR I 27 -74.58 10.80 6.83
N GLU I 28 -74.56 9.48 6.69
CA GLU I 28 -75.78 8.68 6.65
C GLU I 28 -76.03 8.04 8.01
N ALA I 29 -77.28 8.09 8.44
CA ALA I 29 -77.71 7.44 9.68
C ALA I 29 -77.07 8.09 10.90
N THR I 30 -77.08 9.42 10.92
CA THR I 30 -76.57 10.20 12.04
C THR I 30 -77.64 10.46 13.10
N GLU I 31 -78.89 10.58 12.69
CA GLU I 31 -79.97 10.96 13.58
C GLU I 31 -80.77 9.74 14.03
N PHE I 32 -81.54 9.92 15.10
CA PHE I 32 -82.41 8.87 15.61
C PHE I 32 -83.50 8.54 14.61
N THR I 33 -84.17 7.41 14.85
CA THR I 33 -85.40 7.05 14.12
C THR I 33 -86.36 6.44 15.15
N GLU I 34 -87.18 7.31 15.76
CA GLU I 34 -88.17 6.89 16.74
C GLU I 34 -87.51 6.11 17.88
N GLY I 35 -86.56 6.75 18.55
CA GLY I 35 -85.87 6.17 19.69
C GLY I 35 -85.70 7.18 20.81
N ASN I 36 -85.22 6.68 21.94
CA ASN I 36 -84.98 7.50 23.13
C ASN I 36 -83.56 7.40 23.66
N PHE I 37 -82.96 6.22 23.64
CA PHE I 37 -81.57 6.02 24.03
C PHE I 37 -80.82 5.32 22.90
N ALA I 38 -79.52 5.56 22.82
CA ALA I 38 -78.71 4.92 21.78
C ALA I 38 -77.24 5.02 22.16
N ILE I 39 -76.39 4.54 21.27
CA ILE I 39 -74.94 4.64 21.40
C ILE I 39 -74.45 5.50 20.24
N LEU I 40 -73.66 6.51 20.57
CA LEU I 40 -73.04 7.38 19.56
C LEU I 40 -71.55 7.09 19.51
N ALA I 41 -71.03 6.87 18.31
CA ALA I 41 -69.63 6.56 18.13
C ALA I 41 -68.82 7.86 18.03
N LEU I 42 -67.96 8.08 19.00
CA LEU I 42 -67.08 9.24 19.01
C LEU I 42 -65.82 9.02 18.19
N GLY I 43 -65.65 7.83 17.63
CA GLY I 43 -64.51 7.54 16.77
C GLY I 43 -64.94 6.81 15.52
N GLY I 44 -63.97 6.32 14.75
CA GLY I 44 -64.28 5.55 13.56
C GLY I 44 -63.51 4.24 13.55
N GLY I 45 -64.23 3.13 13.54
CA GLY I 45 -63.59 1.83 13.68
C GLY I 45 -64.28 0.76 12.87
N TYR I 46 -63.54 -0.32 12.65
CA TYR I 46 -64.07 -1.53 12.02
C TYR I 46 -64.63 -2.45 13.09
N LEU I 47 -65.88 -2.86 12.92
CA LEU I 47 -66.52 -3.83 13.80
C LEU I 47 -66.50 -5.18 13.11
N HIS I 48 -65.84 -6.16 13.75
CA HIS I 48 -65.92 -7.54 13.31
C HIS I 48 -67.20 -8.19 13.84
N TRP I 49 -67.47 -9.41 13.36
CA TRP I 49 -68.68 -10.10 13.81
C TRP I 49 -68.65 -10.36 15.30
N GLY I 50 -67.47 -10.59 15.88
CA GLY I 50 -67.39 -10.82 17.30
C GLY I 50 -67.89 -9.63 18.11
N HIS I 51 -67.52 -8.42 17.70
CA HIS I 51 -67.98 -7.22 18.40
C HIS I 51 -69.49 -7.12 18.35
N PHE I 52 -70.06 -7.37 17.19
CA PHE I 52 -71.52 -7.34 17.04
C PHE I 52 -72.18 -8.37 17.95
N GLU I 53 -71.63 -9.58 17.97
CA GLU I 53 -72.23 -10.65 18.78
C GLU I 53 -72.14 -10.32 20.26
N MET I 54 -71.00 -9.79 20.70
CA MET I 54 -70.86 -9.41 22.10
C MET I 54 -71.81 -8.27 22.47
N MET I 55 -71.94 -7.29 21.58
CA MET I 55 -72.92 -6.23 21.81
C MET I 55 -74.32 -6.81 21.99
N ARG I 56 -74.70 -7.73 21.11
CA ARG I 56 -76.03 -8.31 21.20
C ARG I 56 -76.22 -9.09 22.50
N LEU I 57 -75.22 -9.90 22.87
CA LEU I 57 -75.35 -10.70 24.09
C LEU I 57 -75.40 -9.81 25.33
N THR I 58 -74.65 -8.71 25.34
CA THR I 58 -74.65 -7.84 26.50
C THR I 58 -75.95 -7.07 26.61
N ILE I 59 -76.50 -6.62 25.48
CA ILE I 59 -77.78 -5.91 25.54
C ILE I 59 -78.90 -6.86 25.92
N ASN I 60 -78.85 -8.11 25.46
CA ASN I 60 -79.98 -9.02 25.70
C ASN I 60 -80.25 -9.23 27.18
N ARG I 61 -79.26 -9.00 28.04
CA ARG I 61 -79.39 -9.32 29.45
C ARG I 61 -80.24 -8.31 30.22
N SER I 62 -80.74 -7.26 29.58
CA SER I 62 -81.58 -6.26 30.22
C SER I 62 -82.76 -5.92 29.34
N MET I 63 -83.41 -6.94 28.80
CA MET I 63 -84.52 -6.78 27.87
C MET I 63 -85.84 -7.23 28.49
N ASP I 64 -86.87 -6.43 28.30
CA ASP I 64 -88.24 -6.81 28.60
C ASP I 64 -89.10 -6.27 27.46
N PRO I 65 -89.57 -7.15 26.55
CA PRO I 65 -90.15 -6.65 25.29
C PRO I 65 -91.36 -5.75 25.46
N LYS I 66 -92.06 -5.87 26.58
CA LYS I 66 -93.26 -5.07 26.79
C LYS I 66 -92.97 -3.61 27.10
N ASN I 67 -91.71 -3.27 27.42
CA ASN I 67 -91.34 -1.92 27.82
C ASN I 67 -90.37 -1.25 26.85
N MET I 68 -89.23 -1.88 26.56
CA MET I 68 -88.18 -1.28 25.77
C MET I 68 -87.64 -2.28 24.76
N PHE I 69 -87.03 -1.75 23.71
CA PHE I 69 -86.45 -2.57 22.66
C PHE I 69 -85.23 -1.84 22.10
N ALA I 70 -84.49 -2.53 21.24
CA ALA I 70 -83.32 -1.95 20.58
C ALA I 70 -83.23 -2.51 19.17
N ILE I 71 -83.01 -1.63 18.19
CA ILE I 71 -82.88 -2.03 16.80
C ILE I 71 -81.56 -1.53 16.26
N TRP I 72 -80.97 -2.30 15.35
CA TRP I 72 -79.62 -2.04 14.85
C TRP I 72 -79.69 -1.14 13.61
N ARG I 73 -78.79 -0.15 13.57
CA ARG I 73 -78.66 0.69 12.39
C ARG I 73 -77.59 0.17 11.45
N VAL I 74 -76.52 -0.39 12.00
CA VAL I 74 -75.36 -0.79 11.18
C VAL I 74 -75.76 -1.93 10.26
N PRO I 75 -75.25 -2.00 9.02
CA PRO I 75 -75.51 -3.17 8.18
C PRO I 75 -74.64 -4.36 8.57
N ALA I 76 -74.74 -5.45 7.82
CA ALA I 76 -73.95 -6.62 8.11
C ALA I 76 -72.52 -6.46 7.58
N PRO I 77 -71.55 -7.17 8.16
CA PRO I 77 -70.17 -7.08 7.64
C PRO I 77 -70.12 -7.47 6.16
N PHE I 78 -69.56 -6.56 5.34
CA PHE I 78 -69.51 -6.79 3.91
C PHE I 78 -68.21 -6.30 3.26
N LYS I 79 -67.11 -6.25 4.01
CA LYS I 79 -65.84 -5.80 3.45
C LYS I 79 -64.78 -6.86 3.65
N PRO I 80 -64.12 -7.35 2.61
CA PRO I 80 -63.14 -8.44 2.78
C PRO I 80 -61.90 -7.98 3.53
N ILE I 81 -61.27 -8.95 4.19
CA ILE I 81 -59.97 -8.76 4.83
C ILE I 81 -59.03 -9.81 4.27
N THR I 82 -57.84 -9.37 3.85
CA THR I 82 -56.91 -10.24 3.13
C THR I 82 -56.01 -10.96 4.13
N ARG I 83 -56.01 -12.30 4.07
CA ARG I 83 -55.34 -13.12 5.06
C ARG I 83 -53.83 -12.92 5.07
N LYS I 84 -53.15 -13.36 4.00
CA LYS I 84 -51.69 -13.42 3.98
C LYS I 84 -51.18 -14.04 5.28
N SER I 85 -51.44 -15.33 5.49
CA SER I 85 -51.20 -15.97 6.77
C SER I 85 -49.73 -15.97 7.16
N VAL I 86 -49.42 -16.49 8.35
CA VAL I 86 -48.05 -16.51 8.83
C VAL I 86 -47.21 -17.45 7.95
N GLY I 87 -45.90 -17.16 7.90
CA GLY I 87 -44.96 -17.97 7.17
C GLY I 87 -44.38 -17.31 5.93
N HIS I 88 -44.70 -16.06 5.67
CA HIS I 88 -44.27 -15.36 4.46
C HIS I 88 -43.51 -14.09 4.83
N ARG I 89 -42.85 -13.51 3.82
CA ARG I 89 -42.25 -12.19 3.95
C ARG I 89 -43.11 -11.17 3.22
N MET I 90 -42.68 -9.91 3.19
CA MET I 90 -43.43 -8.87 2.51
C MET I 90 -43.43 -9.12 1.01
N GLY I 91 -44.58 -8.92 0.37
CA GLY I 91 -44.72 -9.07 -1.06
C GLY I 91 -44.66 -10.53 -1.49
N GLY I 92 -45.24 -10.78 -2.66
CA GLY I 92 -45.32 -12.12 -3.22
C GLY I 92 -46.71 -12.59 -3.59
N GLY I 93 -47.65 -11.68 -3.78
CA GLY I 93 -49.00 -12.02 -4.18
C GLY I 93 -50.00 -11.75 -3.07
N LYS I 94 -51.20 -11.36 -3.49
CA LYS I 94 -52.28 -11.07 -2.54
C LYS I 94 -52.75 -12.34 -1.86
N GLY I 95 -53.04 -12.23 -0.56
CA GLY I 95 -53.38 -13.37 0.25
C GLY I 95 -54.83 -13.80 0.12
N ALA I 96 -55.22 -14.70 1.01
CA ALA I 96 -56.57 -15.27 1.00
C ALA I 96 -57.55 -14.28 1.63
N ILE I 97 -58.75 -14.77 1.96
CA ILE I 97 -59.84 -13.94 2.46
C ILE I 97 -60.17 -14.37 3.88
N ASP I 98 -60.33 -13.39 4.77
CA ASP I 98 -60.79 -13.61 6.13
C ASP I 98 -62.23 -13.11 6.25
N HIS I 99 -62.80 -13.25 7.44
CA HIS I 99 -64.18 -12.85 7.66
C HIS I 99 -64.34 -11.36 7.41
N TYR I 100 -65.52 -10.98 6.91
CA TYR I 100 -65.78 -9.62 6.50
C TYR I 100 -66.15 -8.75 7.69
N VAL I 101 -66.01 -7.43 7.51
CA VAL I 101 -66.08 -6.47 8.60
C VAL I 101 -66.97 -5.32 8.17
N THR I 102 -67.48 -4.56 9.17
CA THR I 102 -68.35 -3.41 8.87
C THR I 102 -67.74 -2.12 9.39
N PRO I 103 -67.78 -1.02 8.62
CA PRO I 103 -67.20 0.23 9.11
C PRO I 103 -68.18 1.08 9.91
N VAL I 104 -67.62 1.92 10.78
CA VAL I 104 -68.38 2.93 11.49
C VAL I 104 -67.54 4.19 11.59
N LYS I 105 -68.18 5.34 11.44
CA LYS I 105 -67.54 6.65 11.50
C LYS I 105 -67.91 7.37 12.79
N ALA I 106 -67.17 8.44 13.07
CA ALA I 106 -67.47 9.26 14.25
C ALA I 106 -68.80 9.95 14.07
N GLY I 107 -69.50 10.18 15.18
CA GLY I 107 -70.82 10.77 15.12
C GLY I 107 -71.81 9.85 14.42
N ARG I 108 -71.78 8.57 14.74
CA ARG I 108 -72.66 7.57 14.14
C ARG I 108 -73.35 6.76 15.23
N LEU I 109 -74.55 6.29 14.92
CA LEU I 109 -75.35 5.50 15.88
C LEU I 109 -75.27 4.04 15.46
N VAL I 110 -74.78 3.19 16.37
CA VAL I 110 -74.61 1.78 16.05
C VAL I 110 -75.91 1.01 16.26
N VAL I 111 -76.57 1.23 17.39
CA VAL I 111 -77.82 0.54 17.70
C VAL I 111 -78.64 1.46 18.60
N GLU I 112 -79.89 1.70 18.20
CA GLU I 112 -80.74 2.68 18.86
C GLU I 112 -81.76 1.98 19.72
N MET I 113 -81.94 2.47 20.94
CA MET I 113 -82.88 1.90 21.90
C MET I 113 -84.13 2.78 21.97
N GLY I 114 -85.29 2.15 21.87
CA GLY I 114 -86.56 2.83 21.99
C GLY I 114 -87.42 2.27 23.10
N GLY I 115 -88.41 3.05 23.53
CA GLY I 115 -89.33 2.62 24.57
C GLY I 115 -89.33 3.57 25.76
N ARG I 116 -90.40 3.54 26.55
CA ARG I 116 -90.53 4.38 27.72
C ARG I 116 -89.93 3.63 28.90
N CYS I 117 -88.64 3.84 29.15
CA CYS I 117 -87.91 3.12 30.18
C CYS I 117 -87.30 4.14 31.14
N GLU I 118 -86.50 3.65 32.07
CA GLU I 118 -85.81 4.50 33.03
C GLU I 118 -84.49 4.98 32.44
N PHE I 119 -84.01 6.11 32.95
CA PHE I 119 -82.84 6.78 32.40
C PHE I 119 -81.52 6.26 32.96
N GLU I 120 -81.55 5.37 33.95
CA GLU I 120 -80.33 4.89 34.60
C GLU I 120 -79.95 3.47 34.23
N GLU I 121 -80.89 2.67 33.68
CA GLU I 121 -80.53 1.36 33.19
C GLU I 121 -79.49 1.45 32.07
N VAL I 122 -79.59 2.51 31.26
CA VAL I 122 -78.57 2.74 30.24
C VAL I 122 -77.22 2.97 30.89
N GLN I 123 -77.16 3.81 31.94
CA GLN I 123 -75.93 3.97 32.69
C GLN I 123 -75.53 2.72 33.43
N GLY I 124 -76.41 1.73 33.52
CA GLY I 124 -76.09 0.47 34.13
C GLY I 124 -75.36 -0.46 33.18
N PHE I 125 -75.88 -0.63 31.97
CA PHE I 125 -75.31 -1.61 31.04
C PHE I 125 -74.77 -1.02 29.73
N LEU I 126 -75.44 -0.02 29.15
CA LEU I 126 -74.96 0.51 27.89
C LEU I 126 -73.65 1.26 28.06
N ASP I 127 -73.42 1.85 29.23
CA ASP I 127 -72.10 2.42 29.50
C ASP I 127 -71.03 1.36 29.40
N GLN I 128 -71.26 0.21 30.03
CA GLN I 128 -70.32 -0.90 29.94
C GLN I 128 -70.09 -1.29 28.49
N VAL I 129 -71.18 -1.51 27.75
CA VAL I 129 -71.02 -2.02 26.40
C VAL I 129 -70.34 -1.00 25.50
N ALA I 130 -70.61 0.29 25.70
CA ALA I 130 -69.89 1.32 24.96
C ALA I 130 -68.40 1.27 25.28
N HIS I 131 -68.06 1.12 26.57
CA HIS I 131 -66.67 0.92 26.93
C HIS I 131 -66.10 -0.35 26.31
N LYS I 132 -66.96 -1.28 25.91
CA LYS I 132 -66.51 -2.53 25.30
C LYS I 132 -66.13 -2.35 23.84
N LEU I 133 -66.79 -1.43 23.13
CA LEU I 133 -66.61 -1.35 21.68
C LEU I 133 -65.16 -1.01 21.33
N PRO I 134 -64.73 -1.36 20.11
CA PRO I 134 -63.31 -1.18 19.76
C PRO I 134 -62.93 0.25 19.46
N PHE I 135 -63.88 1.18 19.46
CA PHE I 135 -63.61 2.59 19.22
C PHE I 135 -64.30 3.42 20.30
N ALA I 136 -63.87 4.68 20.42
CA ALA I 136 -64.46 5.59 21.38
C ALA I 136 -65.95 5.75 21.11
N ALA I 137 -66.75 5.65 22.16
CA ALA I 137 -68.20 5.73 22.02
C ALA I 137 -68.81 6.15 23.35
N LYS I 138 -70.09 6.50 23.31
CA LYS I 138 -70.81 6.94 24.50
C LYS I 138 -72.26 6.51 24.39
N ALA I 139 -72.92 6.44 25.54
CA ALA I 139 -74.34 6.18 25.62
C ALA I 139 -75.07 7.50 25.75
N VAL I 140 -75.96 7.79 24.81
CA VAL I 140 -76.55 9.11 24.67
C VAL I 140 -78.06 8.99 24.64
N SER I 141 -78.73 10.07 25.06
CA SER I 141 -80.17 10.23 24.99
C SER I 141 -80.51 11.47 24.17
N ARG I 142 -81.80 11.64 23.89
CA ARG I 142 -82.23 12.75 23.05
C ARG I 142 -81.88 14.10 23.68
N GLY I 143 -82.23 14.27 24.96
CA GLY I 143 -81.91 15.53 25.62
C GLY I 143 -80.42 15.78 25.72
N THR I 144 -79.67 14.75 26.09
CA THR I 144 -78.22 14.88 26.18
C THR I 144 -77.60 15.15 24.81
N LEU I 145 -78.08 14.48 23.76
CA LEU I 145 -77.58 14.76 22.41
C LEU I 145 -77.83 16.21 22.05
N GLU I 146 -79.04 16.70 22.30
CA GLU I 146 -79.36 18.08 21.98
C GLU I 146 -78.45 19.03 22.74
N LYS I 147 -78.25 18.77 24.04
CA LYS I 147 -77.38 19.59 24.85
C LYS I 147 -75.97 19.64 24.26
N MET I 148 -75.40 18.47 23.97
CA MET I 148 -74.02 18.42 23.48
C MET I 148 -73.89 19.14 22.15
N ARG I 149 -74.83 18.91 21.23
CA ARG I 149 -74.71 19.51 19.90
C ARG I 149 -74.88 21.02 19.96
N LYS I 150 -75.88 21.49 20.70
CA LYS I 150 -76.10 22.93 20.80
C LYS I 150 -74.93 23.60 21.51
N ASP I 151 -74.34 22.95 22.51
CA ASP I 151 -73.17 23.52 23.17
C ASP I 151 -71.96 23.53 22.25
N GLN I 152 -71.81 22.52 21.40
CA GLN I 152 -70.77 22.56 20.39
C GLN I 152 -70.96 23.76 19.46
N GLU I 153 -72.20 23.99 19.05
CA GLU I 153 -72.47 25.15 18.20
C GLU I 153 -72.13 26.44 18.91
N GLU I 154 -72.52 26.55 20.18
CA GLU I 154 -72.21 27.76 20.94
C GLU I 154 -70.72 27.98 21.04
N ARG I 155 -69.96 26.93 21.35
CA ARG I 155 -68.51 27.06 21.45
C ARG I 155 -67.91 27.50 20.11
N GLU I 156 -68.39 26.92 19.01
CA GLU I 156 -67.95 27.37 17.70
C GLU I 156 -68.34 28.81 17.43
N ARG I 157 -69.39 29.31 18.06
CA ARG I 157 -69.87 30.66 17.82
C ARG I 157 -69.25 31.68 18.77
N ASN I 158 -69.28 31.40 20.07
CA ASN I 158 -68.76 32.35 21.06
C ASN I 158 -67.28 32.12 21.35
N ASN I 159 -66.48 32.03 20.29
CA ASN I 159 -65.05 31.84 20.39
C ASN I 159 -64.35 33.18 20.28
N GLN I 160 -63.64 33.58 21.33
CA GLN I 160 -62.93 34.85 21.32
C GLN I 160 -61.56 34.74 20.65
N ASN I 161 -61.16 33.56 20.23
CA ASN I 161 -59.88 33.44 19.52
C ASN I 161 -60.05 34.02 18.13
N PRO I 162 -59.26 35.02 17.73
CA PRO I 162 -59.43 35.59 16.39
C PRO I 162 -59.29 34.58 15.27
N TRP I 163 -58.44 33.58 15.42
CA TRP I 163 -58.13 32.64 14.35
C TRP I 163 -58.71 31.27 14.69
N THR I 164 -59.30 30.62 13.69
CA THR I 164 -59.73 29.24 13.79
C THR I 164 -59.08 28.45 12.66
N PHE I 165 -59.36 27.15 12.63
CA PHE I 165 -58.79 26.33 11.57
C PHE I 165 -59.42 26.67 10.23
N GLU I 166 -60.70 27.04 10.22
CA GLU I 166 -61.36 27.45 8.98
C GLU I 166 -60.54 28.50 8.25
N ARG I 167 -60.32 29.64 8.91
CA ARG I 167 -59.68 30.77 8.26
C ARG I 167 -58.26 30.45 7.83
N ILE I 168 -57.48 29.83 8.71
CA ILE I 168 -56.08 29.58 8.37
C ILE I 168 -55.96 28.54 7.29
N ALA I 169 -56.93 27.63 7.20
CA ALA I 169 -56.81 26.55 6.22
C ALA I 169 -57.34 26.99 4.86
N THR I 170 -58.57 27.51 4.82
CA THR I 170 -59.17 27.86 3.55
C THR I 170 -58.33 28.88 2.80
N ALA I 171 -57.90 29.93 3.48
CA ALA I 171 -57.14 31.00 2.85
C ALA I 171 -55.68 30.63 2.61
N ASN I 172 -55.26 29.43 2.96
CA ASN I 172 -53.85 29.03 2.83
C ASN I 172 -52.95 30.07 3.48
N MET I 173 -53.20 30.35 4.75
CA MET I 173 -52.63 31.51 5.38
C MET I 173 -51.10 31.50 5.42
N LEU I 174 -50.50 30.61 6.21
CA LEU I 174 -49.05 30.60 6.31
C LEU I 174 -48.42 29.55 5.40
N GLY I 175 -48.84 29.50 4.14
CA GLY I 175 -48.42 28.39 3.29
C GLY I 175 -48.78 27.07 3.93
N ILE I 176 -49.90 27.07 4.67
CA ILE I 176 -50.22 25.96 5.56
C ILE I 176 -50.62 24.71 4.78
N ARG I 177 -51.28 24.86 3.65
CA ARG I 177 -51.74 23.70 2.92
C ARG I 177 -50.59 22.87 2.37
N LYS I 178 -49.34 23.28 2.58
CA LYS I 178 -48.22 22.42 2.28
C LYS I 178 -48.11 21.30 3.29
N VAL I 179 -48.66 21.48 4.49
CA VAL I 179 -48.60 20.48 5.54
C VAL I 179 -49.99 20.06 6.00
N LEU I 180 -50.97 20.07 5.10
CA LEU I 180 -52.28 19.55 5.40
C LEU I 180 -52.75 18.70 4.23
N SER I 181 -53.91 18.07 4.37
CA SER I 181 -54.52 17.29 3.32
C SER I 181 -55.75 18.04 2.79
N PRO I 182 -56.10 17.84 1.52
CA PRO I 182 -57.32 18.48 1.02
C PRO I 182 -58.53 18.20 1.88
N TYR I 183 -58.64 17.00 2.44
CA TYR I 183 -59.78 16.70 3.31
C TYR I 183 -59.85 17.66 4.48
N ASP I 184 -58.69 18.16 4.94
CA ASP I 184 -58.70 19.12 6.03
C ASP I 184 -59.58 20.32 5.73
N LEU I 185 -59.64 20.75 4.47
CA LEU I 185 -60.45 21.91 4.14
C LEU I 185 -61.91 21.70 4.50
N THR I 186 -62.38 20.45 4.43
CA THR I 186 -63.78 20.14 4.71
C THR I 186 -63.98 19.47 6.06
N HIS I 187 -62.97 18.76 6.59
CA HIS I 187 -63.07 18.23 7.93
C HIS I 187 -62.94 19.30 9.00
N LYS I 188 -62.27 20.42 8.70
CA LYS I 188 -62.16 21.57 9.59
C LYS I 188 -61.29 21.26 10.80
N GLY I 189 -60.27 20.44 10.63
CA GLY I 189 -59.33 20.17 11.70
C GLY I 189 -59.96 19.51 12.91
N LYS I 190 -60.83 18.53 12.68
CA LYS I 190 -61.51 17.82 13.76
C LYS I 190 -61.47 16.31 13.62
N TYR I 191 -60.83 15.77 12.59
CA TYR I 191 -60.85 14.34 12.31
C TYR I 191 -59.47 13.85 11.92
N TRP I 192 -58.46 14.25 12.68
CA TRP I 192 -57.09 13.87 12.35
C TRP I 192 -56.99 12.36 12.20
N GLY I 193 -56.69 11.92 10.98
CA GLY I 193 -56.69 10.50 10.70
C GLY I 193 -58.05 9.89 10.91
N LYS I 194 -58.12 8.81 11.69
CA LYS I 194 -59.37 8.08 11.92
C LYS I 194 -60.01 8.42 13.25
N PHE I 195 -59.55 9.50 13.90
CA PHE I 195 -60.03 9.89 15.21
C PHE I 195 -60.99 11.07 15.08
N TYR I 196 -61.38 11.65 16.22
CA TYR I 196 -62.31 12.77 16.22
C TYR I 196 -62.12 13.56 17.51
N MET I 197 -61.42 14.68 17.44
CA MET I 197 -61.23 15.53 18.61
C MET I 197 -62.42 16.46 18.72
N PRO I 198 -63.27 16.34 19.75
CA PRO I 198 -64.45 17.20 19.82
C PRO I 198 -64.21 18.54 20.50
N LYS I 199 -63.17 18.67 21.33
CA LYS I 199 -62.96 19.91 22.05
C LYS I 199 -62.45 21.03 21.16
N ARG I 200 -62.10 20.74 19.91
CA ARG I 200 -61.69 21.77 18.97
C ARG I 200 -62.93 22.33 18.29
N VAL I 201 -63.04 23.66 18.29
CA VAL I 201 -64.19 24.31 17.68
C VAL I 201 -64.08 24.26 16.16
N ILE J 1 6.69 -18.10 46.88
CA ILE J 1 6.98 -18.04 48.30
C ILE J 1 8.25 -18.83 48.55
N SER J 2 9.16 -18.25 49.30
CA SER J 2 10.40 -18.92 49.66
C SER J 2 10.82 -18.57 51.07
N HIS J 3 9.89 -18.62 52.01
CA HIS J 3 10.21 -18.25 53.37
C HIS J 3 11.01 -19.34 54.06
N GLY J 4 12.18 -18.97 54.57
CA GLY J 4 12.98 -19.91 55.32
C GLY J 4 13.53 -21.05 54.51
N ARG J 5 14.07 -20.78 53.33
CA ARG J 5 14.81 -21.76 52.56
C ARG J 5 16.24 -21.24 52.45
N VAL J 6 17.17 -21.94 53.09
CA VAL J 6 18.53 -21.43 53.23
C VAL J 6 19.45 -21.85 52.09
N PHE J 7 19.04 -22.78 51.26
CA PHE J 7 19.91 -23.33 50.22
C PHE J 7 19.62 -22.66 48.89
N ARG J 8 20.67 -22.09 48.29
CA ARG J 8 20.52 -21.57 46.95
C ARG J 8 20.15 -22.68 45.99
N ARG J 9 19.71 -22.28 44.81
CA ARG J 9 19.42 -23.19 43.71
C ARG J 9 20.43 -22.88 42.61
N MET J 10 21.21 -23.87 42.22
CA MET J 10 22.21 -23.67 41.20
C MET J 10 22.48 -24.99 40.50
N GLY J 11 23.08 -24.90 39.32
CA GLY J 11 23.33 -26.09 38.55
C GLY J 11 22.06 -26.63 37.92
N LEU J 12 22.09 -27.91 37.57
CA LEU J 12 20.99 -28.57 36.89
C LEU J 12 20.09 -29.33 37.83
N GLY J 13 20.17 -29.09 39.13
CA GLY J 13 19.39 -29.79 40.10
C GLY J 13 20.13 -29.88 41.41
N PRO J 14 19.56 -30.56 42.40
CA PRO J 14 20.28 -30.71 43.67
C PRO J 14 21.63 -31.39 43.50
N GLU J 15 21.67 -32.48 42.73
CA GLU J 15 22.92 -33.23 42.61
C GLU J 15 24.01 -32.38 41.99
N SER J 16 23.69 -31.67 40.92
CA SER J 16 24.71 -30.84 40.31
C SER J 16 25.14 -29.73 41.24
N ARG J 17 24.24 -29.30 42.13
CA ARG J 17 24.64 -28.32 43.12
C ARG J 17 25.70 -28.88 44.05
N ILE J 18 25.47 -30.09 44.57
CA ILE J 18 26.45 -30.70 45.43
C ILE J 18 27.77 -30.89 44.69
N HIS J 19 27.70 -31.23 43.40
CA HIS J 19 28.93 -31.49 42.66
C HIS J 19 29.69 -30.20 42.37
N LEU J 20 28.99 -29.11 42.07
CA LEU J 20 29.64 -27.82 41.89
C LEU J 20 30.32 -27.38 43.16
N LEU J 21 29.60 -27.44 44.28
CA LEU J 21 30.20 -27.05 45.54
C LEU J 21 31.36 -27.96 45.88
N ARG J 22 31.27 -29.23 45.50
CA ARG J 22 32.37 -30.15 45.77
C ARG J 22 33.62 -29.76 45.00
N ASN J 23 33.47 -29.37 43.74
CA ASN J 23 34.65 -28.94 42.98
C ASN J 23 35.23 -27.66 43.54
N LEU J 24 34.37 -26.72 43.95
CA LEU J 24 34.88 -25.50 44.56
C LEU J 24 35.65 -25.83 45.83
N LEU J 25 35.10 -26.73 46.66
CA LEU J 25 35.74 -27.05 47.92
C LEU J 25 37.05 -27.79 47.70
N THR J 26 37.10 -28.66 46.70
CA THR J 26 38.35 -29.33 46.36
C THR J 26 39.40 -28.33 45.91
N GLY J 27 39.02 -27.39 45.06
CA GLY J 27 39.98 -26.37 44.68
C GLY J 27 40.48 -25.58 45.87
N LEU J 28 39.58 -25.29 46.81
CA LEU J 28 39.97 -24.54 48.00
C LEU J 28 40.94 -25.32 48.85
N VAL J 29 40.70 -26.62 49.04
CA VAL J 29 41.60 -27.42 49.86
C VAL J 29 42.93 -27.62 49.16
N ARG J 30 42.94 -27.59 47.83
CA ARG J 30 44.20 -27.81 47.12
C ARG J 30 45.05 -26.56 47.08
N HIS J 31 44.45 -25.40 46.85
CA HIS J 31 45.22 -24.17 46.70
C HIS J 31 45.10 -23.23 47.89
N GLU J 32 44.10 -23.39 48.73
CA GLU J 32 43.87 -22.58 49.92
C GLU J 32 43.40 -21.17 49.61
N ARG J 33 43.13 -20.85 48.34
CA ARG J 33 42.54 -19.56 48.00
C ARG J 33 42.01 -19.64 46.59
N ILE J 34 40.72 -19.33 46.41
CA ILE J 34 40.13 -19.37 45.08
C ILE J 34 39.19 -18.20 44.89
N GLU J 35 39.16 -17.69 43.66
CA GLU J 35 38.25 -16.63 43.22
C GLU J 35 37.10 -17.25 42.45
N ALA J 36 35.89 -17.10 42.96
CA ALA J 36 34.74 -17.72 42.33
C ALA J 36 33.57 -16.75 42.43
N PRO J 37 32.48 -17.02 41.72
CA PRO J 37 31.30 -16.16 41.84
C PRO J 37 30.82 -16.07 43.28
N TRP J 38 30.37 -14.88 43.66
CA TRP J 38 30.14 -14.58 45.07
C TRP J 38 29.11 -15.51 45.68
N ALA J 39 28.00 -15.76 44.99
CA ALA J 39 26.94 -16.57 45.58
C ALA J 39 27.39 -18.01 45.77
N ARG J 40 28.13 -18.54 44.82
CA ARG J 40 28.63 -19.91 44.96
C ARG J 40 29.59 -20.03 46.13
N VAL J 41 30.49 -19.05 46.29
CA VAL J 41 31.41 -19.07 47.43
C VAL J 41 30.62 -18.96 48.74
N ASP J 42 29.60 -18.12 48.76
CA ASP J 42 28.82 -18.00 49.99
C ASP J 42 28.09 -19.28 50.29
N GLU J 43 27.75 -20.06 49.27
CA GLU J 43 27.14 -21.36 49.52
C GLU J 43 28.16 -22.37 49.98
N MET J 44 29.39 -22.26 49.49
CA MET J 44 30.45 -23.24 49.78
C MET J 44 31.16 -22.97 51.09
N ARG J 45 31.02 -21.78 51.65
CA ARG J 45 31.74 -21.45 52.89
C ARG J 45 31.32 -22.37 54.02
N GLY J 46 30.01 -22.59 54.17
CA GLY J 46 29.53 -23.48 55.21
C GLY J 46 30.08 -24.88 55.08
N TYR J 47 30.16 -25.38 53.84
CA TYR J 47 30.69 -26.71 53.62
C TYR J 47 32.17 -26.78 53.96
N ALA J 48 32.94 -25.75 53.60
CA ALA J 48 34.37 -25.77 53.94
C ALA J 48 34.57 -25.75 55.45
N GLU J 49 33.78 -24.93 56.16
CA GLU J 49 33.86 -24.92 57.61
C GLU J 49 33.58 -26.30 58.18
N LYS J 50 32.46 -26.90 57.80
CA LYS J 50 32.13 -28.20 58.36
C LYS J 50 33.11 -29.28 57.92
N LEU J 51 33.76 -29.10 56.77
CA LEU J 51 34.78 -30.06 56.38
C LEU J 51 35.94 -30.01 57.35
N ILE J 52 36.35 -28.80 57.76
CA ILE J 52 37.41 -28.73 58.75
C ILE J 52 36.93 -29.32 60.08
N ASP J 53 35.66 -29.13 60.41
CA ASP J 53 35.14 -29.73 61.62
C ASP J 53 35.24 -31.25 61.59
N TYR J 54 34.84 -31.86 60.46
CA TYR J 54 34.97 -33.30 60.32
C TYR J 54 36.43 -33.73 60.33
N GLY J 55 37.31 -32.91 59.76
CA GLY J 55 38.71 -33.28 59.69
C GLY J 55 39.41 -33.21 61.03
N LYS J 56 38.89 -32.43 61.96
CA LYS J 56 39.48 -32.40 63.30
C LYS J 56 39.36 -33.74 64.00
N LEU J 57 38.26 -34.47 63.77
CA LEU J 57 38.07 -35.75 64.45
C LEU J 57 39.23 -36.70 64.19
N GLY J 58 39.88 -36.56 63.03
CA GLY J 58 41.08 -37.31 62.75
C GLY J 58 40.87 -38.51 61.87
N ASP J 59 41.98 -39.07 61.35
CA ASP J 59 41.90 -40.21 60.45
C ASP J 59 41.12 -41.36 61.07
N THR J 60 41.43 -41.71 62.32
CA THR J 60 40.95 -42.97 62.88
C THR J 60 39.44 -43.09 62.75
N ASN J 61 38.71 -41.99 62.87
CA ASN J 61 37.27 -42.06 62.74
C ASN J 61 36.90 -42.42 61.31
N GLU J 62 35.90 -43.28 61.16
CA GLU J 62 35.50 -43.76 59.86
C GLU J 62 34.46 -42.87 59.20
N ARG J 63 33.54 -42.30 59.98
CA ARG J 63 32.55 -41.41 59.42
C ARG J 63 33.21 -40.21 58.78
N ALA J 64 34.19 -39.61 59.47
CA ALA J 64 34.91 -38.48 58.91
C ALA J 64 35.66 -38.87 57.66
N MET J 65 36.21 -40.09 57.64
CA MET J 65 36.95 -40.51 56.46
C MET J 65 36.03 -40.68 55.26
N ARG J 66 34.87 -41.28 55.46
CA ARG J 66 33.91 -41.39 54.37
C ARG J 66 33.50 -40.02 53.88
N MET J 67 33.22 -39.10 54.80
CA MET J 67 32.80 -37.76 54.39
C MET J 67 33.89 -37.06 53.59
N ALA J 68 35.13 -37.14 54.05
CA ALA J 68 36.20 -36.49 53.30
C ALA J 68 36.49 -37.21 52.00
N ASP J 69 36.16 -38.50 51.91
CA ASP J 69 36.29 -39.20 50.63
C ASP J 69 35.29 -38.66 49.62
N PHE J 70 34.05 -38.44 50.05
CA PHE J 70 33.07 -37.88 49.13
C PHE J 70 33.43 -36.46 48.73
N TRP J 71 33.81 -35.64 49.70
CA TRP J 71 33.95 -34.21 49.47
C TRP J 71 35.32 -33.80 48.97
N LEU J 72 36.22 -34.73 48.74
CA LEU J 72 37.47 -34.43 48.06
C LEU J 72 37.61 -35.37 46.88
N THR J 73 37.92 -34.82 45.71
CA THR J 73 37.88 -35.60 44.49
C THR J 73 39.24 -36.11 44.08
N GLU J 74 40.29 -35.29 44.17
CA GLU J 74 41.65 -35.79 44.04
C GLU J 74 42.15 -36.16 45.43
N LYS J 75 42.33 -37.45 45.66
CA LYS J 75 42.45 -37.94 47.02
C LYS J 75 43.75 -37.55 47.69
N ASP J 76 44.72 -37.01 46.94
CA ASP J 76 45.95 -36.52 47.55
C ASP J 76 45.64 -35.47 48.60
N LEU J 77 44.50 -34.80 48.49
CA LEU J 77 44.12 -33.76 49.42
C LEU J 77 43.61 -34.30 50.75
N ILE J 78 43.12 -35.54 50.81
CA ILE J 78 42.63 -36.06 52.08
C ILE J 78 43.73 -36.14 53.14
N PRO J 79 44.94 -36.61 52.82
CA PRO J 79 46.04 -36.40 53.75
C PRO J 79 46.12 -34.98 54.26
N LYS J 80 46.19 -34.00 53.35
CA LYS J 80 46.31 -32.61 53.75
C LYS J 80 45.23 -32.23 54.77
N LEU J 81 43.97 -32.54 54.44
CA LEU J 81 42.87 -32.20 55.33
C LEU J 81 43.14 -32.70 56.74
N PHE J 82 43.64 -33.92 56.86
CA PHE J 82 43.81 -34.54 58.16
C PHE J 82 45.20 -34.31 58.75
N GLN J 83 46.11 -33.66 58.03
CA GLN J 83 47.46 -33.50 58.53
C GLN J 83 48.05 -32.12 58.34
N VAL J 84 47.35 -31.19 57.68
CA VAL J 84 47.86 -29.83 57.56
C VAL J 84 46.76 -28.83 57.92
N LEU J 85 45.54 -29.04 57.44
CA LEU J 85 44.47 -28.10 57.74
C LEU J 85 43.92 -28.31 59.15
N ALA J 86 43.36 -29.49 59.41
CA ALA J 86 42.77 -29.73 60.73
C ALA J 86 43.76 -29.50 61.86
N PRO J 87 45.01 -29.95 61.79
CA PRO J 87 45.98 -29.57 62.83
C PRO J 87 46.20 -28.07 62.94
N ARG J 88 46.16 -27.35 61.82
CA ARG J 88 46.44 -25.91 61.85
C ARG J 88 45.43 -25.18 62.70
N TYR J 89 44.18 -25.64 62.71
CA TYR J 89 43.11 -24.98 63.45
C TYR J 89 42.76 -25.71 64.73
N LYS J 90 43.75 -26.28 65.42
CA LYS J 90 43.47 -26.93 66.70
C LYS J 90 43.03 -25.93 67.75
N ASP J 91 43.35 -24.65 67.57
CA ASP J 91 42.97 -23.60 68.51
C ASP J 91 41.63 -22.97 68.17
N GLN J 92 41.48 -22.42 66.96
CA GLN J 92 40.23 -21.83 66.55
C GLN J 92 39.12 -22.87 66.66
N THR J 93 37.99 -22.47 67.23
CA THR J 93 36.80 -23.32 67.23
C THR J 93 35.80 -22.93 66.15
N GLY J 94 36.08 -21.89 65.37
CA GLY J 94 35.18 -21.49 64.31
C GLY J 94 35.87 -20.51 63.40
N GLY J 95 35.16 -20.15 62.33
CA GLY J 95 35.66 -19.14 61.41
C GLY J 95 37.04 -19.45 60.90
N TYR J 96 37.18 -20.49 60.09
CA TYR J 96 38.46 -20.84 59.50
C TYR J 96 38.70 -20.17 58.15
N THR J 97 37.65 -19.66 57.51
CA THR J 97 37.75 -19.11 56.16
C THR J 97 37.36 -17.64 56.17
N ARG J 98 38.11 -16.85 55.40
CA ARG J 98 37.74 -15.45 55.17
C ARG J 98 37.31 -15.28 53.72
N MET J 99 36.26 -14.50 53.54
CA MET J 99 35.57 -14.31 52.27
C MET J 99 35.45 -12.83 52.00
N LEU J 100 35.93 -12.39 50.85
CA LEU J 100 35.87 -10.99 50.45
C LEU J 100 35.20 -10.86 49.10
N GLN J 101 34.77 -9.64 48.76
CA GLN J 101 34.31 -9.34 47.42
C GLN J 101 35.39 -8.60 46.67
N ILE J 102 35.48 -8.86 45.37
CA ILE J 102 36.57 -8.31 44.54
C ILE J 102 35.97 -7.74 43.26
N PRO J 103 36.75 -7.03 42.44
CA PRO J 103 36.18 -6.42 41.23
C PRO J 103 35.45 -7.43 40.35
N ASN J 104 34.30 -7.02 39.85
CA ASN J 104 33.44 -7.92 39.10
C ASN J 104 34.19 -8.51 37.90
N ARG J 105 33.70 -9.65 37.43
CA ARG J 105 34.40 -10.37 36.38
C ARG J 105 34.34 -9.60 35.06
N SER J 106 35.43 -9.62 34.32
CA SER J 106 35.52 -8.80 33.12
C SER J 106 34.49 -9.20 32.08
N LEU J 107 34.31 -10.51 31.85
CA LEU J 107 33.47 -10.94 30.73
C LEU J 107 31.99 -10.72 31.03
N ASP J 108 31.46 -11.43 32.02
CA ASP J 108 30.03 -11.48 32.24
C ASP J 108 29.57 -10.60 33.39
N ARG J 109 30.47 -9.78 33.94
CA ARG J 109 30.13 -8.84 35.00
C ARG J 109 29.37 -9.51 36.13
N ALA J 110 29.90 -10.64 36.61
CA ALA J 110 29.29 -11.31 37.75
C ALA J 110 29.91 -10.79 39.05
N LYS J 111 29.20 -11.01 40.14
CA LYS J 111 29.68 -10.63 41.47
C LYS J 111 30.69 -11.66 41.96
N MET J 112 31.94 -11.27 42.10
CA MET J 112 33.01 -12.21 42.42
C MET J 112 33.25 -12.27 43.92
N ALA J 113 34.15 -13.17 44.31
CA ALA J 113 34.52 -13.32 45.71
C ALA J 113 35.74 -14.21 45.83
N VAL J 114 36.74 -13.77 46.58
CA VAL J 114 37.90 -14.57 46.91
C VAL J 114 37.67 -15.17 48.28
N ILE J 115 37.87 -16.48 48.40
CA ILE J 115 37.69 -17.20 49.64
C ILE J 115 38.97 -17.94 49.93
N GLU J 116 39.44 -17.85 51.17
CA GLU J 116 40.69 -18.52 51.53
C GLU J 116 40.61 -19.06 52.95
N TYR J 117 41.47 -20.04 53.20
CA TYR J 117 41.60 -20.67 54.50
C TYR J 117 42.62 -19.92 55.32
N LYS J 118 42.21 -19.44 56.50
CA LYS J 118 43.05 -18.56 57.31
C LYS J 118 44.38 -19.22 57.62
N GLY J 119 45.46 -18.45 57.48
CA GLY J 119 46.76 -18.87 57.94
C GLY J 119 47.67 -19.46 56.90
N ASN J 120 47.27 -19.46 55.64
CA ASN J 120 48.08 -20.08 54.61
C ASN J 120 49.36 -19.28 54.37
N CYS J 121 50.20 -19.82 53.49
CA CYS J 121 51.49 -19.23 53.18
C CYS J 121 51.42 -18.09 52.18
N LEU J 122 50.29 -17.92 51.51
CA LEU J 122 50.23 -17.04 50.35
C LEU J 122 50.40 -15.58 50.78
N PRO J 123 50.75 -14.70 49.86
CA PRO J 123 50.75 -13.29 50.16
C PRO J 123 49.40 -12.84 50.66
N PRO J 124 49.36 -11.94 51.65
CA PRO J 124 48.10 -11.67 52.33
C PRO J 124 47.18 -10.80 51.49
N LEU J 125 45.90 -11.12 51.53
CA LEU J 125 44.92 -10.30 50.85
C LEU J 125 44.96 -8.88 51.40
N PRO J 126 44.72 -7.88 50.57
CA PRO J 126 44.67 -6.52 51.09
C PRO J 126 43.42 -6.28 51.90
N LEU J 127 43.42 -6.73 53.14
CA LEU J 127 42.25 -6.52 53.98
C LEU J 127 42.07 -5.03 54.23
N PRO J 128 40.83 -4.57 54.44
CA PRO J 128 40.61 -3.16 54.77
C PRO J 128 40.72 -2.92 56.27
N ARG J 129 41.69 -2.10 56.66
CA ARG J 129 41.83 -1.73 58.05
C ARG J 129 40.78 -0.70 58.42
N ARG J 130 40.59 -0.51 59.73
CA ARG J 130 39.75 0.56 60.23
C ARG J 130 40.57 1.85 60.31
N ASP J 131 39.91 2.94 60.65
CA ASP J 131 40.60 4.21 60.76
C ASP J 131 41.62 4.17 61.88
N SER J 132 42.75 4.83 61.65
CA SER J 132 43.81 4.87 62.64
C SER J 132 43.28 5.36 63.98
N HIS J 133 43.85 4.83 65.05
CA HIS J 133 43.36 5.20 66.38
C HIS J 133 43.63 6.65 66.73
N LEU J 134 44.45 7.35 65.95
CA LEU J 134 44.84 8.72 66.26
C LEU J 134 43.99 9.76 65.55
N THR J 135 42.94 9.36 64.84
CA THR J 135 42.09 10.31 64.13
C THR J 135 41.24 11.09 65.13
N LEU J 136 40.72 12.23 64.66
CA LEU J 136 40.04 13.17 65.55
C LEU J 136 38.94 12.50 66.34
N LEU J 137 38.02 11.80 65.65
CA LEU J 137 36.91 11.18 66.34
C LEU J 137 37.41 10.13 67.33
N ASN J 138 38.41 9.36 66.94
CA ASN J 138 38.96 8.36 67.85
C ASN J 138 39.62 9.01 69.05
N GLN J 139 40.32 10.14 68.85
CA GLN J 139 40.92 10.82 69.99
C GLN J 139 39.86 11.31 70.96
N LEU J 140 38.78 11.89 70.46
CA LEU J 140 37.73 12.32 71.37
C LEU J 140 37.13 11.14 72.11
N LEU J 141 36.93 10.04 71.40
CA LEU J 141 36.41 8.85 72.07
C LEU J 141 37.40 8.29 73.08
N GLN J 142 38.70 8.44 72.85
CA GLN J 142 39.69 8.01 73.83
C GLN J 142 39.63 8.88 75.09
N GLY J 143 39.47 10.19 74.90
CA GLY J 143 39.25 11.04 76.05
C GLY J 143 38.04 10.60 76.84
N LEU J 144 36.98 10.21 76.14
CA LEU J 144 35.81 9.71 76.84
C LEU J 144 36.10 8.38 77.53
N ARG J 145 36.92 7.52 76.93
CA ARG J 145 37.39 6.32 77.62
C ARG J 145 37.93 6.68 78.98
N GLN J 146 38.94 7.54 79.00
CA GLN J 146 39.57 7.91 80.26
C GLN J 146 38.56 8.48 81.24
N ASP J 147 37.79 9.48 80.81
CA ASP J 147 36.94 10.20 81.74
C ASP J 147 35.82 9.31 82.28
N LEU J 148 35.36 8.34 81.50
CA LEU J 148 34.37 7.40 82.01
C LEU J 148 34.99 6.35 82.92
N ARG J 149 36.20 5.88 82.60
CA ARG J 149 36.86 4.90 83.46
C ARG J 149 37.11 5.47 84.85
N GLN J 150 37.60 6.70 84.93
CA GLN J 150 37.88 7.27 86.26
C GLN J 150 36.59 7.40 87.07
N SER J 151 35.51 7.84 86.43
CA SER J 151 34.25 8.02 87.15
C SER J 151 33.73 6.68 87.69
N GLN J 152 33.84 5.63 86.89
CA GLN J 152 33.41 4.30 87.32
C GLN J 152 34.53 3.59 88.08
N VAL K 1 -53.38 56.89 -70.67
CA VAL K 1 -54.51 57.72 -70.27
C VAL K 1 -54.83 57.48 -68.80
N GLU K 2 -55.07 58.56 -68.07
CA GLU K 2 -55.32 58.46 -66.64
C GLU K 2 -56.60 57.68 -66.33
N ASN K 3 -57.60 57.75 -67.21
CA ASN K 3 -58.89 57.14 -66.95
C ASN K 3 -58.83 55.62 -66.84
N GLU K 4 -57.68 55.01 -67.08
CA GLU K 4 -57.51 53.57 -66.91
C GLU K 4 -57.18 53.18 -65.48
N ALA K 5 -57.34 54.09 -64.53
CA ALA K 5 -57.02 53.78 -63.14
C ALA K 5 -57.93 52.67 -62.66
N VAL K 6 -57.33 51.50 -62.40
CA VAL K 6 -58.06 50.32 -61.96
C VAL K 6 -57.44 49.85 -60.66
N ALA K 7 -58.27 49.45 -59.71
CA ALA K 7 -57.76 48.84 -58.49
C ALA K 7 -57.21 47.45 -58.82
N PRO K 8 -55.94 47.16 -58.51
CA PRO K 8 -55.45 45.79 -58.75
C PRO K 8 -56.06 44.77 -57.80
N GLU K 9 -56.97 45.20 -56.94
CA GLU K 9 -57.74 44.32 -56.06
C GLU K 9 -59.21 44.66 -56.25
N PHE K 10 -59.83 44.04 -57.24
CA PHE K 10 -61.26 44.25 -57.48
C PHE K 10 -62.07 43.50 -56.44
N THR K 11 -63.01 44.20 -55.81
CA THR K 11 -63.93 43.57 -54.88
C THR K 11 -65.27 43.32 -55.56
N ASN K 12 -66.10 42.54 -54.89
CA ASN K 12 -67.44 42.22 -55.39
C ASN K 12 -68.30 41.90 -54.17
N ARG K 13 -69.01 42.91 -53.68
CA ARG K 13 -69.80 42.79 -52.47
C ARG K 13 -71.02 41.88 -52.64
N ASN K 14 -71.21 41.28 -53.81
CA ASN K 14 -72.36 40.44 -54.05
C ASN K 14 -72.40 39.30 -53.03
N PRO K 15 -73.57 38.96 -52.48
CA PRO K 15 -73.64 37.83 -51.55
C PRO K 15 -73.78 36.48 -52.22
N ARG K 16 -73.88 36.43 -53.55
CA ARG K 16 -73.98 35.16 -54.28
C ARG K 16 -72.93 35.04 -55.38
N ASN K 17 -71.94 35.91 -55.40
CA ASN K 17 -70.94 35.84 -56.47
C ASN K 17 -70.23 34.50 -56.43
N LEU K 18 -69.50 34.24 -55.33
CA LEU K 18 -68.82 32.96 -55.21
C LEU K 18 -69.82 31.81 -55.09
N GLU K 19 -71.05 32.12 -54.69
CA GLU K 19 -72.09 31.08 -54.64
C GLU K 19 -72.38 30.53 -56.03
N LEU K 20 -72.65 31.41 -56.98
CA LEU K 20 -73.04 30.99 -58.32
C LEU K 20 -71.87 30.46 -59.14
N LEU K 21 -70.66 30.92 -58.89
CA LEU K 21 -69.48 30.37 -59.53
C LEU K 21 -69.14 28.98 -59.03
N SER K 22 -69.88 28.45 -58.05
CA SER K 22 -69.61 27.14 -57.48
C SER K 22 -68.23 27.11 -56.83
N VAL K 23 -67.88 28.20 -56.17
CA VAL K 23 -66.58 28.32 -55.49
C VAL K 23 -66.80 28.63 -54.02
N ALA K 24 -68.02 29.01 -53.64
CA ALA K 24 -68.29 29.32 -52.25
C ALA K 24 -68.19 28.08 -51.40
N ARG K 25 -67.77 28.25 -50.15
CA ARG K 25 -67.64 27.13 -49.24
C ARG K 25 -69.01 26.61 -48.83
N LYS K 26 -69.26 25.34 -49.11
CA LYS K 26 -70.33 24.64 -48.44
C LYS K 26 -69.86 24.21 -47.06
N GLU K 27 -70.74 24.31 -46.08
CA GLU K 27 -70.39 23.96 -44.72
C GLU K 27 -70.37 22.44 -44.60
N ARG K 28 -69.19 21.85 -44.66
CA ARG K 28 -69.04 20.40 -44.59
C ARG K 28 -69.14 19.95 -43.12
N GLY K 29 -68.82 18.69 -42.88
CA GLY K 29 -68.91 18.15 -41.55
C GLY K 29 -70.33 17.78 -41.18
N TRP K 30 -70.57 17.75 -39.87
CA TRP K 30 -71.84 17.31 -39.32
C TRP K 30 -72.15 15.88 -39.75
N ARG K 31 -71.11 15.05 -39.79
CA ARG K 31 -71.23 13.68 -40.28
C ARG K 31 -71.84 12.74 -39.26
N THR K 32 -72.50 13.28 -38.22
CA THR K 32 -73.15 12.45 -37.22
C THR K 32 -74.61 12.82 -37.00
N VAL K 33 -75.14 13.81 -37.71
CA VAL K 33 -76.51 14.27 -37.53
C VAL K 33 -77.14 14.49 -38.89
N PHE K 34 -78.33 13.92 -39.10
CA PHE K 34 -79.11 14.27 -40.29
C PHE K 34 -80.12 15.35 -39.95
N PRO K 35 -80.41 16.27 -40.89
CA PRO K 35 -79.85 16.38 -42.23
C PRO K 35 -78.45 16.93 -42.24
N SER K 36 -77.65 16.53 -43.21
CA SER K 36 -76.37 17.19 -43.46
C SER K 36 -76.62 18.59 -43.98
N ARG K 37 -75.68 19.50 -43.70
CA ARG K 37 -75.80 20.86 -44.21
C ARG K 37 -74.60 21.22 -45.08
N GLU K 38 -74.26 20.33 -46.00
CA GLU K 38 -73.29 20.63 -47.06
C GLU K 38 -74.07 21.05 -48.31
N PHE K 39 -74.64 22.26 -48.24
CA PHE K 39 -75.41 22.78 -49.35
C PHE K 39 -75.38 24.31 -49.30
N TRP K 40 -76.19 24.92 -50.16
CA TRP K 40 -76.42 26.35 -50.14
C TRP K 40 -77.87 26.73 -49.96
N HIS K 41 -78.79 26.10 -50.69
CA HIS K 41 -80.20 26.44 -50.64
C HIS K 41 -81.01 25.17 -50.47
N ARG K 42 -81.52 24.98 -49.27
CA ARG K 42 -82.27 23.78 -48.91
C ARG K 42 -83.76 24.05 -49.07
N LEU K 43 -84.47 23.04 -49.55
CA LEU K 43 -85.93 23.05 -49.61
C LEU K 43 -86.48 22.29 -48.43
N ARG K 44 -87.55 22.81 -47.83
CA ARG K 44 -88.21 22.15 -46.72
C ARG K 44 -89.72 22.23 -46.92
N VAL K 45 -90.40 21.11 -46.71
CA VAL K 45 -91.85 21.03 -46.84
C VAL K 45 -92.41 20.68 -45.46
N ILE K 46 -93.15 21.63 -44.88
CA ILE K 46 -93.84 21.42 -43.62
C ILE K 46 -95.26 20.98 -43.95
N ARG K 47 -95.66 19.84 -43.40
CA ARG K 47 -96.97 19.23 -43.66
C ARG K 47 -97.73 19.11 -42.33
N THR K 48 -98.44 20.17 -41.97
CA THR K 48 -99.41 20.13 -40.89
C THR K 48 -100.80 20.01 -41.49
N GLN K 49 -101.70 19.36 -40.74
CA GLN K 49 -102.96 18.91 -41.31
C GLN K 49 -103.81 20.05 -41.86
N HIS K 50 -103.56 21.28 -41.43
CA HIS K 50 -104.31 22.43 -41.94
C HIS K 50 -103.67 23.05 -43.18
N HIS K 51 -102.35 23.27 -43.15
CA HIS K 51 -101.67 23.93 -44.24
C HIS K 51 -100.38 23.19 -44.56
N VAL K 52 -99.93 23.33 -45.79
CA VAL K 52 -98.66 22.76 -46.25
C VAL K 52 -97.84 23.88 -46.87
N GLU K 53 -96.58 23.97 -46.44
CA GLU K 53 -95.71 25.08 -46.86
C GLU K 53 -94.41 24.52 -47.42
N ALA K 54 -94.04 24.94 -48.62
CA ALA K 54 -92.77 24.57 -49.23
C ALA K 54 -91.91 25.82 -49.33
N LEU K 55 -90.73 25.79 -48.71
CA LEU K 55 -89.87 26.95 -48.61
C LEU K 55 -88.47 26.59 -49.07
N VAL K 56 -87.78 27.59 -49.60
CA VAL K 56 -86.39 27.48 -49.99
C VAL K 56 -85.61 28.51 -49.20
N GLU K 57 -84.54 28.07 -48.54
CA GLU K 57 -83.83 28.88 -47.56
C GLU K 57 -82.33 28.62 -47.63
N HIS K 58 -81.56 29.68 -47.42
CA HIS K 58 -80.11 29.59 -47.44
C HIS K 58 -79.62 28.66 -46.35
N GLN K 59 -78.33 28.36 -46.38
CA GLN K 59 -77.74 27.50 -45.36
C GLN K 59 -77.84 28.10 -43.97
N ASN K 60 -77.96 29.42 -43.85
CA ASN K 60 -77.94 30.09 -42.56
C ASN K 60 -79.34 30.33 -41.99
N GLY K 61 -80.36 29.64 -42.49
CA GLY K 61 -81.71 29.78 -41.97
C GLY K 61 -82.52 30.86 -42.63
N LYS K 62 -81.93 31.68 -43.50
CA LYS K 62 -82.66 32.73 -44.18
C LYS K 62 -83.58 32.13 -45.23
N VAL K 63 -84.87 32.42 -45.13
CA VAL K 63 -85.83 31.97 -46.14
C VAL K 63 -85.68 32.87 -47.36
N VAL K 64 -85.36 32.28 -48.51
CA VAL K 64 -85.17 33.08 -49.71
C VAL K 64 -86.45 33.13 -50.52
N VAL K 65 -87.27 32.08 -50.47
CA VAL K 65 -88.61 32.12 -51.05
C VAL K 65 -89.50 31.14 -50.30
N SER K 66 -90.81 31.36 -50.43
CA SER K 66 -91.80 30.51 -49.77
C SER K 66 -93.00 30.34 -50.69
N ALA K 67 -93.74 29.26 -50.46
CA ALA K 67 -94.99 28.97 -51.14
C ALA K 67 -95.86 28.24 -50.13
N SER K 68 -96.81 28.96 -49.54
CA SER K 68 -97.63 28.43 -48.47
C SER K 68 -99.10 28.49 -48.87
N THR K 69 -99.84 27.43 -48.51
CA THR K 69 -101.28 27.43 -48.75
C THR K 69 -102.00 28.48 -47.93
N ARG K 70 -101.33 29.08 -46.93
CA ARG K 70 -101.90 30.20 -46.21
C ARG K 70 -102.19 31.39 -47.11
N GLU K 71 -101.57 31.45 -48.29
CA GLU K 71 -101.83 32.55 -49.20
C GLU K 71 -103.26 32.51 -49.70
N TRP K 72 -103.95 33.65 -49.62
CA TRP K 72 -105.31 33.73 -50.13
C TRP K 72 -105.35 33.56 -51.65
N ALA K 73 -104.26 33.87 -52.35
CA ALA K 73 -104.21 33.71 -53.80
C ALA K 73 -104.11 32.25 -54.23
N ILE K 74 -103.89 31.33 -53.29
CA ILE K 74 -103.87 29.91 -53.61
C ILE K 74 -104.86 29.11 -52.77
N LYS K 75 -105.49 29.72 -51.76
CA LYS K 75 -106.52 29.03 -50.99
C LYS K 75 -107.68 28.59 -51.88
N LYS K 76 -108.10 29.46 -52.80
CA LYS K 76 -109.36 29.25 -53.51
C LYS K 76 -109.34 27.97 -54.35
N HIS K 77 -108.23 27.70 -55.03
CA HIS K 77 -108.18 26.57 -55.96
C HIS K 77 -107.96 25.26 -55.24
N LEU K 78 -108.74 25.00 -54.19
CA LEU K 78 -108.53 23.81 -53.36
C LEU K 78 -109.77 23.62 -52.49
N TYR K 79 -110.29 22.39 -52.47
CA TYR K 79 -111.36 22.02 -51.55
C TYR K 79 -110.84 21.44 -50.24
N SER K 80 -109.52 21.30 -50.11
CA SER K 80 -108.89 20.83 -48.89
C SER K 80 -107.46 21.34 -48.89
N THR K 81 -106.61 20.77 -48.03
CA THR K 81 -105.21 21.17 -47.99
C THR K 81 -104.24 20.00 -47.83
N ARG K 82 -104.73 18.76 -47.79
CA ARG K 82 -103.88 17.59 -47.66
C ARG K 82 -103.80 16.77 -48.95
N ASN K 83 -104.50 17.18 -50.01
CA ASN K 83 -104.49 16.40 -51.24
C ASN K 83 -103.14 16.45 -51.92
N VAL K 84 -102.86 15.40 -52.71
CA VAL K 84 -101.64 15.40 -53.52
C VAL K 84 -101.67 16.55 -54.51
N VAL K 85 -102.85 16.89 -55.03
CA VAL K 85 -102.95 18.01 -55.95
C VAL K 85 -102.53 19.31 -55.27
N ALA K 86 -102.79 19.42 -53.96
CA ALA K 86 -102.32 20.59 -53.22
C ALA K 86 -100.79 20.67 -53.27
N CYS K 87 -100.13 19.53 -53.05
CA CYS K 87 -98.68 19.51 -53.16
C CYS K 87 -98.24 19.87 -54.57
N GLU K 88 -98.94 19.36 -55.57
CA GLU K 88 -98.58 19.67 -56.96
C GLU K 88 -98.65 21.17 -57.20
N SER K 89 -99.75 21.80 -56.83
CA SER K 89 -99.92 23.23 -57.07
C SER K 89 -98.88 24.04 -56.31
N ILE K 90 -98.67 23.72 -55.03
CA ILE K 90 -97.74 24.52 -54.24
C ILE K 90 -96.33 24.35 -54.76
N GLY K 91 -95.96 23.13 -55.16
CA GLY K 91 -94.64 22.92 -55.73
C GLY K 91 -94.46 23.66 -57.04
N ARG K 92 -95.50 23.67 -57.88
CA ARG K 92 -95.40 24.41 -59.13
C ARG K 92 -95.19 25.89 -58.86
N VAL K 93 -95.92 26.44 -57.89
CA VAL K 93 -95.76 27.85 -57.55
C VAL K 93 -94.35 28.09 -57.01
N LEU K 94 -93.86 27.17 -56.18
CA LEU K 94 -92.51 27.32 -55.65
C LEU K 94 -91.47 27.31 -56.75
N ALA K 95 -91.63 26.42 -57.73
CA ALA K 95 -90.70 26.38 -58.84
C ALA K 95 -90.75 27.68 -59.63
N GLN K 96 -91.95 28.19 -59.89
CA GLN K 96 -92.06 29.45 -60.62
C GLN K 96 -91.37 30.57 -59.86
N ARG K 97 -91.59 30.64 -58.55
CA ARG K 97 -90.97 31.70 -57.76
C ARG K 97 -89.45 31.55 -57.73
N CYS K 98 -88.96 30.32 -57.59
CA CYS K 98 -87.51 30.12 -57.60
C CYS K 98 -86.91 30.57 -58.92
N LEU K 99 -87.54 30.20 -60.04
CA LEU K 99 -87.04 30.63 -61.33
C LEU K 99 -87.04 32.15 -61.43
N GLU K 100 -88.10 32.81 -60.95
CA GLU K 100 -88.15 34.26 -61.01
C GLU K 100 -87.27 34.93 -59.96
N ALA K 101 -86.69 34.16 -59.04
CA ALA K 101 -85.90 34.72 -57.96
C ALA K 101 -84.40 34.56 -58.16
N GLY K 102 -83.98 33.94 -59.25
CA GLY K 102 -82.57 33.73 -59.52
C GLY K 102 -81.97 32.47 -58.92
N ILE K 103 -82.79 31.52 -58.48
CA ILE K 103 -82.34 30.28 -57.88
C ILE K 103 -82.74 29.14 -58.79
N ASN K 104 -81.77 28.56 -59.48
CA ASN K 104 -82.01 27.42 -60.35
C ASN K 104 -81.29 26.18 -59.83
N PHE K 105 -81.06 26.12 -58.52
CA PHE K 105 -80.43 24.98 -57.90
C PHE K 105 -80.94 24.83 -56.48
N MET K 106 -80.79 23.61 -55.95
CA MET K 106 -81.50 23.22 -54.74
C MET K 106 -80.89 21.93 -54.24
N VAL K 107 -81.28 21.54 -53.03
CA VAL K 107 -81.09 20.20 -52.53
C VAL K 107 -82.33 19.81 -51.75
N TYR K 108 -82.76 18.57 -51.89
CA TYR K 108 -83.87 18.03 -51.12
C TYR K 108 -83.37 16.82 -50.34
N GLN K 109 -83.64 16.81 -49.05
CA GLN K 109 -83.08 15.83 -48.11
C GLN K 109 -84.25 15.25 -47.31
N PRO K 110 -85.02 14.35 -47.92
CA PRO K 110 -86.16 13.77 -47.21
C PRO K 110 -85.73 12.68 -46.26
N THR K 111 -86.67 12.12 -45.52
CA THR K 111 -86.40 11.05 -44.59
C THR K 111 -86.78 9.71 -45.21
N PRO K 112 -85.95 8.65 -45.05
CA PRO K 112 -86.18 7.40 -45.80
C PRO K 112 -87.63 6.99 -45.97
N TRP K 113 -88.37 6.85 -44.87
CA TRP K 113 -89.79 6.54 -44.98
C TRP K 113 -90.57 7.68 -45.62
N GLU K 114 -90.26 8.92 -45.27
CA GLU K 114 -90.94 10.05 -45.89
C GLU K 114 -90.52 10.20 -47.35
N ALA K 115 -89.34 9.71 -47.70
CA ALA K 115 -88.89 9.77 -49.08
C ALA K 115 -89.58 8.71 -49.93
N ALA K 116 -89.77 7.52 -49.38
CA ALA K 116 -90.41 6.44 -50.15
C ALA K 116 -91.85 6.77 -50.49
N SER K 117 -92.51 7.55 -49.63
CA SER K 117 -93.91 7.89 -49.87
C SER K 117 -94.06 8.59 -51.21
N ASP K 118 -95.10 8.22 -51.95
CA ASP K 118 -95.36 8.83 -53.25
C ASP K 118 -95.93 10.24 -53.12
N SER K 119 -96.51 10.59 -51.97
CA SER K 119 -97.12 11.91 -51.82
C SER K 119 -96.10 13.01 -52.05
N MET K 120 -94.97 12.96 -51.35
CA MET K 120 -93.93 13.95 -51.55
C MET K 120 -93.12 13.70 -52.82
N LYS K 121 -93.10 12.47 -53.34
CA LYS K 121 -92.49 12.23 -54.64
C LYS K 121 -93.21 13.02 -55.71
N ARG K 122 -94.53 13.14 -55.60
CA ARG K 122 -95.29 13.95 -56.56
C ARG K 122 -94.78 15.38 -56.58
N LEU K 123 -94.64 15.99 -55.38
CA LEU K 123 -94.14 17.35 -55.30
C LEU K 123 -92.72 17.44 -55.82
N GLN K 124 -91.89 16.45 -55.47
CA GLN K 124 -90.50 16.46 -55.94
C GLN K 124 -90.44 16.48 -57.45
N SER K 125 -91.19 15.58 -58.10
CA SER K 125 -91.19 15.52 -59.56
C SER K 125 -91.75 16.82 -60.16
N ALA K 126 -92.82 17.34 -59.57
CA ALA K 126 -93.43 18.56 -60.11
C ALA K 126 -92.45 19.72 -60.07
N MET K 127 -91.80 19.94 -58.92
CA MET K 127 -90.82 21.01 -58.83
C MET K 127 -89.63 20.75 -59.72
N THR K 128 -89.20 19.50 -59.84
CA THR K 128 -88.06 19.19 -60.69
C THR K 128 -88.34 19.56 -62.13
N GLU K 129 -89.46 19.08 -62.68
CA GLU K 129 -89.82 19.44 -64.05
C GLU K 129 -90.17 20.91 -64.17
N GLY K 130 -90.45 21.58 -63.05
CA GLY K 130 -90.75 23.01 -63.09
C GLY K 130 -89.62 23.85 -63.62
N GLY K 131 -88.38 23.41 -63.44
CA GLY K 131 -87.24 24.14 -63.95
C GLY K 131 -86.03 24.11 -63.03
N VAL K 132 -86.28 24.00 -61.73
CA VAL K 132 -85.19 23.94 -60.76
C VAL K 132 -84.64 22.53 -60.72
N VAL K 133 -83.42 22.40 -60.22
CA VAL K 133 -82.78 21.11 -60.04
C VAL K 133 -82.66 20.84 -58.55
N LEU K 134 -82.82 19.57 -58.16
CA LEU K 134 -82.72 19.16 -56.77
C LEU K 134 -81.32 18.67 -56.41
N ARG K 135 -80.29 19.23 -57.03
CA ARG K 135 -78.92 18.84 -56.75
C ARG K 135 -78.02 19.99 -57.18
N GLU K 136 -76.97 20.21 -56.40
CA GLU K 136 -76.11 21.37 -56.56
C GLU K 136 -74.79 20.98 -57.21
N PRO K 137 -74.08 21.95 -57.78
CA PRO K 137 -72.76 21.64 -58.33
C PRO K 137 -71.78 21.27 -57.24
N GLN K 138 -70.68 20.66 -57.65
CA GLN K 138 -69.59 20.40 -56.73
C GLN K 138 -68.74 21.65 -56.57
N ARG K 139 -68.28 21.89 -55.34
CA ARG K 139 -67.38 22.99 -55.10
C ARG K 139 -66.12 22.80 -55.95
N ILE K 140 -65.59 23.90 -56.46
CA ILE K 140 -64.42 23.87 -57.34
C ILE K 140 -63.23 24.37 -56.55
N TYR K 141 -62.48 23.45 -55.96
CA TYR K 141 -61.32 23.79 -55.15
C TYR K 141 -60.15 24.18 -56.03
N ARG L 1 21.31 -42.26 79.27
CA ARG L 1 21.10 -40.85 78.97
C ARG L 1 20.17 -40.72 77.77
N PHE L 2 18.88 -40.85 78.03
CA PHE L 2 17.86 -40.83 77.00
C PHE L 2 16.91 -39.67 77.27
N LEU L 3 16.85 -38.74 76.33
CA LEU L 3 16.06 -37.52 76.44
C LEU L 3 14.90 -37.60 75.46
N SER L 4 13.69 -37.65 75.97
CA SER L 4 12.56 -37.97 75.11
C SER L 4 12.49 -36.97 73.97
N PRO L 5 12.14 -37.40 72.76
CA PRO L 5 12.33 -36.52 71.59
C PRO L 5 11.56 -35.23 71.66
N GLU L 6 10.52 -35.16 72.49
CA GLU L 6 9.70 -33.95 72.56
C GLU L 6 10.53 -32.73 72.92
N PHE L 7 11.41 -32.86 73.91
CA PHE L 7 12.16 -31.71 74.37
C PHE L 7 13.16 -31.21 73.33
N ILE L 8 13.57 -32.06 72.38
CA ILE L 8 14.46 -31.61 71.32
C ILE L 8 13.59 -30.85 70.33
N PRO L 9 13.81 -29.56 70.11
CA PRO L 9 12.90 -28.80 69.25
C PRO L 9 13.33 -28.84 67.78
N ARG L 10 12.35 -28.65 66.90
CA ARG L 10 12.64 -28.57 65.49
C ARG L 10 13.58 -27.41 65.20
N ARG L 11 14.44 -27.58 64.21
CA ARG L 11 15.23 -26.46 63.75
C ARG L 11 14.31 -25.40 63.18
N GLY L 12 14.49 -24.16 63.61
CA GLY L 12 13.63 -23.10 63.14
C GLY L 12 14.13 -21.73 63.53
N ARG L 13 13.21 -20.81 63.77
CA ARG L 13 13.55 -19.49 64.25
C ARG L 13 12.74 -19.07 65.46
N THR L 14 11.90 -19.95 66.00
CA THR L 14 11.15 -19.63 67.19
C THR L 14 12.07 -19.11 68.29
N ASP L 15 11.51 -18.34 69.19
CA ASP L 15 12.29 -17.69 70.23
C ASP L 15 12.59 -18.68 71.35
N PRO L 16 13.86 -18.84 71.76
CA PRO L 16 14.17 -19.77 72.86
C PRO L 16 13.22 -19.65 74.04
N LEU L 17 12.75 -18.45 74.37
CA LEU L 17 11.86 -18.29 75.51
C LEU L 17 10.63 -19.16 75.36
N LYS L 18 10.15 -19.36 74.13
CA LYS L 18 9.01 -20.24 73.93
C LYS L 18 9.34 -21.64 74.40
N PHE L 19 10.50 -22.15 74.00
CA PHE L 19 10.84 -23.50 74.41
C PHE L 19 11.05 -23.60 75.91
N GLN L 20 11.59 -22.55 76.53
CA GLN L 20 11.75 -22.60 77.99
C GLN L 20 10.40 -22.69 78.68
N ILE L 21 9.44 -21.88 78.25
CA ILE L 21 8.11 -21.97 78.86
C ILE L 21 7.47 -23.32 78.57
N GLU L 22 7.66 -23.82 77.34
CA GLU L 22 7.14 -25.12 76.97
C GLU L 22 7.67 -26.19 77.91
N ARG L 23 8.98 -26.24 78.08
CA ARG L 23 9.58 -27.27 78.91
C ARG L 23 9.18 -27.12 80.36
N LYS L 24 9.09 -25.88 80.85
CA LYS L 24 8.64 -25.68 82.22
C LYS L 24 7.27 -26.31 82.42
N ASP L 25 6.34 -26.01 81.52
CA ASP L 25 4.99 -26.57 81.67
C ASP L 25 5.01 -28.09 81.53
N MET L 26 5.78 -28.61 80.58
CA MET L 26 5.84 -30.06 80.41
C MET L 26 6.33 -30.72 81.67
N LEU L 27 7.54 -30.37 82.12
CA LEU L 27 8.08 -30.96 83.34
C LEU L 27 7.09 -30.81 84.49
N GLU L 28 6.38 -29.69 84.57
CA GLU L 28 5.36 -29.55 85.58
C GLU L 28 4.21 -30.52 85.36
N ARG L 29 4.08 -31.08 84.16
CA ARG L 29 3.11 -32.13 83.92
C ARG L 29 3.68 -33.51 84.16
N ARG L 30 5.00 -33.67 84.07
CA ARG L 30 5.60 -34.98 84.28
C ARG L 30 5.60 -35.41 85.73
N LYS L 31 5.29 -34.51 86.67
CA LYS L 31 5.29 -34.84 88.09
C LYS L 31 3.92 -35.24 88.61
N VAL L 32 2.91 -35.32 87.75
CA VAL L 32 1.61 -35.85 88.13
C VAL L 32 1.31 -37.14 87.38
N LEU L 33 2.00 -37.38 86.29
CA LEU L 33 1.92 -38.60 85.52
C LEU L 33 3.32 -39.02 85.12
N HIS L 34 3.65 -40.28 85.33
CA HIS L 34 4.96 -40.78 84.95
C HIS L 34 4.93 -41.08 83.47
N ILE L 35 5.59 -40.25 82.67
CA ILE L 35 5.70 -40.48 81.24
C ILE L 35 6.88 -41.40 81.02
N PRO L 36 6.68 -42.69 80.82
CA PRO L 36 7.81 -43.63 80.81
C PRO L 36 8.68 -43.42 79.59
N GLU L 37 9.66 -44.29 79.46
CA GLU L 37 10.55 -44.34 78.29
C GLU L 37 10.03 -45.41 77.35
N PHE L 38 9.67 -45.02 76.13
CA PHE L 38 9.23 -45.97 75.14
C PHE L 38 9.72 -45.51 73.77
N TYR L 39 10.28 -46.45 73.03
CA TYR L 39 10.72 -46.20 71.66
C TYR L 39 9.63 -46.64 70.70
N VAL L 40 9.73 -46.17 69.47
CA VAL L 40 8.81 -46.63 68.43
C VAL L 40 9.05 -48.11 68.22
N GLY L 41 7.97 -48.89 68.24
CA GLY L 41 8.02 -50.33 68.22
C GLY L 41 7.66 -50.98 69.53
N SER L 42 7.80 -50.25 70.64
CA SER L 42 7.42 -50.77 71.93
C SER L 42 5.94 -51.11 71.95
N ILE L 43 5.51 -51.74 73.04
CA ILE L 43 4.10 -52.00 73.27
C ILE L 43 3.69 -51.23 74.51
N LEU L 44 2.62 -50.45 74.39
CA LEU L 44 2.15 -49.63 75.50
C LEU L 44 0.70 -49.96 75.79
N ARG L 45 0.31 -49.70 77.03
CA ARG L 45 -1.08 -49.72 77.45
C ARG L 45 -1.38 -48.35 78.03
N VAL L 46 -2.32 -47.64 77.41
CA VAL L 46 -2.68 -46.28 77.80
C VAL L 46 -4.04 -46.33 78.47
N THR L 47 -4.12 -45.68 79.63
CA THR L 47 -5.34 -45.60 80.42
C THR L 47 -5.75 -44.14 80.52
N THR L 48 -6.93 -43.83 79.98
CA THR L 48 -7.44 -42.47 79.84
C THR L 48 -8.83 -42.38 80.46
N ALA L 49 -9.36 -41.17 80.52
CA ALA L 49 -10.69 -40.91 81.06
C ALA L 49 -11.66 -40.66 79.93
N ASP L 50 -12.77 -41.39 79.93
CA ASP L 50 -13.77 -41.22 78.89
C ASP L 50 -14.45 -39.86 79.06
N PRO L 51 -14.37 -38.96 78.07
CA PRO L 51 -15.10 -37.70 78.20
C PRO L 51 -16.58 -37.82 77.93
N TYR L 52 -16.99 -38.83 77.16
CA TYR L 52 -18.39 -38.98 76.80
C TYR L 52 -19.14 -39.90 77.74
N ALA L 53 -18.47 -40.47 78.73
CA ALA L 53 -19.13 -41.21 79.79
C ALA L 53 -19.22 -40.31 81.02
N SER L 54 -19.66 -40.88 82.15
CA SER L 54 -19.80 -40.15 83.40
C SER L 54 -18.61 -40.36 84.33
N GLY L 55 -17.40 -40.44 83.78
CA GLY L 55 -16.23 -40.66 84.59
C GLY L 55 -15.77 -42.10 84.59
N LYS L 56 -15.72 -42.71 83.41
CA LYS L 56 -15.21 -44.07 83.25
C LYS L 56 -13.77 -44.03 82.76
N ILE L 57 -13.10 -45.18 82.88
CA ILE L 57 -11.70 -45.31 82.56
C ILE L 57 -11.56 -46.28 81.40
N SER L 58 -10.76 -45.89 80.41
CA SER L 58 -10.61 -46.63 79.17
C SER L 58 -9.17 -47.09 79.02
N GLN L 59 -8.98 -48.35 78.66
CA GLN L 59 -7.65 -48.93 78.48
C GLN L 59 -7.50 -49.39 77.04
N PHE L 60 -6.33 -49.13 76.46
CA PHE L 60 -6.06 -49.57 75.10
C PHE L 60 -4.61 -49.99 74.99
N LEU L 61 -4.36 -51.18 74.46
CA LEU L 61 -3.02 -51.73 74.33
C LEU L 61 -2.65 -51.88 72.87
N GLY L 62 -1.45 -51.43 72.52
CA GLY L 62 -1.05 -51.47 71.14
C GLY L 62 0.44 -51.24 70.98
N ILE L 63 0.87 -51.17 69.73
CA ILE L 63 2.27 -50.98 69.39
C ILE L 63 2.44 -49.53 68.92
N CYS L 64 3.48 -48.87 69.44
CA CYS L 64 3.75 -47.49 69.06
C CYS L 64 4.38 -47.46 67.68
N ILE L 65 3.60 -47.10 66.68
CA ILE L 65 4.03 -47.17 65.29
C ILE L 65 4.74 -45.90 64.89
N GLN L 66 4.39 -44.77 65.50
CA GLN L 66 4.98 -43.50 65.13
C GLN L 66 4.98 -42.56 66.34
N ARG L 67 6.05 -41.79 66.46
CA ARG L 67 6.23 -40.85 67.56
C ARG L 67 6.73 -39.55 66.94
N SER L 68 5.88 -38.54 66.95
CA SER L 68 6.17 -37.27 66.31
C SER L 68 5.60 -36.13 67.14
N GLY L 69 5.92 -34.92 66.72
CA GLY L 69 5.53 -33.73 67.45
C GLY L 69 6.60 -33.26 68.42
N ARG L 70 6.34 -32.10 69.01
CA ARG L 70 7.23 -31.53 70.00
C ARG L 70 6.44 -30.61 70.90
N GLY L 71 7.04 -30.23 72.01
CA GLY L 71 6.36 -29.35 72.90
C GLY L 71 5.17 -30.03 73.55
N LEU L 72 4.34 -29.21 74.18
CA LEU L 72 3.31 -29.71 75.07
C LEU L 72 2.24 -30.54 74.36
N GLY L 73 2.34 -30.73 73.06
CA GLY L 73 1.33 -31.44 72.32
C GLY L 73 1.75 -32.75 71.70
N ALA L 74 3.04 -33.07 71.69
CA ALA L 74 3.53 -34.22 70.95
C ALA L 74 2.75 -35.47 71.32
N THR L 75 2.74 -36.43 70.40
CA THR L 75 1.82 -37.56 70.46
C THR L 75 2.55 -38.84 70.03
N PHE L 76 1.83 -39.95 70.12
CA PHE L 76 2.29 -41.23 69.61
C PHE L 76 1.07 -42.02 69.12
N ILE L 77 1.26 -42.83 68.10
CA ILE L 77 0.17 -43.61 67.50
C ILE L 77 0.30 -45.05 67.95
N LEU L 78 -0.79 -45.60 68.47
CA LEU L 78 -0.87 -46.99 68.89
C LEU L 78 -1.71 -47.76 67.89
N ARG L 79 -1.12 -48.79 67.28
CA ARG L 79 -1.81 -49.65 66.33
C ARG L 79 -2.07 -51.00 66.96
N ASN L 80 -3.24 -51.56 66.66
CA ASN L 80 -3.62 -52.87 67.18
C ASN L 80 -4.70 -53.41 66.28
N VAL L 81 -5.01 -54.69 66.44
CA VAL L 81 -6.06 -55.36 65.70
C VAL L 81 -6.99 -55.99 66.72
N ILE L 82 -8.26 -55.61 66.69
CA ILE L 82 -9.27 -56.08 67.62
C ILE L 82 -10.36 -56.75 66.80
N GLU L 83 -10.62 -58.02 67.08
CA GLU L 83 -11.68 -58.76 66.39
C GLU L 83 -11.47 -58.70 64.87
N GLY L 84 -10.21 -58.70 64.46
CA GLY L 84 -9.86 -58.68 63.05
C GLY L 84 -9.93 -57.33 62.39
N GLN L 85 -10.26 -56.27 63.13
CA GLN L 85 -10.31 -54.91 62.61
C GLN L 85 -9.08 -54.16 63.08
N GLY L 86 -8.34 -53.57 62.15
CA GLY L 86 -7.10 -52.89 62.49
C GLY L 86 -7.34 -51.43 62.82
N VAL L 87 -7.20 -51.08 64.10
CA VAL L 87 -7.46 -49.73 64.58
C VAL L 87 -6.14 -49.08 64.97
N GLU L 88 -6.09 -47.76 64.89
CA GLU L 88 -5.03 -46.94 65.44
C GLU L 88 -5.65 -45.83 66.27
N ILE L 89 -4.90 -45.34 67.24
CA ILE L 89 -5.32 -44.18 68.03
C ILE L 89 -4.10 -43.29 68.21
N CYS L 90 -4.30 -41.98 68.09
CA CYS L 90 -3.22 -41.01 68.26
C CYS L 90 -3.39 -40.36 69.62
N PHE L 91 -2.49 -40.68 70.54
CA PHE L 91 -2.58 -40.21 71.91
C PHE L 91 -1.59 -39.09 72.15
N GLU L 92 -2.07 -38.02 72.80
CA GLU L 92 -1.22 -36.91 73.22
C GLU L 92 -0.73 -37.17 74.63
N LEU L 93 0.58 -37.12 74.82
CA LEU L 93 1.17 -37.46 76.11
C LEU L 93 0.64 -36.54 77.21
N TYR L 94 0.91 -35.26 77.09
CA TYR L 94 0.62 -34.32 78.16
C TYR L 94 -0.85 -33.94 78.24
N ASN L 95 -1.73 -34.66 77.57
CA ASN L 95 -3.14 -34.37 77.70
C ASN L 95 -3.59 -34.68 79.11
N PRO L 96 -4.45 -33.88 79.72
CA PRO L 96 -4.84 -34.15 81.11
C PRO L 96 -5.87 -35.27 81.24
N ARG L 97 -6.08 -36.06 80.19
CA ARG L 97 -6.99 -37.18 80.27
C ARG L 97 -6.31 -38.53 80.38
N VAL L 98 -5.06 -38.65 79.93
CA VAL L 98 -4.38 -39.94 80.02
C VAL L 98 -3.99 -40.18 81.47
N GLN L 99 -4.60 -41.19 82.08
CA GLN L 99 -4.31 -41.50 83.47
C GLN L 99 -2.94 -42.11 83.65
N GLU L 100 -2.56 -43.09 82.82
CA GLU L 100 -1.25 -43.70 82.99
C GLU L 100 -0.84 -44.40 81.71
N ILE L 101 0.46 -44.69 81.61
CA ILE L 101 1.04 -45.30 80.43
C ILE L 101 2.01 -46.40 80.84
N GLN L 102 1.57 -47.65 80.72
CA GLN L 102 2.40 -48.80 81.04
C GLN L 102 3.21 -49.21 79.82
N VAL L 103 4.53 -49.24 79.98
CA VAL L 103 5.39 -49.81 78.95
C VAL L 103 5.32 -51.32 79.12
N VAL L 104 4.44 -51.98 78.38
CA VAL L 104 4.19 -53.39 78.61
C VAL L 104 5.28 -54.25 78.01
N LYS L 105 6.02 -53.74 77.02
CA LYS L 105 7.15 -54.50 76.47
C LYS L 105 8.05 -53.49 75.75
N LEU L 106 9.12 -53.09 76.39
CA LEU L 106 10.00 -52.07 75.84
C LEU L 106 10.91 -52.70 74.79
N GLU L 107 10.72 -52.33 73.53
CA GLU L 107 11.51 -52.85 72.44
C GLU L 107 11.95 -51.70 71.56
N LYS L 108 12.59 -52.03 70.44
CA LYS L 108 13.10 -51.04 69.51
C LYS L 108 13.45 -51.75 68.22
N ARG L 109 12.88 -51.32 67.10
CA ARG L 109 12.99 -52.05 65.84
C ARG L 109 13.95 -51.35 64.90
N LEU L 110 14.14 -51.95 63.73
CA LEU L 110 15.18 -51.48 62.83
C LEU L 110 14.87 -50.09 62.28
N ASP L 111 13.59 -49.77 62.08
CA ASP L 111 13.18 -48.50 61.52
C ASP L 111 12.47 -47.67 62.58
N ASP L 112 12.71 -46.36 62.55
CA ASP L 112 12.15 -45.45 63.54
C ASP L 112 10.72 -45.05 63.24
N SER L 113 10.05 -45.67 62.27
CA SER L 113 8.67 -45.33 61.97
C SER L 113 7.97 -46.57 61.46
N LEU L 114 7.22 -47.23 62.32
CA LEU L 114 6.54 -48.49 61.96
C LEU L 114 5.19 -48.23 61.32
N LEU L 115 5.18 -47.44 60.25
CA LEU L 115 3.94 -47.19 59.52
C LEU L 115 3.58 -48.34 58.59
N TYR L 116 4.57 -49.02 58.02
CA TYR L 116 4.27 -50.07 57.05
C TYR L 116 3.46 -51.20 57.63
N LEU L 117 3.37 -51.32 58.95
CA LEU L 117 2.50 -52.33 59.53
C LEU L 117 1.08 -52.22 59.01
N ARG L 118 0.69 -51.08 58.44
CA ARG L 118 -0.63 -51.00 57.82
C ARG L 118 -0.72 -51.88 56.59
N ASP L 119 0.42 -52.35 56.08
CA ASP L 119 0.46 -53.22 54.92
C ASP L 119 0.89 -54.64 55.25
N ALA L 120 1.68 -54.84 56.29
CA ALA L 120 2.11 -56.18 56.68
C ALA L 120 0.91 -57.03 57.04
N LEU L 121 1.12 -58.33 57.08
CA LEU L 121 0.00 -59.24 57.27
C LEU L 121 -0.64 -58.96 58.62
N PRO L 122 -1.94 -59.26 58.78
CA PRO L 122 -2.63 -58.82 60.00
C PRO L 122 -2.00 -59.33 61.28
N GLU L 123 -1.30 -60.46 61.24
CA GLU L 123 -0.74 -61.04 62.44
C GLU L 123 0.56 -60.37 62.89
N TYR L 124 1.20 -59.54 62.06
CA TYR L 124 2.36 -58.79 62.49
C TYR L 124 1.99 -57.55 63.28
N SER L 125 0.70 -57.26 63.42
CA SER L 125 0.23 -56.14 64.19
C SER L 125 -0.78 -56.54 65.25
N THR L 126 -1.11 -57.82 65.37
CA THR L 126 -2.08 -58.26 66.36
C THR L 126 -1.38 -58.50 67.68
N PHE L 127 -2.03 -58.11 68.77
CA PHE L 127 -1.51 -58.32 70.10
C PHE L 127 -2.69 -58.61 71.01
N ASP L 128 -2.44 -59.32 72.10
CA ASP L 128 -3.51 -59.63 73.03
C ASP L 128 -3.71 -58.46 73.98
N VAL L 129 -4.97 -58.05 74.15
CA VAL L 129 -5.26 -56.87 74.96
C VAL L 129 -4.87 -57.11 76.41
N ASN L 130 -5.14 -58.31 76.91
CA ASN L 130 -4.91 -58.64 78.32
C ASN L 130 -3.61 -59.42 78.47
N MET L 131 -2.50 -58.76 78.14
CA MET L 131 -1.18 -59.38 78.18
C MET L 131 -0.29 -58.65 79.16
N LYS L 132 0.45 -59.43 79.97
CA LYS L 132 1.19 -58.94 81.12
C LYS L 132 2.54 -58.36 80.70
N PRO L 133 3.12 -57.50 81.52
CA PRO L 133 4.41 -56.90 81.16
C PRO L 133 5.54 -57.91 81.08
N VAL L 134 6.74 -57.42 80.78
CA VAL L 134 7.95 -58.23 80.83
C VAL L 134 9.06 -57.37 81.42
N VAL L 135 9.75 -57.92 82.39
CA VAL L 135 10.78 -57.20 83.13
C VAL L 135 11.97 -56.97 82.22
N GLN L 136 12.89 -56.10 82.66
CA GLN L 136 14.13 -55.84 81.95
C GLN L 136 15.20 -55.39 82.93
N GLU L 137 16.43 -55.77 82.65
CA GLU L 137 17.55 -55.40 83.51
C GLU L 137 17.78 -53.88 83.43
N PRO L 138 17.98 -53.19 84.58
CA PRO L 138 18.20 -51.74 84.53
C PRO L 138 19.36 -51.33 83.64
N ASN L 139 20.57 -51.82 83.92
CA ASN L 139 21.75 -51.43 83.15
C ASN L 139 21.91 -52.28 81.90
N GLN L 140 20.84 -52.32 81.09
CA GLN L 140 20.82 -53.08 79.85
C GLN L 140 20.40 -52.18 78.71
N LYS L 141 21.09 -52.30 77.59
CA LYS L 141 20.71 -51.54 76.41
C LYS L 141 19.30 -51.95 75.98
N VAL L 142 18.58 -51.01 75.40
CA VAL L 142 17.24 -51.28 74.92
C VAL L 142 17.35 -52.35 73.84
N PRO L 143 16.65 -53.48 73.95
CA PRO L 143 16.81 -54.52 72.94
C PRO L 143 16.45 -54.03 71.55
N VAL L 144 17.19 -54.50 70.56
CA VAL L 144 16.96 -54.15 69.16
C VAL L 144 16.35 -55.37 68.47
N ASN L 145 15.03 -55.43 68.43
CA ASN L 145 14.34 -56.51 67.74
C ASN L 145 14.68 -56.41 66.25
N GLU L 146 14.69 -57.57 65.57
CA GLU L 146 15.18 -57.67 64.20
C GLU L 146 14.11 -58.14 63.23
N LEU L 147 12.84 -58.11 63.63
CA LEU L 147 11.79 -58.83 62.91
C LEU L 147 11.49 -58.15 61.58
N LYS L 148 12.11 -58.66 60.51
CA LYS L 148 11.65 -58.35 59.17
C LYS L 148 10.24 -58.89 59.00
N VAL L 149 9.47 -58.28 58.10
CA VAL L 149 8.05 -58.60 57.99
C VAL L 149 7.69 -58.89 56.55
N LYS L 150 6.53 -59.55 56.39
CA LYS L 150 6.01 -59.97 55.10
C LYS L 150 4.74 -59.18 54.79
N MET L 151 4.62 -58.72 53.55
CA MET L 151 3.68 -57.68 53.19
C MET L 151 2.44 -58.24 52.50
N LYS L 152 1.34 -57.51 52.63
CA LYS L 152 0.20 -57.76 51.77
C LYS L 152 0.60 -57.48 50.33
N PRO L 153 0.03 -58.17 49.36
CA PRO L 153 0.71 -58.30 48.07
C PRO L 153 0.91 -57.03 47.24
N LYS L 154 -0.14 -56.50 46.62
CA LYS L 154 0.10 -55.55 45.53
C LYS L 154 0.16 -54.08 45.93
N PRO L 155 -0.93 -53.51 46.48
CA PRO L 155 -1.06 -52.04 46.62
C PRO L 155 -0.64 -51.45 47.96
N TRP L 156 0.67 -51.34 48.17
CA TRP L 156 1.16 -50.76 49.41
C TRP L 156 0.69 -49.32 49.53
N SER L 157 0.34 -48.92 50.75
CA SER L 157 -0.33 -47.64 50.94
C SER L 157 0.61 -46.47 50.62
N LYS L 158 1.91 -46.64 50.79
CA LYS L 158 2.84 -45.52 50.63
C LYS L 158 4.12 -45.91 49.91
N ARG L 159 4.11 -47.02 49.16
CA ARG L 159 5.19 -47.32 48.21
C ARG L 159 6.54 -47.38 48.91
N TRP L 160 6.69 -48.37 49.78
CA TRP L 160 7.77 -48.37 50.77
C TRP L 160 9.13 -48.68 50.20
N GLU L 161 9.24 -49.26 49.01
CA GLU L 161 10.56 -49.69 48.58
C GLU L 161 11.47 -48.55 48.15
N ARG L 162 10.99 -47.31 48.13
CA ARG L 162 11.82 -46.22 47.66
C ARG L 162 13.00 -46.01 48.61
N PRO L 163 14.13 -45.53 48.10
CA PRO L 163 15.25 -45.24 49.00
C PRO L 163 14.94 -44.17 50.04
N ASN L 164 14.09 -43.19 49.70
CA ASN L 164 13.95 -42.04 50.58
C ASN L 164 13.30 -42.42 51.91
N PHE L 165 12.56 -43.52 51.95
CA PHE L 165 12.08 -44.01 53.23
C PHE L 165 13.17 -44.73 54.00
N ASN L 166 14.06 -45.43 53.31
CA ASN L 166 15.19 -46.11 53.93
C ASN L 166 14.73 -47.20 54.89
N ILE L 167 13.52 -47.73 54.68
CA ILE L 167 12.98 -48.78 55.53
C ILE L 167 13.87 -50.01 55.41
N LYS L 168 14.17 -50.64 56.55
CA LYS L 168 15.00 -51.83 56.62
C LYS L 168 14.31 -52.98 57.36
N GLY L 169 12.98 -52.95 57.44
CA GLY L 169 12.26 -53.94 58.20
C GLY L 169 11.25 -54.72 57.39
N ILE L 170 11.41 -54.71 56.07
CA ILE L 170 10.48 -55.35 55.16
C ILE L 170 11.26 -56.37 54.34
N ARG L 171 10.62 -57.50 54.06
CA ARG L 171 11.22 -58.54 53.22
C ARG L 171 10.92 -58.21 51.75
N PHE L 172 11.82 -57.44 51.14
CA PHE L 172 11.62 -57.05 49.75
C PHE L 172 11.92 -58.19 48.79
N ASP L 173 12.89 -59.05 49.12
CA ASP L 173 13.28 -60.09 48.18
C ASP L 173 12.13 -61.04 47.85
N LEU L 174 11.10 -61.08 48.69
CA LEU L 174 9.97 -61.98 48.48
C LEU L 174 8.89 -61.36 47.59
N CYS L 175 8.34 -60.22 48.02
CA CYS L 175 7.14 -59.70 47.36
C CYS L 175 7.47 -58.92 46.09
N LEU L 176 8.69 -58.41 45.96
CA LEU L 176 9.09 -57.62 44.81
C LEU L 176 10.10 -58.40 43.98
N THR L 177 9.83 -58.53 42.68
CA THR L 177 10.73 -59.22 41.79
C THR L 177 12.04 -58.43 41.67
N GLU L 178 13.10 -59.13 41.28
CA GLU L 178 14.41 -58.51 41.22
C GLU L 178 14.41 -57.28 40.33
N GLN L 179 13.60 -57.29 39.28
CA GLN L 179 13.58 -56.15 38.37
C GLN L 179 13.04 -54.91 39.04
N GLN L 180 11.99 -55.05 39.85
CA GLN L 180 11.38 -53.90 40.50
C GLN L 180 12.31 -53.19 41.48
N MET L 181 13.39 -53.83 41.90
CA MET L 181 14.38 -53.21 42.78
C MET L 181 15.47 -52.48 41.99
N LYS L 182 15.34 -52.42 40.66
CA LYS L 182 16.23 -51.62 39.83
C LYS L 182 15.58 -50.33 39.36
N GLU L 183 14.27 -50.35 39.12
CA GLU L 183 13.56 -49.10 38.86
C GLU L 183 13.32 -48.33 40.14
N ALA L 184 13.12 -49.03 41.25
CA ALA L 184 12.95 -48.39 42.55
C ALA L 184 14.26 -48.06 43.23
N GLN L 185 15.37 -48.01 42.48
CA GLN L 185 16.65 -47.58 43.02
C GLN L 185 17.33 -46.55 42.12
N LYS L 186 16.62 -45.99 41.15
CA LYS L 186 17.10 -44.84 40.41
C LYS L 186 16.81 -43.54 41.14
N TRP L 187 16.26 -43.62 42.34
CA TRP L 187 15.88 -42.48 43.15
C TRP L 187 16.76 -42.41 44.39
N ASN L 188 18.00 -42.88 44.24
CA ASN L 188 18.83 -43.18 45.40
C ASN L 188 19.30 -41.93 46.10
N GLN L 189 19.71 -40.92 45.33
CA GLN L 189 20.27 -39.72 45.92
C GLN L 189 21.49 -40.06 46.77
N PRO L 190 22.60 -40.46 46.14
CA PRO L 190 23.81 -40.74 46.92
C PRO L 190 24.42 -39.50 47.56
N TRP L 191 23.93 -38.31 47.25
CA TRP L 191 24.48 -37.07 47.80
C TRP L 191 23.78 -36.62 49.07
N LEU L 192 22.73 -37.30 49.51
CA LEU L 192 21.91 -36.78 50.60
C LEU L 192 22.50 -37.14 51.96
N GLU L 193 23.27 -38.22 52.04
CA GLU L 193 23.89 -38.58 53.31
C GLU L 193 25.15 -37.77 53.57
N PHE L 194 25.78 -37.21 52.53
CA PHE L 194 27.02 -36.48 52.67
C PHE L 194 26.84 -34.97 52.60
N ASP L 195 25.62 -34.48 52.75
CA ASP L 195 25.35 -33.04 52.75
C ASP L 195 25.62 -32.52 54.15
N MET L 196 26.80 -31.94 54.35
CA MET L 196 27.22 -31.54 55.68
C MET L 196 26.32 -30.47 56.27
N MET L 197 25.58 -29.72 55.45
CA MET L 197 24.85 -28.58 55.93
C MET L 197 23.40 -28.87 56.26
N ARG L 198 22.94 -30.10 56.09
CA ARG L 198 21.59 -30.48 56.50
C ARG L 198 21.57 -31.16 57.86
N GLU L 199 22.71 -31.26 58.54
CA GLU L 199 22.82 -32.02 59.78
C GLU L 199 22.50 -31.11 60.95
N TYR L 200 21.42 -31.40 61.66
CA TYR L 200 21.03 -30.63 62.83
C TYR L 200 21.82 -31.14 64.03
N ASP L 201 22.90 -30.44 64.36
CA ASP L 201 23.74 -30.80 65.50
C ASP L 201 23.07 -30.34 66.78
N THR L 202 22.53 -31.28 67.55
CA THR L 202 21.74 -30.97 68.74
C THR L 202 22.40 -31.47 70.01
N SER L 203 23.74 -31.40 70.10
CA SER L 203 24.41 -31.73 71.34
C SER L 203 24.33 -30.57 72.34
N LYS L 204 24.75 -29.38 71.92
CA LYS L 204 24.70 -28.22 72.78
C LYS L 204 23.29 -27.83 73.18
N ILE L 205 22.27 -28.35 72.50
CA ILE L 205 20.89 -28.08 72.89
C ILE L 205 20.39 -29.11 73.89
N GLU L 206 20.65 -30.39 73.65
CA GLU L 206 20.23 -31.41 74.59
C GLU L 206 20.97 -31.28 75.91
N ALA L 207 22.20 -30.75 75.89
CA ALA L 207 22.91 -30.52 77.14
C ALA L 207 22.17 -29.52 78.02
N ALA L 208 21.84 -28.36 77.46
CA ALA L 208 21.13 -27.36 78.22
C ALA L 208 19.74 -27.86 78.62
N ILE L 209 19.12 -28.66 77.76
CA ILE L 209 17.83 -29.25 78.11
C ILE L 209 17.98 -30.14 79.33
N TRP L 210 19.08 -30.88 79.41
CA TRP L 210 19.28 -31.73 80.59
C TRP L 210 19.53 -30.88 81.83
N LYS L 211 20.31 -29.82 81.70
CA LYS L 211 20.49 -28.91 82.83
C LYS L 211 19.14 -28.46 83.36
N GLU L 212 18.26 -28.04 82.44
CA GLU L 212 16.94 -27.58 82.84
C GLU L 212 16.12 -28.69 83.49
N ILE L 213 16.11 -29.88 82.89
CA ILE L 213 15.27 -30.95 83.38
C ILE L 213 15.70 -31.37 84.77
N GLU L 214 17.00 -31.54 84.98
CA GLU L 214 17.47 -31.94 86.30
C GLU L 214 17.27 -30.83 87.32
N ALA L 215 17.51 -29.57 86.93
CA ALA L 215 17.30 -28.47 87.86
C ALA L 215 15.84 -28.36 88.27
N SER L 216 14.92 -28.86 87.44
CA SER L 216 13.50 -28.84 87.77
C SER L 216 13.14 -30.01 88.70
N LYS L 217 13.89 -30.11 89.80
CA LYS L 217 13.65 -31.17 90.79
C LYS L 217 14.02 -30.69 92.19
N LEU M 1 14.69 10.82 -18.50
CA LEU M 1 13.98 11.87 -17.81
C LEU M 1 14.13 13.20 -18.55
N ARG M 2 13.02 13.68 -19.12
CA ARG M 2 13.06 14.90 -19.91
C ARG M 2 12.76 16.12 -19.04
N ASN M 3 11.67 16.08 -18.29
CA ASN M 3 11.32 17.18 -17.40
C ASN M 3 11.10 16.62 -16.01
N ARG M 4 11.81 17.18 -15.04
CA ARG M 4 11.66 16.83 -13.64
C ARG M 4 11.52 18.11 -12.84
N VAL M 5 10.56 18.13 -11.93
CA VAL M 5 10.37 19.31 -11.10
C VAL M 5 11.65 19.58 -10.34
N THR M 6 12.26 20.74 -10.59
CA THR M 6 13.52 21.11 -9.98
C THR M 6 13.35 21.95 -8.72
N ASP M 7 12.13 22.28 -8.35
CA ASP M 7 11.88 23.19 -7.24
C ASP M 7 10.74 22.69 -6.37
N ARG M 8 10.71 21.39 -6.08
CA ARG M 8 9.70 20.90 -5.17
C ARG M 8 9.96 21.38 -3.76
N TYR M 9 11.21 21.73 -3.47
CA TYR M 9 11.59 22.19 -2.13
C TYR M 9 10.78 23.41 -1.71
N PHE M 10 10.65 24.39 -2.61
CA PHE M 10 9.97 25.63 -2.26
C PHE M 10 8.47 25.40 -2.11
N ARG M 11 7.90 24.49 -2.91
CA ARG M 11 6.48 24.20 -2.75
C ARG M 11 6.21 23.49 -1.45
N ILE M 12 7.18 22.71 -0.95
CA ILE M 12 7.02 22.10 0.36
C ILE M 12 7.14 23.16 1.46
N GLN M 13 8.16 24.02 1.37
CA GLN M 13 8.38 25.00 2.42
C GLN M 13 7.27 26.03 2.48
N GLU M 14 6.54 26.23 1.38
CA GLU M 14 5.40 27.13 1.42
C GLU M 14 4.34 26.62 2.39
N VAL M 15 4.31 25.31 2.62
CA VAL M 15 3.29 24.76 3.50
C VAL M 15 3.86 24.45 4.87
N LEU M 16 5.14 24.08 4.94
CA LEU M 16 5.74 23.82 6.24
C LEU M 16 5.92 25.09 7.04
N LYS M 17 6.21 26.21 6.37
CA LYS M 17 6.43 27.45 7.10
C LYS M 17 5.24 27.81 7.96
N HIS M 18 4.05 27.37 7.57
CA HIS M 18 2.85 27.62 8.35
C HIS M 18 2.62 26.57 9.42
N ALA M 19 3.55 25.64 9.61
CA ALA M 19 3.37 24.54 10.55
C ALA M 19 4.51 24.44 11.55
N ARG M 20 5.52 25.30 11.47
CA ARG M 20 6.64 25.20 12.39
C ARG M 20 6.16 25.24 13.84
N HIS M 21 5.05 25.89 14.11
CA HIS M 21 4.57 26.05 15.47
C HIS M 21 3.61 24.96 15.89
N PHE M 22 3.40 23.95 15.05
CA PHE M 22 2.57 22.82 15.44
C PHE M 22 3.35 21.87 16.34
N ARG M 23 2.64 20.89 16.87
CA ARG M 23 3.20 19.90 17.77
C ARG M 23 3.11 18.51 17.15
N GLY M 24 4.22 17.79 17.17
CA GLY M 24 4.24 16.41 16.75
C GLY M 24 5.08 16.18 15.52
N ARG M 25 4.81 15.07 14.85
CA ARG M 25 5.38 14.83 13.54
C ARG M 25 4.73 15.69 12.47
N LYS M 26 3.58 16.27 12.77
CA LYS M 26 2.85 17.05 11.79
C LYS M 26 3.32 18.49 11.73
N ASN M 27 4.56 18.75 12.10
CA ASN M 27 5.21 20.02 11.86
C ASN M 27 6.45 19.90 11.01
N ARG M 28 6.77 18.69 10.55
CA ARG M 28 7.90 18.48 9.66
C ARG M 28 7.61 17.45 8.57
N CYS M 29 6.52 16.70 8.66
CA CYS M 29 6.15 15.72 7.65
C CYS M 29 5.01 16.30 6.83
N TYR M 30 5.26 16.46 5.53
CA TYR M 30 4.32 17.18 4.68
C TYR M 30 2.95 16.52 4.65
N ARG M 31 2.90 15.19 4.59
CA ARG M 31 1.63 14.49 4.43
C ARG M 31 0.65 14.82 5.55
N LEU M 32 1.17 15.21 6.71
CA LEU M 32 0.31 15.53 7.84
C LEU M 32 0.22 17.04 8.04
N ALA M 33 1.32 17.72 7.76
CA ALA M 33 1.31 19.18 7.84
C ALA M 33 0.24 19.77 6.96
N VAL M 34 0.06 19.21 5.76
CA VAL M 34 -0.90 19.77 4.83
C VAL M 34 -2.30 19.70 5.41
N ARG M 35 -2.69 18.52 5.91
CA ARG M 35 -4.05 18.38 6.40
C ARG M 35 -4.28 19.29 7.59
N THR M 36 -3.33 19.37 8.52
CA THR M 36 -3.59 20.20 9.68
C THR M 36 -3.52 21.69 9.34
N VAL M 37 -2.65 22.07 8.41
CA VAL M 37 -2.59 23.47 7.98
C VAL M 37 -3.89 23.87 7.31
N ILE M 38 -4.44 22.98 6.48
CA ILE M 38 -5.70 23.29 5.83
C ILE M 38 -6.80 23.44 6.86
N ARG M 39 -6.84 22.54 7.84
CA ARG M 39 -7.84 22.71 8.89
C ARG M 39 -7.61 24.02 9.64
N ALA M 40 -6.35 24.40 9.80
CA ALA M 40 -6.04 25.63 10.50
C ALA M 40 -6.59 26.83 9.76
N PHE M 41 -6.37 26.89 8.45
CA PHE M 41 -6.84 28.02 7.67
C PHE M 41 -8.36 28.02 7.54
N VAL M 42 -8.99 26.86 7.49
CA VAL M 42 -10.44 26.83 7.45
C VAL M 42 -11.01 27.38 8.74
N LYS M 43 -10.44 26.98 9.88
CA LYS M 43 -10.88 27.56 11.15
C LYS M 43 -10.57 29.05 11.21
N CYS M 44 -9.42 29.45 10.67
CA CYS M 44 -9.07 30.87 10.65
C CYS M 44 -10.12 31.68 9.92
N THR M 45 -10.56 31.20 8.76
CA THR M 45 -11.64 31.86 8.03
C THR M 45 -12.93 31.85 8.81
N LYS M 46 -13.35 30.67 9.25
CA LYS M 46 -14.65 30.52 9.87
C LYS M 46 -14.74 31.16 11.23
N ALA M 47 -13.62 31.59 11.79
CA ALA M 47 -13.60 32.09 13.16
C ALA M 47 -13.92 33.57 13.28
N ARG M 48 -13.93 34.32 12.18
CA ARG M 48 -14.23 35.73 12.28
C ARG M 48 -15.68 35.96 12.69
N TYR M 49 -16.57 35.10 12.22
CA TYR M 49 -17.96 35.20 12.61
C TYR M 49 -18.10 35.02 14.11
N LEU M 50 -17.38 34.03 14.65
CA LEU M 50 -17.40 33.83 16.09
C LEU M 50 -16.72 34.96 16.83
N LYS M 51 -15.72 35.58 16.22
CA LYS M 51 -15.07 36.71 16.88
C LYS M 51 -16.10 37.80 17.14
N LYS M 52 -16.87 38.14 16.11
CA LYS M 52 -17.89 39.16 16.29
C LYS M 52 -18.92 38.71 17.33
N LYS M 53 -19.39 37.48 17.24
CA LYS M 53 -20.40 37.01 18.17
C LYS M 53 -19.88 37.05 19.61
N ASN M 54 -18.62 36.66 19.81
CA ASN M 54 -18.08 36.57 21.16
C ASN M 54 -17.82 37.94 21.74
N MET M 55 -17.24 38.86 20.97
CA MET M 55 -17.07 40.19 21.52
C MET M 55 -18.41 40.80 21.87
N ARG M 56 -19.44 40.55 21.07
CA ARG M 56 -20.74 41.12 21.42
C ARG M 56 -21.27 40.50 22.70
N THR M 57 -21.08 39.20 22.89
CA THR M 57 -21.59 38.61 24.12
C THR M 57 -20.78 39.06 25.34
N LEU M 58 -19.48 39.27 25.17
CA LEU M 58 -18.69 39.85 26.25
C LEU M 58 -19.18 41.24 26.61
N TRP M 59 -19.48 42.05 25.62
CA TRP M 59 -20.00 43.39 25.90
C TRP M 59 -21.33 43.31 26.60
N ILE M 60 -22.19 42.39 26.18
CA ILE M 60 -23.47 42.28 26.85
C ILE M 60 -23.28 41.87 28.30
N ASN M 61 -22.30 41.00 28.56
CA ASN M 61 -22.04 40.59 29.93
C ASN M 61 -21.52 41.74 30.77
N ARG M 62 -20.53 42.46 30.26
CA ARG M 62 -19.99 43.59 31.01
C ARG M 62 -21.06 44.64 31.27
N ILE M 63 -21.89 44.93 30.28
CA ILE M 63 -22.95 45.90 30.47
C ILE M 63 -23.96 45.40 31.48
N THR M 64 -24.23 44.09 31.49
CA THR M 64 -25.16 43.57 32.49
C THR M 64 -24.58 43.72 33.88
N ALA M 65 -23.28 43.48 34.03
CA ALA M 65 -22.64 43.66 35.32
C ALA M 65 -22.72 45.11 35.78
N ALA M 66 -22.31 46.03 34.92
CA ALA M 66 -22.33 47.44 35.28
C ALA M 66 -23.74 47.89 35.61
N SER M 67 -24.72 47.51 34.79
CA SER M 67 -26.08 47.97 35.02
C SER M 67 -26.66 47.35 36.27
N GLN M 68 -26.23 46.14 36.63
CA GLN M 68 -26.69 45.56 37.88
C GLN M 68 -26.03 46.23 39.07
N GLU M 69 -24.85 46.80 38.88
CA GLU M 69 -24.24 47.60 39.94
C GLU M 69 -25.13 48.76 40.33
N HIS M 70 -26.01 49.23 39.43
CA HIS M 70 -26.92 50.33 39.70
C HIS M 70 -28.38 49.90 39.73
N GLY M 71 -28.67 48.70 40.21
CA GLY M 71 -30.03 48.30 40.45
C GLY M 71 -30.91 48.36 39.22
N LEU M 72 -30.39 47.92 38.08
CA LEU M 72 -31.10 48.03 36.82
C LEU M 72 -30.61 46.95 35.87
N LYS M 73 -31.52 46.04 35.50
CA LYS M 73 -31.18 44.93 34.63
C LYS M 73 -30.78 45.42 33.26
N TYR M 74 -30.33 44.49 32.43
CA TYR M 74 -29.87 44.86 31.09
C TYR M 74 -31.01 45.05 30.11
N PRO M 75 -32.07 44.25 30.12
CA PRO M 75 -33.24 44.61 29.31
C PRO M 75 -33.67 46.05 29.48
N ALA M 76 -33.75 46.53 30.72
CA ALA M 76 -34.18 47.90 30.95
C ALA M 76 -33.22 48.89 30.31
N LEU M 77 -31.92 48.72 30.51
CA LEU M 77 -30.98 49.74 30.07
C LEU M 77 -31.07 49.95 28.57
N ILE M 78 -30.96 48.88 27.78
CA ILE M 78 -30.98 49.03 26.34
C ILE M 78 -32.38 49.33 25.84
N GLY M 79 -33.37 48.61 26.34
CA GLY M 79 -34.72 48.83 25.88
C GLY M 79 -35.32 50.13 26.33
N ASN M 80 -34.61 50.93 27.12
CA ASN M 80 -35.07 52.25 27.48
C ASN M 80 -34.05 53.35 27.30
N LEU M 81 -32.86 53.05 26.79
CA LEU M 81 -32.01 54.10 26.25
C LEU M 81 -32.45 54.48 24.85
N VAL M 82 -32.83 53.49 24.05
CA VAL M 82 -33.31 53.78 22.70
C VAL M 82 -34.60 54.58 22.75
N LYS M 83 -35.46 54.31 23.73
CA LYS M 83 -36.64 55.12 23.88
C LYS M 83 -36.31 56.56 24.24
N CYS M 84 -35.07 56.84 24.62
CA CYS M 84 -34.57 58.20 24.75
C CYS M 84 -33.73 58.62 23.55
N GLN M 85 -33.75 57.84 22.49
CA GLN M 85 -33.10 58.22 21.25
C GLN M 85 -31.61 58.49 21.46
N VAL M 86 -30.94 57.60 22.17
CA VAL M 86 -29.48 57.58 22.28
C VAL M 86 -29.00 56.32 21.58
N GLU M 87 -28.27 56.50 20.49
CA GLU M 87 -27.85 55.37 19.66
C GLU M 87 -26.47 54.86 20.04
N LEU M 88 -26.07 55.02 21.29
CA LEU M 88 -24.83 54.42 21.76
C LEU M 88 -24.92 52.92 21.56
N ASN M 89 -23.88 52.34 20.97
CA ASN M 89 -23.85 50.90 20.76
C ASN M 89 -23.30 50.22 22.01
N ARG M 90 -23.00 48.93 21.88
CA ARG M 90 -22.66 48.13 23.05
C ARG M 90 -21.15 48.15 23.33
N LYS M 91 -20.33 48.24 22.29
CA LYS M 91 -18.90 48.39 22.52
C LYS M 91 -18.61 49.61 23.38
N VAL M 92 -19.21 50.74 23.03
CA VAL M 92 -18.91 51.97 23.74
C VAL M 92 -19.62 51.99 25.09
N LEU M 93 -20.75 51.31 25.21
CA LEU M 93 -21.36 51.19 26.53
C LEU M 93 -20.45 50.41 27.48
N ALA M 94 -19.86 49.32 27.01
CA ALA M 94 -18.92 48.58 27.85
C ALA M 94 -17.70 49.42 28.20
N ASP M 95 -17.16 50.14 27.21
CA ASP M 95 -16.01 50.98 27.49
C ASP M 95 -16.35 52.06 28.52
N LEU M 96 -17.54 52.65 28.42
CA LEU M 96 -17.94 53.63 29.41
C LEU M 96 -18.06 52.99 30.79
N ALA M 97 -18.65 51.80 30.86
CA ALA M 97 -18.83 51.14 32.16
C ALA M 97 -17.49 50.88 32.83
N ILE M 98 -16.48 50.48 32.07
CA ILE M 98 -15.18 50.19 32.67
C ILE M 98 -14.42 51.46 32.97
N TYR M 99 -14.32 52.37 32.00
CA TYR M 99 -13.36 53.46 32.06
C TYR M 99 -13.94 54.82 32.43
N GLU M 100 -15.25 54.94 32.55
CA GLU M 100 -15.89 56.20 32.90
C GLU M 100 -17.11 55.88 33.76
N PRO M 101 -16.89 55.51 35.03
CA PRO M 101 -18.01 55.03 35.84
C PRO M 101 -19.13 56.02 36.02
N LYS M 102 -18.82 57.31 36.16
CA LYS M 102 -19.88 58.26 36.48
C LYS M 102 -20.73 58.58 35.27
N THR M 103 -20.12 58.60 34.08
CA THR M 103 -20.92 58.73 32.87
C THR M 103 -21.89 57.57 32.73
N PHE M 104 -21.44 56.36 33.00
CA PHE M 104 -22.34 55.22 32.98
C PHE M 104 -23.40 55.33 34.07
N LYS M 105 -23.04 55.88 35.22
CA LYS M 105 -24.02 56.12 36.26
C LYS M 105 -25.12 57.03 35.76
N SER M 106 -24.73 58.08 35.04
CA SER M 106 -25.73 58.98 34.47
C SER M 106 -26.60 58.27 33.45
N LEU M 107 -26.00 57.47 32.59
CA LEU M 107 -26.80 56.76 31.58
C LEU M 107 -27.79 55.82 32.25
N ALA M 108 -27.37 55.13 33.31
CA ALA M 108 -28.28 54.27 34.03
C ALA M 108 -29.40 55.07 34.67
N ALA M 109 -29.07 56.24 35.21
CA ALA M 109 -30.10 57.10 35.77
C ALA M 109 -31.11 57.50 34.70
N LEU M 110 -30.61 57.85 33.52
CA LEU M 110 -31.49 58.22 32.42
C LEU M 110 -32.41 57.07 32.04
N ALA M 111 -31.86 55.86 31.96
CA ALA M 111 -32.67 54.70 31.64
C ALA M 111 -33.75 54.47 32.67
N SER M 112 -33.40 54.56 33.95
CA SER M 112 -34.40 54.37 34.99
C SER M 112 -35.46 55.47 34.94
N ARG M 113 -35.05 56.69 34.63
CA ARG M 113 -35.99 57.79 34.48
C ARG M 113 -37.00 57.47 33.39
N ARG M 114 -36.52 57.07 32.22
CA ARG M 114 -37.42 56.79 31.11
C ARG M 114 -38.32 55.60 31.43
N ARG M 115 -37.78 54.59 32.12
CA ARG M 115 -38.60 53.45 32.51
C ARG M 115 -39.74 53.89 33.41
N HIS M 116 -39.44 54.75 34.39
CA HIS M 116 -40.48 55.25 35.28
C HIS M 116 -41.50 56.07 34.51
N GLU M 117 -41.04 56.90 33.58
CA GLU M 117 -41.98 57.67 32.78
C GLU M 117 -42.92 56.77 32.03
N GLY M 118 -42.39 55.70 31.42
CA GLY M 118 -43.23 54.76 30.70
C GLY M 118 -44.26 54.11 31.60
N PHE M 119 -43.83 53.65 32.78
CA PHE M 119 -44.78 53.02 33.70
C PHE M 119 -45.86 54.00 34.10
N ALA M 120 -45.48 55.24 34.43
CA ALA M 120 -46.47 56.23 34.84
C ALA M 120 -47.45 56.52 33.72
N ALA M 121 -46.95 56.68 32.50
CA ALA M 121 -47.83 56.95 31.36
C ALA M 121 -48.81 55.80 31.15
N ALA M 122 -48.30 54.58 31.04
CA ALA M 122 -49.18 53.44 30.78
C ALA M 122 -50.17 53.24 31.92
N LEU M 123 -49.80 53.60 33.14
CA LEU M 123 -50.72 53.46 34.26
C LEU M 123 -51.89 54.43 34.19
N GLY M 124 -51.72 55.55 33.49
CA GLY M 124 -52.74 56.58 33.45
C GLY M 124 -53.86 56.25 32.49
N ASP M 125 -54.81 57.18 32.42
CA ASP M 125 -56.00 57.03 31.58
C ASP M 125 -55.94 58.06 30.46
N GLY M 126 -55.56 57.60 29.26
CA GLY M 126 -55.55 58.44 28.09
C GLY M 126 -54.16 58.89 27.67
N LYS M 127 -54.07 60.12 27.16
CA LYS M 127 -52.85 60.66 26.58
C LYS M 127 -52.44 61.92 27.33
N GLU M 128 -52.46 61.83 28.66
CA GLU M 128 -51.98 62.89 29.54
C GLU M 128 -50.58 63.32 29.10
N PRO M 129 -50.13 64.51 29.47
CA PRO M 129 -48.89 65.04 28.87
C PRO M 129 -47.74 64.07 29.01
N GLU M 130 -46.98 63.92 27.93
CA GLU M 130 -45.93 62.93 27.90
C GLU M 130 -44.82 63.29 28.89
N GLY M 131 -44.00 62.29 29.21
CA GLY M 131 -42.91 62.52 30.12
C GLY M 131 -41.87 63.46 29.56
N ILE M 132 -41.15 64.12 30.47
CA ILE M 132 -40.22 65.16 30.07
C ILE M 132 -39.09 64.59 29.23
N PHE M 133 -38.78 63.30 29.40
CA PHE M 133 -37.75 62.65 28.61
C PHE M 133 -38.33 61.78 27.50
N SER M 134 -39.62 61.49 27.54
CA SER M 134 -40.26 60.61 26.58
C SER M 134 -40.66 61.33 25.29
N ARG M 135 -40.27 62.58 25.10
CA ARG M 135 -40.66 63.30 23.90
C ARG M 135 -39.67 63.03 22.78
N VAL M 136 -40.17 62.46 21.69
CA VAL M 136 -39.32 62.12 20.55
C VAL M 136 -38.91 63.39 19.80
N VAL M 137 -37.75 63.31 19.16
CA VAL M 137 -37.24 64.36 18.28
C VAL M 137 -37.22 63.80 16.87
N GLN M 138 -37.94 64.45 15.97
CA GLN M 138 -38.09 63.98 14.60
C GLN M 138 -36.96 64.48 13.73
N TYR M 139 -36.73 63.76 12.62
CA TYR M 139 -35.69 64.15 11.68
C TYR M 139 -36.21 65.20 10.71
N GLY N 1 -60.01 50.44 44.38
CA GLY N 1 -60.68 50.59 45.65
C GLY N 1 -59.90 49.98 46.81
N TYR N 2 -60.47 50.05 48.01
CA TYR N 2 -59.81 49.53 49.19
C TYR N 2 -59.74 48.02 49.12
N VAL N 3 -58.59 47.45 49.48
CA VAL N 3 -58.41 46.01 49.61
C VAL N 3 -57.44 45.78 50.76
N PRO N 4 -57.79 44.98 51.76
CA PRO N 4 -56.91 44.85 52.93
C PRO N 4 -55.54 44.35 52.56
N LYS N 5 -54.53 44.81 53.29
CA LYS N 5 -53.15 44.52 52.96
C LYS N 5 -52.93 43.01 52.92
N THR N 6 -52.29 42.54 51.84
CA THR N 6 -51.89 41.15 51.70
C THR N 6 -50.58 41.14 50.94
N SER N 7 -50.18 39.96 50.46
CA SER N 7 -48.93 39.81 49.74
C SER N 7 -49.06 40.07 48.25
N LEU N 8 -50.29 40.23 47.74
CA LEU N 8 -50.50 40.41 46.32
C LEU N 8 -51.40 41.58 45.95
N SER N 9 -52.04 42.24 46.91
CA SER N 9 -52.87 43.40 46.56
C SER N 9 -52.05 44.42 45.80
N SER N 10 -51.06 44.98 46.45
CA SER N 10 -50.10 45.80 45.74
C SER N 10 -49.03 44.92 45.09
N PRO N 11 -48.45 45.34 43.98
CA PRO N 11 -47.34 44.59 43.41
C PRO N 11 -46.08 44.79 44.23
N PRO N 12 -45.04 43.99 43.99
CA PRO N 12 -43.83 44.10 44.81
C PRO N 12 -42.90 45.23 44.41
N TRP N 13 -43.37 46.20 43.59
CA TRP N 13 -42.52 47.33 43.23
C TRP N 13 -43.06 48.61 43.85
N PRO N 14 -42.22 49.61 44.07
CA PRO N 14 -42.68 50.83 44.71
C PRO N 14 -43.44 51.73 43.76
N GLU N 15 -44.41 52.45 44.32
CA GLU N 15 -45.18 53.42 43.55
C GLU N 15 -44.32 54.66 43.36
N VAL N 16 -43.61 54.73 42.24
CA VAL N 16 -42.74 55.84 41.93
C VAL N 16 -43.53 56.84 41.10
N VAL N 17 -43.82 57.99 41.69
CA VAL N 17 -44.58 59.06 41.04
C VAL N 17 -43.62 60.20 40.75
N LEU N 18 -43.65 60.66 39.52
CA LEU N 18 -42.64 61.61 39.05
C LEU N 18 -42.97 63.03 39.51
N PRO N 19 -41.97 63.89 39.61
CA PRO N 19 -42.22 65.26 40.04
C PRO N 19 -43.06 66.02 39.04
N ASP N 20 -43.77 67.02 39.55
CA ASP N 20 -44.66 67.82 38.70
C ASP N 20 -43.83 68.55 37.64
N PRO N 21 -44.21 68.47 36.37
CA PRO N 21 -43.34 69.01 35.31
C PRO N 21 -43.08 70.49 35.43
N VAL N 22 -44.01 71.24 36.03
CA VAL N 22 -43.85 72.70 36.10
C VAL N 22 -42.59 73.05 36.86
N GLU N 23 -42.36 72.42 38.01
CA GLU N 23 -41.14 72.65 38.77
C GLU N 23 -39.95 71.92 38.16
N GLU N 24 -40.18 70.78 37.53
CA GLU N 24 -39.09 70.01 36.96
C GLU N 24 -38.42 70.77 35.83
N THR N 25 -39.19 71.52 35.05
CA THR N 25 -38.58 72.30 33.97
C THR N 25 -37.68 73.39 34.53
N ARG N 26 -38.11 74.04 35.62
CA ARG N 26 -37.24 75.01 36.27
C ARG N 26 -35.97 74.35 36.78
N HIS N 27 -36.09 73.18 37.40
CA HIS N 27 -34.91 72.51 37.92
C HIS N 27 -33.95 72.14 36.78
N HIS N 28 -34.49 71.64 35.68
CA HIS N 28 -33.65 71.29 34.54
C HIS N 28 -32.95 72.51 33.98
N ALA N 29 -33.66 73.63 33.88
CA ALA N 29 -33.04 74.86 33.40
C ALA N 29 -31.93 75.29 34.34
N GLU N 30 -32.15 75.17 35.65
CA GLU N 30 -31.15 75.59 36.61
C GLU N 30 -29.87 74.76 36.46
N VAL N 31 -30.02 73.44 36.38
CA VAL N 31 -28.83 72.60 36.27
C VAL N 31 -28.15 72.82 34.92
N VAL N 32 -28.93 73.05 33.87
CA VAL N 32 -28.35 73.34 32.57
C VAL N 32 -27.50 74.61 32.65
N LYS N 33 -28.02 75.64 33.32
CA LYS N 33 -27.25 76.86 33.49
C LYS N 33 -25.98 76.60 34.29
N LYS N 34 -26.07 75.75 35.31
CA LYS N 34 -24.88 75.43 36.10
C LYS N 34 -23.82 74.79 35.24
N VAL N 35 -24.20 73.79 34.44
CA VAL N 35 -23.24 73.16 33.55
C VAL N 35 -22.69 74.17 32.55
N ASN N 36 -23.55 75.06 32.05
CA ASN N 36 -23.09 76.05 31.09
C ASN N 36 -22.03 76.95 31.70
N GLU N 37 -22.27 77.43 32.92
CA GLU N 37 -21.29 78.28 33.58
C GLU N 37 -20.03 77.50 33.94
N MET N 38 -20.13 76.18 34.10
CA MET N 38 -18.91 75.39 34.19
C MET N 38 -18.15 75.45 32.88
N ILE N 39 -18.85 75.36 31.76
CA ILE N 39 -18.16 75.34 30.46
C ILE N 39 -17.52 76.69 30.18
N VAL N 40 -18.19 77.79 30.53
CA VAL N 40 -17.69 79.10 30.12
C VAL N 40 -16.36 79.42 30.78
N THR N 41 -16.22 79.07 32.07
CA THR N 41 -15.06 79.45 32.85
C THR N 41 -13.88 78.51 32.68
N GLY N 42 -14.01 77.46 31.88
CA GLY N 42 -12.95 76.49 31.76
C GLY N 42 -12.86 75.56 32.95
N GLN N 43 -13.98 75.21 33.54
CA GLN N 43 -14.03 74.36 34.73
C GLN N 43 -14.13 72.88 34.33
N TYR N 44 -13.21 72.47 33.47
CA TYR N 44 -13.15 71.08 33.04
C TYR N 44 -11.73 70.75 32.66
N GLY N 45 -11.45 69.46 32.54
CA GLY N 45 -10.13 69.00 32.16
C GLY N 45 -10.13 68.31 30.82
N ARG N 46 -9.47 67.17 30.75
CA ARG N 46 -9.47 66.40 29.52
C ARG N 46 -10.88 65.96 29.19
N LEU N 47 -11.17 65.85 27.90
CA LEU N 47 -12.50 65.52 27.40
C LEU N 47 -12.46 64.23 26.61
N PHE N 48 -13.61 63.57 26.54
CA PHE N 48 -13.76 62.38 25.72
C PHE N 48 -15.08 62.46 24.97
N ALA N 49 -15.10 61.90 23.77
CA ALA N 49 -16.28 61.95 22.91
C ALA N 49 -16.52 60.59 22.29
N VAL N 50 -17.80 60.32 22.00
CA VAL N 50 -18.23 59.12 21.31
C VAL N 50 -18.51 59.52 19.87
N VAL N 51 -17.50 59.44 19.02
CA VAL N 51 -17.57 59.89 17.64
C VAL N 51 -18.05 58.74 16.78
N HIS N 52 -19.00 59.02 15.89
CA HIS N 52 -19.43 58.05 14.90
C HIS N 52 -18.70 58.28 13.60
N PHE N 53 -18.17 57.20 13.05
CA PHE N 53 -17.30 57.27 11.90
C PHE N 53 -17.56 55.99 11.11
N ALA N 54 -16.59 55.58 10.29
CA ALA N 54 -16.87 54.84 9.08
C ALA N 54 -18.15 54.04 9.18
N SER N 55 -18.26 53.15 10.15
CA SER N 55 -19.57 52.69 10.57
C SER N 55 -19.62 52.49 12.07
N ARG N 56 -18.56 52.84 12.78
CA ARG N 56 -18.34 52.42 14.16
C ARG N 56 -18.42 53.62 15.08
N GLN N 57 -18.66 53.32 16.35
CA GLN N 57 -18.73 54.32 17.40
C GLN N 57 -17.46 54.20 18.22
N TRP N 58 -16.53 55.14 18.03
CA TRP N 58 -15.26 55.16 18.74
C TRP N 58 -15.34 56.08 19.95
N LYS N 59 -14.88 55.59 21.09
CA LYS N 59 -14.77 56.40 22.29
C LYS N 59 -13.34 56.92 22.30
N VAL N 60 -13.19 58.23 22.15
CA VAL N 60 -11.90 58.83 21.85
C VAL N 60 -11.66 60.04 22.76
N THR N 61 -10.42 60.48 22.79
CA THR N 61 -10.01 61.64 23.57
C THR N 61 -8.73 62.17 22.94
N SER N 62 -8.33 63.35 23.37
CA SER N 62 -7.23 64.03 22.70
C SER N 62 -5.97 63.20 22.75
N GLU N 63 -5.22 63.22 21.65
CA GLU N 63 -3.93 62.61 21.44
C GLU N 63 -4.00 61.13 21.11
N ASP N 64 -5.18 60.52 21.02
CA ASP N 64 -5.30 59.10 20.79
C ASP N 64 -5.39 58.78 19.31
N LEU N 65 -5.23 57.49 18.98
CA LEU N 65 -5.23 57.01 17.62
C LEU N 65 -6.47 56.16 17.38
N ILE N 66 -6.85 56.05 16.11
CA ILE N 66 -7.95 55.22 15.67
C ILE N 66 -7.58 54.65 14.31
N LEU N 67 -8.04 53.44 14.01
CA LEU N 67 -7.68 52.74 12.78
C LEU N 67 -8.96 52.37 12.04
N ILE N 68 -9.17 52.99 10.88
CA ILE N 68 -10.36 52.74 10.07
C ILE N 68 -9.95 51.83 8.93
N GLY N 69 -10.76 50.81 8.66
CA GLY N 69 -10.42 49.80 7.70
C GLY N 69 -10.72 50.18 6.27
N ASN N 70 -10.98 51.46 6.02
CA ASN N 70 -11.34 51.91 4.69
C ASN N 70 -10.54 53.16 4.36
N GLU N 71 -9.99 53.20 3.15
CA GLU N 71 -9.23 54.35 2.71
C GLU N 71 -10.12 55.59 2.71
N LEU N 72 -9.56 56.74 3.08
CA LEU N 72 -10.33 57.95 3.28
C LEU N 72 -9.93 59.09 2.34
N ASP N 73 -9.29 58.75 1.22
CA ASP N 73 -9.03 59.71 0.13
C ASP N 73 -8.56 61.07 0.65
N LEU N 74 -7.64 61.03 1.59
CA LEU N 74 -7.06 62.22 2.18
C LEU N 74 -5.54 62.11 2.15
N ALA N 75 -4.89 63.20 1.79
CA ALA N 75 -3.44 63.18 1.77
C ALA N 75 -2.92 62.90 3.18
N CYS N 76 -1.62 62.66 3.26
CA CYS N 76 -1.00 62.37 4.54
C CYS N 76 -0.88 63.64 5.36
N GLY N 77 -1.58 63.71 6.48
CA GLY N 77 -1.46 64.82 7.39
C GLY N 77 -2.44 65.95 7.15
N GLU N 78 -3.61 65.67 6.58
CA GLU N 78 -4.61 66.69 6.33
C GLU N 78 -5.63 66.70 7.45
N ARG N 79 -5.69 67.80 8.20
CA ARG N 79 -6.62 67.89 9.30
C ARG N 79 -8.05 67.76 8.79
N ILE N 80 -8.90 67.11 9.60
CA ILE N 80 -10.31 66.99 9.27
C ILE N 80 -11.11 67.11 10.57
N ARG N 81 -12.40 67.35 10.41
CA ARG N 81 -13.31 67.46 11.52
C ARG N 81 -14.29 66.30 11.46
N LEU N 82 -14.54 65.70 12.61
CA LEU N 82 -15.41 64.53 12.70
C LEU N 82 -16.76 64.98 13.25
N GLU N 83 -17.73 65.13 12.37
CA GLU N 83 -19.09 65.38 12.81
C GLU N 83 -19.61 64.13 13.50
N LYS N 84 -20.89 64.16 13.89
CA LYS N 84 -21.55 63.02 14.48
C LYS N 84 -20.91 62.60 15.80
N VAL N 85 -20.96 63.52 16.75
CA VAL N 85 -20.55 63.24 18.12
C VAL N 85 -21.80 62.86 18.90
N LEU N 86 -21.80 61.66 19.46
CA LEU N 86 -22.99 61.17 20.16
C LEU N 86 -23.02 61.53 21.63
N LEU N 87 -21.85 61.76 22.23
CA LEU N 87 -21.73 61.99 23.66
C LEU N 87 -20.36 62.59 23.90
N VAL N 88 -20.30 63.67 24.67
CA VAL N 88 -19.01 64.27 25.02
C VAL N 88 -19.01 64.52 26.51
N GLY N 89 -17.96 64.09 27.18
CA GLY N 89 -17.94 64.07 28.64
C GLY N 89 -16.66 64.60 29.23
N ALA N 90 -16.77 65.24 30.37
CA ALA N 90 -15.66 65.70 31.17
C ALA N 90 -15.77 65.05 32.54
N ASP N 91 -14.91 65.49 33.46
CA ASP N 91 -14.90 64.87 34.78
C ASP N 91 -16.24 65.02 35.48
N ASN N 92 -16.85 66.20 35.41
CA ASN N 92 -18.03 66.49 36.22
C ASN N 92 -19.33 66.54 35.43
N PHE N 93 -19.29 66.75 34.12
CA PHE N 93 -20.49 66.83 33.30
C PHE N 93 -20.29 66.00 32.05
N THR N 94 -21.40 65.57 31.46
CA THR N 94 -21.34 64.96 30.15
C THR N 94 -22.64 65.24 29.41
N LEU N 95 -22.52 65.46 28.12
CA LEU N 95 -23.59 65.92 27.24
C LEU N 95 -23.96 64.78 26.30
N LEU N 96 -25.25 64.51 26.22
CA LEU N 96 -25.80 63.40 25.45
C LEU N 96 -26.68 63.95 24.34
N GLY N 97 -26.38 63.57 23.10
CA GLY N 97 -27.22 63.96 22.00
C GLY N 97 -28.47 63.10 21.89
N LYS N 98 -29.34 63.49 20.96
CA LYS N 98 -30.56 62.74 20.67
C LYS N 98 -30.79 62.69 19.16
N PRO N 99 -29.95 61.96 18.42
CA PRO N 99 -28.78 61.19 18.84
C PRO N 99 -27.44 61.89 18.61
N LEU N 100 -27.44 63.01 17.90
CA LEU N 100 -26.20 63.73 17.65
C LEU N 100 -26.21 65.07 18.39
N LEU N 101 -25.01 65.59 18.62
CA LEU N 101 -24.83 66.92 19.17
C LEU N 101 -24.64 67.92 18.06
N GLY N 102 -25.14 69.13 18.28
CA GLY N 102 -25.08 70.15 17.26
C GLY N 102 -23.67 70.42 16.78
N LYS N 103 -23.58 70.91 15.55
CA LYS N 103 -22.28 71.21 14.96
C LYS N 103 -21.53 72.26 15.77
N ASP N 104 -22.25 73.07 16.53
CA ASP N 104 -21.63 74.20 17.24
C ASP N 104 -21.11 73.78 18.60
N LEU N 105 -21.80 72.86 19.27
CA LEU N 105 -21.52 72.57 20.67
C LEU N 105 -20.22 71.80 20.86
N VAL N 106 -19.84 70.97 19.88
CA VAL N 106 -18.66 70.12 20.00
C VAL N 106 -17.87 70.16 18.70
N ARG N 107 -16.54 70.19 18.82
CA ARG N 107 -15.66 70.21 17.67
C ARG N 107 -14.54 69.21 17.90
N VAL N 108 -14.51 68.15 17.08
CA VAL N 108 -13.53 67.08 17.16
C VAL N 108 -12.63 67.15 15.94
N GLU N 109 -11.33 67.29 16.16
CA GLU N 109 -10.36 67.38 15.09
C GLU N 109 -9.51 66.12 15.06
N ALA N 110 -9.20 65.65 13.86
CA ALA N 110 -8.34 64.50 13.68
C ALA N 110 -7.39 64.76 12.52
N THR N 111 -6.38 63.93 12.43
CA THR N 111 -5.36 64.06 11.40
C THR N 111 -5.03 62.69 10.84
N VAL N 112 -4.66 62.65 9.57
CA VAL N 112 -4.28 61.39 8.92
C VAL N 112 -2.78 61.24 9.00
N ILE N 113 -2.33 60.25 9.76
CA ILE N 113 -0.91 60.06 9.99
C ILE N 113 -0.32 58.91 9.17
N GLU N 114 -1.11 57.91 8.80
CA GLU N 114 -0.59 56.78 8.06
C GLU N 114 -1.71 56.15 7.25
N LYS N 115 -1.37 55.79 6.02
CA LYS N 115 -2.25 54.99 5.18
C LYS N 115 -1.46 53.77 4.73
N THR N 116 -2.02 52.58 4.93
CA THR N 116 -1.29 51.37 4.60
C THR N 116 -2.30 50.27 4.32
N GLU N 117 -1.80 49.06 4.13
CA GLU N 117 -2.63 47.89 3.87
C GLU N 117 -2.44 46.90 5.00
N SER N 118 -3.55 46.38 5.52
CA SER N 118 -3.49 45.55 6.69
C SER N 118 -2.70 44.28 6.39
N TRP N 119 -2.41 43.53 7.45
CA TRP N 119 -1.65 42.32 7.31
C TRP N 119 -2.45 41.30 6.51
N PRO N 120 -1.78 40.44 5.73
CA PRO N 120 -2.52 39.48 4.91
C PRO N 120 -3.44 38.61 5.72
N ARG N 121 -4.67 38.45 5.22
CA ARG N 121 -5.68 37.60 5.80
C ARG N 121 -5.95 36.46 4.84
N ILE N 122 -6.30 35.30 5.37
CA ILE N 122 -6.52 34.09 4.58
C ILE N 122 -8.00 33.82 4.51
N ILE N 123 -8.47 33.40 3.35
CA ILE N 123 -9.81 32.86 3.18
C ILE N 123 -9.68 31.50 2.53
N MET N 124 -9.93 30.44 3.29
CA MET N 124 -9.80 29.08 2.79
C MET N 124 -11.13 28.40 2.99
N ARG N 125 -11.65 27.79 1.93
CA ARG N 125 -12.84 26.96 2.02
C ARG N 125 -12.42 25.53 1.75
N PHE N 126 -13.05 24.60 2.46
CA PHE N 126 -12.77 23.18 2.33
C PHE N 126 -14.05 22.42 2.63
N ARG N 127 -14.34 21.41 1.82
CA ARG N 127 -15.40 20.46 2.12
C ARG N 127 -14.86 19.05 1.95
N LYS N 128 -15.27 18.14 2.83
CA LYS N 128 -14.71 16.80 2.83
C LYS N 128 -15.31 15.97 1.71
N ARG N 129 -14.46 15.17 1.07
CA ARG N 129 -14.82 14.12 0.13
C ARG N 129 -15.27 14.63 -1.22
N LYS N 130 -15.40 15.94 -1.41
CA LYS N 130 -15.86 16.50 -2.67
C LYS N 130 -14.75 17.20 -3.45
N ASN N 131 -13.51 17.05 -3.03
CA ASN N 131 -12.38 17.68 -3.71
C ASN N 131 -12.55 19.19 -3.80
N PHE N 132 -13.15 19.78 -2.79
CA PHE N 132 -13.47 21.20 -2.76
C PHE N 132 -12.50 21.88 -1.80
N LYS N 133 -11.49 22.54 -2.36
CA LYS N 133 -10.46 23.22 -1.59
C LYS N 133 -10.05 24.46 -2.35
N LYS N 134 -10.21 25.64 -1.75
CA LYS N 134 -9.76 26.85 -2.41
C LYS N 134 -9.23 27.85 -1.39
N LYS N 135 -8.22 28.62 -1.81
CA LYS N 135 -7.47 29.52 -0.94
C LYS N 135 -7.30 30.88 -1.58
N ARG N 136 -7.56 31.93 -0.81
CA ARG N 136 -7.48 33.31 -1.25
C ARG N 136 -6.77 34.13 -0.19
N ILE N 137 -6.06 35.17 -0.62
CA ILE N 137 -5.34 36.07 0.28
C ILE N 137 -5.85 37.49 0.04
N VAL N 138 -6.32 38.14 1.11
CA VAL N 138 -6.90 39.47 1.00
C VAL N 138 -6.16 40.42 1.93
N THR N 139 -5.92 41.64 1.46
CA THR N 139 -5.28 42.71 2.22
C THR N 139 -6.17 43.93 2.15
N THR N 140 -7.11 44.04 3.06
CA THR N 140 -7.94 45.23 3.08
C THR N 140 -7.09 46.45 3.47
N PRO N 141 -7.32 47.60 2.83
CA PRO N 141 -6.52 48.78 3.17
C PRO N 141 -7.07 49.44 4.43
N GLN N 142 -6.29 50.36 4.99
CA GLN N 142 -6.70 51.02 6.21
C GLN N 142 -5.88 52.28 6.42
N THR N 143 -6.36 53.12 7.33
CA THR N 143 -5.76 54.42 7.60
C THR N 143 -5.91 54.75 9.08
N VAL N 144 -4.90 55.43 9.61
CA VAL N 144 -4.79 55.74 11.02
C VAL N 144 -5.08 57.22 11.21
N LEU N 145 -6.15 57.53 11.93
CA LEU N 145 -6.52 58.89 12.26
C LEU N 145 -6.09 59.19 13.68
N ARG N 146 -5.25 60.20 13.86
CA ARG N 146 -4.95 60.72 15.19
C ARG N 146 -6.02 61.75 15.51
N ILE N 147 -6.43 61.80 16.77
CA ILE N 147 -7.41 62.79 17.20
C ILE N 147 -6.66 63.89 17.93
N ASN N 148 -6.85 65.13 17.48
CA ASN N 148 -5.96 66.21 17.88
C ASN N 148 -6.57 67.12 18.93
N SER N 149 -7.90 67.21 18.98
CA SER N 149 -8.52 68.12 19.92
C SER N 149 -10.01 67.85 19.99
N ILE N 150 -10.52 67.82 21.21
CA ILE N 150 -11.96 67.89 21.44
C ILE N 150 -12.22 69.17 22.18
N GLU N 151 -12.83 70.13 21.49
CA GLU N 151 -13.14 71.42 22.07
C GLU N 151 -14.64 71.56 22.19
N ILE N 152 -15.07 72.31 23.19
CA ILE N 152 -16.47 72.46 23.51
C ILE N 152 -16.77 73.95 23.62
N ALA N 153 -18.03 74.30 23.40
CA ALA N 153 -18.46 75.70 23.42
C ALA N 153 -19.72 75.86 24.25
N PRO N 154 -19.95 77.05 24.82
CA PRO N 154 -20.98 77.20 25.85
C PRO N 154 -22.39 77.45 25.31
N CYS N 155 -22.78 76.69 24.31
CA CYS N 155 -24.05 76.92 23.61
C CYS N 155 -25.09 75.93 24.12
N LEU N 156 -25.64 76.20 25.29
CA LEU N 156 -26.76 75.42 25.80
C LEU N 156 -27.90 76.34 26.20
N ILE O 1 28.40 11.83 6.69
CA ILE O 1 29.77 11.92 7.14
C ILE O 1 30.16 13.38 7.22
N SER O 2 30.10 13.93 8.43
CA SER O 2 30.43 15.33 8.67
C SER O 2 31.37 15.43 9.86
N ARG O 3 32.58 15.94 9.62
CA ARG O 3 33.59 16.08 10.67
C ARG O 3 33.62 17.49 11.21
N LYS O 4 32.53 17.90 11.87
CA LYS O 4 32.45 19.25 12.42
C LYS O 4 33.02 19.38 13.81
N TRP O 5 32.84 18.37 14.66
CA TRP O 5 33.22 18.51 16.06
C TRP O 5 34.69 18.83 16.21
N GLU O 6 35.56 18.04 15.59
CA GLU O 6 36.99 18.25 15.76
C GLU O 6 37.49 19.54 15.12
N LYS O 7 36.61 20.30 14.47
CA LYS O 7 36.99 21.57 13.89
C LYS O 7 36.68 22.75 14.79
N LYS O 8 36.09 22.51 15.96
CA LYS O 8 35.85 23.60 16.91
C LYS O 8 37.01 23.81 17.86
N ASN O 9 38.06 23.01 17.75
CA ASN O 9 39.28 23.21 18.51
C ASN O 9 40.27 24.08 17.75
N LYS O 10 39.80 24.79 16.72
CA LYS O 10 40.66 25.60 15.87
C LYS O 10 40.22 27.05 15.81
N ILE O 11 39.09 27.40 16.42
CA ILE O 11 38.66 28.79 16.47
C ILE O 11 39.69 29.56 17.29
N VAL O 12 40.39 30.48 16.64
CA VAL O 12 41.40 31.31 17.30
C VAL O 12 40.72 32.62 17.69
N TYR O 13 40.48 32.79 18.97
CA TYR O 13 39.89 34.01 19.48
C TYR O 13 40.93 35.14 19.44
N PRO O 14 40.49 36.40 19.54
CA PRO O 14 41.44 37.50 19.49
C PRO O 14 42.16 37.64 20.82
N PRO O 15 43.42 38.08 20.81
CA PRO O 15 44.16 38.21 22.07
C PRO O 15 43.41 39.04 23.09
N GLN O 16 43.33 38.53 24.32
CA GLN O 16 42.54 39.18 25.36
C GLN O 16 43.14 40.52 25.73
N LEU O 17 42.27 41.46 26.07
CA LEU O 17 42.71 42.68 26.72
C LEU O 17 43.09 42.38 28.16
N PRO O 18 44.02 43.14 28.76
CA PRO O 18 44.36 42.91 30.16
C PRO O 18 43.22 43.15 31.14
N GLY O 19 42.07 43.66 30.69
CA GLY O 19 41.00 43.98 31.59
C GLY O 19 39.93 42.91 31.72
N GLU O 20 39.52 42.33 30.60
CA GLU O 20 38.37 41.44 30.59
C GLU O 20 38.66 40.17 31.37
N PRO O 21 37.62 39.49 31.86
CA PRO O 21 37.86 38.25 32.63
C PRO O 21 38.52 37.19 31.76
N ARG O 22 39.43 36.44 32.38
CA ARG O 22 40.12 35.36 31.69
C ARG O 22 39.09 34.39 31.11
N ARG O 23 39.22 34.08 29.82
CA ARG O 23 38.25 33.22 29.18
C ARG O 23 38.55 31.76 29.51
N PRO O 24 37.55 30.97 29.91
CA PRO O 24 37.81 29.57 30.21
C PRO O 24 38.06 28.78 28.94
N ALA O 25 39.12 27.98 28.95
CA ALA O 25 39.48 27.22 27.76
C ALA O 25 38.47 26.09 27.52
N GLU O 26 38.62 25.44 26.38
CA GLU O 26 37.70 24.41 25.94
C GLU O 26 38.47 23.37 25.16
N ILE O 27 37.91 22.17 25.08
CA ILE O 27 38.42 21.16 24.17
C ILE O 27 37.26 20.26 23.77
N TYR O 28 37.15 20.03 22.46
CA TYR O 28 36.15 19.15 21.89
C TYR O 28 36.84 17.88 21.45
N HIS O 29 36.23 16.73 21.72
CA HIS O 29 36.82 15.47 21.31
C HIS O 29 35.73 14.47 21.03
N CYS O 30 36.07 13.47 20.21
CA CYS O 30 35.09 12.55 19.69
C CYS O 30 35.74 11.20 19.42
N ARG O 31 34.99 10.14 19.70
CA ARG O 31 35.36 8.79 19.31
C ARG O 31 34.38 8.34 18.26
N ARG O 32 34.90 7.84 17.14
CA ARG O 32 34.12 7.47 15.97
C ARG O 32 34.10 5.95 15.81
N GLN O 33 32.91 5.42 15.51
CA GLN O 33 32.70 3.99 15.28
C GLN O 33 32.94 3.19 16.55
N ILE O 34 32.10 3.44 17.54
CA ILE O 34 32.05 2.62 18.74
C ILE O 34 31.03 1.52 18.50
N LYS O 35 31.48 0.26 18.56
CA LYS O 35 30.59 -0.83 18.26
C LYS O 35 29.61 -1.01 19.40
N TYR O 36 28.63 -0.13 19.48
CA TYR O 36 27.72 -0.08 20.61
C TYR O 36 26.55 0.78 20.23
N SER O 37 25.37 0.40 20.69
CA SER O 37 24.16 1.13 20.33
C SER O 37 24.24 2.56 20.83
N LYS O 38 23.38 3.42 20.28
CA LYS O 38 23.32 4.80 20.74
C LYS O 38 22.31 4.96 21.86
N ASP O 39 21.23 4.18 21.82
CA ASP O 39 20.24 4.26 22.89
C ASP O 39 20.74 3.69 24.19
N LYS O 40 21.89 3.01 24.19
CA LYS O 40 22.52 2.58 25.42
C LYS O 40 23.65 3.53 25.82
N MET O 41 24.44 4.00 24.86
CA MET O 41 25.47 4.96 25.15
C MET O 41 24.90 6.25 25.70
N TRP O 42 23.64 6.56 25.40
CA TRP O 42 23.06 7.81 25.86
C TRP O 42 23.01 7.88 27.38
N TYR O 43 22.73 6.75 28.03
CA TYR O 43 22.66 6.77 29.48
C TYR O 43 23.99 7.11 30.10
N LEU O 44 25.06 6.52 29.61
CA LEU O 44 26.39 6.87 30.11
C LEU O 44 26.73 8.32 29.80
N ALA O 45 26.36 8.78 28.60
CA ALA O 45 26.64 10.17 28.25
C ALA O 45 25.91 11.12 29.18
N LYS O 46 24.67 10.82 29.55
CA LYS O 46 23.92 11.70 30.44
C LYS O 46 24.39 11.60 31.88
N LEU O 47 24.90 10.44 32.28
CA LEU O 47 25.37 10.29 33.66
C LEU O 47 26.42 11.33 34.00
N ILE O 48 27.37 11.53 33.10
CA ILE O 48 28.51 12.39 33.37
C ILE O 48 28.28 13.79 32.80
N ARG O 49 27.02 14.17 32.62
CA ARG O 49 26.73 15.40 31.89
C ARG O 49 27.25 16.62 32.63
N GLY O 50 26.93 16.75 33.91
CA GLY O 50 27.25 17.96 34.63
C GLY O 50 28.23 17.83 35.78
N MET O 51 29.26 17.00 35.65
CA MET O 51 30.21 16.79 36.74
C MET O 51 31.65 16.91 36.24
N SER O 52 32.55 17.20 37.17
CA SER O 52 33.94 17.43 36.84
C SER O 52 34.55 16.16 36.28
N ILE O 53 35.77 16.29 35.77
CA ILE O 53 36.37 15.17 35.05
C ILE O 53 36.72 14.04 36.02
N ASP O 54 37.28 14.38 37.17
CA ASP O 54 37.75 13.32 38.05
C ASP O 54 36.59 12.52 38.62
N GLN O 55 35.53 13.20 39.04
CA GLN O 55 34.35 12.47 39.48
C GLN O 55 33.77 11.64 38.35
N ALA O 56 33.84 12.14 37.12
CA ALA O 56 33.32 11.37 36.00
C ALA O 56 34.10 10.09 35.80
N LEU O 57 35.44 10.18 35.84
CA LEU O 57 36.26 8.99 35.71
C LEU O 57 35.97 8.02 36.85
N ALA O 58 35.84 8.54 38.07
CA ALA O 58 35.52 7.67 39.19
C ALA O 58 34.23 6.93 38.96
N GLN O 59 33.18 7.63 38.53
CA GLN O 59 31.88 7.00 38.31
C GLN O 59 31.92 5.99 37.18
N LEU O 60 32.77 6.22 36.18
CA LEU O 60 32.80 5.30 35.05
C LEU O 60 33.63 4.05 35.34
N GLU O 61 34.67 4.17 36.17
CA GLU O 61 35.51 3.01 36.45
C GLU O 61 34.72 1.87 37.06
N PHE O 62 33.63 2.18 37.74
CA PHE O 62 32.87 1.20 38.52
C PHE O 62 31.48 0.97 37.98
N ASN O 63 31.24 1.33 36.72
CA ASN O 63 29.98 1.01 36.08
C ASN O 63 30.16 -0.22 35.21
N ASP O 64 29.08 -0.97 35.02
CA ASP O 64 29.17 -2.28 34.40
C ASP O 64 29.06 -2.23 32.88
N LYS O 65 28.47 -1.21 32.31
CA LYS O 65 28.13 -1.23 30.90
C LYS O 65 29.39 -1.20 30.04
N LYS O 66 29.28 -1.76 28.83
CA LYS O 66 30.46 -1.94 27.99
C LYS O 66 31.05 -0.61 27.55
N GLY O 67 30.21 0.39 27.33
CA GLY O 67 30.71 1.67 26.86
C GLY O 67 31.41 2.50 27.90
N ALA O 68 31.38 2.06 29.16
CA ALA O 68 32.01 2.84 30.21
C ALA O 68 33.50 3.00 29.95
N LYS O 69 34.17 1.91 29.57
CA LYS O 69 35.61 2.03 29.34
C LYS O 69 35.91 2.83 28.08
N ILE O 70 35.01 2.82 27.11
CA ILE O 70 35.23 3.64 25.91
C ILE O 70 35.13 5.11 26.27
N ILE O 71 34.10 5.49 27.02
CA ILE O 71 34.00 6.87 27.48
C ILE O 71 35.21 7.23 28.32
N LYS O 72 35.70 6.31 29.15
CA LYS O 72 36.84 6.62 30.00
C LYS O 72 38.09 6.88 29.17
N GLU O 73 38.33 6.05 28.16
CA GLU O 73 39.49 6.27 27.29
C GLU O 73 39.36 7.60 26.56
N VAL O 74 38.15 7.92 26.11
CA VAL O 74 37.93 9.19 25.42
C VAL O 74 38.23 10.36 26.35
N LEU O 75 37.73 10.30 27.59
CA LEU O 75 37.95 11.40 28.52
C LEU O 75 39.42 11.54 28.88
N LEU O 76 40.13 10.42 29.02
CA LEU O 76 41.56 10.51 29.32
C LEU O 76 42.32 11.12 28.16
N GLU O 77 42.00 10.72 26.94
CA GLU O 77 42.66 11.34 25.78
C GLU O 77 42.34 12.83 25.73
N ALA O 78 41.09 13.19 26.05
CA ALA O 78 40.71 14.60 26.05
C ALA O 78 41.51 15.38 27.09
N GLN O 79 41.65 14.83 28.28
CA GLN O 79 42.40 15.51 29.33
C GLN O 79 43.87 15.69 28.92
N ASP O 80 44.47 14.63 28.37
CA ASP O 80 45.86 14.73 27.96
C ASP O 80 46.03 15.78 26.87
N MET O 81 45.13 15.80 25.88
CA MET O 81 45.23 16.79 24.83
C MET O 81 45.02 18.20 25.39
N ALA O 82 44.09 18.35 26.32
CA ALA O 82 43.83 19.67 26.88
C ALA O 82 45.05 20.23 27.57
N VAL O 83 45.74 19.40 28.34
CA VAL O 83 46.94 19.90 29.02
C VAL O 83 48.06 20.12 28.01
N ARG O 84 48.21 19.22 27.05
CA ARG O 84 49.41 19.23 26.22
C ARG O 84 49.36 20.33 25.17
N ASP O 85 48.17 20.60 24.63
CA ASP O 85 48.02 21.52 23.49
C ASP O 85 47.21 22.76 23.82
N HIS O 86 46.06 22.62 24.44
CA HIS O 86 45.18 23.76 24.65
C HIS O 86 45.56 24.62 25.81
N ASN O 87 46.75 24.47 26.37
CA ASN O 87 47.26 25.38 27.39
C ASN O 87 46.30 25.50 28.57
N VAL O 88 45.84 24.35 29.06
CA VAL O 88 45.15 24.27 30.35
C VAL O 88 46.19 24.13 31.43
N GLU O 89 45.92 24.73 32.59
CA GLU O 89 46.90 24.73 33.67
C GLU O 89 46.86 23.43 34.45
N PHE O 90 45.73 23.16 35.11
CA PHE O 90 45.60 22.04 36.02
C PHE O 90 44.72 20.97 35.40
N ARG O 91 45.25 19.76 35.27
CA ARG O 91 44.52 18.73 34.55
C ARG O 91 43.26 18.29 35.27
N SER O 92 43.08 18.69 36.52
CA SER O 92 41.84 18.41 37.21
C SER O 92 40.84 19.55 37.12
N ASN O 93 41.20 20.65 36.46
CA ASN O 93 40.34 21.83 36.40
C ASN O 93 39.57 21.82 35.08
N LEU O 94 38.75 20.79 34.92
CA LEU O 94 37.95 20.61 33.73
C LEU O 94 36.62 19.99 34.16
N TYR O 95 35.60 20.16 33.34
CA TYR O 95 34.34 19.49 33.60
C TYR O 95 33.64 19.22 32.29
N ILE O 96 32.75 18.23 32.31
CA ILE O 96 32.05 17.78 31.11
C ILE O 96 30.99 18.84 30.81
N ALA O 97 31.28 19.74 29.88
CA ALA O 97 30.28 20.71 29.49
C ALA O 97 29.21 20.07 28.62
N GLU O 98 29.60 19.28 27.62
CA GLU O 98 28.63 18.60 26.79
C GLU O 98 29.03 17.15 26.56
N SER O 99 28.09 16.23 26.73
CA SER O 99 28.33 14.82 26.46
C SER O 99 27.12 14.28 25.72
N THR O 100 27.35 13.70 24.54
CA THR O 100 26.26 13.17 23.73
C THR O 100 26.75 12.01 22.88
N SER O 101 25.80 11.20 22.45
CA SER O 101 26.07 10.03 21.61
C SER O 101 25.23 10.11 20.35
N GLY O 102 25.83 9.73 19.23
CA GLY O 102 25.17 9.87 17.95
C GLY O 102 25.30 8.61 17.11
N ARG O 103 24.44 8.55 16.10
CA ARG O 103 24.36 7.38 15.23
C ARG O 103 25.67 7.14 14.49
N GLY O 104 25.72 6.02 13.78
CA GLY O 104 26.88 5.64 13.01
C GLY O 104 26.49 5.00 11.68
N GLN O 105 27.51 4.54 10.96
CA GLN O 105 27.37 4.24 9.54
C GLN O 105 27.05 2.78 9.22
N CYS O 106 27.88 1.84 9.67
CA CYS O 106 28.14 0.62 8.91
C CYS O 106 26.88 -0.23 8.70
N LEU O 107 27.06 -1.33 7.96
CA LEU O 107 26.00 -2.00 7.23
C LEU O 107 25.40 -3.15 8.03
N LYS O 108 24.55 -3.94 7.38
CA LYS O 108 23.60 -4.85 8.02
C LYS O 108 23.88 -6.28 7.59
N ARG O 109 23.08 -7.20 8.12
CA ARG O 109 23.20 -8.63 7.82
C ARG O 109 21.82 -9.27 7.71
N MET O 121 18.84 -7.11 9.88
CA MET O 121 19.56 -7.02 11.16
C MET O 121 20.67 -5.98 11.08
N GLU O 122 20.41 -4.79 11.60
CA GLU O 122 21.39 -3.72 11.57
C GLU O 122 22.51 -4.02 12.56
N LYS O 123 23.75 -3.87 12.11
CA LYS O 123 24.91 -3.83 13.00
C LYS O 123 25.07 -2.38 13.44
N VAL O 124 24.74 -2.10 14.69
CA VAL O 124 24.67 -0.74 15.18
C VAL O 124 26.08 -0.22 15.43
N TYR O 125 26.23 1.08 15.36
CA TYR O 125 27.46 1.78 15.68
C TYR O 125 27.08 3.08 16.37
N CYS O 126 28.07 3.79 16.90
CA CYS O 126 27.76 5.07 17.51
C CYS O 126 29.05 5.84 17.75
N HIS O 127 28.93 7.16 17.76
CA HIS O 127 30.01 8.07 18.08
C HIS O 127 29.73 8.67 19.45
N TYR O 128 30.80 9.07 20.13
CA TYR O 128 30.68 9.75 21.40
C TYR O 128 31.37 11.11 21.32
N PHE O 129 30.64 12.16 21.68
CA PHE O 129 31.08 13.56 21.58
C PHE O 129 31.15 14.17 22.97
N VAL O 130 32.33 14.71 23.33
CA VAL O 130 32.53 15.33 24.64
C VAL O 130 33.17 16.70 24.48
N LYS O 131 32.65 17.68 25.21
CA LYS O 131 33.20 19.02 25.30
C LYS O 131 33.56 19.27 26.74
N LEU O 132 34.86 19.45 27.01
CA LEU O 132 35.39 19.77 28.32
C LEU O 132 35.67 21.26 28.41
N VAL O 133 35.15 21.90 29.45
CA VAL O 133 35.30 23.33 29.66
C VAL O 133 36.15 23.54 30.91
N GLU O 134 37.18 24.36 30.78
CA GLU O 134 38.05 24.63 31.92
C GLU O 134 37.26 25.30 33.03
N GLY O 135 37.69 25.08 34.27
CA GLY O 135 37.05 25.67 35.42
C GLY O 135 36.34 24.63 36.26
N PRO O 136 35.77 25.06 37.38
CA PRO O 136 35.08 24.13 38.25
C PRO O 136 33.66 23.89 37.78
N PRO O 137 33.03 22.81 38.24
CA PRO O 137 31.63 22.55 37.86
C PRO O 137 30.74 23.68 38.31
N PRO O 138 29.74 24.06 37.50
CA PRO O 138 28.76 25.03 37.98
C PRO O 138 27.80 24.37 38.94
N PRO O 139 27.40 25.06 40.01
CA PRO O 139 26.51 24.45 40.97
C PRO O 139 25.16 24.14 40.34
N PRO O 140 24.47 23.10 40.80
CA PRO O 140 23.16 22.78 40.23
C PRO O 140 22.16 23.89 40.49
N GLU O 141 21.21 24.02 39.57
CA GLU O 141 20.13 24.98 39.75
C GLU O 141 19.37 24.65 41.03
N PRO O 142 19.25 25.58 41.98
CA PRO O 142 18.62 25.24 43.25
C PRO O 142 17.13 25.03 43.09
N PRO O 143 16.48 24.38 44.06
CA PRO O 143 15.04 24.14 43.94
C PRO O 143 14.27 25.44 44.04
N LYS O 144 13.07 25.45 43.47
CA LYS O 144 12.25 26.64 43.45
C LYS O 144 11.62 26.84 44.81
N THR O 145 12.19 27.74 45.60
CA THR O 145 11.68 27.98 46.94
C THR O 145 10.28 28.57 46.89
N ALA O 146 9.50 28.32 47.94
CA ALA O 146 8.11 28.75 47.94
C ALA O 146 7.98 30.26 47.73
N VAL O 147 8.94 31.04 48.24
CA VAL O 147 8.86 32.48 48.03
C VAL O 147 9.01 32.82 46.56
N ALA O 148 9.84 32.08 45.82
CA ALA O 148 9.93 32.33 44.38
C ALA O 148 8.61 32.05 43.68
N HIS O 149 7.93 30.97 44.05
CA HIS O 149 6.64 30.68 43.46
C HIS O 149 5.62 31.78 43.77
N ALA O 150 5.58 32.23 45.02
CA ALA O 150 4.65 33.31 45.35
C ALA O 150 5.00 34.58 44.60
N LYS O 151 6.29 34.87 44.47
CA LYS O 151 6.72 36.07 43.76
C LYS O 151 6.28 36.03 42.30
N GLU O 152 6.47 34.90 41.63
CA GLU O 152 6.07 34.84 40.23
C GLU O 152 4.55 34.83 40.08
N TYR O 153 3.83 34.23 41.01
CA TYR O 153 2.38 34.30 40.95
C TYR O 153 1.89 35.73 41.11
N ILE O 154 2.51 36.49 42.02
CA ILE O 154 2.17 37.90 42.15
C ILE O 154 2.51 38.65 40.87
N GLN O 155 3.65 38.34 40.26
CA GLN O 155 4.01 39.01 39.02
C GLN O 155 2.96 38.79 37.94
N GLN O 156 2.46 37.56 37.83
CA GLN O 156 1.43 37.28 36.84
C GLN O 156 0.12 37.96 37.20
N LEU O 157 -0.24 37.98 38.48
CA LEU O 157 -1.47 38.65 38.89
C LEU O 157 -1.37 40.15 38.66
N ARG O 158 -0.16 40.69 38.64
CA ARG O 158 0.06 42.12 38.51
C ARG O 158 0.30 42.55 37.07
N SER O 159 0.23 41.63 36.11
CA SER O 159 0.33 41.98 34.71
C SER O 159 -0.98 41.85 33.98
N ARG O 160 -2.08 41.56 34.67
CA ARG O 160 -3.36 41.47 34.01
C ARG O 160 -3.81 42.85 33.56
N THR O 161 -4.21 42.95 32.30
CA THR O 161 -4.81 44.15 31.75
C THR O 161 -6.27 43.87 31.43
N ILE O 162 -7.04 44.94 31.25
CA ILE O 162 -8.44 44.78 30.89
C ILE O 162 -8.46 44.27 29.45
N VAL O 163 -8.95 43.06 29.26
CA VAL O 163 -8.82 42.37 27.99
C VAL O 163 -9.95 42.79 27.07
N HIS O 164 -9.61 43.15 25.83
CA HIS O 164 -10.59 43.50 24.81
C HIS O 164 -11.41 44.71 25.23
N THR O 165 -10.70 45.81 25.44
CA THR O 165 -11.26 47.15 25.48
C THR O 165 -10.08 48.12 25.47
N LEU O 166 -10.37 49.41 25.44
CA LEU O 166 -9.34 50.44 25.27
C LEU O 166 -8.07 50.17 26.09
N ALA P 1 57.80 -32.17 -23.60
CA ALA P 1 57.55 -30.75 -23.83
C ALA P 1 56.08 -30.41 -23.58
N ARG P 2 55.81 -29.15 -23.26
CA ARG P 2 54.47 -28.69 -22.94
C ARG P 2 53.84 -28.07 -24.17
N ASN P 3 52.53 -28.25 -24.32
CA ASN P 3 51.76 -27.59 -25.36
C ASN P 3 52.38 -27.84 -26.73
N VAL P 4 52.56 -29.12 -27.06
CA VAL P 4 52.93 -29.53 -28.39
C VAL P 4 52.23 -30.85 -28.67
N VAL P 5 52.03 -31.16 -29.94
CA VAL P 5 51.41 -32.42 -30.32
C VAL P 5 52.50 -33.46 -30.50
N TYR P 6 52.42 -34.53 -29.73
CA TYR P 6 53.45 -35.56 -29.78
C TYR P 6 53.27 -36.41 -31.03
N PRO P 7 54.32 -36.63 -31.81
CA PRO P 7 54.20 -37.53 -32.96
C PRO P 7 53.71 -38.90 -32.52
N LEU P 8 52.53 -39.27 -32.98
CA LEU P 8 51.97 -40.56 -32.60
C LEU P 8 52.92 -41.66 -32.98
N TYR P 9 52.83 -42.79 -32.29
CA TYR P 9 53.71 -43.91 -32.47
C TYR P 9 52.91 -45.20 -32.63
N ARG P 10 53.41 -46.09 -33.47
CA ARG P 10 52.95 -47.46 -33.49
C ARG P 10 54.15 -48.36 -33.72
N LEU P 11 53.95 -49.66 -33.51
CA LEU P 11 55.05 -50.57 -33.23
C LEU P 11 56.12 -50.52 -34.32
N GLY P 12 57.37 -50.47 -33.90
CA GLY P 12 58.49 -50.39 -34.81
C GLY P 12 58.94 -49.00 -35.15
N GLY P 13 58.25 -47.97 -34.67
CA GLY P 13 58.61 -46.62 -34.97
C GLY P 13 59.96 -46.25 -34.41
N PRO P 14 60.34 -44.99 -34.61
CA PRO P 14 61.62 -44.53 -34.06
C PRO P 14 61.46 -43.98 -32.66
N GLN P 15 62.56 -43.62 -32.02
CA GLN P 15 62.51 -43.09 -30.67
C GLN P 15 61.95 -41.68 -30.69
N LEU P 16 61.08 -41.38 -29.73
CA LEU P 16 60.52 -40.04 -29.62
C LEU P 16 61.51 -39.15 -28.89
N ARG P 17 62.07 -38.17 -29.59
CA ARG P 17 63.17 -37.37 -29.07
C ARG P 17 62.80 -35.91 -29.00
N VAL P 18 63.08 -35.29 -27.85
CA VAL P 18 62.88 -33.86 -27.63
C VAL P 18 64.25 -33.20 -27.61
N PHE P 19 64.50 -32.33 -28.58
CA PHE P 19 65.82 -31.72 -28.72
C PHE P 19 65.94 -30.40 -28.01
N ARG P 20 64.85 -29.69 -27.80
CA ARG P 20 64.83 -28.48 -26.97
C ARG P 20 63.58 -28.56 -26.10
N THR P 21 63.71 -29.20 -24.95
CA THR P 21 62.58 -29.29 -24.05
C THR P 21 62.26 -27.92 -23.48
N ASN P 22 60.98 -27.67 -23.26
CA ASN P 22 60.54 -26.44 -22.61
C ASN P 22 59.88 -26.72 -21.28
N PHE P 23 60.34 -27.74 -20.58
CA PHE P 23 59.90 -28.02 -19.21
C PHE P 23 60.75 -27.22 -18.24
N PHE P 24 60.11 -26.60 -17.26
CA PHE P 24 60.79 -25.78 -16.26
C PHE P 24 60.34 -26.25 -14.89
N ILE P 25 61.30 -26.60 -14.04
CA ILE P 25 61.00 -27.16 -12.72
C ILE P 25 61.78 -26.36 -11.68
N GLN P 26 61.15 -26.12 -10.54
CA GLN P 26 61.78 -25.34 -9.49
C GLN P 26 61.88 -26.16 -8.22
N LEU P 27 63.11 -26.29 -7.71
CA LEU P 27 63.37 -26.98 -6.46
C LEU P 27 63.00 -26.09 -5.29
N VAL P 28 62.24 -26.64 -4.34
CA VAL P 28 61.69 -25.84 -3.26
C VAL P 28 62.01 -26.48 -1.92
N ARG P 29 62.07 -25.63 -0.89
CA ARG P 29 62.32 -26.08 0.46
C ARG P 29 61.10 -26.84 0.99
N PRO P 30 61.25 -28.06 1.47
CA PRO P 30 60.07 -28.80 1.93
C PRO P 30 59.36 -28.05 3.04
N GLY P 31 58.06 -28.31 3.18
CA GLY P 31 57.31 -27.73 4.28
C GLY P 31 57.26 -28.59 5.50
N VAL P 32 57.15 -29.90 5.33
CA VAL P 32 57.24 -30.86 6.41
C VAL P 32 58.60 -31.53 6.31
N ALA P 33 59.27 -31.70 7.45
CA ALA P 33 60.62 -32.22 7.46
C ALA P 33 60.71 -33.52 6.69
N GLN P 34 61.58 -33.55 5.69
CA GLN P 34 61.73 -34.69 4.80
C GLN P 34 63.01 -35.45 5.13
N PRO P 35 63.07 -36.73 4.76
CA PRO P 35 64.32 -37.47 4.95
C PRO P 35 65.49 -36.76 4.31
N GLU P 36 66.69 -37.22 4.66
CA GLU P 36 67.89 -36.49 4.29
C GLU P 36 68.13 -36.50 2.79
N ASP P 37 67.64 -37.51 2.09
CA ASP P 37 67.91 -37.68 0.66
C ASP P 37 66.65 -37.56 -0.18
N THR P 38 65.69 -36.74 0.22
CA THR P 38 64.44 -36.55 -0.51
C THR P 38 64.34 -35.08 -0.91
N VAL P 39 64.78 -34.78 -2.12
CA VAL P 39 64.68 -33.43 -2.66
C VAL P 39 63.26 -33.22 -3.15
N GLN P 40 62.77 -31.99 -3.07
CA GLN P 40 61.41 -31.67 -3.45
C GLN P 40 61.38 -30.64 -4.57
N PHE P 41 60.62 -30.95 -5.61
CA PHE P 41 60.51 -30.16 -6.82
C PHE P 41 59.06 -29.79 -7.08
N ARG P 42 58.85 -28.69 -7.77
CA ARG P 42 57.57 -28.33 -8.34
C ARG P 42 57.71 -28.33 -9.84
N ILE P 43 56.85 -29.09 -10.52
CA ILE P 43 57.03 -29.36 -11.94
C ILE P 43 55.74 -28.98 -12.66
N PRO P 44 55.83 -28.74 -13.97
CA PRO P 44 54.63 -28.39 -14.73
C PRO P 44 53.59 -29.50 -14.65
N MET P 45 52.33 -29.09 -14.65
CA MET P 45 51.24 -30.03 -14.40
C MET P 45 51.27 -31.20 -15.37
N GLU P 46 51.78 -31.00 -16.57
CA GLU P 46 51.75 -32.01 -17.61
C GLU P 46 53.07 -32.76 -17.76
N MET P 47 53.75 -33.04 -16.66
CA MET P 47 54.99 -33.80 -16.67
C MET P 47 54.81 -35.07 -15.85
N THR P 48 55.50 -36.13 -16.26
CA THR P 48 55.36 -37.44 -15.64
C THR P 48 56.68 -37.86 -15.02
N ARG P 49 56.58 -38.63 -13.95
CA ARG P 49 57.76 -38.95 -13.16
C ARG P 49 58.83 -39.63 -14.00
N VAL P 50 58.45 -40.36 -15.05
CA VAL P 50 59.45 -40.88 -15.99
C VAL P 50 60.19 -39.72 -16.63
N ASP P 51 59.45 -38.70 -17.06
CA ASP P 51 60.08 -37.55 -17.68
C ASP P 51 60.96 -36.82 -16.68
N LEU P 52 60.52 -36.70 -15.44
CA LEU P 52 61.35 -36.01 -14.44
C LEU P 52 62.62 -36.77 -14.17
N ARG P 53 62.55 -38.09 -14.08
CA ARG P 53 63.75 -38.90 -13.91
C ARG P 53 64.73 -38.64 -15.04
N ASN P 54 64.26 -38.76 -16.29
CA ASN P 54 65.17 -38.55 -17.41
C ASN P 54 65.67 -37.12 -17.46
N TYR P 55 64.82 -36.16 -17.09
CA TYR P 55 65.18 -34.75 -17.07
C TYR P 55 66.37 -34.52 -16.16
N LEU P 56 66.23 -34.88 -14.88
CA LEU P 56 67.30 -34.68 -13.93
C LEU P 56 68.53 -35.49 -14.31
N GLU P 57 68.34 -36.72 -14.79
CA GLU P 57 69.49 -37.56 -15.12
C GLU P 57 70.30 -36.98 -16.26
N GLY P 58 69.64 -36.45 -17.29
CA GLY P 58 70.34 -36.02 -18.47
C GLY P 58 70.85 -34.59 -18.40
N ILE P 59 69.97 -33.67 -18.01
CA ILE P 59 70.35 -32.26 -17.98
C ILE P 59 71.45 -32.04 -16.95
N TYR P 60 71.30 -32.62 -15.76
CA TYR P 60 72.11 -32.26 -14.61
C TYR P 60 73.10 -33.34 -14.19
N ASN P 61 73.01 -34.55 -14.72
CA ASN P 61 73.87 -35.65 -14.27
C ASN P 61 73.72 -35.88 -12.77
N VAL P 62 72.47 -35.95 -12.33
CA VAL P 62 72.14 -36.21 -10.94
C VAL P 62 71.56 -37.63 -10.86
N PRO P 63 72.25 -38.57 -10.22
CA PRO P 63 71.65 -39.90 -10.05
C PRO P 63 70.37 -39.79 -9.23
N VAL P 64 69.41 -40.65 -9.54
CA VAL P 64 68.10 -40.60 -8.90
C VAL P 64 67.67 -42.02 -8.57
N ALA P 65 67.15 -42.20 -7.36
CA ALA P 65 66.69 -43.50 -6.91
C ALA P 65 65.21 -43.72 -7.13
N ALA P 66 64.38 -42.71 -6.90
CA ALA P 66 62.96 -42.89 -7.18
C ALA P 66 62.28 -41.54 -7.21
N VAL P 67 61.04 -41.53 -7.66
CA VAL P 67 60.27 -40.29 -7.80
C VAL P 67 58.81 -40.57 -7.48
N ARG P 68 58.16 -39.64 -6.81
CA ARG P 68 56.73 -39.73 -6.55
C ARG P 68 56.13 -38.35 -6.73
N THR P 69 54.84 -38.30 -7.03
CA THR P 69 54.23 -37.05 -7.47
C THR P 69 52.79 -36.96 -6.99
N ARG P 70 52.42 -35.78 -6.52
CA ARG P 70 51.03 -35.47 -6.21
C ARG P 70 50.69 -34.17 -6.90
N VAL P 71 49.40 -33.93 -7.08
CA VAL P 71 48.93 -32.68 -7.65
C VAL P 71 48.22 -31.91 -6.56
N GLN P 72 48.85 -30.85 -6.09
CA GLN P 72 48.30 -29.97 -5.09
C GLN P 72 47.24 -29.08 -5.71
N HIS P 73 46.09 -29.04 -5.04
CA HIS P 73 44.92 -28.30 -5.50
C HIS P 73 44.98 -26.88 -4.97
N GLY P 74 45.30 -25.93 -5.83
CA GLY P 74 45.31 -24.53 -5.42
C GLY P 74 43.93 -24.13 -4.90
N SER P 75 43.92 -23.14 -4.02
CA SER P 75 42.68 -22.74 -3.38
C SER P 75 41.82 -21.95 -4.33
N ASN P 76 40.52 -22.02 -4.12
CA ASN P 76 39.56 -21.31 -4.94
C ASN P 76 38.51 -20.64 -4.06
N LYS P 77 38.95 -19.95 -3.01
CA LYS P 77 38.05 -19.42 -1.99
C LYS P 77 38.03 -17.90 -1.95
N ARG P 78 39.18 -17.25 -1.96
CA ARG P 78 39.20 -15.80 -1.84
C ARG P 78 38.53 -15.15 -3.03
N ARG P 79 37.68 -14.17 -2.75
CA ARG P 79 36.91 -13.48 -3.77
C ARG P 79 37.37 -12.04 -3.87
N ASP P 80 37.52 -11.55 -5.09
CA ASP P 80 37.82 -10.13 -5.31
C ASP P 80 36.57 -9.32 -4.99
N HIS P 81 36.67 -8.00 -5.17
CA HIS P 81 35.58 -7.11 -4.76
C HIS P 81 34.29 -7.41 -5.51
N ARG P 82 34.38 -7.94 -6.73
CA ARG P 82 33.19 -8.28 -7.49
C ARG P 82 32.47 -9.51 -6.95
N ASN P 83 33.08 -10.22 -6.00
CA ASN P 83 32.54 -11.48 -5.48
C ASN P 83 32.64 -12.57 -6.54
N VAL P 84 33.74 -12.57 -7.27
CA VAL P 84 34.05 -13.60 -8.25
C VAL P 84 35.29 -14.33 -7.77
N ARG P 85 35.22 -15.66 -7.76
CA ARG P 85 36.29 -16.46 -7.18
C ARG P 85 37.58 -16.30 -7.96
N ILE P 86 38.66 -16.01 -7.26
CA ILE P 86 40.00 -16.04 -7.83
C ILE P 86 40.59 -17.40 -7.57
N LYS P 87 41.26 -17.96 -8.56
CA LYS P 87 41.80 -19.32 -8.47
C LYS P 87 43.32 -19.24 -8.43
N LYS P 88 43.90 -19.79 -7.38
CA LYS P 88 45.34 -19.98 -7.37
C LYS P 88 45.68 -21.20 -8.21
N PRO P 89 46.82 -21.22 -8.89
CA PRO P 89 47.07 -22.30 -9.86
C PRO P 89 47.43 -23.61 -9.17
N ASP P 90 46.72 -24.67 -9.53
CA ASP P 90 47.11 -26.01 -9.11
C ASP P 90 48.52 -26.30 -9.60
N TYR P 91 49.24 -27.14 -8.86
CA TYR P 91 50.62 -27.44 -9.25
C TYR P 91 50.92 -28.89 -8.89
N LYS P 92 52.05 -29.37 -9.40
CA LYS P 92 52.44 -30.76 -9.21
C LYS P 92 53.73 -30.79 -8.42
N VAL P 93 53.67 -31.41 -7.23
CA VAL P 93 54.82 -31.56 -6.35
C VAL P 93 55.42 -32.94 -6.62
N ALA P 94 56.71 -32.97 -6.87
CA ALA P 94 57.45 -34.21 -7.00
C ALA P 94 58.45 -34.31 -5.86
N TYR P 95 58.62 -35.52 -5.36
CA TYR P 95 59.68 -35.85 -4.42
C TYR P 95 60.60 -36.83 -5.10
N VAL P 96 61.88 -36.50 -5.16
CA VAL P 96 62.88 -37.34 -5.80
C VAL P 96 63.85 -37.81 -4.72
N GLN P 97 63.99 -39.11 -4.60
CA GLN P 97 64.90 -39.73 -3.65
C GLN P 97 66.19 -40.07 -4.38
N LEU P 98 67.28 -39.45 -3.95
CA LEU P 98 68.56 -39.66 -4.60
C LEU P 98 69.10 -41.06 -4.31
N ALA P 99 70.05 -41.47 -5.11
CA ALA P 99 70.63 -42.80 -5.04
C ALA P 99 72.09 -42.73 -4.60
N HIS P 100 72.68 -43.91 -4.42
CA HIS P 100 74.07 -44.01 -3.98
C HIS P 100 74.30 -43.26 -2.68
N GLY P 101 73.33 -43.34 -1.78
CA GLY P 101 73.46 -42.77 -0.47
C GLY P 101 73.71 -41.27 -0.44
N GLN P 102 73.66 -40.59 -1.57
CA GLN P 102 73.83 -39.15 -1.58
C GLN P 102 72.79 -38.51 -0.66
N THR P 103 73.06 -37.28 -0.26
CA THR P 103 72.15 -36.56 0.60
C THR P 103 72.22 -35.09 0.24
N PHE P 104 71.14 -34.38 0.57
CA PHE P 104 71.00 -33.01 0.14
C PHE P 104 70.03 -32.29 1.05
N THR P 105 70.45 -31.16 1.60
CA THR P 105 69.63 -30.33 2.46
C THR P 105 69.58 -28.93 1.89
N PHE P 106 68.38 -28.37 1.84
CA PHE P 106 68.15 -27.14 1.09
C PHE P 106 69.05 -26.03 1.60
N PRO P 107 69.85 -25.38 0.75
CA PRO P 107 70.76 -24.36 1.24
C PRO P 107 70.02 -23.13 1.73
N ASP P 108 70.66 -22.42 2.66
CA ASP P 108 70.07 -21.24 3.27
C ASP P 108 70.41 -20.02 2.44
N LEU P 109 69.56 -19.74 1.46
CA LEU P 109 69.64 -18.45 0.79
C LEU P 109 69.23 -17.36 1.76
N PHE P 110 69.70 -16.16 1.52
CA PHE P 110 69.39 -15.03 2.39
C PHE P 110 69.93 -15.27 3.79
N PRO P 111 71.25 -15.31 3.98
CA PRO P 111 71.86 -15.47 5.30
C PRO P 111 71.87 -14.18 6.11
N SER P 112 60.75 18.26 22.30
CA SER P 112 59.86 19.22 22.95
C SER P 112 59.88 19.04 24.47
N ASP P 113 60.65 19.88 25.15
CA ASP P 113 60.78 19.75 26.60
C ASP P 113 59.43 20.01 27.27
N PRO P 114 58.95 19.11 28.13
CA PRO P 114 57.67 19.39 28.82
C PRO P 114 57.73 20.54 29.80
N ARG P 115 58.92 21.05 30.14
CA ARG P 115 59.00 22.19 31.05
C ARG P 115 58.55 23.47 30.35
N ARG P 116 58.89 23.63 29.07
CA ARG P 116 58.50 24.80 28.31
C ARG P 116 57.17 24.54 27.58
N GLY P 117 56.15 24.29 28.40
CA GLY P 117 54.89 23.75 27.91
C GLY P 117 54.27 24.47 26.74
N GLY P 118 54.20 23.80 25.60
CA GLY P 118 53.47 24.31 24.45
C GLY P 118 53.98 25.61 23.89
N VAL P 119 55.26 25.92 24.11
CA VAL P 119 55.84 27.16 23.61
C VAL P 119 56.66 26.82 22.36
N PRO P 120 56.79 27.74 21.39
CA PRO P 120 57.60 27.47 20.21
C PRO P 120 58.98 26.89 20.50
N SER P 121 59.79 27.61 21.27
CA SER P 121 61.12 27.23 21.73
C SER P 121 62.21 27.46 20.67
N TRP P 122 61.87 27.89 19.45
CA TRP P 122 62.88 28.14 18.43
C TRP P 122 63.22 29.61 18.27
N PHE P 123 62.47 30.51 18.88
CA PHE P 123 62.70 31.93 18.65
C PHE P 123 64.04 32.41 19.18
N GLY P 124 64.71 31.62 20.02
CA GLY P 124 66.00 32.02 20.56
C GLY P 124 65.95 33.22 21.47
N LEU P 125 64.81 33.51 22.07
CA LEU P 125 64.68 34.64 22.97
C LEU P 125 63.61 34.37 24.03
N THR Q 1 82.23 2.17 -19.37
CA THR Q 1 80.88 2.42 -18.89
C THR Q 1 80.29 1.17 -18.24
N TRP Q 2 80.78 0.00 -18.65
CA TRP Q 2 80.29 -1.27 -18.13
C TRP Q 2 81.37 -2.32 -18.37
N ILE Q 3 81.50 -3.23 -17.39
CA ILE Q 3 82.44 -4.34 -17.47
C ILE Q 3 81.66 -5.63 -17.20
N ASP Q 4 81.85 -6.62 -18.06
CA ASP Q 4 81.01 -7.81 -18.01
C ASP Q 4 81.36 -8.71 -16.84
N GLY Q 5 80.38 -9.49 -16.41
CA GLY Q 5 80.54 -10.38 -15.28
C GLY Q 5 80.90 -11.79 -15.69
N PRO Q 6 80.56 -12.78 -14.87
CA PRO Q 6 80.92 -14.17 -15.19
C PRO Q 6 79.89 -14.87 -16.06
N LYS Q 7 78.65 -14.37 -16.04
CA LYS Q 7 77.56 -14.91 -16.85
C LYS Q 7 77.22 -13.97 -18.01
N ASP Q 8 78.23 -13.28 -18.53
CA ASP Q 8 78.05 -12.31 -19.62
C ASP Q 8 79.10 -12.63 -20.69
N THR Q 9 78.66 -13.02 -21.87
CA THR Q 9 79.59 -13.43 -22.91
C THR Q 9 80.29 -12.23 -23.51
N SER Q 10 81.57 -12.39 -23.81
CA SER Q 10 82.35 -11.33 -24.41
C SER Q 10 81.83 -11.04 -25.81
N VAL Q 11 82.24 -9.88 -26.34
CA VAL Q 11 81.79 -9.47 -27.67
C VAL Q 11 82.35 -10.40 -28.74
N GLU Q 12 83.55 -10.93 -28.51
CA GLU Q 12 84.18 -11.79 -29.52
C GLU Q 12 83.30 -12.97 -29.88
N ASP Q 13 82.46 -13.43 -28.95
CA ASP Q 13 81.65 -14.61 -29.19
C ASP Q 13 80.18 -14.30 -29.44
N ALA Q 14 79.63 -13.28 -28.81
CA ALA Q 14 78.23 -12.95 -29.03
C ALA Q 14 77.96 -12.44 -30.44
N LEU Q 15 79.00 -11.99 -31.15
CA LEU Q 15 78.85 -11.49 -32.51
C LEU Q 15 79.48 -12.40 -33.56
N GLU Q 16 80.14 -13.48 -33.15
CA GLU Q 16 80.73 -14.37 -34.14
C GLU Q 16 79.64 -15.01 -34.98
N ARG Q 17 79.92 -15.21 -36.26
CA ARG Q 17 78.99 -15.85 -37.19
C ARG Q 17 79.49 -17.26 -37.44
N THR Q 18 78.75 -18.24 -36.91
CA THR Q 18 79.02 -19.64 -37.16
C THR Q 18 77.87 -20.33 -37.89
N TYR Q 19 76.89 -19.58 -38.39
CA TYR Q 19 75.73 -20.13 -39.07
C TYR Q 19 75.98 -20.14 -40.57
N VAL Q 20 76.44 -21.27 -41.08
CA VAL Q 20 76.50 -21.53 -42.52
C VAL Q 20 75.10 -21.97 -42.95
N PRO Q 21 74.43 -21.24 -43.84
CA PRO Q 21 73.06 -21.64 -44.20
C PRO Q 21 73.02 -23.05 -44.74
N CYS Q 22 72.01 -23.80 -44.32
CA CYS Q 22 71.92 -25.23 -44.59
C CYS Q 22 70.46 -25.59 -44.83
N LEU Q 23 70.27 -26.72 -45.50
CA LEU Q 23 68.93 -27.18 -45.89
C LEU Q 23 68.44 -28.29 -44.98
N LYS Q 24 68.80 -28.25 -43.71
CA LYS Q 24 68.39 -29.24 -42.73
C LYS Q 24 67.87 -28.54 -41.48
N THR Q 25 66.86 -29.14 -40.87
CA THR Q 25 66.30 -28.54 -39.67
C THR Q 25 67.33 -28.58 -38.55
N LEU Q 26 66.96 -27.99 -37.41
CA LEU Q 26 67.80 -28.08 -36.22
C LEU Q 26 67.96 -29.52 -35.79
N GLN Q 27 66.86 -30.28 -35.84
CA GLN Q 27 66.90 -31.67 -35.41
C GLN Q 27 67.80 -32.51 -36.31
N GLU Q 28 67.61 -32.40 -37.62
CA GLU Q 28 68.36 -33.23 -38.54
C GLU Q 28 69.86 -32.99 -38.39
N GLU Q 29 70.26 -31.73 -38.22
CA GLU Q 29 71.68 -31.44 -38.12
C GLU Q 29 72.25 -31.84 -36.77
N VAL Q 30 71.51 -31.57 -35.69
CA VAL Q 30 72.08 -31.87 -34.38
C VAL Q 30 72.20 -33.37 -34.18
N MET Q 31 71.25 -34.16 -34.70
CA MET Q 31 71.38 -35.60 -34.65
C MET Q 31 72.72 -36.05 -35.23
N GLU Q 32 73.05 -35.56 -36.42
CA GLU Q 32 74.31 -35.94 -37.04
C GLU Q 32 75.50 -35.41 -36.24
N ALA Q 33 75.40 -34.19 -35.72
CA ALA Q 33 76.53 -33.59 -35.03
C ALA Q 33 76.88 -34.38 -33.76
N MET Q 34 75.88 -34.82 -33.02
CA MET Q 34 76.10 -35.58 -31.79
C MET Q 34 76.08 -37.08 -32.00
N GLY Q 35 76.14 -37.54 -33.25
CA GLY Q 35 76.41 -38.93 -33.52
C GLY Q 35 75.37 -39.92 -33.07
N ILE Q 36 74.19 -39.45 -32.66
CA ILE Q 36 73.11 -40.37 -32.32
C ILE Q 36 72.48 -40.89 -33.61
N LYS Q 37 72.43 -42.21 -33.74
CA LYS Q 37 72.06 -42.88 -34.98
C LYS Q 37 70.67 -43.47 -34.81
N GLU Q 38 69.79 -43.20 -35.77
CA GLU Q 38 68.45 -43.76 -35.81
C GLU Q 38 68.18 -44.27 -37.22
N THR Q 39 67.60 -45.46 -37.33
CA THR Q 39 67.36 -46.07 -38.62
C THR Q 39 65.91 -46.46 -38.85
N ARG Q 40 65.16 -46.82 -37.81
CA ARG Q 40 63.76 -47.14 -38.00
C ARG Q 40 63.05 -45.97 -38.63
N LYS Q 41 62.29 -46.25 -39.68
CA LYS Q 41 61.63 -45.20 -40.44
C LYS Q 41 60.25 -44.92 -39.85
N TYR Q 42 59.87 -43.65 -39.82
CA TYR Q 42 58.61 -43.28 -39.22
C TYR Q 42 57.45 -43.86 -40.02
N LYS Q 43 56.48 -44.41 -39.29
CA LYS Q 43 55.31 -45.03 -39.89
C LYS Q 43 54.41 -43.95 -40.50
N LYS Q 44 53.24 -44.35 -40.98
CA LYS Q 44 52.29 -43.45 -41.62
C LYS Q 44 51.06 -43.31 -40.75
N VAL Q 45 50.65 -42.07 -40.52
CA VAL Q 45 49.49 -41.77 -39.69
C VAL Q 45 48.42 -41.14 -40.57
N TYR Q 46 47.22 -41.03 -40.01
CA TYR Q 46 46.04 -40.56 -40.73
C TYR Q 46 45.54 -39.30 -40.03
N TRP Q 47 46.00 -38.14 -40.49
CA TRP Q 47 45.54 -36.88 -39.92
C TRP Q 47 44.12 -36.60 -40.35
N TYR Q 48 43.30 -36.14 -39.41
CA TYR Q 48 41.96 -35.64 -39.71
C TYR Q 48 41.24 -35.17 -38.44
N ARG R 1 -51.81 6.05 -25.14
CA ARG R 1 -52.97 6.03 -26.03
C ARG R 1 -53.35 7.46 -26.42
N ARG R 2 -53.52 8.33 -25.42
CA ARG R 2 -53.68 9.76 -25.63
C ARG R 2 -54.90 10.08 -26.51
N GLN R 3 -56.06 9.68 -26.01
CA GLN R 3 -57.34 9.93 -26.67
C GLN R 3 -57.98 11.15 -26.02
N GLY R 4 -57.50 12.34 -26.39
CA GLY R 4 -58.03 13.56 -25.84
C GLY R 4 -57.86 14.71 -26.80
N ILE R 5 -58.40 15.86 -26.41
CA ILE R 5 -58.30 17.05 -27.25
C ILE R 5 -56.85 17.35 -27.53
N LYS R 6 -56.57 17.81 -28.75
CA LYS R 6 -55.24 18.24 -29.13
C LYS R 6 -55.21 19.63 -29.71
N LYS R 7 -56.36 20.26 -29.96
CA LYS R 7 -56.46 21.68 -30.25
C LYS R 7 -57.64 22.20 -29.45
N MET R 8 -57.36 23.08 -28.50
CA MET R 8 -58.37 23.56 -27.57
C MET R 8 -59.01 24.82 -28.13
N GLU R 9 -60.09 25.26 -27.49
CA GLU R 9 -60.83 26.42 -27.97
C GLU R 9 -59.91 27.60 -28.23
N GLY R 10 -60.23 28.35 -29.27
CA GLY R 10 -59.45 29.53 -29.61
C GLY R 10 -58.06 29.22 -30.09
N HIS R 11 -57.89 28.16 -30.87
CA HIS R 11 -56.63 27.80 -31.47
C HIS R 11 -56.76 27.84 -32.98
N TYR R 12 -55.70 28.29 -33.63
CA TYR R 12 -55.67 28.38 -35.09
C TYR R 12 -55.27 27.04 -35.67
N VAL R 13 -56.21 26.37 -36.33
CA VAL R 13 -55.99 25.04 -36.88
C VAL R 13 -56.10 25.11 -38.40
N HIS R 14 -55.08 24.60 -39.07
CA HIS R 14 -55.04 24.56 -40.53
C HIS R 14 -55.80 23.34 -41.03
N ALA R 15 -55.81 23.20 -42.35
CA ALA R 15 -56.53 22.11 -42.99
C ALA R 15 -55.86 20.78 -42.66
N GLY R 16 -56.67 19.80 -42.30
CA GLY R 16 -56.18 18.46 -42.08
C GLY R 16 -55.68 18.19 -40.68
N ASN R 17 -55.44 19.22 -39.87
CA ASN R 17 -54.92 19.01 -38.54
C ASN R 17 -55.98 18.34 -37.67
N ILE R 18 -55.56 17.38 -36.85
CA ILE R 18 -56.50 16.65 -36.01
C ILE R 18 -56.91 17.54 -34.85
N ILE R 19 -58.22 17.65 -34.65
CA ILE R 19 -58.73 18.44 -33.53
C ILE R 19 -58.80 17.60 -32.27
N ALA R 20 -59.33 16.38 -32.38
CA ALA R 20 -59.51 15.54 -31.21
C ALA R 20 -59.44 14.08 -31.62
N THR R 21 -58.72 13.30 -30.82
CA THR R 21 -58.64 11.85 -30.96
C THR R 21 -59.44 11.23 -29.84
N GLN R 22 -60.39 10.37 -30.19
CA GLN R 22 -61.31 9.86 -29.19
C GLN R 22 -61.56 8.38 -29.42
N ARG R 23 -62.13 7.74 -28.41
CA ARG R 23 -62.52 6.34 -28.43
C ARG R 23 -64.00 6.17 -28.75
N HIS R 24 -64.87 6.73 -27.92
CA HIS R 24 -66.28 6.86 -28.21
C HIS R 24 -66.52 8.25 -28.78
N PHE R 25 -67.78 8.58 -29.04
CA PHE R 25 -68.13 9.90 -29.56
C PHE R 25 -68.38 10.85 -28.40
N ARG R 26 -67.28 11.33 -27.81
CA ARG R 26 -67.35 12.39 -26.82
C ARG R 26 -67.63 13.72 -27.47
N TRP R 27 -66.94 14.02 -28.56
CA TRP R 27 -67.10 15.26 -29.30
C TRP R 27 -67.51 14.96 -30.73
N HIS R 28 -68.73 15.37 -31.08
CA HIS R 28 -69.24 15.11 -32.41
C HIS R 28 -68.73 16.16 -33.39
N PRO R 29 -68.57 15.80 -34.66
CA PRO R 29 -68.09 16.78 -35.63
C PRO R 29 -69.14 17.86 -35.88
N GLY R 30 -68.67 19.05 -36.23
CA GLY R 30 -69.55 20.16 -36.52
C GLY R 30 -69.27 20.80 -37.86
N ALA R 31 -69.24 22.13 -37.90
CA ALA R 31 -69.00 22.84 -39.15
C ALA R 31 -67.53 22.77 -39.51
N HIS R 32 -67.24 22.14 -40.66
CA HIS R 32 -65.90 22.04 -41.23
C HIS R 32 -65.01 21.06 -40.49
N VAL R 33 -65.57 20.25 -39.61
CA VAL R 33 -64.82 19.26 -38.85
C VAL R 33 -65.24 17.89 -39.34
N GLY R 34 -64.31 17.18 -39.97
CA GLY R 34 -64.59 15.88 -40.52
C GLY R 34 -64.16 14.77 -39.58
N VAL R 35 -64.71 13.59 -39.81
CA VAL R 35 -64.43 12.41 -39.01
C VAL R 35 -63.74 11.38 -39.87
N GLY R 36 -62.84 10.63 -39.26
CA GLY R 36 -62.21 9.50 -39.90
C GLY R 36 -62.81 8.19 -39.43
N LYS R 37 -62.31 7.09 -39.98
CA LYS R 37 -62.86 5.80 -39.60
C LYS R 37 -62.67 5.52 -38.12
N ASN R 38 -61.60 6.05 -37.53
CA ASN R 38 -61.30 5.83 -36.12
C ASN R 38 -61.89 6.91 -35.22
N LYS R 39 -62.83 7.70 -35.72
CA LYS R 39 -63.53 8.75 -35.00
C LYS R 39 -62.65 9.97 -34.70
N CYS R 40 -61.43 10.02 -35.24
CA CYS R 40 -60.64 11.23 -35.13
C CYS R 40 -61.37 12.39 -35.79
N LEU R 41 -61.29 13.57 -35.19
CA LEU R 41 -61.87 14.79 -35.73
C LEU R 41 -60.75 15.64 -36.28
N TYR R 42 -60.89 16.07 -37.53
CA TYR R 42 -59.86 16.85 -38.19
C TYR R 42 -60.47 18.07 -38.86
N ALA R 43 -59.65 19.10 -39.03
CA ALA R 43 -60.11 20.40 -39.47
C ALA R 43 -60.09 20.45 -41.00
N LEU R 44 -61.27 20.56 -41.59
CA LEU R 44 -61.38 20.62 -43.05
C LEU R 44 -60.95 21.97 -43.59
N GLU R 45 -61.35 23.07 -42.95
CA GLU R 45 -61.07 24.41 -43.43
C GLU R 45 -60.26 25.19 -42.41
N GLU R 46 -59.24 25.90 -42.90
CA GLU R 46 -58.39 26.68 -42.03
C GLU R 46 -59.21 27.68 -41.22
N GLY R 47 -58.93 27.78 -39.93
CA GLY R 47 -59.65 28.74 -39.11
C GLY R 47 -59.38 28.66 -37.62
N ILE R 48 -60.43 28.89 -36.83
CA ILE R 48 -60.34 28.97 -35.37
C ILE R 48 -61.36 28.01 -34.79
N VAL R 49 -60.95 27.23 -33.80
CA VAL R 49 -61.79 26.18 -33.26
C VAL R 49 -62.68 26.73 -32.17
N ARG R 50 -63.93 26.26 -32.13
CA ARG R 50 -64.85 26.57 -31.06
C ARG R 50 -65.61 25.31 -30.69
N TYR R 51 -66.13 25.28 -29.46
CA TYR R 51 -66.91 24.16 -28.98
C TYR R 51 -68.29 24.69 -28.60
N THR R 52 -69.32 23.92 -28.88
CA THR R 52 -70.68 24.34 -28.65
C THR R 52 -71.51 23.15 -28.19
N LYS R 53 -72.70 23.47 -27.68
CA LYS R 53 -73.69 22.47 -27.29
C LYS R 53 -74.89 22.62 -28.19
N GLU R 54 -75.30 21.54 -28.84
CA GLU R 54 -76.37 21.60 -29.84
C GLU R 54 -77.33 20.45 -29.61
N VAL R 55 -78.35 20.39 -30.47
CA VAL R 55 -79.32 19.32 -30.42
C VAL R 55 -78.86 18.19 -31.33
N TYR R 56 -79.25 16.97 -30.99
CA TYR R 56 -78.75 15.76 -31.63
C TYR R 56 -79.91 15.11 -32.38
N VAL R 57 -79.73 14.91 -33.68
CA VAL R 57 -80.75 14.28 -34.52
C VAL R 57 -80.07 13.20 -35.36
N PRO R 58 -79.99 11.96 -34.89
CA PRO R 58 -79.14 10.97 -35.56
C PRO R 58 -79.68 10.58 -36.92
N HIS R 59 -78.81 9.93 -37.69
CA HIS R 59 -79.24 9.40 -38.98
C HIS R 59 -80.29 8.31 -38.77
N PRO R 60 -81.39 8.34 -39.52
CA PRO R 60 -82.28 7.18 -39.47
C PRO R 60 -81.61 5.91 -39.94
N ARG R 61 -80.65 6.00 -40.86
CA ARG R 61 -79.90 4.83 -41.29
C ARG R 61 -79.25 4.11 -40.12
N ASN R 62 -78.82 4.84 -39.11
CA ASN R 62 -78.31 4.25 -37.87
C ASN R 62 -79.49 3.74 -37.06
N THR R 63 -79.26 2.72 -36.24
CA THR R 63 -80.32 2.06 -35.49
C THR R 63 -80.20 2.23 -33.99
N GLU R 64 -78.99 2.17 -33.43
CA GLU R 64 -78.84 2.28 -31.98
C GLU R 64 -79.18 3.65 -31.44
N ALA R 65 -79.35 4.65 -32.31
CA ALA R 65 -79.72 6.00 -31.90
C ALA R 65 -81.11 6.41 -32.33
N VAL R 66 -81.57 5.97 -33.50
CA VAL R 66 -82.89 6.35 -33.98
C VAL R 66 -84.00 5.82 -33.08
N ASP R 67 -83.71 4.77 -32.32
CA ASP R 67 -84.72 4.17 -31.45
C ASP R 67 -84.72 4.77 -30.05
N LEU R 68 -83.54 5.10 -29.51
CA LEU R 68 -83.49 5.72 -28.19
C LEU R 68 -84.18 7.07 -28.18
N ILE R 69 -83.99 7.87 -29.23
CA ILE R 69 -84.75 9.12 -29.34
C ILE R 69 -86.23 8.83 -29.40
N THR R 70 -86.61 7.65 -29.88
CA THR R 70 -88.00 7.22 -29.85
C THR R 70 -88.46 6.86 -28.45
N ARG R 71 -87.54 6.75 -27.50
CA ARG R 71 -87.87 6.52 -26.10
C ARG R 71 -87.44 7.75 -25.32
N LEU R 72 -88.30 8.76 -25.33
CA LEU R 72 -88.07 10.01 -24.61
C LEU R 72 -89.41 10.70 -24.46
N PRO R 73 -89.63 11.43 -23.37
CA PRO R 73 -90.95 12.04 -23.17
C PRO R 73 -91.20 13.23 -24.06
N LYS R 74 -92.44 13.69 -24.12
CA LYS R 74 -92.76 14.93 -24.81
C LYS R 74 -91.85 16.04 -24.30
N GLY R 75 -91.39 16.88 -25.22
CA GLY R 75 -90.55 17.99 -24.84
C GLY R 75 -89.14 17.61 -24.47
N ALA R 76 -88.68 16.43 -24.87
CA ALA R 76 -87.35 15.95 -24.55
C ALA R 76 -86.44 16.18 -25.75
N VAL R 77 -85.13 16.10 -25.49
CA VAL R 77 -84.12 16.31 -26.53
C VAL R 77 -82.80 15.80 -26.00
N LEU R 78 -81.99 15.25 -26.91
CA LEU R 78 -80.63 14.84 -26.59
C LEU R 78 -79.69 15.93 -27.04
N TYR R 79 -79.10 16.66 -26.09
CA TYR R 79 -78.10 17.65 -26.38
C TYR R 79 -76.73 16.99 -26.38
N LYS R 80 -75.82 17.51 -27.19
CA LYS R 80 -74.48 16.95 -27.27
C LYS R 80 -73.50 18.00 -27.74
N THR R 81 -72.22 17.73 -27.49
CA THR R 81 -71.17 18.68 -27.79
C THR R 81 -70.73 18.55 -29.24
N PHE R 82 -70.31 19.68 -29.81
CA PHE R 82 -69.80 19.74 -31.16
C PHE R 82 -68.59 20.65 -31.18
N VAL R 83 -67.71 20.43 -32.15
CA VAL R 83 -66.50 21.23 -32.32
C VAL R 83 -66.48 21.74 -33.75
N HIS R 84 -66.55 23.05 -33.90
CA HIS R 84 -66.57 23.69 -35.21
C HIS R 84 -65.27 24.43 -35.43
N VAL R 85 -65.02 24.77 -36.68
CA VAL R 85 -63.92 25.63 -37.07
C VAL R 85 -64.51 26.79 -37.85
N VAL R 86 -64.58 27.96 -37.24
CA VAL R 86 -64.98 29.16 -37.96
C VAL R 86 -63.85 29.47 -38.92
N PRO R 87 -64.07 29.48 -40.23
CA PRO R 87 -62.97 29.75 -41.15
C PRO R 87 -62.51 31.18 -41.05
N ALA R 88 -61.21 31.39 -41.28
CA ALA R 88 -60.60 32.70 -41.14
C ALA R 88 -60.44 33.42 -42.46
N LYS R 89 -59.74 32.84 -43.40
CA LYS R 89 -59.50 33.52 -44.65
C LYS R 89 -60.69 33.34 -45.59
N PRO R 90 -60.90 34.27 -46.52
CA PRO R 90 -61.93 34.05 -47.54
C PRO R 90 -61.44 33.09 -48.61
N GLU R 91 -62.38 32.64 -49.43
CA GLU R 91 -62.05 31.64 -50.44
C GLU R 91 -60.99 32.14 -51.41
N GLY R 92 -61.13 33.38 -51.87
CA GLY R 92 -60.15 33.91 -52.79
C GLY R 92 -60.41 35.38 -53.07
N THR R 93 -59.55 35.93 -53.92
CA THR R 93 -59.66 37.32 -54.33
C THR R 93 -59.49 37.40 -55.85
N PHE R 94 -59.86 38.54 -56.40
CA PHE R 94 -59.78 38.81 -57.83
C PHE R 94 -58.70 39.85 -58.06
N LYS R 95 -57.75 39.55 -58.95
CA LYS R 95 -56.67 40.47 -59.25
C LYS R 95 -56.57 40.68 -60.75
N LEU R 96 -56.15 41.89 -61.13
CA LEU R 96 -55.93 42.19 -62.54
C LEU R 96 -54.92 41.22 -63.12
N VAL R 97 -55.28 40.61 -64.25
CA VAL R 97 -54.41 39.66 -64.94
C VAL R 97 -53.97 40.23 -66.28
N ALA R 98 -54.88 40.88 -67.00
CA ALA R 98 -54.57 41.43 -68.32
C ALA R 98 -55.45 42.64 -68.57
N MET R 99 -54.83 43.69 -69.07
CA MET R 99 -55.51 44.94 -69.43
C MET R 99 -55.50 45.02 -70.96
N LEU R 100 -56.55 44.48 -71.58
CA LEU R 100 -56.69 44.50 -73.03
C LEU R 100 -58.00 45.17 -73.44
N PRO S 1 19.82 -0.38 -35.39
CA PRO S 1 20.28 0.16 -36.66
C PRO S 1 19.61 -0.51 -37.84
N LEU S 2 20.24 -0.46 -39.02
CA LEU S 2 19.69 -1.04 -40.23
C LEU S 2 20.80 -1.63 -41.06
N HIS S 3 20.55 -2.79 -41.66
CA HIS S 3 21.52 -3.36 -42.57
C HIS S 3 21.64 -2.50 -43.82
N LYS S 4 22.70 -2.76 -44.58
CA LYS S 4 22.90 -2.05 -45.84
C LYS S 4 22.25 -2.77 -47.00
N TYR S 5 21.87 -4.02 -46.82
CA TYR S 5 21.11 -4.78 -47.80
C TYR S 5 19.96 -5.47 -47.08
N PRO S 6 18.81 -5.63 -47.73
CA PRO S 6 17.69 -6.29 -47.07
C PRO S 6 18.00 -7.76 -46.78
N VAL S 7 17.02 -8.43 -46.17
CA VAL S 7 17.23 -9.81 -45.75
C VAL S 7 17.25 -10.74 -46.95
N TRP S 8 16.34 -10.53 -47.90
CA TRP S 8 16.23 -11.45 -49.03
C TRP S 8 17.29 -11.25 -50.09
N LEU S 9 18.10 -10.21 -50.00
CA LEU S 9 19.23 -10.06 -50.89
C LEU S 9 20.51 -10.72 -50.36
N TRP S 10 20.46 -11.28 -49.16
CA TRP S 10 21.67 -11.89 -48.60
C TRP S 10 22.06 -13.13 -49.39
N LYS S 11 21.08 -13.94 -49.81
CA LYS S 11 21.39 -15.10 -50.61
C LYS S 11 22.10 -14.71 -51.90
N ARG S 12 21.55 -13.73 -52.60
CA ARG S 12 22.17 -13.30 -53.85
C ARG S 12 23.53 -12.66 -53.60
N LEU S 13 23.71 -12.01 -52.45
CA LEU S 13 25.03 -11.49 -52.12
C LEU S 13 26.02 -12.62 -51.91
N GLN S 14 25.60 -13.68 -51.19
CA GLN S 14 26.50 -14.80 -50.95
C GLN S 14 26.90 -15.47 -52.26
N LEU S 15 25.99 -15.54 -53.21
CA LEU S 15 26.35 -16.12 -54.49
C LEU S 15 27.36 -15.29 -55.25
N ARG S 16 27.93 -14.21 -54.69
CA ARG S 16 28.95 -13.43 -55.38
C ARG S 16 30.25 -13.31 -54.60
N GLU S 17 30.31 -13.79 -53.35
CA GLU S 17 31.47 -13.51 -52.50
C GLU S 17 32.52 -14.61 -52.57
N GLY S 18 32.17 -15.82 -52.14
CA GLY S 18 33.18 -16.80 -51.82
C GLY S 18 33.40 -17.87 -52.88
N ILE S 19 33.37 -19.13 -52.46
CA ILE S 19 33.53 -20.22 -53.41
C ILE S 19 32.42 -20.17 -54.45
N CYS S 20 31.23 -19.75 -54.03
CA CYS S 20 30.12 -19.67 -54.98
C CYS S 20 30.41 -18.67 -56.08
N SER S 21 31.39 -17.78 -55.88
CA SER S 21 31.67 -16.75 -56.87
C SER S 21 32.41 -17.31 -58.08
N ARG S 22 33.16 -18.39 -57.90
CA ARG S 22 33.94 -18.95 -58.99
C ARG S 22 33.18 -19.97 -59.82
N LEU S 23 31.95 -20.31 -59.44
CA LEU S 23 31.17 -21.23 -60.26
C LEU S 23 30.96 -20.65 -61.64
N PRO S 24 30.79 -21.49 -62.66
CA PRO S 24 30.63 -20.97 -64.02
C PRO S 24 29.34 -20.18 -64.15
N GLY S 25 29.35 -19.24 -65.09
CA GLY S 25 28.22 -18.34 -65.21
C GLY S 25 26.90 -19.04 -65.47
N HIS S 26 26.91 -20.02 -66.37
CA HIS S 26 25.64 -20.62 -66.78
C HIS S 26 24.97 -21.35 -65.62
N TYR S 27 25.76 -21.96 -64.74
CA TYR S 27 25.16 -22.60 -63.58
C TYR S 27 24.46 -21.58 -62.70
N LEU S 28 25.11 -20.45 -62.45
CA LEU S 28 24.48 -19.42 -61.64
C LEU S 28 23.21 -18.91 -62.29
N ARG S 29 23.24 -18.72 -63.61
CA ARG S 29 22.02 -18.28 -64.30
C ARG S 29 20.91 -19.29 -64.15
N SER S 30 21.22 -20.59 -64.31
CA SER S 30 20.21 -21.62 -64.15
C SER S 30 19.71 -21.72 -62.72
N LEU S 31 20.51 -21.27 -61.76
CA LEU S 31 20.11 -21.36 -60.35
C LEU S 31 19.22 -20.18 -59.97
N GLU S 32 19.66 -18.96 -60.27
CA GLU S 32 18.90 -17.77 -59.91
C GLU S 32 17.55 -17.71 -60.61
N GLU S 33 17.51 -18.09 -61.88
CA GLU S 33 16.27 -18.04 -62.65
C GLU S 33 15.16 -18.79 -61.93
N GLU S 34 13.96 -18.23 -61.95
CA GLU S 34 12.79 -18.86 -61.35
C GLU S 34 11.74 -19.02 -62.43
N ARG S 35 11.08 -20.18 -62.44
CA ARG S 35 9.98 -20.44 -63.36
C ARG S 35 8.83 -21.01 -62.57
N THR S 36 7.62 -20.61 -62.92
CA THR S 36 6.44 -21.18 -62.31
C THR S 36 6.25 -22.60 -62.82
N PRO S 37 5.92 -23.57 -61.97
CA PRO S 37 5.63 -24.90 -62.47
C PRO S 37 4.38 -24.89 -63.30
N THR S 38 4.28 -25.84 -64.21
CA THR S 38 3.05 -26.00 -64.97
C THR S 38 1.91 -26.30 -64.00
N PRO S 39 0.73 -25.73 -64.19
CA PRO S 39 -0.38 -26.04 -63.29
C PRO S 39 -0.67 -27.53 -63.29
N VAL S 40 -0.89 -28.07 -62.08
CA VAL S 40 -1.17 -29.48 -61.89
C VAL S 40 -2.47 -29.69 -61.12
N HIS S 41 -2.62 -29.04 -59.98
CA HIS S 41 -3.75 -29.25 -59.10
C HIS S 41 -4.82 -28.18 -59.20
N TYR S 42 -4.71 -27.24 -60.13
CA TYR S 42 -5.70 -26.18 -60.27
C TYR S 42 -5.98 -25.92 -61.74
N ARG S 43 -7.19 -25.42 -62.02
CA ARG S 43 -7.57 -25.07 -63.39
C ARG S 43 -7.13 -23.63 -63.64
N PRO S 44 -6.14 -23.39 -64.51
CA PRO S 44 -5.72 -22.01 -64.75
C PRO S 44 -6.75 -21.25 -65.55
N HIS S 45 -6.95 -19.98 -65.18
CA HIS S 45 -7.80 -19.09 -65.96
C HIS S 45 -7.20 -18.94 -67.35
N GLY S 46 -8.04 -19.03 -68.37
CA GLY S 46 -7.53 -19.00 -69.73
C GLY S 46 -6.86 -17.68 -70.09
N ALA S 47 -7.52 -16.57 -69.77
CA ALA S 47 -7.14 -15.27 -70.31
C ALA S 47 -6.71 -14.32 -69.21
N LYS S 48 -6.20 -13.15 -69.65
CA LYS S 48 -5.75 -12.11 -68.75
C LYS S 48 -6.88 -11.25 -68.21
N PHE S 49 -8.07 -11.33 -68.78
CA PHE S 49 -9.19 -10.50 -68.36
C PHE S 49 -10.45 -11.34 -68.35
N LYS S 50 -11.49 -10.87 -67.67
CA LYS S 50 -12.72 -11.62 -67.65
C LYS S 50 -13.86 -10.72 -67.20
N ILE S 51 -15.06 -11.03 -67.68
CA ILE S 51 -16.29 -10.35 -67.28
C ILE S 51 -16.92 -11.15 -66.15
N ASN S 52 -17.18 -10.48 -65.03
CA ASN S 52 -17.82 -11.18 -63.94
C ASN S 52 -19.32 -10.91 -63.94
N PRO S 53 -20.12 -11.82 -63.41
CA PRO S 53 -21.58 -11.68 -63.56
C PRO S 53 -22.23 -10.76 -62.54
N LYS S 54 -21.63 -10.61 -61.36
CA LYS S 54 -22.31 -9.90 -60.28
C LYS S 54 -22.59 -8.45 -60.65
N ASN S 55 -21.63 -7.78 -61.29
CA ASN S 55 -21.80 -6.41 -61.74
C ASN S 55 -21.85 -6.29 -63.26
N GLY S 56 -20.86 -6.83 -63.96
CA GLY S 56 -20.84 -6.80 -65.41
C GLY S 56 -19.66 -6.10 -66.04
N GLN S 57 -18.66 -5.71 -65.27
CA GLN S 57 -17.52 -4.96 -65.78
C GLN S 57 -16.34 -5.89 -66.03
N ARG S 58 -15.37 -5.38 -66.78
CA ARG S 58 -14.23 -6.19 -67.19
C ARG S 58 -13.12 -6.11 -66.16
N GLU S 59 -12.99 -7.15 -65.35
CA GLU S 59 -12.01 -7.16 -64.28
C GLU S 59 -10.85 -8.07 -64.63
N ARG S 60 -9.67 -7.70 -64.16
CA ARG S 60 -8.48 -8.51 -64.40
C ARG S 60 -8.50 -9.74 -63.50
N VAL S 61 -7.84 -10.80 -63.95
CA VAL S 61 -7.75 -12.03 -63.17
C VAL S 61 -6.35 -12.60 -63.32
N GLU S 62 -5.86 -13.18 -62.23
CA GLU S 62 -4.62 -13.92 -62.21
C GLU S 62 -4.89 -15.28 -61.61
N ASP S 63 -3.95 -16.19 -61.81
CA ASP S 63 -4.03 -17.54 -61.28
C ASP S 63 -2.96 -17.69 -60.21
N VAL S 64 -3.40 -17.98 -58.99
CA VAL S 64 -2.52 -18.04 -57.83
C VAL S 64 -2.24 -19.50 -57.54
N PRO S 65 -1.01 -19.99 -57.73
CA PRO S 65 -0.78 -21.43 -57.62
C PRO S 65 -1.08 -21.97 -56.24
N ILE S 66 -1.63 -23.17 -56.22
CA ILE S 66 -1.81 -23.90 -54.96
C ILE S 66 -0.44 -24.29 -54.42
N PRO S 67 -0.19 -24.19 -53.12
CA PRO S 67 1.12 -24.61 -52.59
C PRO S 67 1.11 -26.09 -52.25
N ILE S 68 2.07 -26.82 -52.78
CA ILE S 68 2.05 -28.28 -52.74
C ILE S 68 3.32 -28.78 -52.07
N TYR S 69 3.18 -29.84 -51.28
CA TYR S 69 4.26 -30.40 -50.49
C TYR S 69 4.78 -31.67 -51.16
N PHE S 70 6.09 -31.78 -51.25
CA PHE S 70 6.75 -32.95 -51.82
C PHE S 70 7.57 -33.64 -50.74
N PRO S 71 7.07 -34.69 -50.10
CA PRO S 71 7.85 -35.33 -49.05
C PRO S 71 9.12 -35.92 -49.62
N PRO S 72 10.17 -36.07 -48.82
CA PRO S 72 11.48 -36.43 -49.39
C PRO S 72 11.47 -37.77 -50.09
N GLU S 73 10.53 -38.65 -49.77
CA GLU S 73 10.48 -39.95 -50.44
C GLU S 73 10.28 -39.79 -51.94
N SER S 74 9.69 -38.68 -52.37
CA SER S 74 9.48 -38.46 -53.80
C SER S 74 10.79 -38.15 -54.51
N GLN S 75 11.78 -37.62 -53.80
CA GLN S 75 13.02 -37.26 -54.45
C GLN S 75 13.73 -38.47 -55.03
N ARG S 76 13.33 -39.68 -54.62
CA ARG S 76 13.89 -40.89 -55.21
C ARG S 76 13.10 -41.39 -56.40
N GLY S 77 11.93 -40.81 -56.68
CA GLY S 77 11.13 -41.22 -57.81
C GLY S 77 10.81 -40.10 -58.77
N LEU S 78 9.89 -40.38 -59.70
CA LEU S 78 9.42 -39.39 -60.68
C LEU S 78 7.92 -39.26 -60.49
N TRP S 79 7.53 -38.39 -59.57
CA TRP S 79 6.11 -38.15 -59.34
C TRP S 79 5.47 -37.30 -60.42
N GLY S 80 6.26 -36.80 -61.36
CA GLY S 80 5.77 -35.90 -62.36
C GLY S 80 5.97 -34.48 -61.88
N GLY S 81 4.89 -33.83 -61.50
CA GLY S 81 4.99 -32.63 -60.69
C GLY S 81 4.05 -32.72 -59.51
N GLU S 82 3.34 -33.82 -59.39
CA GLU S 82 2.27 -33.98 -58.43
C GLU S 82 2.82 -33.98 -57.02
N GLY S 83 1.92 -34.00 -56.05
CA GLY S 83 2.35 -33.98 -54.66
C GLY S 83 1.17 -33.93 -53.72
N TRP S 84 1.48 -33.61 -52.47
CA TRP S 84 0.46 -33.52 -51.43
C TRP S 84 -0.18 -32.14 -51.43
N ILE S 85 -1.46 -32.11 -51.12
CA ILE S 85 -2.19 -30.87 -50.91
C ILE S 85 -2.60 -30.84 -49.45
N LEU S 86 -1.99 -29.96 -48.68
CA LEU S 86 -2.30 -29.78 -47.27
C LEU S 86 -3.16 -28.56 -47.11
N GLY S 87 -4.37 -28.74 -46.56
CA GLY S 87 -5.22 -27.58 -46.41
C GLY S 87 -6.45 -27.83 -45.58
N GLN S 88 -7.49 -27.05 -45.83
CA GLN S 88 -8.74 -27.16 -45.10
C GLN S 88 -9.88 -27.35 -46.08
N ILE S 89 -10.99 -27.86 -45.54
CA ILE S 89 -12.24 -27.92 -46.28
C ILE S 89 -13.37 -27.53 -45.33
N TYR S 90 -14.44 -27.03 -45.89
CA TYR S 90 -15.65 -26.81 -45.13
C TYR S 90 -16.43 -28.12 -45.10
N ALA S 91 -16.98 -28.45 -43.92
CA ALA S 91 -17.50 -29.79 -43.67
C ALA S 91 -18.45 -30.26 -44.76
N ASN S 92 -19.59 -29.60 -44.91
CA ASN S 92 -20.60 -30.01 -45.87
C ASN S 92 -20.52 -29.22 -47.17
N ASN S 93 -19.36 -28.65 -47.47
CA ASN S 93 -19.21 -27.71 -48.58
C ASN S 93 -20.22 -26.57 -48.45
N ASP S 94 -20.52 -26.17 -47.22
CA ASP S 94 -21.24 -24.95 -46.93
C ASP S 94 -20.40 -24.15 -45.93
N LYS S 95 -20.34 -22.84 -46.14
CA LYS S 95 -19.36 -22.04 -45.43
C LYS S 95 -19.67 -21.92 -43.95
N LEU S 96 -20.86 -22.33 -43.53
CA LEU S 96 -21.25 -22.23 -42.13
C LEU S 96 -21.11 -23.54 -41.38
N SER S 97 -20.17 -24.40 -41.78
CA SER S 97 -19.85 -25.63 -41.07
C SER S 97 -18.35 -25.66 -40.77
N LYS S 98 -17.95 -26.52 -39.85
CA LYS S 98 -16.61 -26.43 -39.28
C LYS S 98 -15.56 -26.44 -40.35
N ARG S 99 -14.44 -25.79 -40.08
CA ARG S 99 -13.29 -25.81 -40.97
C ARG S 99 -12.41 -26.99 -40.56
N LEU S 100 -12.33 -28.00 -41.40
CA LEU S 100 -11.68 -29.25 -41.08
C LEU S 100 -10.36 -29.38 -41.81
N LYS S 101 -9.41 -30.02 -41.16
CA LYS S 101 -8.13 -30.35 -41.75
C LYS S 101 -8.32 -31.36 -42.88
N LYS S 102 -7.41 -31.33 -43.85
CA LYS S 102 -7.50 -32.32 -44.93
C LYS S 102 -6.19 -32.37 -45.69
N VAL S 103 -5.79 -33.58 -46.06
CA VAL S 103 -4.62 -33.81 -46.88
C VAL S 103 -5.03 -34.69 -48.05
N TRP S 104 -4.63 -34.28 -49.25
CA TRP S 104 -4.84 -35.07 -50.46
C TRP S 104 -3.50 -35.55 -50.97
N LYS S 105 -3.34 -36.86 -51.06
CA LYS S 105 -2.09 -37.44 -51.50
C LYS S 105 -2.27 -38.17 -52.82
N PRO S 106 -1.25 -38.20 -53.66
CA PRO S 106 -1.42 -38.86 -54.95
C PRO S 106 -1.51 -40.36 -54.78
N GLN S 107 -1.95 -41.02 -55.85
CA GLN S 107 -1.95 -42.47 -55.92
C GLN S 107 -0.65 -42.88 -56.58
N LEU S 108 0.24 -43.48 -55.80
CA LEU S 108 1.55 -43.87 -56.27
C LEU S 108 1.57 -45.32 -56.73
N PHE S 109 2.41 -45.59 -57.72
CA PHE S 109 2.69 -46.94 -58.17
C PHE S 109 4.20 -47.11 -58.26
N GLU S 110 4.63 -48.35 -58.36
CA GLU S 110 6.00 -48.68 -58.72
C GLU S 110 5.96 -49.31 -60.11
N ARG S 111 6.94 -48.99 -60.94
CA ARG S 111 6.98 -49.48 -62.30
C ARG S 111 8.42 -49.54 -62.77
N GLU S 112 8.60 -50.08 -63.97
CA GLU S 112 9.90 -50.23 -64.61
C GLU S 112 9.93 -49.43 -65.89
N PHE S 113 11.00 -48.68 -66.09
CA PHE S 113 11.12 -47.81 -67.26
C PHE S 113 12.48 -48.02 -67.91
N TYR S 114 12.49 -48.05 -69.23
CA TYR S 114 13.69 -48.32 -70.00
C TYR S 114 14.24 -47.00 -70.55
N SER S 115 15.47 -46.66 -70.18
CA SER S 115 16.15 -45.49 -70.71
C SER S 115 17.11 -45.93 -71.80
N GLU S 116 16.94 -45.37 -73.00
CA GLU S 116 17.69 -45.82 -74.16
C GLU S 116 19.07 -45.18 -74.22
N ILE S 117 19.18 -43.89 -73.92
CA ILE S 117 20.51 -43.28 -73.87
C ILE S 117 21.32 -43.89 -72.74
N LEU S 118 20.65 -44.40 -71.72
CA LEU S 118 21.29 -45.14 -70.65
C LEU S 118 21.19 -46.65 -70.83
N ASP S 119 20.37 -47.12 -71.77
CA ASP S 119 20.14 -48.54 -72.02
C ASP S 119 20.06 -49.32 -70.71
N LYS S 120 19.25 -48.81 -69.80
CA LYS S 120 19.12 -49.43 -68.48
C LYS S 120 17.66 -49.38 -68.04
N LYS S 121 17.26 -50.38 -67.27
CA LYS S 121 15.92 -50.45 -66.72
C LYS S 121 15.96 -49.95 -65.28
N PHE S 122 15.18 -48.91 -65.00
CA PHE S 122 15.08 -48.34 -63.66
C PHE S 122 13.74 -48.74 -63.06
N THR S 123 13.76 -49.00 -61.76
CA THR S 123 12.53 -49.19 -61.00
C THR S 123 12.24 -47.89 -60.28
N VAL S 124 11.08 -47.30 -60.56
CA VAL S 124 10.76 -45.95 -60.11
C VAL S 124 9.32 -45.92 -59.61
N THR S 125 9.07 -45.06 -58.64
CA THR S 125 7.72 -44.82 -58.18
C THR S 125 7.17 -43.58 -58.87
N VAL S 126 5.96 -43.69 -59.41
CA VAL S 126 5.38 -42.67 -60.27
C VAL S 126 3.88 -42.58 -59.98
N THR S 127 3.21 -41.70 -60.71
CA THR S 127 1.78 -41.48 -60.62
C THR S 127 1.19 -41.45 -62.01
N MET S 128 -0.14 -41.63 -62.09
CA MET S 128 -0.79 -41.71 -63.40
C MET S 128 -0.42 -40.50 -64.25
N ARG S 129 -0.29 -39.34 -63.62
CA ARG S 129 0.12 -38.15 -64.38
C ARG S 129 1.48 -38.34 -65.00
N THR S 130 2.40 -38.98 -64.29
CA THR S 130 3.72 -39.16 -64.86
C THR S 130 3.68 -40.10 -66.06
N LEU S 131 2.89 -41.17 -65.98
CA LEU S 131 2.75 -42.06 -67.12
C LEU S 131 2.12 -41.34 -68.30
N ASP S 132 1.09 -40.53 -68.05
CA ASP S 132 0.44 -39.82 -69.15
C ASP S 132 1.39 -38.81 -69.78
N LEU S 133 2.18 -38.11 -68.96
CA LEU S 133 3.16 -37.18 -69.52
C LEU S 133 4.20 -37.92 -70.33
N ILE S 134 4.64 -39.09 -69.86
CA ILE S 134 5.63 -39.87 -70.60
C ILE S 134 5.07 -40.28 -71.95
N ASP S 135 3.84 -40.80 -71.97
CA ASP S 135 3.24 -41.18 -73.24
C ASP S 135 3.09 -39.99 -74.16
N GLU S 136 2.58 -38.88 -73.64
CA GLU S 136 2.45 -37.67 -74.44
C GLU S 136 3.79 -37.19 -74.96
N ALA S 137 4.89 -37.54 -74.28
CA ALA S 137 6.20 -37.09 -74.72
C ALA S 137 6.91 -38.11 -75.60
N TYR S 138 6.31 -39.27 -75.86
CA TYR S 138 6.87 -40.28 -76.75
C TYR S 138 8.16 -40.86 -76.18
N GLY S 139 8.05 -41.41 -74.97
CA GLY S 139 9.16 -42.11 -74.33
C GLY S 139 9.65 -41.47 -73.04
N LEU S 140 10.24 -42.27 -72.15
CA LEU S 140 10.76 -41.72 -70.90
C LEU S 140 11.93 -40.78 -71.17
N ASP S 141 12.81 -41.15 -72.10
CA ASP S 141 13.99 -40.34 -72.35
C ASP S 141 13.61 -38.94 -72.77
N PHE S 142 12.65 -38.82 -73.69
CA PHE S 142 12.19 -37.49 -74.09
C PHE S 142 11.60 -36.74 -72.91
N TYR S 143 10.79 -37.43 -72.10
CA TYR S 143 10.13 -36.76 -70.98
C TYR S 143 11.14 -36.16 -70.02
N ILE S 144 12.23 -36.89 -69.75
CA ILE S 144 13.22 -36.38 -68.82
C ILE S 144 14.14 -35.37 -69.50
N LEU S 145 14.26 -35.42 -70.82
CA LEU S 145 15.20 -34.54 -71.48
C LEU S 145 14.63 -33.18 -71.83
N LYS S 146 13.36 -33.10 -72.23
CA LYS S 146 12.79 -31.80 -72.60
C LYS S 146 12.12 -31.08 -71.45
N THR S 147 11.61 -31.79 -70.46
CA THR S 147 10.96 -31.13 -69.36
C THR S 147 11.99 -30.31 -68.58
N PRO S 148 11.65 -29.11 -68.10
CA PRO S 148 12.64 -28.31 -67.39
C PRO S 148 12.70 -28.67 -65.92
N LYS S 149 13.70 -28.13 -65.23
CA LYS S 149 13.94 -28.51 -63.84
C LYS S 149 12.68 -28.35 -62.99
N GLU S 150 11.89 -27.33 -63.27
CA GLU S 150 10.82 -26.96 -62.36
C GLU S 150 9.64 -27.93 -62.45
N ASP S 151 9.34 -28.43 -63.64
CA ASP S 151 8.19 -29.32 -63.78
C ASP S 151 8.51 -30.71 -63.27
N LEU S 152 9.75 -31.14 -63.42
CA LEU S 152 10.16 -32.43 -62.90
C LEU S 152 10.05 -32.47 -61.38
N CYS S 153 10.65 -31.50 -60.72
CA CYS S 153 10.74 -31.45 -59.26
C CYS S 153 11.04 -32.82 -58.69
N SER S 154 12.22 -33.34 -59.06
CA SER S 154 12.69 -34.61 -58.54
C SER S 154 14.18 -34.69 -58.77
N LYS S 155 14.96 -34.72 -57.68
CA LYS S 155 16.40 -34.82 -57.83
C LYS S 155 16.78 -36.03 -58.65
N PHE S 156 16.01 -37.11 -58.54
CA PHE S 156 16.27 -38.29 -59.37
C PHE S 156 16.12 -37.95 -60.84
N GLY S 157 15.06 -37.22 -61.20
CA GLY S 157 14.88 -36.87 -62.59
C GLY S 157 16.00 -36.02 -63.12
N MET S 158 16.45 -35.06 -62.33
CA MET S 158 17.54 -34.21 -62.79
C MET S 158 18.84 -34.99 -62.92
N ASP S 159 19.06 -35.96 -62.04
CA ASP S 159 20.24 -36.79 -62.19
C ASP S 159 20.17 -37.63 -63.46
N LEU S 160 18.99 -38.20 -63.75
CA LEU S 160 18.82 -38.88 -65.01
C LEU S 160 19.13 -37.95 -66.18
N LYS S 161 18.62 -36.72 -66.11
CA LYS S 161 18.87 -35.76 -67.18
C LYS S 161 20.35 -35.49 -67.33
N ARG S 162 21.07 -35.36 -66.23
CA ARG S 162 22.50 -35.09 -66.32
C ARG S 162 23.22 -36.26 -66.96
N GLY S 163 22.81 -37.48 -66.61
CA GLY S 163 23.42 -38.64 -67.24
C GLY S 163 23.16 -38.68 -68.73
N MET S 164 21.91 -38.48 -69.14
CA MET S 164 21.57 -38.56 -70.56
C MET S 164 22.25 -37.45 -71.34
N LEU S 165 22.25 -36.23 -70.81
CA LEU S 165 22.90 -35.14 -71.50
C LEU S 165 24.40 -35.35 -71.59
N LEU S 166 25.02 -35.91 -70.55
CA LEU S 166 26.45 -36.17 -70.64
C LEU S 166 26.73 -37.27 -71.66
N ARG S 167 25.88 -38.29 -71.69
CA ARG S 167 26.07 -39.36 -72.65
C ARG S 167 25.96 -38.84 -74.07
N LEU S 168 25.01 -37.95 -74.34
CA LEU S 168 24.89 -37.35 -75.66
C LEU S 168 26.07 -36.44 -75.96
N ALA S 169 26.47 -35.62 -75.01
CA ALA S 169 27.52 -34.64 -75.27
C ALA S 169 28.84 -35.31 -75.57
N ARG S 170 29.20 -36.34 -74.80
CA ARG S 170 30.48 -37.00 -75.03
C ARG S 170 30.46 -37.84 -76.30
N GLN S 171 29.28 -38.30 -76.71
CA GLN S 171 29.16 -39.29 -77.79
C GLN S 171 29.96 -40.54 -77.46
N ASP S 172 30.11 -40.82 -76.17
CA ASP S 172 31.01 -41.89 -75.75
C ASP S 172 30.48 -43.24 -76.21
N PRO S 173 31.37 -44.17 -76.54
CA PRO S 173 30.93 -45.45 -77.11
C PRO S 173 30.23 -46.38 -76.15
N GLN S 174 30.24 -46.09 -74.85
CA GLN S 174 29.81 -47.09 -73.87
C GLN S 174 28.31 -47.40 -73.93
N LEU S 175 27.54 -46.78 -74.81
CA LEU S 175 26.11 -47.07 -74.83
C LEU S 175 25.86 -48.49 -75.34
N HIS S 176 26.20 -48.74 -76.60
CA HIS S 176 25.98 -50.04 -77.22
C HIS S 176 27.22 -50.43 -77.99
N PRO S 177 28.22 -50.99 -77.33
CA PRO S 177 29.41 -51.46 -78.04
C PRO S 177 29.09 -52.67 -78.90
N GLU S 178 29.90 -52.84 -79.94
CA GLU S 178 29.72 -53.88 -80.96
C GLU S 178 28.49 -53.64 -81.83
N ASP S 179 28.02 -52.39 -81.93
CA ASP S 179 27.03 -52.03 -82.92
C ASP S 179 26.96 -50.52 -83.07
N PRO S 180 27.98 -49.90 -83.67
CA PRO S 180 28.00 -48.43 -83.76
C PRO S 180 26.82 -47.85 -84.51
N GLU S 181 26.18 -48.59 -85.42
CA GLU S 181 25.04 -48.03 -86.11
C GLU S 181 23.90 -47.74 -85.14
N ARG S 182 23.64 -48.65 -84.19
CA ARG S 182 22.62 -48.39 -83.19
C ARG S 182 23.01 -47.20 -82.32
N ARG S 183 24.30 -47.10 -81.98
CA ARG S 183 24.77 -45.93 -81.23
C ARG S 183 24.45 -44.64 -81.96
N ALA S 184 24.81 -44.57 -83.24
CA ALA S 184 24.56 -43.35 -84.00
C ALA S 184 23.07 -43.07 -84.11
N ALA S 185 22.27 -44.11 -84.32
CA ALA S 185 20.82 -43.91 -84.39
C ALA S 185 20.29 -43.30 -83.10
N ILE S 186 20.63 -43.89 -81.96
CA ILE S 186 20.09 -43.40 -80.69
C ILE S 186 20.60 -41.99 -80.41
N TYR S 187 21.89 -41.74 -80.63
CA TYR S 187 22.45 -40.43 -80.34
C TYR S 187 21.82 -39.36 -81.21
N ASP S 188 21.67 -39.63 -82.51
CA ASP S 188 21.12 -38.60 -83.38
C ASP S 188 19.62 -38.42 -83.21
N LYS S 189 18.90 -39.46 -82.78
CA LYS S 189 17.47 -39.30 -82.52
C LYS S 189 17.22 -38.17 -81.54
N TYR S 190 18.06 -38.05 -80.51
CA TYR S 190 17.96 -36.99 -79.51
C TYR S 190 18.95 -35.87 -79.77
N LYS S 191 19.28 -35.64 -81.05
CA LYS S 191 20.36 -34.72 -81.37
C LYS S 191 20.03 -33.29 -80.97
N GLU S 192 18.77 -33.00 -80.67
CA GLU S 192 18.39 -31.62 -80.36
C GLU S 192 18.83 -31.20 -78.97
N PHE S 193 18.93 -32.12 -78.02
CA PHE S 193 19.32 -31.78 -76.65
C PHE S 193 20.83 -32.00 -76.49
N ALA S 194 21.59 -31.42 -77.40
CA ALA S 194 23.03 -31.63 -77.48
C ALA S 194 23.73 -30.35 -77.06
N ILE S 195 24.09 -30.27 -75.78
CA ILE S 195 24.74 -29.09 -75.23
C ILE S 195 26.16 -29.46 -74.85
N PRO S 196 27.10 -28.51 -74.78
CA PRO S 196 28.50 -28.88 -74.57
C PRO S 196 28.71 -29.50 -73.20
N GLU S 197 29.83 -30.22 -73.07
CA GLU S 197 30.10 -30.94 -71.83
C GLU S 197 30.20 -29.98 -70.66
N GLU S 198 30.87 -28.84 -70.84
CA GLU S 198 31.05 -27.91 -69.74
C GLU S 198 29.73 -27.50 -69.13
N GLU S 199 28.66 -27.49 -69.91
CA GLU S 199 27.33 -27.23 -69.39
C GLU S 199 26.61 -28.51 -68.96
N ALA S 200 27.07 -29.67 -69.41
CA ALA S 200 26.42 -30.92 -69.04
C ALA S 200 26.75 -31.36 -67.63
N GLU S 201 27.96 -31.12 -67.16
CA GLU S 201 28.37 -31.58 -65.85
C GLU S 201 27.54 -30.99 -64.73
N TRP S 202 27.01 -29.78 -64.89
CA TRP S 202 26.41 -29.04 -63.80
C TRP S 202 24.89 -29.07 -63.81
N VAL S 203 24.28 -29.84 -64.71
CA VAL S 203 22.83 -29.83 -64.84
C VAL S 203 22.23 -30.63 -63.71
N GLY S 204 21.39 -30.00 -62.91
CA GLY S 204 20.68 -30.68 -61.85
C GLY S 204 21.36 -30.63 -60.50
N LEU S 205 22.64 -30.31 -60.44
CA LEU S 205 23.33 -30.24 -59.18
C LEU S 205 22.65 -29.23 -58.25
N THR S 206 22.42 -29.62 -57.00
CA THR S 206 22.01 -28.66 -56.01
C THR S 206 23.19 -27.77 -55.67
N LEU S 207 22.93 -26.68 -54.93
CA LEU S 207 23.98 -25.70 -54.69
C LEU S 207 25.14 -26.33 -53.92
N GLU S 208 24.82 -27.13 -52.89
CA GLU S 208 25.87 -27.73 -52.09
C GLU S 208 26.76 -28.64 -52.92
N GLU S 209 26.15 -29.48 -53.76
CA GLU S 209 26.94 -30.35 -54.62
C GLU S 209 27.82 -29.52 -55.55
N ALA S 210 27.30 -28.38 -56.01
CA ALA S 210 28.11 -27.53 -56.88
C ALA S 210 29.31 -26.97 -56.13
N ILE S 211 29.11 -26.52 -54.90
CA ILE S 211 30.23 -25.98 -54.13
C ILE S 211 31.28 -27.06 -53.93
N GLU S 212 30.84 -28.26 -53.58
CA GLU S 212 31.78 -29.34 -53.35
C GLU S 212 32.53 -29.68 -54.63
N LYS S 213 31.83 -29.71 -55.76
CA LYS S 213 32.48 -30.01 -57.03
C LYS S 213 33.52 -28.96 -57.35
N GLN S 214 33.20 -27.68 -57.17
CA GLN S 214 34.17 -26.64 -57.46
C GLN S 214 35.39 -26.76 -56.54
N ARG S 215 35.14 -27.04 -55.26
CA ARG S 215 36.26 -27.18 -54.33
C ARG S 215 37.17 -28.31 -54.76
N LEU S 216 36.62 -29.49 -55.01
CA LEU S 216 37.43 -30.60 -55.48
C LEU S 216 38.15 -30.25 -56.78
N LEU S 217 37.52 -29.46 -57.63
CA LEU S 217 38.12 -29.10 -58.90
C LEU S 217 39.34 -28.20 -58.70
N GLU S 218 39.29 -27.30 -57.72
CA GLU S 218 40.37 -26.35 -57.52
C GLU S 218 41.33 -26.73 -56.41
N GLU S 219 40.94 -27.57 -55.46
CA GLU S 219 41.84 -27.93 -54.38
C GLU S 219 43.08 -28.60 -54.94
N LYS S 220 44.24 -28.17 -54.45
CA LYS S 220 45.50 -28.53 -55.07
C LYS S 220 46.61 -28.38 -54.04
N ASP S 221 47.61 -29.25 -54.13
CA ASP S 221 48.73 -29.18 -53.20
C ASP S 221 49.59 -27.97 -53.52
N PRO S 222 49.85 -27.09 -52.56
CA PRO S 222 50.62 -25.88 -52.87
C PRO S 222 51.96 -26.22 -53.49
N VAL S 223 52.36 -25.43 -54.47
CA VAL S 223 53.62 -25.69 -55.17
C VAL S 223 54.78 -25.37 -54.22
N PRO S 224 55.78 -26.24 -54.10
CA PRO S 224 56.97 -25.86 -53.34
C PRO S 224 57.58 -24.57 -53.87
N LEU S 225 57.82 -23.64 -52.96
CA LEU S 225 58.43 -22.38 -53.37
C LEU S 225 59.85 -22.57 -53.88
N PHE S 226 60.46 -23.73 -53.66
CA PHE S 226 61.77 -23.99 -54.23
C PHE S 226 61.72 -23.92 -55.76
N LYS S 227 60.71 -24.54 -56.36
CA LYS S 227 60.57 -24.49 -57.81
C LYS S 227 60.32 -23.06 -58.29
N ILE S 228 59.46 -22.32 -57.59
CA ILE S 228 59.17 -20.95 -57.98
C ILE S 228 60.44 -20.11 -57.94
N TYR S 229 61.20 -20.21 -56.86
CA TYR S 229 62.38 -19.35 -56.71
C TYR S 229 63.48 -19.76 -57.67
N VAL S 230 63.64 -21.06 -57.94
CA VAL S 230 64.65 -21.44 -58.94
C VAL S 230 64.23 -20.95 -60.31
N ALA S 231 62.92 -20.96 -60.61
CA ALA S 231 62.47 -20.41 -61.89
C ALA S 231 62.77 -18.93 -62.00
N GLU S 232 62.50 -18.17 -60.94
CA GLU S 232 62.83 -16.75 -60.96
C GLU S 232 64.33 -16.54 -61.12
N LEU S 233 65.14 -17.34 -60.43
CA LEU S 233 66.58 -17.23 -60.56
C LEU S 233 67.01 -17.51 -61.99
N ILE S 234 66.42 -18.52 -62.62
CA ILE S 234 66.82 -18.86 -63.98
C ILE S 234 66.43 -17.75 -64.94
N GLN S 235 65.27 -17.14 -64.73
CA GLN S 235 64.86 -16.01 -65.57
C GLN S 235 65.86 -14.86 -65.45
N GLN S 236 66.21 -14.50 -64.21
CA GLN S 236 67.14 -13.40 -64.00
C GLN S 236 68.49 -13.72 -64.60
N LEU S 237 68.96 -14.96 -64.44
CA LEU S 237 70.26 -15.33 -64.98
C LEU S 237 70.26 -15.29 -66.50
N GLN S 238 69.17 -15.75 -67.14
CA GLN S 238 69.11 -15.68 -68.59
C GLN S 238 69.10 -14.22 -69.07
N GLN S 239 68.34 -13.36 -68.38
CA GLN S 239 68.34 -11.95 -68.74
C GLN S 239 69.75 -11.36 -68.63
N GLN S 240 70.45 -11.67 -67.54
CA GLN S 240 71.80 -11.18 -67.37
C GLN S 240 72.73 -11.73 -68.45
N ALA S 241 72.51 -12.97 -68.86
CA ALA S 241 73.41 -13.58 -69.84
C ALA S 241 73.21 -12.97 -71.23
N LEU S 242 71.95 -12.78 -71.64
CA LEU S 242 71.70 -12.22 -72.96
C LEU S 242 72.15 -10.77 -73.07
N SER S 243 72.10 -10.02 -71.98
CA SER S 243 72.53 -8.62 -71.99
C SER S 243 73.98 -8.52 -72.43
N GLY T 1 75.97 -32.11 -9.06
CA GLY T 1 75.04 -31.70 -10.08
C GLY T 1 73.93 -30.81 -9.54
N LEU T 2 73.19 -31.34 -8.56
CA LEU T 2 72.06 -30.62 -8.00
C LEU T 2 72.44 -29.26 -7.46
N GLU T 3 73.70 -29.09 -7.07
CA GLU T 3 74.22 -27.79 -6.67
C GLU T 3 73.96 -26.71 -7.71
N GLU T 4 73.76 -27.10 -8.96
CA GLU T 4 73.55 -26.14 -10.04
C GLU T 4 72.17 -25.50 -10.00
N PHE T 5 71.31 -25.88 -9.06
CA PHE T 5 70.01 -25.24 -8.95
C PHE T 5 70.05 -23.93 -8.19
N PHE T 6 71.22 -23.49 -7.73
CA PHE T 6 71.35 -22.23 -7.02
C PHE T 6 72.56 -21.47 -7.57
N ASP T 7 72.51 -20.15 -7.48
CA ASP T 7 73.57 -19.34 -8.05
C ASP T 7 74.86 -19.65 -7.31
N ASP T 8 75.97 -19.06 -7.77
CA ASP T 8 77.22 -19.24 -7.07
C ASP T 8 77.04 -18.80 -5.62
N PRO T 9 77.51 -19.59 -4.65
CA PRO T 9 77.20 -19.27 -3.25
C PRO T 9 77.70 -17.91 -2.81
N LYS T 10 78.72 -17.38 -3.49
CA LYS T 10 79.23 -16.06 -3.13
C LYS T 10 78.14 -15.01 -3.17
N ASN T 11 77.11 -15.22 -4.01
CA ASN T 11 76.10 -14.20 -4.27
C ASN T 11 74.76 -14.51 -3.61
N TRP T 12 74.76 -15.09 -2.42
CA TRP T 12 73.52 -15.30 -1.69
C TRP T 12 73.24 -14.12 -0.79
N GLY T 13 71.97 -13.70 -0.76
CA GLY T 13 71.55 -12.60 0.08
C GLY T 13 72.28 -11.31 -0.20
N GLN T 14 72.38 -10.94 -1.48
CA GLN T 14 73.08 -9.74 -1.89
C GLN T 14 72.15 -8.60 -2.28
N GLU T 15 70.87 -8.86 -2.51
CA GLU T 15 69.86 -7.89 -2.94
C GLU T 15 70.28 -7.09 -4.16
N LYS T 16 71.32 -7.51 -4.87
CA LYS T 16 71.72 -6.85 -6.12
C LYS T 16 72.72 -7.76 -6.82
N VAL T 17 72.40 -8.18 -8.03
CA VAL T 17 73.32 -8.96 -8.86
C VAL T 17 73.24 -8.40 -10.27
N LYS T 18 74.40 -8.15 -10.85
CA LYS T 18 74.47 -7.51 -12.16
C LYS T 18 74.48 -8.58 -13.24
N SER T 19 73.62 -8.41 -14.24
CA SER T 19 73.50 -9.34 -15.35
C SER T 19 73.56 -8.56 -16.66
N GLY T 20 73.95 -9.24 -17.72
CA GLY T 20 74.11 -8.58 -18.99
C GLY T 20 72.81 -8.29 -19.70
N ALA T 21 72.83 -8.38 -21.04
CA ALA T 21 71.69 -8.06 -21.87
C ALA T 21 71.10 -9.33 -22.46
N ALA T 22 69.77 -9.43 -22.39
CA ALA T 22 69.10 -10.58 -22.96
C ALA T 22 69.43 -10.71 -24.43
N TRP T 23 69.65 -11.94 -24.89
CA TRP T 23 69.94 -12.15 -26.30
C TRP T 23 68.81 -11.57 -27.13
N THR T 24 69.18 -10.86 -28.19
CA THR T 24 68.23 -10.31 -29.14
C THR T 24 68.13 -11.22 -30.35
N CYS T 25 66.98 -11.14 -31.03
CA CYS T 25 66.75 -12.05 -32.15
C CYS T 25 67.88 -12.00 -33.17
N GLN T 26 68.33 -10.81 -33.54
CA GLN T 26 69.35 -10.71 -34.58
C GLN T 26 70.65 -11.34 -34.12
N GLN T 27 70.97 -11.24 -32.83
CA GLN T 27 72.20 -11.82 -32.33
C GLN T 27 72.19 -13.33 -32.47
N LEU T 28 71.03 -13.96 -32.24
CA LEU T 28 70.95 -15.41 -32.37
C LEU T 28 71.02 -15.87 -33.81
N ARG T 29 70.51 -15.07 -34.75
CA ARG T 29 70.41 -15.53 -36.13
C ARG T 29 71.77 -15.83 -36.73
N ASN T 30 72.85 -15.33 -36.11
CA ASN T 30 74.18 -15.63 -36.60
C ASN T 30 74.73 -16.95 -36.08
N LYS T 31 74.01 -17.63 -35.19
CA LYS T 31 74.50 -18.84 -34.56
C LYS T 31 74.00 -20.08 -35.28
N SER T 32 74.82 -21.12 -35.29
CA SER T 32 74.47 -22.37 -35.93
C SER T 32 73.39 -23.07 -35.13
N ASN T 33 72.86 -24.17 -35.68
CA ASN T 33 71.85 -24.93 -34.95
C ASN T 33 72.45 -25.55 -33.70
N GLU T 34 73.69 -26.04 -33.79
CA GLU T 34 74.34 -26.64 -32.63
C GLU T 34 74.48 -25.61 -31.51
N ASP T 35 75.04 -24.45 -31.82
CA ASP T 35 75.23 -23.45 -30.80
C ASP T 35 73.91 -22.97 -30.24
N LEU T 36 72.86 -22.94 -31.05
CA LEU T 36 71.55 -22.59 -30.52
C LEU T 36 71.04 -23.67 -29.57
N HIS T 37 71.32 -24.93 -29.86
CA HIS T 37 70.98 -26.00 -28.95
C HIS T 37 71.64 -25.79 -27.59
N LYS T 38 72.96 -25.59 -27.62
CA LYS T 38 73.70 -25.42 -26.38
C LYS T 38 73.25 -24.18 -25.63
N LEU T 39 72.99 -23.09 -26.36
CA LEU T 39 72.45 -21.90 -25.73
C LEU T 39 71.11 -22.18 -25.08
N TRP T 40 70.27 -22.96 -25.76
CA TRP T 40 68.97 -23.28 -25.20
C TRP T 40 69.13 -23.93 -23.84
N TYR T 41 70.07 -24.88 -23.74
CA TYR T 41 70.16 -25.59 -22.46
C TYR T 41 70.85 -24.76 -21.39
N VAL T 42 71.80 -23.91 -21.76
CA VAL T 42 72.35 -22.98 -20.78
C VAL T 42 71.25 -22.10 -20.21
N LEU T 43 70.41 -21.54 -21.09
CA LEU T 43 69.29 -20.75 -20.62
C LEU T 43 68.32 -21.57 -19.79
N LEU T 44 68.16 -22.85 -20.11
CA LEU T 44 67.28 -23.68 -19.31
C LEU T 44 67.79 -23.78 -17.89
N LYS T 45 69.08 -24.05 -17.73
CA LYS T 45 69.64 -24.14 -16.39
C LYS T 45 69.48 -22.81 -15.65
N GLU T 46 69.76 -21.71 -16.33
CA GLU T 46 69.63 -20.42 -15.66
C GLU T 46 68.19 -20.14 -15.25
N ARG T 47 67.23 -20.47 -16.10
CA ARG T 47 65.85 -20.19 -15.74
C ARG T 47 65.40 -21.06 -14.59
N ASN T 48 65.82 -22.32 -14.55
CA ASN T 48 65.51 -23.15 -13.40
C ASN T 48 66.08 -22.53 -12.13
N MET T 49 67.33 -22.07 -12.19
CA MET T 49 67.94 -21.46 -11.01
C MET T 49 67.16 -20.25 -10.54
N LEU T 50 66.80 -19.36 -11.46
CA LEU T 50 66.11 -18.14 -11.06
C LEU T 50 64.71 -18.44 -10.56
N LEU T 51 64.03 -19.44 -11.11
CA LEU T 51 62.73 -19.82 -10.58
C LEU T 51 62.85 -20.35 -9.16
N THR T 52 63.86 -21.18 -8.90
CA THR T 52 64.07 -21.64 -7.53
C THR T 52 64.31 -20.47 -6.60
N LEU T 53 65.17 -19.55 -7.01
CA LEU T 53 65.49 -18.40 -6.16
C LEU T 53 64.26 -17.57 -5.89
N GLU T 54 63.46 -17.31 -6.92
CA GLU T 54 62.26 -16.50 -6.75
C GLU T 54 61.29 -17.17 -5.80
N GLN T 55 61.09 -18.48 -5.93
CA GLN T 55 60.15 -19.14 -5.04
C GLN T 55 60.67 -19.14 -3.61
N GLU T 56 61.99 -19.30 -3.43
CA GLU T 56 62.53 -19.26 -2.08
C GLU T 56 62.34 -17.89 -1.46
N ALA T 57 62.62 -16.83 -2.22
CA ALA T 57 62.37 -15.48 -1.71
C ALA T 57 60.92 -15.30 -1.33
N LYS T 58 60.01 -15.75 -2.18
CA LYS T 58 58.59 -15.63 -1.87
C LYS T 58 58.20 -16.51 -0.69
N ARG T 59 59.05 -17.46 -0.31
CA ARG T 59 58.77 -18.28 0.86
C ARG T 59 59.29 -17.64 2.13
N GLN T 60 60.45 -16.99 2.06
CA GLN T 60 61.08 -16.37 3.22
C GLN T 60 60.55 -14.98 3.52
N ARG T 61 59.63 -14.47 2.72
CA ARG T 61 59.09 -13.11 2.89
C ARG T 61 60.15 -12.06 2.63
N LEU T 62 60.89 -12.20 1.54
CA LEU T 62 61.88 -11.22 1.13
C LEU T 62 61.70 -10.89 -0.35
N PRO T 63 62.18 -9.75 -0.79
CA PRO T 63 62.13 -9.44 -2.22
C PRO T 63 63.26 -10.14 -2.97
N MET T 64 62.92 -10.67 -4.14
CA MET T 64 63.90 -11.41 -4.91
C MET T 64 65.07 -10.50 -5.28
N PRO T 65 66.31 -10.99 -5.28
CA PRO T 65 67.44 -10.15 -5.65
C PRO T 65 67.50 -9.96 -7.17
N SER T 66 67.21 -8.75 -7.61
CA SER T 66 67.33 -8.42 -9.03
C SER T 66 66.43 -9.33 -9.86
N PRO T 67 65.11 -9.20 -9.76
CA PRO T 67 64.22 -10.07 -10.53
C PRO T 67 64.22 -9.78 -12.02
N GLU T 68 65.07 -8.90 -12.53
CA GLU T 68 65.10 -8.66 -13.96
C GLU T 68 65.76 -9.80 -14.73
N ARG T 69 66.66 -10.54 -14.09
CA ARG T 69 67.29 -11.67 -14.77
C ARG T 69 66.25 -12.68 -15.24
N LEU T 70 65.20 -12.89 -14.45
CA LEU T 70 64.17 -13.84 -14.84
C LEU T 70 63.54 -13.44 -16.16
N ASP T 71 63.09 -12.21 -16.28
CA ASP T 71 62.48 -11.79 -17.53
C ASP T 71 63.48 -11.74 -18.66
N LYS T 72 64.75 -11.44 -18.36
CA LYS T 72 65.75 -11.44 -19.41
C LYS T 72 65.93 -12.84 -20.00
N VAL T 73 66.01 -13.86 -19.14
CA VAL T 73 66.16 -15.21 -19.67
C VAL T 73 64.88 -15.66 -20.36
N VAL T 74 63.71 -15.26 -19.85
CA VAL T 74 62.48 -15.62 -20.52
C VAL T 74 62.44 -15.03 -21.92
N ASP T 75 62.82 -13.76 -22.05
CA ASP T 75 62.83 -13.11 -23.35
C ASP T 75 63.86 -13.73 -24.27
N SER T 76 65.03 -14.07 -23.75
CA SER T 76 66.05 -14.68 -24.60
C SER T 76 65.59 -16.05 -25.09
N MET T 77 64.91 -16.82 -24.25
CA MET T 77 64.41 -18.11 -24.69
C MET T 77 63.29 -17.95 -25.70
N ASP T 78 62.41 -16.96 -25.53
CA ASP T 78 61.41 -16.70 -26.56
C ASP T 78 62.07 -16.31 -27.87
N ALA T 79 63.16 -15.53 -27.79
CA ALA T 79 63.87 -15.14 -29.01
C ALA T 79 64.46 -16.35 -29.71
N LEU T 80 65.06 -17.26 -28.95
CA LEU T 80 65.62 -18.45 -29.56
C LEU T 80 64.54 -19.32 -30.17
N ASP T 81 63.40 -19.45 -29.48
CA ASP T 81 62.27 -20.15 -30.08
C ASP T 81 61.87 -19.52 -31.40
N LYS T 82 61.79 -18.19 -31.42
CA LYS T 82 61.39 -17.50 -32.64
C LYS T 82 62.37 -17.78 -33.78
N VAL T 83 63.67 -17.71 -33.49
CA VAL T 83 64.66 -17.91 -34.55
C VAL T 83 64.57 -19.34 -35.09
N VAL T 84 64.47 -20.33 -34.20
CA VAL T 84 64.41 -21.71 -34.67
C VAL T 84 63.13 -21.95 -35.47
N GLN T 85 62.00 -21.44 -34.99
CA GLN T 85 60.76 -21.60 -35.74
C GLN T 85 60.83 -20.91 -37.09
N GLU T 86 61.54 -19.78 -37.18
CA GLU T 86 61.66 -19.11 -38.47
C GLU T 86 62.49 -19.94 -39.45
N ARG T 87 63.59 -20.52 -38.98
CA ARG T 87 64.35 -21.41 -39.85
C ARG T 87 63.49 -22.57 -40.31
N GLU T 88 62.75 -23.17 -39.38
CA GLU T 88 61.89 -24.30 -39.73
C GLU T 88 60.82 -23.90 -40.74
N ASP T 89 60.19 -22.74 -40.54
CA ASP T 89 59.14 -22.31 -41.45
C ASP T 89 59.70 -22.01 -42.83
N ALA T 90 60.86 -21.37 -42.89
CA ALA T 90 61.49 -21.11 -44.18
C ALA T 90 61.75 -22.40 -44.92
N LEU T 91 62.32 -23.38 -44.22
CA LEU T 91 62.59 -24.65 -44.89
C LEU T 91 61.30 -25.35 -45.27
N ARG T 92 60.24 -25.18 -44.49
CA ARG T 92 58.97 -25.79 -44.87
C ARG T 92 58.43 -25.18 -46.15
N LEU T 93 58.47 -23.85 -46.26
CA LEU T 93 57.99 -23.20 -47.48
C LEU T 93 58.81 -23.66 -48.67
N LEU T 94 60.14 -23.72 -48.52
CA LEU T 94 60.96 -24.16 -49.63
C LEU T 94 60.64 -25.60 -50.02
N GLN T 95 60.47 -26.48 -49.03
CA GLN T 95 60.43 -27.90 -49.33
C GLN T 95 59.03 -28.38 -49.65
N THR T 96 58.01 -27.77 -49.08
CA THR T 96 56.65 -28.15 -49.39
C THR T 96 55.68 -26.98 -49.46
N GLY T 97 56.15 -25.75 -49.28
CA GLY T 97 55.30 -24.60 -49.54
C GLY T 97 54.08 -24.50 -48.68
N GLN T 98 53.98 -25.31 -47.64
CA GLN T 98 52.84 -25.26 -46.72
C GLN T 98 53.04 -24.12 -45.74
N GLU T 99 51.94 -23.56 -45.26
CA GLU T 99 52.03 -22.42 -44.36
C GLU T 99 52.08 -22.86 -42.91
N ARG T 100 51.11 -23.67 -42.48
CA ARG T 100 51.01 -24.12 -41.11
C ARG T 100 51.60 -25.52 -41.01
N ALA T 101 52.37 -25.77 -39.95
CA ALA T 101 53.00 -27.07 -39.78
C ALA T 101 51.98 -28.15 -39.53
N ARG T 102 50.99 -27.87 -38.76
CA ARG T 102 49.99 -28.87 -38.42
C ARG T 102 48.80 -28.78 -39.36
N PRO T 103 48.43 -29.83 -40.08
CA PRO T 103 47.34 -29.72 -41.04
C PRO T 103 46.02 -29.36 -40.38
N GLY T 104 45.17 -28.69 -41.15
CA GLY T 104 43.86 -28.29 -40.66
C GLY T 104 42.94 -27.91 -41.80
N ALA T 105 41.70 -27.58 -41.43
CA ALA T 105 40.70 -27.24 -42.44
C ALA T 105 39.63 -26.34 -41.85
N TRP T 106 39.04 -25.49 -42.69
CA TRP T 106 37.94 -24.64 -42.29
C TRP T 106 36.65 -25.42 -42.35
N ARG T 107 35.94 -25.51 -41.23
CA ARG T 107 34.71 -26.28 -41.15
C ARG T 107 33.67 -25.45 -40.42
N ARG T 108 32.48 -26.02 -40.29
CA ARG T 108 31.40 -25.41 -39.54
C ARG T 108 31.04 -26.30 -38.36
N ASP T 109 31.12 -25.75 -37.16
CA ASP T 109 30.72 -26.48 -35.97
C ASP T 109 29.23 -26.74 -36.03
N ILE T 110 28.70 -27.45 -35.04
CA ILE T 110 27.27 -27.71 -35.02
C ILE T 110 26.49 -26.44 -34.75
N PHE T 111 27.17 -25.37 -34.34
CA PHE T 111 26.55 -24.10 -34.02
C PHE T 111 26.56 -23.13 -35.19
N GLY T 112 27.03 -23.55 -36.35
CA GLY T 112 27.11 -22.70 -37.51
C GLY T 112 28.35 -21.85 -37.59
N ARG T 113 29.07 -21.70 -36.49
CA ARG T 113 30.24 -20.85 -36.49
C ARG T 113 31.32 -21.46 -37.36
N ILE T 114 31.93 -20.63 -38.19
CA ILE T 114 33.07 -21.07 -38.98
C ILE T 114 34.27 -21.21 -38.06
N ILE T 115 34.88 -22.39 -38.04
CA ILE T 115 36.02 -22.68 -37.18
C ILE T 115 37.15 -23.21 -38.03
N TRP T 116 38.35 -23.04 -37.52
CA TRP T 116 39.54 -23.69 -38.06
C TRP T 116 39.84 -24.91 -37.21
N HIS T 117 39.77 -26.08 -37.83
CA HIS T 117 39.84 -27.34 -37.13
C HIS T 117 41.22 -27.91 -37.36
N LYS T 118 41.93 -28.18 -36.26
CA LYS T 118 43.26 -28.75 -36.30
C LYS T 118 43.14 -30.26 -36.24
N PHE T 119 43.88 -30.95 -37.09
CA PHE T 119 43.73 -32.39 -37.21
C PHE T 119 44.50 -33.12 -36.13
N LYS T 120 43.90 -34.19 -35.61
CA LYS T 120 44.49 -35.03 -34.59
C LYS T 120 44.98 -36.32 -35.22
N GLN T 121 46.30 -36.49 -35.27
CA GLN T 121 46.90 -37.65 -35.92
C GLN T 121 46.42 -38.94 -35.28
N TRP T 122 45.73 -39.76 -36.06
CA TRP T 122 45.24 -41.05 -35.61
C TRP T 122 45.83 -42.16 -36.49
N VAL T 123 45.39 -43.40 -36.29
CA VAL T 123 45.97 -44.53 -37.00
C VAL T 123 45.00 -45.24 -37.94
N ILE T 124 43.70 -45.17 -37.71
CA ILE T 124 42.75 -45.79 -38.64
C ILE T 124 42.10 -44.71 -39.50
N PRO T 125 41.55 -45.06 -40.66
CA PRO T 125 40.96 -44.03 -41.53
C PRO T 125 39.70 -43.44 -40.93
N TRP T 126 39.31 -42.28 -41.46
CA TRP T 126 38.31 -41.47 -40.77
C TRP T 126 36.91 -42.08 -40.84
N HIS T 127 36.64 -42.94 -41.82
CA HIS T 127 35.29 -43.48 -41.93
C HIS T 127 35.01 -44.60 -40.96
N LEU T 128 36.04 -45.13 -40.29
CA LEU T 128 35.90 -46.25 -39.37
C LEU T 128 36.02 -45.82 -37.92
N ASN T 129 35.95 -44.53 -37.66
CA ASN T 129 36.23 -43.97 -36.34
C ASN T 129 34.89 -43.67 -35.69
N LYS T 130 34.44 -44.54 -34.80
CA LYS T 130 33.10 -44.40 -34.25
C LYS T 130 32.96 -43.11 -33.45
N ARG T 131 34.08 -42.53 -33.00
CA ARG T 131 34.01 -41.32 -32.19
C ARG T 131 33.99 -40.07 -33.05
N TYR T 132 34.81 -40.05 -34.11
CA TYR T 132 34.93 -38.86 -34.94
C TYR T 132 33.73 -38.70 -35.86
N ASN T 133 32.95 -39.76 -36.06
CA ASN T 133 31.73 -39.65 -36.84
C ASN T 133 30.52 -39.37 -35.97
N ARG T 134 30.70 -39.23 -34.66
CA ARG T 134 29.64 -38.66 -33.84
C ARG T 134 29.68 -37.14 -33.84
N LYS T 135 30.82 -36.55 -34.18
CA LYS T 135 30.89 -35.10 -34.31
C LYS T 135 30.09 -34.64 -35.51
N ARG T 136 29.49 -33.46 -35.38
CA ARG T 136 28.75 -32.83 -36.46
C ARG T 136 29.58 -31.65 -36.94
N PHE T 137 30.23 -31.81 -38.09
CA PHE T 137 30.92 -30.72 -38.75
C PHE T 137 30.04 -29.99 -39.75
N PHE T 138 28.72 -30.03 -39.56
CA PHE T 138 27.79 -29.30 -40.39
C PHE T 138 26.76 -28.63 -39.50
N ALA T 139 25.93 -27.80 -40.12
CA ALA T 139 24.95 -26.99 -39.40
C ALA T 139 23.57 -27.17 -40.01
N LEU T 140 22.64 -27.67 -39.24
CA LEU T 140 21.28 -27.82 -39.71
C LEU T 140 20.62 -26.47 -39.86
N PRO T 141 19.39 -26.42 -40.39
CA PRO T 141 18.74 -25.13 -40.60
C PRO T 141 18.44 -24.35 -39.32
N TYR T 142 18.10 -25.00 -38.21
CA TYR T 142 17.63 -24.26 -37.05
C TYR T 142 18.67 -23.27 -36.52
N VAL T 143 19.92 -23.32 -36.99
CA VAL T 143 20.90 -22.39 -36.47
C VAL T 143 20.94 -21.08 -37.24
N ASP T 144 20.38 -21.05 -38.46
CA ASP T 144 20.50 -19.86 -39.30
C ASP T 144 19.96 -18.63 -38.58
N HIS T 145 18.79 -18.76 -37.96
CA HIS T 145 18.24 -17.64 -37.23
C HIS T 145 19.22 -17.17 -36.15
N PHE T 146 19.77 -18.11 -35.38
CA PHE T 146 20.71 -17.71 -34.35
C PHE T 146 22.00 -17.19 -34.95
N LEU T 147 22.30 -17.55 -36.18
CA LEU T 147 23.45 -16.96 -36.85
C LEU T 147 23.20 -15.50 -37.16
N ARG T 148 21.94 -15.12 -37.36
CA ARG T 148 21.62 -13.72 -37.65
C ARG T 148 21.67 -12.87 -36.40
N LEU T 149 20.96 -13.28 -35.35
CA LEU T 149 20.94 -12.49 -34.13
C LEU T 149 22.34 -12.19 -33.64
N GLU T 150 23.21 -13.20 -33.64
CA GLU T 150 24.60 -12.97 -33.26
C GLU T 150 25.21 -11.88 -34.13
N ARG T 151 25.09 -12.02 -35.44
CA ARG T 151 25.63 -11.02 -36.35
C ARG T 151 25.10 -9.63 -36.04
N GLU T 152 23.89 -9.54 -35.50
CA GLU T 152 23.35 -8.25 -35.12
C GLU T 152 23.89 -7.80 -33.78
N LYS T 153 23.99 -8.71 -32.82
CA LYS T 153 24.45 -8.32 -31.49
C LYS T 153 25.86 -7.76 -31.55
N ARG T 154 26.65 -8.17 -32.55
CA ARG T 154 28.01 -7.66 -32.65
C ARG T 154 28.10 -6.50 -33.61
N ALA T 155 27.00 -6.14 -34.28
CA ALA T 155 26.97 -4.88 -35.00
C ALA T 155 26.61 -3.73 -34.08
N ARG T 156 25.64 -3.94 -33.20
CA ARG T 156 25.33 -2.95 -32.20
C ARG T 156 26.57 -2.57 -31.42
N ILE T 157 27.27 -3.57 -30.90
CA ILE T 157 28.50 -3.33 -30.16
C ILE T 157 29.48 -2.51 -30.99
N LYS T 158 29.50 -2.74 -32.30
CA LYS T 158 30.35 -1.91 -33.15
C LYS T 158 29.84 -0.48 -33.19
N ALA T 159 28.54 -0.31 -33.47
CA ALA T 159 28.00 1.03 -33.64
C ALA T 159 28.19 1.87 -32.39
N ARG T 160 27.82 1.32 -31.22
CA ARG T 160 28.01 2.07 -29.99
C ARG T 160 29.46 2.46 -29.78
N LYS T 161 30.39 1.62 -30.20
CA LYS T 161 31.79 1.97 -30.03
C LYS T 161 32.20 3.06 -31.01
N GLU T 162 31.55 3.14 -32.16
CA GLU T 162 31.87 4.16 -33.13
C GLU T 162 31.22 5.49 -32.75
N ASN T 163 29.91 5.48 -32.58
CA ASN T 163 29.19 6.70 -32.24
C ASN T 163 29.80 7.38 -31.02
N LEU T 164 29.98 6.62 -29.95
CA LEU T 164 30.62 7.16 -28.76
C LEU T 164 31.96 7.78 -29.10
N GLU T 165 32.78 7.07 -29.87
CA GLU T 165 34.12 7.55 -30.18
C GLU T 165 34.08 8.87 -30.94
N ARG T 166 32.94 9.24 -31.51
CA ARG T 166 32.82 10.53 -32.16
C ARG T 166 32.24 11.59 -31.22
N LYS T 167 31.35 11.21 -30.31
CA LYS T 167 30.91 12.16 -29.30
C LYS T 167 32.11 12.67 -28.51
N LYS T 168 33.00 11.77 -28.12
CA LYS T 168 34.20 12.17 -27.39
C LYS T 168 35.14 12.99 -28.25
N ALA T 169 34.91 13.04 -29.56
CA ALA T 169 35.67 13.94 -30.41
C ALA T 169 35.02 15.31 -30.53
N LYS T 170 33.70 15.39 -30.35
CA LYS T 170 33.05 16.69 -30.27
C LYS T 170 33.41 17.39 -28.97
N ILE T 171 33.30 16.67 -27.85
CA ILE T 171 33.61 17.25 -26.55
C ILE T 171 35.05 17.71 -26.50
N LEU T 172 35.96 16.89 -27.04
CA LEU T 172 37.37 17.26 -27.06
C LEU T 172 37.62 18.48 -27.94
N LEU T 173 36.67 18.82 -28.81
CA LEU T 173 36.77 20.01 -29.65
C LEU T 173 35.78 21.10 -29.24
N LYS T 174 35.24 21.01 -28.03
CA LYS T 174 34.39 22.06 -27.49
C LYS T 174 34.99 22.75 -26.27
N LYS T 175 35.99 22.17 -25.63
CA LYS T 175 36.66 22.81 -24.51
C LYS T 175 37.36 24.09 -24.96
N LYS U 1 -52.91 14.82 -3.30
CA LYS U 1 -51.58 15.33 -3.61
C LYS U 1 -51.46 16.76 -3.14
N PHE U 2 -50.28 17.35 -3.34
CA PHE U 2 -50.07 18.76 -3.08
C PHE U 2 -50.21 19.52 -4.39
N THR U 3 -51.01 20.59 -4.36
CA THR U 3 -51.41 21.30 -5.56
C THR U 3 -51.44 22.78 -5.28
N ARG U 4 -51.36 23.58 -6.34
CA ARG U 4 -51.63 24.99 -6.23
C ARG U 4 -52.93 25.21 -5.46
N SER U 5 -53.02 26.34 -4.79
CA SER U 5 -54.19 26.67 -3.98
C SER U 5 -54.97 27.79 -4.67
N ARG U 6 -56.25 27.56 -4.91
CA ARG U 6 -57.14 28.57 -5.45
C ARG U 6 -57.92 29.16 -4.28
N ILE U 7 -57.54 30.39 -3.91
CA ILE U 7 -58.15 31.04 -2.74
C ILE U 7 -59.56 31.50 -3.10
N PRO U 8 -60.59 31.12 -2.36
CA PRO U 8 -61.92 31.65 -2.67
C PRO U 8 -61.94 33.16 -2.53
N GLU U 9 -62.69 33.81 -3.42
CA GLU U 9 -62.75 35.27 -3.41
C GLU U 9 -63.38 35.81 -2.14
N LYS U 10 -64.15 34.99 -1.43
CA LYS U 10 -64.85 35.48 -0.25
C LYS U 10 -63.91 36.09 0.77
N VAL U 11 -62.66 35.63 0.82
CA VAL U 11 -61.74 36.18 1.80
C VAL U 11 -61.36 37.62 1.43
N PHE U 12 -61.17 37.90 0.15
CA PHE U 12 -60.78 39.24 -0.30
C PHE U 12 -62.01 40.15 -0.41
N GLN U 13 -62.68 40.33 0.73
CA GLN U 13 -63.85 41.19 0.79
C GLN U 13 -63.79 41.97 2.10
N ALA U 14 -63.20 43.16 2.03
CA ALA U 14 -63.11 43.99 3.22
C ALA U 14 -64.50 44.21 3.80
N SER U 15 -64.59 44.14 5.11
CA SER U 15 -65.83 44.32 5.83
C SER U 15 -65.90 45.72 6.42
N PRO U 16 -67.07 46.15 6.90
CA PRO U 16 -67.13 47.42 7.62
C PRO U 16 -66.31 47.44 8.90
N GLU U 17 -65.95 46.27 9.44
CA GLU U 17 -65.08 46.22 10.61
C GLU U 17 -63.60 46.27 10.25
N ASP U 18 -63.23 45.81 9.05
CA ASP U 18 -61.83 45.86 8.64
C ASP U 18 -61.43 47.26 8.21
N HIS U 19 -62.36 48.02 7.64
CA HIS U 19 -62.01 49.29 7.02
C HIS U 19 -61.47 50.29 8.02
N GLU U 20 -62.09 50.39 9.19
CA GLU U 20 -61.61 51.30 10.22
C GLU U 20 -60.49 50.71 11.05
N LYS U 21 -60.07 49.48 10.75
CA LYS U 21 -58.93 48.86 11.44
C LYS U 21 -57.61 49.10 10.73
N TYR U 22 -57.64 49.36 9.43
CA TYR U 22 -56.46 49.77 8.68
C TYR U 22 -56.78 51.07 7.95
N GLY U 23 -55.74 51.84 7.66
CA GLY U 23 -55.93 53.17 7.11
C GLY U 23 -56.35 53.19 5.65
N GLY U 24 -57.50 52.60 5.35
CA GLY U 24 -57.94 52.46 3.97
C GLY U 24 -59.33 53.01 3.71
N ASP U 25 -59.83 52.83 2.50
CA ASP U 25 -61.14 53.33 2.13
C ASP U 25 -61.68 52.58 0.91
N PRO U 26 -62.93 52.09 0.93
CA PRO U 26 -63.44 51.35 -0.23
C PRO U 26 -63.38 52.19 -1.50
N GLN U 27 -64.02 53.36 -1.46
CA GLN U 27 -63.98 54.28 -2.58
C GLN U 27 -62.63 54.98 -2.63
N ASN U 28 -62.24 55.39 -3.82
CA ASN U 28 -60.94 56.03 -4.01
C ASN U 28 -59.83 55.16 -3.45
N PRO U 29 -59.61 53.97 -4.00
CA PRO U 29 -58.48 53.15 -3.56
C PRO U 29 -57.14 53.75 -3.92
N HIS U 30 -56.06 53.01 -3.66
CA HIS U 30 -54.71 53.52 -3.68
C HIS U 30 -53.97 53.04 -4.91
N LYS U 31 -53.16 53.93 -5.50
CA LYS U 31 -52.51 53.62 -6.76
C LYS U 31 -51.56 52.45 -6.63
N LEU U 32 -50.48 52.62 -5.88
CA LEU U 32 -49.37 51.69 -5.90
C LEU U 32 -49.27 50.91 -4.60
N HIS U 33 -48.82 49.67 -4.73
CA HIS U 33 -48.45 48.81 -3.62
C HIS U 33 -46.95 48.90 -3.42
N ILE U 34 -46.53 49.06 -2.18
CA ILE U 34 -45.14 48.84 -1.79
C ILE U 34 -45.08 47.47 -1.12
N VAL U 35 -44.26 46.57 -1.65
CA VAL U 35 -44.23 45.18 -1.23
C VAL U 35 -42.80 44.83 -0.83
N THR U 36 -42.68 44.07 0.25
CA THR U 36 -41.41 43.57 0.74
C THR U 36 -41.53 42.08 0.98
N ARG U 37 -40.40 41.36 0.85
CA ARG U 37 -40.38 39.93 1.14
C ARG U 37 -39.87 39.70 2.56
N ILE U 38 -40.62 38.91 3.33
CA ILE U 38 -40.29 38.64 4.73
C ILE U 38 -40.24 37.15 5.00
N LYS U 39 -39.88 36.36 4.00
CA LYS U 39 -39.89 34.92 4.13
C LYS U 39 -39.11 34.36 2.95
N SER U 40 -38.60 33.15 3.11
CA SER U 40 -37.70 32.60 2.12
C SER U 40 -38.48 31.90 1.02
N THR U 41 -37.97 32.03 -0.21
CA THR U 41 -38.51 31.27 -1.32
C THR U 41 -38.17 29.79 -1.18
N ARG U 42 -37.01 29.48 -0.61
CA ARG U 42 -36.62 28.11 -0.33
C ARG U 42 -37.71 27.41 0.47
N ARG U 43 -37.78 26.09 0.37
CA ARG U 43 -38.76 25.30 1.12
C ARG U 43 -40.20 25.58 0.68
N ARG U 44 -40.39 26.22 -0.47
CA ARG U 44 -41.71 26.50 -1.03
C ARG U 44 -41.73 26.07 -2.49
N PRO U 45 -42.91 25.72 -3.02
CA PRO U 45 -42.96 25.19 -4.38
C PRO U 45 -42.44 26.16 -5.43
N TYR U 46 -42.07 25.60 -6.58
CA TYR U 46 -41.45 26.40 -7.64
C TYR U 46 -42.40 27.45 -8.18
N TRP U 47 -43.71 27.21 -8.13
CA TRP U 47 -44.62 28.23 -8.62
C TRP U 47 -44.76 29.39 -7.66
N GLU U 48 -43.95 29.45 -6.62
CA GLU U 48 -43.77 30.66 -5.84
C GLU U 48 -42.38 31.25 -6.01
N LYS U 49 -41.36 30.41 -6.17
CA LYS U 49 -40.05 30.93 -6.53
C LYS U 49 -40.12 31.75 -7.81
N ASP U 50 -40.81 31.24 -8.82
CA ASP U 50 -40.88 31.97 -10.08
C ASP U 50 -41.64 33.28 -9.91
N ILE U 51 -42.77 33.26 -9.20
CA ILE U 51 -43.53 34.49 -9.00
C ILE U 51 -42.66 35.53 -8.32
N ILE U 52 -41.94 35.13 -7.27
CA ILE U 52 -41.10 36.10 -6.57
C ILE U 52 -39.99 36.60 -7.49
N LYS U 53 -39.43 35.73 -8.32
CA LYS U 53 -38.40 36.17 -9.25
C LYS U 53 -38.97 37.14 -10.26
N MET U 54 -40.29 37.10 -10.49
CA MET U 54 -40.89 37.96 -11.50
C MET U 54 -41.27 39.32 -10.92
N LEU U 55 -41.72 39.38 -9.67
CA LEU U 55 -42.08 40.66 -9.05
C LEU U 55 -40.88 41.46 -8.61
N GLY U 56 -39.67 41.04 -8.91
CA GLY U 56 -38.49 41.75 -8.47
C GLY U 56 -38.17 41.60 -7.01
N LEU U 57 -38.84 40.69 -6.31
CA LEU U 57 -38.70 40.51 -4.87
C LEU U 57 -37.61 39.51 -4.53
N GLU U 58 -36.58 39.37 -5.38
CA GLU U 58 -35.57 38.35 -5.12
C GLU U 58 -34.85 38.59 -3.80
N LYS U 59 -34.32 39.79 -3.60
CA LYS U 59 -33.61 40.10 -2.38
C LYS U 59 -34.59 40.12 -1.22
N ALA U 60 -34.05 40.19 -0.01
CA ALA U 60 -34.84 40.30 1.19
C ALA U 60 -35.38 41.71 1.25
N HIS U 61 -35.73 42.17 2.43
CA HIS U 61 -36.78 43.16 2.66
C HIS U 61 -36.90 44.22 1.55
N THR U 62 -35.87 45.05 1.33
CA THR U 62 -35.67 45.77 0.06
C THR U 62 -36.94 46.15 -0.68
N PRO U 63 -37.73 47.12 -0.20
CA PRO U 63 -39.07 47.32 -0.75
C PRO U 63 -39.08 47.63 -2.24
N GLN U 64 -40.19 47.25 -2.90
CA GLN U 64 -40.38 47.40 -4.33
C GLN U 64 -41.83 47.78 -4.62
N VAL U 65 -42.06 48.57 -5.69
CA VAL U 65 -43.37 49.14 -5.98
C VAL U 65 -44.01 48.42 -7.17
N HIS U 66 -45.34 48.26 -7.09
CA HIS U 66 -46.11 47.61 -8.15
C HIS U 66 -47.46 48.27 -8.26
N LYS U 67 -48.08 48.13 -9.44
CA LYS U 67 -49.42 48.67 -9.64
C LYS U 67 -50.43 47.91 -8.80
N ASN U 68 -51.53 48.57 -8.45
CA ASN U 68 -52.64 47.92 -7.75
C ASN U 68 -53.74 47.57 -8.76
N ILE U 69 -53.39 46.68 -9.68
CA ILE U 69 -54.33 46.23 -10.71
C ILE U 69 -54.44 44.72 -10.64
N PRO U 70 -55.60 44.15 -10.99
CA PRO U 70 -55.81 42.73 -10.72
C PRO U 70 -54.83 41.81 -11.40
N SER U 71 -54.23 42.25 -12.50
CA SER U 71 -53.24 41.41 -13.17
C SER U 71 -52.04 41.15 -12.28
N VAL U 72 -51.73 42.07 -11.37
CA VAL U 72 -50.64 41.84 -10.42
C VAL U 72 -51.15 41.24 -9.13
N ASN U 73 -52.37 41.60 -8.71
CA ASN U 73 -52.91 41.00 -7.50
C ASN U 73 -53.03 39.50 -7.65
N ALA U 74 -53.41 39.02 -8.82
CA ALA U 74 -53.48 37.58 -9.05
C ALA U 74 -52.14 36.94 -8.74
N LYS U 75 -51.04 37.64 -9.00
CA LYS U 75 -49.72 37.13 -8.65
C LYS U 75 -49.45 37.27 -7.16
N LEU U 76 -49.91 38.35 -6.54
CA LEU U 76 -49.67 38.54 -5.12
C LEU U 76 -50.56 37.66 -4.27
N LYS U 77 -51.68 37.19 -4.81
CA LYS U 77 -52.50 36.25 -4.05
C LYS U 77 -51.88 34.87 -3.97
N VAL U 78 -50.81 34.60 -4.71
CA VAL U 78 -50.11 33.33 -4.62
C VAL U 78 -48.95 33.41 -3.64
N VAL U 79 -48.38 34.59 -3.47
CA VAL U 79 -47.23 34.78 -2.61
C VAL U 79 -47.58 35.69 -1.44
N LYS U 80 -48.86 35.73 -1.06
CA LYS U 80 -49.31 36.65 -0.03
C LYS U 80 -48.77 36.29 1.34
N HIS U 81 -48.25 35.08 1.51
CA HIS U 81 -47.73 34.64 2.79
C HIS U 81 -46.22 34.78 2.88
N LEU U 82 -45.55 35.22 1.82
CA LEU U 82 -44.13 35.53 1.86
C LEU U 82 -43.85 37.00 1.66
N ILE U 83 -44.84 37.87 1.80
CA ILE U 83 -44.66 39.29 1.53
C ILE U 83 -45.51 40.10 2.49
N ARG U 84 -45.10 41.34 2.69
CA ARG U 84 -45.91 42.37 3.32
C ARG U 84 -46.24 43.42 2.28
N ILE U 85 -47.53 43.68 2.10
CA ILE U 85 -48.02 44.71 1.19
C ILE U 85 -48.50 45.88 2.03
N LYS U 86 -48.02 47.07 1.71
CA LYS U 86 -48.53 48.30 2.30
C LYS U 86 -48.89 49.22 1.14
N PRO U 87 -49.78 50.17 1.36
CA PRO U 87 -50.12 51.09 0.29
C PRO U 87 -49.26 52.33 0.28
N LEU U 88 -48.66 52.65 -0.87
CA LEU U 88 -47.86 53.85 -0.95
C LEU U 88 -48.74 55.06 -0.75
N LYS U 89 -48.24 56.03 0.00
CA LYS U 89 -48.97 57.24 0.34
C LYS U 89 -48.19 58.43 -0.19
N LEU U 90 -48.89 59.34 -0.83
CA LEU U 90 -48.28 60.51 -1.45
C LEU U 90 -48.97 61.76 -0.89
N PRO U 91 -48.61 62.19 0.32
CA PRO U 91 -49.18 63.42 0.88
C PRO U 91 -48.51 64.70 0.41
N GLN U 92 -47.67 64.61 -0.62
CA GLN U 92 -47.08 65.79 -1.26
C GLN U 92 -47.09 65.66 -2.78
N GLY U 93 -47.76 64.63 -3.31
CA GLY U 93 -47.89 64.47 -4.74
C GLY U 93 -46.68 63.85 -5.39
N LEU U 94 -46.86 63.41 -6.63
CA LEU U 94 -45.75 62.86 -7.38
C LEU U 94 -44.66 63.93 -7.50
N PRO U 95 -43.39 63.55 -7.39
CA PRO U 95 -42.33 64.54 -7.57
C PRO U 95 -42.27 65.03 -9.01
N ALA U 96 -41.67 66.20 -9.20
CA ALA U 96 -41.47 66.75 -10.53
C ALA U 96 -40.13 66.27 -11.07
N GLU U 97 -39.82 66.66 -12.31
CA GLU U 97 -38.51 66.32 -12.86
C GLU U 97 -37.40 66.92 -12.02
N GLU U 98 -37.72 67.94 -11.23
CA GLU U 98 -36.92 68.33 -10.08
C GLU U 98 -37.53 67.68 -8.86
N ASN U 99 -36.67 67.31 -7.90
CA ASN U 99 -37.00 66.55 -6.70
C ASN U 99 -37.10 65.05 -6.96
N MET U 100 -36.63 64.55 -8.10
CA MET U 100 -36.50 63.11 -8.26
C MET U 100 -35.31 62.59 -7.48
N SER U 101 -34.23 63.35 -7.42
CA SER U 101 -33.01 62.94 -6.76
C SER U 101 -32.97 63.32 -5.29
N ASN U 102 -34.07 63.84 -4.75
CA ASN U 102 -34.15 64.24 -3.35
C ASN U 102 -35.44 63.74 -2.74
N THR U 103 -35.74 62.46 -2.93
CA THR U 103 -36.91 61.83 -2.35
C THR U 103 -36.50 60.90 -1.21
N CYS U 104 -37.51 60.36 -0.53
CA CYS U 104 -37.27 59.47 0.60
C CYS U 104 -38.55 58.76 0.96
N LEU U 105 -38.42 57.48 1.29
CA LEU U 105 -39.55 56.64 1.66
C LEU U 105 -39.47 56.32 3.15
N LYS U 106 -40.43 56.81 3.91
CA LYS U 106 -40.46 56.58 5.34
C LYS U 106 -41.11 55.24 5.66
N SER U 107 -40.84 54.74 6.86
CA SER U 107 -41.30 53.41 7.23
C SER U 107 -42.82 53.29 7.23
N THR U 108 -43.53 54.41 7.33
CA THR U 108 -44.99 54.35 7.26
C THR U 108 -45.51 54.23 5.85
N GLY U 109 -44.64 54.27 4.85
CA GLY U 109 -45.04 54.11 3.47
C GLY U 109 -45.32 55.39 2.72
N GLU U 110 -44.91 56.54 3.24
CA GLU U 110 -45.12 57.83 2.60
C GLU U 110 -43.86 58.20 1.84
N LEU U 111 -44.01 58.53 0.56
CA LEU U 111 -42.93 59.05 -0.25
C LEU U 111 -42.95 60.56 -0.10
N VAL U 112 -41.80 61.16 0.22
CA VAL U 112 -41.72 62.59 0.49
C VAL U 112 -40.47 63.13 -0.17
N VAL U 113 -40.39 64.46 -0.23
CA VAL U 113 -39.28 65.14 -0.89
C VAL U 113 -38.38 65.78 0.15
N GLN U 114 -37.08 65.75 -0.13
CA GLN U 114 -36.08 66.45 0.70
C GLN U 114 -36.19 66.04 2.17
N TRP U 115 -36.36 64.74 2.41
CA TRP U 115 -36.33 64.18 3.76
C TRP U 115 -37.32 64.85 4.71
N ALA V 1 -0.97 -9.36 20.83
CA ALA V 1 -1.49 -8.67 19.66
C ALA V 1 -0.40 -7.80 19.05
N ALA V 2 -0.80 -6.78 18.29
CA ALA V 2 0.14 -5.92 17.62
C ALA V 2 -0.21 -4.47 17.91
N PRO V 3 0.73 -3.55 17.78
CA PRO V 3 0.39 -2.14 18.03
C PRO V 3 -0.71 -1.65 17.12
N LYS V 4 -1.54 -0.74 17.62
CA LYS V 4 -2.53 -0.07 16.81
C LYS V 4 -2.07 1.28 16.28
N ASN V 5 -1.03 1.86 16.86
CA ASN V 5 -0.52 3.13 16.37
C ASN V 5 0.95 3.25 16.74
N ARG V 6 1.72 3.86 15.86
CA ARG V 6 3.07 4.24 16.22
C ARG V 6 3.05 5.02 17.52
N ARG V 7 4.13 4.92 18.29
CA ARG V 7 4.28 5.72 19.50
C ARG V 7 5.25 6.86 19.23
N THR V 8 4.86 8.06 19.62
CA THR V 8 5.59 9.25 19.23
C THR V 8 6.89 9.38 20.00
N ILE V 9 7.75 10.28 19.51
CA ILE V 9 9.02 10.51 20.17
C ILE V 9 8.81 11.09 21.56
N GLU V 10 7.68 11.78 21.78
CA GLU V 10 7.43 12.34 23.11
C GLU V 10 7.16 11.26 24.14
N VAL V 11 6.27 10.31 23.83
CA VAL V 11 6.00 9.24 24.78
C VAL V 11 7.26 8.41 24.99
N ASN V 12 8.00 8.16 23.92
CA ASN V 12 9.22 7.38 24.05
C ASN V 12 10.26 8.11 24.88
N ARG V 13 10.27 9.44 24.83
CA ARG V 13 11.21 10.17 25.66
C ARG V 13 10.77 10.17 27.12
N CYS V 14 9.46 10.20 27.35
CA CYS V 14 8.99 10.15 28.73
C CYS V 14 9.19 8.77 29.34
N ARG V 15 9.37 7.75 28.50
CA ARG V 15 9.69 6.42 29.02
C ARG V 15 11.20 6.24 29.15
N ARG V 16 11.95 6.50 28.11
CA ARG V 16 13.38 6.20 28.09
C ARG V 16 14.17 7.05 29.06
N ARG V 17 13.75 8.29 29.30
CA ARG V 17 14.49 9.19 30.17
C ARG V 17 13.83 9.34 31.53
N ASN V 18 12.88 8.48 31.86
CA ASN V 18 12.34 8.48 33.20
C ASN V 18 13.45 8.19 34.20
N PRO V 19 13.39 8.73 35.41
CA PRO V 19 14.49 8.49 36.36
C PRO V 19 14.72 7.03 36.66
N GLN V 20 13.67 6.21 36.72
CA GLN V 20 13.82 4.81 37.06
C GLN V 20 14.75 4.10 36.10
N LYS V 21 14.88 4.59 34.88
CA LYS V 21 15.74 3.97 33.89
C LYS V 21 17.12 4.60 33.81
N LEU V 22 17.37 5.68 34.54
CA LEU V 22 18.65 6.34 34.44
C LEU V 22 19.70 5.59 35.25
N ILE V 23 20.96 5.88 34.96
CA ILE V 23 22.08 5.29 35.69
C ILE V 23 22.33 6.13 36.92
N LYS V 24 22.33 5.50 38.09
CA LYS V 24 22.48 6.23 39.34
C LYS V 24 23.94 6.57 39.61
N VAL V 25 24.15 7.76 40.15
CA VAL V 25 25.47 8.19 40.58
C VAL V 25 25.81 7.46 41.87
N LYS V 26 27.01 6.89 41.93
CA LYS V 26 27.39 6.03 43.04
C LYS V 26 27.98 6.85 44.17
N ASN V 27 27.42 6.68 45.37
CA ASN V 27 27.79 7.47 46.53
C ASN V 27 28.84 6.78 47.39
N ASN V 28 29.44 5.69 46.92
CA ASN V 28 30.34 4.87 47.72
C ASN V 28 31.67 4.61 47.05
N ILE V 29 32.22 5.60 46.37
CA ILE V 29 33.58 5.51 45.84
C ILE V 29 34.47 6.36 46.73
N ASP V 30 35.74 6.00 46.82
CA ASP V 30 36.69 6.79 47.58
C ASP V 30 38.09 6.40 47.14
N VAL V 31 39.08 6.87 47.90
CA VAL V 31 40.48 6.69 47.57
C VAL V 31 41.14 5.87 48.68
N CYS V 32 41.89 4.84 48.29
CA CYS V 32 42.64 4.01 49.22
C CYS V 32 43.53 4.94 50.04
N PRO V 33 43.23 5.18 51.32
CA PRO V 33 43.93 6.26 52.03
C PRO V 33 45.44 6.13 52.03
N GLU V 34 45.97 4.90 52.08
CA GLU V 34 47.41 4.71 52.02
C GLU V 34 47.88 4.56 50.58
N CYS V 35 47.34 3.59 49.86
CA CYS V 35 47.81 3.28 48.52
C CYS V 35 47.45 4.37 47.51
N GLY V 36 46.31 5.03 47.67
CA GLY V 36 45.93 6.12 46.78
C GLY V 36 45.39 5.72 45.42
N HIS V 37 44.54 4.71 45.36
CA HIS V 37 43.82 4.35 44.16
C HIS V 37 42.33 4.31 44.46
N LEU V 38 41.53 4.36 43.41
CA LEU V 38 40.09 4.37 43.60
C LEU V 38 39.62 3.01 44.10
N LYS V 39 38.53 3.03 44.87
CA LYS V 39 37.95 1.78 45.31
C LYS V 39 36.57 2.03 45.86
N GLN V 40 35.73 1.00 45.81
CA GLN V 40 34.51 1.04 46.59
C GLN V 40 34.79 0.57 48.00
N LYS V 41 33.91 0.96 48.92
CA LYS V 41 34.16 0.70 50.33
C LYS V 41 34.23 -0.79 50.61
N HIS V 42 33.24 -1.55 50.14
CA HIS V 42 33.07 -2.94 50.52
C HIS V 42 33.79 -3.89 49.59
N VAL V 43 34.80 -3.42 48.86
CA VAL V 43 35.47 -4.20 47.83
C VAL V 43 36.96 -3.89 47.89
N LEU V 44 37.78 -4.80 47.40
CA LEU V 44 39.22 -4.63 47.47
C LEU V 44 39.72 -3.66 46.41
N CYS V 45 40.72 -2.88 46.79
CA CYS V 45 41.46 -2.07 45.83
C CYS V 45 41.89 -2.94 44.65
N ALA V 46 41.40 -2.58 43.45
CA ALA V 46 41.64 -3.43 42.29
C ALA V 46 43.12 -3.54 41.97
N TYR V 47 43.84 -2.42 42.04
CA TYR V 47 45.27 -2.45 41.73
C TYR V 47 46.03 -3.29 42.75
N CYS V 48 45.72 -3.13 44.03
CA CYS V 48 46.36 -3.93 45.05
C CYS V 48 46.07 -5.41 44.84
N TYR V 49 44.82 -5.75 44.53
CA TYR V 49 44.48 -7.16 44.34
C TYR V 49 45.20 -7.75 43.14
N GLU V 50 45.33 -6.98 42.06
CA GLU V 50 46.09 -7.48 40.92
C GLU V 50 47.55 -7.70 41.28
N LYS V 51 48.15 -6.77 42.02
CA LYS V 51 49.56 -6.94 42.36
C LYS V 51 49.75 -8.09 43.35
N VAL V 52 48.69 -8.49 44.05
CA VAL V 52 48.75 -9.67 44.90
C VAL V 52 48.61 -10.94 44.06
N CYS V 53 47.68 -10.93 43.10
CA CYS V 53 47.47 -12.13 42.29
C CYS V 53 48.70 -12.44 41.45
N LYS V 54 49.42 -11.42 41.01
CA LYS V 54 50.64 -11.70 40.26
C LYS V 54 51.63 -12.50 41.09
N GLU V 55 51.86 -12.09 42.34
CA GLU V 55 52.81 -12.81 43.19
C GLU V 55 52.28 -14.19 43.56
N THR V 56 50.98 -14.30 43.79
CA THR V 56 50.42 -15.62 44.06
C THR V 56 50.67 -16.55 42.90
N ALA V 57 50.50 -16.06 41.67
CA ALA V 57 50.73 -16.88 40.50
C ALA V 57 52.19 -17.27 40.38
N GLU V 58 53.11 -16.35 40.67
CA GLU V 58 54.52 -16.72 40.58
C GLU V 58 54.88 -17.78 41.62
N ILE V 59 54.42 -17.59 42.86
CA ILE V 59 54.65 -18.60 43.89
C ILE V 59 54.10 -19.94 43.44
N ARG V 60 52.89 -19.95 42.90
CA ARG V 60 52.28 -21.22 42.51
C ARG V 60 53.01 -21.86 41.34
N ARG V 61 53.58 -21.05 40.44
CA ARG V 61 54.39 -21.63 39.38
C ARG V 61 55.60 -22.32 39.96
N GLN V 62 56.25 -21.71 40.96
CA GLN V 62 57.37 -22.38 41.60
C GLN V 62 56.92 -23.66 42.29
N ILE V 63 55.77 -23.63 42.95
CA ILE V 63 55.25 -24.81 43.62
C ILE V 63 55.05 -25.93 42.62
N GLY V 64 54.46 -25.62 41.47
CA GLY V 64 54.26 -26.63 40.45
C GLY V 64 55.57 -27.17 39.92
N LYS V 65 56.55 -26.29 39.71
CA LYS V 65 57.84 -26.73 39.20
C LYS V 65 58.53 -27.66 40.19
N GLN V 66 58.23 -27.52 41.50
CA GLN V 66 58.89 -28.36 42.48
C GLN V 66 58.15 -29.68 42.71
N GLU V 67 56.81 -29.64 42.71
CA GLU V 67 56.07 -30.86 42.98
C GLU V 67 56.12 -31.86 41.83
N GLY V 68 56.63 -31.46 40.66
CA GLY V 68 56.78 -32.37 39.55
C GLY V 68 55.53 -32.51 38.71
N GLY V 69 54.58 -33.32 39.17
CA GLY V 69 53.38 -33.60 38.43
C GLY V 69 52.14 -33.43 39.28
N PRO V 70 51.02 -34.01 38.87
CA PRO V 70 49.80 -33.89 39.65
C PRO V 70 49.78 -34.89 40.79
N PHE V 71 48.79 -34.72 41.66
CA PHE V 71 48.56 -35.65 42.76
C PHE V 71 49.73 -35.66 43.74
N LYS V 72 50.18 -34.47 44.13
CA LYS V 72 51.33 -34.36 45.02
C LYS V 72 51.09 -33.29 46.08
N ALA V 73 49.91 -33.28 46.66
CA ALA V 73 49.64 -32.35 47.74
C ALA V 73 50.49 -32.73 48.95
N PRO V 74 51.40 -31.88 49.40
CA PRO V 74 52.26 -32.28 50.51
C PRO V 74 51.48 -32.43 51.79
N THR V 75 52.10 -33.12 52.75
CA THR V 75 51.50 -33.37 54.05
C THR V 75 52.05 -32.47 55.14
N ILE V 76 52.79 -31.41 54.77
CA ILE V 76 53.34 -30.46 55.72
C ILE V 76 53.02 -29.05 55.25
N GLU V 77 53.14 -28.11 56.16
CA GLU V 77 52.96 -26.71 55.83
C GLU V 77 54.00 -26.28 54.81
N THR V 78 53.83 -25.06 54.28
CA THR V 78 54.72 -24.49 53.29
C THR V 78 55.09 -23.08 53.70
N VAL V 79 56.31 -22.67 53.37
CA VAL V 79 56.77 -21.30 53.61
C VAL V 79 57.52 -20.85 52.38
N VAL V 80 57.35 -19.58 52.02
CA VAL V 80 57.98 -19.01 50.84
C VAL V 80 59.01 -17.99 51.30
N LEU V 81 60.21 -18.07 50.73
CA LEU V 81 61.33 -17.25 51.16
C LEU V 81 61.94 -16.57 49.95
N TYR V 82 62.21 -15.28 50.07
CA TYR V 82 62.77 -14.50 48.99
C TYR V 82 64.29 -14.43 49.15
N THR V 83 64.96 -13.72 48.24
CA THR V 83 66.41 -13.76 48.19
C THR V 83 67.02 -13.27 49.49
N GLY V 84 68.11 -13.89 49.90
CA GLY V 84 68.82 -13.48 51.10
C GLY V 84 67.97 -13.61 52.34
N GLU V 85 67.21 -14.70 52.45
CA GLU V 85 66.39 -14.97 53.62
C GLU V 85 66.57 -16.43 53.99
N THR V 86 67.42 -16.68 54.98
CA THR V 86 67.63 -18.04 55.45
C THR V 86 66.36 -18.55 56.11
N PRO V 87 66.05 -19.85 56.00
CA PRO V 87 64.86 -20.37 56.68
C PRO V 87 64.88 -20.09 58.17
N SER V 88 63.90 -19.33 58.65
CA SER V 88 63.86 -18.93 60.05
C SER V 88 63.79 -20.14 60.96
N GLU V 89 63.97 -19.89 62.26
CA GLU V 89 63.99 -20.97 63.24
C GLU V 89 62.62 -21.63 63.38
N GLN V 90 61.55 -20.97 62.96
CA GLN V 90 60.22 -21.54 63.08
C GLN V 90 59.81 -22.36 61.87
N ASP V 91 60.52 -22.24 60.75
CA ASP V 91 60.08 -22.82 59.49
C ASP V 91 60.79 -24.11 59.12
N GLN V 92 61.62 -24.66 60.00
CA GLN V 92 62.22 -25.95 59.71
C GLN V 92 61.15 -27.03 59.69
N GLY V 93 61.31 -28.01 58.81
CA GLY V 93 60.30 -29.03 58.63
C GLY V 93 59.11 -28.58 57.83
N LYS V 94 59.19 -27.43 57.18
CA LYS V 94 58.16 -26.93 56.28
C LYS V 94 58.77 -26.74 54.91
N ARG V 95 58.06 -27.15 53.88
CA ARG V 95 58.59 -27.03 52.53
C ARG V 95 58.92 -25.58 52.22
N ILE V 96 60.04 -25.37 51.55
CA ILE V 96 60.50 -24.03 51.18
C ILE V 96 60.29 -23.86 49.69
N ILE V 97 59.71 -22.73 49.29
CA ILE V 97 59.49 -22.39 47.90
C ILE V 97 60.32 -21.15 47.62
N GLU V 98 61.53 -21.35 47.13
CA GLU V 98 62.44 -20.24 46.89
C GLU V 98 61.95 -19.37 45.74
N ARG V 99 62.10 -18.06 45.91
CA ARG V 99 61.82 -17.08 44.86
C ARG V 99 63.04 -16.18 44.69
N ASP V 100 63.18 -15.60 43.50
CA ASP V 100 64.39 -14.87 43.13
C ASP V 100 64.14 -13.38 42.93
N ARG V 101 63.34 -12.75 43.78
CA ARG V 101 63.19 -11.30 43.79
C ARG V 101 62.99 -10.84 45.22
N LYS V 102 63.40 -9.60 45.48
CA LYS V 102 63.34 -9.08 46.85
C LYS V 102 61.91 -9.11 47.37
N ARG V 103 61.76 -9.44 48.64
CA ARG V 103 60.44 -9.60 49.21
C ARG V 103 59.66 -8.29 49.06
N PRO V 104 58.41 -8.34 48.61
CA PRO V 104 57.62 -7.11 48.52
C PRO V 104 57.42 -6.46 49.89
N SER V 105 57.40 -5.13 49.88
CA SER V 105 57.18 -4.40 51.13
C SER V 105 55.85 -4.78 51.76
N TRP V 106 54.86 -5.10 50.94
CA TRP V 106 53.53 -5.42 51.45
C TRP V 106 53.41 -6.87 51.92
N PHE V 107 54.47 -7.68 51.77
CA PHE V 107 54.47 -9.08 52.20
C PHE V 107 55.06 -9.13 53.60
N THR V 108 54.22 -9.38 54.58
CA THR V 108 54.65 -9.41 55.98
C THR V 108 54.69 -10.83 56.52
N LYS W 1 -58.49 -23.23 -42.40
CA LYS W 1 -59.83 -22.88 -42.83
C LYS W 1 -59.79 -21.98 -44.06
N ASN W 2 -58.79 -21.11 -44.13
CA ASN W 2 -58.63 -20.17 -45.22
C ASN W 2 -57.20 -20.22 -45.73
N ILE W 3 -57.05 -20.04 -47.04
CA ILE W 3 -55.76 -20.16 -47.71
C ILE W 3 -55.52 -18.93 -48.55
N LEU W 4 -54.28 -18.45 -48.55
CA LEU W 4 -53.86 -17.33 -49.39
C LEU W 4 -53.34 -17.90 -50.70
N VAL W 5 -53.91 -17.43 -51.81
CA VAL W 5 -53.63 -17.95 -53.15
C VAL W 5 -53.24 -16.80 -54.05
N ARG W 6 -52.24 -17.03 -54.90
CA ARG W 6 -51.73 -16.01 -55.81
C ARG W 6 -52.65 -15.93 -57.02
N MET W 7 -53.54 -14.93 -57.02
CA MET W 7 -54.47 -14.73 -58.12
C MET W 7 -53.80 -13.97 -59.25
N VAL W 8 -54.03 -14.43 -60.48
CA VAL W 8 -53.40 -13.86 -61.67
C VAL W 8 -54.47 -13.56 -62.70
N SER W 9 -54.21 -12.57 -63.54
CA SER W 9 -55.14 -12.17 -64.57
C SER W 9 -54.90 -12.96 -65.85
N GLU W 10 -55.64 -12.60 -66.90
CA GLU W 10 -55.57 -13.25 -68.20
C GLU W 10 -55.10 -12.31 -69.30
N ALA W 11 -55.73 -11.14 -69.42
CA ALA W 11 -55.36 -10.13 -70.40
C ALA W 11 -54.54 -9.06 -69.70
N GLY W 12 -53.34 -8.79 -70.22
CA GLY W 12 -52.38 -7.98 -69.51
C GLY W 12 -51.78 -8.78 -68.37
N THR W 13 -51.05 -9.84 -68.73
CA THR W 13 -50.58 -10.80 -67.74
C THR W 13 -49.45 -10.21 -66.91
N GLY W 14 -48.98 -10.98 -65.94
CA GLY W 14 -47.91 -10.58 -65.06
C GLY W 14 -48.34 -10.15 -63.68
N PHE W 15 -49.63 -9.92 -63.45
CA PHE W 15 -50.13 -9.49 -62.17
C PHE W 15 -50.14 -10.66 -61.19
N CYS W 16 -49.81 -10.37 -59.92
CA CYS W 16 -49.81 -11.38 -58.88
C CYS W 16 -50.08 -10.73 -57.54
N PHE W 17 -50.98 -11.33 -56.77
CA PHE W 17 -51.30 -10.85 -55.43
C PHE W 17 -51.97 -11.99 -54.67
N ASN W 18 -51.65 -12.11 -53.38
CA ASN W 18 -52.16 -13.20 -52.55
C ASN W 18 -53.50 -12.79 -51.96
N THR W 19 -54.58 -13.33 -52.49
CA THR W 19 -55.91 -13.08 -51.95
C THR W 19 -56.35 -14.28 -51.10
N LYS W 20 -57.43 -14.09 -50.34
CA LYS W 20 -57.92 -15.12 -49.43
C LYS W 20 -59.03 -15.92 -50.09
N ARG W 21 -59.11 -17.20 -49.71
CA ARG W 21 -60.26 -18.00 -50.07
C ARG W 21 -60.44 -19.10 -49.04
N ASN W 22 -61.70 -19.37 -48.69
CA ASN W 22 -62.00 -20.47 -47.79
C ASN W 22 -61.59 -21.78 -48.44
N ARG W 23 -60.87 -22.61 -47.69
CA ARG W 23 -60.39 -23.87 -48.24
C ARG W 23 -61.54 -24.80 -48.63
N LEU W 24 -62.69 -24.69 -47.96
CA LEU W 24 -63.85 -25.49 -48.31
C LEU W 24 -64.47 -25.09 -49.64
N ARG W 25 -64.08 -23.94 -50.20
CA ARG W 25 -64.60 -23.47 -51.47
C ARG W 25 -63.70 -23.96 -52.61
N GLU W 26 -64.31 -24.11 -53.78
CA GLU W 26 -63.59 -24.58 -54.95
C GLU W 26 -62.76 -23.45 -55.55
N LYS W 27 -62.21 -23.69 -56.74
CA LYS W 27 -61.39 -22.72 -57.41
C LYS W 27 -62.17 -21.43 -57.66
N LEU W 28 -61.50 -20.29 -57.47
CA LEU W 28 -62.16 -19.00 -57.41
C LEU W 28 -61.81 -18.15 -58.63
N THR W 29 -62.81 -17.42 -59.12
CA THR W 29 -62.63 -16.45 -60.19
C THR W 29 -63.43 -15.19 -59.86
N LEU W 30 -62.86 -14.03 -60.18
CA LEU W 30 -63.49 -12.76 -59.86
C LEU W 30 -63.37 -11.82 -61.05
N LEU W 31 -64.18 -10.77 -61.03
CA LEU W 31 -64.06 -9.66 -61.97
C LEU W 31 -63.48 -8.47 -61.21
N HIS W 32 -62.27 -8.05 -61.56
CA HIS W 32 -61.64 -6.98 -60.80
C HIS W 32 -60.71 -6.20 -61.74
N TYR W 33 -59.81 -5.41 -61.15
CA TYR W 33 -59.16 -4.29 -61.82
C TYR W 33 -57.76 -4.70 -62.24
N ASP W 34 -57.46 -4.56 -63.54
CA ASP W 34 -56.11 -4.72 -64.07
C ASP W 34 -55.54 -3.37 -64.44
N PRO W 35 -54.51 -2.86 -63.76
CA PRO W 35 -54.02 -1.51 -64.03
C PRO W 35 -53.04 -1.40 -65.19
N VAL W 36 -52.58 -2.52 -65.76
CA VAL W 36 -51.75 -2.43 -66.96
C VAL W 36 -52.54 -1.78 -68.09
N VAL W 37 -53.81 -2.17 -68.24
CA VAL W 37 -54.74 -1.50 -69.13
C VAL W 37 -55.79 -0.72 -68.37
N LYS W 38 -55.86 -0.86 -67.04
CA LYS W 38 -56.88 -0.17 -66.24
C LYS W 38 -58.28 -0.55 -66.70
N GLN W 39 -58.62 -1.84 -66.57
CA GLN W 39 -59.90 -2.31 -67.04
C GLN W 39 -60.37 -3.47 -66.17
N ARG W 40 -61.66 -3.79 -66.30
CA ARG W 40 -62.22 -4.92 -65.58
C ARG W 40 -61.95 -6.21 -66.33
N VAL W 41 -61.26 -7.14 -65.68
CA VAL W 41 -60.86 -8.41 -66.27
C VAL W 41 -61.19 -9.52 -65.28
N LEU W 42 -61.29 -10.74 -65.82
CA LEU W 42 -61.48 -11.91 -64.99
C LEU W 42 -60.12 -12.38 -64.46
N PHE W 43 -60.01 -12.44 -63.15
CA PHE W 43 -58.83 -12.94 -62.46
C PHE W 43 -59.12 -14.32 -61.91
N VAL W 44 -58.15 -15.23 -62.04
CA VAL W 44 -58.31 -16.63 -61.65
C VAL W 44 -57.10 -17.04 -60.83
N GLU W 45 -57.30 -18.04 -59.98
CA GLU W 45 -56.24 -18.56 -59.13
C GLU W 45 -55.33 -19.50 -59.92
N LYS W 46 -54.07 -19.55 -59.50
CA LYS W 46 -53.07 -20.43 -60.11
C LYS W 46 -52.54 -21.47 -59.15
N LYS W 47 -52.03 -21.06 -58.00
CA LYS W 47 -51.42 -21.99 -57.05
C LYS W 47 -51.65 -21.47 -55.63
N LYS W 48 -52.07 -22.36 -54.74
CA LYS W 48 -52.31 -21.99 -53.36
C LYS W 48 -50.99 -21.62 -52.66
N ILE W 49 -51.10 -20.72 -51.68
CA ILE W 49 -49.94 -20.38 -50.84
C ILE W 49 -50.38 -20.43 -49.38
N ALA X 1 8.82 -34.20 5.71
CA ALA X 1 9.61 -32.97 5.67
C ALA X 1 10.25 -32.80 4.31
N ARG X 2 10.28 -31.56 3.82
CA ARG X 2 10.69 -31.30 2.46
C ARG X 2 11.94 -30.43 2.42
N GLY X 3 12.34 -30.01 1.23
CA GLY X 3 13.44 -29.08 1.05
C GLY X 3 14.74 -29.71 0.65
N ASN X 4 14.86 -31.03 0.74
CA ASN X 4 16.09 -31.74 0.43
C ASN X 4 15.90 -32.58 -0.83
N GLU X 5 15.27 -31.99 -1.84
CA GLU X 5 15.01 -32.71 -3.07
C GLU X 5 16.26 -32.86 -3.92
N TYR X 6 17.31 -32.12 -3.63
CA TYR X 6 18.54 -32.22 -4.39
C TYR X 6 19.52 -33.11 -3.66
N GLN X 7 19.59 -34.38 -4.06
CA GLN X 7 20.55 -35.34 -3.54
C GLN X 7 21.67 -35.42 -4.57
N PRO X 8 22.74 -34.65 -4.40
CA PRO X 8 23.66 -34.44 -5.52
C PRO X 8 24.30 -35.73 -6.01
N SER X 9 24.63 -35.74 -7.30
CA SER X 9 25.22 -36.91 -7.94
C SER X 9 25.88 -36.44 -9.22
N ASN X 10 27.20 -36.59 -9.32
CA ASN X 10 27.90 -36.10 -10.49
C ASN X 10 27.51 -36.86 -11.75
N ILE X 11 27.32 -38.16 -11.66
CA ILE X 11 26.95 -38.94 -12.84
C ILE X 11 25.63 -38.43 -13.40
N LYS X 12 24.62 -38.31 -12.55
CA LYS X 12 23.33 -37.85 -13.03
C LYS X 12 23.43 -36.44 -13.59
N ARG X 13 24.12 -35.56 -12.87
CA ARG X 13 24.21 -34.18 -13.30
C ARG X 13 24.88 -34.06 -14.66
N LYS X 14 25.91 -34.86 -14.90
CA LYS X 14 26.58 -34.81 -16.20
C LYS X 14 25.82 -35.57 -17.26
N ASN X 15 24.89 -36.43 -16.88
CA ASN X 15 24.19 -37.22 -17.88
C ASN X 15 22.94 -36.51 -18.38
N LYS X 16 22.22 -35.83 -17.49
CA LYS X 16 20.95 -35.21 -17.88
C LYS X 16 21.02 -33.71 -18.07
N HIS X 17 22.17 -33.08 -17.95
CA HIS X 17 22.29 -31.66 -18.26
C HIS X 17 23.60 -31.31 -18.93
N GLY X 18 24.33 -32.27 -19.40
CA GLY X 18 25.68 -32.01 -19.85
C GLY X 18 25.75 -31.60 -21.29
N TRP X 19 26.98 -31.30 -21.72
CA TRP X 19 27.20 -30.86 -23.09
C TRP X 19 26.69 -31.86 -24.09
N VAL X 20 27.03 -33.13 -23.90
CA VAL X 20 26.69 -34.14 -24.89
C VAL X 20 25.19 -34.38 -24.95
N ARG X 21 24.51 -34.33 -23.80
CA ARG X 21 23.07 -34.52 -23.84
C ARG X 21 22.39 -33.37 -24.59
N ARG X 22 22.82 -32.13 -24.39
CA ARG X 22 22.28 -31.06 -25.20
C ARG X 22 22.55 -31.32 -26.68
N LEU X 23 23.81 -31.56 -27.03
CA LEU X 23 24.16 -31.74 -28.43
C LEU X 23 23.58 -33.00 -29.04
N SER X 24 22.89 -33.84 -28.28
CA SER X 24 22.29 -35.05 -28.84
C SER X 24 20.85 -34.87 -29.26
N THR X 25 20.43 -33.66 -29.62
CA THR X 25 19.05 -33.40 -30.01
C THR X 25 18.98 -31.96 -30.50
N PRO X 26 18.13 -31.66 -31.49
CA PRO X 26 18.02 -30.26 -31.93
C PRO X 26 17.64 -29.29 -30.82
N ALA X 27 16.73 -29.70 -29.92
CA ALA X 27 16.32 -28.80 -28.85
C ALA X 27 17.50 -28.40 -27.99
N GLY X 28 18.39 -29.34 -27.70
CA GLY X 28 19.55 -29.02 -26.91
C GLY X 28 20.49 -28.05 -27.60
N VAL X 29 20.66 -28.21 -28.90
CA VAL X 29 21.54 -27.27 -29.60
C VAL X 29 20.92 -25.89 -29.57
N GLN X 30 19.59 -25.82 -29.67
CA GLN X 30 18.92 -24.54 -29.51
C GLN X 30 19.18 -23.95 -28.13
N VAL X 31 19.17 -24.79 -27.10
CA VAL X 31 19.42 -24.29 -25.75
C VAL X 31 20.83 -23.73 -25.65
N ILE X 32 21.80 -24.49 -26.14
CA ILE X 32 23.18 -24.03 -26.11
C ILE X 32 23.31 -22.72 -26.86
N LEU X 33 22.61 -22.59 -27.99
CA LEU X 33 22.72 -21.37 -28.79
C LEU X 33 22.07 -20.18 -28.10
N ARG X 34 20.93 -20.38 -27.46
CA ARG X 34 20.34 -19.33 -26.66
C ARG X 34 21.32 -18.83 -25.61
N ARG X 35 21.97 -19.75 -24.91
CA ARG X 35 22.88 -19.35 -23.85
C ARG X 35 24.18 -18.79 -24.39
N MET X 36 24.53 -19.11 -25.64
CA MET X 36 25.65 -18.43 -26.28
C MET X 36 25.27 -17.00 -26.61
N LEU X 37 24.02 -16.79 -27.02
CA LEU X 37 23.58 -15.47 -27.43
C LEU X 37 23.44 -14.54 -26.24
N LYS X 38 22.82 -15.03 -25.16
CA LYS X 38 22.61 -14.20 -23.99
C LYS X 38 23.91 -13.85 -23.28
N GLY X 39 25.02 -14.48 -23.65
CA GLY X 39 26.33 -14.15 -23.12
C GLY X 39 26.86 -15.07 -22.05
N ARG X 40 26.05 -16.02 -21.58
CA ARG X 40 26.42 -16.89 -20.46
C ARG X 40 27.83 -17.41 -20.62
N LYS X 41 28.51 -17.63 -19.51
CA LYS X 41 29.76 -18.38 -19.51
C LYS X 41 29.63 -19.75 -18.89
N SER X 42 28.41 -20.18 -18.59
CA SER X 42 28.11 -21.55 -18.19
C SER X 42 27.06 -22.09 -19.16
N LEU X 43 27.52 -22.59 -20.31
CA LEU X 43 26.59 -23.06 -21.31
C LEU X 43 25.97 -24.38 -20.93
N SER X 44 26.77 -25.32 -20.43
CA SER X 44 26.31 -26.65 -20.10
C SER X 44 26.75 -26.99 -18.71
N HIS X 45 25.95 -27.81 -18.03
CA HIS X 45 26.21 -28.13 -16.65
C HIS X 45 27.46 -28.98 -16.52
N LEU Y 1 -16.56 1.23 -36.03
CA LEU Y 1 -15.82 1.23 -37.28
C LEU Y 1 -14.33 1.14 -37.00
N THR Y 2 -13.53 1.26 -38.05
CA THR Y 2 -12.09 1.16 -37.95
C THR Y 2 -11.49 2.52 -38.24
N TYR Y 3 -10.93 3.14 -37.22
CA TYR Y 3 -10.43 4.49 -37.36
C TYR Y 3 -9.06 4.52 -38.01
N PHE Y 4 -8.34 3.41 -37.99
CA PHE Y 4 -7.06 3.32 -38.67
C PHE Y 4 -6.87 1.90 -39.18
N SER Y 5 -6.65 1.76 -40.48
CA SER Y 5 -6.42 0.47 -41.07
C SER Y 5 -5.03 -0.01 -40.73
N ALA Y 6 -4.86 -1.33 -40.69
CA ALA Y 6 -3.57 -1.89 -40.35
C ALA Y 6 -2.59 -1.75 -41.50
N ARG Y 7 -3.09 -1.68 -42.73
CA ARG Y 7 -2.22 -1.74 -43.91
C ARG Y 7 -1.89 -0.38 -44.49
N LYS Y 8 -2.82 0.58 -44.45
CA LYS Y 8 -2.57 1.94 -44.91
C LYS Y 8 -2.59 2.97 -43.79
N GLY Y 9 -3.44 2.81 -42.79
CA GLY Y 9 -3.56 3.80 -41.76
C GLY Y 9 -4.55 4.90 -42.04
N LYS Y 10 -5.59 4.63 -42.83
CA LYS Y 10 -6.67 5.57 -43.08
C LYS Y 10 -7.93 5.14 -42.34
N ARG Y 11 -8.91 6.03 -42.32
CA ARG Y 11 -10.22 5.66 -41.81
C ARG Y 11 -10.86 4.69 -42.79
N LYS Y 12 -11.81 3.91 -42.33
CA LYS Y 12 -12.50 2.95 -43.19
C LYS Y 12 -13.99 3.07 -42.99
N THR Y 13 -14.75 2.79 -44.03
CA THR Y 13 -16.19 2.95 -43.96
C THR Y 13 -16.86 1.63 -43.62
N VAL Y 14 -18.08 1.75 -43.11
CA VAL Y 14 -18.90 0.61 -42.77
C VAL Y 14 -19.80 0.35 -43.96
N LYS Y 15 -19.45 -0.63 -44.77
CA LYS Y 15 -20.16 -0.84 -46.03
C LYS Y 15 -21.59 -1.30 -45.83
N ALA Y 16 -22.00 -1.65 -44.62
CA ALA Y 16 -23.39 -1.99 -44.40
C ALA Y 16 -24.30 -0.78 -44.54
N VAL Y 17 -23.74 0.43 -44.53
CA VAL Y 17 -24.53 1.64 -44.72
C VAL Y 17 -24.71 1.97 -46.19
N ILE Y 18 -23.61 1.97 -46.96
CA ILE Y 18 -23.68 2.29 -48.38
C ILE Y 18 -24.78 1.50 -49.05
N ASP Y 19 -24.99 0.26 -48.64
CA ASP Y 19 -26.01 -0.54 -49.27
C ASP Y 19 -27.41 -0.24 -48.75
N ARG Y 20 -27.57 0.77 -47.90
CA ARG Y 20 -28.86 1.05 -47.29
C ARG Y 20 -29.31 2.50 -47.37
N PHE Y 21 -28.39 3.46 -47.45
CA PHE Y 21 -28.74 4.87 -47.35
C PHE Y 21 -28.10 5.64 -48.49
N LEU Y 22 -28.74 6.75 -48.87
CA LEU Y 22 -28.26 7.64 -49.91
C LEU Y 22 -28.02 9.01 -49.30
N ARG Y 23 -26.82 9.54 -49.50
CA ARG Y 23 -26.44 10.83 -48.95
C ARG Y 23 -26.69 11.91 -49.99
N LEU Y 24 -27.77 12.66 -49.83
CA LEU Y 24 -27.90 13.91 -50.57
C LEU Y 24 -26.76 14.81 -50.16
N HIS Y 25 -26.16 15.47 -51.15
CA HIS Y 25 -24.84 16.06 -50.94
C HIS Y 25 -24.81 17.03 -49.77
N CYS Y 26 -25.89 17.74 -49.53
CA CYS Y 26 -25.89 18.80 -48.53
C CYS Y 26 -26.49 18.38 -47.20
N GLY Y 27 -26.29 17.12 -46.79
CA GLY Y 27 -26.53 16.70 -45.43
C GLY Y 27 -27.52 15.56 -45.25
N LEU Y 28 -28.63 15.50 -45.96
CA LEU Y 28 -29.71 14.58 -45.61
C LEU Y 28 -29.37 13.16 -46.03
N TRP Y 29 -30.04 12.20 -45.40
CA TRP Y 29 -29.91 10.78 -45.75
C TRP Y 29 -31.31 10.20 -45.98
N VAL Y 30 -31.45 9.39 -47.03
CA VAL Y 30 -32.72 8.82 -47.42
C VAL Y 30 -32.66 7.30 -47.29
N ARG Y 31 -33.70 6.72 -46.71
CA ARG Y 31 -33.81 5.29 -46.50
C ARG Y 31 -35.14 4.79 -47.05
N ARG Y 32 -35.54 3.57 -46.70
CA ARG Y 32 -36.61 2.92 -47.45
C ARG Y 32 -37.60 2.15 -46.57
N LYS Y 33 -37.83 2.60 -45.34
CA LYS Y 33 -39.03 2.22 -44.58
C LYS Y 33 -39.16 0.70 -44.46
N ALA Y 34 -38.28 0.14 -43.63
CA ALA Y 34 -38.29 -1.29 -43.33
C ALA Y 34 -39.68 -1.84 -43.12
N GLY Y 35 -39.90 -3.05 -43.64
CA GLY Y 35 -41.18 -3.70 -43.54
C GLY Y 35 -42.02 -3.59 -44.78
N TYR Y 36 -41.43 -3.24 -45.92
CA TYR Y 36 -42.20 -2.81 -47.08
C TYR Y 36 -42.31 -3.87 -48.17
N LYS Y 37 -41.30 -4.69 -48.37
CA LYS Y 37 -41.41 -5.73 -49.37
C LYS Y 37 -42.30 -6.87 -48.92
N LYS Y 38 -42.16 -7.33 -47.68
CA LYS Y 38 -42.68 -8.63 -47.30
C LYS Y 38 -43.94 -8.49 -46.47
N LYS Y 39 -44.79 -9.51 -46.60
CA LYS Y 39 -46.06 -9.58 -45.89
C LYS Y 39 -47.02 -8.49 -46.35
N LEU Y 40 -47.09 -8.29 -47.67
CA LEU Y 40 -47.90 -7.24 -48.25
C LEU Y 40 -49.35 -7.66 -48.48
N TRP Y 41 -49.78 -8.77 -47.89
CA TRP Y 41 -51.12 -9.28 -48.17
C TRP Y 41 -52.11 -9.09 -47.04
N LYS Y 42 -51.65 -8.83 -45.82
CA LYS Y 42 -52.54 -8.44 -44.74
C LYS Y 42 -52.28 -7.04 -44.24
N LYS Y 43 -51.59 -6.21 -45.03
CA LYS Y 43 -51.40 -4.81 -44.71
C LYS Y 43 -52.42 -3.98 -45.47
N THR Y 44 -53.00 -3.00 -44.77
CA THR Y 44 -54.01 -2.16 -45.39
C THR Y 44 -53.39 -1.38 -46.55
N PRO Y 45 -54.19 -1.02 -47.55
CA PRO Y 45 -53.62 -0.28 -48.69
C PRO Y 45 -52.96 1.01 -48.30
N ALA Y 46 -53.50 1.73 -47.32
CA ALA Y 46 -52.85 2.94 -46.85
C ALA Y 46 -51.49 2.64 -46.25
N ARG Y 47 -51.39 1.58 -45.46
CA ARG Y 47 -50.11 1.21 -44.88
C ARG Y 47 -49.11 0.85 -45.97
N LYS Y 48 -49.54 0.09 -46.97
CA LYS Y 48 -48.66 -0.22 -48.08
C LYS Y 48 -48.20 1.06 -48.76
N LYS Y 49 -49.10 2.03 -48.89
CA LYS Y 49 -48.73 3.30 -49.49
C LYS Y 49 -47.65 3.98 -48.68
N ARG Y 50 -47.79 3.97 -47.36
CA ARG Y 50 -46.79 4.58 -46.51
C ARG Y 50 -45.45 3.89 -46.66
N LEU Y 51 -45.44 2.55 -46.65
CA LEU Y 51 -44.18 1.81 -46.61
C LEU Y 51 -43.35 1.98 -47.86
N ARG Y 52 -43.97 2.27 -49.01
CA ARG Y 52 -43.19 2.43 -50.23
C ARG Y 52 -42.35 3.68 -50.26
N GLU Y 53 -42.54 4.59 -49.31
CA GLU Y 53 -41.98 5.94 -49.41
C GLU Y 53 -40.51 5.96 -49.06
N PHE Y 54 -39.81 6.96 -49.60
CA PHE Y 54 -38.44 7.25 -49.25
C PHE Y 54 -38.45 8.32 -48.18
N VAL Y 55 -37.97 7.98 -46.98
CA VAL Y 55 -38.05 8.87 -45.83
C VAL Y 55 -36.66 9.37 -45.46
N PHE Y 56 -36.63 10.48 -44.75
CA PHE Y 56 -35.39 11.10 -44.30
C PHE Y 56 -35.02 10.60 -42.91
N CYS Y 57 -33.76 10.82 -42.55
CA CYS Y 57 -33.26 10.44 -41.23
C CYS Y 57 -32.96 11.68 -40.39
N ASN Y 58 -33.33 11.61 -39.11
CA ASN Y 58 -33.25 12.78 -38.25
C ASN Y 58 -31.79 13.11 -37.95
N LYS Y 59 -31.56 14.07 -37.06
CA LYS Y 59 -30.23 14.64 -36.91
C LYS Y 59 -29.23 13.63 -36.38
N THR Y 60 -29.58 12.92 -35.31
CA THR Y 60 -28.63 12.00 -34.71
C THR Y 60 -28.25 10.89 -35.66
N GLN Y 61 -29.25 10.32 -36.35
CA GLN Y 61 -28.97 9.27 -37.32
C GLN Y 61 -28.06 9.79 -38.42
N SER Y 62 -28.31 11.00 -38.91
CA SER Y 62 -27.50 11.53 -39.99
C SER Y 62 -26.07 11.75 -39.53
N LYS Y 63 -25.88 12.26 -38.31
CA LYS Y 63 -24.52 12.44 -37.81
C LYS Y 63 -23.82 11.10 -37.67
N LEU Y 64 -24.53 10.10 -37.14
CA LEU Y 64 -23.96 8.77 -37.01
C LEU Y 64 -23.48 8.27 -38.37
N LEU Y 65 -24.37 8.28 -39.35
CA LEU Y 65 -24.00 7.74 -40.65
C LEU Y 65 -22.93 8.57 -41.32
N ASP Y 66 -22.86 9.86 -41.01
CA ASP Y 66 -21.75 10.66 -41.50
C ASP Y 66 -20.44 10.17 -40.93
N LYS Y 67 -20.46 9.71 -39.67
CA LYS Y 67 -19.25 9.19 -39.05
C LYS Y 67 -18.84 7.86 -39.67
N MET Y 68 -19.81 7.02 -40.03
CA MET Y 68 -19.50 5.67 -40.50
C MET Y 68 -19.10 5.63 -41.97
N THR Y 69 -18.93 6.77 -42.62
CA THR Y 69 -18.58 6.82 -44.03
C THR Y 69 -17.52 7.88 -44.24
N THR Y 70 -16.53 7.56 -45.07
CA THR Y 70 -15.41 8.45 -45.26
C THR Y 70 -15.84 9.64 -46.13
N SER Y 71 -14.86 10.43 -46.55
CA SER Y 71 -15.15 11.63 -47.33
C SER Y 71 -15.63 11.30 -48.74
N PHE Y 72 -15.17 10.18 -49.31
CA PHE Y 72 -15.48 9.90 -50.71
C PHE Y 72 -16.98 9.85 -50.95
N TRP Y 73 -17.74 9.34 -50.01
CA TRP Y 73 -19.17 9.20 -50.21
C TRP Y 73 -19.93 10.47 -49.90
N LYS Y 74 -19.24 11.59 -49.71
CA LYS Y 74 -19.90 12.87 -49.48
C LYS Y 74 -19.63 13.88 -50.57
N ARG Y 75 -18.91 13.51 -51.62
CA ARG Y 75 -18.50 14.47 -52.63
C ARG Y 75 -19.70 14.89 -53.47
N ARG Y 76 -19.43 15.75 -54.46
CA ARG Y 76 -20.43 16.25 -55.39
C ARG Y 76 -20.42 15.33 -56.61
N ASN Y 77 -21.52 14.63 -56.84
CA ASN Y 77 -21.59 13.60 -57.86
C ASN Y 77 -22.50 14.04 -59.00
N TRP Y 78 -21.94 14.16 -60.19
CA TRP Y 78 -22.64 14.64 -61.39
C TRP Y 78 -22.98 13.45 -62.28
N TYR Y 79 -24.06 12.75 -61.96
CA TYR Y 79 -24.49 11.59 -62.74
C TYR Y 79 -25.38 12.03 -63.90
N VAL Y 80 -25.38 11.22 -64.96
CA VAL Y 80 -26.01 11.64 -66.21
C VAL Y 80 -27.49 11.88 -66.02
N ASP Y 81 -28.24 10.84 -65.68
CA ASP Y 81 -29.67 10.92 -65.43
C ASP Y 81 -29.89 10.45 -64.01
N ASP Y 82 -29.72 11.37 -63.06
CA ASP Y 82 -29.80 11.03 -61.65
C ASP Y 82 -31.19 11.35 -61.15
N PRO Y 83 -31.99 10.37 -60.74
CA PRO Y 83 -33.34 10.70 -60.25
C PRO Y 83 -33.33 11.60 -59.04
N TYR Y 84 -32.20 11.70 -58.33
CA TYR Y 84 -32.06 12.54 -57.16
C TYR Y 84 -31.18 13.75 -57.40
N GLN Y 85 -31.05 14.20 -58.65
CA GLN Y 85 -30.19 15.33 -58.95
C GLN Y 85 -30.73 16.63 -58.35
N LYS Y 86 -32.05 16.76 -58.30
CA LYS Y 86 -32.64 18.00 -57.82
C LYS Y 86 -32.73 18.09 -56.31
N TYR Y 87 -32.47 17.00 -55.60
CA TYR Y 87 -32.53 17.01 -54.15
C TYR Y 87 -31.16 17.23 -53.50
N HIS Y 88 -30.12 17.47 -54.29
CA HIS Y 88 -28.80 17.65 -53.69
C HIS Y 88 -28.69 18.98 -52.95
N ASP Y 89 -29.56 19.93 -53.24
CA ASP Y 89 -29.46 21.28 -52.68
C ASP Y 89 -30.74 21.66 -51.96
N ARG Y 90 -30.57 22.37 -50.84
CA ARG Y 90 -31.66 23.01 -50.12
C ARG Y 90 -31.91 24.38 -50.73
N THR Y 91 -33.16 24.80 -50.76
CA THR Y 91 -33.54 26.09 -51.30
C THR Y 91 -34.48 26.78 -50.33
N ASN Y 92 -34.19 28.04 -50.01
CA ASN Y 92 -35.04 28.82 -49.10
C ASN Y 92 -35.12 28.21 -47.71
N LEU Y 93 -33.97 27.99 -47.08
CA LEU Y 93 -33.95 27.41 -45.74
C LEU Y 93 -33.76 28.52 -44.72
N LYS Y 94 -34.73 28.67 -43.82
CA LYS Y 94 -34.69 29.69 -42.78
C LYS Y 94 -34.16 29.07 -41.51
N VAL Y 95 -32.88 29.32 -41.23
CA VAL Y 95 -32.21 28.77 -40.06
C VAL Y 95 -32.03 27.27 -40.24
N TYR Z 1 11.04 -72.17 -36.02
CA TYR Z 1 11.22 -71.00 -35.20
C TYR Z 1 12.68 -70.57 -35.16
N GLU Z 2 13.02 -69.54 -35.91
CA GLU Z 2 14.38 -69.04 -35.91
C GLU Z 2 14.69 -68.34 -34.60
N TRP Z 3 15.96 -68.29 -34.26
CA TRP Z 3 16.42 -67.66 -33.02
C TRP Z 3 17.11 -66.35 -33.34
N GLY Z 4 16.72 -65.29 -32.61
CA GLY Z 4 17.29 -63.97 -32.79
C GLY Z 4 16.28 -62.98 -33.33
N VAL Z 5 15.76 -62.12 -32.46
CA VAL Z 5 14.75 -61.17 -32.90
C VAL Z 5 15.35 -60.21 -33.92
N ARG Z 6 14.50 -59.70 -34.79
CA ARG Z 6 14.97 -58.85 -35.87
C ARG Z 6 15.64 -57.60 -35.31
N SER Z 7 15.06 -57.02 -34.28
CA SER Z 7 15.47 -55.71 -33.77
C SER Z 7 16.80 -55.74 -33.02
N THR Z 8 17.56 -56.83 -33.11
CA THR Z 8 18.84 -56.93 -32.44
C THR Z 8 19.98 -57.21 -33.41
N ARG Z 9 19.66 -57.46 -34.68
CA ARG Z 9 20.67 -57.70 -35.70
C ARG Z 9 21.25 -56.35 -36.14
N LYS Z 10 22.35 -56.42 -36.89
CA LYS Z 10 23.16 -55.23 -37.10
C LYS Z 10 22.34 -54.10 -37.70
N SER Z 11 21.94 -54.23 -38.97
CA SER Z 11 20.96 -53.34 -39.57
C SER Z 11 20.86 -53.68 -41.06
N GLU Z 12 19.77 -53.28 -41.67
CA GLU Z 12 19.73 -53.22 -43.13
C GLU Z 12 20.40 -51.93 -43.57
N PRO Z 13 21.43 -51.97 -44.40
CA PRO Z 13 22.13 -50.73 -44.77
C PRO Z 13 21.17 -49.75 -45.42
N PRO Z 14 21.39 -48.45 -45.25
CA PRO Z 14 20.41 -47.49 -45.74
C PRO Z 14 20.30 -47.56 -47.25
N PRO Z 15 19.12 -47.28 -47.80
CA PRO Z 15 18.97 -47.36 -49.26
C PRO Z 15 20.00 -46.50 -49.97
N LEU Z 16 20.63 -47.07 -50.99
CA LEU Z 16 21.72 -46.39 -51.66
C LEU Z 16 21.18 -45.18 -52.43
N ASP Z 17 22.03 -44.18 -52.58
CA ASP Z 17 21.68 -43.01 -53.37
C ASP Z 17 21.63 -43.41 -54.85
N ARG Z 18 20.61 -42.92 -55.54
CA ARG Z 18 20.36 -43.38 -56.91
C ARG Z 18 21.40 -42.86 -57.89
N VAL Z 19 22.13 -41.81 -57.55
CA VAL Z 19 23.13 -41.26 -58.46
C VAL Z 19 24.13 -42.31 -58.89
N TYR Z 20 24.30 -43.38 -58.11
CA TYR Z 20 25.28 -44.40 -58.47
C TYR Z 20 24.85 -45.19 -59.70
N GLU Z 21 23.55 -45.39 -59.89
CA GLU Z 21 23.07 -46.23 -60.98
C GLU Z 21 22.75 -45.43 -62.24
N ILE Z 22 23.39 -44.29 -62.45
CA ILE Z 22 23.35 -43.59 -63.73
C ILE Z 22 24.67 -43.89 -64.43
N PRO Z 23 24.67 -44.64 -65.54
CA PRO Z 23 25.93 -45.22 -66.01
C PRO Z 23 27.08 -44.25 -66.23
N GLY Z 24 26.81 -43.03 -66.64
CA GLY Z 24 27.90 -42.13 -67.00
C GLY Z 24 28.36 -41.23 -65.87
N LEU Z 25 27.61 -41.21 -64.78
CA LEU Z 25 27.79 -40.22 -63.72
C LEU Z 25 28.75 -40.71 -62.66
N GLU Z 26 29.61 -39.80 -62.21
CA GLU Z 26 30.45 -40.01 -61.04
C GLU Z 26 29.95 -39.10 -59.93
N PRO Z 27 29.34 -39.61 -58.86
CA PRO Z 27 28.59 -38.72 -57.96
C PRO Z 27 29.49 -37.75 -57.23
N ILE Z 28 28.85 -36.84 -56.51
CA ILE Z 28 29.51 -35.95 -55.57
C ILE Z 28 29.23 -36.50 -54.19
N THR Z 29 30.26 -37.07 -53.57
CA THR Z 29 30.17 -37.67 -52.26
C THR Z 29 31.03 -36.87 -51.29
N PHE Z 30 30.77 -37.04 -50.00
CA PHE Z 30 31.44 -36.24 -48.99
C PHE Z 30 32.80 -36.78 -48.61
N ALA Z 31 33.42 -37.60 -49.46
CA ALA Z 31 34.77 -38.05 -49.18
C ALA Z 31 35.79 -36.94 -49.39
N GLY Z 32 35.45 -35.94 -50.19
CA GLY Z 32 36.38 -34.84 -50.37
C GLY Z 32 36.57 -34.03 -49.11
N LYS Z 33 35.47 -33.74 -48.43
CA LYS Z 33 35.49 -33.07 -47.14
C LYS Z 33 35.38 -34.15 -46.08
N MET Z 34 36.46 -34.37 -45.33
CA MET Z 34 36.57 -35.61 -44.56
C MET Z 34 35.61 -35.61 -43.39
N HIS Z 35 34.31 -35.59 -43.66
CA HIS Z 35 33.34 -35.65 -42.58
C HIS Z 35 31.95 -35.76 -43.18
N PHE Z 36 31.08 -36.43 -42.45
CA PHE Z 36 29.74 -36.68 -42.93
C PHE Z 36 28.98 -35.37 -43.11
N VAL Z 37 28.15 -35.33 -44.14
CA VAL Z 37 27.26 -34.20 -44.44
C VAL Z 37 25.97 -34.80 -44.95
N PRO Z 38 24.80 -34.40 -44.45
CA PRO Z 38 23.58 -35.15 -44.77
C PRO Z 38 22.98 -34.80 -46.12
N TRP Z 39 23.58 -33.90 -46.89
CA TRP Z 39 23.04 -33.48 -48.17
C TRP Z 39 23.99 -33.77 -49.32
N LEU Z 40 24.78 -34.82 -49.22
CA LEU Z 40 25.52 -35.39 -50.33
C LEU Z 40 25.29 -36.90 -50.31
N ALA Z 41 26.05 -37.62 -51.12
CA ALA Z 41 25.88 -39.06 -51.23
C ALA Z 41 26.91 -39.78 -50.36
N ARG Z 42 26.47 -40.83 -49.69
CA ARG Z 42 27.37 -41.60 -48.85
C ARG Z 42 28.38 -42.34 -49.71
N PRO Z 43 29.68 -42.12 -49.52
CA PRO Z 43 30.65 -42.75 -50.42
C PRO Z 43 30.66 -44.26 -50.27
N ILE Z 44 31.54 -44.88 -51.04
CA ILE Z 44 31.87 -46.29 -50.91
C ILE Z 44 33.38 -46.40 -50.89
N PHE Z 45 33.94 -46.76 -49.73
CA PHE Z 45 35.38 -46.73 -49.53
C PHE Z 45 35.99 -48.11 -49.78
N PRO Z 46 37.27 -48.17 -50.14
CA PRO Z 46 37.91 -49.47 -50.30
C PRO Z 46 37.96 -50.21 -48.98
N PRO Z 47 37.96 -51.54 -48.99
CA PRO Z 47 38.12 -52.25 -47.72
C PRO Z 47 39.51 -52.03 -47.18
N TRP Z 48 39.61 -51.50 -45.97
CA TRP Z 48 40.90 -51.05 -45.46
C TRP Z 48 41.69 -52.23 -44.90
N ASP Z 49 42.97 -52.28 -45.27
CA ASP Z 49 43.88 -53.30 -44.79
C ASP Z 49 45.10 -52.64 -44.17
N ARG Z 50 45.47 -53.09 -42.98
CA ARG Z 50 46.60 -52.53 -42.26
C ARG Z 50 47.87 -53.17 -42.84
N GLY Z 51 48.80 -52.33 -43.32
CA GLY Z 51 50.04 -52.87 -43.85
C GLY Z 51 50.78 -53.69 -42.81
N TYR Z 52 50.89 -53.17 -41.60
CA TYR Z 52 51.31 -53.95 -40.44
C TYR Z 52 50.10 -54.72 -39.91
N LYS Z 53 50.23 -55.28 -38.71
CA LYS Z 53 49.05 -55.76 -37.99
C LYS Z 53 49.42 -55.81 -36.51
N ASP Z 54 48.86 -54.88 -35.74
CA ASP Z 54 49.26 -54.75 -34.35
C ASP Z 54 48.75 -55.94 -33.53
N PRO Z 55 49.53 -56.42 -32.57
CA PRO Z 55 49.05 -57.56 -31.76
C PRO Z 55 47.79 -57.26 -30.98
N ARG Z 56 47.63 -56.03 -30.51
CA ARG Z 56 46.48 -55.71 -29.68
C ARG Z 56 45.17 -55.67 -30.47
N PHE Z 57 45.22 -55.71 -31.80
CA PHE Z 57 44.03 -55.67 -32.64
C PHE Z 57 44.08 -56.72 -33.73
N TYR Z 58 44.84 -57.79 -33.51
CA TYR Z 58 44.94 -58.87 -34.47
C TYR Z 58 43.59 -59.55 -34.65
N ARG Z 59 43.34 -60.04 -35.86
CA ARG Z 59 42.16 -60.84 -36.16
C ARG Z 59 42.61 -62.10 -36.87
N SER Z 60 42.46 -63.24 -36.21
CA SER Z 60 42.96 -64.48 -36.74
C SER Z 60 42.21 -64.88 -38.01
N PRO Z 61 42.89 -65.48 -38.98
CA PRO Z 61 42.17 -66.03 -40.13
C PRO Z 61 41.22 -67.11 -39.69
N PRO Z 62 40.10 -67.32 -40.39
CA PRO Z 62 39.10 -68.26 -39.92
C PRO Z 62 39.69 -69.66 -39.72
N LEU Z 63 38.95 -70.50 -39.01
CA LEU Z 63 39.47 -71.80 -38.62
C LEU Z 63 39.88 -72.66 -39.81
N HIS Z 64 39.34 -72.37 -41.00
CA HIS Z 64 39.60 -73.22 -42.16
C HIS Z 64 41.07 -73.16 -42.57
N GLU Z 65 41.64 -71.96 -42.62
CA GLU Z 65 42.94 -71.78 -43.24
C GLU Z 65 44.11 -71.93 -42.27
N HIS Z 66 43.87 -72.42 -41.05
CA HIS Z 66 44.97 -72.68 -40.15
C HIS Z 66 45.87 -73.77 -40.73
N PRO Z 67 47.19 -73.71 -40.51
CA PRO Z 67 48.05 -74.77 -41.04
C PRO Z 67 47.70 -76.16 -40.54
N LEU Z 68 47.29 -76.28 -39.27
CA LEU Z 68 46.93 -77.58 -38.70
C LEU Z 68 45.41 -77.74 -38.71
N TYR Z 69 44.88 -77.96 -39.92
CA TYR Z 69 43.45 -78.13 -40.13
C TYR Z 69 43.22 -79.46 -40.84
N LYS Z 70 42.46 -80.35 -40.20
CA LYS Z 70 42.17 -81.67 -40.74
C LYS Z 70 40.69 -81.78 -41.05
N ASP Z 71 40.37 -82.37 -42.21
CA ASP Z 71 38.97 -82.51 -42.61
C ASP Z 71 38.20 -83.38 -41.63
N GLN Z 72 38.76 -84.54 -41.28
CA GLN Z 72 38.06 -85.44 -40.38
C GLN Z 72 37.92 -84.81 -39.01
N ALA Z 73 36.76 -85.04 -38.40
CA ALA Z 73 36.40 -84.39 -37.14
C ALA Z 73 36.94 -85.19 -35.97
N CYS Z 74 37.93 -84.64 -35.28
CA CYS Z 74 38.40 -85.24 -34.04
C CYS Z 74 37.39 -85.02 -32.94
N TYR Z 75 37.45 -85.88 -31.92
CA TYR Z 75 36.60 -85.78 -30.75
C TYR Z 75 37.51 -85.70 -29.53
N ILE Z 76 37.81 -84.49 -29.09
CA ILE Z 76 38.70 -84.30 -27.96
C ILE Z 76 37.90 -84.39 -26.67
N PHE Z 77 38.57 -84.79 -25.60
CA PHE Z 77 38.03 -84.78 -24.24
C PHE Z 77 39.01 -84.01 -23.37
N HIS Z 78 38.81 -82.70 -23.28
CA HIS Z 78 39.64 -81.85 -22.44
C HIS Z 78 38.89 -81.52 -21.15
N HIS Z 79 39.61 -80.90 -20.22
CA HIS Z 79 39.24 -80.96 -18.81
C HIS Z 79 37.78 -80.62 -18.56
N ARG Z 80 37.26 -79.58 -19.19
CA ARG Z 80 35.95 -79.09 -18.83
C ARG Z 80 34.83 -80.01 -19.28
N CYS Z 81 35.05 -80.84 -20.29
CA CYS Z 81 33.98 -81.66 -20.86
C CYS Z 81 33.49 -82.66 -19.82
N ARG Z 82 32.21 -83.01 -19.95
CA ARG Z 82 31.52 -83.84 -18.98
C ARG Z 82 30.67 -84.87 -19.70
N LEU Z 83 31.09 -86.12 -19.69
CA LEU Z 83 30.40 -87.17 -20.40
C LEU Z 83 28.99 -87.32 -19.85
N LEU Z 84 28.03 -87.52 -20.75
CA LEU Z 84 26.63 -87.60 -20.35
C LEU Z 84 26.37 -88.85 -19.54
N GLU Z 85 26.59 -90.03 -20.13
CA GLU Z 85 26.28 -91.26 -19.43
C GLU Z 85 27.38 -91.67 -18.46
N GLY Z 86 28.55 -91.07 -18.56
CA GLY Z 86 29.54 -91.21 -17.51
C GLY Z 86 30.37 -92.47 -17.57
N VAL Z 87 30.19 -93.35 -16.58
CA VAL Z 87 31.12 -94.47 -16.42
C VAL Z 87 31.11 -95.36 -17.65
N LYS Z 88 29.92 -95.80 -18.07
CA LYS Z 88 29.89 -96.76 -19.18
C LYS Z 88 30.28 -96.11 -20.48
N GLN Z 89 30.03 -94.81 -20.62
CA GLN Z 89 30.50 -94.10 -21.81
C GLN Z 89 32.02 -94.10 -21.86
N ALA Z 90 32.67 -93.89 -20.73
CA ALA Z 90 34.12 -93.95 -20.70
C ALA Z 90 34.61 -95.37 -20.98
N LEU Z 91 33.89 -96.37 -20.46
CA LEU Z 91 34.25 -97.75 -20.75
C LEU Z 91 34.23 -98.00 -22.25
N TRP Z 92 33.12 -97.67 -22.90
CA TRP Z 92 33.04 -97.84 -24.35
C TRP Z 92 34.18 -97.10 -25.04
N LEU Z 93 34.40 -95.85 -24.67
CA LEU Z 93 35.45 -95.07 -25.29
C LEU Z 93 36.82 -95.69 -25.09
N THR Z 94 37.00 -96.46 -24.03
CA THR Z 94 38.29 -97.06 -23.70
C THR Z 94 38.31 -98.57 -23.89
N LYS Z 95 37.17 -99.21 -24.12
CA LYS Z 95 37.11 -100.66 -24.34
C LYS Z 95 37.62 -101.41 -23.11
N THR Z 96 36.87 -101.26 -22.01
CA THR Z 96 37.27 -101.85 -20.75
C THR Z 96 36.03 -102.32 -20.00
N LYS Z 97 36.24 -103.17 -19.00
CA LYS Z 97 35.18 -103.65 -18.14
C LYS Z 97 35.41 -103.16 -16.72
N LEU Z 98 34.35 -102.67 -16.09
CA LEU Z 98 34.42 -102.15 -14.73
C LEU Z 98 34.27 -103.31 -13.76
N ILE Z 99 35.35 -103.64 -13.06
CA ILE Z 99 35.34 -104.69 -12.05
C ILE Z 99 35.14 -103.98 -10.71
N GLU Z 100 33.96 -104.16 -10.12
CA GLU Z 100 33.62 -103.45 -8.90
C GLU Z 100 34.56 -103.83 -7.77
N GLY Z 101 34.98 -102.84 -6.99
CA GLY Z 101 35.83 -103.06 -5.85
C GLY Z 101 37.30 -103.06 -6.21
N LEU Z 102 38.15 -102.59 -5.29
CA LEU Z 102 39.58 -102.57 -5.58
C LEU Z 102 40.10 -104.00 -5.68
N PRO Z 103 41.23 -104.22 -6.36
CA PRO Z 103 41.81 -105.56 -6.41
C PRO Z 103 42.25 -106.01 -5.03
N GLU Z 104 42.20 -107.33 -4.83
CA GLU Z 104 42.55 -107.88 -3.52
C GLU Z 104 44.01 -107.67 -3.19
N LYS Z 105 44.87 -107.60 -4.22
CA LYS Z 105 46.31 -107.49 -3.96
C LYS Z 105 46.64 -106.23 -3.19
N VAL Z 106 46.20 -105.07 -3.67
CA VAL Z 106 46.51 -103.82 -2.99
C VAL Z 106 45.82 -103.75 -1.64
N LEU Z 107 44.55 -104.16 -1.58
CA LEU Z 107 43.84 -104.13 -0.30
C LEU Z 107 44.45 -105.08 0.71
N SER Z 108 45.30 -106.01 0.28
CA SER Z 108 46.06 -106.86 1.18
C SER Z 108 47.45 -106.32 1.46
N LEU Z 109 47.79 -105.14 0.92
CA LEU Z 109 49.07 -104.51 1.19
C LEU Z 109 49.03 -103.59 2.40
N VAL Z 110 47.88 -103.50 3.07
CA VAL Z 110 47.73 -102.67 4.26
C VAL Z 110 47.24 -103.45 5.46
N ASP Z 111 46.71 -104.67 5.27
CA ASP Z 111 46.22 -105.44 6.40
C ASP Z 111 47.31 -105.68 7.44
N ASP Z 112 48.56 -105.82 6.99
CA ASP Z 112 49.65 -105.97 7.94
C ASP Z 112 49.89 -104.65 8.66
N PRO Z 113 50.14 -104.68 9.98
CA PRO Z 113 50.26 -103.41 10.73
C PRO Z 113 51.57 -102.67 10.53
N ARG Z 114 52.65 -103.35 10.13
CA ARG Z 114 53.93 -102.68 10.00
C ARG Z 114 53.89 -101.53 9.00
N ASN Z 115 52.95 -101.53 8.06
CA ASN Z 115 52.72 -100.38 7.19
C ASN Z 115 51.72 -99.45 7.87
N HIS Z 116 52.15 -98.91 9.00
CA HIS Z 116 51.38 -97.93 9.77
C HIS Z 116 52.21 -96.67 9.95
N ILE Z 117 51.61 -95.54 9.68
CA ILE Z 117 52.25 -94.26 9.95
C ILE Z 117 51.95 -93.86 11.39
N GLU Z 118 52.84 -93.08 11.99
CA GLU Z 118 52.70 -92.75 13.41
C GLU Z 118 51.38 -92.06 13.67
N ASN Z 119 50.71 -92.47 14.75
CA ASN Z 119 49.42 -91.93 15.19
C ASN Z 119 48.51 -91.65 13.99
N GLN Z 120 48.23 -92.71 13.23
CA GLN Z 120 47.57 -92.56 11.94
C GLN Z 120 46.18 -91.97 12.08
N ASP Z 121 45.34 -92.56 12.94
CA ASP Z 121 43.93 -92.19 12.96
C ASP Z 121 43.73 -90.75 13.39
N GLU Z 122 44.29 -90.37 14.55
CA GLU Z 122 44.12 -89.01 15.01
C GLU Z 122 44.81 -88.01 14.11
N CYS Z 123 45.91 -88.38 13.47
CA CYS Z 123 46.56 -87.45 12.55
C CYS Z 123 45.75 -87.23 11.29
N VAL Z 124 45.11 -88.27 10.75
CA VAL Z 124 44.23 -88.02 9.61
C VAL Z 124 43.04 -87.19 10.04
N LEU Z 125 42.53 -87.43 11.24
CA LEU Z 125 41.39 -86.62 11.71
C LEU Z 125 41.78 -85.14 11.83
N ASN Z 126 42.95 -84.86 12.42
CA ASN Z 126 43.33 -83.47 12.58
C ASN Z 126 43.78 -82.87 11.26
N VAL Z 127 44.19 -83.69 10.29
CA VAL Z 127 44.46 -83.17 8.95
C VAL Z 127 43.16 -82.78 8.26
N ILE Z 128 42.14 -83.62 8.39
CA ILE Z 128 40.81 -83.24 7.90
C ILE Z 128 40.42 -81.89 8.47
N SER Z 129 40.54 -81.73 9.79
CA SER Z 129 40.18 -80.45 10.40
C SER Z 129 41.07 -79.32 9.86
N HIS Z 130 42.39 -79.50 9.90
CA HIS Z 130 43.31 -78.44 9.48
C HIS Z 130 43.00 -77.97 8.07
N ALA Z 131 42.54 -78.89 7.22
CA ALA Z 131 42.15 -78.47 5.89
C ALA Z 131 40.80 -77.77 5.91
N ARG Z 132 39.90 -78.15 6.82
CA ARG Z 132 38.52 -77.74 6.71
C ARG Z 132 38.03 -76.81 7.81
N LEU Z 133 38.83 -76.51 8.84
CA LEU Z 133 38.34 -75.59 9.87
C LEU Z 133 39.35 -74.53 10.27
N TRP Z 134 40.64 -74.78 10.12
CA TRP Z 134 41.67 -73.87 10.57
C TRP Z 134 42.53 -73.33 9.44
N GLN Z 135 42.00 -73.28 8.22
CA GLN Z 135 42.88 -73.02 7.07
C GLN Z 135 43.01 -71.54 6.78
N THR Z 136 41.93 -70.78 6.93
CA THR Z 136 41.95 -69.36 6.62
C THR Z 136 41.25 -68.58 7.72
N THR Z 137 41.24 -67.26 7.57
CA THR Z 137 40.84 -66.36 8.64
C THR Z 137 39.33 -66.32 8.86
N GLU Z 138 38.54 -66.93 7.99
CA GLU Z 138 37.09 -66.93 8.14
C GLU Z 138 36.63 -68.25 8.76
N GLU Z 139 35.45 -68.20 9.37
CA GLU Z 139 34.98 -69.34 10.14
C GLU Z 139 34.75 -70.57 9.27
N ILE Z 140 34.20 -70.40 8.07
CA ILE Z 140 33.87 -71.50 7.19
C ILE Z 140 34.70 -71.36 5.92
N PRO Z 141 35.78 -72.13 5.75
CA PRO Z 141 36.48 -72.12 4.48
C PRO Z 141 35.63 -72.74 3.38
N LYS Z 142 35.95 -72.39 2.14
CA LYS Z 142 35.20 -72.84 0.98
C LYS Z 142 35.99 -73.92 0.24
N ARG Z 143 35.28 -74.61 -0.66
CA ARG Z 143 35.87 -75.77 -1.33
C ARG Z 143 37.07 -75.38 -2.16
N GLU Z 144 37.01 -74.24 -2.84
CA GLU Z 144 38.11 -73.83 -3.72
C GLU Z 144 39.45 -73.85 -3.02
N THR Z 145 39.47 -73.81 -1.70
CA THR Z 145 40.71 -73.77 -0.94
C THR Z 145 40.93 -75.00 -0.07
N TYR Z 146 39.88 -75.75 0.27
CA TYR Z 146 40.05 -76.92 1.13
C TYR Z 146 40.01 -78.24 0.38
N CYS Z 147 39.51 -78.27 -0.85
CA CYS Z 147 39.67 -79.47 -1.65
C CYS Z 147 41.13 -79.80 -1.92
N PRO Z 148 41.99 -78.87 -2.32
CA PRO Z 148 43.38 -79.26 -2.61
C PRO Z 148 44.18 -79.63 -1.38
N VAL Z 149 43.97 -78.99 -0.23
CA VAL Z 149 44.84 -79.26 0.89
C VAL Z 149 44.60 -80.64 1.47
N ILE Z 150 43.35 -81.09 1.55
CA ILE Z 150 43.08 -82.45 2.03
C ILE Z 150 43.99 -83.43 1.32
N VAL Z 151 43.96 -83.43 -0.01
CA VAL Z 151 44.78 -84.37 -0.77
C VAL Z 151 46.26 -84.05 -0.59
N ASP Z 152 46.63 -82.78 -0.75
CA ASP Z 152 48.03 -82.43 -0.86
C ASP Z 152 48.77 -82.63 0.44
N ASN Z 153 48.05 -82.78 1.56
CA ASN Z 153 48.70 -83.08 2.82
C ASN Z 153 48.33 -84.45 3.36
N LEU Z 154 47.31 -85.12 2.82
CA LEU Z 154 47.17 -86.55 3.08
C LEU Z 154 48.30 -87.32 2.42
N ILE Z 155 48.66 -86.95 1.19
CA ILE Z 155 49.78 -87.62 0.55
C ILE Z 155 51.06 -87.35 1.34
N GLN Z 156 51.21 -86.14 1.88
CA GLN Z 156 52.36 -85.85 2.72
C GLN Z 156 52.33 -86.66 4.01
N LEU Z 157 51.14 -86.81 4.60
CA LEU Z 157 51.01 -87.64 5.79
C LEU Z 157 51.50 -89.05 5.53
N CYS Z 158 51.03 -89.66 4.44
CA CYS Z 158 51.46 -91.01 4.12
C CYS Z 158 52.93 -91.05 3.71
N LYS Z 159 53.46 -89.95 3.17
CA LYS Z 159 54.82 -89.93 2.65
C LYS Z 159 55.86 -90.03 3.76
N SER Z 160 55.45 -89.93 5.02
CA SER Z 160 56.38 -90.11 6.13
C SER Z 160 56.66 -91.57 6.44
N GLN Z 161 56.25 -92.48 5.56
CA GLN Z 161 56.51 -93.91 5.70
C GLN Z 161 57.84 -94.33 5.11
N ILE Z 162 58.77 -93.38 4.95
CA ILE Z 162 60.09 -93.73 4.43
C ILE Z 162 60.90 -94.51 5.47
N LEU Z 163 60.62 -94.31 6.75
CA LEU Z 163 61.40 -94.97 7.78
C LEU Z 163 61.34 -96.49 7.65
N LYS Z 164 60.16 -97.04 7.37
CA LYS Z 164 60.04 -98.48 7.23
C LYS Z 164 60.91 -98.98 6.08
N HIS Z 165 60.86 -98.30 4.94
CA HIS Z 165 61.59 -98.73 3.75
C HIS Z 165 62.17 -97.52 3.02
N PRO Z 166 63.49 -97.40 2.87
CA PRO Z 166 64.05 -96.24 2.17
C PRO Z 166 63.88 -96.27 0.66
N SER Z 167 63.08 -97.19 0.12
CA SER Z 167 62.75 -97.15 -1.29
C SER Z 167 61.52 -96.31 -1.58
N LEU Z 168 60.90 -95.72 -0.56
CA LEU Z 168 59.77 -94.82 -0.75
C LEU Z 168 60.21 -93.43 -1.22
N ALA Z 169 61.37 -92.95 -0.75
CA ALA Z 169 61.89 -91.67 -1.19
C ALA Z 169 62.48 -91.81 -2.59
N ARG Z 170 61.63 -92.22 -3.54
CA ARG Z 170 62.05 -92.50 -4.90
C ARG Z 170 61.03 -91.99 -5.90
N ARG Z 171 60.17 -91.07 -5.48
CA ARG Z 171 59.06 -90.58 -6.29
C ARG Z 171 58.80 -89.13 -5.89
N ILE Z 172 58.18 -88.38 -6.80
CA ILE Z 172 57.92 -86.97 -6.58
C ILE Z 172 56.47 -86.66 -6.95
N CYS Z 173 55.98 -85.54 -6.42
CA CYS Z 173 54.68 -85.00 -6.78
C CYS Z 173 54.89 -83.81 -7.69
N VAL Z 174 54.14 -83.77 -8.80
CA VAL Z 174 54.29 -82.71 -9.80
C VAL Z 174 52.96 -82.01 -10.01
N GLN Z 175 53.06 -80.74 -10.39
CA GLN Z 175 51.91 -79.91 -10.72
C GLN Z 175 52.05 -79.47 -12.16
N ASN Z 176 50.94 -78.99 -12.73
CA ASN Z 176 50.92 -78.50 -14.10
C ASN Z 176 51.27 -79.63 -15.08
N SER Z 177 50.43 -80.66 -15.08
CA SER Z 177 50.63 -81.85 -15.89
C SER Z 177 49.73 -81.78 -17.12
N THR Z 178 50.33 -81.84 -18.30
CA THR Z 178 49.61 -81.68 -19.57
C THR Z 178 50.00 -82.82 -20.50
N PHE Z 179 49.18 -83.87 -20.53
CA PHE Z 179 49.48 -85.06 -21.33
C PHE Z 179 48.43 -85.23 -22.41
N SER Z 180 48.89 -85.42 -23.65
CA SER Z 180 48.02 -85.52 -24.81
C SER Z 180 48.20 -86.90 -25.45
N ALA Z 181 47.09 -87.62 -25.59
CA ALA Z 181 47.10 -88.99 -26.11
C ALA Z 181 46.00 -89.11 -27.15
N THR Z 182 46.38 -89.38 -28.39
CA THR Z 182 45.44 -89.52 -29.48
C THR Z 182 45.36 -90.98 -29.94
N TRP Z 183 44.14 -91.48 -30.06
CA TRP Z 183 43.93 -92.84 -30.53
C TRP Z 183 42.67 -92.84 -31.39
N ASN Z 184 42.31 -94.02 -31.89
CA ASN Z 184 41.22 -94.15 -32.83
C ASN Z 184 40.23 -95.18 -32.34
N ARG Z 185 38.99 -95.07 -32.79
CA ARG Z 185 37.94 -96.01 -32.38
C ARG Z 185 36.84 -95.97 -33.43
N GLU Z 186 36.74 -97.04 -34.22
CA GLU Z 186 35.68 -97.16 -35.23
C GLU Z 186 35.71 -95.99 -36.20
N SER Z 187 36.92 -95.58 -36.59
CA SER Z 187 37.14 -94.48 -37.51
C SER Z 187 36.80 -93.12 -36.90
N LEU Z 188 36.49 -93.08 -35.60
CA LEU Z 188 36.37 -91.85 -34.85
C LEU Z 188 37.73 -91.56 -34.23
N LEU Z 189 38.38 -90.50 -34.68
CA LEU Z 189 39.74 -90.18 -34.24
C LEU Z 189 39.63 -89.39 -32.95
N LEU Z 190 39.72 -90.09 -31.83
CA LEU Z 190 39.57 -89.46 -30.52
C LEU Z 190 40.93 -89.01 -29.99
N GLN Z 191 40.87 -88.02 -29.11
CA GLN Z 191 42.05 -87.52 -28.43
C GLN Z 191 41.66 -87.17 -27.00
N VAL Z 192 42.66 -87.19 -26.12
CA VAL Z 192 42.48 -86.80 -24.73
C VAL Z 192 43.65 -85.91 -24.35
N ARG Z 193 43.36 -84.65 -24.05
CA ARG Z 193 44.37 -83.66 -23.68
C ARG Z 193 44.11 -83.33 -22.21
N GLY Z 194 44.68 -84.14 -21.33
CA GLY Z 194 44.48 -83.92 -19.91
C GLY Z 194 45.43 -82.86 -19.39
N SER Z 195 44.88 -81.71 -19.04
CA SER Z 195 45.62 -80.61 -18.45
C SER Z 195 45.10 -80.47 -17.02
N GLY Z 196 45.78 -81.13 -16.09
CA GLY Z 196 45.38 -81.11 -14.70
C GLY Z 196 46.58 -81.04 -13.80
N GLY Z 197 46.46 -81.57 -12.60
CA GLY Z 197 47.56 -81.51 -11.66
C GLY Z 197 47.45 -82.58 -10.60
N ALA Z 198 48.40 -82.54 -9.67
CA ALA Z 198 48.48 -83.52 -8.59
C ALA Z 198 48.71 -84.92 -9.15
N ARG Z 199 49.82 -85.04 -9.87
CA ARG Z 199 50.30 -86.32 -10.40
C ARG Z 199 51.63 -86.63 -9.74
N LEU Z 200 51.90 -87.92 -9.52
CA LEU Z 200 53.18 -88.36 -9.01
C LEU Z 200 53.76 -89.43 -9.93
N SER Z 201 55.06 -89.35 -10.12
CA SER Z 201 55.78 -90.24 -11.02
C SER Z 201 56.76 -91.09 -10.23
N THR Z 202 57.36 -92.05 -10.91
CA THR Z 202 58.32 -92.93 -10.26
C THR Z 202 59.28 -93.46 -11.32
N LYS Z 203 60.42 -93.95 -10.84
CA LYS Z 203 61.42 -94.53 -11.74
C LYS Z 203 61.03 -95.94 -12.16
N ASP Z 204 60.49 -96.74 -11.23
CA ASP Z 204 60.19 -98.14 -11.48
C ASP Z 204 58.72 -98.29 -11.77
N PRO Z 205 58.31 -98.65 -12.99
CA PRO Z 205 56.89 -98.63 -13.32
C PRO Z 205 56.13 -99.70 -12.55
N LEU Z 206 54.83 -99.48 -12.40
CA LEU Z 206 54.04 -100.32 -11.53
C LEU Z 206 53.92 -101.74 -12.10
N PRO Z 207 53.63 -102.72 -11.26
CA PRO Z 207 53.51 -104.10 -11.74
C PRO Z 207 52.12 -104.39 -12.29
N THR Z 208 52.05 -105.40 -13.14
CA THR Z 208 50.75 -105.90 -13.59
C THR Z 208 49.97 -106.44 -12.40
N ILE Z 209 48.66 -106.21 -12.40
CA ILE Z 209 47.82 -106.61 -11.29
C ILE Z 209 46.85 -107.74 -11.65
N ALA Z 210 46.72 -108.08 -12.93
CA ALA Z 210 45.91 -109.20 -13.35
C ALA Z 210 46.78 -110.23 -14.07
N SER Z 211 46.42 -111.50 -13.92
CA SER Z 211 47.18 -112.57 -14.53
C SER Z 211 47.01 -112.56 -16.05
N ARG Z 212 48.04 -113.06 -16.74
CA ARG Z 212 47.95 -113.17 -18.19
C ARG Z 212 46.82 -114.09 -18.63
N GLU Z 213 46.35 -114.96 -17.75
CA GLU Z 213 45.20 -115.80 -18.04
C GLU Z 213 43.87 -115.11 -17.72
N GLU Z 214 43.91 -113.96 -17.04
CA GLU Z 214 42.70 -113.18 -16.78
C GLU Z 214 42.49 -112.07 -17.78
N ILE Z 215 43.56 -111.52 -18.35
CA ILE Z 215 43.41 -110.54 -19.41
C ILE Z 215 42.75 -111.16 -20.63
N GLU Z 216 43.08 -112.42 -20.92
CA GLU Z 216 42.42 -113.14 -22.00
C GLU Z 216 41.01 -113.59 -21.65
N ALA Z 217 40.68 -113.68 -20.37
CA ALA Z 217 39.34 -114.09 -19.95
C ALA Z 217 38.32 -112.98 -20.04
N THR Z 218 38.65 -111.88 -20.75
CA THR Z 218 37.72 -110.79 -20.99
C THR Z 218 37.04 -110.87 -22.35
N LYS Z 219 37.64 -111.58 -23.31
CA LYS Z 219 37.04 -111.68 -24.65
C LYS Z 219 35.61 -112.16 -24.59
N ASN Z 220 35.28 -113.04 -23.65
CA ASN Z 220 33.91 -113.51 -23.52
C ASN Z 220 32.97 -112.38 -23.15
N HIS Z 221 33.46 -111.37 -22.42
CA HIS Z 221 32.62 -110.27 -22.01
C HIS Z 221 32.28 -109.38 -23.19
N VAL Z 222 31.00 -109.01 -23.30
CA VAL Z 222 30.51 -108.18 -24.40
C VAL Z 222 30.45 -106.73 -23.93
N LEU Z 223 31.17 -105.86 -24.64
CA LEU Z 223 31.28 -104.47 -24.25
C LEU Z 223 29.91 -103.81 -24.37
N GLU Z 224 29.51 -103.09 -23.33
CA GLU Z 224 28.14 -102.59 -23.26
C GLU Z 224 27.92 -101.49 -24.30
N THR Z 225 26.70 -101.46 -24.82
CA THR Z 225 26.28 -100.45 -25.79
C THR Z 225 25.04 -99.75 -25.29
N PHE Z 226 24.99 -98.43 -25.50
CA PHE Z 226 23.83 -97.61 -25.17
C PHE Z 226 23.22 -97.07 -26.46
N TYR Z 227 21.89 -97.03 -26.49
CA TYR Z 227 21.17 -96.53 -27.64
C TYR Z 227 19.99 -95.71 -27.14
N PRO Z 228 19.63 -94.62 -27.82
CA PRO Z 228 20.13 -94.02 -29.06
C PRO Z 228 21.29 -93.03 -28.90
N ILE Z 229 21.86 -92.94 -27.72
CA ILE Z 229 22.92 -91.96 -27.50
C ILE Z 229 24.18 -92.42 -28.21
N SER Z 230 24.81 -91.51 -28.95
CA SER Z 230 26.06 -91.81 -29.60
C SER Z 230 27.17 -91.93 -28.57
N PRO Z 231 28.29 -92.54 -28.92
CA PRO Z 231 29.37 -92.68 -27.95
C PRO Z 231 30.26 -91.46 -27.87
N ILE Z 232 29.80 -90.34 -28.42
CA ILE Z 232 30.62 -89.15 -28.52
C ILE Z 232 29.88 -87.94 -27.98
N ILE Z 233 28.71 -88.16 -27.39
CA ILE Z 233 27.96 -87.04 -26.84
C ILE Z 233 28.80 -86.33 -25.81
N ASP Z 234 28.74 -85.00 -25.82
CA ASP Z 234 29.47 -84.12 -24.90
C ASP Z 234 30.97 -84.15 -25.13
N LEU Z 235 31.45 -84.78 -26.19
CA LEU Z 235 32.85 -84.65 -26.56
C LEU Z 235 32.99 -83.44 -27.46
N HIS Z 236 34.17 -82.81 -27.43
CA HIS Z 236 34.40 -81.61 -28.22
C HIS Z 236 34.76 -82.02 -29.64
N GLU Z 237 33.82 -81.86 -30.56
CA GLU Z 237 34.06 -82.20 -31.97
C GLU Z 237 34.80 -81.03 -32.61
N CYS Z 238 36.08 -81.24 -32.93
CA CYS Z 238 36.94 -80.17 -33.39
C CYS Z 238 37.62 -80.60 -34.68
N ASN Z 239 37.72 -79.67 -35.63
CA ASN Z 239 38.48 -79.86 -36.85
C ASN Z 239 39.89 -79.29 -36.75
N ILE Z 240 40.28 -78.80 -35.57
CA ILE Z 240 41.64 -78.33 -35.32
C ILE Z 240 42.21 -79.20 -34.22
N TYR Z 241 43.23 -79.96 -34.56
CA TYR Z 241 43.87 -80.90 -33.63
C TYR Z 241 45.16 -81.36 -34.29
N ASP Z 242 45.78 -82.38 -33.73
CA ASP Z 242 47.01 -82.91 -34.29
C ASP Z 242 47.06 -84.41 -34.05
N VAL Z 243 47.60 -85.13 -35.03
CA VAL Z 243 47.88 -86.54 -34.86
C VAL Z 243 49.28 -86.63 -34.26
N LYS Z 244 49.35 -86.48 -32.94
CA LYS Z 244 50.64 -86.45 -32.26
C LYS Z 244 50.45 -86.69 -30.77
N ASN Z 245 51.14 -87.69 -30.23
CA ASN Z 245 51.03 -88.05 -28.83
C ASN Z 245 52.20 -87.43 -28.07
N ASP Z 246 51.90 -86.73 -26.98
CA ASP Z 246 52.91 -86.18 -26.10
C ASP Z 246 52.52 -86.46 -24.65
N THR Z 247 53.47 -86.96 -23.88
CA THR Z 247 53.22 -87.30 -22.48
C THR Z 247 53.19 -86.09 -21.56
N GLY Z 248 53.61 -84.92 -22.05
CA GLY Z 248 53.70 -83.72 -21.25
C GLY Z 248 55.11 -83.28 -20.93
N PHE Z 249 56.11 -84.03 -21.37
CA PHE Z 249 57.51 -83.68 -21.15
C PHE Z 249 58.31 -84.26 -22.32
N GLN Z 250 59.63 -84.38 -22.14
CA GLN Z 250 60.52 -84.77 -23.22
C GLN Z 250 61.52 -85.78 -22.66
N GLU Z 251 62.62 -86.00 -23.37
CA GLU Z 251 63.53 -87.09 -23.07
C GLU Z 251 64.31 -86.85 -21.77
N GLY Z 252 64.71 -87.95 -21.15
CA GLY Z 252 65.71 -87.95 -20.09
C GLY Z 252 65.22 -87.45 -18.74
N TYR Z 253 64.25 -88.13 -18.16
CA TYR Z 253 63.65 -87.67 -16.90
C TYR Z 253 63.78 -88.71 -15.80
N PRO Z 254 64.36 -88.34 -14.66
CA PRO Z 254 64.08 -89.10 -13.44
C PRO Z 254 62.60 -89.04 -13.11
N TYR Z 255 62.09 -90.14 -12.58
CA TYR Z 255 60.67 -90.27 -12.28
C TYR Z 255 59.82 -90.04 -13.53
N PRO Z 256 60.01 -90.82 -14.60
CA PRO Z 256 59.19 -90.63 -15.80
C PRO Z 256 57.92 -91.45 -15.87
N TYR Z 257 57.75 -92.48 -15.04
CA TYR Z 257 56.62 -93.39 -15.20
C TYR Z 257 55.51 -93.00 -14.25
N PRO Z 258 54.32 -92.62 -14.75
CA PRO Z 258 53.27 -92.16 -13.85
C PRO Z 258 52.81 -93.25 -12.90
N HIS Z 259 52.35 -92.84 -11.73
CA HIS Z 259 51.85 -93.77 -10.73
C HIS Z 259 50.38 -93.57 -10.44
N THR Z 260 49.99 -92.36 -10.01
CA THR Z 260 48.61 -92.06 -9.68
C THR Z 260 48.27 -90.67 -10.18
N LEU Z 261 47.00 -90.46 -10.50
CA LEU Z 261 46.48 -89.16 -10.90
C LEU Z 261 45.44 -88.74 -9.89
N TYR Z 262 45.64 -87.59 -9.26
CA TYR Z 262 44.69 -87.04 -8.31
C TYR Z 262 43.88 -85.96 -9.02
N LEU Z 263 42.56 -86.12 -9.01
CA LEU Z 263 41.66 -85.18 -9.67
C LEU Z 263 40.84 -84.45 -8.63
N LEU Z 264 40.74 -83.13 -8.80
CA LEU Z 264 40.24 -82.22 -7.77
C LEU Z 264 39.13 -81.36 -8.36
N ASP Z 265 37.88 -81.79 -8.21
CA ASP Z 265 36.73 -80.95 -8.57
C ASP Z 265 36.49 -80.01 -7.40
N LYS Z 266 37.17 -78.85 -7.46
CA LYS Z 266 37.25 -77.94 -6.32
C LYS Z 266 36.35 -76.73 -6.48
N ALA Z 267 35.48 -76.69 -7.48
CA ALA Z 267 34.64 -75.51 -7.67
C ALA Z 267 33.69 -75.36 -6.49
N ASN Z 268 33.52 -74.11 -6.05
CA ASN Z 268 32.67 -73.85 -4.89
C ASN Z 268 31.20 -74.15 -5.18
N LEU Z 269 30.68 -73.62 -6.28
CA LEU Z 269 29.28 -73.83 -6.61
C LEU Z 269 29.09 -75.24 -7.16
N ARG Z 270 27.98 -75.87 -6.80
CA ARG Z 270 27.75 -77.25 -7.22
C ARG Z 270 27.72 -77.41 -8.73
N PRO Z 271 27.00 -76.59 -9.49
CA PRO Z 271 26.90 -76.85 -10.94
C PRO Z 271 28.23 -76.83 -11.66
N HIS Z 272 29.26 -76.23 -11.10
CA HIS Z 272 30.59 -76.30 -11.68
C HIS Z 272 31.37 -77.52 -11.20
N ARG Z 273 30.75 -78.38 -10.39
CA ARG Z 273 31.39 -79.58 -9.87
C ARG Z 273 30.81 -80.80 -10.56
N LEU Z 274 31.69 -81.63 -11.10
CA LEU Z 274 31.25 -82.82 -11.82
C LEU Z 274 30.53 -83.76 -10.88
N GLN Z 275 29.44 -84.36 -11.36
CA GLN Z 275 28.71 -85.33 -10.59
C GLN Z 275 29.62 -86.51 -10.26
N PRO Z 276 29.20 -87.39 -9.35
CA PRO Z 276 29.98 -88.60 -9.11
C PRO Z 276 30.30 -89.40 -10.35
N ASP Z 277 29.29 -89.70 -11.16
CA ASP Z 277 29.50 -90.51 -12.36
C ASP Z 277 30.45 -89.81 -13.33
N GLN Z 278 30.22 -88.52 -13.56
CA GLN Z 278 31.12 -87.76 -14.41
C GLN Z 278 32.54 -87.79 -13.87
N LEU Z 279 32.68 -87.73 -12.54
CA LEU Z 279 34.01 -87.72 -11.96
C LEU Z 279 34.72 -89.05 -12.20
N ARG Z 280 34.01 -90.16 -12.01
CA ARG Z 280 34.62 -91.46 -12.27
C ARG Z 280 34.99 -91.59 -13.74
N ALA Z 281 34.13 -91.13 -14.64
CA ALA Z 281 34.44 -91.19 -16.06
C ALA Z 281 35.68 -90.36 -16.38
N LYS Z 282 35.78 -89.18 -15.78
CA LYS Z 282 36.96 -88.36 -16.00
C LYS Z 282 38.21 -89.08 -15.53
N MET Z 283 38.13 -89.72 -14.36
CA MET Z 283 39.26 -90.51 -13.89
C MET Z 283 39.65 -91.57 -14.90
N ILE Z 284 38.66 -92.33 -15.38
CA ILE Z 284 38.94 -93.43 -16.30
C ILE Z 284 39.63 -92.91 -17.54
N LEU Z 285 39.09 -91.85 -18.14
CA LEU Z 285 39.67 -91.36 -19.38
C LEU Z 285 41.07 -90.81 -19.16
N PHE Z 286 41.28 -90.05 -18.09
CA PHE Z 286 42.61 -89.48 -17.85
C PHE Z 286 43.63 -90.58 -17.61
N ALA Z 287 43.27 -91.60 -16.82
CA ALA Z 287 44.18 -92.70 -16.57
C ALA Z 287 44.52 -93.42 -17.87
N PHE Z 288 43.49 -93.72 -18.68
CA PHE Z 288 43.75 -94.39 -19.94
C PHE Z 288 44.64 -93.54 -20.83
N GLY Z 289 44.47 -92.22 -20.79
CA GLY Z 289 45.30 -91.36 -21.60
C GLY Z 289 46.75 -91.40 -21.18
N SER Z 290 47.00 -91.33 -19.87
CA SER Z 290 48.37 -91.43 -19.39
C SER Z 290 48.98 -92.77 -19.78
N ALA Z 291 48.23 -93.85 -19.58
CA ALA Z 291 48.72 -95.18 -19.91
C ALA Z 291 49.04 -95.29 -21.39
N LEU Z 292 48.15 -94.78 -22.24
CA LEU Z 292 48.37 -94.88 -23.68
C LEU Z 292 49.57 -94.03 -24.09
N ALA Z 293 49.77 -92.89 -23.45
CA ALA Z 293 50.95 -92.09 -23.75
C ALA Z 293 52.22 -92.85 -23.42
N GLN Z 294 52.25 -93.49 -22.25
CA GLN Z 294 53.41 -94.29 -21.89
C GLN Z 294 53.63 -95.42 -22.89
N ALA Z 295 52.55 -96.09 -23.29
CA ALA Z 295 52.67 -97.18 -24.24
C ALA Z 295 53.22 -96.70 -25.56
N ARG Z 296 52.71 -95.58 -26.07
CA ARG Z 296 53.23 -95.02 -27.31
C ARG Z 296 54.71 -94.70 -27.18
N LEU Z 297 55.12 -94.16 -26.04
CA LEU Z 297 56.53 -93.84 -25.85
C LEU Z 297 57.38 -95.10 -25.85
N LEU Z 298 56.89 -96.18 -25.24
CA LEU Z 298 57.68 -97.40 -25.11
C LEU Z 298 57.78 -98.15 -26.42
N TYR Z 299 56.67 -98.26 -27.16
CA TYR Z 299 56.58 -99.13 -28.32
C TYR Z 299 56.42 -98.35 -29.61
N GLY Z 300 55.37 -97.55 -29.74
CA GLY Z 300 55.09 -96.78 -30.93
C GLY Z 300 53.63 -96.87 -31.31
N ASN Z 301 53.25 -96.12 -32.34
CA ASN Z 301 51.85 -96.04 -32.76
C ASN Z 301 51.52 -97.22 -33.66
N ASP Z 302 51.40 -98.40 -33.02
CA ASP Z 302 51.06 -99.63 -33.71
C ASP Z 302 49.99 -100.35 -32.90
N ALA Z 303 48.83 -100.56 -33.52
CA ALA Z 303 47.73 -101.27 -32.86
C ALA Z 303 48.16 -102.70 -32.60
N LYS Z 304 48.21 -103.08 -31.33
CA LYS Z 304 48.68 -104.41 -30.95
C LYS Z 304 48.24 -104.68 -29.52
N VAL Z 305 48.35 -105.95 -29.13
CA VAL Z 305 48.14 -106.33 -27.75
C VAL Z 305 49.48 -106.30 -27.03
N LEU Z 306 49.53 -105.55 -25.92
CA LEU Z 306 50.77 -105.34 -25.21
C LEU Z 306 51.20 -106.62 -24.51
N GLU Z 307 52.49 -106.94 -24.61
CA GLU Z 307 53.04 -108.03 -23.81
C GLU Z 307 53.15 -107.62 -22.35
N GLN Z 308 53.55 -106.37 -22.10
CA GLN Z 308 53.75 -105.84 -20.75
C GLN Z 308 52.68 -104.80 -20.46
N PRO Z 309 51.58 -105.16 -19.79
CA PRO Z 309 50.54 -104.15 -19.54
C PRO Z 309 51.02 -103.06 -18.62
N VAL Z 310 50.57 -101.84 -18.89
CA VAL Z 310 50.93 -100.67 -18.10
C VAL Z 310 49.75 -100.32 -17.22
N VAL Z 311 49.99 -100.20 -15.92
CA VAL Z 311 48.94 -99.90 -14.97
C VAL Z 311 49.14 -98.49 -14.46
N VAL Z 312 48.04 -97.86 -14.09
CA VAL Z 312 48.04 -96.54 -13.46
C VAL Z 312 46.93 -96.53 -12.42
N GLN Z 313 46.99 -95.54 -11.54
CA GLN Z 313 45.98 -95.38 -10.50
C GLN Z 313 45.42 -93.97 -10.58
N SER Z 314 44.29 -93.76 -9.92
CA SER Z 314 43.78 -92.41 -9.83
C SER Z 314 42.82 -92.31 -8.66
N VAL Z 315 42.88 -91.17 -7.98
CA VAL Z 315 41.95 -90.83 -6.91
C VAL Z 315 41.27 -89.53 -7.28
N GLY Z 316 39.96 -89.59 -7.43
CA GLY Z 316 39.19 -88.39 -7.68
C GLY Z 316 38.48 -88.00 -6.40
N THR Z 317 38.45 -86.71 -6.09
CA THR Z 317 37.80 -86.33 -4.84
C THR Z 317 37.36 -84.88 -4.90
N ASP Z 318 36.35 -84.58 -4.09
CA ASP Z 318 35.91 -83.21 -3.86
C ASP Z 318 36.26 -82.71 -2.46
N GLY Z 319 36.51 -83.62 -1.52
CA GLY Z 319 36.90 -83.22 -0.19
C GLY Z 319 36.30 -84.09 0.90
N ARG Z 320 35.15 -84.70 0.65
CA ARG Z 320 34.56 -85.65 1.58
C ARG Z 320 34.18 -86.98 0.95
N VAL Z 321 34.03 -87.04 -0.37
CA VAL Z 321 33.77 -88.28 -1.08
C VAL Z 321 35.00 -88.58 -1.92
N PHE Z 322 35.37 -89.86 -1.97
CA PHE Z 322 36.56 -90.29 -2.68
C PHE Z 322 36.21 -91.41 -3.64
N HIS Z 323 36.84 -91.41 -4.80
CA HIS Z 323 36.71 -92.46 -5.79
C HIS Z 323 38.10 -92.95 -6.16
N PHE Z 324 38.30 -94.27 -6.11
CA PHE Z 324 39.60 -94.88 -6.36
C PHE Z 324 39.52 -95.77 -7.59
N LEU Z 325 40.52 -95.66 -8.46
CA LEU Z 325 40.54 -96.42 -9.71
C LEU Z 325 41.92 -97.00 -9.93
N VAL Z 326 41.96 -98.29 -10.28
CA VAL Z 326 43.15 -98.94 -10.78
C VAL Z 326 42.86 -99.36 -12.21
N PHE Z 327 43.64 -98.86 -13.16
CA PHE Z 327 43.39 -99.08 -14.57
C PHE Z 327 44.61 -99.77 -15.19
N GLN Z 328 44.38 -100.95 -15.75
CA GLN Z 328 45.43 -101.75 -16.38
C GLN Z 328 45.18 -101.76 -17.87
N LEU Z 329 46.03 -101.06 -18.63
CA LEU Z 329 46.01 -101.12 -20.07
C LEU Z 329 46.84 -102.30 -20.54
N ASN Z 330 46.31 -103.03 -21.51
CA ASN Z 330 46.98 -104.21 -22.05
C ASN Z 330 46.91 -104.27 -23.57
N THR Z 331 46.27 -103.30 -24.21
CA THR Z 331 46.12 -103.32 -25.66
C THR Z 331 46.18 -101.91 -26.22
N THR Z 332 47.07 -101.70 -27.18
CA THR Z 332 46.97 -100.58 -28.09
C THR Z 332 45.98 -100.85 -29.21
N ASP Z 333 45.62 -102.11 -29.43
CA ASP Z 333 44.60 -102.46 -30.41
C ASP Z 333 43.24 -102.09 -29.84
N LEU Z 334 42.61 -101.09 -30.45
CA LEU Z 334 41.34 -100.58 -29.95
C LEU Z 334 40.29 -100.38 -31.04
N ASP Z 335 40.67 -100.32 -32.31
CA ASP Z 335 39.68 -100.11 -33.36
C ASP Z 335 38.59 -101.17 -33.30
N CYS Z 336 38.97 -102.43 -33.22
CA CYS Z 336 38.00 -103.50 -33.17
C CYS Z 336 37.17 -103.41 -31.89
N ASN Z 337 35.94 -103.88 -31.97
CA ASN Z 337 35.05 -103.95 -30.81
C ASN Z 337 35.11 -105.29 -30.12
N GLU Z 338 35.93 -106.23 -30.60
CA GLU Z 338 36.17 -107.50 -29.95
C GLU Z 338 37.66 -107.71 -29.73
N GLY Z 339 38.00 -108.54 -28.76
CA GLY Z 339 39.38 -108.88 -28.46
C GLY Z 339 39.67 -108.75 -26.98
N VAL Z 340 40.92 -108.43 -26.69
CA VAL Z 340 41.38 -108.24 -25.32
C VAL Z 340 41.10 -106.80 -24.89
N LYS Z 341 40.44 -106.67 -23.75
CA LYS Z 341 40.03 -105.39 -23.22
C LYS Z 341 40.97 -104.98 -22.10
N ASN Z 342 40.93 -103.70 -21.75
CA ASN Z 342 41.66 -103.24 -20.58
C ASN Z 342 40.78 -103.40 -19.34
N LEU Z 343 41.43 -103.43 -18.18
CA LEU Z 343 40.74 -103.70 -16.92
C LEU Z 343 40.69 -102.43 -16.09
N ALA Z 344 39.57 -102.26 -15.39
CA ALA Z 344 39.38 -101.07 -14.55
C ALA Z 344 38.65 -101.50 -13.29
N TRP Z 345 39.33 -101.38 -12.15
CA TRP Z 345 38.72 -101.60 -10.85
C TRP Z 345 38.42 -100.24 -10.24
N VAL Z 346 37.17 -100.03 -9.84
CA VAL Z 346 36.74 -98.75 -9.31
C VAL Z 346 35.96 -98.96 -8.03
N ASP Z 347 36.27 -98.15 -7.02
CA ASP Z 347 35.48 -98.05 -5.80
C ASP Z 347 34.96 -96.63 -5.68
N SER Z 348 33.66 -96.49 -5.46
CA SER Z 348 32.96 -95.23 -5.60
C SER Z 348 32.20 -94.88 -4.34
N ASP Z 349 31.90 -93.60 -4.19
CA ASP Z 349 31.09 -93.10 -3.08
C ASP Z 349 31.71 -93.48 -1.75
N GLN Z 350 33.04 -93.39 -1.66
CA GLN Z 350 33.76 -93.69 -0.43
C GLN Z 350 33.92 -92.40 0.37
N LEU Z 351 33.22 -92.32 1.50
CA LEU Z 351 33.17 -91.13 2.32
C LEU Z 351 34.32 -91.15 3.34
N LEU Z 352 35.15 -90.11 3.29
CA LEU Z 352 36.18 -89.95 4.32
C LEU Z 352 35.57 -89.47 5.62
N TYR Z 353 34.51 -88.67 5.54
CA TYR Z 353 33.78 -88.20 6.71
C TYR Z 353 32.40 -87.76 6.29
N GLN Z 354 31.40 -88.20 7.05
CA GLN Z 354 30.01 -88.01 6.63
C GLN Z 354 29.65 -86.53 6.53
N HIS Z 355 30.08 -85.73 7.50
CA HIS Z 355 29.74 -84.32 7.53
C HIS Z 355 30.74 -83.58 8.39
N PHE Z 356 30.74 -82.26 8.31
CA PHE Z 356 31.56 -81.43 9.18
C PHE Z 356 30.74 -80.26 9.68
N TRP Z 357 30.91 -79.92 10.95
CA TRP Z 357 30.33 -78.72 11.54
C TRP Z 357 31.45 -77.76 11.88
N CYS Z 358 31.39 -76.54 11.34
CA CYS Z 358 32.40 -75.53 11.60
C CYS Z 358 32.06 -74.67 12.80
N LEU Z 359 30.77 -74.47 13.07
CA LEU Z 359 30.33 -73.75 14.25
C LEU Z 359 29.35 -74.61 15.05
N PRO Z 360 29.35 -74.52 16.36
CA PRO Z 360 28.51 -75.43 17.16
C PRO Z 360 27.05 -75.29 16.82
N VAL Z 361 26.36 -76.44 16.83
CA VAL Z 361 24.93 -76.49 16.57
C VAL Z 361 24.22 -76.39 17.92
N ILE Z 362 23.27 -75.47 18.01
CA ILE Z 362 22.58 -75.18 19.26
C ILE Z 362 21.08 -75.16 18.98
N LYS Z 363 20.32 -75.96 19.73
CA LYS Z 363 18.86 -75.90 19.64
C LYS Z 363 18.31 -74.99 20.73
N LYS Z 364 18.49 -75.38 22.00
CA LYS Z 364 18.28 -74.48 23.15
C LYS Z 364 19.50 -74.64 24.05
N ARG Z 365 20.60 -73.97 23.69
CA ARG Z 365 21.86 -74.02 24.42
C ARG Z 365 22.17 -75.42 24.96
N VAL Z 366 21.87 -76.45 24.17
CA VAL Z 366 22.00 -77.84 24.58
C VAL Z 366 22.90 -78.59 23.60
N VAL Z 367 23.98 -77.95 23.16
CA VAL Z 367 24.67 -78.27 21.90
C VAL Z 367 24.68 -79.77 21.64
N VAL Z 368 24.23 -80.16 20.45
CA VAL Z 368 23.95 -81.55 20.13
C VAL Z 368 25.00 -82.15 19.22
N GLU Z 369 25.51 -81.38 18.28
CA GLU Z 369 26.55 -81.81 17.35
C GLU Z 369 27.69 -80.80 17.44
N PRO Z 370 28.63 -81.00 18.36
CA PRO Z 370 29.65 -79.98 18.58
C PRO Z 370 30.59 -79.81 17.39
N VAL Z 371 31.47 -78.82 17.47
CA VAL Z 371 32.38 -78.55 16.38
C VAL Z 371 33.14 -79.81 15.99
N GLY Z 372 33.41 -79.96 14.70
CA GLY Z 372 34.24 -81.05 14.22
C GLY Z 372 33.56 -81.92 13.19
N PRO Z 373 34.24 -82.98 12.76
CA PRO Z 373 33.66 -83.91 11.77
C PRO Z 373 32.76 -84.93 12.44
N VAL Z 374 31.62 -85.20 11.82
CA VAL Z 374 30.65 -86.16 12.30
C VAL Z 374 30.55 -87.29 11.29
N GLY Z 375 30.83 -88.52 11.73
CA GLY Z 375 30.68 -89.69 10.89
C GLY Z 375 31.96 -90.07 10.17
N PHE Z 376 33.10 -89.94 10.86
CA PHE Z 376 34.37 -90.24 10.24
C PHE Z 376 34.51 -91.73 9.97
N LYS Z 377 35.01 -92.07 8.79
CA LYS Z 377 35.25 -93.45 8.37
C LYS Z 377 36.69 -93.61 7.94
N PRO Z 378 37.58 -94.22 8.72
CA PRO Z 378 38.99 -94.31 8.32
C PRO Z 378 39.24 -95.25 7.17
N GLU Z 379 38.25 -96.06 6.77
CA GLU Z 379 38.47 -97.03 5.70
C GLU Z 379 38.82 -96.34 4.40
N THR Z 380 38.26 -95.15 4.17
CA THR Z 380 38.63 -94.40 2.98
C THR Z 380 40.11 -94.08 2.99
N PHE Z 381 40.64 -93.68 4.14
CA PHE Z 381 42.08 -93.44 4.22
C PHE Z 381 42.86 -94.72 4.07
N ARG Z 382 42.33 -95.84 4.58
CA ARG Z 382 43.01 -97.11 4.40
C ARG Z 382 43.21 -97.40 2.93
N LYS Z 383 42.14 -97.26 2.14
CA LYS Z 383 42.27 -97.49 0.71
C LYS Z 383 43.18 -96.46 0.05
N PHE Z 384 43.12 -95.20 0.52
CA PHE Z 384 43.98 -94.17 -0.06
C PHE Z 384 45.44 -94.55 0.09
N LEU Z 385 45.88 -94.80 1.32
CA LEU Z 385 47.29 -95.13 1.50
C LEU Z 385 47.62 -96.48 0.90
N ALA Z 386 46.63 -97.38 0.77
CA ALA Z 386 46.89 -98.61 0.05
C ALA Z 386 47.30 -98.31 -1.38
N LEU Z 387 46.51 -97.51 -2.08
CA LEU Z 387 46.86 -97.12 -3.44
C LEU Z 387 48.20 -96.40 -3.46
N TYR Z 388 48.52 -95.68 -2.40
CA TYR Z 388 49.80 -94.98 -2.37
C TYR Z 388 50.96 -95.94 -2.24
N LEU Z 389 50.82 -96.95 -1.38
CA LEU Z 389 51.91 -97.87 -1.05
C LEU Z 389 52.23 -98.83 -2.18
N HIS Z 390 51.23 -99.28 -2.93
CA HIS Z 390 51.46 -100.20 -4.03
C HIS Z 390 52.46 -99.61 -5.01
N GLY Z 391 53.40 -100.44 -5.45
CA GLY Z 391 54.49 -100.01 -6.30
C GLY Z 391 55.80 -99.75 -5.58
N ALA Z 392 55.85 -99.95 -4.27
CA ALA Z 392 57.08 -99.74 -3.52
C ALA Z 392 58.18 -100.66 -4.02
N ARG AA 1 -64.75 21.11 -8.57
CA ARG AA 1 -65.89 21.79 -7.98
C ARG AA 1 -67.08 21.79 -8.93
N ARG AA 2 -68.24 22.20 -8.44
CA ARG AA 2 -69.44 22.29 -9.26
C ARG AA 2 -69.95 23.73 -9.28
N THR AA 3 -70.00 24.31 -10.48
CA THR AA 3 -70.49 25.66 -10.66
C THR AA 3 -71.98 25.61 -10.99
N PRO AA 4 -72.81 26.46 -10.38
CA PRO AA 4 -74.23 26.41 -10.68
C PRO AA 4 -74.50 26.89 -12.09
N PRO AA 5 -75.59 26.43 -12.72
CA PRO AA 5 -75.88 26.88 -14.09
C PRO AA 5 -76.16 28.37 -14.14
N LEU AA 6 -75.76 28.99 -15.25
CA LEU AA 6 -76.07 30.40 -15.47
C LEU AA 6 -77.52 30.61 -15.90
N GLY AA 7 -78.32 29.56 -15.97
CA GLY AA 7 -79.72 29.67 -16.33
C GLY AA 7 -80.45 28.38 -16.05
N PRO AA 8 -81.59 28.17 -16.72
CA PRO AA 8 -82.31 26.89 -16.58
C PRO AA 8 -81.78 25.90 -17.61
N MET AA 9 -81.42 24.71 -17.14
CA MET AA 9 -80.88 23.69 -18.02
C MET AA 9 -81.99 23.06 -18.85
N PRO AA 10 -81.64 22.49 -20.00
CA PRO AA 10 -82.66 21.82 -20.81
C PRO AA 10 -83.22 20.60 -20.11
N ASN AA 11 -84.44 20.24 -20.49
CA ASN AA 11 -85.17 19.15 -19.84
C ASN AA 11 -85.51 19.50 -18.39
N SER AA 12 -85.60 20.80 -18.11
CA SER AA 12 -85.98 21.24 -16.77
C SER AA 12 -87.48 21.18 -16.55
N ASP AA 13 -88.28 21.56 -17.55
CA ASP AA 13 -89.72 21.41 -17.43
C ASP AA 13 -90.11 19.94 -17.30
N ILE AA 14 -89.41 19.07 -18.02
CA ILE AA 14 -89.67 17.64 -17.97
C ILE AA 14 -88.70 16.94 -17.01
N ASP AA 15 -88.07 17.69 -16.10
CA ASP AA 15 -87.20 17.09 -15.09
C ASP AA 15 -88.10 16.40 -14.07
N LEU AA 16 -88.66 15.26 -14.48
CA LEU AA 16 -89.68 14.58 -13.72
C LEU AA 16 -89.32 13.10 -13.59
N SER AA 17 -89.60 12.55 -12.42
CA SER AA 17 -89.56 11.12 -12.21
C SER AA 17 -90.83 10.44 -12.69
N ASN AA 18 -91.82 11.21 -13.11
CA ASN AA 18 -93.07 10.68 -13.66
C ASN AA 18 -92.89 10.30 -15.13
N LEU AA 19 -91.84 9.54 -15.41
CA LEU AA 19 -91.49 9.22 -16.78
C LEU AA 19 -92.48 8.24 -17.40
N GLU AA 20 -92.83 7.18 -16.67
CA GLU AA 20 -93.75 6.18 -17.21
C GLU AA 20 -95.11 6.80 -17.49
N ARG AA 21 -95.59 7.69 -16.62
CA ARG AA 21 -96.88 8.32 -16.85
C ARG AA 21 -96.89 9.19 -18.10
N LEU AA 22 -95.82 9.93 -18.35
CA LEU AA 22 -95.81 10.90 -19.44
C LEU AA 22 -95.65 10.21 -20.79
N GLU AA 23 -95.92 10.98 -21.85
CA GLU AA 23 -96.08 10.42 -23.20
C GLU AA 23 -94.70 10.17 -23.81
N LYS AA 24 -94.65 9.93 -25.11
CA LYS AA 24 -93.51 9.31 -25.75
C LYS AA 24 -93.32 9.88 -27.15
N TYR AA 25 -92.06 9.96 -27.58
CA TYR AA 25 -91.72 10.29 -28.97
C TYR AA 25 -91.78 9.02 -29.82
N ARG AA 26 -92.98 8.50 -29.96
CA ARG AA 26 -93.16 7.29 -30.76
C ARG AA 26 -92.73 7.50 -32.21
N SER AA 27 -92.69 8.74 -32.68
CA SER AA 27 -92.41 9.05 -34.08
C SER AA 27 -91.13 9.87 -34.19
N PHE AA 28 -90.25 9.45 -35.10
CA PHE AA 28 -89.00 10.18 -35.32
C PHE AA 28 -89.28 11.60 -35.80
N ASP AA 29 -90.27 11.76 -36.67
CA ASP AA 29 -90.53 13.07 -37.26
C ASP AA 29 -90.88 14.11 -36.21
N ARG AA 30 -91.66 13.74 -35.20
CA ARG AA 30 -92.03 14.71 -34.18
C ARG AA 30 -90.83 15.11 -33.34
N TYR AA 31 -89.94 14.17 -33.03
CA TYR AA 31 -88.71 14.51 -32.33
C TYR AA 31 -87.87 15.47 -33.16
N ARG AA 32 -87.74 15.20 -34.46
CA ARG AA 32 -86.99 16.11 -35.31
C ARG AA 32 -87.62 17.50 -35.32
N ARG AA 33 -88.94 17.54 -35.40
CA ARG AA 33 -89.65 18.82 -35.43
C ARG AA 33 -89.36 19.63 -34.18
N ARG AA 34 -89.52 19.01 -33.01
CA ARG AA 34 -89.35 19.77 -31.77
C ARG AA 34 -87.87 20.10 -31.55
N ALA AA 35 -86.97 19.22 -31.97
CA ALA AA 35 -85.54 19.54 -31.85
C ALA AA 35 -85.20 20.77 -32.69
N GLU AA 36 -85.70 20.83 -33.91
CA GLU AA 36 -85.48 22.01 -34.73
C GLU AA 36 -86.09 23.24 -34.08
N GLN AA 37 -87.30 23.11 -33.53
CA GLN AA 37 -87.94 24.26 -32.90
C GLN AA 37 -87.11 24.79 -31.74
N GLU AA 38 -86.62 23.88 -30.89
CA GLU AA 38 -85.82 24.26 -29.74
C GLU AA 38 -84.37 24.57 -30.09
N ALA AA 39 -83.97 24.39 -31.34
CA ALA AA 39 -82.63 24.74 -31.76
C ALA AA 39 -82.45 26.24 -31.96
N GLN AA 40 -83.53 27.01 -31.94
CA GLN AA 40 -83.46 28.44 -32.26
C GLN AA 40 -83.75 29.34 -31.07
N ALA AA 41 -84.21 28.79 -29.94
CA ALA AA 41 -84.50 29.63 -28.79
C ALA AA 41 -83.20 30.17 -28.20
N PRO AA 42 -83.22 31.38 -27.63
CA PRO AA 42 -81.96 31.94 -27.13
C PRO AA 42 -81.46 31.21 -25.90
N HIS AA 43 -80.30 30.58 -26.01
CA HIS AA 43 -79.69 29.83 -24.92
C HIS AA 43 -78.44 30.53 -24.43
N TRP AA 44 -78.17 30.39 -23.13
CA TRP AA 44 -77.05 31.10 -22.52
C TRP AA 44 -75.70 30.49 -22.86
N TRP AA 45 -75.59 29.17 -22.96
CA TRP AA 45 -74.33 28.55 -23.33
C TRP AA 45 -73.95 28.93 -24.76
N ARG AA 46 -72.67 28.74 -25.09
CA ARG AA 46 -72.24 28.99 -26.45
C ARG AA 46 -72.98 28.08 -27.41
N THR AA 47 -73.50 28.66 -28.49
CA THR AA 47 -74.30 27.94 -29.46
C THR AA 47 -73.72 28.17 -30.84
N TYR AA 48 -74.34 27.53 -31.82
CA TYR AA 48 -73.86 27.64 -33.20
C TYR AA 48 -73.96 29.08 -33.70
N ARG AA 49 -75.07 29.74 -33.44
CA ARG AA 49 -75.28 31.07 -34.01
C ARG AA 49 -74.24 32.08 -33.54
N GLU AA 50 -73.77 31.96 -32.30
CA GLU AA 50 -72.93 33.01 -31.73
C GLU AA 50 -71.68 33.26 -32.56
N TYR AA 51 -71.21 32.24 -33.29
CA TYR AA 51 -70.01 32.38 -34.10
C TYR AA 51 -70.31 32.38 -35.60
N PHE AA 52 -71.47 31.88 -36.01
CA PHE AA 52 -71.83 31.77 -37.42
C PHE AA 52 -73.09 32.57 -37.73
N GLY AA 53 -73.15 33.81 -37.25
CA GLY AA 53 -74.28 34.68 -37.52
C GLY AA 53 -74.07 35.60 -38.71
N PRO AA 54 -104.08 29.47 -63.17
CA PRO AA 54 -104.25 30.85 -62.70
C PRO AA 54 -102.94 31.48 -62.25
N LEU AA 55 -101.82 30.97 -62.79
CA LEU AA 55 -100.52 31.31 -62.24
C LEU AA 55 -100.22 32.80 -62.33
N ASP AA 56 -100.55 33.46 -63.44
CA ASP AA 56 -100.23 34.88 -63.58
C ASP AA 56 -101.14 35.73 -62.69
N ALA AA 57 -102.45 35.46 -62.72
CA ALA AA 57 -103.36 36.16 -61.84
C ALA AA 57 -103.05 35.86 -60.39
N VAL AA 58 -102.69 34.60 -60.10
CA VAL AA 58 -102.27 34.26 -58.74
C VAL AA 58 -101.05 35.07 -58.35
N ARG AA 59 -100.10 35.24 -59.27
CA ARG AA 59 -98.92 36.03 -58.97
C ARG AA 59 -99.28 37.48 -58.66
N ALA AA 60 -100.14 38.08 -59.47
CA ALA AA 60 -100.53 39.48 -59.22
C ALA AA 60 -101.25 39.61 -57.89
N GLU AA 61 -102.20 38.71 -57.62
CA GLU AA 61 -102.98 38.80 -56.39
C GLU AA 61 -102.11 38.53 -55.16
N TRP AA 62 -101.20 37.57 -55.25
CA TRP AA 62 -100.25 37.34 -54.17
C TRP AA 62 -99.37 38.57 -53.95
N GLU AA 63 -98.94 39.21 -55.03
CA GLU AA 63 -98.10 40.38 -54.90
C GLU AA 63 -98.84 41.52 -54.21
N ARG AA 64 -100.11 41.71 -54.54
CA ARG AA 64 -100.87 42.80 -53.92
C ARG AA 64 -101.30 42.46 -52.50
N THR AA 65 -101.45 41.18 -52.18
CA THR AA 65 -101.94 40.80 -50.86
C THR AA 65 -100.82 40.81 -49.82
N CYS AA 66 -99.80 39.95 -50.01
CA CYS AA 66 -98.66 39.93 -49.09
C CYS AA 66 -97.33 39.93 -49.84
N GLY AA 67 -97.32 40.42 -51.08
CA GLY AA 67 -96.10 40.53 -51.84
C GLY AA 67 -95.03 41.37 -51.20
N PRO AA 68 -95.39 42.53 -50.64
CA PRO AA 68 -94.34 43.45 -50.15
C PRO AA 68 -93.43 42.79 -49.13
N TYR AA 69 -93.95 41.92 -48.27
CA TYR AA 69 -93.10 41.21 -47.33
C TYR AA 69 -92.10 40.34 -48.07
N HIS AA 70 -92.56 39.65 -49.11
CA HIS AA 70 -91.68 38.79 -49.90
C HIS AA 70 -90.59 39.61 -50.58
N LYS AA 71 -90.96 40.73 -51.18
CA LYS AA 71 -89.95 41.57 -51.82
C LYS AA 71 -88.97 42.08 -50.78
N GLN AA 72 -89.45 42.41 -49.59
CA GLN AA 72 -88.55 42.88 -48.53
C GLN AA 72 -87.53 41.81 -48.18
N ARG AA 73 -87.99 40.59 -47.90
CA ARG AA 73 -87.05 39.54 -47.52
C ARG AA 73 -86.10 39.21 -48.66
N LEU AA 74 -86.58 39.19 -49.90
CA LEU AA 74 -85.69 38.89 -51.02
C LEU AA 74 -84.62 39.97 -51.16
N ALA AA 75 -85.03 41.25 -51.19
CA ALA AA 75 -84.04 42.31 -51.29
C ALA AA 75 -83.06 42.27 -50.12
N GLU AA 76 -83.52 41.78 -48.96
CA GLU AA 76 -82.61 41.56 -47.85
C GLU AA 76 -81.65 40.43 -48.13
N TYR AA 77 -82.11 39.38 -48.80
CA TYR AA 77 -81.26 38.23 -49.07
C TYR AA 77 -80.06 38.63 -49.91
N TYR AA 78 -80.28 39.44 -50.94
CA TYR AA 78 -79.19 39.92 -51.77
C TYR AA 78 -78.41 41.05 -51.11
N GLY AA 79 -78.71 41.37 -49.86
CA GLY AA 79 -77.94 42.36 -49.14
C GLY AA 79 -78.03 43.75 -49.72
N LEU AA 80 -79.06 44.02 -50.52
CA LEU AA 80 -79.20 45.34 -51.13
C LEU AA 80 -79.24 46.43 -50.06
N TYR AA 81 -80.12 46.27 -49.07
CA TYR AA 81 -80.31 47.32 -48.08
C TYR AA 81 -79.01 47.63 -47.35
N ARG AA 82 -78.30 46.60 -46.90
CA ARG AA 82 -77.03 46.84 -46.22
C ARG AA 82 -75.90 47.19 -47.18
N ASP AA 83 -76.19 47.48 -48.44
CA ASP AA 83 -75.20 47.92 -49.41
C ASP AA 83 -75.47 49.31 -49.94
N LEU AA 84 -76.74 49.73 -49.95
CA LEU AA 84 -77.08 51.06 -50.46
C LEU AA 84 -77.82 51.94 -49.45
N PHE AA 85 -78.22 51.40 -48.28
CA PHE AA 85 -78.92 52.21 -47.28
C PHE AA 85 -78.45 51.89 -45.86
N HIS AA 86 -77.25 51.35 -45.70
CA HIS AA 86 -76.66 51.09 -44.38
C HIS AA 86 -77.68 50.48 -43.42
N GLY AA 87 -78.35 49.43 -43.89
CA GLY AA 87 -79.29 48.71 -43.05
C GLY AA 87 -80.66 49.32 -42.96
N ALA AA 88 -80.90 50.45 -43.60
CA ALA AA 88 -82.22 51.11 -43.51
C ALA AA 88 -83.16 50.42 -44.48
N THR AA 89 -83.93 49.47 -43.96
CA THR AA 89 -84.88 48.73 -44.80
C THR AA 89 -85.99 49.65 -45.29
N PHE AA 90 -86.75 49.14 -46.27
CA PHE AA 90 -87.99 49.77 -46.67
C PHE AA 90 -88.80 48.77 -47.49
N VAL AA 91 -90.04 48.54 -47.08
CA VAL AA 91 -90.91 47.62 -47.81
C VAL AA 91 -91.36 48.30 -49.10
N PRO AA 92 -91.13 47.71 -50.27
CA PRO AA 92 -91.59 48.36 -51.50
C PRO AA 92 -93.10 48.25 -51.63
N ARG AA 93 -93.81 49.13 -50.92
CA ARG AA 93 -95.27 49.09 -50.97
C ARG AA 93 -95.78 49.31 -52.39
N VAL AA 94 -95.08 50.13 -53.17
CA VAL AA 94 -95.45 50.36 -54.56
C VAL AA 94 -94.89 49.23 -55.42
N PRO AA 95 -95.71 48.54 -56.22
CA PRO AA 95 -95.19 47.41 -57.00
C PRO AA 95 -94.56 47.84 -58.33
N LEU AA 96 -93.27 48.16 -58.33
CA LEU AA 96 -92.57 48.35 -59.59
C LEU AA 96 -92.69 47.11 -60.46
N HIS AA 97 -92.55 47.30 -61.76
CA HIS AA 97 -92.59 46.19 -62.71
C HIS AA 97 -91.92 46.66 -63.99
N VAL AA 98 -90.76 46.09 -64.31
CA VAL AA 98 -89.95 46.54 -65.42
C VAL AA 98 -89.63 45.34 -66.32
N ALA AA 99 -88.86 45.61 -67.38
CA ALA AA 99 -88.51 44.57 -68.33
C ALA AA 99 -87.54 45.13 -69.36
N TYR AA 100 -86.98 44.23 -70.16
CA TYR AA 100 -86.06 44.57 -71.24
C TYR AA 100 -86.55 43.91 -72.51
N ALA AA 101 -86.67 44.70 -73.58
CA ALA AA 101 -87.03 44.16 -74.88
C ALA AA 101 -85.81 43.52 -75.54
N VAL AA 102 -86.02 42.37 -76.17
CA VAL AA 102 -84.95 41.61 -76.81
C VAL AA 102 -85.11 41.69 -78.31
N GLY AA 103 -84.07 42.17 -79.00
CA GLY AA 103 -84.07 42.19 -80.44
C GLY AA 103 -85.23 42.97 -81.02
N GLU AA 104 -86.18 42.26 -81.63
CA GLU AA 104 -87.33 42.87 -82.29
C GLU AA 104 -88.65 42.59 -81.60
N ASP AA 105 -88.91 41.33 -81.22
CA ASP AA 105 -90.21 40.94 -80.71
C ASP AA 105 -90.15 40.43 -79.28
N ASP AA 106 -89.18 39.59 -78.95
CA ASP AA 106 -89.13 38.95 -77.64
C ASP AA 106 -88.56 39.90 -76.59
N LEU AA 107 -88.71 39.52 -75.32
CA LEU AA 107 -88.26 40.35 -74.21
C LEU AA 107 -87.99 39.45 -73.01
N MET AA 108 -86.95 39.77 -72.24
CA MET AA 108 -86.60 39.03 -71.04
C MET AA 108 -86.97 39.85 -69.81
N PRO AA 109 -88.01 39.49 -69.07
CA PRO AA 109 -88.46 40.35 -67.97
C PRO AA 109 -87.58 40.22 -66.74
N VAL AA 110 -87.29 41.35 -66.10
CA VAL AA 110 -86.49 41.39 -64.88
C VAL AA 110 -87.44 41.27 -63.70
N TYR AA 111 -87.59 40.05 -63.17
CA TYR AA 111 -88.31 39.82 -61.93
C TYR AA 111 -87.37 40.19 -60.77
N CYS AA 112 -87.75 39.81 -59.55
CA CYS AA 112 -86.96 40.18 -58.38
C CYS AA 112 -85.69 39.35 -58.26
N GLY AA 113 -84.58 39.86 -58.80
CA GLY AA 113 -83.30 39.20 -58.63
C GLY AA 113 -83.04 38.02 -59.54
N ASN AA 114 -82.94 38.23 -60.84
CA ASN AA 114 -82.70 37.17 -61.80
C ASN AA 114 -81.49 37.51 -62.67
N GLU AA 115 -81.28 36.70 -63.70
CA GLU AA 115 -80.09 36.78 -64.53
C GLU AA 115 -80.48 37.21 -65.94
N VAL AA 116 -79.81 38.23 -66.46
CA VAL AA 116 -80.06 38.75 -67.79
C VAL AA 116 -78.74 39.26 -68.37
N THR AA 117 -78.38 38.74 -69.53
CA THR AA 117 -77.11 39.14 -70.14
C THR AA 117 -77.17 40.60 -70.55
N PRO AA 118 -76.03 41.30 -70.58
CA PRO AA 118 -76.04 42.69 -71.07
C PRO AA 118 -76.45 42.83 -72.52
N THR AA 119 -76.38 41.77 -73.33
CA THR AA 119 -76.82 41.91 -74.71
C THR AA 119 -78.26 42.37 -74.78
N GLU AA 120 -79.14 41.74 -73.99
CA GLU AA 120 -80.54 42.12 -73.93
C GLU AA 120 -80.81 43.18 -72.87
N ALA AA 121 -79.82 44.02 -72.56
CA ALA AA 121 -79.98 45.10 -71.60
C ALA AA 121 -79.22 46.34 -72.06
N ALA AA 122 -79.11 46.53 -73.37
CA ALA AA 122 -78.43 47.70 -73.94
C ALA AA 122 -79.34 48.90 -74.09
N GLN AA 123 -80.61 48.79 -73.70
CA GLN AA 123 -81.57 49.87 -73.79
C GLN AA 123 -82.30 50.00 -72.46
N ALA AA 124 -82.67 51.22 -72.10
CA ALA AA 124 -83.31 51.46 -70.82
C ALA AA 124 -84.64 50.69 -70.76
N PRO AA 125 -85.12 50.39 -69.56
CA PRO AA 125 -86.34 49.57 -69.45
C PRO AA 125 -87.60 50.36 -69.70
N GLU AA 126 -88.68 49.64 -69.99
CA GLU AA 126 -90.01 50.22 -70.17
C GLU AA 126 -90.89 49.78 -69.01
N VAL AA 127 -91.08 50.67 -68.04
CA VAL AA 127 -91.72 50.31 -66.77
C VAL AA 127 -93.23 50.26 -66.97
N THR AA 128 -93.80 49.07 -66.78
CA THR AA 128 -95.24 48.88 -66.83
C THR AA 128 -95.84 48.85 -65.44
N TYR AA 129 -95.59 49.93 -64.69
CA TYR AA 129 -95.98 50.00 -63.28
C TYR AA 129 -97.07 51.04 -63.09
N GLU AA 130 -97.97 50.77 -62.16
CA GLU AA 130 -99.07 51.68 -61.85
C GLU AA 130 -98.65 52.66 -60.76
N ALA AA 131 -99.19 53.87 -60.83
CA ALA AA 131 -98.87 54.93 -59.88
C ALA AA 131 -99.74 56.13 -60.21
N GLU AA 132 -99.57 57.19 -59.42
CA GLU AA 132 -100.25 58.45 -59.69
C GLU AA 132 -99.35 59.61 -59.28
N LEU AA 133 -94.82 61.97 -59.25
CA LEU AA 133 -93.69 62.73 -58.72
C LEU AA 133 -92.61 61.78 -58.24
N TRP AA 134 -92.36 60.73 -59.01
CA TRP AA 134 -91.45 59.67 -58.64
C TRP AA 134 -90.10 59.90 -59.32
N THR AA 135 -89.07 59.25 -58.79
CA THR AA 135 -87.73 59.28 -59.38
C THR AA 135 -87.16 57.87 -59.41
N LEU AA 136 -86.67 57.45 -60.58
CA LEU AA 136 -86.16 56.11 -60.79
C LEU AA 136 -84.66 56.18 -61.09
N LEU AA 137 -83.89 55.27 -60.51
CA LEU AA 137 -82.44 55.25 -60.66
C LEU AA 137 -81.95 53.82 -60.83
N LEU AA 138 -80.92 53.64 -61.65
CA LEU AA 138 -80.29 52.34 -61.89
C LEU AA 138 -78.88 52.38 -61.32
N THR AA 139 -78.58 51.47 -60.40
CA THR AA 139 -77.28 51.41 -59.75
C THR AA 139 -76.71 50.00 -59.77
N SER AA 140 -75.46 49.91 -60.19
CA SER AA 140 -74.66 48.69 -60.06
C SER AA 140 -73.97 48.80 -58.70
N LEU AA 141 -74.43 48.00 -57.74
CA LEU AA 141 -73.92 48.07 -56.38
C LEU AA 141 -72.49 47.59 -56.26
N ASP AA 142 -72.03 46.82 -57.23
CA ASP AA 142 -70.78 46.08 -57.10
C ASP AA 142 -69.81 46.30 -58.25
N GLY AA 143 -70.30 46.60 -59.45
CA GLY AA 143 -69.47 46.69 -60.63
C GLY AA 143 -68.45 47.80 -60.63
N HIS AA 144 -68.29 48.52 -59.52
CA HIS AA 144 -67.30 49.59 -59.46
C HIS AA 144 -65.92 49.03 -59.80
N LEU AA 145 -65.01 49.95 -60.14
CA LEU AA 145 -63.72 49.58 -60.68
C LEU AA 145 -62.55 50.35 -60.08
N LEU AA 146 -62.80 51.26 -59.15
CA LEU AA 146 -61.74 52.04 -58.50
C LEU AA 146 -61.82 52.03 -56.98
N GLU AA 147 -63.03 52.04 -56.43
CA GLU AA 147 -63.26 52.17 -55.01
C GLU AA 147 -64.10 50.99 -54.53
N PRO AA 148 -63.83 50.44 -53.34
CA PRO AA 148 -64.58 49.25 -52.90
C PRO AA 148 -66.07 49.48 -52.73
N ASP AA 149 -66.43 50.43 -51.88
CA ASP AA 149 -67.82 50.60 -51.45
C ASP AA 149 -68.65 51.46 -52.40
N ALA AA 150 -68.05 51.99 -53.45
CA ALA AA 150 -68.76 52.86 -54.37
C ALA AA 150 -69.57 52.04 -55.37
N GLU AA 151 -70.54 52.69 -56.01
CA GLU AA 151 -71.43 52.06 -56.96
C GLU AA 151 -71.38 52.83 -58.27
N TYR AA 152 -72.04 52.29 -59.30
CA TYR AA 152 -72.11 52.92 -60.60
C TYR AA 152 -73.54 53.31 -60.91
N LEU AA 153 -73.76 54.59 -61.20
CA LEU AA 153 -75.07 55.07 -61.60
C LEU AA 153 -75.17 55.04 -63.13
N HIS AA 154 -76.13 54.26 -63.63
CA HIS AA 154 -76.30 54.09 -65.08
C HIS AA 154 -77.45 54.92 -65.61
N TRP AA 155 -78.65 54.78 -65.03
CA TRP AA 155 -79.88 55.38 -65.57
C TRP AA 155 -80.51 56.21 -64.47
N LEU AA 156 -80.84 57.47 -64.79
CA LEU AA 156 -81.36 58.41 -63.83
C LEU AA 156 -82.59 59.09 -64.41
N LEU AA 157 -83.64 59.21 -63.59
CA LEU AA 157 -84.89 59.83 -64.02
C LEU AA 157 -85.43 60.67 -62.87
N THR AA 158 -85.57 61.98 -63.10
CA THR AA 158 -86.00 62.91 -62.07
C THR AA 158 -87.19 63.70 -62.58
N ASN AA 159 -88.06 64.09 -61.65
CA ASN AA 159 -89.22 64.91 -61.96
C ASN AA 159 -90.08 64.24 -63.03
N ILE AA 160 -90.63 63.08 -62.67
CA ILE AA 160 -91.49 62.30 -63.55
C ILE AA 160 -92.85 62.16 -62.92
N PRO AA 161 -93.80 63.06 -63.19
CA PRO AA 161 -95.13 62.95 -62.58
C PRO AA 161 -95.90 61.77 -63.17
N GLY AA 162 -96.65 61.08 -62.31
CA GLY AA 162 -97.55 60.05 -62.77
C GLY AA 162 -96.82 58.88 -63.40
N ASN AA 163 -97.57 58.17 -64.24
CA ASN AA 163 -97.07 57.00 -64.95
C ASN AA 163 -96.22 57.34 -66.16
N ARG AA 164 -95.85 58.61 -66.34
CA ARG AA 164 -95.15 59.01 -67.56
C ARG AA 164 -93.86 58.24 -67.73
N VAL AA 165 -93.61 57.82 -68.98
CA VAL AA 165 -92.44 57.02 -69.32
C VAL AA 165 -91.65 57.72 -70.42
N ALA AA 166 -91.81 59.04 -70.52
CA ALA AA 166 -91.10 59.81 -71.53
C ALA AA 166 -89.80 60.33 -70.94
N GLU AA 167 -89.07 61.14 -71.71
CA GLU AA 167 -87.74 61.56 -71.31
C GLU AA 167 -87.77 62.31 -69.98
N GLY AA 168 -88.60 63.34 -69.88
CA GLY AA 168 -88.60 64.14 -68.67
C GLY AA 168 -87.23 64.75 -68.46
N GLN AA 169 -86.72 64.65 -67.24
CA GLN AA 169 -85.42 65.21 -66.87
C GLN AA 169 -84.45 64.05 -66.68
N VAL AA 170 -83.80 63.65 -67.77
CA VAL AA 170 -82.77 62.62 -67.73
C VAL AA 170 -81.44 63.28 -67.42
N THR AA 171 -81.14 63.43 -66.13
CA THR AA 171 -79.87 64.04 -65.74
C THR AA 171 -78.70 63.21 -66.22
N CYS AA 172 -78.75 61.90 -66.01
CA CYS AA 172 -77.70 60.99 -66.45
C CYS AA 172 -78.27 59.98 -67.44
N PRO AA 173 -77.79 59.94 -68.68
CA PRO AA 173 -78.39 59.04 -69.67
C PRO AA 173 -78.10 57.58 -69.35
N TYR AA 174 -78.88 56.71 -69.99
CA TYR AA 174 -78.71 55.28 -69.76
C TYR AA 174 -77.35 54.81 -70.25
N LEU AA 175 -76.78 53.85 -69.52
CA LEU AA 175 -75.57 53.14 -69.97
C LEU AA 175 -75.79 51.68 -69.62
N PRO AA 176 -75.32 50.73 -70.46
CA PRO AA 176 -75.58 49.32 -70.17
C PRO AA 176 -74.62 48.80 -69.11
N PRO AA 177 -74.91 47.65 -68.50
CA PRO AA 177 -73.95 47.07 -67.57
C PRO AA 177 -72.71 46.60 -68.30
N PHE AA 178 -71.62 46.46 -67.56
CA PHE AA 178 -70.36 45.96 -68.12
C PHE AA 178 -69.58 45.21 -67.05
N PRO AA 179 -70.08 44.06 -66.59
CA PRO AA 179 -69.30 43.25 -65.65
C PRO AA 179 -68.05 42.68 -66.28
N ALA AA 180 -66.89 43.11 -65.80
CA ALA AA 180 -65.63 42.67 -66.39
C ALA AA 180 -65.53 41.16 -66.38
N ARG AA 181 -64.98 40.60 -67.46
CA ARG AA 181 -64.98 39.16 -67.63
C ARG AA 181 -64.25 38.47 -66.48
N GLY AA 182 -64.90 37.47 -65.90
CA GLY AA 182 -64.37 36.76 -64.76
C GLY AA 182 -64.48 37.51 -63.46
N SER AA 183 -64.95 38.75 -63.47
CA SER AA 183 -65.15 39.48 -62.23
C SER AA 183 -66.24 38.84 -61.37
N GLY AA 184 -67.08 38.01 -61.97
CA GLY AA 184 -68.09 37.27 -61.24
C GLY AA 184 -69.46 37.60 -61.78
N ILE AA 185 -70.40 37.69 -60.85
CA ILE AA 185 -71.79 38.00 -61.15
C ILE AA 185 -72.19 39.25 -60.39
N HIS AA 186 -72.66 40.26 -61.11
CA HIS AA 186 -72.89 41.58 -60.54
C HIS AA 186 -74.37 41.80 -60.28
N ARG AA 187 -74.68 42.46 -59.17
CA ARG AA 187 -76.03 42.91 -58.88
C ARG AA 187 -76.25 44.29 -59.48
N LEU AA 188 -77.40 44.49 -60.12
CA LEU AA 188 -77.85 45.79 -60.55
C LEU AA 188 -79.27 46.00 -60.06
N ALA AA 189 -79.59 47.22 -59.65
CA ALA AA 189 -80.84 47.48 -58.97
C ALA AA 189 -81.49 48.75 -59.52
N PHE AA 190 -82.81 48.79 -59.42
CA PHE AA 190 -83.63 49.95 -59.75
C PHE AA 190 -84.30 50.41 -58.47
N LEU AA 191 -84.02 51.65 -58.08
CA LEU AA 191 -84.56 52.27 -56.88
C LEU AA 191 -85.52 53.37 -57.28
N LEU AA 192 -86.71 53.36 -56.68
CA LEU AA 192 -87.76 54.32 -56.97
C LEU AA 192 -88.13 55.07 -55.70
N PHE AA 193 -88.09 56.40 -55.78
CA PHE AA 193 -88.34 57.28 -54.63
C PHE AA 193 -89.55 58.16 -54.88
N LYS AA 194 -90.30 58.42 -53.80
CA LYS AA 194 -91.39 59.37 -53.82
C LYS AA 194 -90.86 60.78 -53.59
N GLN AA 195 -91.63 61.78 -54.01
CA GLN AA 195 -91.34 63.18 -53.74
C GLN AA 195 -92.65 63.91 -53.53
N ASP AA 196 -92.75 64.65 -52.42
CA ASP AA 196 -93.92 65.48 -52.19
C ASP AA 196 -93.89 66.74 -53.03
N GLN AA 197 -92.71 67.33 -53.21
CA GLN AA 197 -92.52 68.48 -54.09
C GLN AA 197 -91.45 68.15 -55.11
N PRO AA 198 -91.47 68.80 -56.28
CA PRO AA 198 -90.51 68.43 -57.33
C PRO AA 198 -89.08 68.89 -57.01
N ILE AA 199 -88.37 68.10 -56.20
CA ILE AA 199 -86.98 68.39 -55.92
C ILE AA 199 -86.20 68.40 -57.23
N ASP AA 200 -85.15 69.22 -57.26
CA ASP AA 200 -84.36 69.43 -58.47
C ASP AA 200 -82.88 69.18 -58.19
N PHE AA 201 -82.22 68.50 -59.13
CA PHE AA 201 -80.82 68.13 -58.99
C PHE AA 201 -79.96 68.98 -59.92
N SER AA 202 -78.73 69.24 -59.49
CA SER AA 202 -77.76 70.00 -60.28
C SER AA 202 -78.35 71.31 -60.80
N TYR AA 203 -71.35 58.29 -70.87
CA TYR AA 203 -70.49 59.33 -70.31
C TYR AA 203 -69.32 58.70 -69.57
N GLN AA 204 -68.37 59.52 -69.14
CA GLN AA 204 -67.14 59.04 -68.52
C GLN AA 204 -67.44 58.43 -67.15
N LEU AA 205 -66.88 57.24 -66.91
CA LEU AA 205 -67.12 56.53 -65.67
C LEU AA 205 -66.55 57.25 -64.45
N ALA AA 206 -65.59 58.15 -64.64
CA ALA AA 206 -64.98 58.81 -63.50
C ALA AA 206 -66.02 59.57 -62.68
N GLN AA 207 -66.91 60.29 -63.34
CA GLN AA 207 -67.95 61.06 -62.67
C GLN AA 207 -69.19 60.23 -62.36
N ARG AA 208 -69.24 58.97 -62.79
CA ARG AA 208 -70.36 58.11 -62.42
C ARG AA 208 -70.22 57.53 -61.02
N THR AA 209 -69.04 57.66 -60.41
CA THR AA 209 -68.89 57.23 -59.03
C THR AA 209 -69.89 57.96 -58.15
N PHE AA 210 -70.57 57.20 -57.30
CA PHE AA 210 -71.58 57.76 -56.41
C PHE AA 210 -71.87 56.73 -55.32
N ARG AA 211 -72.47 57.20 -54.24
CA ARG AA 211 -72.99 56.32 -53.21
C ARG AA 211 -74.44 56.71 -52.95
N THR AA 212 -75.34 55.73 -53.05
CA THR AA 212 -76.75 56.01 -52.84
C THR AA 212 -77.01 56.56 -51.43
N PHE AA 213 -76.13 56.26 -50.48
CA PHE AA 213 -76.34 56.74 -49.12
C PHE AA 213 -76.31 58.26 -49.07
N ASP AA 214 -75.29 58.88 -49.67
CA ASP AA 214 -75.22 60.34 -49.67
C ASP AA 214 -76.37 60.95 -50.45
N PHE AA 215 -76.75 60.33 -51.57
CA PHE AA 215 -77.86 60.83 -52.36
C PHE AA 215 -79.15 60.83 -51.56
N TYR AA 216 -79.41 59.77 -50.81
CA TYR AA 216 -80.61 59.72 -49.98
C TYR AA 216 -80.49 60.64 -48.77
N LYS AA 217 -79.27 60.83 -48.26
CA LYS AA 217 -79.08 61.70 -47.10
C LYS AA 217 -79.38 63.14 -47.47
N LYS AA 218 -78.83 63.63 -48.58
CA LYS AA 218 -79.01 65.03 -48.94
C LYS AA 218 -80.42 65.34 -49.43
N HIS AA 219 -81.25 64.33 -49.63
CA HIS AA 219 -82.66 64.51 -50.00
C HIS AA 219 -83.56 63.65 -49.12
N GLN AA 220 -83.12 63.38 -47.89
CA GLN AA 220 -83.84 62.44 -47.03
C GLN AA 220 -85.23 62.94 -46.68
N GLU AA 221 -85.35 64.22 -46.32
CA GLU AA 221 -86.62 64.74 -45.85
C GLU AA 221 -87.60 64.96 -47.00
N THR AA 222 -87.09 65.33 -48.18
CA THR AA 222 -87.95 65.57 -49.34
C THR AA 222 -88.21 64.33 -50.18
N MET AA 223 -87.57 63.20 -49.84
CA MET AA 223 -87.74 61.97 -50.62
C MET AA 223 -87.93 60.80 -49.67
N THR AA 224 -88.81 59.87 -50.04
CA THR AA 224 -89.09 58.69 -49.24
C THR AA 224 -89.07 57.45 -50.12
N PRO AA 225 -88.35 56.40 -49.72
CA PRO AA 225 -88.19 55.24 -50.62
C PRO AA 225 -89.53 54.63 -50.98
N ALA AA 226 -89.67 54.25 -52.26
CA ALA AA 226 -90.91 53.73 -52.79
C ALA AA 226 -90.81 52.27 -53.21
N GLY AA 227 -89.86 51.93 -54.08
CA GLY AA 227 -89.80 50.60 -54.64
C GLY AA 227 -88.41 50.17 -55.06
N LEU AA 228 -88.27 48.87 -55.29
CA LEU AA 228 -86.99 48.26 -55.63
C LEU AA 228 -87.20 47.11 -56.61
N SER AA 229 -86.26 46.94 -57.52
CA SER AA 229 -86.31 45.80 -58.44
C SER AA 229 -84.91 45.55 -59.01
N PHE AA 230 -84.37 44.36 -58.81
CA PHE AA 230 -82.96 44.10 -59.08
C PHE AA 230 -82.78 42.84 -59.92
N PHE AA 231 -81.66 42.79 -60.62
CA PHE AA 231 -81.28 41.65 -61.44
C PHE AA 231 -79.78 41.40 -61.28
N GLN AA 232 -79.30 40.36 -61.95
CA GLN AA 232 -77.89 39.99 -61.93
C GLN AA 232 -77.38 39.83 -63.35
N CYS AA 233 -76.09 40.10 -63.53
CA CYS AA 233 -75.49 40.09 -64.87
C CYS AA 233 -74.09 39.49 -64.82
N ARG AA 234 -73.80 38.63 -65.78
CA ARG AA 234 -72.49 38.04 -65.98
C ARG AA 234 -71.69 38.89 -66.97
N TRP AA 235 -70.62 38.32 -67.52
CA TRP AA 235 -69.92 38.98 -68.61
C TRP AA 235 -70.70 38.86 -69.92
N ASP AA 236 -70.95 37.64 -70.39
CA ASP AA 236 -71.81 37.43 -71.54
C ASP AA 236 -71.27 38.15 -72.77
N ASP AA 237 -70.24 37.54 -73.37
CA ASP AA 237 -69.40 38.15 -74.40
C ASP AA 237 -70.18 38.98 -75.39
N SER AA 238 -69.47 39.92 -76.05
CA SER AA 238 -70.06 41.05 -76.77
C SER AA 238 -70.37 42.19 -75.82
N VAL AA 239 -69.88 42.11 -74.58
CA VAL AA 239 -69.85 43.28 -73.71
C VAL AA 239 -68.55 44.05 -73.87
N THR AA 240 -67.52 43.44 -74.43
CA THR AA 240 -66.24 44.12 -74.60
C THR AA 240 -66.37 45.38 -75.45
N TYR AA 241 -67.42 45.47 -76.28
CA TYR AA 241 -67.62 46.67 -77.06
C TYR AA 241 -67.99 47.88 -76.20
N ILE AA 242 -68.57 47.65 -75.03
CA ILE AA 242 -68.85 48.76 -74.12
C ILE AA 242 -67.55 49.38 -73.63
N PHE AA 243 -66.48 48.59 -73.58
CA PHE AA 243 -65.17 49.13 -73.21
C PHE AA 243 -64.44 49.64 -74.44
N HIS AA 244 -64.67 49.02 -75.60
CA HIS AA 244 -63.98 49.45 -76.81
C HIS AA 244 -64.21 50.92 -77.09
N GLN AA 245 -65.46 51.30 -77.30
CA GLN AA 245 -65.80 52.63 -77.81
C GLN AA 245 -66.64 53.46 -76.86
N LEU AA 246 -67.67 52.89 -76.23
CA LEU AA 246 -68.55 53.69 -75.40
C LEU AA 246 -67.80 54.37 -74.27
N LEU AA 247 -66.92 53.65 -73.58
CA LEU AA 247 -66.10 54.22 -72.52
C LEU AA 247 -64.65 54.45 -72.94
N ASP AA 248 -64.23 53.89 -74.06
CA ASP AA 248 -62.90 54.18 -74.62
C ASP AA 248 -61.80 53.77 -73.64
N MET AA 249 -61.79 52.49 -73.27
CA MET AA 249 -60.72 51.95 -72.43
C MET AA 249 -60.50 50.49 -72.75
N ARG AA 250 -59.25 50.07 -72.60
CA ARG AA 250 -58.88 48.67 -72.80
C ARG AA 250 -59.52 47.81 -71.72
N GLU AA 251 -60.24 46.78 -72.15
CA GLU AA 251 -61.11 46.05 -71.23
C GLU AA 251 -60.30 45.39 -70.13
N PRO AA 252 -60.82 45.33 -68.89
CA PRO AA 252 -60.09 44.63 -67.83
C PRO AA 252 -60.60 43.21 -67.64
N VAL AA 253 -59.75 42.29 -67.20
CA VAL AA 253 -60.14 40.91 -66.95
C VAL AA 253 -59.76 40.55 -65.53
N PHE AA 254 -60.58 39.71 -64.90
CA PHE AA 254 -60.42 39.35 -63.51
C PHE AA 254 -60.54 37.84 -63.35
N GLU AA 255 -59.46 37.19 -62.93
CA GLU AA 255 -59.45 35.77 -62.64
C GLU AA 255 -59.35 35.55 -61.14
N PHE AA 256 -59.92 34.43 -60.69
CA PHE AA 256 -60.12 34.16 -59.28
C PHE AA 256 -58.91 33.43 -58.72
N VAL AA 257 -57.86 34.18 -58.41
CA VAL AA 257 -56.64 33.59 -57.87
C VAL AA 257 -56.91 33.05 -56.48
N ARG AA 258 -56.21 31.94 -56.12
CA ARG AA 258 -56.35 31.31 -54.84
C ARG AA 258 -55.22 31.71 -53.89
N PRO AA 259 -55.45 31.65 -52.59
CA PRO AA 259 -54.35 31.88 -51.65
C PRO AA 259 -53.29 30.81 -51.80
N PRO AA 260 -52.01 31.14 -51.60
CA PRO AA 260 -50.97 30.13 -51.80
C PRO AA 260 -51.12 29.00 -50.80
N PRO AA 261 -50.74 27.79 -51.16
CA PRO AA 261 -50.91 26.67 -50.23
C PRO AA 261 -50.06 26.88 -48.99
N TYR AA 262 -50.59 26.45 -47.85
CA TYR AA 262 -49.91 26.62 -46.58
C TYR AA 262 -48.90 25.49 -46.37
N HIS AA 263 -47.71 25.85 -45.93
CA HIS AA 263 -46.67 24.89 -45.60
C HIS AA 263 -45.98 25.30 -44.31
N PRO AA 264 -45.78 24.39 -43.36
CA PRO AA 264 -45.05 24.76 -42.15
C PRO AA 264 -43.60 25.07 -42.43
N LYS AA 265 -42.99 25.84 -41.54
CA LYS AA 265 -41.61 26.25 -41.68
C LYS AA 265 -40.74 25.06 -42.03
N GLN AA 266 -39.68 25.31 -42.78
CA GLN AA 266 -38.85 24.20 -43.26
C GLN AA 266 -37.78 23.84 -42.24
N LYS AA 267 -37.71 22.56 -41.90
CA LYS AA 267 -36.69 22.04 -41.01
C LYS AA 267 -35.47 21.65 -41.81
N ARG AA 268 -34.30 21.63 -41.18
CA ARG AA 268 -33.13 21.15 -41.89
C ARG AA 268 -33.14 19.63 -42.00
N PHE AA 269 -33.72 18.94 -41.04
CA PHE AA 269 -33.74 17.47 -41.00
C PHE AA 269 -35.19 17.02 -40.87
N PRO AA 270 -35.92 16.98 -41.96
CA PRO AA 270 -37.34 16.64 -41.89
C PRO AA 270 -37.58 15.18 -41.62
N HIS AA 271 -37.57 14.80 -40.35
CA HIS AA 271 -37.69 13.41 -39.98
C HIS AA 271 -39.01 12.83 -40.43
N ARG AA 272 -38.96 11.64 -41.04
CA ARG AA 272 -40.12 10.81 -41.36
C ARG AA 272 -41.03 11.43 -42.42
N GLN AA 273 -40.53 12.37 -43.21
CA GLN AA 273 -41.34 12.93 -44.28
C GLN AA 273 -40.83 12.42 -45.63
N PRO AA 274 -41.73 12.08 -46.55
CA PRO AA 274 -41.29 11.60 -47.86
C PRO AA 274 -40.39 12.59 -48.57
N LEU AA 275 -39.79 12.12 -49.66
CA LEU AA 275 -38.78 12.91 -50.36
C LEU AA 275 -39.40 14.14 -51.00
N ARG AA 276 -40.62 14.02 -51.51
CA ARG AA 276 -41.33 15.14 -52.09
C ARG AA 276 -41.43 16.33 -51.15
N TYR AA 277 -41.10 16.15 -49.87
CA TYR AA 277 -41.01 17.28 -48.95
C TYR AA 277 -40.15 18.39 -49.53
N LEU AA 278 -38.97 18.04 -50.05
CA LEU AA 278 -38.07 19.08 -50.55
C LEU AA 278 -38.67 19.84 -51.72
N ASP AA 279 -39.69 19.29 -52.38
CA ASP AA 279 -40.34 20.00 -53.46
C ASP AA 279 -41.37 21.00 -52.98
N ARG AA 280 -41.98 20.78 -51.81
CA ARG AA 280 -43.00 21.71 -51.35
C ARG AA 280 -42.44 23.10 -51.11
N TYR AA 281 -41.15 23.21 -50.84
CA TYR AA 281 -40.49 24.49 -50.56
C TYR AA 281 -39.58 24.91 -51.69
N ARG AA 282 -39.62 24.24 -52.84
CA ARG AA 282 -38.84 24.64 -53.99
C ARG AA 282 -39.65 25.66 -54.80
N ASP AA 283 -39.01 26.77 -55.18
CA ASP AA 283 -39.72 27.81 -55.90
C ASP AA 283 -39.86 27.45 -57.38
N SER AA 284 -38.75 27.28 -58.08
CA SER AA 284 -38.76 26.97 -59.50
C SER AA 284 -39.02 25.48 -59.70
N HIS AA 285 -38.84 25.01 -60.93
CA HIS AA 285 -38.87 23.58 -61.20
C HIS AA 285 -37.84 23.14 -62.23
N GLU AA 286 -37.06 24.05 -62.79
CA GLU AA 286 -36.06 23.67 -63.76
C GLU AA 286 -34.72 23.45 -63.08
N PRO AA 287 -33.85 22.60 -63.64
CA PRO AA 287 -32.60 22.32 -62.94
C PRO AA 287 -31.68 23.53 -62.92
N THR AA 288 -31.14 23.80 -61.74
CA THR AA 288 -30.13 24.82 -61.54
C THR AA 288 -28.77 24.15 -61.46
N TYR AA 289 -27.72 24.90 -61.79
CA TYR AA 289 -26.37 24.35 -61.79
C TYR AA 289 -25.36 25.23 -61.07
N GLY AA 290 -25.81 26.15 -60.24
CA GLY AA 290 -24.92 26.87 -59.35
C GLY AA 290 -23.72 27.46 -60.05
N ILE AA 291 -22.65 27.68 -59.28
CA ILE AA 291 -21.48 28.39 -59.77
C ILE AA 291 -20.82 27.73 -60.97
N TYR AA 292 -21.17 26.50 -61.29
CA TYR AA 292 -20.52 25.79 -62.38
C TYR AA 292 -20.99 26.34 -63.72
N SER BA 1 33.22 52.37 68.76
CA SER BA 1 33.05 52.30 67.30
C SER BA 1 33.86 51.15 66.72
N PRO BA 2 33.48 49.91 67.05
CA PRO BA 2 34.18 48.77 66.49
C PRO BA 2 34.04 48.61 64.99
N THR BA 3 32.93 49.07 64.41
CA THR BA 3 32.68 48.83 63.00
C THR BA 3 33.69 49.54 62.10
N GLU BA 4 34.45 50.49 62.65
CA GLU BA 4 35.56 51.09 61.91
C GLU BA 4 36.90 50.50 62.32
N LEU BA 5 36.99 49.88 63.49
CA LEU BA 5 38.23 49.21 63.88
C LEU BA 5 38.55 48.06 62.93
N THR BA 6 37.53 47.32 62.50
CA THR BA 6 37.76 46.24 61.55
C THR BA 6 38.35 46.78 60.25
N GLU BA 7 37.81 47.89 59.75
CA GLU BA 7 38.36 48.50 58.55
C GLU BA 7 39.78 48.98 58.78
N MET BA 8 40.05 49.57 59.95
CA MET BA 8 41.38 50.06 60.25
C MET BA 8 42.39 48.92 60.31
N ARG BA 9 41.94 47.71 60.64
CA ARG BA 9 42.82 46.54 60.56
C ARG BA 9 42.97 46.04 59.12
N ASN BA 10 41.85 45.85 58.43
CA ASN BA 10 41.89 45.20 57.12
C ASN BA 10 42.61 46.06 56.09
N ASP BA 11 42.49 47.39 56.16
CA ASP BA 11 43.14 48.22 55.17
C ASP BA 11 44.65 48.04 55.22
N LEU BA 12 45.23 48.08 56.42
CA LEU BA 12 46.67 47.88 56.53
C LEU BA 12 47.07 46.43 56.28
N PHE BA 13 46.19 45.49 56.61
CA PHE BA 13 46.48 44.10 56.26
C PHE BA 13 46.61 43.94 54.75
N ASN BA 14 45.63 44.42 54.00
CA ASN BA 14 45.70 44.38 52.54
C ASN BA 14 46.88 45.17 52.03
N LYS BA 15 47.20 46.28 52.67
CA LYS BA 15 48.36 47.07 52.26
C LYS BA 15 49.63 46.24 52.32
N GLU BA 16 49.87 45.58 53.46
CA GLU BA 16 51.07 44.76 53.57
C GLU BA 16 51.01 43.59 52.61
N LYS BA 17 49.83 42.98 52.44
CA LYS BA 17 49.71 41.86 51.51
C LYS BA 17 50.11 42.28 50.11
N ALA BA 18 49.59 43.41 49.66
CA ALA BA 18 49.91 43.90 48.33
C ALA BA 18 51.39 44.22 48.20
N ARG BA 19 51.96 44.90 49.20
CA ARG BA 19 53.35 45.30 49.09
C ARG BA 19 54.27 44.08 49.09
N GLN BA 20 53.86 43.01 49.78
CA GLN BA 20 54.64 41.78 49.73
C GLN BA 20 54.48 41.09 48.38
N LEU BA 21 53.25 41.00 47.88
CA LEU BA 21 53.01 40.31 46.61
C LEU BA 21 53.72 41.02 45.47
N SER BA 22 53.89 42.34 45.57
CA SER BA 22 54.55 43.12 44.53
C SER BA 22 56.06 42.97 44.54
N LEU BA 23 56.63 42.27 45.52
CA LEU BA 23 58.08 42.11 45.57
C LEU BA 23 58.58 41.02 44.63
N THR BA 24 57.70 40.18 44.11
CA THR BA 24 58.14 39.08 43.26
C THR BA 24 58.69 39.63 41.94
N PRO BA 25 59.95 39.33 41.59
CA PRO BA 25 60.54 39.88 40.34
C PRO BA 25 60.29 39.07 39.08
N ARG BA 26 59.11 39.28 38.48
CA ARG BA 26 58.76 38.69 37.19
C ARG BA 26 58.80 37.16 37.22
N THR BA 27 57.93 36.61 38.06
CA THR BA 27 57.54 35.19 38.06
C THR BA 27 58.75 34.26 37.92
N GLU BA 28 59.52 34.16 39.00
CA GLU BA 28 60.57 33.17 39.06
C GLU BA 28 59.98 31.77 39.29
N LYS BA 29 60.77 30.76 38.94
CA LYS BA 29 60.33 29.37 38.95
C LYS BA 29 61.02 28.59 40.06
N ILE BA 30 60.28 27.69 40.69
CA ILE BA 30 60.80 26.80 41.71
C ILE BA 30 60.34 25.38 41.39
N GLU BA 31 61.07 24.40 41.90
CA GLU BA 31 60.77 22.99 41.68
C GLU BA 31 60.39 22.36 43.00
N VAL BA 32 59.23 21.72 43.03
CA VAL BA 32 58.71 21.04 44.21
C VAL BA 32 58.66 19.55 43.92
N LYS BA 33 59.53 18.79 44.57
CA LYS BA 33 59.50 17.34 44.49
C LYS BA 33 58.41 16.81 45.41
N HIS BA 34 57.71 15.78 44.96
CA HIS BA 34 56.61 15.19 45.70
C HIS BA 34 57.04 13.85 46.25
N VAL BA 35 56.83 13.64 47.56
CA VAL BA 35 57.16 12.40 48.23
C VAL BA 35 55.92 11.88 48.94
N GLY BA 36 55.89 10.58 49.15
CA GLY BA 36 54.72 9.89 49.64
C GLY BA 36 54.39 8.68 48.78
N LYS BA 37 53.71 7.73 49.39
CA LYS BA 37 53.46 6.46 48.72
C LYS BA 37 52.52 6.60 47.53
N THR BA 38 51.71 7.65 47.48
CA THR BA 38 50.74 7.85 46.41
C THR BA 38 51.35 8.75 45.34
N ASP BA 39 51.35 8.27 44.10
CA ASP BA 39 51.85 9.03 42.96
C ASP BA 39 53.23 9.62 43.22
N PRO BA 40 54.21 8.80 43.60
CA PRO BA 40 55.49 9.35 44.05
C PRO BA 40 56.39 9.75 42.89
N GLY BA 41 57.33 10.63 43.19
CA GLY BA 41 58.39 10.96 42.26
C GLY BA 41 58.02 11.95 41.17
N THR BA 42 57.06 12.82 41.42
CA THR BA 42 56.69 13.87 40.48
C THR BA 42 57.41 15.16 40.85
N VAL BA 43 57.57 16.03 39.87
CA VAL BA 43 58.30 17.29 40.03
C VAL BA 43 57.38 18.40 39.53
N PHE BA 44 56.70 19.07 40.44
CA PHE BA 44 55.95 20.27 40.08
C PHE BA 44 56.92 21.41 39.79
N VAL BA 45 56.57 22.26 38.83
CA VAL BA 45 57.31 23.47 38.52
C VAL BA 45 56.36 24.62 38.79
N MET BA 46 56.57 25.35 39.88
CA MET BA 46 55.64 26.34 40.37
C MET BA 46 56.27 27.74 40.32
N ASN BA 47 55.47 28.73 40.67
CA ASN BA 47 55.88 30.13 40.69
C ASN BA 47 56.33 30.53 42.09
N LYS BA 48 57.48 31.21 42.14
CA LYS BA 48 58.26 31.29 43.37
C LYS BA 48 57.42 31.74 44.56
N ASN BA 49 56.57 32.74 44.37
CA ASN BA 49 55.83 33.30 45.50
C ASN BA 49 54.39 33.57 45.11
N ILE BA 50 53.82 32.71 44.27
CA ILE BA 50 52.40 32.81 43.93
C ILE BA 50 51.73 31.46 44.18
N SER BA 51 52.31 30.41 43.61
CA SER BA 51 51.70 29.09 43.71
C SER BA 51 51.72 28.59 45.14
N THR BA 52 50.60 28.02 45.56
CA THR BA 52 50.46 27.42 46.88
C THR BA 52 50.49 25.91 46.76
N PRO BA 53 50.50 25.21 47.89
CA PRO BA 53 50.33 23.75 47.81
C PRO BA 53 49.05 23.35 47.12
N TYR BA 54 47.98 24.12 47.23
CA TYR BA 54 46.79 23.82 46.43
C TYR BA 54 47.14 23.83 44.95
N SER BA 55 47.92 24.82 44.50
CA SER BA 55 48.34 24.84 43.11
C SER BA 55 49.08 23.58 42.74
N CYS BA 56 49.71 22.91 43.70
CA CYS BA 56 50.29 21.62 43.43
C CYS BA 56 49.25 20.51 43.54
N ALA BA 57 48.40 20.56 44.57
CA ALA BA 57 47.43 19.50 44.75
C ALA BA 57 46.53 19.37 43.54
N MET BA 58 46.05 20.50 43.01
CA MET BA 58 45.16 20.44 41.86
C MET BA 58 45.85 19.82 40.65
N HIS BA 59 47.17 19.90 40.58
CA HIS BA 59 47.86 19.26 39.46
C HIS BA 59 47.63 17.76 39.47
N LEU BA 60 47.52 17.18 40.67
CA LEU BA 60 47.44 15.72 40.76
C LEU BA 60 46.03 15.23 40.50
N SER BA 61 45.07 15.67 41.31
CA SER BA 61 43.72 15.18 41.15
C SER BA 61 42.80 15.94 42.09
N GLU BA 62 41.52 15.97 41.73
CA GLU BA 62 40.52 16.56 42.61
C GLU BA 62 40.49 15.84 43.94
N TRP BA 63 40.85 14.56 43.97
CA TRP BA 63 40.84 13.82 45.22
C TRP BA 63 41.82 14.41 46.22
N TYR BA 64 43.02 14.75 45.76
CA TYR BA 64 44.00 15.34 46.66
C TYR BA 64 43.50 16.67 47.22
N CYS BA 65 42.89 17.50 46.40
CA CYS BA 65 42.37 18.77 46.90
C CYS BA 65 41.25 18.54 47.89
N ARG BA 66 40.31 17.65 47.59
CA ARG BA 66 39.17 17.45 48.48
C ARG BA 66 39.61 16.89 49.83
N LYS BA 67 40.55 15.93 49.81
CA LYS BA 67 40.95 15.27 51.03
C LYS BA 67 42.07 15.98 51.77
N SER BA 68 42.93 16.71 51.07
CA SER BA 68 44.08 17.33 51.72
C SER BA 68 43.62 18.41 52.70
N ILE BA 69 44.28 18.46 53.85
CA ILE BA 69 43.97 19.45 54.88
C ILE BA 69 45.19 20.18 55.37
N LEU BA 70 46.41 19.71 55.11
CA LEU BA 70 47.59 20.48 55.44
C LEU BA 70 48.75 19.94 54.62
N ALA BA 71 49.82 20.71 54.56
CA ALA BA 71 50.94 20.38 53.70
C ALA BA 71 52.24 20.42 54.49
N LEU BA 72 53.03 19.36 54.38
CA LEU BA 72 54.39 19.32 54.91
C LEU BA 72 55.33 19.72 53.80
N VAL BA 73 56.14 20.74 54.03
CA VAL BA 73 57.25 21.07 53.16
C VAL BA 73 58.49 21.21 54.03
N ASP BA 74 59.53 20.47 53.70
CA ASP BA 74 60.68 20.32 54.58
C ASP BA 74 60.24 19.73 55.92
N GLY BA 75 59.24 18.86 55.87
CA GLY BA 75 58.80 18.14 57.04
C GLY BA 75 58.27 18.99 58.16
N GLN BA 76 57.61 20.10 57.85
CA GLN BA 76 56.92 20.87 58.86
C GLN BA 76 55.56 21.31 58.31
N PRO BA 77 54.54 21.40 59.15
CA PRO BA 77 53.21 21.76 58.65
C PRO BA 77 53.23 23.12 57.97
N TRP BA 78 52.42 23.22 56.91
CA TRP BA 78 52.42 24.42 56.07
C TRP BA 78 51.01 24.55 55.49
N ASP BA 79 50.32 25.63 55.83
CA ASP BA 79 48.94 25.81 55.41
C ASP BA 79 48.81 25.68 53.91
N MET BA 80 47.62 25.27 53.46
CA MET BA 80 47.43 24.99 52.04
C MET BA 80 47.43 26.27 51.21
N TYR BA 81 46.88 27.36 51.73
CA TYR BA 81 46.82 28.61 50.99
C TYR BA 81 48.08 29.44 51.12
N LYS BA 82 49.01 29.05 51.96
CA LYS BA 82 50.21 29.85 52.16
C LYS BA 82 51.15 29.67 50.97
N PRO BA 83 51.58 30.73 50.30
CA PRO BA 83 52.47 30.57 49.15
C PRO BA 83 53.78 29.89 49.51
N LEU BA 84 54.30 29.12 48.57
CA LEU BA 84 55.63 28.57 48.70
C LEU BA 84 56.68 29.66 48.50
N THR BA 85 57.93 29.33 48.81
CA THR BA 85 59.00 30.32 48.79
C THR BA 85 60.29 29.83 48.15
N LYS BA 86 60.54 28.53 48.05
CA LYS BA 86 61.80 28.07 47.50
C LYS BA 86 61.64 26.62 47.03
N SER BA 87 62.60 26.19 46.19
CA SER BA 87 62.61 24.82 45.72
C SER BA 87 62.61 23.88 46.90
N CYS BA 88 61.54 23.10 47.04
CA CYS BA 88 61.29 22.39 48.29
C CYS BA 88 60.88 20.97 47.98
N GLU BA 89 60.43 20.27 49.00
CA GLU BA 89 59.86 18.93 48.93
C GLU BA 89 58.52 19.02 49.64
N ILE BA 90 57.52 18.29 49.15
CA ILE BA 90 56.15 18.47 49.62
C ILE BA 90 55.51 17.13 49.90
N LYS BA 91 54.54 17.12 50.80
CA LYS BA 91 53.69 15.98 51.06
C LYS BA 91 52.38 16.49 51.65
N PHE BA 92 51.32 15.73 51.47
CA PHE BA 92 49.98 16.18 51.83
C PHE BA 92 49.42 15.34 52.98
N LEU BA 93 48.99 16.02 54.04
CA LEU BA 93 48.46 15.38 55.23
C LEU BA 93 46.96 15.57 55.29
N THR BA 94 46.26 14.47 55.53
CA THR BA 94 44.81 14.37 55.56
C THR BA 94 44.35 14.06 56.98
N PHE BA 95 43.05 13.80 57.12
CA PHE BA 95 42.50 13.42 58.41
C PHE BA 95 42.65 11.93 58.69
N LYS BA 96 42.92 11.12 57.67
CA LYS BA 96 42.87 9.67 57.82
C LYS BA 96 44.22 9.00 57.65
N ASP BA 97 45.30 9.77 57.63
CA ASP BA 97 46.61 9.17 57.68
C ASP BA 97 46.76 8.38 58.98
N CYS BA 98 47.85 7.63 59.09
CA CYS BA 98 48.09 6.89 60.32
C CYS BA 98 48.36 7.83 61.48
N ASP BA 99 49.03 8.96 61.24
CA ASP BA 99 49.42 9.89 62.30
C ASP BA 99 48.87 11.28 61.97
N PRO BA 100 47.59 11.49 62.17
CA PRO BA 100 47.00 12.81 61.94
C PRO BA 100 47.20 13.76 63.11
N GLY BA 101 48.43 13.80 63.62
CA GLY BA 101 48.72 14.70 64.72
C GLY BA 101 48.66 16.14 64.28
N GLU BA 102 49.60 16.54 63.42
CA GLU BA 102 49.67 17.93 62.98
C GLU BA 102 48.35 18.39 62.41
N VAL BA 103 47.67 17.53 61.66
CA VAL BA 103 46.40 17.91 61.07
C VAL BA 103 45.34 18.14 62.15
N ASN BA 104 45.32 17.29 63.17
CA ASN BA 104 44.36 17.51 64.25
C ASN BA 104 44.64 18.82 64.97
N LYS BA 105 45.91 19.10 65.25
CA LYS BA 105 46.25 20.35 65.91
C LYS BA 105 45.81 21.54 65.08
N ALA BA 106 46.10 21.50 63.78
CA ALA BA 106 45.72 22.61 62.91
C ALA BA 106 44.21 22.77 62.88
N TYR BA 107 43.48 21.66 62.79
CA TYR BA 107 42.03 21.74 62.77
C TYR BA 107 41.50 22.40 64.03
N TRP BA 108 42.05 22.03 65.18
CA TRP BA 108 41.48 22.57 66.41
C TRP BA 108 41.86 24.03 66.62
N ARG BA 109 43.07 24.44 66.26
CA ARG BA 109 43.35 25.87 66.38
C ARG BA 109 42.53 26.67 65.37
N SER BA 110 42.24 26.11 64.20
CA SER BA 110 41.34 26.79 63.27
C SER BA 110 39.94 26.93 63.85
N CYS BA 111 39.44 25.88 64.51
CA CYS BA 111 38.14 25.98 65.16
C CYS BA 111 38.17 27.04 66.25
N ALA BA 112 39.29 27.16 66.96
CA ALA BA 112 39.41 28.22 67.96
C ALA BA 112 39.30 29.59 67.31
N MET BA 113 40.00 29.79 66.19
CA MET BA 113 39.91 31.08 65.50
C MET BA 113 38.49 31.36 65.04
N MET BA 114 37.79 30.33 64.55
CA MET BA 114 36.41 30.54 64.14
C MET BA 114 35.54 30.94 65.31
N MET BA 115 35.73 30.29 66.46
CA MET BA 115 34.94 30.68 67.62
C MET BA 115 35.27 32.10 68.04
N GLY BA 116 36.50 32.52 67.84
CA GLY BA 116 36.84 33.92 68.08
C GLY BA 116 36.05 34.85 67.18
N CYS BA 117 36.06 34.60 65.88
CA CYS BA 117 35.34 35.47 64.95
C CYS BA 117 33.83 35.40 65.16
N VAL BA 118 33.36 34.40 65.91
CA VAL BA 118 31.93 34.34 66.21
C VAL BA 118 31.61 35.10 67.49
N ILE BA 119 32.41 34.90 68.54
CA ILE BA 119 32.08 35.50 69.82
C ILE BA 119 32.24 37.02 69.78
N GLU BA 120 33.27 37.50 69.10
CA GLU BA 120 33.59 38.93 69.13
C GLU BA 120 32.40 39.78 68.71
N ARG BA 121 31.73 39.40 67.63
CA ARG BA 121 30.57 40.12 67.14
C ARG BA 121 29.27 39.65 67.76
N ALA BA 122 29.32 38.75 68.74
CA ALA BA 122 28.11 38.17 69.29
C ALA BA 122 27.32 39.15 70.15
N PHE BA 123 27.99 40.11 70.79
CA PHE BA 123 27.37 40.93 71.82
C PHE BA 123 26.88 42.26 71.26
N LYS BA 124 26.15 42.98 72.11
CA LYS BA 124 25.66 44.31 71.76
C LYS BA 124 26.80 45.32 71.79
N ASP BA 125 26.76 46.25 70.84
CA ASP BA 125 27.89 47.15 70.65
C ASP BA 125 28.22 47.95 71.91
N GLU BA 126 27.24 48.18 72.77
CA GLU BA 126 27.46 48.96 73.99
C GLU BA 126 28.40 48.25 74.97
N TYR BA 127 28.66 46.96 74.79
CA TYR BA 127 29.64 46.23 75.57
C TYR BA 127 30.99 46.27 74.85
N MET BA 128 32.03 45.82 75.55
CA MET BA 128 33.38 45.82 75.01
C MET BA 128 34.00 44.46 75.25
N VAL BA 129 34.12 43.67 74.18
CA VAL BA 129 34.69 42.32 74.25
C VAL BA 129 36.11 42.39 73.71
N ASN BA 130 37.03 41.67 74.36
CA ASN BA 130 38.44 41.70 74.01
C ASN BA 130 39.00 40.28 74.06
N LEU BA 131 39.43 39.76 72.92
CA LEU BA 131 39.91 38.40 72.82
C LEU BA 131 41.28 38.28 73.48
N VAL BA 132 41.44 37.31 74.37
CA VAL BA 132 42.70 37.14 75.06
C VAL BA 132 43.62 36.21 74.27
N ARG BA 133 43.20 34.97 74.08
CA ARG BA 133 44.09 34.01 73.46
C ARG BA 133 43.32 32.74 73.09
N ALA BA 134 43.98 31.89 72.30
CA ALA BA 134 43.49 30.56 71.97
C ALA BA 134 44.40 29.54 72.64
N PRO BA 135 44.17 29.20 73.91
CA PRO BA 135 45.11 28.32 74.59
C PRO BA 135 45.19 26.97 73.91
N GLU BA 136 46.38 26.63 73.44
CA GLU BA 136 46.59 25.35 72.77
C GLU BA 136 46.33 24.23 73.75
N VAL BA 137 45.38 23.36 73.42
CA VAL BA 137 45.06 22.19 74.25
C VAL BA 137 45.16 20.96 73.34
N PRO BA 138 45.49 19.80 73.88
CA PRO BA 138 45.57 18.61 73.03
C PRO BA 138 44.19 18.12 72.63
N VAL BA 139 44.12 17.51 71.45
CA VAL BA 139 42.85 17.01 70.96
C VAL BA 139 42.24 16.03 71.94
N ILE BA 140 43.08 15.26 72.64
CA ILE BA 140 42.60 14.27 73.59
C ILE BA 140 41.79 14.92 74.71
N SER BA 141 41.99 16.22 74.95
CA SER BA 141 41.40 16.85 76.12
C SER BA 141 39.89 16.71 76.13
N GLY BA 142 39.24 17.02 75.01
CA GLY BA 142 37.81 16.89 74.88
C GLY BA 142 37.12 18.11 74.30
N ALA BA 143 37.79 19.25 74.25
CA ALA BA 143 37.23 20.42 73.62
C ALA BA 143 38.32 21.48 73.47
N PHE BA 144 38.11 22.39 72.53
CA PHE BA 144 39.00 23.51 72.31
C PHE BA 144 38.48 24.72 73.07
N CYS BA 145 39.41 25.46 73.68
CA CYS BA 145 39.08 26.57 74.56
C CYS BA 145 39.57 27.88 73.93
N TYR BA 146 38.82 28.95 74.18
CA TYR BA 146 39.22 30.30 73.78
C TYR BA 146 39.00 31.25 74.94
N ASP BA 147 40.08 31.91 75.37
CA ASP BA 147 40.03 32.81 76.52
C ASP BA 147 39.75 34.22 76.04
N VAL BA 148 38.72 34.84 76.59
CA VAL BA 148 38.29 36.19 76.27
C VAL BA 148 38.06 36.89 77.60
N VAL BA 149 37.99 38.22 77.56
CA VAL BA 149 37.65 39.01 78.74
C VAL BA 149 36.46 39.90 78.40
N LEU BA 150 35.35 39.68 79.09
CA LEU BA 150 34.18 40.53 78.94
C LEU BA 150 34.34 41.78 79.80
N ASP BA 151 33.52 42.78 79.51
CA ASP BA 151 33.54 43.99 80.31
C ASP BA 151 33.03 43.70 81.72
N SER BA 152 33.53 44.50 82.68
CA SER BA 152 33.27 44.23 84.08
C SER BA 152 31.80 44.28 84.45
N LYS BA 153 30.96 44.90 83.62
CA LYS BA 153 29.54 45.04 83.92
C LYS BA 153 28.79 43.71 83.92
N LEU BA 154 29.40 42.64 83.42
CA LEU BA 154 28.72 41.38 83.19
C LEU BA 154 29.07 40.32 84.21
N ASP BA 155 29.68 40.70 85.34
CA ASP BA 155 30.06 39.73 86.36
C ASP BA 155 28.88 38.89 86.82
N GLU BA 156 27.67 39.46 86.79
CA GLU BA 156 26.46 38.77 87.20
C GLU BA 156 25.77 38.06 86.05
N TRP BA 157 26.53 37.65 85.02
CA TRP BA 157 25.92 37.05 83.83
C TRP BA 157 26.74 35.81 83.45
N MET BA 158 26.28 34.65 83.90
CA MET BA 158 26.76 33.38 83.37
C MET BA 158 25.85 32.98 82.21
N PRO BA 159 26.36 32.77 81.00
CA PRO BA 159 25.48 32.62 79.84
C PRO BA 159 24.49 31.48 80.02
N THR BA 160 23.26 31.71 79.54
CA THR BA 160 22.24 30.68 79.57
C THR BA 160 22.30 29.84 78.31
N LYS BA 161 21.69 28.65 78.38
CA LYS BA 161 21.81 27.69 77.29
C LYS BA 161 21.32 28.29 75.97
N GLU BA 162 20.29 29.13 76.02
CA GLU BA 162 19.77 29.71 74.80
C GLU BA 162 20.81 30.61 74.13
N ASN BA 163 21.58 31.36 74.92
CA ASN BA 163 22.61 32.20 74.32
C ASN BA 163 23.72 31.35 73.72
N LEU BA 164 24.06 30.22 74.36
CA LEU BA 164 25.00 29.30 73.74
C LEU BA 164 24.44 28.77 72.42
N ARG BA 165 23.14 28.49 72.38
CA ARG BA 165 22.51 28.08 71.13
C ARG BA 165 22.67 29.16 70.07
N SER BA 166 22.52 30.42 70.46
CA SER BA 166 22.73 31.52 69.51
C SER BA 166 24.17 31.56 69.02
N PHE BA 167 25.13 31.37 69.92
CA PHE BA 167 26.52 31.28 69.52
C PHE BA 167 26.71 30.20 68.47
N THR BA 168 26.15 29.01 68.73
CA THR BA 168 26.32 27.91 67.80
C THR BA 168 25.70 28.23 66.46
N LYS BA 169 24.52 28.83 66.46
CA LYS BA 169 23.89 29.18 65.19
C LYS BA 169 24.75 30.16 64.41
N ASP BA 170 25.35 31.14 65.10
CA ASP BA 170 26.20 32.09 64.40
C ASP BA 170 27.45 31.41 63.84
N ALA BA 171 28.05 30.50 64.61
CA ALA BA 171 29.20 29.78 64.09
C ALA BA 171 28.82 28.94 62.88
N HIS BA 172 27.63 28.35 62.91
CA HIS BA 172 27.17 27.59 61.75
C HIS BA 172 26.95 28.51 60.56
N ALA BA 173 26.48 29.73 60.80
CA ALA BA 173 26.42 30.70 59.71
C ALA BA 173 27.81 30.94 59.14
N LEU BA 174 28.81 31.05 60.01
CA LEU BA 174 30.16 31.30 59.53
C LEU BA 174 30.65 30.15 58.66
N ILE BA 175 30.44 28.91 59.09
CA ILE BA 175 30.91 27.79 58.28
C ILE BA 175 30.12 27.72 56.98
N TYR BA 176 28.80 27.93 57.05
CA TYR BA 176 27.95 27.96 55.87
C TYR BA 176 28.40 29.02 54.88
N LYS BA 177 29.07 30.07 55.34
CA LYS BA 177 29.52 31.12 54.45
C LYS BA 177 30.74 30.70 53.63
N ASP BA 178 31.52 29.75 54.13
CA ASP BA 178 32.58 29.11 53.35
C ASP BA 178 33.68 30.11 52.95
N LEU BA 179 34.24 30.78 53.95
CA LEU BA 179 35.35 31.68 53.70
C LEU BA 179 36.69 30.98 53.94
N PRO BA 180 37.74 31.37 53.25
CA PRO BA 180 39.06 30.75 53.45
C PRO BA 180 39.83 31.42 54.59
N PHE BA 181 40.90 30.75 55.00
CA PHE BA 181 41.79 31.22 56.07
C PHE BA 181 43.06 31.75 55.42
N GLU BA 182 43.03 33.00 54.97
CA GLU BA 182 44.23 33.56 54.37
C GLU BA 182 45.30 33.73 55.44
N THR BA 183 46.56 33.66 54.99
CA THR BA 183 47.69 33.81 55.88
C THR BA 183 48.57 34.94 55.38
N LEU BA 184 49.46 35.40 56.26
CA LEU BA 184 50.33 36.52 55.92
C LEU BA 184 51.52 36.52 56.87
N GLU BA 185 52.72 36.46 56.29
CA GLU BA 185 53.93 36.60 57.08
C GLU BA 185 54.31 38.08 57.14
N VAL BA 186 54.48 38.61 58.35
CA VAL BA 186 54.70 40.05 58.51
C VAL BA 186 55.79 40.28 59.54
N GLU BA 187 56.59 41.31 59.31
CA GLU BA 187 57.54 41.75 60.33
C GLU BA 187 56.79 42.17 61.59
N ALA BA 188 57.36 41.86 62.73
CA ALA BA 188 56.67 42.00 64.01
C ALA BA 188 56.27 43.43 64.33
N LYS BA 189 56.73 44.42 63.55
CA LYS BA 189 56.50 45.81 63.91
C LYS BA 189 55.05 46.25 63.74
N VAL BA 190 54.24 45.51 62.99
CA VAL BA 190 52.83 45.90 62.84
C VAL BA 190 52.13 45.90 64.19
N ALA BA 191 52.47 44.95 65.05
CA ALA BA 191 51.87 44.89 66.37
C ALA BA 191 52.41 45.93 67.33
N LEU BA 192 53.55 46.55 67.00
CA LEU BA 192 54.16 47.54 67.87
C LEU BA 192 54.09 48.97 67.35
N GLU BA 193 53.66 49.17 66.10
CA GLU BA 193 53.59 50.49 65.52
C GLU BA 193 52.19 50.93 65.13
N ILE BA 194 51.23 50.02 65.02
CA ILE BA 194 49.86 50.37 64.65
C ILE BA 194 48.87 49.83 65.67
N PHE BA 195 48.94 48.52 65.95
CA PHE BA 195 47.85 47.87 66.68
C PHE BA 195 47.85 48.32 68.13
N GLN BA 196 47.41 49.54 68.39
CA GLN BA 196 47.27 50.04 69.75
C GLN BA 196 46.09 49.40 70.47
N HIS BA 197 45.07 48.98 69.73
CA HIS BA 197 43.90 48.39 70.34
C HIS BA 197 44.18 47.00 70.91
N SER BA 198 45.36 46.45 70.64
CA SER BA 198 45.81 45.23 71.31
C SER BA 198 46.04 45.55 72.77
N LYS BA 199 45.08 45.18 73.61
CA LYS BA 199 45.16 45.45 75.04
C LYS BA 199 45.53 44.20 75.84
N TYR BA 200 44.98 43.05 75.48
CA TYR BA 200 45.36 41.78 76.08
C TYR BA 200 46.17 40.89 75.15
N LYS BA 201 45.96 40.98 73.84
CA LYS BA 201 46.87 40.30 72.91
C LYS BA 201 48.18 41.04 72.79
N VAL BA 202 48.31 42.21 73.41
CA VAL BA 202 49.58 42.90 73.51
C VAL BA 202 50.64 42.01 74.13
N ASP BA 203 50.24 41.05 74.96
CA ASP BA 203 51.19 40.07 75.48
C ASP BA 203 51.58 39.05 74.44
N PHE BA 204 50.61 38.54 73.67
CA PHE BA 204 50.90 37.50 72.70
C PHE BA 204 51.85 38.00 71.62
N ILE BA 205 51.73 39.26 71.23
CA ILE BA 205 52.47 39.76 70.07
C ILE BA 205 53.97 39.65 70.25
N GLU BA 206 54.49 39.77 71.47
CA GLU BA 206 55.90 39.46 71.67
C GLU BA 206 56.13 37.96 71.70
N GLU BA 207 55.15 37.20 72.21
CA GLU BA 207 55.23 35.76 72.13
C GLU BA 207 55.28 35.26 70.68
N LYS BA 208 54.87 36.10 69.73
CA LYS BA 208 54.95 35.71 68.32
C LYS BA 208 56.36 35.31 67.95
N ALA BA 209 57.30 36.26 68.02
CA ALA BA 209 58.63 36.07 67.47
C ALA BA 209 59.75 36.49 68.39
N SER BA 210 59.46 37.06 69.56
CA SER BA 210 60.53 37.35 70.50
C SER BA 210 61.31 36.09 70.85
N GLN BA 211 60.65 34.93 70.86
CA GLN BA 211 61.33 33.68 71.16
C GLN BA 211 62.18 33.18 69.99
N ASN BA 212 61.68 33.30 68.74
CA ASN BA 212 62.40 32.70 67.63
C ASN BA 212 63.48 33.65 67.13
N PRO BA 213 64.58 33.13 66.57
CA PRO BA 213 65.68 34.01 66.14
C PRO BA 213 65.27 35.06 65.13
N GLU BA 214 64.37 34.71 64.21
CA GLU BA 214 63.91 35.69 63.25
C GLU BA 214 62.89 36.62 63.90
N ARG BA 215 62.63 37.74 63.23
CA ARG BA 215 61.74 38.78 63.73
C ARG BA 215 60.48 38.88 62.86
N ILE BA 216 59.93 37.74 62.47
CA ILE BA 216 58.74 37.67 61.62
C ILE BA 216 57.68 36.85 62.33
N VAL BA 217 56.41 37.16 62.03
CA VAL BA 217 55.28 36.56 62.71
C VAL BA 217 54.21 36.20 61.69
N LYS BA 218 53.24 35.42 62.14
CA LYS BA 218 52.18 34.87 61.30
C LYS BA 218 50.87 35.56 61.64
N LEU BA 219 50.11 35.93 60.62
CA LEU BA 219 48.77 36.48 60.76
C LEU BA 219 47.79 35.65 59.96
N HIS BA 220 46.64 35.37 60.56
CA HIS BA 220 45.58 34.60 59.91
C HIS BA 220 44.31 35.43 59.85
N ARG BA 221 43.63 35.35 58.71
CA ARG BA 221 42.49 36.20 58.41
C ARG BA 221 41.36 35.34 57.87
N ILE BA 222 40.22 35.38 58.53
CA ILE BA 222 39.04 34.66 58.06
C ILE BA 222 38.36 35.50 57.00
N GLY BA 223 38.46 36.82 57.13
CA GLY BA 223 37.72 37.75 56.29
C GLY BA 223 37.00 38.73 57.18
N ASP BA 224 37.29 40.02 56.99
CA ASP BA 224 36.91 41.07 57.93
C ASP BA 224 37.05 40.57 59.37
N PHE BA 225 38.19 39.94 59.64
CA PHE BA 225 38.59 39.50 60.97
C PHE BA 225 40.06 39.13 60.88
N ILE BA 226 40.80 39.45 61.94
CA ILE BA 226 42.23 39.12 61.99
C ILE BA 226 42.54 38.60 63.38
N ASP BA 227 43.53 37.72 63.46
CA ASP BA 227 44.01 37.19 64.73
C ASP BA 227 45.23 36.35 64.44
N VAL BA 228 46.08 36.22 65.44
CA VAL BA 228 47.29 35.40 65.34
C VAL BA 228 46.99 34.04 65.92
N SER BA 229 47.71 33.04 65.43
CA SER BA 229 47.75 31.72 66.02
C SER BA 229 49.17 31.19 65.92
N GLU BA 230 49.40 30.04 66.52
CA GLU BA 230 50.75 29.51 66.64
C GLU BA 230 51.10 28.49 65.56
N GLY BA 231 50.18 28.20 64.64
CA GLY BA 231 50.47 27.24 63.60
C GLY BA 231 49.54 27.39 62.41
N PRO BA 232 49.73 26.57 61.40
CA PRO BA 232 48.88 26.64 60.21
C PRO BA 232 47.44 26.27 60.53
N LEU BA 233 46.54 26.75 59.69
CA LEU BA 233 45.12 26.47 59.80
C LEU BA 233 44.62 25.74 58.56
N ILE BA 234 43.47 25.10 58.70
CA ILE BA 234 42.84 24.36 57.62
C ILE BA 234 42.37 25.34 56.55
N PRO BA 235 42.22 24.91 55.30
CA PRO BA 235 42.10 25.90 54.22
C PRO BA 235 40.77 26.64 54.19
N ARG BA 236 39.65 25.95 54.39
CA ARG BA 236 38.33 26.56 54.30
C ARG BA 236 37.58 26.34 55.59
N THR BA 237 36.65 27.23 55.90
CA THR BA 237 35.78 27.01 57.04
C THR BA 237 34.73 25.94 56.77
N SER BA 238 34.56 25.52 55.52
CA SER BA 238 33.59 24.47 55.22
C SER BA 238 34.02 23.11 55.73
N ILE BA 239 35.30 22.94 56.04
CA ILE BA 239 35.77 21.64 56.52
C ILE BA 239 34.99 21.21 57.74
N CYS BA 240 34.80 22.11 58.69
CA CYS BA 240 33.97 21.82 59.84
C CYS BA 240 32.55 21.54 59.39
N PHE BA 241 31.94 20.48 59.90
CA PHE BA 241 30.53 20.24 59.67
C PHE BA 241 29.72 20.27 60.95
N GLN BA 242 30.10 19.47 61.94
CA GLN BA 242 29.43 19.50 63.23
C GLN BA 242 30.19 20.44 64.15
N TYR BA 243 29.46 21.36 64.78
CA TYR BA 243 30.08 22.42 65.56
C TYR BA 243 29.15 22.75 66.71
N GLU BA 244 29.75 23.12 67.84
CA GLU BA 244 28.97 23.51 68.99
C GLU BA 244 29.88 24.11 70.06
N VAL BA 245 29.55 25.30 70.55
CA VAL BA 245 30.12 25.82 71.78
C VAL BA 245 29.21 25.37 72.91
N SER BA 246 29.78 24.74 73.92
CA SER BA 246 28.96 24.04 74.91
C SER BA 246 28.66 24.93 76.11
N ALA BA 247 29.70 25.40 76.80
CA ALA BA 247 29.51 26.23 77.97
C ALA BA 247 30.73 27.13 78.12
N VAL BA 248 30.82 27.82 79.26
CA VAL BA 248 31.93 28.69 79.55
C VAL BA 248 32.43 28.43 80.98
N HIS BA 249 33.68 28.84 81.21
CA HIS BA 249 34.35 28.69 82.48
C HIS BA 249 34.93 30.02 82.90
N ASN BA 250 35.28 30.12 84.18
CA ASN BA 250 35.99 31.27 84.71
C ASN BA 250 37.16 30.80 85.55
N LEU BA 251 38.23 31.57 85.57
CA LEU BA 251 39.38 31.28 86.40
C LEU BA 251 39.29 32.11 87.68
N GLN BA 252 39.44 31.44 88.82
CA GLN BA 252 39.18 32.10 90.10
C GLN BA 252 40.03 33.34 90.36
N PRO BA 253 41.34 33.42 90.01
CA PRO BA 253 42.09 34.62 90.42
C PRO BA 253 41.59 35.88 89.72
N THR BA 254 40.47 36.40 90.20
CA THR BA 254 39.77 37.50 89.53
C THR BA 254 40.31 38.87 89.94
N GLN BA 255 41.63 39.04 89.90
CA GLN BA 255 42.19 40.38 90.13
C GLN BA 255 42.25 41.20 88.83
N PRO BA 256 42.78 40.67 87.70
CA PRO BA 256 42.90 41.54 86.53
C PRO BA 256 41.54 41.87 85.94
N SER BA 257 40.76 40.83 85.69
CA SER BA 257 39.41 40.91 85.16
C SER BA 257 38.85 39.50 85.21
N LEU BA 258 37.64 39.32 84.68
CA LEU BA 258 37.04 38.00 84.56
C LEU BA 258 37.44 37.41 83.21
N ILE BA 259 38.41 36.49 83.24
CA ILE BA 259 38.88 35.84 82.02
C ILE BA 259 37.90 34.72 81.73
N ARG BA 260 36.85 35.04 80.99
CA ARG BA 260 35.91 34.01 80.54
C ARG BA 260 36.63 33.07 79.59
N ARG BA 261 36.24 31.79 79.61
CA ARG BA 261 36.79 30.79 78.73
C ARG BA 261 35.63 30.09 78.03
N PHE BA 262 35.71 29.96 76.71
CA PHE BA 262 34.65 29.36 75.92
C PHE BA 262 35.11 28.02 75.39
N GLN BA 263 34.29 26.99 75.60
CA GLN BA 263 34.56 25.63 75.15
C GLN BA 263 33.76 25.32 73.89
N GLY BA 264 34.37 24.58 72.98
CA GLY BA 264 33.66 24.12 71.80
C GLY BA 264 34.27 22.82 71.29
N VAL BA 265 33.49 22.11 70.48
CA VAL BA 265 33.93 20.83 69.92
C VAL BA 265 33.34 20.69 68.54
N SER BA 266 34.10 20.09 67.62
CA SER BA 266 33.68 20.02 66.23
C SER BA 266 34.37 18.86 65.55
N LEU BA 267 33.88 18.52 64.37
CA LEU BA 267 34.45 17.48 63.53
C LEU BA 267 34.36 17.90 62.08
N PRO BA 268 35.24 17.38 61.23
CA PRO BA 268 35.17 17.72 59.81
C PRO BA 268 34.04 16.99 59.09
N VAL BA 269 33.83 17.33 57.81
CA VAL BA 269 32.79 16.66 57.04
C VAL BA 269 33.14 15.20 56.86
N HIS BA 270 34.42 14.89 56.68
CA HIS BA 270 34.83 13.50 56.48
C HIS BA 270 34.48 12.65 57.68
N LEU BA 271 34.89 13.07 58.87
CA LEU BA 271 34.76 12.25 60.07
C LEU BA 271 33.48 12.57 60.83
N ARG BA 272 32.35 12.53 60.11
CA ARG BA 272 31.08 12.79 60.76
C ARG BA 272 30.83 11.74 61.83
N ALA BA 273 30.29 12.18 62.95
CA ALA BA 273 29.99 11.30 64.07
C ALA BA 273 28.49 11.20 64.24
N HIS BA 274 28.01 9.99 64.45
CA HIS BA 274 26.59 9.75 64.54
C HIS BA 274 25.98 10.58 65.66
N PHE BA 275 24.64 10.68 65.63
CA PHE BA 275 23.91 11.54 66.55
C PHE BA 275 24.24 11.25 68.00
N THR BA 276 24.11 9.99 68.43
CA THR BA 276 24.27 9.68 69.85
C THR BA 276 25.72 9.82 70.29
N ILE BA 277 26.66 9.37 69.46
CA ILE BA 277 28.07 9.58 69.77
C ILE BA 277 28.34 11.07 69.90
N TRP BA 278 27.67 11.89 69.10
CA TRP BA 278 27.87 13.34 69.19
C TRP BA 278 27.31 13.89 70.50
N ASP BA 279 26.16 13.39 70.94
CA ASP BA 279 25.65 13.81 72.24
C ASP BA 279 26.64 13.46 73.34
N LYS BA 280 27.18 12.24 73.31
CA LYS BA 280 28.15 11.86 74.32
C LYS BA 280 29.37 12.77 74.28
N LEU BA 281 29.86 13.10 73.09
CA LEU BA 281 31.00 13.99 72.98
C LEU BA 281 30.68 15.36 73.56
N LEU BA 282 29.48 15.88 73.27
CA LEU BA 282 29.11 17.18 73.82
C LEU BA 282 29.11 17.15 75.34
N GLU BA 283 28.56 16.08 75.93
CA GLU BA 283 28.52 16.00 77.39
C GLU BA 283 29.90 16.21 77.98
N ARG BA 284 30.95 15.73 77.31
CA ARG BA 284 32.30 15.89 77.82
C ARG BA 284 32.95 17.21 77.39
N SER BA 285 32.26 18.04 76.61
CA SER BA 285 32.75 19.38 76.34
C SER BA 285 32.31 20.38 77.39
N ARG BA 286 32.08 19.90 78.61
CA ARG BA 286 31.63 20.71 79.73
C ARG BA 286 32.44 20.38 80.98
N LYS BA 287 33.76 20.38 80.81
CA LYS BA 287 34.66 20.13 81.93
C LYS BA 287 35.75 21.20 82.00
N ALA CA 1 26.09 -28.86 -7.96
CA ALA CA 1 25.39 -27.60 -8.12
C ALA CA 1 26.37 -26.46 -8.29
N ASP CA 2 27.60 -26.77 -8.67
CA ASP CA 2 28.61 -25.76 -8.96
C ASP CA 2 29.02 -25.95 -10.42
N ARG CA 3 28.87 -24.90 -11.22
CA ARG CA 3 29.05 -24.99 -12.65
C ARG CA 3 29.99 -23.94 -13.21
N MET CA 4 30.56 -23.09 -12.38
CA MET CA 4 31.51 -22.08 -12.86
C MET CA 4 32.94 -22.53 -12.73
N SER CA 5 33.29 -23.17 -11.62
CA SER CA 5 34.65 -23.62 -11.40
C SER CA 5 35.03 -24.69 -12.41
N LYS CA 6 36.30 -24.70 -12.78
CA LYS CA 6 36.77 -25.67 -13.75
C LYS CA 6 36.43 -27.08 -13.30
N TRP CA 7 36.45 -28.01 -14.25
CA TRP CA 7 36.20 -29.40 -13.96
C TRP CA 7 37.48 -30.20 -14.16
N THR CA 8 37.92 -30.84 -13.09
CA THR CA 8 39.20 -31.52 -13.10
C THR CA 8 39.03 -32.89 -12.47
N SER CA 9 40.14 -33.62 -12.38
CA SER CA 9 40.10 -35.00 -11.96
C SER CA 9 39.68 -35.19 -10.52
N LYS CA 10 39.62 -34.13 -9.73
CA LYS CA 10 39.35 -34.23 -8.31
C LYS CA 10 37.88 -34.20 -7.97
N ARG CA 11 36.98 -34.38 -8.94
CA ARG CA 11 35.60 -33.94 -8.76
C ARG CA 11 34.60 -35.09 -8.62
N GLY CA 12 34.60 -36.05 -9.53
CA GLY CA 12 33.51 -37.00 -9.56
C GLY CA 12 33.68 -38.20 -8.65
N PRO CA 13 32.84 -39.23 -8.83
CA PRO CA 13 33.04 -40.49 -8.13
C PRO CA 13 34.27 -41.25 -8.61
N ARG CA 14 34.51 -42.45 -8.07
CA ARG CA 14 35.74 -43.17 -8.33
C ARG CA 14 36.04 -43.25 -9.82
N SER CA 15 35.03 -43.68 -10.59
CA SER CA 15 35.22 -43.84 -12.02
C SER CA 15 35.72 -42.56 -12.66
N PHE CA 16 35.03 -41.45 -12.42
CA PHE CA 16 35.45 -40.19 -13.01
C PHE CA 16 36.85 -39.82 -12.53
N ARG CA 17 37.08 -39.91 -11.22
CA ARG CA 17 38.36 -39.53 -10.66
C ARG CA 17 39.49 -40.28 -11.33
N GLY CA 18 39.22 -41.50 -11.77
CA GLY CA 18 40.27 -42.28 -12.41
C GLY CA 18 40.42 -41.95 -13.88
N ARG CA 19 39.31 -41.86 -14.61
CA ARG CA 19 39.41 -41.70 -16.05
C ARG CA 19 40.10 -40.39 -16.41
N LYS CA 20 39.66 -39.29 -15.81
CA LYS CA 20 40.11 -37.97 -16.23
C LYS CA 20 41.58 -37.79 -15.91
N GLY CA 21 42.37 -37.54 -16.93
CA GLY CA 21 43.77 -37.22 -16.76
C GLY CA 21 43.97 -35.81 -16.27
N ARG CA 22 45.21 -35.36 -16.33
CA ARG CA 22 45.60 -34.05 -15.82
C ARG CA 22 46.58 -33.40 -16.78
N GLY CA 23 46.32 -33.51 -18.07
CA GLY CA 23 47.16 -32.93 -19.08
C GLY CA 23 48.39 -33.74 -19.36
N ALA CA 24 48.59 -34.85 -18.67
CA ALA CA 24 49.80 -35.63 -18.78
C ALA CA 24 49.69 -36.58 -19.95
N LYS CA 25 50.73 -36.61 -20.77
CA LYS CA 25 50.76 -37.51 -21.90
C LYS CA 25 50.68 -38.96 -21.42
N GLY CA 26 50.48 -39.86 -22.39
CA GLY CA 26 50.54 -41.28 -22.14
C GLY CA 26 51.86 -41.82 -22.64
N ILE CA 27 52.24 -43.00 -22.14
CA ILE CA 27 53.45 -43.66 -22.61
C ILE CA 27 53.24 -45.14 -22.86
N GLY CA 28 52.03 -45.63 -22.74
CA GLY CA 28 51.79 -47.06 -22.84
C GLY CA 28 50.32 -47.35 -22.93
N PHE CA 29 49.97 -48.60 -22.68
CA PHE CA 29 48.59 -49.04 -22.87
C PHE CA 29 48.23 -50.06 -21.81
N LEU CA 30 46.94 -50.10 -21.49
CA LEU CA 30 46.45 -51.07 -20.54
C LEU CA 30 46.24 -52.42 -21.21
N THR CA 31 46.79 -53.46 -20.62
CA THR CA 31 46.57 -54.83 -21.04
C THR CA 31 45.49 -55.45 -20.15
N SER CA 32 45.35 -56.76 -20.22
CA SER CA 32 44.30 -57.43 -19.47
C SER CA 32 44.54 -57.29 -17.97
N GLY CA 33 43.44 -57.22 -17.21
CA GLY CA 33 43.53 -57.16 -15.77
C GLY CA 33 44.14 -55.88 -15.25
N TRP CA 34 43.90 -54.76 -15.91
CA TRP CA 34 44.33 -53.46 -15.44
C TRP CA 34 45.86 -53.40 -15.29
N ARG CA 35 46.55 -54.19 -16.10
CA ARG CA 35 48.01 -54.19 -16.10
C ARG CA 35 48.49 -53.20 -17.16
N PHE CA 36 49.52 -52.45 -16.82
CA PHE CA 36 49.99 -51.38 -17.69
C PHE CA 36 51.29 -51.79 -18.37
N VAL CA 37 51.34 -51.68 -19.68
CA VAL CA 37 52.55 -51.93 -20.44
C VAL CA 37 53.11 -50.60 -20.89
N GLN CA 38 54.36 -50.33 -20.53
CA GLN CA 38 55.06 -49.14 -20.96
C GLN CA 38 55.84 -49.44 -22.23
N ILE CA 39 55.97 -48.45 -23.09
CA ILE CA 39 56.69 -48.59 -24.34
C ILE CA 39 57.85 -47.60 -24.32
N LYS CA 40 59.07 -48.12 -24.50
CA LYS CA 40 60.25 -47.26 -24.43
C LYS CA 40 60.24 -46.21 -25.53
N GLU CA 41 59.42 -46.38 -26.56
CA GLU CA 41 59.45 -45.44 -27.67
C GLU CA 41 58.57 -44.23 -27.41
N MET CA 42 57.50 -44.40 -26.65
CA MET CA 42 56.61 -43.29 -26.33
C MET CA 42 57.04 -42.51 -25.11
N VAL CA 43 58.29 -42.62 -24.68
CA VAL CA 43 58.81 -41.84 -23.56
C VAL CA 43 59.86 -40.88 -24.10
N PRO CA 44 59.66 -39.58 -24.02
CA PRO CA 44 60.58 -38.66 -24.69
C PRO CA 44 61.99 -38.72 -24.14
N GLU CA 45 62.91 -39.30 -24.90
CA GLU CA 45 64.32 -39.33 -24.51
C GLU CA 45 64.92 -37.97 -24.78
N PHE CA 46 65.27 -37.26 -23.72
CA PHE CA 46 65.89 -35.95 -23.89
C PHE CA 46 67.21 -36.12 -24.62
N VAL CA 47 67.62 -35.09 -25.33
CA VAL CA 47 68.86 -35.10 -26.07
C VAL CA 47 69.64 -33.88 -25.63
N VAL CA 48 70.47 -34.05 -24.61
CA VAL CA 48 71.21 -32.93 -24.04
C VAL CA 48 72.61 -32.94 -24.63
N PRO CA 49 73.16 -31.79 -25.00
CA PRO CA 49 74.49 -31.77 -25.61
C PRO CA 49 75.59 -31.70 -24.56
N ASP CA 50 76.82 -31.79 -25.04
CA ASP CA 50 77.99 -31.64 -24.18
C ASP CA 50 78.35 -30.16 -24.09
N LEU CA 51 78.18 -29.56 -22.92
CA LEU CA 51 78.32 -28.12 -22.74
C LEU CA 51 79.76 -27.72 -22.42
N THR CA 52 80.67 -28.68 -22.38
CA THR CA 52 82.06 -28.40 -22.01
C THR CA 52 82.72 -27.54 -23.07
N GLY CA 53 83.51 -26.56 -22.63
CA GLY CA 53 84.24 -25.71 -23.52
C GLY CA 53 83.41 -24.67 -24.25
N PHE CA 54 82.16 -24.48 -23.86
CA PHE CA 54 81.29 -23.56 -24.57
C PHE CA 54 81.54 -22.13 -24.12
N LYS CA 55 81.64 -21.22 -25.10
CA LYS CA 55 82.04 -19.84 -24.84
C LYS CA 55 80.85 -18.89 -24.88
N LEU CA 56 79.65 -19.38 -24.56
CA LEU CA 56 78.46 -18.54 -24.50
C LEU CA 56 77.75 -18.76 -23.18
N LYS CA 57 77.12 -17.71 -22.69
CA LYS CA 57 76.55 -17.66 -21.35
C LYS CA 57 75.12 -17.17 -21.43
N PRO CA 58 74.37 -17.26 -20.33
CA PRO CA 58 72.95 -16.91 -20.39
C PRO CA 58 72.67 -15.49 -20.84
N TYR CA 59 73.63 -14.58 -20.70
CA TYR CA 59 73.41 -13.18 -21.03
C TYR CA 59 74.52 -12.70 -21.96
N VAL CA 60 74.33 -11.49 -22.50
CA VAL CA 60 75.28 -10.88 -23.42
C VAL CA 60 75.64 -9.50 -22.89
N SER CA 61 76.92 -9.17 -22.98
CA SER CA 61 77.44 -7.92 -22.45
C SER CA 61 76.67 -6.74 -23.02
N TYR CA 62 76.72 -5.63 -22.29
CA TYR CA 62 76.11 -4.39 -22.76
C TYR CA 62 76.98 -3.67 -23.78
N LEU CA 63 78.12 -4.23 -24.16
CA LEU CA 63 79.05 -3.60 -25.09
C LEU CA 63 78.93 -4.23 -26.48
N ALA CA 64 77.71 -4.59 -26.87
CA ALA CA 64 77.46 -5.23 -28.14
C ALA CA 64 76.77 -4.28 -29.10
N PRO CA 65 77.17 -4.24 -30.37
CA PRO CA 65 76.49 -3.37 -31.33
C PRO CA 65 75.04 -3.77 -31.55
N GLU CA 66 74.22 -2.79 -31.88
CA GLU CA 66 72.84 -3.03 -32.25
C GLU CA 66 72.75 -3.36 -33.73
N SER CA 67 71.56 -3.76 -34.16
CA SER CA 67 71.30 -4.06 -35.56
C SER CA 67 69.80 -3.98 -35.84
N GLU CA 68 69.44 -4.27 -37.08
CA GLU CA 68 68.06 -4.16 -37.52
C GLU CA 68 67.39 -5.54 -37.52
N GLU CA 69 66.10 -5.55 -37.22
CA GLU CA 69 65.32 -6.78 -37.27
C GLU CA 69 65.15 -7.19 -38.73
N THR CA 70 65.74 -8.32 -39.11
CA THR CA 70 65.63 -8.85 -40.46
C THR CA 70 65.18 -10.31 -40.39
N PRO CA 71 63.89 -10.57 -40.20
CA PRO CA 71 63.44 -11.96 -40.07
C PRO CA 71 63.81 -12.78 -41.29
N LEU CA 72 64.19 -14.03 -41.05
CA LEU CA 72 64.55 -14.91 -42.14
C LEU CA 72 63.32 -15.25 -42.95
N THR CA 73 63.38 -14.97 -44.25
CA THR CA 73 62.28 -15.25 -45.17
C THR CA 73 62.76 -16.24 -46.21
N ALA CA 74 61.81 -17.01 -46.75
CA ALA CA 74 62.15 -18.07 -47.68
C ALA CA 74 63.11 -17.59 -48.75
N ALA CA 75 62.91 -16.36 -49.24
CA ALA CA 75 63.82 -15.81 -50.24
C ALA CA 75 65.22 -15.64 -49.66
N GLN CA 76 65.33 -15.12 -48.44
CA GLN CA 76 66.65 -14.90 -47.85
C GLN CA 76 67.38 -16.22 -47.65
N LEU CA 77 66.66 -17.24 -47.20
CA LEU CA 77 67.27 -18.55 -47.02
C LEU CA 77 67.72 -19.15 -48.35
N PHE CA 78 66.86 -19.08 -49.36
CA PHE CA 78 67.20 -19.61 -50.68
C PHE CA 78 68.37 -18.86 -51.29
N SER CA 79 68.54 -17.58 -50.95
CA SER CA 79 69.54 -16.76 -51.61
C SER CA 79 70.94 -17.29 -51.38
N GLU CA 80 71.26 -17.65 -50.13
CA GLU CA 80 72.59 -18.12 -49.77
C GLU CA 80 72.62 -19.60 -49.45
N ALA CA 81 71.49 -20.30 -49.56
CA ALA CA 81 71.47 -21.74 -49.36
C ALA CA 81 71.83 -22.49 -50.63
N VAL CA 82 71.04 -22.30 -51.69
CA VAL CA 82 71.22 -23.04 -52.94
C VAL CA 82 71.59 -22.14 -54.11
N ALA CA 83 71.21 -20.87 -54.11
CA ALA CA 83 71.43 -20.04 -55.28
C ALA CA 83 72.87 -20.03 -55.76
N PRO CA 84 73.88 -19.83 -54.91
CA PRO CA 84 75.26 -19.80 -55.43
C PRO CA 84 75.66 -21.08 -56.13
N ALA CA 85 75.19 -22.24 -55.66
CA ALA CA 85 75.47 -23.48 -56.39
C ALA CA 85 74.85 -23.45 -57.77
N ILE CA 86 73.62 -22.94 -57.87
CA ILE CA 86 72.98 -22.80 -59.18
C ILE CA 86 73.84 -21.93 -60.09
N GLU CA 87 74.21 -20.75 -59.61
CA GLU CA 87 74.96 -19.82 -60.44
C GLU CA 87 76.29 -20.39 -60.86
N LYS CA 88 77.00 -21.05 -59.94
CA LYS CA 88 78.25 -21.70 -60.31
C LYS CA 88 78.01 -22.77 -61.37
N ASP CA 89 76.92 -23.53 -61.24
CA ASP CA 89 76.59 -24.55 -62.23
C ASP CA 89 75.76 -24.01 -63.38
N PHE CA 90 75.31 -22.77 -63.31
CA PHE CA 90 74.61 -22.15 -64.42
C PHE CA 90 75.53 -21.89 -65.61
N LYS CA 91 76.84 -21.92 -65.41
CA LYS CA 91 77.80 -21.68 -66.48
C LYS CA 91 78.16 -22.95 -67.23
N ASP CA 92 77.40 -24.03 -67.06
CA ASP CA 92 77.56 -25.24 -67.86
C ASP CA 92 76.38 -26.17 -67.61
N ASN CA 99 65.42 -32.95 -62.01
CA ASN CA 99 66.65 -32.24 -62.30
C ASN CA 99 66.87 -31.12 -61.29
N LEU CA 100 66.41 -31.34 -60.06
CA LEU CA 100 66.53 -30.35 -59.00
C LEU CA 100 66.99 -30.93 -57.67
N GLU CA 101 67.00 -32.25 -57.51
CA GLU CA 101 67.34 -32.87 -56.24
C GLU CA 101 68.80 -32.73 -55.88
N LYS CA 102 69.67 -32.41 -56.84
CA LYS CA 102 71.09 -32.36 -56.57
C LYS CA 102 71.45 -31.19 -55.65
N TYR CA 103 70.63 -30.15 -55.61
CA TYR CA 103 70.92 -28.95 -54.83
C TYR CA 103 70.02 -28.88 -53.59
N GLY CA 104 69.76 -30.03 -52.99
CA GLY CA 104 69.09 -30.09 -51.71
C GLY CA 104 67.59 -30.21 -51.76
N PHE CA 105 66.98 -30.05 -52.92
CA PHE CA 105 65.53 -30.16 -53.03
C PHE CA 105 65.09 -31.56 -52.61
N GLU CA 106 64.02 -31.62 -51.83
CA GLU CA 106 63.46 -32.89 -51.40
C GLU CA 106 62.03 -32.98 -51.87
N PRO CA 107 61.72 -33.72 -52.94
CA PRO CA 107 60.39 -33.62 -53.54
C PRO CA 107 59.27 -34.20 -52.71
N THR CA 108 59.56 -35.30 -52.00
CA THR CA 108 58.56 -35.99 -51.21
C THR CA 108 59.18 -36.33 -49.86
N GLN CA 109 58.32 -36.47 -48.85
CA GLN CA 109 58.75 -36.55 -47.47
C GLN CA 109 58.16 -37.76 -46.77
N GLU CA 110 58.29 -38.92 -47.41
CA GLU CA 110 57.95 -40.19 -46.79
C GLU CA 110 59.18 -40.97 -46.34
N GLY CA 111 60.30 -40.82 -47.03
CA GLY CA 111 61.50 -41.57 -46.77
C GLY CA 111 62.53 -40.89 -45.89
N LYS CA 112 62.15 -39.89 -45.13
CA LYS CA 112 63.04 -39.21 -44.20
C LYS CA 112 62.45 -39.29 -42.79
N LEU CA 113 63.32 -39.24 -41.79
CA LEU CA 113 62.92 -39.42 -40.41
C LEU CA 113 62.21 -38.19 -39.85
N PHE CA 114 62.61 -37.00 -40.28
CA PHE CA 114 62.03 -35.76 -39.77
C PHE CA 114 61.25 -35.10 -40.89
N GLN CA 115 59.99 -35.50 -41.02
CA GLN CA 115 59.12 -34.92 -42.03
C GLN CA 115 58.80 -33.48 -41.68
N LEU CA 116 58.79 -32.60 -42.69
CA LEU CA 116 58.54 -31.19 -42.45
C LEU CA 116 57.04 -30.89 -42.42
N TYR CA 117 56.26 -31.55 -43.28
CA TYR CA 117 54.81 -31.42 -43.25
C TYR CA 117 54.19 -32.77 -43.57
N PRO CA 118 53.35 -33.33 -42.70
CA PRO CA 118 53.04 -32.88 -41.34
C PRO CA 118 54.25 -33.05 -40.46
N ARG CA 119 54.25 -32.45 -39.27
CA ARG CA 119 55.38 -32.60 -38.35
C ARG CA 119 55.26 -33.93 -37.62
N ASN CA 120 56.21 -34.82 -37.88
CA ASN CA 120 56.31 -36.09 -37.20
C ASN CA 120 57.37 -36.09 -36.11
N PHE CA 121 57.96 -34.95 -35.82
CA PHE CA 121 58.95 -34.84 -34.76
C PHE CA 121 58.51 -33.76 -33.80
N LEU CA 122 59.36 -33.47 -32.84
CA LEU CA 122 59.02 -32.64 -31.69
C LEU CA 122 60.15 -31.68 -31.42
N ARG CA 123 59.82 -30.54 -30.82
CA ARG CA 123 60.82 -29.54 -30.53
C ARG CA 123 61.89 -30.10 -29.60
N LEU DA 1 -35.94 64.50 40.76
CA LEU DA 1 -35.36 63.31 41.38
C LEU DA 1 -36.44 62.26 41.63
N PRO DA 2 -36.64 61.36 40.68
CA PRO DA 2 -37.47 60.18 40.92
C PRO DA 2 -36.77 59.18 41.82
N ASP DA 3 -37.38 57.99 41.91
CA ASP DA 3 -36.98 57.02 42.93
C ASP DA 3 -35.48 56.75 42.89
N ASP DA 4 -34.98 56.15 41.81
CA ASP DA 4 -33.57 55.72 41.84
C ASP DA 4 -32.64 56.88 41.51
N TYR DA 5 -32.62 57.29 40.25
CA TYR DA 5 -32.07 58.57 39.80
C TYR DA 5 -30.88 59.02 40.64
N ASN DA 6 -29.83 58.19 40.71
CA ASN DA 6 -28.83 58.28 41.77
C ASN DA 6 -28.53 59.73 42.13
N CYS DA 7 -28.59 60.01 43.43
CA CYS DA 7 -28.76 61.38 43.92
C CYS DA 7 -27.65 62.31 43.42
N ASN DA 8 -26.41 61.85 43.45
CA ASN DA 8 -25.32 62.71 43.01
C ASN DA 8 -25.35 62.97 41.52
N VAL DA 9 -26.19 62.25 40.76
CA VAL DA 9 -26.35 62.46 39.33
C VAL DA 9 -27.63 63.22 39.09
N GLU DA 10 -27.54 64.34 38.38
CA GLU DA 10 -28.71 65.15 38.03
C GLU DA 10 -28.80 65.22 36.51
N LEU DA 11 -29.93 64.81 35.96
CA LEU DA 11 -30.15 64.88 34.54
C LEU DA 11 -31.03 66.07 34.18
N ALA DA 12 -30.78 66.65 33.02
CA ALA DA 12 -31.67 67.65 32.47
C ALA DA 12 -31.51 67.64 30.96
N LEU DA 13 -32.46 68.27 30.29
CA LEU DA 13 -32.49 68.36 28.85
C LEU DA 13 -32.69 69.80 28.45
N THR DA 14 -31.79 70.31 27.60
CA THR DA 14 -31.80 71.72 27.26
C THR DA 14 -33.18 72.13 26.74
N SER DA 15 -33.42 73.44 26.72
CA SER DA 15 -34.75 73.95 26.44
C SER DA 15 -35.27 73.51 25.09
N ASP DA 16 -34.44 73.50 24.06
CA ASP DA 16 -34.91 73.13 22.73
C ASP DA 16 -35.23 71.66 22.62
N GLY DA 17 -34.70 70.82 23.51
CA GLY DA 17 -35.03 69.42 23.52
C GLY DA 17 -34.12 68.54 22.70
N ARG DA 18 -32.96 69.05 22.29
CA ARG DA 18 -32.05 68.31 21.42
C ARG DA 18 -30.79 67.84 22.11
N THR DA 19 -30.64 68.02 23.42
CA THR DA 19 -29.47 67.59 24.14
C THR DA 19 -29.85 67.21 25.56
N ILE DA 20 -29.23 66.13 26.06
CA ILE DA 20 -29.35 65.71 27.45
C ILE DA 20 -28.02 66.02 28.11
N VAL DA 21 -28.04 66.87 29.12
CA VAL DA 21 -26.85 67.26 29.87
C VAL DA 21 -27.05 66.80 31.30
N CYS DA 22 -26.05 66.12 31.84
CA CYS DA 22 -26.12 65.55 33.17
C CYS DA 22 -24.92 65.96 33.99
N TYR DA 23 -25.19 66.30 35.23
CA TYR DA 23 -24.24 66.83 36.19
C TYR DA 23 -23.92 65.72 37.19
N HIS DA 24 -22.68 65.24 37.17
CA HIS DA 24 -22.24 64.15 38.03
C HIS DA 24 -20.91 64.53 38.66
N PRO DA 25 -20.92 65.26 39.77
CA PRO DA 25 -19.68 65.54 40.47
C PRO DA 25 -19.24 64.34 41.31
N SER DA 26 -17.97 64.32 41.66
CA SER DA 26 -17.41 63.23 42.46
C SER DA 26 -17.63 63.53 43.94
N VAL DA 27 -18.29 62.61 44.63
CA VAL DA 27 -18.46 62.70 46.07
C VAL DA 27 -17.36 61.92 46.75
N ASP DA 28 -16.72 62.55 47.74
CA ASP DA 28 -15.58 61.99 48.43
C ASP DA 28 -16.03 61.26 49.68
N ILE DA 29 -15.22 60.32 50.13
CA ILE DA 29 -15.58 59.47 51.26
C ILE DA 29 -15.49 60.29 52.55
N PRO DA 30 -16.53 60.32 53.38
CA PRO DA 30 -16.46 61.14 54.59
C PRO DA 30 -15.40 60.65 55.56
N TYR DA 31 -14.83 61.59 56.32
CA TYR DA 31 -14.01 61.25 57.46
C TYR DA 31 -14.78 60.44 58.49
N GLU DA 32 -16.07 60.70 58.63
CA GLU DA 32 -16.86 60.02 59.64
C GLU DA 32 -17.07 58.55 59.31
N HIS DA 33 -16.71 58.10 58.11
CA HIS DA 33 -16.83 56.71 57.69
C HIS DA 33 -15.46 56.07 57.45
N THR DA 34 -14.49 56.30 58.32
CA THR DA 34 -13.16 55.73 58.16
C THR DA 34 -12.70 55.13 59.49
N LYS DA 35 -11.66 54.31 59.42
CA LYS DA 35 -11.03 53.68 60.56
C LYS DA 35 -9.66 54.32 60.79
N PRO DA 36 -9.24 54.47 62.03
CA PRO DA 36 -7.87 54.94 62.27
C PRO DA 36 -6.88 53.96 61.67
N ILE DA 37 -5.77 54.50 61.16
CA ILE DA 37 -4.80 53.64 60.50
C ILE DA 37 -4.17 52.72 61.55
N PRO DA 38 -4.12 51.41 61.33
CA PRO DA 38 -3.44 50.53 62.29
C PRO DA 38 -1.93 50.70 62.20
N ARG DA 39 -1.32 51.08 63.30
CA ARG DA 39 0.12 51.35 63.33
C ARG DA 39 0.92 50.08 63.64
N HIS DA 40 13.27 24.13 53.88
CA HIS DA 40 12.94 22.88 53.20
C HIS DA 40 11.60 22.37 53.66
N LEU DA 41 10.64 22.26 52.73
CA LEU DA 41 9.29 21.83 53.07
C LEU DA 41 8.72 20.91 52.01
N GLU DA 42 9.47 19.86 51.64
CA GLU DA 42 8.89 18.66 51.02
C GLU DA 42 7.93 19.01 49.88
N GLU DA 43 8.47 19.30 48.70
CA GLU DA 43 7.78 20.02 47.63
C GLU DA 43 6.28 19.78 47.52
N GLY DA 44 5.81 18.55 47.71
CA GLY DA 44 4.38 18.30 47.72
C GLY DA 44 3.63 19.18 48.70
N PRO DA 45 3.96 19.06 49.98
CA PRO DA 45 3.42 20.01 50.96
C PRO DA 45 3.74 21.47 50.69
N MET DA 46 4.84 21.80 50.01
CA MET DA 46 5.04 23.18 49.60
C MET DA 46 3.90 23.64 48.71
N ILE DA 47 3.54 22.80 47.74
CA ILE DA 47 2.45 23.14 46.84
C ILE DA 47 1.14 23.22 47.61
N GLU DA 48 0.95 22.35 48.59
CA GLU DA 48 -0.26 22.44 49.40
C GLU DA 48 -0.32 23.77 50.16
N GLN DA 49 0.81 24.20 50.70
CA GLN DA 49 0.87 25.47 51.42
C GLN DA 49 0.56 26.64 50.51
N LEU DA 50 1.19 26.71 49.34
CA LEU DA 50 0.89 27.79 48.40
C LEU DA 50 -0.55 27.71 47.94
N SER DA 51 -1.11 26.51 47.83
CA SER DA 51 -2.50 26.38 47.43
C SER DA 51 -3.41 27.05 48.44
N LYS DA 52 -3.16 26.82 49.73
CA LYS DA 52 -4.02 27.46 50.73
C LYS DA 52 -3.67 28.93 50.91
N MET DA 53 -2.47 29.35 50.53
CA MET DA 53 -2.09 30.75 50.67
C MET DA 53 -2.86 31.63 49.70
N PHE DA 54 -2.91 31.24 48.42
CA PHE DA 54 -3.57 32.00 47.37
C PHE DA 54 -4.91 31.42 46.96
N PHE DA 55 -5.46 30.48 47.73
CA PHE DA 55 -6.80 29.96 47.51
C PHE DA 55 -7.00 29.38 46.11
N THR DA 56 -5.93 29.05 45.40
CA THR DA 56 -6.03 28.35 44.14
C THR DA 56 -6.14 26.85 44.43
N THR DA 57 -5.94 26.03 43.40
CA THR DA 57 -5.76 24.60 43.57
C THR DA 57 -4.29 24.25 43.34
N LYS DA 58 -3.98 22.96 43.41
CA LYS DA 58 -2.59 22.54 43.31
C LYS DA 58 -2.05 22.59 41.90
N HIS DA 59 -2.91 22.51 40.89
CA HIS DA 59 -2.45 22.18 39.55
C HIS DA 59 -1.53 23.24 38.98
N ARG DA 60 -1.68 24.49 39.41
CA ARG DA 60 -0.86 25.55 38.82
C ARG DA 60 0.62 25.39 39.11
N TRP DA 61 0.96 24.76 40.22
CA TRP DA 61 2.28 24.95 40.80
C TRP DA 61 3.32 23.95 40.31
N TYR DA 62 2.91 22.80 39.83
CA TYR DA 62 3.91 21.92 39.27
C TYR DA 62 4.53 22.58 38.05
N PRO DA 63 5.79 22.33 37.77
CA PRO DA 63 6.41 22.99 36.62
C PRO DA 63 5.84 22.47 35.30
N HIS DA 64 6.39 22.93 34.19
CA HIS DA 64 5.92 22.57 32.86
C HIS DA 64 7.09 22.14 32.01
N GLY DA 65 6.80 21.37 30.96
CA GLY DA 65 7.83 20.82 30.12
C GLY DA 65 8.65 21.90 29.44
N ARG DA 66 9.66 21.45 28.71
CA ARG DA 66 10.50 22.38 27.97
C ARG DA 66 9.78 22.90 26.74
N TYR DA 67 8.92 22.10 26.14
CA TYR DA 67 8.13 22.55 25.01
C TYR DA 67 7.30 23.78 25.39
N HIS DA 68 6.51 23.65 26.46
CA HIS DA 68 5.72 24.76 26.94
C HIS DA 68 6.58 25.97 27.27
N ARG DA 69 7.61 25.78 28.08
CA ARG DA 69 8.41 26.91 28.53
C ARG DA 69 9.11 27.59 27.36
N CYS DA 70 9.44 26.84 26.31
CA CYS DA 70 10.22 27.43 25.23
C CYS DA 70 9.34 28.12 24.21
N ARG DA 71 8.07 27.70 24.08
CA ARG DA 71 7.21 28.41 23.12
C ARG DA 71 6.59 29.66 23.70
N LYS DA 72 6.81 29.96 24.98
CA LYS DA 72 6.34 31.19 25.58
C LYS DA 72 7.10 32.38 25.02
N ASN DA 73 6.44 33.53 24.98
CA ASN DA 73 7.01 34.73 24.38
C ASN DA 73 7.62 35.62 25.44
N LEU DA 74 8.90 35.93 25.32
CA LEU DA 74 9.63 36.66 26.34
C LEU DA 74 9.78 38.15 26.06
N ASN DA 75 9.27 38.64 24.94
CA ASN DA 75 9.23 40.07 24.64
C ASN DA 75 7.84 40.42 24.14
N PRO DA 76 6.82 40.24 24.99
CA PRO DA 76 5.46 40.46 24.53
C PRO DA 76 5.24 41.93 24.22
N PRO DA 77 4.34 42.24 23.29
CA PRO DA 77 4.01 43.65 23.04
C PRO DA 77 3.28 44.27 24.23
N LYS DA 78 3.50 45.56 24.42
CA LYS DA 78 2.90 46.31 25.52
C LYS DA 78 2.25 47.57 25.00
N ASP DA 79 1.04 47.86 25.47
CA ASP DA 79 0.33 49.08 25.14
C ASP DA 79 0.04 49.87 26.41
N ARG DA 80 0.00 51.19 26.27
CA ARG DA 80 -0.31 52.06 27.38
C ARG DA 80 0.65 51.83 28.53
N THR EA 1 -1.56 33.13 9.51
CA THR EA 1 -2.47 32.88 10.61
C THR EA 1 -2.08 33.68 11.84
N ALA EA 2 -3.04 34.00 12.70
CA ALA EA 2 -2.73 34.88 13.83
C ALA EA 2 -1.76 34.20 14.80
N ARG EA 3 -2.18 33.07 15.37
CA ARG EA 3 -1.32 32.36 16.30
C ARG EA 3 0.06 32.11 15.71
N GLY EA 4 0.13 31.80 14.44
CA GLY EA 4 1.38 31.52 13.79
C GLY EA 4 2.14 32.73 13.32
N THR EA 5 1.76 33.92 13.74
CA THR EA 5 2.36 35.16 13.25
C THR EA 5 2.65 36.09 14.41
N PRO EA 6 3.64 36.96 14.26
CA PRO EA 6 3.88 37.98 15.28
C PRO EA 6 2.68 38.90 15.45
N SER EA 7 2.78 39.84 16.37
CA SER EA 7 1.76 40.86 16.50
C SER EA 7 2.39 42.08 17.16
N ARG EA 8 1.67 43.19 17.10
CA ARG EA 8 2.08 44.41 17.78
C ARG EA 8 0.84 45.18 18.14
N PHE EA 9 1.04 46.32 18.79
CA PHE EA 9 -0.03 47.21 19.16
C PHE EA 9 -0.02 48.44 18.26
N LEU EA 10 -1.17 49.11 18.19
CA LEU EA 10 -1.30 50.25 17.29
C LEU EA 10 -0.45 51.39 17.82
N ALA EA 11 0.36 51.98 16.95
CA ALA EA 11 1.35 52.93 17.41
C ALA EA 11 1.77 53.83 16.27
N SER EA 12 2.55 54.83 16.61
CA SER EA 12 3.14 55.75 15.66
C SER EA 12 4.60 55.92 16.01
N VAL EA 13 5.33 56.65 15.17
CA VAL EA 13 6.76 56.77 15.36
C VAL EA 13 7.08 57.67 16.54
N LEU EA 14 6.79 58.96 16.42
CA LEU EA 14 7.20 59.96 17.41
C LEU EA 14 6.01 60.83 17.79
N HIS EA 15 4.86 60.20 18.03
CA HIS EA 15 3.61 60.94 18.20
C HIS EA 15 3.41 61.87 17.01
N ASN EA 16 3.23 61.24 15.84
CA ASN EA 16 3.46 61.93 14.58
C ASN EA 16 2.53 63.11 14.41
N GLY EA 17 1.23 62.89 14.54
CA GLY EA 17 0.30 63.97 14.27
C GLY EA 17 0.07 64.90 15.42
N LEU EA 18 0.73 64.66 16.55
CA LEU EA 18 0.47 65.43 17.75
C LEU EA 18 0.91 66.88 17.55
N GLY EA 19 2.21 67.10 17.39
CA GLY EA 19 2.70 68.44 17.15
C GLY EA 19 2.55 68.83 15.70
N ARG EA 20 3.27 68.12 14.84
CA ARG EA 20 3.27 68.37 13.41
C ARG EA 20 3.46 67.04 12.72
N TYR EA 21 2.71 66.79 11.65
CA TYR EA 21 2.93 65.58 10.89
C TYR EA 21 4.29 65.62 10.22
N VAL EA 22 4.98 64.48 10.25
CA VAL EA 22 6.25 64.31 9.54
C VAL EA 22 6.14 63.05 8.69
N GLN EA 23 6.71 63.11 7.49
CA GLN EA 23 6.63 61.99 6.57
C GLN EA 23 7.73 60.99 6.86
N GLN EA 24 7.36 59.74 7.14
CA GLN EA 24 8.34 58.80 7.67
C GLN EA 24 9.32 58.33 6.60
N LEU EA 25 8.85 58.04 5.41
CA LEU EA 25 9.77 57.64 4.35
C LEU EA 25 10.76 58.75 4.12
N GLN EA 26 12.05 58.42 4.09
CA GLN EA 26 13.09 59.42 3.89
C GLN EA 26 14.03 59.11 2.74
N ARG EA 27 14.08 57.87 2.28
CA ARG EA 27 14.96 57.52 1.18
C ARG EA 27 14.30 56.44 0.34
N LEU EA 28 14.55 56.50 -0.96
CA LEU EA 28 13.92 55.57 -1.90
C LEU EA 28 14.93 55.31 -3.00
N SER EA 29 15.35 54.05 -3.15
CA SER EA 29 16.35 53.67 -4.12
C SER EA 29 15.71 52.83 -5.21
N PHE EA 30 15.83 53.27 -6.45
CA PHE EA 30 15.35 52.53 -7.62
C PHE EA 30 16.55 51.96 -8.34
N SER EA 31 16.52 50.67 -8.61
CA SER EA 31 17.49 50.05 -9.51
C SER EA 31 16.74 49.66 -10.78
N VAL EA 32 17.17 50.21 -11.91
CA VAL EA 32 16.48 50.00 -13.17
C VAL EA 32 17.51 49.62 -14.21
N SER EA 33 17.35 48.44 -14.81
CA SER EA 33 18.29 48.00 -15.83
C SER EA 33 17.97 48.66 -17.14
N ARG EA 34 19.01 49.15 -17.81
CA ARG EA 34 18.78 49.89 -19.03
C ARG EA 34 18.37 49.00 -20.19
N ASP EA 35 18.47 47.69 -20.05
CA ASP EA 35 18.29 46.77 -21.18
C ASP EA 35 17.28 45.67 -20.87
N GLY EA 36 17.25 45.22 -19.63
CA GLY EA 36 16.43 44.06 -19.31
C GLY EA 36 14.98 44.27 -19.69
N ALA EA 37 14.31 43.18 -20.05
CA ALA EA 37 12.91 43.26 -20.39
C ALA EA 37 12.04 43.45 -19.15
N SER EA 38 12.47 42.93 -18.01
CA SER EA 38 11.72 43.11 -16.77
C SER EA 38 11.77 44.53 -16.24
N SER EA 39 12.73 45.32 -16.71
CA SER EA 39 12.90 46.69 -16.29
C SER EA 39 12.19 47.67 -17.21
N ARG EA 40 11.08 47.27 -17.81
CA ARG EA 40 10.39 48.15 -18.75
C ARG EA 40 9.45 49.10 -18.03
N GLY EA 41 8.59 48.56 -17.15
CA GLY EA 41 7.75 49.43 -16.36
C GLY EA 41 8.56 50.38 -15.50
N ALA EA 42 9.69 49.92 -14.98
CA ALA EA 42 10.56 50.78 -14.20
C ALA EA 42 11.11 51.91 -15.05
N ARG EA 43 11.53 51.60 -16.28
CA ARG EA 43 12.05 52.63 -17.15
C ARG EA 43 10.98 53.66 -17.48
N GLU EA 44 9.75 53.21 -17.72
CA GLU EA 44 8.67 54.17 -17.94
C GLU EA 44 8.45 55.04 -16.72
N PHE EA 45 8.44 54.44 -15.53
CA PHE EA 45 8.23 55.20 -14.31
C PHE EA 45 9.30 56.28 -14.15
N VAL EA 46 10.56 55.91 -14.36
CA VAL EA 46 11.64 56.89 -14.22
C VAL EA 46 11.54 57.96 -15.29
N GLU EA 47 11.11 57.58 -16.49
CA GLU EA 47 11.14 58.53 -17.60
C GLU EA 47 10.00 59.54 -17.51
N ARG EA 48 8.85 59.15 -16.96
CA ARG EA 48 7.70 60.05 -16.97
C ARG EA 48 6.93 60.12 -15.66
N GLU EA 49 7.45 59.62 -14.55
CA GLU EA 49 6.72 59.66 -13.28
C GLU EA 49 7.57 59.99 -12.06
N VAL EA 50 8.90 59.84 -12.13
CA VAL EA 50 9.68 60.01 -10.91
C VAL EA 50 9.90 61.47 -10.59
N ILE EA 51 9.97 62.33 -11.59
CA ILE EA 51 10.18 63.76 -11.34
C ILE EA 51 8.99 64.33 -10.58
N ASP EA 52 7.77 64.00 -11.02
CA ASP EA 52 6.59 64.50 -10.34
C ASP EA 52 6.53 64.00 -8.91
N PHE EA 53 6.86 62.73 -8.69
CA PHE EA 53 6.86 62.20 -7.33
C PHE EA 53 7.90 62.88 -6.48
N ALA EA 54 9.07 63.15 -7.04
CA ALA EA 54 10.09 63.89 -6.30
C ALA EA 54 9.59 65.27 -5.91
N ARG EA 55 8.91 65.96 -6.82
CA ARG EA 55 8.39 67.29 -6.50
C ARG EA 55 7.34 67.21 -5.41
N ARG EA 56 6.44 66.23 -5.48
CA ARG EA 56 5.38 66.14 -4.49
C ARG EA 56 5.87 65.74 -3.10
N ASN EA 57 7.03 65.09 -2.99
CA ASN EA 57 7.59 64.65 -1.71
C ASN EA 57 9.02 65.14 -1.61
N PRO EA 58 9.23 66.35 -1.07
CA PRO EA 58 10.60 66.88 -0.99
C PRO EA 58 11.36 66.41 0.23
N GLY EA 59 10.73 65.68 1.13
CA GLY EA 59 11.41 65.09 2.27
C GLY EA 59 12.02 63.74 2.00
N VAL EA 60 11.77 63.17 0.82
CA VAL EA 60 12.27 61.85 0.45
C VAL EA 60 13.40 62.07 -0.54
N VAL EA 61 14.55 61.49 -0.24
CA VAL EA 61 15.66 61.53 -1.18
C VAL EA 61 15.56 60.30 -2.06
N ILE EA 62 15.38 60.52 -3.35
CA ILE EA 62 15.20 59.44 -4.32
C ILE EA 62 16.49 59.30 -5.09
N TYR EA 63 17.12 58.15 -4.96
CA TYR EA 63 18.25 57.78 -5.79
C TYR EA 63 17.79 56.75 -6.81
N VAL EA 64 18.33 56.84 -8.02
CA VAL EA 64 18.08 55.83 -9.04
C VAL EA 64 19.40 55.50 -9.72
N ASN EA 65 19.68 54.21 -9.86
CA ASN EA 65 20.91 53.75 -10.48
C ASN EA 65 20.58 52.67 -11.50
N SER EA 66 21.52 52.43 -12.40
CA SER EA 66 21.33 51.53 -13.51
C SER EA 66 22.34 50.40 -13.49
N ARG EA 67 22.54 49.78 -12.32
CA ARG EA 67 23.48 48.67 -12.23
C ARG EA 67 22.94 47.50 -11.41
N PRO EA 68 21.70 47.05 -11.61
CA PRO EA 68 21.38 45.65 -11.31
C PRO EA 68 21.63 44.78 -12.53
N CYS EA 69 21.45 45.38 -13.70
CA CYS EA 69 21.77 44.82 -15.00
C CYS EA 69 20.82 43.72 -15.45
N CYS EA 70 19.99 43.17 -14.55
CA CYS EA 70 18.96 42.24 -14.98
C CYS EA 70 17.64 42.35 -14.25
N VAL EA 71 17.60 42.84 -13.01
CA VAL EA 71 16.37 42.80 -12.22
C VAL EA 71 16.20 44.12 -11.46
N PRO EA 72 15.04 44.76 -11.52
CA PRO EA 72 14.83 45.98 -10.75
C PRO EA 72 14.28 45.67 -9.36
N ARG EA 73 14.17 46.74 -8.56
CA ARG EA 73 13.79 46.62 -7.17
C ARG EA 73 13.75 48.02 -6.58
N VAL EA 74 12.91 48.22 -5.58
CA VAL EA 74 12.84 49.50 -4.89
C VAL EA 74 13.00 49.25 -3.39
N VAL EA 75 13.93 49.97 -2.78
CA VAL EA 75 14.26 49.81 -1.37
C VAL EA 75 13.90 51.11 -0.67
N ALA EA 76 12.92 51.05 0.21
CA ALA EA 76 12.42 52.21 0.93
C ALA EA 76 12.96 52.21 2.35
N GLU EA 77 13.57 53.32 2.74
CA GLU EA 77 14.09 53.49 4.08
C GLU EA 77 13.31 54.57 4.80
N TYR EA 78 13.11 54.36 6.09
CA TYR EA 78 12.23 55.18 6.89
C TYR EA 78 13.00 55.87 7.99
N LEU EA 79 12.33 56.80 8.67
CA LEU EA 79 12.95 57.50 9.78
C LEU EA 79 13.30 56.54 10.91
N ASN EA 80 12.38 55.64 11.24
CA ASN EA 80 12.56 54.78 12.41
C ASN EA 80 13.51 53.62 12.15
N GLY EA 81 14.28 53.67 11.07
CA GLY EA 81 15.28 52.67 10.81
C GLY EA 81 14.84 51.53 9.94
N ALA EA 82 13.53 51.29 9.83
CA ALA EA 82 13.04 50.15 9.07
C ALA EA 82 13.37 50.30 7.59
N VAL EA 83 13.72 49.19 6.98
CA VAL EA 83 13.91 49.08 5.54
C VAL EA 83 12.78 48.23 5.01
N ARG EA 84 12.48 48.37 3.72
CA ARG EA 84 11.41 47.61 3.12
C ARG EA 84 11.68 47.52 1.62
N GLU EA 85 11.86 46.30 1.11
CA GLU EA 85 12.12 46.09 -0.30
C GLU EA 85 10.84 45.66 -1.00
N GLU EA 86 10.72 46.04 -2.27
CA GLU EA 86 9.59 45.64 -3.08
C GLU EA 86 10.06 45.35 -4.49
N SER EA 87 9.52 44.28 -5.07
CA SER EA 87 9.85 43.91 -6.43
C SER EA 87 9.04 44.75 -7.40
N ILE EA 88 9.70 45.25 -8.44
CA ILE EA 88 9.04 45.99 -9.49
C ILE EA 88 9.39 45.35 -10.82
N HIS EA 89 9.93 44.14 -10.79
CA HIS EA 89 10.25 43.42 -12.01
C HIS EA 89 8.99 42.87 -12.64
N CYS EA 90 8.83 43.07 -13.94
CA CYS EA 90 7.68 42.59 -14.70
C CYS EA 90 6.38 43.23 -14.26
N LYS EA 91 6.40 44.52 -13.91
CA LYS EA 91 5.21 45.23 -13.48
C LYS EA 91 4.96 46.43 -14.39
N SER EA 92 3.73 46.92 -14.38
CA SER EA 92 3.32 48.01 -15.24
C SER EA 92 3.63 49.34 -14.56
N VAL EA 93 3.57 50.42 -15.34
CA VAL EA 93 3.84 51.74 -14.78
C VAL EA 93 2.74 52.12 -13.78
N GLU EA 94 1.51 51.72 -14.05
CA GLU EA 94 0.44 51.96 -13.08
C GLU EA 94 0.74 51.27 -11.76
N GLU EA 95 1.16 50.00 -11.83
CA GLU EA 95 1.47 49.25 -10.61
C GLU EA 95 2.63 49.88 -9.86
N ILE EA 96 3.66 50.32 -10.58
CA ILE EA 96 4.81 50.91 -9.90
C ILE EA 96 4.43 52.23 -9.25
N SER EA 97 3.63 53.05 -9.92
CA SER EA 97 3.21 54.30 -9.30
C SER EA 97 2.38 54.03 -8.06
N THR EA 98 1.43 53.10 -8.14
CA THR EA 98 0.64 52.77 -6.96
C THR EA 98 1.52 52.27 -5.82
N LEU EA 99 2.49 51.41 -6.13
CA LEU EA 99 3.36 50.88 -5.10
C LEU EA 99 4.20 51.97 -4.45
N VAL EA 100 4.82 52.83 -5.26
CA VAL EA 100 5.68 53.85 -4.70
C VAL EA 100 4.88 54.81 -3.84
N GLN EA 101 3.66 55.13 -4.26
CA GLN EA 101 2.81 55.96 -3.41
C GLN EA 101 2.48 55.25 -2.11
N LYS EA 102 2.17 53.96 -2.19
CA LYS EA 102 1.89 53.20 -0.97
C LYS EA 102 3.08 53.25 -0.02
N LEU EA 103 4.29 53.08 -0.55
CA LEU EA 103 5.47 53.17 0.29
C LEU EA 103 5.59 54.53 0.93
N ALA EA 104 5.32 55.59 0.17
CA ALA EA 104 5.45 56.93 0.73
C ALA EA 104 4.31 57.29 1.65
N ASP EA 105 3.27 56.47 1.75
CA ASP EA 105 2.09 56.84 2.52
C ASP EA 105 1.96 56.09 3.83
N GLN EA 106 2.97 55.34 4.25
CA GLN EA 106 2.88 54.52 5.44
C GLN EA 106 4.11 54.67 6.31
N SER EA 107 3.91 54.48 7.61
CA SER EA 107 5.03 54.48 8.55
C SER EA 107 5.74 53.14 8.50
N GLY EA 108 7.04 53.17 8.81
CA GLY EA 108 7.87 52.01 8.58
C GLY EA 108 7.72 50.89 9.58
N LEU EA 109 6.62 50.85 10.32
CA LEU EA 109 6.42 49.76 11.25
C LEU EA 109 6.22 48.46 10.49
N ASP EA 110 6.07 47.38 11.24
CA ASP EA 110 5.85 46.07 10.64
C ASP EA 110 4.39 45.91 10.26
N VAL EA 111 4.15 45.27 9.12
CA VAL EA 111 2.78 45.02 8.65
C VAL EA 111 2.37 43.69 9.25
N ILE EA 112 1.87 43.74 10.48
CA ILE EA 112 1.48 42.55 11.22
C ILE EA 112 0.18 42.85 11.94
N ARG EA 113 -0.37 41.84 12.59
CA ARG EA 113 -1.69 41.97 13.19
C ARG EA 113 -1.68 43.05 14.26
N ILE EA 114 -2.46 44.09 14.05
CA ILE EA 114 -2.69 45.11 15.06
C ILE EA 114 -3.71 44.55 16.04
N ARG EA 115 -3.31 44.41 17.31
CA ARG EA 115 -4.18 43.74 18.26
C ARG EA 115 -5.42 44.57 18.53
N LYS EA 116 -5.23 45.85 18.77
CA LYS EA 116 -6.33 46.77 19.02
C LYS EA 116 -6.47 47.71 17.84
N PRO EA 117 -7.68 48.12 17.46
CA PRO EA 117 -7.83 49.20 16.48
C PRO EA 117 -7.85 50.59 17.09
N PHE EA 118 -7.80 50.73 18.41
CA PHE EA 118 -7.75 52.03 19.05
C PHE EA 118 -6.72 52.04 20.16
N HIS EA 119 -5.77 52.96 20.07
CA HIS EA 119 -4.71 53.12 21.06
C HIS EA 119 -4.87 54.46 21.76
N THR EA 120 -5.08 54.43 23.06
CA THR EA 120 -5.23 55.63 23.86
C THR EA 120 -4.36 55.55 25.08
N ASP EA 121 -3.65 56.63 25.38
CA ASP EA 121 -2.75 56.67 26.52
C ASP EA 121 -3.42 57.16 27.80
N ASN EA 122 -4.60 57.74 27.71
CA ASN EA 122 -5.32 58.27 28.86
C ASN EA 122 -6.73 57.72 28.84
N PRO EA 123 -6.87 56.40 28.91
CA PRO EA 123 -8.17 55.80 28.61
C PRO EA 123 -9.28 56.23 29.53
N SER EA 124 -8.96 56.75 30.70
CA SER EA 124 -9.97 57.10 31.70
C SER EA 124 -9.89 58.59 32.00
N ILE EA 125 -11.05 59.18 32.24
CA ILE EA 125 -11.16 60.58 32.64
C ILE EA 125 -11.75 60.69 34.03
N GLN EA 126 -12.74 59.86 34.34
CA GLN EA 126 -13.42 59.87 35.61
C GLN EA 126 -12.81 58.90 36.62
N GLY EA 127 -11.75 58.18 36.24
CA GLY EA 127 -11.13 57.21 37.12
C GLY EA 127 -11.52 55.79 36.78
N GLN EA 128 -10.53 54.98 36.41
CA GLN EA 128 -10.80 53.61 35.98
C GLN EA 128 -11.51 52.83 37.07
N TRP EA 129 -12.37 51.91 36.65
CA TRP EA 129 -13.23 51.21 37.58
C TRP EA 129 -12.42 50.31 38.51
N HIS EA 130 -12.81 50.29 39.77
CA HIS EA 130 -12.28 49.37 40.77
C HIS EA 130 -13.42 48.97 41.69
N PRO EA 131 -13.32 47.80 42.32
CA PRO EA 131 -14.52 47.21 42.94
C PRO EA 131 -15.19 48.08 43.98
N PHE EA 132 -14.60 49.21 44.35
CA PHE EA 132 -15.18 50.08 45.37
C PHE EA 132 -15.87 51.31 44.81
N THR EA 133 -15.78 51.57 43.52
CA THR EA 133 -16.73 52.48 42.91
C THR EA 133 -18.12 51.88 43.00
N ASN EA 134 -19.12 52.73 43.14
CA ASN EA 134 -20.51 52.31 43.17
C ASN EA 134 -20.83 51.42 44.35
N LYS EA 135 -19.99 51.41 45.38
CA LYS EA 135 -20.23 50.64 46.58
C LYS EA 135 -20.28 51.55 47.79
N PRO EA 136 -21.28 51.44 48.64
CA PRO EA 136 -21.43 52.41 49.73
C PRO EA 136 -20.34 52.26 50.79
N THR EA 137 -20.47 53.04 51.84
CA THR EA 137 -19.66 52.91 53.05
C THR EA 137 -20.58 53.02 54.25
N THR EA 138 -20.15 52.44 55.36
CA THR EA 138 -20.98 52.38 56.56
C THR EA 138 -20.27 53.07 57.71
N PHE EA 139 -21.05 53.33 58.76
CA PHE EA 139 -20.58 54.14 59.88
C PHE EA 139 -19.33 53.52 60.50
N ARG EA 140 -18.32 54.35 60.72
CA ARG EA 140 -17.04 53.97 61.31
C ARG EA 140 -16.30 52.91 60.51
N GLY EA 141 -16.75 52.61 59.30
CA GLY EA 141 -16.04 51.64 58.47
C GLY EA 141 -16.08 50.22 58.99
N LEU EA 142 -17.25 49.77 59.45
CA LEU EA 142 -17.38 48.43 59.99
C LEU EA 142 -17.56 47.40 58.89
N ARG EA 143 -16.91 46.25 59.06
CA ARG EA 143 -17.21 45.11 58.23
C ARG EA 143 -18.55 44.51 58.66
N PRO EA 144 -19.20 43.76 57.78
CA PRO EA 144 -20.45 43.12 58.18
C PRO EA 144 -20.23 42.18 59.34
N ARG EA 145 -21.25 42.08 60.20
CA ARG EA 145 -21.19 41.23 61.38
C ARG EA 145 -20.01 41.60 62.27
N GLU EA 146 -19.85 42.89 62.53
CA GLU EA 146 -18.93 43.37 63.54
C GLU EA 146 -19.74 43.88 64.74
N VAL EA 147 -19.03 44.32 65.77
CA VAL EA 147 -19.63 44.72 67.04
C VAL EA 147 -19.27 46.16 67.41
N GLN EA 148 -17.99 46.46 67.54
CA GLN EA 148 -17.58 47.77 68.03
C GLN EA 148 -17.95 48.86 67.04
N VAL FA 1 22.01 14.52 -11.56
CA VAL FA 1 21.82 15.96 -11.40
C VAL FA 1 20.66 16.43 -12.22
N LYS FA 2 19.62 16.92 -11.56
CA LYS FA 2 18.55 17.59 -12.27
C LYS FA 2 19.11 18.75 -13.06
N LYS FA 3 18.71 18.86 -14.33
CA LYS FA 3 19.17 19.92 -15.18
C LYS FA 3 18.34 21.17 -14.94
N GLY FA 4 19.03 22.31 -14.82
CA GLY FA 4 18.35 23.56 -14.53
C GLY FA 4 19.22 24.58 -13.84
N PHE FA 5 18.74 25.82 -13.77
CA PHE FA 5 19.45 26.91 -13.12
C PHE FA 5 18.59 27.73 -12.19
N ARG FA 6 17.28 27.83 -12.42
CA ARG FA 6 16.45 28.75 -11.64
C ARG FA 6 16.36 28.31 -10.19
N ALA FA 7 16.10 27.03 -9.95
CA ALA FA 7 15.97 26.57 -8.58
C ALA FA 7 17.29 26.71 -7.83
N ALA FA 8 18.41 26.49 -8.51
CA ALA FA 8 19.70 26.64 -7.85
C ALA FA 8 19.93 28.06 -7.39
N PHE FA 9 19.67 29.03 -8.25
CA PHE FA 9 19.85 30.42 -7.88
C PHE FA 9 18.87 30.83 -6.80
N ARG FA 10 17.63 30.36 -6.88
CA ARG FA 10 16.66 30.67 -5.85
C ARG FA 10 17.11 30.14 -4.50
N PHE FA 11 17.64 28.92 -4.47
CA PHE FA 11 18.11 28.36 -3.21
C PHE FA 11 19.34 29.11 -2.70
N GLN FA 12 20.23 29.53 -3.59
CA GLN FA 12 21.37 30.33 -3.14
C GLN FA 12 20.91 31.62 -2.49
N LYS FA 13 19.92 32.29 -3.09
CA LYS FA 13 19.41 33.52 -2.50
C LYS FA 13 18.79 33.24 -1.13
N GLU FA 14 18.03 32.16 -1.00
CA GLU FA 14 17.45 31.84 0.30
C GLU FA 14 18.52 31.53 1.33
N LEU FA 15 19.58 30.81 0.93
CA LEU FA 15 20.67 30.55 1.85
C LEU FA 15 21.33 31.85 2.29
N GLU FA 16 21.53 32.78 1.36
CA GLU FA 16 22.13 34.06 1.73
C GLU FA 16 21.24 34.80 2.72
N ARG FA 17 19.92 34.76 2.49
CA ARG FA 17 19.00 35.39 3.43
C ARG FA 17 19.14 34.79 4.81
N GLN FA 18 19.16 33.46 4.90
CA GLN FA 18 19.32 32.82 6.20
C GLN FA 18 20.65 33.19 6.83
N ARG FA 19 21.70 33.29 6.01
CA ARG FA 19 23.03 33.62 6.50
C ARG FA 19 23.14 35.09 6.89
N LEU FA 20 22.15 35.91 6.54
CA LEU FA 20 22.08 37.28 7.01
C LEU FA 20 21.03 37.47 8.12
N LEU FA 21 20.65 36.39 8.80
CA LEU FA 21 19.91 36.44 10.06
C LEU FA 21 20.74 35.91 11.21
N ARG FA 22 21.34 34.74 11.05
CA ARG FA 22 22.43 34.32 11.91
C ARG FA 22 23.71 34.98 11.39
N CYS FA 23 24.53 35.43 12.32
CA CYS FA 23 25.72 36.17 11.96
C CYS FA 23 25.38 37.41 11.13
N PRO FA 24 24.52 38.32 11.59
CA PRO FA 24 24.30 39.57 10.85
C PRO FA 24 25.58 40.39 10.82
N PRO FA 25 25.77 41.22 9.80
CA PRO FA 25 27.01 41.96 9.68
C PRO FA 25 27.12 43.01 10.76
N PRO FA 26 28.33 43.42 11.12
CA PRO FA 26 28.47 44.48 12.12
C PRO FA 26 27.89 45.78 11.59
N PRO FA 27 26.92 46.38 12.28
CA PRO FA 27 26.27 47.57 11.70
C PRO FA 27 27.27 48.66 11.42
N VAL FA 28 27.05 49.38 10.32
CA VAL FA 28 28.00 50.36 9.81
C VAL FA 28 27.24 51.64 9.48
N ARG FA 29 28.00 52.73 9.36
CA ARG FA 29 27.40 54.03 9.12
C ARG FA 29 26.54 54.00 7.88
N ARG FA 30 25.37 54.64 7.96
CA ARG FA 30 24.56 54.79 6.76
C ARG FA 30 25.28 55.61 5.71
N SER FA 31 26.25 56.44 6.12
CA SER FA 31 27.02 57.24 5.18
C SER FA 31 28.13 56.46 4.51
N GLU FA 32 28.10 55.13 4.57
CA GLU FA 32 29.05 54.31 3.82
C GLU FA 32 28.37 53.32 2.89
N LYS FA 33 27.19 52.83 3.26
CA LYS FA 33 26.44 51.97 2.36
C LYS FA 33 26.19 52.70 1.03
N PRO FA 34 25.80 51.97 -0.03
CA PRO FA 34 25.58 52.63 -1.31
C PRO FA 34 24.43 53.64 -1.25
N ASN FA 35 24.23 54.40 -2.32
CA ASN FA 35 23.13 55.35 -2.39
C ASN FA 35 23.22 56.38 -1.26
N TRP FA 36 24.25 57.22 -1.33
CA TRP FA 36 24.42 58.27 -0.34
C TRP FA 36 25.10 59.47 -0.94
N ASP FA 37 24.45 60.63 -0.85
CA ASP FA 37 25.06 61.91 -1.13
C ASP FA 37 24.65 62.88 -0.04
N TYR FA 38 25.64 63.42 0.68
CA TYR FA 38 25.35 64.15 1.90
C TYR FA 38 24.47 65.36 1.63
N HIS FA 39 24.76 66.10 0.56
CA HIS FA 39 24.05 67.35 0.30
C HIS FA 39 22.55 67.12 0.20
N ALA FA 40 22.14 66.17 -0.64
CA ALA FA 40 20.72 65.89 -0.78
C ALA FA 40 20.12 65.45 0.54
N GLU FA 41 20.88 64.67 1.31
CA GLU FA 41 20.35 64.16 2.57
C GLU FA 41 20.11 65.29 3.56
N ILE FA 42 21.04 66.22 3.68
CA ILE FA 42 20.88 67.30 4.65
C ILE FA 42 19.77 68.25 4.22
N GLN FA 43 19.70 68.55 2.92
CA GLN FA 43 18.61 69.39 2.44
C GLN FA 43 17.26 68.73 2.69
N ALA FA 44 17.18 67.42 2.48
CA ALA FA 44 15.93 66.71 2.76
C ALA FA 44 15.64 66.72 4.25
N PHE FA 45 16.68 66.61 5.09
CA PHE FA 45 16.45 66.73 6.52
C PHE FA 45 15.80 68.05 6.85
N GLY FA 46 16.31 69.13 6.26
CA GLY FA 46 15.63 70.41 6.41
C GLY FA 46 14.19 70.34 6.00
N HIS FA 47 13.93 70.09 4.72
CA HIS FA 47 12.58 70.19 4.19
C HIS FA 47 11.61 69.25 4.89
N ARG FA 48 12.10 68.17 5.50
CA ARG FA 48 11.19 67.19 6.08
C ARG FA 48 10.48 67.73 7.30
N LEU FA 49 11.16 68.57 8.08
CA LEU FA 49 10.63 69.08 9.32
C LEU FA 49 9.83 70.37 9.13
N GLN FA 50 9.75 70.89 7.92
CA GLN FA 50 9.07 72.14 7.65
C GLN FA 50 9.81 73.31 8.30
N GLU FA 51 11.10 73.39 8.04
CA GLU FA 51 11.96 74.41 8.61
C GLU FA 51 13.01 74.84 7.60
N ASN FA 52 13.30 76.14 7.56
CA ASN FA 52 14.22 76.69 6.58
C ASN FA 52 15.59 76.89 7.23
N PHE FA 53 16.23 75.78 7.57
CA PHE FA 53 17.57 75.84 8.10
C PHE FA 53 18.50 76.55 7.13
N SER FA 54 19.39 77.37 7.66
CA SER FA 54 20.48 77.89 6.85
C SER FA 54 21.48 76.76 6.62
N LEU FA 55 21.83 76.54 5.35
CA LEU FA 55 22.54 75.32 4.99
C LEU FA 55 23.90 75.25 5.67
N ASP FA 56 24.63 76.37 5.73
CA ASP FA 56 25.95 76.32 6.33
C ASP FA 56 25.89 76.04 7.82
N LEU FA 57 25.01 76.72 8.54
CA LEU FA 57 24.90 76.48 9.98
C LEU FA 57 24.45 75.06 10.26
N LEU FA 58 23.48 74.55 9.49
CA LEU FA 58 23.06 73.18 9.72
C LEU FA 58 24.19 72.22 9.40
N LYS FA 59 24.97 72.51 8.37
CA LYS FA 59 26.11 71.65 8.05
C LYS FA 59 27.08 71.58 9.22
N THR FA 60 27.41 72.74 9.80
CA THR FA 60 28.37 72.73 10.90
C THR FA 60 27.74 72.32 12.21
N ALA FA 61 26.41 72.17 12.25
CA ALA FA 61 25.76 71.67 13.46
C ALA FA 61 25.82 70.16 13.57
N PHE FA 62 26.21 69.45 12.52
CA PHE FA 62 26.33 68.01 12.56
C PHE FA 62 27.77 67.52 12.64
N VAL FA 63 28.73 68.42 12.73
CA VAL FA 63 30.13 68.06 12.83
C VAL FA 63 30.59 68.25 14.27
N ASN FA 64 31.27 67.24 14.81
CA ASN FA 64 31.64 67.21 16.21
C ASN FA 64 33.15 67.17 16.38
N SER FA 65 33.61 67.71 17.50
CA SER FA 65 35.04 67.83 17.75
C SER FA 65 35.74 66.48 17.61
N CYS FA 66 35.07 65.41 18.02
CA CYS FA 66 35.65 64.09 17.85
C CYS FA 66 36.02 63.85 16.38
N TYR FA 67 35.09 64.16 15.48
CA TYR FA 67 35.34 63.92 14.07
C TYR FA 67 36.49 64.77 13.55
N ILE FA 68 36.58 66.03 13.98
CA ILE FA 68 37.69 66.87 13.55
C ILE FA 68 39.02 66.29 14.03
N LYS FA 69 39.08 65.86 15.28
CA LYS FA 69 40.33 65.30 15.80
C LYS FA 69 40.70 64.03 15.05
N SER FA 70 39.71 63.18 14.76
CA SER FA 70 40.01 61.94 14.06
C SER FA 70 40.47 62.21 12.64
N GLU FA 71 39.89 63.22 11.98
CA GLU FA 71 40.37 63.59 10.65
C GLU FA 71 41.79 64.12 10.71
N GLU FA 72 42.09 64.93 11.72
CA GLU FA 72 43.45 65.46 11.87
C GLU FA 72 44.45 64.34 12.09
N ALA FA 73 44.09 63.35 12.91
CA ALA FA 73 45.00 62.25 13.20
C ALA FA 73 45.10 61.26 12.05
N LYS FA 74 44.03 61.09 11.28
CA LYS FA 74 44.00 60.12 10.19
C LYS FA 74 44.64 60.66 8.92
N ARG FA 75 44.94 61.96 8.87
CA ARG FA 75 45.58 62.53 7.69
C ARG FA 75 47.09 62.33 7.68
N GLN FA 76 47.62 61.45 8.52
CA GLN FA 76 49.02 61.08 8.44
C GLN FA 76 49.23 59.69 9.05
N LEU FA 89 38.34 74.70 9.30
CA LEU FA 89 37.03 74.10 9.54
C LEU FA 89 36.56 74.37 10.97
N LYS FA 90 35.25 74.34 11.18
CA LYS FA 90 34.64 74.69 12.46
C LYS FA 90 33.98 73.46 13.08
N SER FA 91 33.80 73.52 14.40
CA SER FA 91 33.13 72.49 15.17
C SER FA 91 31.80 73.03 15.67
N ASN FA 92 31.04 72.19 16.37
CA ASN FA 92 29.69 72.53 16.80
C ASN FA 92 29.57 72.75 18.31
N GLN FA 93 30.64 73.18 18.98
CA GLN FA 93 30.51 73.48 20.39
C GLN FA 93 29.60 74.68 20.62
N GLU FA 94 29.87 75.78 19.92
CA GLU FA 94 29.16 77.02 20.20
C GLU FA 94 27.67 76.88 19.90
N LEU FA 95 27.33 76.26 18.77
CA LEU FA 95 25.92 76.04 18.45
C LEU FA 95 25.27 75.14 19.48
N SER FA 96 25.99 74.11 19.94
CA SER FA 96 25.42 73.22 20.95
C SER FA 96 25.12 73.97 22.23
N GLU FA 97 26.04 74.84 22.66
CA GLU FA 97 25.79 75.63 23.87
C GLU FA 97 24.57 76.51 23.71
N GLN FA 98 24.50 77.24 22.59
CA GLN FA 98 23.35 78.10 22.38
C GLN FA 98 22.06 77.30 22.39
N GLY FA 99 22.05 76.15 21.72
CA GLY FA 99 20.84 75.36 21.64
C GLY FA 99 20.42 74.79 22.97
N THR FA 100 21.37 74.25 23.73
CA THR FA 100 21.03 73.69 25.03
C THR FA 100 20.49 74.79 25.96
N SER FA 101 21.15 75.94 25.97
CA SER FA 101 20.70 77.02 26.84
C SER FA 101 19.31 77.49 26.46
N PHE FA 102 19.07 77.69 25.17
CA PHE FA 102 17.75 78.13 24.75
C PHE FA 102 16.70 77.06 25.03
N SER FA 103 17.05 75.79 24.83
CA SER FA 103 16.08 74.72 25.06
C SER FA 103 15.69 74.68 26.53
N GLN FA 104 16.67 74.80 27.43
CA GLN FA 104 16.36 74.84 28.84
C GLN FA 104 15.44 76.01 29.17
N THR FA 105 15.79 77.21 28.71
CA THR FA 105 14.97 78.37 29.03
C THR FA 105 13.56 78.21 28.48
N CYS FA 106 13.42 77.77 27.23
CA CYS FA 106 12.11 77.72 26.60
C CYS FA 106 11.24 76.63 27.22
N LEU FA 107 11.83 75.48 27.52
CA LEU FA 107 11.07 74.44 28.20
C LEU FA 107 10.64 74.91 29.58
N THR FA 108 11.51 75.61 30.30
CA THR FA 108 11.10 76.15 31.58
C THR FA 108 9.91 77.07 31.41
N GLN FA 109 9.96 77.96 30.43
CA GLN FA 109 8.84 78.88 30.22
C GLN FA 109 7.56 78.10 29.90
N PHE FA 110 7.66 77.12 29.01
CA PHE FA 110 6.50 76.33 28.63
C PHE FA 110 5.87 75.67 29.86
N LEU FA 111 6.68 74.93 30.62
CA LEU FA 111 6.14 74.19 31.74
C LEU FA 111 5.61 75.13 32.82
N GLU FA 112 6.31 76.23 33.09
CA GLU FA 112 5.83 77.19 34.07
C GLU FA 112 4.48 77.75 33.68
N ASP FA 113 4.30 78.10 32.41
CA ASP FA 113 3.04 78.69 32.00
C ASP FA 113 1.92 77.66 31.96
N GLU FA 114 2.24 76.42 31.60
CA GLU FA 114 1.22 75.38 31.57
C GLU FA 114 0.85 74.91 32.96
N TYR FA 115 1.84 74.74 33.83
CA TYR FA 115 1.65 74.25 35.19
C TYR FA 115 2.15 75.31 36.15
N PRO FA 116 1.28 76.21 36.60
CA PRO FA 116 1.77 77.30 37.45
C PRO FA 116 2.11 76.87 38.86
N ASP FA 117 1.33 75.97 39.45
CA ASP FA 117 1.51 75.66 40.86
C ASP FA 117 2.75 74.80 41.12
N MET FA 118 3.25 74.12 40.11
CA MET FA 118 4.33 73.17 40.34
C MET FA 118 5.58 73.87 40.84
N PRO FA 119 6.29 73.31 41.81
CA PRO FA 119 7.47 73.99 42.35
C PRO FA 119 8.62 73.99 41.37
N THR FA 120 9.57 74.90 41.62
CA THR FA 120 10.70 75.04 40.71
C THR FA 120 11.52 73.77 40.65
N GLU FA 121 11.59 73.02 41.75
CA GLU FA 121 12.31 71.76 41.73
C GLU FA 121 11.69 70.80 40.71
N GLY FA 122 10.36 70.69 40.73
CA GLY FA 122 9.69 69.80 39.80
C GLY FA 122 9.84 70.23 38.35
N ILE FA 123 9.73 71.54 38.10
CA ILE FA 123 9.90 72.03 36.73
C ILE FA 123 11.31 71.76 36.25
N LYS FA 124 12.31 71.99 37.10
CA LYS FA 124 13.67 71.68 36.69
C LYS FA 124 13.84 70.20 36.43
N ASN FA 125 13.19 69.36 37.22
CA ASN FA 125 13.30 67.92 36.98
C ASN FA 125 12.68 67.53 35.65
N LEU FA 126 11.48 68.06 35.35
CA LEU FA 126 10.88 67.75 34.05
C LEU FA 126 11.76 68.23 32.92
N VAL FA 127 12.34 69.42 33.07
CA VAL FA 127 13.19 69.96 32.03
C VAL FA 127 14.44 69.10 31.85
N ASP FA 128 14.96 68.54 32.93
CA ASP FA 128 16.11 67.65 32.79
C ASP FA 128 15.72 66.34 32.15
N PHE FA 129 14.51 65.86 32.44
CA PHE FA 129 14.03 64.63 31.81
C PHE FA 129 13.90 64.80 30.30
N LEU FA 130 13.19 65.85 29.87
CA LEU FA 130 12.95 66.03 28.45
C LEU FA 130 14.25 66.28 27.70
N THR FA 131 15.15 67.06 28.27
CA THR FA 131 16.44 67.32 27.64
C THR FA 131 17.50 66.29 28.02
N GLY FA 132 17.12 65.19 28.64
CA GLY FA 132 18.08 64.18 29.02
C GLY FA 132 18.44 63.26 27.86
N GLU FA 133 19.41 62.39 28.11
CA GLU FA 133 19.86 61.48 27.07
C GLU FA 133 18.78 60.46 26.73
N GLU FA 134 18.03 60.00 27.72
CA GLU FA 134 17.08 58.93 27.49
C GLU FA 134 16.03 59.29 26.46
N VAL FA 135 15.62 60.56 26.42
CA VAL FA 135 14.58 61.01 25.50
C VAL FA 135 15.17 61.69 24.28
N VAL FA 136 16.26 62.43 24.46
CA VAL FA 136 16.88 63.09 23.32
C VAL FA 136 17.42 62.07 22.33
N CYS FA 137 18.05 60.99 22.82
CA CYS FA 137 18.52 59.97 21.90
C CYS FA 137 17.36 59.34 21.15
N HIS FA 138 16.25 59.10 21.82
CA HIS FA 138 15.09 58.54 21.16
C HIS FA 138 14.55 59.46 20.08
N VAL FA 139 14.50 60.77 20.36
CA VAL FA 139 14.00 61.70 19.36
C VAL FA 139 15.03 61.94 18.27
N ALA FA 140 16.29 61.60 18.52
CA ALA FA 140 17.33 61.87 17.53
C ALA FA 140 17.58 60.67 16.63
N ARG FA 141 17.23 59.47 17.08
CA ARG FA 141 17.31 58.31 16.20
C ARG FA 141 16.15 58.30 15.22
N ASN FA 142 14.96 58.71 15.67
CA ASN FA 142 13.78 58.72 14.84
C ASN FA 142 13.60 60.02 14.08
N LEU FA 143 14.66 60.80 13.88
CA LEU FA 143 14.65 61.91 12.94
C LEU FA 143 15.95 61.98 12.16
N ALA FA 144 16.68 60.88 12.07
CA ALA FA 144 17.83 60.75 11.18
C ALA FA 144 18.96 61.72 11.53
N VAL FA 145 19.21 61.96 12.82
CA VAL FA 145 20.37 62.74 13.20
C VAL FA 145 21.61 61.86 13.22
N GLU FA 146 21.46 60.59 13.62
CA GLU FA 146 22.61 59.71 13.64
C GLU FA 146 23.14 59.45 12.24
N GLN FA 147 22.28 59.45 11.24
CA GLN FA 147 22.72 59.17 9.88
C GLN FA 147 23.62 60.29 9.36
N LEU FA 148 23.28 61.53 9.66
CA LEU FA 148 24.01 62.67 9.13
C LEU FA 148 25.19 63.08 10.01
N THR FA 149 25.12 62.85 11.31
CA THR FA 149 26.16 63.32 12.22
C THR FA 149 27.48 62.62 11.94
N LEU FA 150 28.57 63.34 12.18
CA LEU FA 150 29.92 62.84 11.94
C LEU FA 150 30.58 62.62 13.29
N SER FA 151 31.19 61.45 13.47
CA SER FA 151 31.75 61.07 14.75
C SER FA 151 32.86 60.04 14.50
N GLU FA 152 33.28 59.35 15.55
CA GLU FA 152 34.17 58.20 15.43
C GLU FA 152 33.43 56.88 15.55
N GLU FA 153 32.76 56.66 16.66
CA GLU FA 153 32.21 55.36 16.99
C GLU FA 153 30.76 55.26 16.56
N PHE FA 154 30.44 54.21 15.82
CA PHE FA 154 29.08 53.92 15.42
C PHE FA 154 28.64 52.67 16.16
N PRO FA 155 27.46 52.65 16.79
CA PRO FA 155 26.48 53.72 16.90
C PRO FA 155 27.03 54.91 17.68
N VAL FA 156 26.62 56.11 17.30
CA VAL FA 156 27.09 57.32 17.97
C VAL FA 156 26.67 57.25 19.44
N PRO FA 157 27.56 57.55 20.39
CA PRO FA 157 27.17 57.47 21.80
C PRO FA 157 26.04 58.43 22.10
N PRO FA 158 25.13 58.07 23.01
CA PRO FA 158 23.96 58.92 23.24
C PRO FA 158 24.32 60.35 23.64
N ALA FA 159 25.43 60.57 24.33
CA ALA FA 159 25.83 61.93 24.66
C ALA FA 159 26.12 62.74 23.41
N VAL FA 160 26.79 62.12 22.43
CA VAL FA 160 27.12 62.85 21.20
C VAL FA 160 25.86 63.14 20.40
N LEU FA 161 24.91 62.20 20.38
CA LEU FA 161 23.62 62.49 19.77
C LEU FA 161 22.93 63.66 20.45
N GLN FA 162 22.96 63.69 21.78
CA GLN FA 162 22.32 64.78 22.50
C GLN FA 162 22.94 66.11 22.11
N GLN FA 163 24.27 66.18 22.13
CA GLN FA 163 24.90 67.46 21.87
C GLN FA 163 24.72 67.88 20.41
N THR FA 164 24.68 66.92 19.49
CA THR FA 164 24.40 67.26 18.09
C THR FA 164 22.96 67.72 17.91
N PHE FA 165 22.01 67.07 18.59
CA PHE FA 165 20.62 67.47 18.47
C PHE FA 165 20.43 68.90 18.94
N PHE FA 166 21.05 69.26 20.06
CA PHE FA 166 20.90 70.63 20.51
C PHE FA 166 21.71 71.59 19.65
N ALA FA 167 22.77 71.10 18.99
CA ALA FA 167 23.43 71.93 17.99
C ALA FA 167 22.49 72.24 16.83
N VAL FA 168 21.70 71.26 16.42
CA VAL FA 168 20.74 71.49 15.34
C VAL FA 168 19.68 72.49 15.78
N ILE FA 169 19.19 72.36 17.02
CA ILE FA 169 18.24 73.35 17.52
C ILE FA 169 18.88 74.73 17.55
N GLY FA 170 20.16 74.81 17.89
CA GLY FA 170 20.84 76.08 17.89
C GLY FA 170 20.93 76.69 16.50
N ALA FA 171 21.24 75.86 15.51
CA ALA FA 171 21.23 76.34 14.14
C ALA FA 171 19.85 76.84 13.74
N LEU FA 172 18.81 76.08 14.10
CA LEU FA 172 17.44 76.49 13.79
C LEU FA 172 17.14 77.85 14.41
N LEU FA 173 17.56 78.05 15.65
CA LEU FA 173 17.31 79.33 16.31
C LEU FA 173 18.05 80.46 15.61
N GLN FA 174 19.35 80.28 15.36
CA GLN FA 174 20.12 81.34 14.73
C GLN FA 174 19.59 81.64 13.33
N SER FA 175 18.90 80.68 12.70
CA SER FA 175 18.42 80.89 11.35
C SER FA 175 17.04 81.55 11.34
N SER FA 176 16.03 80.91 11.94
CA SER FA 176 14.65 81.32 11.77
C SER FA 176 14.03 81.95 13.01
N GLY FA 177 14.83 82.35 13.99
CA GLY FA 177 14.32 83.14 15.10
C GLY FA 177 13.77 82.32 16.24
N PRO FA 178 13.42 82.99 17.34
CA PRO FA 178 12.97 82.27 18.53
C PRO FA 178 11.66 81.53 18.39
N GLU FA 179 10.65 82.16 17.80
CA GLU FA 179 9.31 81.58 17.83
C GLU FA 179 9.26 80.24 17.10
N ARG FA 180 9.89 80.16 15.94
CA ARG FA 180 9.88 78.90 15.20
C ARG FA 180 10.62 77.82 15.97
N THR FA 181 11.73 78.16 16.60
CA THR FA 181 12.41 77.19 17.44
C THR FA 181 11.50 76.73 18.56
N ALA FA 182 10.73 77.63 19.14
CA ALA FA 182 9.82 77.24 20.20
C ALA FA 182 8.79 76.25 19.69
N LEU FA 183 8.30 76.47 18.47
CA LEU FA 183 7.38 75.51 17.89
C LEU FA 183 8.06 74.16 17.67
N PHE FA 184 9.32 74.17 17.24
CA PHE FA 184 10.05 72.93 17.05
C PHE FA 184 10.14 72.15 18.37
N ILE FA 185 10.51 72.84 19.44
CA ILE FA 185 10.64 72.21 20.74
C ILE FA 185 9.30 71.69 21.22
N ARG FA 186 8.24 72.48 21.03
CA ARG FA 186 6.90 71.99 21.38
C ARG FA 186 6.56 70.76 20.57
N ASP FA 187 7.07 70.65 19.35
CA ASP FA 187 6.65 69.56 18.48
C ASP FA 187 7.37 68.26 18.78
N PHE FA 188 8.64 68.31 19.18
CA PHE FA 188 9.40 67.09 19.36
C PHE FA 188 9.72 66.75 20.81
N LEU FA 189 10.12 67.73 21.63
CA LEU FA 189 10.46 67.40 23.01
C LEU FA 189 9.22 67.34 23.89
N ILE FA 190 8.42 68.41 23.94
CA ILE FA 190 7.29 68.43 24.86
C ILE FA 190 6.36 67.26 24.60
N THR FA 191 6.23 66.83 23.36
CA THR FA 191 5.32 65.73 23.06
C THR FA 191 5.67 64.49 23.86
N GLN FA 192 6.93 64.33 24.25
CA GLN FA 192 7.35 63.15 24.97
C GLN FA 192 6.71 63.02 26.33
N MET FA 193 6.10 64.07 26.85
CA MET FA 193 5.36 63.94 28.10
C MET FA 193 4.04 63.23 27.94
N THR FA 194 3.74 62.70 26.77
CA THR FA 194 2.41 62.16 26.53
C THR FA 194 2.26 60.82 27.22
N GLY FA 195 1.26 60.72 28.09
CA GLY FA 195 1.00 59.48 28.80
C GLY FA 195 1.75 59.36 30.10
N LYS FA 196 3.01 59.77 30.11
CA LYS FA 196 3.83 59.65 31.32
C LYS FA 196 3.16 60.35 32.49
N GLU FA 197 3.15 59.67 33.63
CA GLU FA 197 2.73 60.31 34.87
C GLU FA 197 3.85 61.21 35.38
N LEU FA 198 3.51 62.02 36.38
CA LEU FA 198 4.47 63.01 36.87
C LEU FA 198 5.69 62.33 37.46
N PHE FA 199 5.48 61.40 38.39
CA PHE FA 199 6.57 60.79 39.11
C PHE FA 199 7.20 59.63 38.37
N GLU FA 200 6.96 59.53 37.06
CA GLU FA 200 7.77 58.68 36.19
C GLU FA 200 8.86 59.49 35.51
N MET FA 201 8.74 60.81 35.55
CA MET FA 201 9.79 61.69 35.01
C MET FA 201 10.52 62.42 36.12
N TRP FA 202 9.79 62.84 37.15
CA TRP FA 202 10.34 63.47 38.35
C TRP FA 202 10.47 62.39 39.40
N LYS FA 203 11.61 61.70 39.42
CA LYS FA 203 11.82 60.57 40.30
C LYS FA 203 12.16 61.07 41.69
N ILE FA 204 11.29 60.79 42.65
CA ILE FA 204 11.45 61.29 44.02
C ILE FA 204 11.40 60.12 44.99
N ILE FA 205 11.82 60.38 46.23
CA ILE FA 205 11.73 59.45 47.33
C ILE FA 205 11.12 60.17 48.53
N ASN FA 206 10.46 59.40 49.38
CA ASN FA 206 9.83 59.95 50.57
C ASN FA 206 8.79 60.99 50.15
N PRO FA 207 7.69 60.57 49.54
CA PRO FA 207 6.68 61.53 49.09
C PRO FA 207 5.92 62.19 50.23
N MET FA 208 5.66 61.47 51.32
CA MET FA 208 4.88 62.05 52.41
C MET FA 208 5.59 63.26 53.01
N GLY FA 209 6.92 63.21 53.08
CA GLY FA 209 7.65 64.36 53.56
C GLY FA 209 7.45 65.58 52.69
N LEU FA 210 7.51 65.40 51.38
CA LEU FA 210 7.31 66.52 50.47
C LEU FA 210 5.89 67.04 50.56
N LEU FA 211 4.92 66.16 50.72
CA LEU FA 211 3.55 66.61 50.90
C LEU FA 211 3.42 67.45 52.16
N VAL FA 212 4.03 67.01 53.26
CA VAL FA 212 3.94 67.76 54.50
C VAL FA 212 4.61 69.12 54.35
N GLU FA 213 5.75 69.16 53.68
CA GLU FA 213 6.41 70.44 53.44
C GLU FA 213 5.51 71.39 52.67
N GLU FA 214 4.96 70.94 51.55
CA GLU FA 214 4.13 71.83 50.74
C GLU FA 214 2.89 72.26 51.50
N LEU FA 215 2.28 71.35 52.26
CA LEU FA 215 1.10 71.73 53.03
C LEU FA 215 1.44 72.74 54.12
N LYS FA 216 2.62 72.61 54.73
CA LYS FA 216 3.05 73.60 55.70
C LYS FA 216 3.21 74.97 55.04
N LYS FA 217 3.83 75.01 53.85
CA LYS FA 217 3.99 76.28 53.16
C LYS FA 217 2.66 76.99 52.97
N ARG FA 218 1.60 76.24 52.70
CA ARG FA 218 0.27 76.81 52.62
C ARG FA 218 -0.41 76.93 53.98
N ASN FA 219 0.35 76.81 55.07
CA ASN FA 219 -0.16 77.03 56.43
C ASN FA 219 -1.40 76.19 56.70
N VAL FA 220 -1.21 74.88 56.68
CA VAL FA 220 -2.24 73.94 57.11
C VAL FA 220 -1.53 72.74 57.74
N SER FA 221 -2.13 72.20 58.80
CA SER FA 221 -1.48 71.14 59.56
C SER FA 221 -1.26 69.93 58.67
N ALA FA 222 -0.28 69.11 59.05
CA ALA FA 222 0.06 67.95 58.26
C ALA FA 222 -1.15 67.02 58.16
N PRO FA 223 -1.24 66.24 57.09
CA PRO FA 223 -2.47 65.48 56.85
C PRO FA 223 -2.54 64.22 57.69
N GLU FA 224 -3.76 63.88 58.08
CA GLU FA 224 -4.03 62.67 58.84
C GLU FA 224 -4.37 61.54 57.88
N SER FA 225 -3.68 60.41 58.03
CA SER FA 225 -3.90 59.27 57.16
C SER FA 225 -4.84 58.30 57.84
N ARG FA 226 -5.99 58.05 57.22
CA ARG FA 226 -7.00 57.14 57.72
C ARG FA 226 -7.05 55.90 56.84
N LEU FA 227 -8.00 55.02 57.12
CA LEU FA 227 -8.22 53.82 56.32
C LEU FA 227 -9.63 53.86 55.78
N THR FA 228 -9.75 54.16 54.49
CA THR FA 228 -11.06 54.34 53.89
C THR FA 228 -11.74 53.01 53.60
N ARG FA 229 -11.04 52.09 52.93
CA ARG FA 229 -11.65 50.81 52.59
C ARG FA 229 -10.62 49.70 52.67
N GLN FA 230 -11.08 48.47 52.87
CA GLN FA 230 -10.17 47.34 52.98
C GLN FA 230 -10.87 46.06 52.61
N SER FA 231 -10.14 45.17 51.94
CA SER FA 231 -10.63 43.85 51.61
C SER FA 231 -9.49 42.87 51.70
N GLY FA 232 -9.77 41.69 52.27
CA GLY FA 232 -8.75 40.69 52.45
C GLY FA 232 -7.68 41.09 53.43
N GLY FA 233 -8.06 41.35 54.68
CA GLY FA 233 -7.07 41.81 55.65
C GLY FA 233 -6.00 40.80 55.96
N THR FA 234 -6.37 39.52 56.05
CA THR FA 234 -5.47 38.48 56.50
C THR FA 234 -4.76 37.75 55.37
N THR FA 235 -5.30 37.79 54.16
CA THR FA 235 -4.79 36.96 53.08
C THR FA 235 -3.45 37.50 52.58
N ALA FA 236 -2.95 36.89 51.51
CA ALA FA 236 -1.72 37.34 50.89
C ALA FA 236 -1.95 38.31 49.74
N LEU FA 237 -3.21 38.58 49.40
CA LEU FA 237 -3.58 39.51 48.35
C LEU FA 237 -4.57 40.51 48.92
N PRO FA 238 -4.13 41.38 49.82
CA PRO FA 238 -5.01 42.39 50.40
C PRO FA 238 -5.16 43.60 49.49
N LEU FA 239 -6.19 44.39 49.80
CA LEU FA 239 -6.40 45.69 49.17
C LEU FA 239 -6.78 46.68 50.25
N TYR FA 240 -5.91 47.67 50.47
CA TYR FA 240 -6.16 48.75 51.42
C TYR FA 240 -6.26 50.06 50.64
N PHE FA 241 -7.34 50.79 50.87
CA PHE FA 241 -7.57 52.10 50.30
C PHE FA 241 -7.44 53.12 51.41
N VAL FA 242 -6.32 53.84 51.39
CA VAL FA 242 -5.91 54.78 52.44
C VAL FA 242 -6.21 56.19 51.95
N GLY FA 243 -6.95 56.95 52.75
CA GLY FA 243 -7.33 58.29 52.37
C GLY FA 243 -6.83 59.38 53.30
N LEU FA 244 -5.94 60.24 52.82
CA LEU FA 244 -5.48 61.37 53.61
C LEU FA 244 -6.63 62.34 53.85
N TYR FA 245 -6.53 63.09 54.94
CA TYR FA 245 -7.52 64.10 55.29
C TYR FA 245 -6.81 65.35 55.79
N CYS FA 246 -7.51 66.48 55.69
CA CYS FA 246 -6.97 67.77 56.12
C CYS FA 246 -8.10 68.50 56.84
N ASP FA 247 -8.17 68.32 58.15
CA ASP FA 247 -9.22 68.94 58.96
C ASP FA 247 -10.60 68.53 58.45
N LYS FA 248 -10.84 67.22 58.42
CA LYS FA 248 -12.13 66.62 58.13
C LYS FA 248 -12.52 66.69 56.65
N LYS FA 249 -11.61 67.09 55.76
CA LYS FA 249 -11.88 67.14 54.33
C LYS FA 249 -10.84 66.31 53.60
N LEU FA 250 -11.30 65.45 52.70
CA LEU FA 250 -10.39 64.59 51.96
C LEU FA 250 -9.57 65.41 51.00
N ILE FA 251 -8.33 64.99 50.76
CA ILE FA 251 -7.50 65.60 49.73
C ILE FA 251 -6.83 64.57 48.85
N ALA FA 252 -7.11 63.28 49.03
CA ALA FA 252 -6.51 62.25 48.20
C ALA FA 252 -7.08 60.91 48.63
N GLU FA 253 -6.71 59.87 47.88
CA GLU FA 253 -7.11 58.51 48.19
C GLU FA 253 -6.24 57.60 47.36
N GLY FA 254 -5.63 56.59 47.98
CA GLY FA 254 -4.70 55.74 47.29
C GLY FA 254 -4.97 54.27 47.53
N PRO FA 255 -4.71 53.43 46.54
CA PRO FA 255 -4.76 51.98 46.75
C PRO FA 255 -3.41 51.39 47.10
N GLY FA 256 -3.45 50.18 47.63
CA GLY FA 256 -2.22 49.43 47.82
C GLY FA 256 -2.53 48.06 48.40
N GLU FA 257 -1.46 47.30 48.62
CA GLU FA 257 -1.57 46.01 49.28
C GLU FA 257 -1.20 46.08 50.75
N THR FA 258 -0.14 46.81 51.09
CA THR FA 258 0.15 47.16 52.46
C THR FA 258 -0.45 48.53 52.76
N VAL FA 259 -0.71 48.78 54.02
CA VAL FA 259 -1.21 50.09 54.41
C VAL FA 259 -0.14 51.15 54.20
N LEU FA 260 1.13 50.78 54.39
CA LEU FA 260 2.21 51.71 54.12
C LEU FA 260 2.23 52.13 52.66
N VAL FA 261 2.10 51.16 51.74
CA VAL FA 261 2.12 51.49 50.32
C VAL FA 261 0.90 52.31 49.94
N ALA FA 262 -0.26 52.00 50.54
CA ALA FA 262 -1.45 52.78 50.25
C ALA FA 262 -1.28 54.22 50.72
N GLU FA 263 -0.67 54.42 51.88
CA GLU FA 263 -0.40 55.77 52.35
C GLU FA 263 0.57 56.49 51.43
N GLU FA 264 1.61 55.80 50.98
CA GLU FA 264 2.55 56.41 50.04
C GLU FA 264 1.85 56.85 48.77
N GLU FA 265 0.98 55.99 48.24
CA GLU FA 265 0.27 56.34 47.01
C GLU FA 265 -0.73 57.46 47.24
N ALA FA 266 -1.35 57.52 48.42
CA ALA FA 266 -2.21 58.64 48.74
C ALA FA 266 -1.41 59.93 48.74
N ALA FA 267 -0.20 59.88 49.30
CA ALA FA 267 0.66 61.05 49.23
C ALA FA 267 0.98 61.44 47.80
N ARG FA 268 1.27 60.45 46.95
CA ARG FA 268 1.59 60.75 45.56
C ARG FA 268 0.42 61.41 44.84
N VAL FA 269 -0.79 60.88 45.04
CA VAL FA 269 -1.95 61.48 44.36
C VAL FA 269 -2.22 62.87 44.92
N ALA FA 270 -2.07 63.07 46.23
CA ALA FA 270 -2.28 64.41 46.77
C ALA FA 270 -1.27 65.39 46.19
N LEU FA 271 -0.01 64.96 46.07
CA LEU FA 271 1.00 65.82 45.47
C LEU FA 271 0.63 66.16 44.04
N ARG FA 272 0.16 65.18 43.28
CA ARG FA 272 -0.23 65.46 41.90
C ARG FA 272 -1.39 66.44 41.85
N LYS FA 273 -2.38 66.29 42.73
CA LYS FA 273 -3.52 67.20 42.71
C LYS FA 273 -3.08 68.62 43.06
N LEU FA 274 -2.18 68.77 44.02
CA LEU FA 274 -1.75 70.11 44.39
C LEU FA 274 -0.88 70.73 43.32
N TYR FA 275 -0.10 69.93 42.61
CA TYR FA 275 0.78 70.46 41.57
C TYR FA 275 0.11 70.54 40.21
N GLY FA 276 -1.17 70.21 40.11
CA GLY FA 276 -1.87 70.35 38.84
C GLY FA 276 -1.34 69.48 37.72
N PHE FA 277 -1.11 68.20 38.00
CA PHE FA 277 -0.53 67.26 37.06
C PHE FA 277 -1.31 65.96 37.06
N THR FA 278 -2.61 66.05 37.28
CA THR FA 278 -3.43 64.87 37.41
C THR FA 278 -3.45 64.07 36.11
N GLU FA 279 -4.11 62.92 36.16
CA GLU FA 279 -4.28 62.12 34.94
C GLU FA 279 -5.22 62.82 33.97
N ASN FA 280 -6.24 63.50 34.46
CA ASN FA 280 -7.24 64.14 33.63
C ASN FA 280 -7.05 65.65 33.55
N ARG FA 281 -5.82 66.11 33.49
CA ARG FA 281 -5.56 67.53 33.33
C ARG FA 281 -5.91 67.97 31.92
N ARG FA 282 -6.04 69.28 31.76
CA ARG FA 282 -6.33 69.85 30.46
C ARG FA 282 -5.19 69.48 29.51
N PRO FA 283 -5.41 68.62 28.51
CA PRO FA 283 -4.30 68.18 27.68
C PRO FA 283 -3.63 69.35 27.00
N TRP FA 284 -2.31 69.25 26.89
CA TRP FA 284 -1.54 70.30 26.25
C TRP FA 284 -2.18 70.73 24.94
N ASN FA 285 -2.04 72.00 24.60
CA ASN FA 285 -2.75 72.59 23.47
C ASN FA 285 -1.75 72.84 22.35
N TYR FA 286 -1.69 71.90 21.40
CA TYR FA 286 -0.68 71.97 20.35
C TYR FA 286 -1.09 72.88 19.20
N SER FA 287 -2.38 73.12 19.02
CA SER FA 287 -2.83 73.93 17.89
C SER FA 287 -2.28 75.34 17.99
N ALA GA 1 90.38 33.16 6.28
CA ALA GA 1 89.71 32.20 7.14
C ALA GA 1 89.24 30.99 6.35
N SER GA 2 88.11 31.13 5.67
CA SER GA 2 87.53 30.05 4.86
C SER GA 2 87.38 30.48 3.40
N GLN GA 3 88.36 31.21 2.87
CA GLN GA 3 88.26 31.68 1.48
C GLN GA 3 88.17 30.53 0.49
N VAL GA 4 88.72 29.36 0.86
CA VAL GA 4 88.69 28.22 -0.04
C VAL GA 4 87.25 27.81 -0.33
N SER GA 5 86.39 27.78 0.69
CA SER GA 5 84.99 27.45 0.46
C SER GA 5 84.26 28.60 -0.23
N ILE GA 6 84.66 29.85 0.05
CA ILE GA 6 84.00 31.01 -0.56
C ILE GA 6 84.38 31.18 -2.02
N ARG GA 7 85.41 30.48 -2.49
CA ARG GA 7 85.73 30.50 -3.91
C ARG GA 7 84.57 29.96 -4.74
N ARG GA 8 83.92 28.91 -4.23
CA ARG GA 8 82.74 28.39 -4.93
C ARG GA 8 81.64 29.45 -4.99
N ILE GA 9 81.45 30.20 -3.91
CA ILE GA 9 80.45 31.25 -3.91
C ILE GA 9 80.79 32.31 -4.96
N LYS GA 10 82.05 32.74 -4.99
CA LYS GA 10 82.46 33.75 -5.97
C LYS GA 10 82.25 33.24 -7.39
N ASP GA 11 82.60 31.98 -7.66
CA ASP GA 11 82.47 31.44 -8.99
C ASP GA 11 81.01 31.33 -9.41
N TYR GA 12 80.18 30.71 -8.57
CA TYR GA 12 78.79 30.46 -8.94
C TYR GA 12 77.99 31.75 -8.98
N ASP GA 13 77.90 32.44 -7.84
CA ASP GA 13 77.03 33.61 -7.77
C ASP GA 13 77.49 34.70 -8.73
N ALA GA 14 78.80 34.94 -8.80
CA ALA GA 14 79.43 35.94 -9.67
C ALA GA 14 79.10 37.37 -9.26
N ASN GA 15 78.39 37.57 -8.14
CA ASN GA 15 78.12 38.91 -7.62
C ASN GA 15 78.77 39.11 -6.26
N PHE GA 16 78.43 38.27 -5.27
CA PHE GA 16 79.09 38.23 -3.97
C PHE GA 16 79.35 39.61 -3.38
N LYS GA 17 78.29 40.35 -3.04
CA LYS GA 17 78.45 41.59 -2.28
C LYS GA 17 78.65 41.21 -0.82
N ILE GA 18 79.92 41.12 -0.41
CA ILE GA 18 80.22 40.61 0.93
C ILE GA 18 79.63 41.53 1.99
N LYS GA 19 79.84 42.83 1.86
CA LYS GA 19 79.37 43.76 2.88
C LYS GA 19 77.87 44.00 2.81
N ASP GA 20 77.24 43.75 1.68
CA ASP GA 20 75.77 43.85 1.60
C ASP GA 20 75.09 42.63 2.22
N PHE GA 21 75.80 41.51 2.34
CA PHE GA 21 75.19 40.32 2.93
C PHE GA 21 74.60 40.58 4.31
N PRO GA 22 75.26 41.27 5.24
CA PRO GA 22 74.58 41.57 6.51
C PRO GA 22 73.29 42.34 6.34
N GLU GA 23 73.23 43.28 5.40
CA GLU GA 23 72.01 44.05 5.20
C GLU GA 23 70.88 43.15 4.71
N LYS GA 24 71.16 42.32 3.71
CA LYS GA 24 70.14 41.39 3.22
C LYS GA 24 69.74 40.40 4.30
N ALA GA 25 70.70 39.92 5.09
CA ALA GA 25 70.40 38.98 6.16
C ALA GA 25 69.48 39.62 7.19
N LYS GA 26 69.77 40.85 7.60
CA LYS GA 26 68.91 41.53 8.56
C LYS GA 26 67.52 41.74 7.98
N ASP GA 27 67.45 42.12 6.69
CA ASP GA 27 66.16 42.33 6.05
C ASP GA 27 65.33 41.05 6.04
N ILE GA 28 65.93 39.94 5.61
CA ILE GA 28 65.19 38.69 5.57
C ILE GA 28 64.83 38.23 6.97
N PHE GA 29 65.71 38.46 7.95
CA PHE GA 29 65.41 38.11 9.33
C PHE GA 29 64.16 38.85 9.80
N ILE GA 30 64.16 40.17 9.68
CA ILE GA 30 63.03 40.94 10.17
C ILE GA 30 61.77 40.59 9.38
N GLU GA 31 61.91 40.31 8.09
CA GLU GA 31 60.75 39.96 7.29
C GLU GA 31 60.15 38.64 7.76
N ALA GA 32 60.98 37.60 7.84
CA ALA GA 32 60.49 36.29 8.24
C ALA GA 32 59.84 36.35 9.61
N HIS GA 33 60.52 36.97 10.58
CA HIS GA 33 59.91 37.10 11.89
C HIS GA 33 58.79 38.13 11.92
N LEU GA 34 58.61 38.89 10.84
CA LEU GA 34 57.51 39.84 10.78
C LEU GA 34 56.19 39.21 10.37
N CYS GA 35 56.21 38.14 9.56
CA CYS GA 35 54.99 37.56 9.02
C CYS GA 35 54.61 36.27 9.74
N LEU GA 36 55.11 36.07 10.97
CA LEU GA 36 54.64 34.99 11.81
C LEU GA 36 53.40 35.37 12.60
N ASN GA 37 52.84 36.55 12.37
CA ASN GA 37 51.79 37.12 13.21
C ASN GA 37 50.50 37.34 12.44
N ASN GA 38 50.33 36.71 11.28
CA ASN GA 38 49.21 36.97 10.40
C ASN GA 38 48.53 35.72 9.86
N SER GA 39 49.07 34.53 10.14
CA SER GA 39 48.62 33.28 9.52
C SER GA 39 48.97 33.23 8.02
N ASP GA 40 49.83 34.13 7.57
CA ASP GA 40 50.21 34.23 6.16
C ASP GA 40 51.52 33.47 5.90
N HIS GA 41 51.49 32.16 6.19
CA HIS GA 41 52.69 31.34 6.12
C HIS GA 41 53.09 30.98 4.70
N ASP GA 42 52.29 31.35 3.70
CA ASP GA 42 52.64 31.06 2.32
C ASP GA 42 53.99 31.65 1.94
N ARG GA 43 54.23 32.92 2.27
CA ARG GA 43 55.53 33.52 1.98
C ARG GA 43 56.62 32.96 2.89
N LEU GA 44 56.27 32.60 4.12
CA LEU GA 44 57.21 31.87 4.96
C LEU GA 44 57.65 30.56 4.33
N HIS GA 45 56.84 30.01 3.42
CA HIS GA 45 57.26 28.82 2.68
C HIS GA 45 58.51 29.10 1.86
N THR GA 46 58.58 30.28 1.23
CA THR GA 46 59.73 30.64 0.41
C THR GA 46 60.81 31.39 1.19
N LEU GA 47 60.53 31.79 2.43
CA LEU GA 47 61.55 32.45 3.26
C LEU GA 47 62.33 31.48 4.12
N VAL GA 48 61.95 30.20 4.17
CA VAL GA 48 62.64 29.18 4.96
C VAL GA 48 62.47 27.85 4.25
N THR GA 49 63.50 27.01 4.28
CA THR GA 49 63.43 25.72 3.62
C THR GA 49 62.63 24.73 4.44
N GLU GA 50 62.37 23.57 3.83
CA GLU GA 50 61.58 22.52 4.48
C GLU GA 50 62.31 21.90 5.66
N HIS GA 51 63.61 22.18 5.83
CA HIS GA 51 64.34 21.64 6.96
C HIS GA 51 63.80 22.18 8.28
N CYS GA 52 63.61 23.50 8.37
CA CYS GA 52 63.12 24.14 9.59
C CYS GA 52 61.87 24.97 9.36
N PHE GA 53 61.16 24.76 8.25
CA PHE GA 53 59.87 25.40 8.05
C PHE GA 53 58.74 24.64 8.74
N PRO GA 54 58.67 23.31 8.60
CA PRO GA 54 57.55 22.58 9.22
C PRO GA 54 57.44 22.80 10.71
N ASP GA 55 58.56 22.87 11.42
CA ASP GA 55 58.48 23.13 12.86
C ASP GA 55 58.14 24.60 13.13
N MET GA 56 58.70 25.52 12.34
CA MET GA 56 58.39 26.93 12.52
C MET GA 56 56.96 27.27 12.19
N THR GA 57 56.22 26.37 11.54
CA THR GA 57 54.83 26.64 11.18
C THR GA 57 53.83 25.77 11.90
N TRP GA 58 54.18 24.54 12.29
CA TRP GA 58 53.20 23.67 12.91
C TRP GA 58 53.04 23.92 14.40
N ASP GA 59 54.13 24.23 15.10
CA ASP GA 59 54.10 24.48 16.53
C ASP GA 59 53.63 25.91 16.85
N ILE GA 60 53.09 26.62 15.87
CA ILE GA 60 52.59 27.98 16.07
C ILE GA 60 51.15 28.14 15.62
N LYS GA 61 50.57 27.12 14.99
CA LYS GA 61 49.16 27.19 14.62
C LYS GA 61 48.30 27.32 15.87
N TYR GA 62 47.25 28.15 15.76
CA TYR GA 62 46.34 28.41 16.87
C TYR GA 62 47.06 29.12 18.02
N LYS GA 63 48.08 29.91 17.72
CA LYS GA 63 48.78 30.68 18.73
C LYS GA 63 49.04 32.06 18.16
N THR GA 64 48.36 33.07 18.71
CA THR GA 64 48.36 34.41 18.14
C THR GA 64 49.63 35.13 18.57
N VAL GA 65 50.76 34.69 18.01
CA VAL GA 65 52.01 35.38 18.27
C VAL GA 65 51.94 36.79 17.71
N ARG GA 66 52.55 37.74 18.42
CA ARG GA 66 52.71 39.10 17.93
C ARG GA 66 54.13 39.54 18.27
N TRP GA 67 55.04 39.23 17.37
CA TRP GA 67 56.46 39.54 17.47
C TRP GA 67 56.68 41.00 17.11
N SER GA 68 57.90 41.48 17.32
CA SER GA 68 58.25 42.82 16.86
C SER GA 68 59.73 43.07 17.03
N PHE GA 69 60.27 43.90 16.13
CA PHE GA 69 61.65 44.34 16.13
C PHE GA 69 61.68 45.82 16.47
N VAL GA 70 62.64 46.24 17.28
CA VAL GA 70 62.71 47.63 17.69
C VAL GA 70 64.08 48.27 17.49
N GLU GA 71 65.15 47.49 17.36
CA GLU GA 71 66.48 48.07 17.27
C GLU GA 71 67.49 46.95 17.03
N SER GA 72 68.62 47.33 16.43
CA SER GA 72 69.78 46.46 16.32
C SER GA 72 70.90 47.10 17.15
N LEU GA 73 71.42 46.34 18.11
CA LEU GA 73 72.36 46.93 19.07
C LEU GA 73 73.62 47.46 18.37
N GLU GA 74 74.21 46.66 17.50
CA GLU GA 74 75.35 47.07 16.71
C GLU GA 74 75.25 46.41 15.34
N PRO GA 75 75.96 46.93 14.33
CA PRO GA 75 75.87 46.32 13.00
C PRO GA 75 76.25 44.84 13.03
N SER GA 76 75.55 44.06 12.23
CA SER GA 76 75.77 42.62 12.15
C SER GA 76 76.91 42.32 11.19
N HIS GA 77 77.87 41.53 11.65
CA HIS GA 77 79.04 41.16 10.87
C HIS GA 77 79.01 39.68 10.53
N VAL GA 78 79.47 39.35 9.33
CA VAL GA 78 79.48 37.95 8.88
C VAL GA 78 80.47 37.15 9.73
N VAL GA 79 80.35 35.83 9.63
CA VAL GA 79 81.20 34.90 10.36
C VAL GA 79 81.74 33.88 9.36
N GLN GA 80 82.48 32.88 9.86
CA GLN GA 80 83.11 31.92 8.98
C GLN GA 80 82.09 31.22 8.09
N VAL GA 81 82.46 31.03 6.82
CA VAL GA 81 81.59 30.42 5.82
C VAL GA 81 82.34 29.24 5.22
N ARG GA 82 81.81 28.03 5.43
CA ARG GA 82 82.27 26.85 4.71
C ARG GA 82 81.38 26.66 3.48
N CYS GA 83 81.51 25.51 2.82
CA CYS GA 83 80.65 25.21 1.67
C CYS GA 83 80.78 23.74 1.26
N ASN GA 91 77.08 19.58 -5.44
CA ASN GA 91 76.71 18.92 -4.19
C ASN GA 91 77.03 19.82 -3.00
N VAL GA 92 76.78 21.12 -3.17
CA VAL GA 92 77.05 22.11 -2.12
C VAL GA 92 75.84 23.02 -2.00
N TYR GA 93 75.33 23.16 -0.78
CA TYR GA 93 74.36 24.19 -0.41
C TYR GA 93 75.12 25.23 0.40
N GLY GA 94 75.08 26.48 -0.05
CA GLY GA 94 75.93 27.49 0.57
C GLY GA 94 75.41 27.98 1.90
N GLN GA 95 76.03 27.57 2.99
CA GLN GA 95 75.63 27.96 4.33
C GLN GA 95 76.51 29.11 4.79
N ILE GA 96 75.87 30.18 5.25
CA ILE GA 96 76.54 31.39 5.69
C ILE GA 96 76.00 31.79 7.05
N THR GA 97 76.89 31.95 8.02
CA THR GA 97 76.51 32.22 9.40
C THR GA 97 76.76 33.69 9.72
N VAL GA 98 75.78 34.32 10.37
CA VAL GA 98 75.81 35.74 10.69
C VAL GA 98 75.44 35.91 12.16
N ARG GA 99 76.26 36.67 12.89
CA ARG GA 99 76.03 36.96 14.29
C ARG GA 99 75.21 38.24 14.42
N MET GA 100 74.27 38.26 15.36
CA MET GA 100 73.37 39.40 15.47
C MET GA 100 72.96 39.65 16.91
N HIS GA 101 73.17 40.87 17.39
CA HIS GA 101 72.61 41.34 18.64
C HIS GA 101 71.45 42.28 18.32
N THR GA 102 70.24 41.87 18.67
CA THR GA 102 69.03 42.56 18.25
C THR GA 102 68.16 42.89 19.45
N ARG GA 103 67.15 43.72 19.20
CA ARG GA 103 66.22 44.18 20.23
C ARG GA 103 64.81 43.77 19.82
N GLN GA 104 64.25 42.80 20.55
CA GLN GA 104 62.97 42.20 20.20
C GLN GA 104 61.93 42.49 21.27
N THR GA 105 60.68 42.31 20.86
CA THR GA 105 59.56 42.15 21.76
C THR GA 105 58.74 40.98 21.27
N LEU GA 106 58.18 40.22 22.21
CA LEU GA 106 57.42 39.02 21.84
C LEU GA 106 56.32 38.80 22.86
N ALA GA 107 55.15 38.42 22.37
CA ALA GA 107 54.01 38.16 23.25
C ALA GA 107 53.13 37.10 22.60
N ILE GA 108 53.35 35.85 22.97
CA ILE GA 108 52.59 34.73 22.41
C ILE GA 108 51.31 34.56 23.20
N TYR GA 109 50.28 34.04 22.56
CA TYR GA 109 48.98 33.81 23.17
C TYR GA 109 48.46 32.44 22.79
N ASP GA 110 47.57 31.91 23.63
CA ASP GA 110 46.95 30.62 23.35
C ASP GA 110 45.77 30.85 22.41
N ARG GA 111 45.18 29.77 21.92
CA ARG GA 111 44.09 29.93 20.96
C ARG GA 111 42.85 30.55 21.60
N PHE GA 112 42.87 30.86 22.89
CA PHE GA 112 41.78 31.58 23.54
C PHE GA 112 42.15 33.01 23.91
N GLY GA 113 43.37 33.45 23.62
CA GLY GA 113 43.72 34.84 23.82
C GLY GA 113 44.35 35.15 25.15
N ARG GA 114 44.77 34.13 25.90
CA ARG GA 114 45.38 34.33 27.20
C ARG GA 114 46.89 34.26 27.07
N LEU GA 115 47.57 35.25 27.64
CA LEU GA 115 49.02 35.32 27.51
C LEU GA 115 49.67 34.06 28.06
N MET GA 116 50.63 33.53 27.31
CA MET GA 116 51.35 32.33 27.73
C MET GA 116 52.87 32.44 27.61
N TYR GA 117 53.40 33.62 27.29
CA TYR GA 117 54.85 33.79 27.18
C TYR GA 117 55.14 35.26 26.94
N GLY GA 118 56.21 35.75 27.55
CA GLY GA 118 56.69 37.09 27.27
C GLY GA 118 55.71 38.18 27.65
N GLN GA 119 56.17 39.41 27.67
CA GLN GA 119 55.34 40.57 27.94
C GLN GA 119 55.21 41.41 26.67
N GLU GA 120 54.23 42.31 26.66
CA GLU GA 120 53.87 43.03 25.45
C GLU GA 120 55.01 43.89 24.91
N ASP GA 121 55.41 44.93 25.64
CA ASP GA 121 56.50 45.78 25.13
C ASP GA 121 57.87 45.20 25.49
N VAL GA 122 58.21 45.22 26.77
CA VAL GA 122 59.41 44.60 27.34
C VAL GA 122 60.55 44.56 26.33
N PRO GA 123 60.94 45.69 25.74
CA PRO GA 123 61.94 45.61 24.67
C PRO GA 123 63.26 45.10 25.20
N LYS GA 124 63.66 43.88 24.83
CA LYS GA 124 64.80 43.24 25.43
C LYS GA 124 65.73 42.66 24.38
N ASP GA 125 66.98 42.48 24.77
CA ASP GA 125 68.08 42.13 23.88
C ASP GA 125 68.14 40.62 23.66
N VAL GA 126 68.64 40.25 22.47
CA VAL GA 126 68.80 38.85 22.10
C VAL GA 126 70.08 38.70 21.30
N LEU GA 127 70.75 37.58 21.50
CA LEU GA 127 71.98 37.22 20.78
C LEU GA 127 71.67 36.03 19.88
N GLU GA 128 72.08 36.10 18.62
CA GLU GA 128 71.75 35.08 17.63
C GLU GA 128 72.97 34.71 16.80
N TYR GA 129 73.00 33.45 16.39
CA TYR GA 129 74.03 32.88 15.53
C TYR GA 129 73.39 32.42 14.22
N VAL GA 130 72.59 33.28 13.60
CA VAL GA 130 71.71 32.84 12.52
C VAL GA 130 72.55 32.24 11.39
N VAL GA 131 71.92 31.36 10.61
CA VAL GA 131 72.58 30.66 9.51
C VAL GA 131 71.60 30.60 8.35
N PHE GA 132 71.98 31.20 7.23
CA PHE GA 132 71.20 31.18 6.00
C PHE GA 132 71.79 30.16 5.03
N GLU GA 133 70.95 29.58 4.20
CA GLU GA 133 71.38 28.65 3.17
C GLU GA 133 70.69 28.99 1.85
N LYS GA 134 71.32 28.57 0.76
CA LYS GA 134 70.80 28.87 -0.57
C LYS GA 134 71.27 27.81 -1.54
N GLN GA 135 70.39 27.39 -2.44
CA GLN GA 135 70.74 26.41 -3.46
C GLN GA 135 71.85 26.94 -4.35
N LEU GA 136 72.82 26.09 -4.65
CA LEU GA 136 73.95 26.47 -5.50
C LEU GA 136 73.96 25.64 -6.78
N PRO GA 139 71.23 29.09 -9.65
CA PRO GA 139 69.88 28.62 -10.00
C PRO GA 139 68.79 29.62 -9.64
N TYR GA 140 67.56 29.13 -9.47
CA TYR GA 140 66.44 29.99 -9.10
C TYR GA 140 66.31 30.17 -7.60
N GLY GA 141 66.61 29.13 -6.82
CA GLY GA 141 66.46 29.23 -5.38
C GLY GA 141 67.31 30.37 -4.83
N SER GA 142 66.69 31.19 -3.98
CA SER GA 142 67.32 32.37 -3.43
C SER GA 142 67.56 32.17 -1.94
N TRP GA 143 68.01 33.24 -1.29
CA TRP GA 143 68.40 33.16 0.12
C TRP GA 143 67.23 32.74 0.99
N ARG GA 144 67.48 31.80 1.89
CA ARG GA 144 66.47 31.31 2.81
C ARG GA 144 67.11 31.10 4.18
N MET GA 145 66.48 31.66 5.22
CA MET GA 145 66.93 31.40 6.58
C MET GA 145 66.84 29.91 6.87
N HIS GA 146 67.85 29.39 7.54
CA HIS GA 146 67.99 27.94 7.69
C HIS GA 146 68.11 27.48 9.15
N THR GA 147 68.72 28.28 10.01
CA THR GA 147 68.88 27.86 11.41
C THR GA 147 69.23 29.08 12.25
N LYS GA 148 69.09 28.93 13.57
CA LYS GA 148 69.51 29.95 14.50
C LYS GA 148 70.68 29.43 15.34
N PRO GA 152 75.17 29.09 21.06
CA PRO GA 152 74.95 29.83 22.30
C PRO GA 152 75.52 29.11 23.52
N TRP GA 153 76.37 29.79 24.29
CA TRP GA 153 77.03 29.13 25.42
C TRP GA 153 76.00 28.68 26.45
N ALA GA 154 75.39 29.63 27.14
CA ALA GA 154 74.34 29.33 28.09
C ALA GA 154 73.61 30.61 28.48
N PRO GA 155 72.94 31.29 27.55
CA PRO GA 155 72.22 32.51 27.90
C PRO GA 155 71.02 32.18 28.76
N PRO GA 156 70.51 33.15 29.52
CA PRO GA 156 69.35 32.88 30.38
C PRO GA 156 68.10 32.63 29.57
N LYS GA 157 67.02 32.22 30.23
CA LYS GA 157 65.74 32.00 29.57
C LYS GA 157 64.63 32.62 30.41
N GLN GA 158 63.67 33.21 29.73
CA GLN GA 158 62.55 33.79 30.44
C GLN GA 158 61.53 32.70 30.73
N PRO GA 159 60.96 32.63 31.93
CA PRO GA 159 60.11 31.50 32.28
C PRO GA 159 58.79 31.55 31.52
N ILE GA 160 57.95 30.56 31.80
CA ILE GA 160 56.61 30.48 31.23
C ILE GA 160 55.59 30.89 32.28
N LEU GA 161 54.53 31.54 31.85
CA LEU GA 161 53.47 31.94 32.78
C LEU GA 161 52.78 30.74 33.41
N LYS GA 162 52.94 29.55 32.85
CA LYS GA 162 52.18 28.38 33.26
C LYS GA 162 53.00 27.47 34.16
N THR GA 163 52.34 26.90 35.16
CA THR GA 163 52.94 25.94 36.08
C THR GA 163 52.60 24.54 35.62
N VAL GA 164 53.61 23.67 35.55
CA VAL GA 164 53.45 22.36 34.92
C VAL GA 164 53.80 21.23 35.88
N MET GA 165 53.53 20.01 35.45
CA MET GA 165 53.87 18.79 36.16
C MET GA 165 54.76 17.94 35.27
N ILE GA 166 55.74 17.27 35.88
CA ILE GA 166 56.59 16.31 35.19
C ILE GA 166 56.37 14.96 35.86
N PRO GA 167 55.62 14.03 35.27
CA PRO GA 167 55.32 12.79 35.99
C PRO GA 167 56.56 11.98 36.30
N GLY GA 168 56.43 10.94 37.10
CA GLY GA 168 57.57 10.14 37.51
C GLY GA 168 57.98 9.15 36.43
N PRO GA 169 59.08 8.43 36.66
CA PRO GA 169 59.54 7.46 35.67
C PRO GA 169 58.85 6.11 35.81
N TYR HA 1 -67.84 19.86 -19.62
CA TYR HA 1 -66.82 19.69 -18.61
C TYR HA 1 -67.51 19.57 -17.26
N LYS HA 2 -66.74 19.37 -16.19
CA LYS HA 2 -67.34 19.19 -14.88
C LYS HA 2 -67.36 20.49 -14.08
N THR HA 3 -66.38 21.36 -14.27
CA THR HA 3 -66.30 22.63 -13.56
C THR HA 3 -66.92 23.78 -14.34
N LYS HA 4 -67.94 23.52 -15.13
CA LYS HA 4 -68.59 24.56 -15.90
C LYS HA 4 -70.11 24.46 -15.74
N PRO HA 5 -70.83 25.58 -15.89
CA PRO HA 5 -72.28 25.52 -15.69
C PRO HA 5 -72.98 24.60 -16.67
N THR HA 6 -72.37 24.30 -17.81
CA THR HA 6 -72.98 23.47 -18.83
C THR HA 6 -72.88 21.98 -18.51
N HIS HA 7 -72.21 21.62 -17.42
CA HIS HA 7 -72.08 20.22 -17.04
C HIS HA 7 -73.45 19.56 -16.94
N GLY HA 8 -73.47 18.25 -17.20
CA GLY HA 8 -74.71 17.50 -17.05
C GLY HA 8 -75.81 17.93 -17.98
N ILE HA 9 -75.45 18.37 -19.19
CA ILE HA 9 -76.43 18.73 -20.21
C ILE HA 9 -76.72 17.56 -21.14
N GLY HA 10 -75.77 16.64 -21.33
CA GLY HA 10 -75.95 15.50 -22.20
C GLY HA 10 -76.61 14.30 -21.56
N LYS HA 11 -77.02 14.40 -20.29
CA LYS HA 11 -77.60 13.26 -19.60
C LYS HA 11 -78.87 12.80 -20.30
N TYR HA 12 -78.97 11.49 -20.55
CA TYR HA 12 -80.20 10.91 -21.04
C TYR HA 12 -80.55 9.57 -20.41
N LYS HA 13 -79.65 8.92 -19.66
CA LYS HA 13 -79.98 7.63 -19.09
C LYS HA 13 -81.19 7.74 -18.16
N HIS HA 14 -81.26 8.82 -17.39
CA HIS HA 14 -82.39 9.00 -16.49
C HIS HA 14 -83.70 9.23 -17.22
N LEU HA 15 -83.65 9.47 -18.53
CA LEU HA 15 -84.84 9.59 -19.35
C LEU HA 15 -85.33 8.26 -19.90
N ILE HA 16 -84.84 7.15 -19.37
CA ILE HA 16 -85.27 5.81 -19.77
C ILE HA 16 -85.61 5.05 -18.49
N LYS HA 17 -86.84 4.55 -18.41
CA LYS HA 17 -87.29 3.82 -17.24
C LYS HA 17 -86.39 2.62 -16.96
N PHE IA 1 13.34 4.13 -89.83
CA PHE IA 1 12.55 3.69 -88.70
C PHE IA 1 11.84 4.87 -88.05
N VAL IA 2 12.48 6.04 -88.08
CA VAL IA 2 11.89 7.26 -87.54
C VAL IA 2 12.54 8.45 -88.23
N GLU IA 3 11.78 9.51 -88.41
CA GLU IA 3 12.27 10.76 -88.96
C GLU IA 3 11.72 11.93 -88.15
N SER IA 4 12.56 12.94 -87.96
CA SER IA 4 12.27 14.03 -87.04
C SER IA 4 11.59 15.16 -87.80
N VAL IA 5 10.45 15.61 -87.29
CA VAL IA 5 9.69 16.72 -87.85
C VAL IA 5 9.58 17.79 -86.78
N ASP IA 6 9.86 19.03 -87.15
CA ASP IA 6 9.85 20.14 -86.21
C ASP IA 6 8.78 21.17 -86.55
N GLU IA 7 7.58 20.70 -86.90
CA GLU IA 7 6.45 21.62 -86.98
C GLU IA 7 6.06 22.12 -85.59
N TYR IA 8 5.67 21.21 -84.70
CA TYR IA 8 5.56 21.47 -83.27
C TYR IA 8 4.45 22.46 -82.90
N GLN IA 9 3.78 23.07 -83.87
CA GLN IA 9 2.89 24.17 -83.56
C GLN IA 9 1.67 23.73 -82.79
N PHE IA 10 1.29 22.47 -82.85
CA PHE IA 10 0.04 22.02 -82.25
C PHE IA 10 0.20 21.49 -80.85
N VAL IA 11 1.42 21.45 -80.31
CA VAL IA 11 1.57 21.16 -78.89
C VAL IA 11 1.59 22.45 -78.08
N GLU IA 12 2.26 23.49 -78.57
CA GLU IA 12 2.26 24.76 -77.85
C GLU IA 12 0.87 25.31 -77.66
N ARG IA 13 -0.09 24.96 -78.51
CA ARG IA 13 -1.47 25.30 -78.22
C ARG IA 13 -2.00 24.54 -77.03
N LEU IA 14 -1.28 23.52 -76.55
CA LEU IA 14 -1.73 22.72 -75.43
C LEU IA 14 -1.09 23.14 -74.11
N LEU IA 15 0.11 23.71 -74.15
CA LEU IA 15 0.74 24.16 -72.92
C LEU IA 15 -0.12 25.21 -72.26
N PRO IA 16 -0.55 25.04 -71.02
CA PRO IA 16 -1.28 26.11 -70.35
C PRO IA 16 -0.38 27.27 -70.01
N ALA IA 17 -1.00 28.34 -69.51
CA ALA IA 17 -0.30 29.51 -69.02
C ALA IA 17 -0.43 29.57 -67.51
N THR IA 18 0.53 30.22 -66.86
CA THR IA 18 0.45 30.40 -65.43
C THR IA 18 -0.14 31.75 -65.04
N ARG IA 19 0.13 32.80 -65.80
CA ARG IA 19 -0.39 34.12 -65.51
C ARG IA 19 -1.84 34.20 -65.94
N ILE IA 20 -2.65 34.90 -65.15
CA ILE IA 20 -4.02 35.20 -65.55
C ILE IA 20 -3.91 36.28 -66.62
N PRO IA 21 -4.46 36.10 -67.80
CA PRO IA 21 -4.25 37.09 -68.85
C PRO IA 21 -5.08 38.33 -68.59
N ASP IA 22 -4.53 39.47 -69.01
CA ASP IA 22 -5.26 40.73 -68.88
C ASP IA 22 -6.54 40.64 -69.70
N PRO IA 23 -7.70 40.96 -69.12
CA PRO IA 23 -8.93 40.86 -69.90
C PRO IA 23 -8.86 41.76 -71.12
N PRO IA 24 -9.44 41.34 -72.23
CA PRO IA 24 -9.22 42.06 -73.49
C PRO IA 24 -10.02 43.34 -73.56
N LYS IA 25 -9.59 44.23 -74.46
CA LYS IA 25 -10.20 45.55 -74.59
C LYS IA 25 -11.56 45.41 -75.27
N HIS IA 26 -12.56 45.09 -74.47
CA HIS IA 26 -13.93 45.06 -74.98
C HIS IA 26 -14.32 46.46 -75.44
N GLU IA 27 -15.49 46.55 -76.08
CA GLU IA 27 -15.96 47.79 -76.69
C GLU IA 27 -17.23 48.34 -76.07
N HIS IA 28 -17.94 47.56 -75.27
CA HIS IA 28 -19.10 48.03 -74.54
C HIS IA 28 -19.05 47.44 -73.15
N TYR IA 29 -19.70 48.12 -72.21
CA TYR IA 29 -19.81 47.62 -70.86
C TYR IA 29 -21.21 47.89 -70.33
N PRO IA 30 -21.75 47.01 -69.46
CA PRO IA 30 -21.12 45.81 -68.95
C PRO IA 30 -21.12 44.67 -69.96
N THR IA 31 -20.05 43.90 -69.97
CA THR IA 31 -19.93 42.79 -70.91
C THR IA 31 -21.10 41.83 -70.72
N PRO IA 32 -21.29 40.90 -71.64
CA PRO IA 32 -22.52 40.09 -71.62
C PRO IA 32 -22.73 39.37 -70.30
N SER IA 33 -21.64 39.02 -69.62
CA SER IA 33 -21.76 38.37 -68.32
C SER IA 33 -22.11 39.37 -67.22
N GLY IA 34 -21.56 40.59 -67.31
CA GLY IA 34 -21.79 41.59 -66.29
C GLY IA 34 -20.52 42.13 -65.70
N TRP IA 35 -19.41 42.05 -66.43
CA TRP IA 35 -18.10 42.44 -65.94
C TRP IA 35 -17.72 43.81 -66.46
N GLN IA 36 -17.54 44.77 -65.56
CA GLN IA 36 -17.01 46.08 -65.87
C GLN IA 36 -15.56 46.15 -65.42
N PRO IA 37 -14.70 46.88 -66.12
CA PRO IA 37 -13.37 47.13 -65.58
C PRO IA 37 -13.39 48.31 -64.62
N PRO IA 38 -12.40 48.44 -63.74
CA PRO IA 38 -12.38 49.59 -62.83
C PRO IA 38 -12.13 50.87 -63.60
N ARG IA 39 -12.72 51.95 -63.11
CA ARG IA 39 -12.60 53.23 -63.80
C ARG IA 39 -11.14 53.67 -63.84
N ASP IA 40 -10.88 54.72 -64.63
CA ASP IA 40 -9.53 55.23 -64.77
C ASP IA 40 -9.59 56.71 -65.12
N PRO IA 41 -8.96 57.60 -64.34
CA PRO IA 41 -8.14 57.34 -63.13
C PRO IA 41 -8.99 56.93 -61.93
N PRO IA 42 -8.39 56.28 -60.94
CA PRO IA 42 -9.16 55.71 -59.84
C PRO IA 42 -9.94 56.78 -59.11
N PRO IA 43 -11.13 56.46 -58.61
CA PRO IA 43 -11.94 57.49 -57.94
C PRO IA 43 -11.22 58.05 -56.73
N ASN IA 44 -11.47 59.32 -56.45
CA ASN IA 44 -10.82 60.01 -55.34
C ASN IA 44 -11.68 59.83 -54.10
N LEU IA 45 -11.35 58.83 -53.30
CA LEU IA 45 -12.01 58.55 -52.04
C LEU IA 45 -10.94 58.23 -51.02
N PRO IA 46 -11.28 58.21 -49.73
CA PRO IA 46 -10.27 57.89 -48.72
C PRO IA 46 -9.63 56.54 -48.91
N TYR IA 47 -10.34 55.58 -49.49
CA TYR IA 47 -9.90 54.19 -49.52
C TYR IA 47 -9.88 53.61 -50.92
N PHE IA 48 -9.62 52.31 -51.02
CA PHE IA 48 -9.61 51.61 -52.29
C PHE IA 48 -9.97 50.16 -52.04
N VAL IA 49 -10.46 49.49 -53.08
CA VAL IA 49 -10.85 48.09 -52.99
C VAL IA 49 -10.30 47.38 -54.22
N ARG IA 50 -9.20 46.67 -54.06
CA ARG IA 50 -8.51 46.04 -55.17
C ARG IA 50 -9.36 44.95 -55.80
N ARG IA 51 -9.14 44.73 -57.10
CA ARG IA 51 -9.72 43.60 -57.79
C ARG IA 51 -8.86 42.35 -57.55
N SER IA 52 -9.49 41.19 -57.64
CA SER IA 52 -8.84 39.93 -57.31
C SER IA 52 -7.89 39.53 -58.43
N ARG IA 53 -7.42 38.29 -58.38
CA ARG IA 53 -6.57 37.79 -59.45
C ARG IA 53 -7.34 37.72 -60.75
N MET IA 54 -8.63 37.38 -60.67
CA MET IA 54 -9.47 37.18 -61.85
C MET IA 54 -10.34 38.40 -62.13
N HIS IA 55 -10.05 39.51 -61.48
CA HIS IA 55 -10.75 40.76 -61.72
C HIS IA 55 -12.24 40.61 -61.46
N ASN IA 56 -12.60 40.36 -60.21
CA ASN IA 56 -13.97 40.53 -59.75
C ASN IA 56 -13.97 41.37 -58.48
N ILE IA 57 -15.15 41.73 -58.04
CA ILE IA 57 -15.25 42.61 -56.86
C ILE IA 57 -15.09 41.77 -55.61
N PRO IA 58 -14.11 42.06 -54.75
CA PRO IA 58 -13.97 41.26 -53.53
C PRO IA 58 -15.10 41.48 -52.54
N VAL IA 59 -16.24 40.92 -52.86
CA VAL IA 59 -17.36 40.81 -51.92
C VAL IA 59 -17.74 39.35 -51.91
N TYR IA 60 -17.65 38.73 -50.74
CA TYR IA 60 -17.83 37.29 -50.64
C TYR IA 60 -18.84 36.95 -49.57
N LYS IA 61 -19.75 36.05 -49.89
CA LYS IA 61 -20.65 35.51 -48.90
C LYS IA 61 -19.86 34.64 -47.93
N ASP IA 62 -20.47 34.37 -46.78
CA ASP IA 62 -19.81 33.55 -45.78
C ASP IA 62 -20.85 33.07 -44.79
N ILE IA 63 -20.63 31.89 -44.22
CA ILE IA 63 -21.61 31.21 -43.38
C ILE IA 63 -20.88 30.50 -42.27
N THR IA 64 -21.49 30.48 -41.08
CA THR IA 64 -20.92 29.79 -39.94
C THR IA 64 -22.05 29.36 -39.02
N HIS IA 65 -21.89 28.23 -38.36
CA HIS IA 65 -22.90 27.64 -37.50
C HIS IA 65 -24.18 27.30 -38.24
N GLY IA 66 -24.18 27.38 -39.56
CA GLY IA 66 -25.36 27.08 -40.34
C GLY IA 66 -26.45 28.12 -40.25
N ASN IA 67 -26.28 29.16 -39.45
CA ASN IA 67 -27.26 30.25 -39.41
C ASN IA 67 -26.66 31.63 -39.38
N ARG IA 68 -25.36 31.80 -39.12
CA ARG IA 68 -24.74 33.13 -39.16
C ARG IA 68 -24.34 33.41 -40.59
N GLN IA 69 -25.09 34.29 -41.24
CA GLN IA 69 -24.76 34.78 -42.57
C GLN IA 69 -23.92 36.03 -42.45
N MET IA 70 -22.92 36.15 -43.31
CA MET IA 70 -22.02 37.29 -43.28
C MET IA 70 -21.54 37.55 -44.68
N THR IA 71 -21.02 38.74 -44.89
CA THR IA 71 -20.31 39.08 -46.12
C THR IA 71 -19.00 39.74 -45.73
N VAL IA 72 -18.03 39.64 -46.60
CA VAL IA 72 -16.73 40.25 -46.36
C VAL IA 72 -16.35 41.06 -47.58
N ILE IA 73 -15.91 42.29 -47.33
CA ILE IA 73 -15.23 43.11 -48.30
C ILE IA 73 -13.76 43.07 -47.93
N ARG IA 74 -12.95 42.45 -48.78
CA ARG IA 74 -11.69 41.89 -48.32
C ARG IA 74 -10.48 42.78 -48.56
N LYS IA 75 -10.17 43.13 -49.80
CA LYS IA 75 -8.87 43.72 -50.07
C LYS IA 75 -8.91 45.23 -49.93
N VAL IA 76 -9.46 45.72 -48.81
CA VAL IA 76 -9.66 47.15 -48.61
C VAL IA 76 -8.36 47.78 -48.16
N GLU IA 77 -7.97 48.86 -48.81
CA GLU IA 77 -6.70 49.52 -48.57
C GLU IA 77 -6.94 50.98 -48.24
N GLY IA 78 -6.21 51.48 -47.25
CA GLY IA 78 -6.42 52.84 -46.77
C GLY IA 78 -7.29 52.85 -45.53
N ASP IA 79 -8.07 53.91 -45.37
CA ASP IA 79 -8.89 54.08 -44.18
C ASP IA 79 -10.13 53.21 -44.31
N ILE IA 80 -10.14 52.09 -43.58
CA ILE IA 80 -11.28 51.19 -43.66
C ILE IA 80 -12.48 51.76 -42.92
N TRP IA 81 -12.26 52.71 -42.02
CA TRP IA 81 -13.38 53.26 -41.25
C TRP IA 81 -14.27 54.12 -42.12
N ALA IA 82 -13.69 54.84 -43.07
CA ALA IA 82 -14.52 55.58 -44.01
C ALA IA 82 -15.44 54.65 -44.76
N LEU IA 83 -14.90 53.53 -45.24
CA LEU IA 83 -15.72 52.55 -45.93
C LEU IA 83 -16.77 51.98 -44.99
N GLN IA 84 -16.44 51.84 -43.70
CA GLN IA 84 -17.45 51.35 -42.77
C GLN IA 84 -18.61 52.32 -42.67
N LYS IA 85 -18.31 53.61 -42.56
CA LYS IA 85 -19.37 54.59 -42.48
C LYS IA 85 -20.21 54.59 -43.75
N ASP IA 86 -19.54 54.53 -44.90
CA ASP IA 86 -20.26 54.52 -46.18
C ASP IA 86 -21.16 53.30 -46.29
N VAL IA 87 -20.66 52.12 -45.95
CA VAL IA 87 -21.46 50.91 -46.05
C VAL IA 87 -22.63 50.97 -45.09
N GLU IA 88 -22.41 51.49 -43.88
CA GLU IA 88 -23.50 51.61 -42.94
C GLU IA 88 -24.57 52.54 -43.48
N ASP IA 89 -24.17 53.66 -44.08
CA ASP IA 89 -25.16 54.55 -44.68
C ASP IA 89 -25.90 53.85 -45.82
N PHE IA 90 -25.17 53.11 -46.65
CA PHE IA 90 -25.77 52.50 -47.83
C PHE IA 90 -26.75 51.39 -47.46
N LEU IA 91 -26.45 50.64 -46.41
CA LEU IA 91 -27.28 49.49 -46.04
C LEU IA 91 -28.37 49.83 -45.05
N SER IA 92 -28.18 50.86 -44.22
CA SER IA 92 -29.16 51.17 -43.19
C SER IA 92 -30.57 51.29 -43.73
N PRO IA 93 -30.83 52.00 -44.83
CA PRO IA 93 -32.22 52.03 -45.34
C PRO IA 93 -32.78 50.65 -45.68
N LEU IA 94 -31.95 49.74 -46.20
CA LEU IA 94 -32.46 48.46 -46.65
C LEU IA 94 -32.95 47.61 -45.48
N LEU IA 95 -32.14 47.46 -44.44
CA LEU IA 95 -32.48 46.56 -43.35
C LEU IA 95 -33.45 47.16 -42.35
N GLY IA 96 -33.66 48.47 -42.36
CA GLY IA 96 -34.47 49.08 -41.34
C GLY IA 96 -33.77 49.25 -40.02
N LYS IA 97 -32.44 49.25 -40.01
CA LYS IA 97 -31.63 49.49 -38.83
C LYS IA 97 -30.18 49.51 -39.27
N THR IA 98 -29.33 50.13 -38.48
CA THR IA 98 -27.93 50.15 -38.84
C THR IA 98 -27.39 48.72 -38.75
N PRO IA 99 -26.63 48.26 -39.74
CA PRO IA 99 -26.22 46.86 -39.75
C PRO IA 99 -24.95 46.67 -38.93
N VAL IA 100 -24.97 45.68 -38.05
CA VAL IA 100 -23.82 45.39 -37.21
C VAL IA 100 -22.68 44.95 -38.10
N THR IA 101 -21.46 45.36 -37.76
CA THR IA 101 -20.31 45.10 -38.60
C THR IA 101 -19.08 44.93 -37.73
N GLN IA 102 -18.06 44.32 -38.32
CA GLN IA 102 -16.74 44.20 -37.75
C GLN IA 102 -15.76 44.83 -38.72
N VAL IA 103 -14.77 45.52 -38.19
CA VAL IA 103 -13.67 46.03 -38.99
C VAL IA 103 -12.39 45.37 -38.50
N ASN IA 104 -11.67 44.74 -39.42
CA ASN IA 104 -10.39 44.16 -39.11
C ASN IA 104 -9.37 45.01 -39.85
N GLU IA 105 -8.87 46.01 -39.15
CA GLU IA 105 -7.97 46.99 -39.74
C GLU IA 105 -6.60 46.41 -40.03
N VAL IA 106 -6.36 45.16 -39.67
CA VAL IA 106 -5.05 44.55 -39.90
C VAL IA 106 -5.02 43.84 -41.24
N THR IA 107 -5.87 42.83 -41.41
CA THR IA 107 -6.05 42.21 -42.71
C THR IA 107 -6.62 43.17 -43.73
N GLY IA 108 -7.35 44.18 -43.28
CA GLY IA 108 -7.94 45.16 -44.16
C GLY IA 108 -9.30 44.74 -44.64
N THR IA 109 -10.12 44.16 -43.78
CA THR IA 109 -11.41 43.65 -44.23
C THR IA 109 -12.54 44.20 -43.38
N LEU IA 110 -13.71 44.26 -44.00
CA LEU IA 110 -14.92 44.71 -43.35
C LEU IA 110 -15.94 43.60 -43.47
N ARG IA 111 -16.34 43.04 -42.33
CA ARG IA 111 -17.27 41.93 -42.28
C ARG IA 111 -18.62 42.47 -41.83
N ILE IA 112 -19.69 41.95 -42.42
CA ILE IA 112 -21.02 42.50 -42.25
C ILE IA 112 -21.98 41.36 -41.99
N LYS IA 113 -22.84 41.52 -41.00
CA LYS IA 113 -23.87 40.53 -40.73
C LYS IA 113 -24.92 40.57 -41.83
N GLY IA 114 -25.49 39.41 -42.14
CA GLY IA 114 -26.47 39.28 -43.19
C GLY IA 114 -25.84 39.04 -44.56
N TYR IA 115 -26.69 38.61 -45.50
CA TYR IA 115 -26.27 38.34 -46.86
C TYR IA 115 -26.58 39.53 -47.75
N PHE IA 116 -25.54 40.26 -48.16
CA PHE IA 116 -25.69 41.41 -49.04
C PHE IA 116 -24.63 41.40 -50.13
N ASP IA 117 -24.34 40.24 -50.73
CA ASP IA 117 -23.23 40.16 -51.67
C ASP IA 117 -23.54 40.96 -52.93
N GLN IA 118 -24.71 40.73 -53.54
CA GLN IA 118 -25.02 41.38 -54.80
C GLN IA 118 -25.16 42.90 -54.64
N GLU IA 119 -25.81 43.33 -53.55
CA GLU IA 119 -25.95 44.77 -53.31
C GLU IA 119 -24.58 45.42 -53.21
N LEU IA 120 -23.71 44.85 -52.38
CA LEU IA 120 -22.38 45.44 -52.18
C LEU IA 120 -21.57 45.42 -53.45
N LYS IA 121 -21.70 44.36 -54.25
CA LYS IA 121 -20.97 44.32 -55.52
C LYS IA 121 -21.42 45.45 -56.44
N ALA IA 122 -22.74 45.62 -56.57
CA ALA IA 122 -23.23 46.73 -57.37
C ALA IA 122 -22.72 48.06 -56.84
N TRP IA 123 -22.82 48.28 -55.54
CA TRP IA 123 -22.45 49.56 -54.96
C TRP IA 123 -20.97 49.85 -55.16
N LEU IA 124 -20.12 48.84 -55.00
CA LEU IA 124 -18.69 49.06 -55.24
C LEU IA 124 -18.40 49.23 -56.72
N LEU IA 125 -19.30 48.76 -57.58
CA LEU IA 125 -19.14 49.07 -59.00
C LEU IA 125 -19.48 50.52 -59.30
N GLU IA 126 -20.57 51.04 -58.73
CA GLU IA 126 -20.97 52.41 -59.00
C GLU IA 126 -19.85 53.38 -58.63
N LYS IA 127 -19.25 53.19 -57.47
CA LYS IA 127 -18.20 54.09 -57.02
C LYS IA 127 -16.91 53.93 -57.80
N GLY IA 128 -16.82 52.92 -58.67
CA GLY IA 128 -15.73 52.86 -59.62
C GLY IA 128 -14.56 52.03 -59.15
N PHE IA 129 -14.85 50.92 -58.49
CA PHE IA 129 -13.80 49.98 -58.08
C PHE IA 129 -13.85 48.73 -58.95
N PRO JA 1 36.31 56.99 -40.72
CA PRO JA 1 36.66 56.44 -39.41
C PRO JA 1 36.18 57.28 -38.22
N PRO JA 2 36.30 58.61 -38.27
CA PRO JA 2 35.75 59.42 -37.17
C PRO JA 2 34.23 59.55 -37.32
N LEU JA 3 33.51 58.82 -36.48
CA LEU JA 3 32.08 58.66 -36.63
C LEU JA 3 31.37 60.00 -36.53
N ARG JA 4 30.31 60.15 -37.32
CA ARG JA 4 29.54 61.37 -37.41
C ARG JA 4 28.39 61.34 -36.40
N SER JA 5 27.99 62.53 -35.96
CA SER JA 5 26.97 62.69 -34.93
C SER JA 5 25.60 62.89 -35.56
N ARG JA 6 24.59 62.29 -34.95
CA ARG JA 6 23.22 62.44 -35.44
C ARG JA 6 22.65 63.82 -35.16
N ALA JA 7 23.24 64.57 -34.24
CA ALA JA 7 22.69 65.86 -33.83
C ALA JA 7 22.58 66.79 -35.04
N TYR JA 8 21.42 67.41 -35.20
CA TYR JA 8 21.17 68.31 -36.33
C TYR JA 8 20.51 69.58 -35.83
N THR JA 9 21.06 70.72 -36.22
CA THR JA 9 20.52 72.02 -35.85
C THR JA 9 20.01 72.73 -37.10
N PRO JA 10 18.71 72.80 -37.35
CA PRO JA 10 18.23 73.38 -38.60
C PRO JA 10 18.61 74.84 -38.72
N PRO JA 11 19.47 75.21 -39.68
CA PRO JA 11 19.90 76.61 -39.77
C PRO JA 11 18.74 77.56 -39.99
N GLU JA 12 18.88 78.78 -39.47
CA GLU JA 12 17.81 79.76 -39.60
C GLU JA 12 17.60 80.16 -41.06
N ASP JA 13 18.68 80.32 -41.82
CA ASP JA 13 18.59 80.70 -43.22
C ASP JA 13 18.31 79.52 -44.14
N LEU JA 14 17.84 78.39 -43.59
CA LEU JA 14 17.61 77.21 -44.39
C LEU JA 14 16.70 77.51 -45.57
N GLN JA 15 15.58 78.18 -45.31
CA GLN JA 15 14.61 78.44 -46.37
C GLN JA 15 15.25 79.21 -47.51
N SER JA 16 16.33 79.94 -47.26
CA SER JA 16 17.08 80.58 -48.32
C SER JA 16 18.08 79.62 -48.95
N ARG JA 17 18.88 78.93 -48.12
CA ARG JA 17 19.89 78.02 -48.66
C ARG JA 17 19.26 77.01 -49.60
N LEU JA 18 18.18 76.37 -49.16
CA LEU JA 18 17.49 75.40 -50.01
C LEU JA 18 17.24 75.96 -51.38
N GLU JA 19 16.75 77.20 -51.47
CA GLU JA 19 16.39 77.76 -52.76
C GLU JA 19 17.59 77.84 -53.69
N SER JA 20 18.75 78.21 -53.16
CA SER JA 20 19.93 78.23 -54.00
C SER JA 20 20.08 76.90 -54.70
N TYR JA 21 19.99 75.81 -53.94
CA TYR JA 21 20.13 74.49 -54.52
C TYR JA 21 19.05 74.22 -55.54
N VAL JA 22 17.82 74.67 -55.28
CA VAL JA 22 16.77 74.48 -56.27
C VAL JA 22 17.14 75.20 -57.56
N LYS JA 23 17.67 76.43 -57.46
CA LYS JA 23 18.07 77.14 -58.66
C LYS JA 23 19.13 76.37 -59.43
N GLU JA 24 19.92 75.54 -58.74
CA GLU JA 24 20.96 74.80 -59.44
C GLU JA 24 20.37 73.72 -60.33
N VAL JA 25 19.19 73.20 -59.98
CA VAL JA 25 18.64 72.04 -60.67
C VAL JA 25 17.43 72.40 -61.53
N PHE JA 26 16.37 72.93 -60.92
CA PHE JA 26 15.15 73.19 -61.65
C PHE JA 26 15.28 74.49 -62.45
N PRO JA 31 10.86 79.36 -61.36
CA PRO JA 31 9.51 79.91 -61.37
C PRO JA 31 8.96 80.17 -59.98
N SER JA 32 7.92 81.00 -59.89
CA SER JA 32 7.31 81.32 -58.61
C SER JA 32 6.48 80.14 -58.09
N ASN JA 33 6.21 80.17 -56.79
CA ASN JA 33 5.45 79.12 -56.12
C ASN JA 33 6.24 77.80 -56.13
N TRP JA 34 7.56 77.90 -55.96
CA TRP JA 34 8.42 76.73 -56.03
C TRP JA 34 8.13 75.72 -54.91
N GLN JA 35 7.45 76.13 -53.85
CA GLN JA 35 7.14 75.18 -52.78
C GLN JA 35 6.34 74.00 -53.31
N ASP JA 36 5.59 74.19 -54.39
CA ASP JA 36 4.70 73.15 -54.92
C ASP JA 36 5.30 72.41 -56.11
N ILE JA 37 6.60 72.55 -56.37
CA ILE JA 37 7.22 71.77 -57.43
C ILE JA 37 7.05 70.29 -57.11
N SER JA 38 6.71 69.50 -58.12
CA SER JA 38 6.60 68.06 -57.95
C SER JA 38 7.94 67.41 -58.23
N LEU JA 39 8.20 66.30 -57.53
CA LEU JA 39 9.45 65.57 -57.65
C LEU JA 39 9.25 64.16 -58.18
N GLU JA 40 8.19 63.94 -58.95
CA GLU JA 40 7.97 62.60 -59.52
C GLU JA 40 9.15 62.19 -60.37
N ASP JA 41 9.78 63.14 -61.06
CA ASP JA 41 11.04 62.86 -61.71
C ASP JA 41 12.05 62.47 -60.65
N SER JA 42 12.93 61.51 -60.96
CA SER JA 42 13.82 60.98 -59.94
C SER JA 42 15.26 61.48 -60.09
N ARG JA 43 15.68 61.81 -61.30
CA ARG JA 43 17.03 62.36 -61.49
C ARG JA 43 17.21 63.62 -60.67
N LEU JA 44 16.24 64.54 -60.74
CA LEU JA 44 16.36 65.80 -60.05
C LEU JA 44 16.14 65.64 -58.54
N LYS JA 45 15.24 64.75 -58.14
CA LYS JA 45 15.09 64.45 -56.72
C LYS JA 45 16.42 63.99 -56.14
N PHE JA 46 17.10 63.10 -56.84
CA PHE JA 46 18.41 62.66 -56.38
C PHE JA 46 19.38 63.82 -56.31
N ASN JA 47 19.45 64.64 -57.35
CA ASN JA 47 20.43 65.72 -57.34
C ASN JA 47 20.17 66.66 -56.17
N LEU JA 48 18.91 67.03 -55.96
CA LEU JA 48 18.57 67.94 -54.88
C LEU JA 48 18.92 67.35 -53.52
N LEU JA 49 18.47 66.12 -53.25
CA LEU JA 49 18.70 65.56 -51.92
C LEU JA 49 20.16 65.27 -51.68
N ALA JA 50 20.90 64.86 -52.71
CA ALA JA 50 22.34 64.68 -52.55
C ALA JA 50 23.02 65.99 -52.20
N HIS JA 51 22.65 67.08 -52.88
CA HIS JA 51 23.24 68.37 -52.54
C HIS JA 51 22.88 68.77 -51.11
N LEU JA 52 21.62 68.61 -50.74
CA LEU JA 52 21.19 69.01 -49.41
C LEU JA 52 21.94 68.23 -48.33
N ALA JA 53 22.12 66.93 -48.52
CA ALA JA 53 22.81 66.13 -47.52
C ALA JA 53 24.31 66.35 -47.51
N ASP JA 54 24.92 66.61 -48.66
CA ASP JA 54 26.34 66.95 -48.67
C ASP JA 54 26.60 68.29 -48.01
N ASP JA 55 25.61 69.18 -48.03
CA ASP JA 55 25.76 70.46 -47.34
C ASP JA 55 25.49 70.33 -45.85
N LEU JA 56 24.27 69.94 -45.49
CA LEU JA 56 23.84 69.98 -44.10
C LEU JA 56 24.27 68.75 -43.31
N GLY JA 57 24.96 67.80 -43.93
CA GLY JA 57 25.38 66.61 -43.23
C GLY JA 57 24.19 65.83 -42.71
N HIS JA 58 23.21 65.60 -43.56
CA HIS JA 58 21.99 64.93 -43.16
C HIS JA 58 21.31 64.35 -44.40
N VAL JA 59 21.29 63.02 -44.49
CA VAL JA 59 20.61 62.32 -45.58
C VAL JA 59 19.24 61.93 -45.09
N VAL JA 60 18.25 61.98 -45.97
CA VAL JA 60 16.92 61.50 -45.58
C VAL JA 60 16.96 59.98 -45.39
N PRO JA 61 16.23 59.41 -44.43
CA PRO JA 61 16.21 57.96 -44.33
C PRO JA 61 15.42 57.34 -45.46
N ASN JA 62 15.75 56.08 -45.79
CA ASN JA 62 15.03 55.38 -46.84
C ASN JA 62 13.54 55.30 -46.54
N SER JA 63 13.16 55.37 -45.27
CA SER JA 63 11.75 55.28 -44.93
C SER JA 63 10.98 56.56 -45.20
N ARG JA 64 11.67 57.63 -45.62
CA ARG JA 64 11.03 58.93 -45.81
C ARG JA 64 11.32 59.52 -47.19
N LEU JA 65 11.68 58.67 -48.15
CA LEU JA 65 11.94 59.18 -49.49
C LEU JA 65 10.71 59.14 -50.37
N HIS JA 66 9.70 58.33 -50.03
CA HIS JA 66 8.44 58.38 -50.76
C HIS JA 66 7.44 59.34 -50.13
N GLN JA 67 7.75 59.91 -48.97
CA GLN JA 67 6.91 60.94 -48.40
C GLN JA 67 7.28 62.33 -48.90
N MET JA 68 8.33 62.43 -49.71
CA MET JA 68 8.79 63.72 -50.24
C MET JA 68 8.32 63.87 -51.68
N CYS JA 69 7.03 64.15 -51.83
CA CYS JA 69 6.48 64.43 -53.15
C CYS JA 69 6.95 65.78 -53.66
N ARG JA 70 6.72 66.85 -52.89
CA ARG JA 70 6.98 68.21 -53.32
C ARG JA 70 8.10 68.82 -52.48
N VAL JA 71 8.77 69.82 -53.03
CA VAL JA 71 9.88 70.45 -52.32
C VAL JA 71 9.39 71.02 -50.99
N ARG JA 72 8.11 71.35 -50.90
CA ARG JA 72 7.55 71.76 -49.61
C ARG JA 72 7.80 70.70 -48.56
N ASP JA 73 7.69 69.42 -48.93
CA ASP JA 73 7.93 68.35 -47.97
C ASP JA 73 9.40 68.25 -47.59
N VAL JA 74 10.32 68.52 -48.52
CA VAL JA 74 11.72 68.54 -48.16
C VAL JA 74 11.97 69.61 -47.12
N LEU JA 75 11.40 70.79 -47.34
CA LEU JA 75 11.55 71.86 -46.35
C LEU JA 75 10.95 71.44 -45.01
N ASP JA 76 9.78 70.81 -45.03
CA ASP JA 76 9.16 70.40 -43.78
C ASP JA 76 10.05 69.41 -43.03
N PHE JA 77 10.61 68.43 -43.74
CA PHE JA 77 11.49 67.46 -43.08
C PHE JA 77 12.71 68.13 -42.50
N TYR JA 78 13.28 69.10 -43.21
CA TYR JA 78 14.47 69.74 -42.69
C TYR JA 78 14.18 70.76 -41.59
N ASN JA 79 12.91 70.92 -41.20
CA ASN JA 79 12.54 71.82 -40.12
C ASN JA 79 12.34 71.10 -38.79
N VAL JA 80 12.69 69.82 -38.71
CA VAL JA 80 12.57 69.05 -37.48
C VAL JA 80 13.97 68.61 -37.07
N PRO JA 81 14.40 68.84 -35.83
CA PRO JA 81 15.76 68.46 -35.43
C PRO JA 81 15.86 67.06 -34.85
N ILE JA 82 17.08 66.56 -34.79
CA ILE JA 82 17.39 65.24 -34.24
C ILE JA 82 18.33 65.40 -33.07
N GLN JA 83 18.00 64.75 -31.95
CA GLN JA 83 18.77 64.83 -30.73
C GLN JA 83 19.75 63.67 -30.63
N ASP JA 84 21.01 63.98 -30.39
CA ASP JA 84 22.06 62.99 -30.19
C ASP JA 84 22.38 62.82 -28.70
N ARG JA 85 21.37 62.98 -27.86
CA ARG JA 85 21.49 62.72 -26.43
C ARG JA 85 20.67 61.48 -26.12
N SER JA 86 21.34 60.44 -25.67
CA SER JA 86 20.65 59.23 -25.23
C SER JA 86 19.90 59.57 -23.95
N LYS JA 87 19.11 58.62 -23.44
CA LYS JA 87 18.40 58.84 -22.19
C LYS JA 87 19.36 59.24 -21.08
N PHE JA 88 20.61 58.76 -21.19
CA PHE JA 88 21.67 59.15 -20.27
C PHE JA 88 21.65 60.63 -19.97
N ASP JA 89 21.81 61.45 -21.00
CA ASP JA 89 21.98 62.88 -20.82
C ASP JA 89 20.70 63.68 -20.99
N GLU JA 90 19.60 63.06 -21.39
CA GLU JA 90 18.33 63.77 -21.35
C GLU JA 90 17.69 63.67 -19.97
N LEU JA 91 17.96 62.60 -19.23
CA LEU JA 91 17.47 62.56 -17.86
C LEU JA 91 18.11 63.65 -17.01
N SER JA 92 19.44 63.73 -17.04
CA SER JA 92 20.17 64.69 -16.22
C SER JA 92 20.34 66.02 -16.95
N ALA JA 93 19.25 66.54 -17.50
CA ALA JA 93 19.26 67.86 -18.11
C ALA JA 93 17.96 68.62 -17.91
N SER JA 94 17.01 68.07 -17.14
CA SER JA 94 15.68 68.64 -16.98
C SER JA 94 15.55 69.35 -15.64
N ASN JA 95 16.63 69.99 -15.19
CA ASN JA 95 16.69 70.67 -13.90
C ASN JA 95 15.98 69.86 -12.82
N LEU JA 96 16.57 68.70 -12.54
CA LEU JA 96 16.01 67.79 -11.56
C LEU JA 96 15.84 68.51 -10.22
N PRO JA 97 14.77 68.24 -9.47
CA PRO JA 97 14.69 68.78 -8.13
C PRO JA 97 15.90 68.38 -7.32
N PRO JA 98 16.20 69.10 -6.25
CA PRO JA 98 17.43 68.82 -5.50
C PRO JA 98 17.43 67.48 -4.80
N ASN JA 99 16.27 66.84 -4.63
CA ASN JA 99 16.17 65.60 -3.87
C ASN JA 99 16.07 64.36 -4.74
N LEU JA 100 16.48 64.44 -6.01
CA LEU JA 100 16.53 63.28 -6.89
C LEU JA 100 17.92 63.21 -7.51
N LYS JA 101 18.58 62.07 -7.38
CA LYS JA 101 19.95 61.90 -7.84
C LYS JA 101 20.02 60.71 -8.78
N ILE JA 102 20.50 60.95 -9.99
CA ILE JA 102 20.64 59.92 -11.01
C ILE JA 102 22.11 59.62 -11.18
N THR JA 103 22.44 58.36 -11.47
CA THR JA 103 23.82 57.97 -11.71
C THR JA 103 23.93 57.17 -12.99
N TRP JA 104 24.86 57.59 -13.85
CA TRP JA 104 25.05 57.00 -15.16
C TRP JA 104 26.55 56.90 -15.44
N SER JA 105 26.91 56.04 -16.39
CA SER JA 105 28.28 55.97 -16.88
C SER JA 105 28.37 55.07 -18.10
N ILE KA 1 15.61 16.24 0.73
CA ILE KA 1 16.18 17.35 -0.01
C ILE KA 1 16.46 16.87 -1.41
N GLY KA 2 16.07 17.65 -2.40
CA GLY KA 2 16.28 17.29 -3.79
C GLY KA 2 16.72 18.46 -4.63
N ILE KA 3 17.46 19.39 -4.03
CA ILE KA 3 17.84 20.62 -4.68
C ILE KA 3 19.33 20.81 -4.54
N ARG KA 4 19.99 21.16 -5.64
CA ARG KA 4 21.43 21.27 -5.61
C ARG KA 4 21.86 22.51 -4.83
N LEU KA 5 23.11 22.49 -4.40
CA LEU KA 5 23.65 23.50 -3.49
C LEU KA 5 24.56 24.48 -4.20
N THR KA 6 25.57 23.98 -4.91
CA THR KA 6 26.41 24.85 -5.70
C THR KA 6 25.73 25.19 -7.01
N LEU KA 7 26.21 26.24 -7.67
CA LEU KA 7 25.64 26.65 -8.93
C LEU KA 7 26.20 25.81 -10.08
N PRO KA 8 25.40 25.50 -11.10
CA PRO KA 8 25.91 24.70 -12.22
C PRO KA 8 26.95 25.47 -12.98
N PRO KA 9 27.77 24.81 -13.79
CA PRO KA 9 28.67 25.51 -14.67
C PRO KA 9 27.88 26.28 -15.72
N PRO KA 10 28.37 27.40 -16.19
CA PRO KA 10 27.58 28.21 -17.13
C PRO KA 10 27.56 27.60 -18.53
N LYS KA 11 26.37 27.28 -19.04
CA LYS KA 11 26.27 26.75 -20.40
C LYS KA 11 26.37 27.91 -21.37
N VAL KA 12 27.53 28.03 -22.02
CA VAL KA 12 27.79 29.11 -22.96
C VAL KA 12 27.29 28.70 -24.33
N VAL KA 13 26.35 29.47 -24.88
CA VAL KA 13 25.80 29.24 -26.21
C VAL KA 13 26.32 30.34 -27.11
N ASP KA 14 26.89 29.94 -28.26
CA ASP KA 14 27.42 30.88 -29.23
C ASP KA 14 26.33 31.12 -30.27
N ARG KA 15 25.60 32.23 -30.12
CA ARG KA 15 24.44 32.48 -30.97
C ARG KA 15 24.82 32.80 -32.41
N TRP KA 16 26.10 32.80 -32.75
CA TRP KA 16 26.55 33.16 -34.09
C TRP KA 16 27.56 32.16 -34.64
N ASN KA 17 27.36 30.89 -34.38
CA ASN KA 17 28.12 29.88 -35.10
C ASN KA 17 27.49 29.66 -36.47
N GLU KA 18 28.11 28.78 -37.25
CA GLU KA 18 27.65 28.60 -38.62
C GLU KA 18 26.25 28.00 -38.67
N LYS KA 19 25.92 27.09 -37.77
CA LYS KA 19 24.63 26.42 -37.84
C LYS KA 19 23.49 27.37 -37.55
N ARG KA 20 23.71 28.34 -36.65
CA ARG KA 20 22.64 29.27 -36.30
C ARG KA 20 22.63 30.47 -37.24
N ALA KA 21 23.80 30.95 -37.64
CA ALA KA 21 23.87 32.11 -38.50
C ALA KA 21 23.23 31.85 -39.86
N MET KA 22 23.19 30.59 -40.29
CA MET KA 22 22.67 30.24 -41.60
C MET KA 22 21.40 29.39 -41.51
N PHE KA 23 20.74 29.39 -40.37
CA PHE KA 23 19.50 28.62 -40.25
C PHE KA 23 18.49 29.13 -41.24
N GLY KA 24 17.68 28.22 -41.77
CA GLY KA 24 16.61 28.61 -42.65
C GLY KA 24 17.01 28.94 -44.06
N VAL KA 25 18.28 29.28 -44.30
CA VAL KA 25 18.71 29.57 -45.65
C VAL KA 25 18.33 28.41 -46.55
N TYR KA 26 17.77 28.74 -47.71
CA TYR KA 26 17.27 27.80 -48.70
C TYR KA 26 15.96 27.13 -48.28
N ASP KA 27 15.20 27.74 -47.37
CA ASP KA 27 13.87 27.26 -47.08
C ASP KA 27 12.82 27.88 -47.99
N ASN KA 28 13.24 28.71 -48.93
CA ASN KA 28 12.39 29.21 -50.00
C ASN KA 28 13.01 28.92 -51.35
N ILE KA 29 13.71 27.78 -51.44
CA ILE KA 29 14.35 27.37 -52.68
C ILE KA 29 13.32 27.15 -53.77
N GLY KA 30 12.09 26.82 -53.40
CA GLY KA 30 11.06 26.62 -54.38
C GLY KA 30 10.56 27.92 -54.96
N ILE KA 31 10.09 28.81 -54.08
CA ILE KA 31 9.47 30.05 -54.53
C ILE KA 31 10.48 30.93 -55.23
N LEU KA 32 11.74 30.88 -54.80
CA LEU KA 32 12.78 31.74 -55.34
C LEU KA 32 13.71 31.00 -56.30
N GLY KA 33 13.32 29.84 -56.79
CA GLY KA 33 14.21 29.05 -57.63
C GLY KA 33 13.56 28.39 -58.82
N ASN KA 34 12.44 28.93 -59.28
CA ASN KA 34 11.72 28.39 -60.42
C ASN KA 34 11.17 27.01 -60.14
N PHE KA 35 11.03 26.66 -58.86
CA PHE KA 35 10.38 25.43 -58.44
C PHE KA 35 11.14 24.19 -58.89
N GLU KA 36 12.45 24.30 -59.09
CA GLU KA 36 13.23 23.12 -59.38
C GLU KA 36 13.18 22.13 -58.24
N LYS KA 37 13.43 22.60 -57.02
CA LYS KA 37 13.39 21.78 -55.83
C LYS KA 37 12.19 22.17 -54.99
N HIS KA 38 11.98 21.45 -53.95
CA HIS KA 38 10.90 21.64 -53.02
C HIS KA 38 11.50 21.70 -51.62
N PRO KA 39 10.91 22.45 -50.68
CA PRO KA 39 11.51 22.51 -49.35
C PRO KA 39 11.72 21.16 -48.69
N LYS KA 40 10.79 20.22 -48.86
CA LYS KA 40 10.93 18.90 -48.23
C LYS KA 40 12.22 18.24 -48.63
N GLU KA 41 12.73 18.53 -49.83
CA GLU KA 41 13.95 17.89 -50.30
C GLU KA 41 15.19 18.45 -49.63
N LEU KA 42 15.05 19.24 -48.57
CA LEU KA 42 16.16 19.63 -47.72
C LEU KA 42 16.07 19.03 -46.32
N ILE KA 43 14.97 18.37 -46.00
CA ILE KA 43 14.81 17.72 -44.70
C ILE KA 43 15.77 16.53 -44.65
N ARG KA 44 16.80 16.63 -43.81
CA ARG KA 44 17.76 15.56 -43.60
C ARG KA 44 17.29 14.74 -42.42
N GLY KA 45 17.34 13.41 -42.55
CA GLY KA 45 16.84 12.55 -41.51
C GLY KA 45 16.49 11.16 -41.96
N PRO KA 46 15.53 10.51 -41.30
CA PRO KA 46 15.23 9.12 -41.61
C PRO KA 46 14.68 8.98 -43.01
N ILE KA 47 14.93 7.81 -43.60
CA ILE KA 47 14.45 7.54 -44.95
C ILE KA 47 12.93 7.61 -45.00
N TRP KA 48 12.27 7.15 -43.94
CA TRP KA 48 10.84 6.96 -43.95
C TRP KA 48 10.07 8.14 -43.37
N LEU KA 49 10.76 9.24 -43.03
CA LEU KA 49 10.11 10.42 -42.49
C LEU KA 49 10.43 11.70 -43.23
N ARG KA 50 11.35 11.69 -44.18
CA ARG KA 50 11.62 12.91 -44.93
C ARG KA 50 10.33 13.43 -45.53
N GLY KA 51 9.85 14.56 -45.02
CA GLY KA 51 8.67 15.16 -45.58
C GLY KA 51 7.41 14.35 -45.45
N TRP KA 52 7.14 13.81 -44.26
CA TRP KA 52 5.87 13.16 -44.01
C TRP KA 52 5.61 13.19 -42.51
N LYS KA 53 4.33 13.19 -42.14
CA LYS KA 53 3.91 13.31 -40.76
C LYS KA 53 2.74 12.39 -40.50
N GLY KA 54 2.60 11.97 -39.25
CA GLY KA 54 1.48 11.13 -38.85
C GLY KA 54 1.62 10.72 -37.40
N ASN KA 55 0.59 10.08 -36.90
CA ASN KA 55 0.62 9.58 -35.53
C ASN KA 55 1.52 8.35 -35.47
N GLU KA 56 1.67 7.79 -34.27
CA GLU KA 56 2.65 6.72 -34.09
C GLU KA 56 2.30 5.51 -34.93
N LEU KA 57 1.02 5.18 -35.05
CA LEU KA 57 0.64 3.99 -35.81
C LEU KA 57 1.07 4.12 -37.26
N GLN KA 58 0.77 5.26 -37.86
CA GLN KA 58 1.15 5.47 -39.25
C GLN KA 58 2.66 5.50 -39.40
N ARG KA 59 3.35 6.09 -38.43
CA ARG KA 59 4.81 6.13 -38.49
C ARG KA 59 5.39 4.73 -38.48
N CYS KA 60 4.87 3.87 -37.60
CA CYS KA 60 5.38 2.51 -37.50
C CYS KA 60 5.06 1.72 -38.76
N ILE KA 61 3.85 1.88 -39.29
CA ILE KA 61 3.49 1.22 -40.54
C ILE KA 61 4.44 1.63 -41.65
N ARG KA 62 4.72 2.92 -41.74
CA ARG KA 62 5.60 3.41 -42.79
C ARG KA 62 7.02 2.88 -42.60
N LYS KA 63 7.49 2.83 -41.35
CA LYS KA 63 8.80 2.27 -41.09
C LYS KA 63 8.85 0.81 -41.52
N ARG KA 64 7.82 0.05 -41.22
CA ARG KA 64 7.77 -1.35 -41.62
C ARG KA 64 7.84 -1.48 -43.13
N LYS KA 65 7.05 -0.68 -43.84
CA LYS KA 65 7.03 -0.78 -45.30
C LYS KA 65 8.39 -0.46 -45.89
N MET KA 66 9.00 0.64 -45.46
CA MET KA 66 10.16 1.13 -46.20
C MET KA 66 11.48 0.57 -45.73
N VAL KA 67 11.61 0.20 -44.45
CA VAL KA 67 12.86 -0.39 -43.98
C VAL KA 67 12.60 -1.62 -43.13
N GLY KA 68 11.38 -2.16 -43.19
CA GLY KA 68 11.09 -3.35 -42.41
C GLY KA 68 11.97 -4.52 -42.80
N SER KA 69 12.33 -4.62 -44.07
CA SER KA 69 13.14 -5.73 -44.52
C SER KA 69 14.62 -5.49 -44.32
N ARG KA 70 15.00 -4.36 -43.74
CA ARG KA 70 16.39 -4.09 -43.40
C ARG KA 70 16.63 -4.07 -41.90
N MET KA 71 15.61 -4.30 -41.10
CA MET KA 71 15.73 -4.15 -39.67
C MET KA 71 16.29 -5.40 -39.02
N PHE KA 72 16.94 -5.21 -37.88
CA PHE KA 72 17.41 -6.32 -37.08
C PHE KA 72 16.22 -7.11 -36.57
N ALA KA 73 16.44 -8.40 -36.31
CA ALA KA 73 15.33 -9.29 -36.02
C ALA KA 73 14.53 -8.83 -34.81
N ASP KA 74 15.23 -8.50 -33.73
CA ASP KA 74 14.53 -8.14 -32.49
C ASP KA 74 13.82 -6.79 -32.64
N ASP KA 75 14.46 -5.83 -33.30
CA ASP KA 75 13.80 -4.55 -33.54
C ASP KA 75 12.54 -4.76 -34.36
N LEU KA 76 12.61 -5.61 -35.38
CA LEU KA 76 11.46 -5.83 -36.24
C LEU KA 76 10.34 -6.53 -35.48
N HIS KA 77 10.68 -7.47 -34.60
CA HIS KA 77 9.63 -8.11 -33.81
C HIS KA 77 8.99 -7.11 -32.87
N ASN KA 78 9.79 -6.25 -32.25
CA ASN KA 78 9.23 -5.19 -31.44
C ASN KA 78 8.29 -4.31 -32.25
N LEU KA 79 8.69 -3.97 -33.47
CA LEU KA 79 7.86 -3.11 -34.30
C LEU KA 79 6.52 -3.78 -34.62
N ASN KA 80 6.54 -5.07 -34.94
CA ASN KA 80 5.29 -5.75 -35.22
C ASN KA 80 4.40 -5.78 -33.99
N LYS KA 81 4.97 -6.05 -32.83
CA LYS KA 81 4.17 -6.03 -31.60
C LYS KA 81 3.58 -4.65 -31.38
N ARG KA 82 4.38 -3.61 -31.63
CA ARG KA 82 3.91 -2.25 -31.42
C ARG KA 82 2.74 -1.92 -32.35
N ILE KA 83 2.84 -2.33 -33.61
CA ILE KA 83 1.74 -2.10 -34.52
C ILE KA 83 0.50 -2.83 -34.05
N ARG KA 84 0.66 -4.07 -33.60
CA ARG KA 84 -0.50 -4.82 -33.13
C ARG KA 84 -1.18 -4.09 -31.99
N TYR KA 85 -0.39 -3.65 -31.01
CA TYR KA 85 -0.96 -2.96 -29.86
C TYR KA 85 -1.65 -1.66 -30.26
N LEU KA 86 -0.97 -0.85 -31.08
CA LEU KA 86 -1.54 0.43 -31.46
C LEU KA 86 -2.82 0.24 -32.24
N TYR KA 87 -2.86 -0.75 -33.12
CA TYR KA 87 -4.11 -1.06 -33.80
C TYR KA 87 -5.21 -1.29 -32.78
N LYS KA 88 -4.97 -2.19 -31.83
CA LYS KA 88 -6.00 -2.48 -30.85
C LYS KA 88 -6.44 -1.23 -30.12
N HIS KA 89 -5.48 -0.41 -29.70
CA HIS KA 89 -5.79 0.76 -28.90
C HIS KA 89 -6.58 1.79 -29.70
N PHE KA 90 -5.99 2.28 -30.79
CA PHE KA 90 -6.63 3.31 -31.60
C PHE KA 90 -7.96 2.86 -32.18
N ASN KA 91 -8.21 1.56 -32.27
CA ASN KA 91 -9.46 1.11 -32.87
C ASN KA 91 -10.49 0.62 -31.87
N ARG KA 92 -10.13 0.40 -30.61
CA ARG KA 92 -11.09 -0.10 -29.65
C ARG KA 92 -11.15 0.67 -28.34
N HIS KA 93 -10.07 1.31 -27.92
CA HIS KA 93 -10.07 2.07 -26.68
C HIS KA 93 -10.28 3.55 -26.96
N GLY KA 94 -10.86 4.24 -26.00
CA GLY KA 94 -10.94 5.68 -26.07
C GLY KA 94 -12.23 6.27 -25.57
N LYS KA 95 -12.20 7.56 -25.29
CA LYS KA 95 -13.42 8.24 -24.87
C LYS KA 95 -14.42 8.32 -26.00
N PHE KA 96 -13.95 8.62 -27.21
CA PHE KA 96 -14.81 8.97 -28.33
C PHE KA 96 -14.97 7.81 -29.30
N ARG KA 97 -16.22 7.54 -29.65
CA ARG KA 97 -16.55 6.55 -30.64
C ARG KA 97 -17.00 7.22 -31.94
N ALA LA 1 -32.26 47.47 21.42
CA ALA LA 1 -32.96 46.94 20.27
C ALA LA 1 -34.45 47.15 20.42
N GLY LA 2 -34.94 48.25 19.85
CA GLY LA 2 -36.32 48.63 19.99
C GLY LA 2 -37.02 48.81 18.65
N GLY LA 3 -36.73 47.92 17.71
CA GLY LA 3 -37.29 48.06 16.37
C GLY LA 3 -38.80 48.20 16.39
N GLN LA 4 -39.46 47.48 17.28
CA GLN LA 4 -40.91 47.64 17.43
C GLN LA 4 -41.26 49.07 17.81
N TRP LA 5 -40.56 49.62 18.80
CA TRP LA 5 -40.85 50.99 19.20
C TRP LA 5 -40.48 51.97 18.10
N ARG LA 6 -39.35 51.77 17.43
CA ARG LA 6 -38.94 52.70 16.41
C ARG LA 6 -39.94 52.74 15.26
N LEU LA 7 -40.46 51.57 14.87
CA LEU LA 7 -41.49 51.56 13.83
C LEU LA 7 -42.81 52.08 14.34
N GLN LA 8 -43.07 52.00 15.64
CA GLN LA 8 -44.27 52.60 16.19
C GLN LA 8 -44.17 54.12 16.27
N GLN LA 9 -42.99 54.68 16.07
CA GLN LA 9 -42.78 56.13 16.08
C GLN LA 9 -42.25 56.61 14.73
N GLY LA 10 -42.69 56.03 13.63
CA GLY LA 10 -42.33 56.51 12.32
C GLY LA 10 -40.84 56.58 12.05
N LEU LA 11 -40.03 55.84 12.78
CA LEU LA 11 -38.60 55.80 12.55
C LEU LA 11 -38.23 54.50 11.85
N ALA LA 12 -37.02 54.43 11.31
CA ALA LA 12 -36.52 53.19 10.73
C ALA LA 12 -36.27 52.19 11.84
N ALA LA 13 -36.59 50.92 11.55
CA ALA LA 13 -36.36 49.88 12.56
C ALA LA 13 -34.88 49.80 12.92
N ASN LA 14 -34.01 50.12 11.97
CA ASN LA 14 -32.58 49.94 12.15
C ASN LA 14 -31.90 51.30 12.21
N PRO LA 15 -31.41 51.73 13.36
CA PRO LA 15 -30.74 53.05 13.42
C PRO LA 15 -29.73 53.29 12.32
N SER LA 16 -29.19 52.25 11.70
CA SER LA 16 -28.37 52.40 10.51
C SER LA 16 -29.20 52.42 9.24
N GLY LA 17 -30.49 52.68 9.35
CA GLY LA 17 -31.34 52.77 8.19
C GLY LA 17 -31.23 54.15 7.60
N TYR LA 18 -32.31 54.93 7.64
CA TYR LA 18 -32.28 56.33 7.26
C TYR LA 18 -32.39 57.17 8.52
N GLY LA 19 -31.47 58.10 8.69
CA GLY LA 19 -31.46 58.98 9.83
C GLY LA 19 -30.27 59.89 9.78
N PRO LA 20 -30.13 60.76 10.76
CA PRO LA 20 -28.96 61.64 10.81
C PRO LA 20 -27.66 60.88 10.89
N LEU LA 21 -27.65 59.69 11.49
CA LEU LA 21 -26.41 58.94 11.65
C LEU LA 21 -25.82 58.49 10.33
N THR LA 22 -26.63 58.00 9.42
CA THR LA 22 -26.14 57.28 8.26
C THR LA 22 -25.92 58.16 7.04
N GLU LA 23 -26.62 59.29 6.92
CA GLU LA 23 -26.57 60.07 5.69
C GLU LA 23 -25.95 61.45 5.84
N LEU LA 24 -25.83 61.99 7.04
CA LEU LA 24 -25.09 63.23 7.18
C LEU LA 24 -23.61 62.96 6.88
N PRO LA 25 -22.88 63.95 6.38
CA PRO LA 25 -21.49 63.70 6.02
C PRO LA 25 -20.67 63.41 7.28
N ASP LA 26 -19.93 62.30 7.23
CA ASP LA 26 -19.20 61.86 8.40
C ASP LA 26 -18.06 62.82 8.75
N TRP LA 27 -17.64 63.64 7.79
CA TRP LA 27 -16.51 64.52 8.06
C TRP LA 27 -16.49 65.68 7.10
N SER LA 28 -15.76 66.71 7.51
CA SER LA 28 -15.47 67.87 6.68
C SER LA 28 -13.99 68.16 6.81
N TYR LA 29 -13.51 69.10 6.03
CA TYR LA 29 -12.12 69.52 6.17
C TYR LA 29 -11.99 70.42 7.38
N ALA LA 30 -10.74 70.65 7.80
CA ALA LA 30 -10.51 71.49 8.96
C ALA LA 30 -10.99 72.91 8.72
N ASP LA 31 -10.72 73.45 7.53
CA ASP LA 31 -11.09 74.82 7.22
C ASP LA 31 -12.60 75.02 7.25
N GLY LA 32 -13.36 74.06 6.74
CA GLY LA 32 -14.81 74.12 6.73
C GLY LA 32 -15.45 73.62 5.47
N ARG LA 33 -14.72 73.55 4.36
CA ARG LA 33 -15.30 73.09 3.12
C ARG LA 33 -15.69 71.62 3.21
N PRO LA 34 -16.81 71.24 2.60
CA PRO LA 34 -17.31 69.87 2.79
C PRO LA 34 -16.44 68.86 2.07
N ALA LA 35 -16.75 67.59 2.31
CA ALA LA 35 -15.93 66.51 1.77
C ALA LA 35 -16.64 65.82 0.62
N PRO LA 36 -15.89 65.21 -0.31
CA PRO LA 36 -16.52 64.46 -1.39
C PRO LA 36 -17.39 63.36 -0.81
N PRO LA 37 -18.67 63.30 -1.18
CA PRO LA 37 -19.60 62.44 -0.45
C PRO LA 37 -19.15 60.98 -0.45
N MET LA 38 -19.73 60.22 0.48
CA MET LA 38 -19.35 58.83 0.66
C MET LA 38 -20.07 57.95 -0.35
N LYS LA 39 -19.44 56.82 -0.67
CA LYS LA 39 -20.00 55.94 -1.70
C LYS LA 39 -21.40 55.47 -1.31
N GLY LA 40 -21.60 55.12 -0.04
CA GLY LA 40 -22.90 54.63 0.36
C GLY LA 40 -23.99 55.65 0.15
N GLN LA 41 -23.71 56.91 0.43
CA GLN LA 41 -24.69 57.95 0.19
C GLN LA 41 -25.02 58.10 -1.29
N LEU LA 42 -24.00 58.05 -2.15
CA LEU LA 42 -24.26 58.12 -3.59
C LEU LA 42 -25.14 56.96 -4.03
N ARG LA 43 -24.84 55.76 -3.57
CA ARG LA 43 -25.60 54.60 -3.99
C ARG LA 43 -27.04 54.67 -3.49
N ARG LA 44 -27.24 55.19 -2.28
CA ARG LA 44 -28.60 55.30 -1.77
C ARG LA 44 -29.37 56.40 -2.49
N LYS LA 45 -28.71 57.50 -2.87
CA LYS LA 45 -29.38 58.50 -3.67
C LYS LA 45 -29.78 57.93 -5.02
N ALA LA 46 -28.89 57.16 -5.65
CA ALA LA 46 -29.24 56.57 -6.93
C ALA LA 46 -30.42 55.62 -6.81
N GLU LA 47 -30.43 54.76 -5.77
CA GLU LA 47 -31.52 53.80 -5.67
C GLU LA 47 -32.83 54.48 -5.31
N ARG LA 48 -32.80 55.50 -4.46
CA ARG LA 48 -34.03 56.23 -4.16
C ARG LA 48 -34.53 56.98 -5.39
N GLU LA 49 -33.61 57.52 -6.18
CA GLU LA 49 -34.00 58.18 -7.42
C GLU LA 49 -34.69 57.22 -8.36
N THR LA 50 -34.12 56.03 -8.53
CA THR LA 50 -34.75 55.03 -9.40
C THR LA 50 -36.11 54.63 -8.86
N PHE LA 51 -36.24 54.53 -7.54
CA PHE LA 51 -37.53 54.23 -6.94
C PHE LA 51 -38.55 55.30 -7.29
N ALA LA 52 -38.16 56.56 -7.18
CA ALA LA 52 -39.10 57.64 -7.47
C ALA LA 52 -39.48 57.65 -8.95
N ARG LA 53 -38.51 57.45 -9.84
CA ARG LA 53 -38.83 57.43 -11.26
C ARG LA 53 -39.78 56.30 -11.57
N ARG LA 54 -39.57 55.12 -10.98
CA ARG LA 54 -40.52 54.04 -11.20
C ARG LA 54 -41.89 54.39 -10.68
N VAL LA 55 -41.96 55.06 -9.53
CA VAL LA 55 -43.26 55.41 -8.96
C VAL LA 55 -44.02 56.32 -9.91
N VAL LA 56 -43.35 57.36 -10.40
CA VAL LA 56 -44.03 58.32 -11.27
C VAL LA 56 -44.41 57.64 -12.58
N LEU LA 57 -43.55 56.77 -13.10
CA LEU LA 57 -43.84 56.10 -14.36
C LEU LA 57 -45.07 55.20 -14.24
N LEU LA 58 -45.13 54.37 -13.21
CA LEU LA 58 -46.29 53.49 -13.05
C LEU LA 58 -47.56 54.28 -12.83
N SER LA 59 -47.51 55.33 -12.01
CA SER LA 59 -48.71 56.13 -11.78
C SER LA 59 -49.18 56.79 -13.06
N GLN LA 60 -48.25 57.34 -13.84
CA GLN LA 60 -48.62 57.94 -15.11
C GLN LA 60 -49.27 56.93 -16.03
N GLU LA 61 -48.70 55.74 -16.12
CA GLU LA 61 -49.27 54.72 -17.00
C GLU LA 61 -50.68 54.36 -16.58
N MET LA 62 -50.91 54.22 -15.28
CA MET LA 62 -52.25 53.86 -14.83
C MET LA 62 -53.24 54.97 -15.14
N ASP LA 63 -52.86 56.23 -14.91
CA ASP LA 63 -53.78 57.33 -15.22
C ASP LA 63 -54.06 57.40 -16.72
N ALA LA 64 -53.03 57.24 -17.55
CA ALA LA 64 -53.25 57.25 -18.99
C ALA LA 64 -54.14 56.10 -19.42
N GLY LA 65 -54.03 54.94 -18.76
CA GLY LA 65 -54.94 53.85 -19.07
C GLY LA 65 -56.37 54.18 -18.73
N LEU LA 66 -56.59 54.85 -17.60
CA LEU LA 66 -57.95 55.27 -17.26
C LEU LA 66 -58.50 56.25 -18.30
N GLN LA 67 -57.67 57.19 -18.74
CA GLN LA 67 -58.12 58.14 -19.75
C GLN LA 67 -58.42 57.45 -21.07
N ALA LA 68 -57.59 56.48 -21.46
CA ALA LA 68 -57.85 55.74 -22.69
C ALA LA 68 -59.17 54.98 -22.59
N TRP LA 69 -59.46 54.39 -21.43
CA TRP LA 69 -60.74 53.72 -21.27
C TRP LA 69 -61.88 54.70 -21.40
N GLN LA 70 -61.73 55.89 -20.82
CA GLN LA 70 -62.77 56.91 -20.97
C GLN LA 70 -63.00 57.22 -22.44
N LEU LA 71 -61.92 57.42 -23.20
CA LEU LA 71 -62.06 57.74 -24.62
C LEU LA 71 -62.77 56.62 -25.37
N ARG LA 72 -62.41 55.38 -25.11
CA ARG LA 72 -63.05 54.26 -25.81
C ARG LA 72 -64.53 54.17 -25.45
N GLN LA 73 -64.87 54.39 -24.18
CA GLN LA 73 -66.27 54.39 -23.82
C GLN LA 73 -67.03 55.50 -24.54
N GLN LA 74 -66.41 56.66 -24.68
CA GLN LA 74 -67.05 57.73 -25.44
C GLN LA 74 -67.28 57.32 -26.88
N LYS LA 75 -66.24 56.85 -27.56
CA LYS LA 75 -66.31 56.58 -28.99
C LYS LA 75 -67.05 55.29 -29.33
N LEU LA 76 -67.44 54.49 -28.34
CA LEU LA 76 -68.32 53.36 -28.60
C LEU LA 76 -69.73 53.59 -28.11
N GLN LA 77 -69.92 54.44 -27.10
CA GLN LA 77 -71.27 54.72 -26.61
C GLN LA 77 -71.93 55.82 -27.42
N GLU LA 78 -71.14 56.74 -27.99
CA GLU LA 78 -71.71 57.87 -28.72
C GLU LA 78 -71.75 57.62 -30.22
N GLU LA 79 -70.77 56.92 -30.77
CA GLU LA 79 -70.78 56.66 -32.20
C GLU LA 79 -71.93 55.75 -32.61
N GLN LA 80 -72.60 55.10 -31.65
CA GLN LA 80 -73.84 54.41 -31.93
C GLN LA 80 -75.01 55.36 -32.15
N ARG LA 81 -74.89 56.61 -31.70
CA ARG LA 81 -75.87 57.63 -32.05
C ARG LA 81 -75.84 57.99 -33.52
N LYS LA 82 -74.66 57.92 -34.15
CA LYS LA 82 -74.56 58.18 -35.57
C LYS LA 82 -75.36 57.17 -36.39
N GLN LA 83 -75.68 56.01 -35.82
CA GLN LA 83 -76.58 55.04 -36.45
C GLN LA 83 -78.03 55.25 -36.06
N GLU LA 84 -78.33 56.24 -35.22
CA GLU LA 84 -79.69 56.53 -34.79
C GLU LA 84 -80.34 57.66 -35.57
N ASN LA 85 -79.76 58.06 -36.70
CA ASN LA 85 -80.29 59.13 -37.53
C ASN LA 85 -80.62 58.60 -38.92
N ALA LA 86 -80.94 59.52 -39.82
CA ALA LA 86 -81.34 59.17 -41.19
C ALA LA 86 -82.63 58.36 -41.17
N ARG MA 1 -40.86 12.27 23.13
CA ARG MA 1 -39.78 12.03 22.20
C ARG MA 1 -40.13 12.61 20.83
N ARG MA 2 -40.77 11.81 19.98
CA ARG MA 2 -41.25 12.31 18.69
C ARG MA 2 -42.20 13.49 18.84
N PRO MA 3 -43.21 13.44 19.70
CA PRO MA 3 -44.07 14.62 19.88
C PRO MA 3 -43.30 15.77 20.52
N ARG MA 4 -43.76 16.98 20.23
CA ARG MA 4 -43.19 18.19 20.83
C ARG MA 4 -44.27 18.96 21.58
N PHE MA 5 -43.89 20.11 22.13
CA PHE MA 5 -44.57 20.71 23.28
C PHE MA 5 -44.81 22.20 23.06
N VAL MA 6 -45.42 22.54 21.93
CA VAL MA 6 -45.29 23.86 21.32
C VAL MA 6 -45.28 24.97 22.36
N SER MA 7 -44.22 25.78 22.33
CA SER MA 7 -43.95 26.76 23.36
C SER MA 7 -44.88 27.96 23.18
N LEU MA 8 -44.71 28.97 24.02
CA LEU MA 8 -45.49 30.19 23.89
C LEU MA 8 -44.84 31.13 22.89
N ARG MA 9 -43.51 31.14 22.85
CA ARG MA 9 -42.80 31.98 21.89
C ARG MA 9 -43.18 31.61 20.46
N ALA MA 10 -43.29 30.32 20.19
CA ALA MA 10 -43.69 29.89 18.85
C ALA MA 10 -45.10 30.35 18.52
N LYS MA 11 -46.02 30.24 19.47
CA LYS MA 11 -47.37 30.73 19.24
C LYS MA 11 -47.36 32.21 18.90
N GLN MA 12 -46.56 33.00 19.63
CA GLN MA 12 -46.53 34.44 19.36
C GLN MA 12 -45.93 34.74 18.00
N ASN MA 13 -44.89 34.00 17.61
CA ASN MA 13 -44.33 34.19 16.27
C ASN MA 13 -45.36 33.88 15.19
N MET MA 14 -46.10 32.78 15.36
CA MET MA 14 -47.11 32.41 14.39
C MET MA 14 -48.22 33.44 14.32
N ILE MA 15 -48.61 34.00 15.47
CA ILE MA 15 -49.66 35.01 15.45
C ILE MA 15 -49.16 36.29 14.78
N ARG MA 16 -47.90 36.64 14.97
CA ARG MA 16 -47.34 37.77 14.24
C ARG MA 16 -47.50 37.58 12.74
N ARG MA 17 -47.10 36.41 12.24
CA ARG MA 17 -47.21 36.18 10.79
C ARG MA 17 -48.66 36.16 10.33
N LEU MA 18 -49.54 35.57 11.13
CA LEU MA 18 -50.96 35.55 10.77
C LEU MA 18 -51.51 36.96 10.65
N GLU MA 19 -51.14 37.86 11.56
CA GLU MA 19 -51.62 39.22 11.47
C GLU MA 19 -51.09 39.92 10.23
N ILE MA 20 -49.80 39.73 9.93
CA ILE MA 20 -49.26 40.37 8.73
C ILE MA 20 -50.03 39.91 7.50
N GLU MA 21 -50.28 38.62 7.38
CA GLU MA 21 -50.98 38.14 6.19
C GLU MA 21 -52.46 38.52 6.19
N ALA MA 22 -53.08 38.76 7.34
CA ALA MA 22 -54.44 39.30 7.34
C ALA MA 22 -54.46 40.72 6.81
N GLU MA 23 -53.47 41.52 7.17
CA GLU MA 23 -53.35 42.85 6.56
C GLU MA 23 -53.16 42.72 5.06
N ASN MA 24 -52.37 41.76 4.62
CA ASN MA 24 -52.20 41.53 3.18
C ASN MA 24 -53.52 41.21 2.52
N HIS MA 25 -54.34 40.36 3.15
CA HIS MA 25 -55.67 40.10 2.64
C HIS MA 25 -56.43 41.40 2.45
N TYR MA 26 -56.36 42.28 3.44
CA TYR MA 26 -57.12 43.53 3.34
C TYR MA 26 -56.64 44.38 2.17
N TRP MA 27 -55.34 44.57 2.02
CA TRP MA 27 -54.83 45.47 0.98
C TRP MA 27 -54.92 44.88 -0.43
N LEU MA 28 -55.65 43.79 -0.62
CA LEU MA 28 -55.83 43.19 -1.92
C LEU MA 28 -57.29 43.07 -2.32
N SER MA 29 -58.20 43.56 -1.49
CA SER MA 29 -59.63 43.52 -1.79
C SER MA 29 -60.14 44.84 -2.34
N MET MA 30 -59.26 45.63 -2.94
CA MET MA 30 -59.65 46.93 -3.50
C MET MA 30 -58.65 47.30 -4.58
N PRO MA 31 -58.89 46.89 -5.82
CA PRO MA 31 -57.98 47.26 -6.91
C PRO MA 31 -58.40 48.57 -7.56
N TYR MA 32 -57.40 49.30 -8.03
CA TYR MA 32 -57.62 50.61 -8.63
C TYR MA 32 -58.42 50.54 -9.91
N MET MA 33 -58.19 49.52 -10.72
CA MET MA 33 -58.88 49.31 -11.98
C MET MA 33 -59.68 48.03 -11.88
N THR MA 34 -60.26 47.62 -12.99
CA THR MA 34 -60.92 46.34 -13.12
C THR MA 34 -60.22 45.55 -14.22
N ARG MA 35 -60.70 44.33 -14.47
CA ARG MA 35 -60.06 43.52 -15.50
C ARG MA 35 -60.05 44.24 -16.84
N GLU MA 36 -61.19 44.78 -17.25
CA GLU MA 36 -61.31 45.37 -18.57
C GLU MA 36 -60.64 46.74 -18.68
N GLN MA 37 -60.64 47.53 -17.61
CA GLN MA 37 -60.03 48.85 -17.71
C GLN MA 37 -58.54 48.75 -17.97
N GLU MA 38 -57.85 47.86 -17.27
CA GLU MA 38 -56.40 47.79 -17.40
C GLU MA 38 -55.96 47.37 -18.78
N ARG MA 39 -56.81 46.66 -19.53
CA ARG MA 39 -56.34 45.90 -20.67
C ARG MA 39 -55.67 46.81 -21.69
N GLY MA 40 -54.37 46.61 -21.89
CA GLY MA 40 -53.62 47.29 -22.92
C GLY MA 40 -52.81 48.48 -22.47
N HIS MA 41 -53.03 48.99 -21.25
CA HIS MA 41 -52.40 50.24 -20.86
C HIS MA 41 -50.89 50.15 -20.79
N ALA MA 42 -50.33 48.94 -20.77
CA ALA MA 42 -48.88 48.75 -20.70
C ALA MA 42 -48.31 48.20 -21.99
N ALA MA 43 -49.12 48.11 -23.06
CA ALA MA 43 -48.68 47.44 -24.27
C ALA MA 43 -47.47 48.12 -24.87
N VAL MA 44 -47.47 49.45 -24.91
CA VAL MA 44 -46.39 50.18 -25.57
C VAL MA 44 -45.06 49.91 -24.87
N ARG MA 45 -45.06 50.01 -23.54
CA ARG MA 45 -43.82 49.79 -22.81
C ARG MA 45 -43.33 48.35 -22.99
N ARG MA 46 -44.24 47.37 -22.91
CA ARG MA 46 -43.83 45.99 -23.06
C ARG MA 46 -43.22 45.75 -24.43
N ARG MA 47 -43.85 46.27 -25.47
CA ARG MA 47 -43.34 46.11 -26.82
C ARG MA 47 -41.95 46.74 -26.95
N GLU MA 48 -41.79 47.96 -26.43
CA GLU MA 48 -40.49 48.60 -26.55
C GLU MA 48 -39.43 47.86 -25.74
N ALA MA 49 -39.77 47.35 -24.56
CA ALA MA 49 -38.79 46.60 -23.77
C ALA MA 49 -38.36 45.34 -24.50
N PHE MA 50 -39.31 44.59 -25.06
CA PHE MA 50 -38.91 43.39 -25.75
C PHE MA 50 -38.13 43.72 -27.01
N GLU MA 51 -38.41 44.85 -27.63
CA GLU MA 51 -37.61 45.25 -28.78
C GLU MA 51 -36.19 45.59 -28.35
N ALA MA 52 -36.03 46.15 -27.16
CA ALA MA 52 -34.70 46.38 -26.62
C ALA MA 52 -33.96 45.05 -26.41
N ILE MA 53 -34.67 44.06 -25.86
CA ILE MA 53 -34.07 42.73 -25.70
C ILE MA 53 -33.66 42.17 -27.06
N LYS MA 54 -34.53 42.29 -28.06
CA LYS MA 54 -34.22 41.78 -29.40
C LYS MA 54 -33.01 42.48 -29.98
N ALA MA 55 -32.94 43.79 -29.88
CA ALA MA 55 -31.82 44.52 -30.45
C ALA MA 55 -30.52 44.17 -29.73
N ALA MA 56 -30.62 43.85 -28.44
CA ALA MA 56 -29.42 43.41 -27.73
C ALA MA 56 -28.98 42.02 -28.20
N ALA MA 57 -29.94 41.12 -28.37
CA ALA MA 57 -29.62 39.74 -28.76
C ALA MA 57 -29.10 39.66 -30.18
N THR MA 58 -29.53 40.56 -31.06
CA THR MA 58 -29.16 40.50 -32.46
C THR MA 58 -27.97 41.38 -32.80
N SER MA 59 -27.19 41.80 -31.81
CA SER MA 59 -26.03 42.66 -32.04
C SER MA 59 -24.71 41.95 -31.79
N LYS MA 60 -24.73 40.69 -31.39
CA LYS MA 60 -23.49 39.98 -31.09
C LYS MA 60 -22.64 39.87 -32.36
N PHE MA 61 -21.35 40.10 -32.20
CA PHE MA 61 -20.44 40.06 -33.33
C PHE MA 61 -19.02 40.23 -32.79
N PRO MA 62 -17.99 39.76 -33.48
CA PRO MA 62 -16.65 39.89 -32.94
C PRO MA 62 -16.27 41.35 -32.83
N PRO MA 63 -15.38 41.69 -31.91
CA PRO MA 63 -14.92 43.07 -31.80
C PRO MA 63 -13.94 43.41 -32.91
N HIS MA 64 -13.79 44.71 -33.14
CA HIS MA 64 -12.87 45.19 -34.13
C HIS MA 64 -11.44 44.80 -33.76
N ARG MA 65 -10.52 45.03 -34.69
CA ARG MA 65 -9.11 44.82 -34.48
C ARG MA 65 -8.34 45.96 -35.10
N PHE MA 66 -7.38 46.48 -34.36
CA PHE MA 66 -6.64 47.67 -34.76
C PHE MA 66 -5.18 47.34 -34.99
N ILE MA 67 -4.57 48.03 -35.95
CA ILE MA 67 -3.16 47.81 -36.22
C ILE MA 67 -2.33 48.31 -35.05
N ALA MA 68 -2.80 49.33 -34.35
CA ALA MA 68 -2.03 49.89 -33.24
C ALA MA 68 -1.81 48.85 -32.15
N ASP MA 69 -2.84 48.07 -31.83
CA ASP MA 69 -2.69 47.07 -30.79
C ASP MA 69 -1.68 46.02 -31.18
N GLN MA 70 -1.68 45.60 -32.43
CA GLN MA 70 -0.71 44.60 -32.88
C GLN MA 70 0.71 45.16 -32.83
N LEU MA 71 0.90 46.39 -33.28
CA LEU MA 71 2.26 46.93 -33.31
C LEU MA 71 2.75 47.35 -31.93
N ASP MA 72 1.84 47.56 -30.97
CA ASP MA 72 2.27 47.90 -29.62
C ASP MA 72 3.05 46.76 -28.98
N HIS MA 73 2.86 45.53 -29.45
CA HIS MA 73 3.55 44.41 -28.84
C HIS MA 73 5.04 44.43 -29.11
N LEU MA 74 5.50 45.24 -30.06
CA LEU MA 74 6.93 45.42 -30.23
C LEU MA 74 7.56 46.19 -29.08
N ASN MA 75 6.76 46.80 -28.21
CA ASN MA 75 7.33 47.53 -27.08
C ASN MA 75 8.04 46.63 -26.09
N VAL MA 76 7.90 45.31 -26.20
CA VAL MA 76 8.45 44.37 -25.23
C VAL MA 76 9.95 44.24 -25.40
N THR MA 77 10.54 45.04 -26.28
CA THR MA 77 11.99 45.10 -26.38
C THR MA 77 12.49 46.53 -26.39
N LYS MA 78 11.69 47.48 -25.90
CA LYS MA 78 12.11 48.87 -25.87
C LYS MA 78 13.26 49.04 -24.88
N LYS MA 79 14.32 49.71 -25.33
CA LYS MA 79 15.52 49.87 -24.54
C LYS MA 79 15.87 51.35 -24.43
N TRP MA 80 16.56 51.70 -23.36
CA TRP MA 80 17.32 52.93 -23.34
C TRP MA 80 18.61 52.71 -24.12
N SER MA 81 19.37 53.79 -24.28
CA SER MA 81 20.60 53.72 -25.08
C SER MA 81 21.67 54.66 -24.55
N GLU NA 1 -5.59 16.71 -92.49
CA GLU NA 1 -4.25 16.24 -92.85
C GLU NA 1 -4.03 14.82 -92.34
N PHE NA 2 -4.86 14.39 -91.40
CA PHE NA 2 -4.86 13.03 -90.90
C PHE NA 2 -6.25 12.44 -90.97
N LYS NA 3 -6.35 11.18 -91.39
CA LYS NA 3 -7.63 10.49 -91.46
C LYS NA 3 -7.43 9.05 -91.04
N SER NA 4 -8.51 8.45 -90.54
CA SER NA 4 -8.48 7.11 -90.01
C SER NA 4 -9.58 6.29 -90.66
N ILE NA 5 -9.56 4.98 -90.39
CA ILE NA 5 -10.55 4.08 -90.97
C ILE NA 5 -11.95 4.49 -90.57
N TYR NA 6 -12.09 5.25 -89.49
CA TYR NA 6 -13.39 5.72 -89.02
C TYR NA 6 -13.62 7.19 -89.33
N SER NA 7 -12.85 7.77 -90.25
CA SER NA 7 -13.10 9.15 -90.64
C SER NA 7 -14.50 9.29 -91.22
N LEU NA 8 -15.02 10.52 -91.19
CA LEU NA 8 -16.36 10.75 -91.70
C LEU NA 8 -16.44 10.57 -93.21
N ASP NA 9 -15.33 10.74 -93.92
CA ASP NA 9 -15.31 10.48 -95.35
C ASP NA 9 -15.08 9.00 -95.68
N LYS NA 10 -15.27 8.11 -94.72
CA LYS NA 10 -15.19 6.68 -94.93
C LYS NA 10 -16.35 5.91 -94.33
N LEU NA 11 -17.10 6.52 -93.40
CA LEU NA 11 -18.30 5.88 -92.88
C LEU NA 11 -19.53 6.24 -93.69
N TYR NA 12 -19.47 7.31 -94.47
CA TYR NA 12 -20.61 7.82 -95.23
C TYR NA 12 -20.09 8.35 -96.57
N PRO NA 13 -19.89 7.48 -97.55
CA PRO NA 13 -19.19 7.91 -98.77
C PRO NA 13 -19.88 9.04 -99.52
N GLU NA 14 -21.21 9.10 -99.47
CA GLU NA 14 -21.93 10.10 -100.28
C GLU NA 14 -21.69 11.52 -99.79
N SER NA 15 -21.53 11.72 -98.49
CA SER NA 15 -21.39 13.06 -97.91
C SER NA 15 -19.93 13.48 -97.81
N GLN NA 16 -19.20 13.37 -98.91
CA GLN NA 16 -17.77 13.68 -98.92
C GLN NA 16 -17.61 15.15 -99.31
N GLY NA 17 -17.33 15.98 -98.30
CA GLY NA 17 -17.17 17.40 -98.52
C GLY NA 17 -16.99 18.17 -97.23
N SER NA 18 -16.29 19.30 -97.29
CA SER NA 18 -16.05 20.08 -96.08
C SER NA 18 -17.34 20.71 -95.55
N ASP NA 19 -18.19 21.21 -96.44
CA ASP NA 19 -19.34 22.03 -96.07
C ASP NA 19 -20.67 21.33 -96.33
N THR NA 20 -20.66 20.02 -96.55
CA THR NA 20 -21.90 19.32 -96.84
C THR NA 20 -22.88 19.32 -95.67
N ALA NA 21 -22.42 19.63 -94.47
CA ALA NA 21 -23.24 19.54 -93.26
C ALA NA 21 -23.94 20.83 -92.90
N TRP NA 22 -23.80 21.89 -93.70
CA TRP NA 22 -24.32 23.20 -93.30
C TRP NA 22 -25.20 23.84 -94.38
N ARG NA 23 -24.88 23.62 -95.65
CA ARG NA 23 -25.72 24.17 -96.71
C ARG NA 23 -27.14 23.59 -96.61
N VAL NA 24 -28.12 24.48 -96.64
CA VAL NA 24 -29.51 24.06 -96.51
C VAL NA 24 -29.88 23.12 -97.65
N ASP NA 25 -45.31 26.87 -91.76
CA ASP NA 25 -44.27 27.44 -90.92
C ASP NA 25 -44.59 28.89 -90.57
N ILE NA 26 -44.15 29.32 -89.39
CA ILE NA 26 -44.34 30.69 -88.93
C ILE NA 26 -43.29 31.56 -89.60
N PRO NA 27 -43.57 32.84 -89.88
CA PRO NA 27 -42.49 33.69 -90.41
C PRO NA 27 -41.55 34.20 -89.34
N LEU NA 28 -42.08 34.47 -88.14
CA LEU NA 28 -41.35 34.98 -86.98
C LEU NA 28 -40.70 36.34 -87.23
N ASP NA 29 -40.97 36.96 -88.39
CA ASP NA 29 -40.53 38.32 -88.66
C ASP NA 29 -41.68 39.30 -88.78
N ARG NA 30 -42.86 38.83 -89.20
CA ARG NA 30 -44.08 39.61 -89.03
C ARG NA 30 -44.53 39.65 -87.57
N LEU NA 31 -43.94 38.81 -86.72
CA LEU NA 31 -44.28 38.81 -85.30
C LEU NA 31 -43.54 39.95 -84.58
N THR NA 32 -43.94 40.17 -83.33
CA THR NA 32 -43.43 41.26 -82.50
C THR NA 32 -43.09 40.75 -81.11
N ILE NA 33 -42.27 39.71 -81.05
CA ILE NA 33 -41.87 39.12 -79.77
C ILE NA 33 -41.41 40.20 -78.81
N SER NA 34 -41.85 40.10 -77.56
CA SER NA 34 -41.41 40.98 -76.50
C SER NA 34 -41.20 40.18 -75.22
N TYR NA 35 -40.34 40.69 -74.35
CA TYR NA 35 -39.98 40.04 -73.09
C TYR NA 35 -40.26 41.02 -71.95
N CYS NA 36 -41.50 41.01 -71.45
CA CYS NA 36 -41.89 41.84 -70.33
C CYS NA 36 -41.83 41.01 -69.05
N ARG NA 37 -40.99 41.43 -68.11
CA ARG NA 37 -40.83 40.71 -66.86
C ARG NA 37 -41.24 41.57 -65.68
N ASN NA 38 -39.39 33.11 -62.77
CA ASN NA 38 -40.01 32.77 -64.05
C ASN NA 38 -40.14 33.99 -64.95
N SER NA 39 -39.29 34.08 -65.96
CA SER NA 39 -39.41 35.13 -66.95
C SER NA 39 -40.60 34.83 -67.87
N LYS NA 40 -41.03 35.87 -68.59
CA LYS NA 40 -42.24 35.80 -69.42
C LYS NA 40 -41.91 36.21 -70.84
N ALA NA 41 -42.63 35.63 -71.80
CA ALA NA 41 -42.55 36.04 -73.20
C ALA NA 41 -43.96 36.16 -73.76
N GLU NA 42 -44.25 37.30 -74.37
CA GLU NA 42 -45.54 37.56 -74.98
C GLU NA 42 -45.33 37.96 -76.43
N VAL NA 43 -46.07 37.32 -77.34
CA VAL NA 43 -45.93 37.54 -78.77
C VAL NA 43 -47.23 38.12 -79.30
N ARG NA 44 -47.14 39.24 -80.02
CA ARG NA 44 -48.29 39.91 -80.58
C ARG NA 44 -48.13 40.00 -82.10
N PHE NA 45 -49.24 39.78 -82.81
CA PHE NA 45 -49.23 39.91 -84.26
C PHE NA 45 -50.64 40.27 -84.72
N HIS NA 46 -50.73 41.06 -85.79
CA HIS NA 46 -52.02 41.53 -86.28
C HIS NA 46 -52.73 40.39 -87.00
N LEU NA 47 -53.75 39.81 -86.34
CA LEU NA 47 -54.39 38.62 -86.89
C LEU NA 47 -55.05 38.90 -88.23
N ALA NA 48 -55.88 39.94 -88.30
CA ALA NA 48 -56.67 40.18 -89.51
C ALA NA 48 -55.75 40.46 -90.70
N THR NA 49 -54.81 41.37 -90.54
CA THR NA 49 -53.92 41.77 -91.62
C THR NA 49 -52.72 40.83 -91.71
N ALA NA 50 -53.02 39.54 -91.86
CA ALA NA 50 -52.02 38.48 -91.90
C ALA NA 50 -51.91 37.94 -93.31
N GLU NA 51 -50.69 37.95 -93.84
CA GLU NA 51 -50.43 37.47 -95.19
C GLU NA 51 -50.09 35.98 -95.24
N TRP NA 52 -49.89 35.34 -94.08
CA TRP NA 52 -49.43 33.96 -94.03
C TRP NA 52 -50.44 33.00 -93.41
N ILE NA 53 -51.53 33.51 -92.84
CA ILE NA 53 -52.57 32.63 -92.32
C ILE NA 53 -53.75 32.61 -93.28
N ALA NA 54 -54.28 31.41 -93.54
CA ALA NA 54 -55.35 31.27 -94.51
C ALA NA 54 -56.60 31.99 -94.05
N GLU NA 55 -57.38 32.49 -95.02
CA GLU NA 55 -58.58 33.25 -94.69
C GLU NA 55 -59.58 32.43 -93.89
N PRO NA 56 -59.91 31.18 -94.25
CA PRO NA 56 -60.76 30.39 -93.35
C PRO NA 56 -60.16 30.27 -91.96
N VAL NA 57 -58.84 30.08 -91.88
CA VAL NA 57 -58.18 30.03 -90.59
C VAL NA 57 -58.33 31.36 -89.86
N ARG NA 58 -58.13 32.47 -90.57
CA ARG NA 58 -58.22 33.78 -89.93
C ARG NA 58 -59.61 33.99 -89.33
N GLN NA 59 -60.65 33.74 -90.12
CA GLN NA 59 -62.00 33.97 -89.61
C GLN NA 59 -62.32 33.01 -88.46
N LYS NA 60 -61.94 31.74 -88.58
CA LYS NA 60 -62.25 30.80 -87.50
C LYS NA 60 -61.55 31.21 -86.21
N ILE NA 61 -60.28 31.59 -86.29
CA ILE NA 61 -59.54 31.99 -85.10
C ILE NA 61 -60.17 33.23 -84.49
N ALA NA 62 -60.49 34.23 -85.31
CA ALA NA 62 -61.08 35.44 -84.77
C ALA NA 62 -62.43 35.15 -84.12
N ILE NA 63 -63.14 34.13 -84.60
CA ILE NA 63 -64.45 33.82 -84.06
C ILE NA 63 -64.39 32.93 -82.82
N THR NA 64 -63.31 32.16 -82.64
CA THR NA 64 -63.21 31.24 -81.51
C THR NA 64 -62.34 31.76 -80.38
N HIS NA 65 -61.15 32.29 -80.68
CA HIS NA 65 -60.25 32.83 -79.65
C HIS NA 65 -60.41 34.34 -79.55
N LYS NA 66 -61.64 34.77 -79.25
CA LYS NA 66 -61.96 36.18 -79.17
C LYS NA 66 -61.50 36.83 -77.88
N ASN NA 67 -61.12 36.04 -76.87
CA ASN NA 67 -60.81 36.58 -75.56
C ASN NA 67 -59.39 37.14 -75.46
N LYS NA 68 -58.51 36.82 -76.40
CA LYS NA 68 -57.13 37.27 -76.35
C LYS NA 68 -56.78 38.29 -77.41
N ILE NA 69 -57.67 38.58 -78.36
CA ILE NA 69 -57.38 39.60 -79.36
C ILE NA 69 -57.44 40.97 -78.71
N ASN NA 70 -56.43 41.79 -78.99
CA ASN NA 70 -56.32 43.10 -78.37
C ASN NA 70 -57.39 44.04 -78.92
N ARG NA 71 -57.56 45.18 -78.24
CA ARG NA 71 -58.50 46.18 -78.71
C ARG NA 71 -58.15 46.69 -80.10
N LEU NA 72 -56.87 46.70 -80.46
CA LEU NA 72 -56.43 47.16 -81.76
C LEU NA 72 -56.37 46.05 -82.80
N GLY NA 73 -57.10 44.96 -82.58
CA GLY NA 73 -57.17 43.90 -83.58
C GLY NA 73 -55.91 43.08 -83.72
N GLU NA 74 -55.06 43.02 -82.70
CA GLU NA 74 -53.83 42.24 -82.72
C GLU NA 74 -53.93 41.13 -81.69
N LEU NA 75 -53.66 39.90 -82.11
CA LEU NA 75 -53.72 38.75 -81.23
C LEU NA 75 -52.41 38.60 -80.48
N ILE NA 76 -52.53 38.38 -79.17
CA ILE NA 76 -51.37 38.27 -78.28
C ILE NA 76 -51.46 36.96 -77.52
N LEU NA 77 -50.33 36.27 -77.42
CA LEU NA 77 -50.21 35.04 -76.65
C LEU NA 77 -49.07 35.20 -75.66
N THR NA 78 -49.32 34.82 -74.41
CA THR NA 78 -48.34 34.97 -73.34
C THR NA 78 -47.98 33.60 -72.76
N SER NA 79 -46.71 33.43 -72.46
CA SER NA 79 -46.22 32.20 -71.84
C SER NA 79 -45.19 32.57 -70.78
N GLU NA 80 -45.41 32.12 -69.55
CA GLU NA 80 -44.47 32.29 -68.45
C GLU NA 80 -44.38 30.98 -67.70
N SER NA 81 -43.50 30.08 -68.16
CA SER NA 81 -43.34 28.78 -67.51
C SER NA 81 -41.89 28.32 -67.49
N SER NA 82 -40.93 29.22 -67.36
CA SER NA 82 -39.53 28.83 -67.36
C SER NA 82 -38.67 30.05 -67.05
N ARG NA 83 -37.49 29.80 -66.45
CA ARG NA 83 -36.53 30.87 -66.29
C ARG NA 83 -35.89 31.25 -67.62
N TYR NA 84 -36.12 30.47 -68.67
CA TYR NA 84 -35.48 30.69 -69.96
C TYR NA 84 -36.48 31.30 -70.93
N GLN NA 85 -36.06 32.36 -71.61
CA GLN NA 85 -36.94 32.98 -72.61
C GLN NA 85 -37.05 32.13 -73.87
N PHE NA 86 -36.04 31.34 -74.19
CA PHE NA 86 -36.13 30.46 -75.34
C PHE NA 86 -37.28 29.48 -75.21
N ARG NA 87 -37.42 28.89 -74.03
CA ARG NA 87 -38.49 27.92 -73.82
C ARG NA 87 -39.86 28.57 -73.98
N ASN NA 88 -40.02 29.78 -73.44
CA ASN NA 88 -41.32 30.44 -73.53
C ASN NA 88 -41.63 30.86 -74.97
N LEU NA 89 -40.63 31.36 -75.70
CA LEU NA 89 -40.85 31.70 -77.09
C LEU NA 89 -41.25 30.47 -77.89
N ALA NA 90 -40.56 29.34 -77.65
CA ALA NA 90 -40.90 28.12 -78.35
C ALA NA 90 -42.31 27.66 -78.00
N ASP NA 91 -42.69 27.78 -76.73
CA ASP NA 91 -44.02 27.38 -76.32
C ASP NA 91 -45.09 28.23 -77.01
N CYS NA 92 -44.85 29.54 -77.11
CA CYS NA 92 -45.82 30.40 -77.79
C CYS NA 92 -45.91 30.08 -79.28
N LEU NA 93 -44.76 29.85 -79.93
CA LEU NA 93 -44.80 29.48 -81.34
C LEU NA 93 -45.53 28.17 -81.55
N GLN NA 94 -45.31 27.19 -80.68
CA GLN NA 94 -46.02 25.93 -80.81
C GLN NA 94 -47.51 26.11 -80.53
N LYS NA 95 -47.89 27.01 -79.62
CA LYS NA 95 -49.29 27.32 -79.44
C LYS NA 95 -49.89 27.88 -80.71
N ILE NA 96 -49.16 28.78 -81.38
CA ILE NA 96 -49.65 29.32 -82.66
C ILE NA 96 -49.81 28.20 -83.68
N ARG NA 97 -48.83 27.31 -83.77
CA ARG NA 97 -48.87 26.25 -84.77
C ARG NA 97 -50.05 25.32 -84.52
N ASP NA 98 -50.24 24.87 -83.28
CA ASP NA 98 -51.34 23.96 -83.02
C ASP NA 98 -52.68 24.67 -83.16
N MET NA 99 -52.72 25.97 -82.86
CA MET NA 99 -53.93 26.74 -83.10
C MET NA 99 -54.30 26.72 -84.58
N ILE NA 100 -53.30 26.97 -85.44
CA ILE NA 100 -53.54 26.94 -86.87
C ILE NA 100 -54.03 25.57 -87.32
N THR NA 101 -53.35 24.51 -86.87
CA THR NA 101 -53.74 23.18 -87.30
C THR NA 101 -55.16 22.85 -86.88
N GLU NA 102 -55.49 23.05 -85.60
CA GLU NA 102 -56.83 22.73 -85.13
C GLU NA 102 -57.89 23.62 -85.74
N ALA NA 103 -57.52 24.82 -86.20
CA ALA NA 103 -58.47 25.66 -86.93
C ALA NA 103 -58.55 25.32 -88.40
N SER NA 104 -57.61 24.55 -88.94
CA SER NA 104 -57.66 24.14 -90.33
C SER NA 104 -58.71 23.07 -90.58
N GLN NA 105 -59.29 22.48 -89.52
CA GLN NA 105 -60.33 21.47 -89.67
C GLN NA 105 -61.68 22.03 -89.20
N LYS NA 106 -66.01 24.70 -64.50
CA LYS NA 106 -66.90 23.64 -64.95
C LYS NA 106 -67.88 24.20 -65.98
N LEU NA 107 -68.54 23.32 -66.73
CA LEU NA 107 -69.43 23.71 -67.81
C LEU NA 107 -70.84 23.16 -67.66
N HIS NA 108 -71.12 22.39 -66.61
CA HIS NA 108 -72.48 21.93 -66.35
C HIS NA 108 -73.39 23.05 -65.88
N ARG NA 109 -72.83 24.19 -65.46
CA ARG NA 109 -73.66 25.31 -65.03
C ARG NA 109 -74.33 25.99 -66.23
N ILE NA 110 -73.57 26.23 -67.30
CA ILE NA 110 -74.11 27.03 -68.41
C ILE NA 110 -75.28 26.33 -69.07
N ARG NA 111 -75.17 25.03 -69.32
CA ARG NA 111 -76.21 24.32 -70.06
C ARG NA 111 -77.48 24.10 -69.27
N ILE NA 112 -77.54 24.56 -68.02
CA ILE NA 112 -78.76 24.53 -67.23
C ILE NA 112 -79.24 25.93 -66.90
N GLU NA 113 -78.33 26.84 -66.58
CA GLU NA 113 -78.74 28.23 -66.36
C GLU NA 113 -79.31 28.84 -67.63
N ASN NA 114 -78.71 28.56 -68.78
CA ASN NA 114 -79.25 29.10 -70.03
C ASN NA 114 -80.53 28.38 -70.45
N MET NA 115 -80.67 27.12 -70.06
CA MET NA 115 -81.93 26.42 -70.28
C MET NA 115 -83.04 27.04 -69.45
N ASN NA 116 -82.74 27.40 -68.21
CA ASN NA 116 -83.75 27.96 -67.32
C ASN NA 116 -84.09 29.41 -67.64
N ARG NA 117 -83.09 30.21 -68.02
CA ARG NA 117 -83.34 31.64 -68.21
C ARG NA 117 -84.29 31.91 -69.36
N GLU NA 118 -84.56 30.91 -70.20
CA GLU NA 118 -85.52 31.03 -71.30
C GLU NA 118 -86.81 30.30 -71.00
N ARG NA 119 -87.12 30.07 -69.72
CA ARG NA 119 -88.29 29.33 -69.28
C ARG NA 119 -89.15 30.16 -68.35
N LEU NA 120 -89.26 31.47 -68.64
CA LEU NA 120 -90.17 32.33 -67.90
C LEU NA 120 -90.93 33.27 -68.83
N ARG NA 121 -91.07 32.90 -70.10
CA ARG NA 121 -91.80 33.67 -71.11
C ARG NA 121 -93.07 32.93 -71.54
N GLN NA 122 -93.71 32.22 -70.61
CA GLN NA 122 -94.87 31.40 -70.97
C GLN NA 122 -96.08 32.23 -71.36
N LYS NA 123 -96.06 33.54 -71.13
CA LYS NA 123 -97.16 34.42 -71.48
C LYS NA 123 -96.70 35.34 -72.60
N ARG NA 124 -97.45 35.34 -73.71
CA ARG NA 124 -97.06 36.03 -74.92
C ARG NA 124 -98.30 36.66 -75.56
N ILE NA 125 -98.07 37.68 -76.39
CA ILE NA 125 -99.13 38.34 -77.13
C ILE NA 125 -100.00 37.32 -77.85
N TYR OA 1 30.59 34.37 -42.67
CA TYR OA 1 30.25 33.04 -43.14
C TYR OA 1 29.55 33.13 -44.48
N ARG OA 2 30.04 32.36 -45.45
CA ARG OA 2 29.44 32.30 -46.77
C ARG OA 2 28.52 31.09 -46.83
N ALA OA 3 27.25 31.32 -47.13
CA ALA OA 3 26.29 30.24 -47.15
C ALA OA 3 26.72 29.19 -48.18
N ARG OA 4 26.41 27.94 -47.88
CA ARG OA 4 26.83 26.83 -48.72
C ARG OA 4 26.17 26.95 -50.09
N PRO OA 5 26.79 26.37 -51.12
CA PRO OA 5 26.20 26.45 -52.46
C PRO OA 5 24.80 25.86 -52.47
N PRO OA 6 23.88 26.45 -53.24
CA PRO OA 6 22.48 26.12 -53.06
C PRO OA 6 22.19 24.70 -53.48
N PRO OA 7 21.09 24.13 -53.02
CA PRO OA 7 20.72 22.78 -53.45
C PRO OA 7 20.13 22.76 -54.84
N ARG OA 8 20.89 22.27 -55.81
CA ARG OA 8 20.44 22.22 -57.21
C ARG OA 8 20.05 20.79 -57.56
N ARG OA 9 19.08 20.65 -58.45
CA ARG OA 9 18.58 19.33 -58.81
C ARG OA 9 19.62 18.57 -59.62
N ARG OA 10 19.58 17.24 -59.46
CA ARG OA 10 20.55 16.35 -60.07
C ARG OA 10 20.58 16.55 -61.57
N PRO OA 11 21.62 17.17 -62.14
CA PRO OA 11 21.56 17.56 -63.54
C PRO OA 11 21.63 16.37 -64.49
N GLY OA 12 21.07 16.57 -65.68
CA GLY OA 12 21.16 15.59 -66.74
C GLY OA 12 20.35 14.34 -66.47
N PRO OA 13 20.57 13.31 -67.28
CA PRO OA 13 19.84 12.06 -67.08
C PRO OA 13 20.46 11.22 -65.98
N ARG OA 14 19.60 10.50 -65.26
CA ARG OA 14 20.03 9.68 -64.13
C ARG OA 14 20.03 8.22 -64.60
N TRP OA 15 21.19 7.71 -64.97
CA TRP OA 15 21.30 6.31 -65.36
C TRP OA 15 21.86 5.52 -64.19
N PRO OA 16 21.06 4.68 -63.53
CA PRO OA 16 21.60 3.85 -62.46
C PRO OA 16 22.24 2.59 -63.01
N ASP OA 17 23.35 2.21 -62.39
CA ASP OA 17 24.07 1.03 -62.83
C ASP OA 17 23.18 -0.19 -62.66
N PRO OA 18 23.16 -1.14 -63.60
CA PRO OA 18 22.22 -2.26 -63.48
C PRO OA 18 22.75 -3.43 -62.69
N GLU OA 19 24.06 -3.52 -62.48
CA GLU OA 19 24.63 -4.69 -61.81
C GLU OA 19 24.40 -4.64 -60.30
N ASP OA 20 24.35 -3.44 -59.72
CA ASP OA 20 24.06 -3.31 -58.30
C ASP OA 20 22.73 -3.99 -57.98
N LEU OA 21 22.55 -4.31 -56.70
CA LEU OA 21 21.35 -4.99 -56.24
C LEU OA 21 20.33 -4.06 -55.63
N LEU OA 22 20.75 -2.91 -55.11
CA LEU OA 22 19.79 -1.99 -54.52
C LEU OA 22 19.03 -1.18 -55.55
N THR OA 23 19.62 -0.91 -56.71
CA THR OA 23 18.94 -0.16 -57.76
C THR OA 23 17.60 -0.83 -58.02
N PRO OA 24 16.49 -0.21 -57.65
CA PRO OA 24 15.22 -0.96 -57.62
C PRO OA 24 14.85 -1.52 -58.98
N ARG OA 25 13.86 -2.41 -58.94
CA ARG OA 25 13.36 -3.04 -60.15
C ARG OA 25 12.82 -2.04 -61.17
N TRP OA 26 12.28 -0.91 -60.73
CA TRP OA 26 11.63 0.03 -61.66
C TRP OA 26 12.57 1.08 -62.22
N GLN OA 27 13.81 1.14 -61.78
CA GLN OA 27 14.78 2.06 -62.36
C GLN OA 27 15.60 1.42 -63.46
N LEU OA 28 15.25 0.21 -63.88
CA LEU OA 28 15.80 -0.42 -65.06
C LEU OA 28 14.64 -0.98 -65.87
N GLY OA 29 14.68 -0.76 -67.18
CA GLY OA 29 13.62 -1.23 -68.04
C GLY OA 29 13.31 -0.27 -69.17
N PRO OA 30 12.15 -0.41 -69.79
CA PRO OA 30 11.78 0.49 -70.88
C PRO OA 30 11.13 1.78 -70.41
N ARG OA 31 10.38 1.72 -69.31
CA ARG OA 31 9.62 2.89 -68.87
C ARG OA 31 10.52 4.00 -68.37
N TYR OA 32 11.49 3.67 -67.54
CA TYR OA 32 12.40 4.69 -67.04
C TYR OA 32 13.20 5.30 -68.19
N ALA OA 33 13.64 4.48 -69.13
CA ALA OA 33 14.37 5.01 -70.28
C ALA OA 33 13.50 5.94 -71.09
N ALA OA 34 12.23 5.58 -71.27
CA ALA OA 34 11.31 6.45 -71.99
C ALA OA 34 11.13 7.78 -71.27
N LYS OA 35 10.98 7.74 -69.95
CA LYS OA 35 10.83 8.99 -69.20
C LYS OA 35 12.07 9.86 -69.34
N GLN OA 36 13.26 9.26 -69.25
CA GLN OA 36 14.47 10.06 -69.38
C GLN OA 36 14.57 10.68 -70.77
N PHE OA 37 14.25 9.91 -71.81
CA PHE OA 37 14.25 10.50 -73.15
C PHE OA 37 13.28 11.67 -73.21
N ALA OA 38 12.03 11.44 -72.81
CA ALA OA 38 11.03 12.50 -72.89
C ALA OA 38 11.44 13.73 -72.11
N ARG OA 39 12.19 13.58 -71.03
CA ARG OA 39 12.48 14.71 -70.17
C ARG OA 39 13.81 15.38 -70.44
N TYR OA 40 14.70 14.77 -71.23
CA TYR OA 40 16.01 15.36 -71.46
C TYR OA 40 16.46 15.35 -72.91
N GLY OA 41 15.66 14.83 -73.84
CA GLY OA 41 16.04 14.95 -75.23
C GLY OA 41 17.10 13.95 -75.65
N ALA OA 42 17.68 14.22 -76.82
CA ALA OA 42 18.66 13.32 -77.40
C ALA OA 42 19.90 13.16 -76.53
N ALA OA 43 20.15 14.10 -75.62
CA ALA OA 43 21.31 13.96 -74.74
C ALA OA 43 21.17 12.76 -73.81
N SER OA 44 19.95 12.30 -73.56
CA SER OA 44 19.76 11.18 -72.65
C SER OA 44 20.42 9.92 -73.16
N GLY OA 45 20.64 9.82 -74.47
CA GLY OA 45 21.28 8.67 -75.06
C GLY OA 45 20.35 7.55 -75.46
N VAL OA 46 19.07 7.64 -75.10
CA VAL OA 46 18.12 6.61 -75.52
C VAL OA 46 17.94 6.68 -77.03
N VAL OA 47 18.04 5.54 -77.68
CA VAL OA 47 17.75 5.46 -79.11
C VAL OA 47 16.24 5.61 -79.30
N PRO OA 48 15.78 6.57 -80.11
CA PRO OA 48 14.33 6.82 -80.15
C PRO OA 48 13.51 5.61 -80.52
N GLY OA 49 14.01 4.76 -81.42
CA GLY OA 49 13.21 3.67 -81.94
C GLY OA 49 12.66 2.73 -80.89
N SER OA 50 13.26 2.70 -79.71
CA SER OA 50 12.79 1.82 -78.65
C SER OA 50 11.45 2.23 -78.10
N LEU OA 51 10.95 3.42 -78.44
CA LEU OA 51 9.77 3.96 -77.78
C LEU OA 51 8.46 3.33 -78.25
N TRP OA 52 8.44 2.71 -79.42
CA TRP OA 52 7.19 2.20 -79.93
C TRP OA 52 7.04 0.72 -79.60
N PRO OA 53 5.82 0.19 -79.65
CA PRO OA 53 5.64 -1.24 -79.41
C PRO OA 53 6.44 -2.07 -80.39
N SER OA 54 7.31 -2.93 -79.86
CA SER OA 54 8.04 -3.87 -80.69
C SER OA 54 7.07 -4.87 -81.30
N PRO OA 55 7.43 -5.50 -82.42
CA PRO OA 55 6.44 -6.35 -83.11
C PRO OA 55 5.82 -7.41 -82.22
N GLU OA 56 6.61 -8.02 -81.35
CA GLU OA 56 6.07 -9.01 -80.43
C GLU OA 56 5.11 -8.38 -79.44
N GLN OA 57 5.28 -7.10 -79.14
CA GLN OA 57 4.31 -6.36 -78.33
C GLN OA 57 3.15 -5.86 -79.15
N LEU OA 58 3.41 -5.50 -80.41
CA LEU OA 58 2.34 -5.03 -81.27
C LEU OA 58 1.31 -6.12 -81.51
N ARG OA 59 1.77 -7.37 -81.67
CA ARG OA 59 0.82 -8.47 -81.84
C ARG OA 59 -0.12 -8.55 -80.65
N GLU OA 60 0.42 -8.46 -79.43
CA GLU OA 60 -0.43 -8.55 -78.25
C GLU OA 60 -1.39 -7.37 -78.18
N LEU OA 61 -0.89 -6.16 -78.46
CA LEU OA 61 -1.76 -5.00 -78.47
C LEU OA 61 -2.93 -5.23 -79.42
N GLU OA 62 -2.62 -5.65 -80.65
CA GLU OA 62 -3.65 -5.84 -81.66
C GLU OA 62 -4.62 -6.94 -81.25
N ALA OA 63 -4.12 -8.01 -80.66
CA ALA OA 63 -4.98 -9.11 -80.26
C ALA OA 63 -5.98 -8.66 -79.21
N GLU OA 64 -5.49 -7.98 -78.16
CA GLU OA 64 -6.41 -7.49 -77.14
C GLU OA 64 -7.38 -6.47 -77.73
N GLU OA 65 -6.90 -5.60 -78.61
CA GLU OA 65 -7.77 -4.61 -79.23
C GLU OA 65 -8.91 -5.29 -79.96
N ARG OA 66 -8.60 -6.26 -80.82
CA ARG OA 66 -9.66 -6.97 -81.52
C ARG OA 66 -10.57 -7.73 -80.56
N GLU OA 67 -10.02 -8.20 -79.45
CA GLU OA 67 -10.79 -9.06 -78.58
C GLU OA 67 -11.80 -8.28 -77.75
N TRP OA 68 -11.45 -7.09 -77.30
CA TRP OA 68 -12.28 -6.36 -76.34
C TRP OA 68 -12.87 -5.05 -76.87
N TYR OA 69 -12.43 -4.57 -78.03
CA TYR OA 69 -12.87 -3.27 -78.55
C TYR OA 69 -13.51 -3.47 -79.92
N PRO OA 70 -14.82 -3.74 -79.97
CA PRO OA 70 -15.47 -3.98 -81.25
C PRO OA 70 -15.28 -2.82 -82.22
N SER OA 71 -15.63 -3.08 -83.47
CA SER OA 71 -15.65 -2.05 -84.49
C SER OA 71 -16.99 -1.35 -84.51
N LEU OA 72 -17.06 -0.21 -85.20
CA LEU OA 72 -18.31 0.54 -85.22
C LEU OA 72 -19.40 -0.27 -85.90
N ALA OA 73 -19.07 -0.96 -86.98
CA ALA OA 73 -20.05 -1.80 -87.64
C ALA OA 73 -20.55 -2.89 -86.70
N THR OA 74 -19.64 -3.53 -85.96
CA THR OA 74 -20.04 -4.58 -85.04
C THR OA 74 -20.99 -4.05 -83.97
N MET OA 75 -20.66 -2.91 -83.37
CA MET OA 75 -21.53 -2.35 -82.34
C MET OA 75 -22.89 -2.01 -82.91
N GLN OA 76 -22.91 -1.38 -84.09
CA GLN OA 76 -24.18 -0.98 -84.67
C GLN OA 76 -25.04 -2.20 -85.00
N GLU OA 77 -24.42 -3.24 -85.55
CA GLU OA 77 -25.17 -4.46 -85.87
C GLU OA 77 -25.71 -5.13 -84.62
N SER OA 78 -24.90 -5.20 -83.56
CA SER OA 78 -25.39 -5.78 -82.32
C SER OA 78 -26.54 -4.95 -81.77
N LEU OA 79 -26.42 -3.62 -81.84
CA LEU OA 79 -27.52 -2.76 -81.42
C LEU OA 79 -28.78 -3.06 -82.22
N ARG OA 80 -28.64 -3.19 -83.53
CA ARG OA 80 -29.81 -3.40 -84.38
C ARG OA 80 -30.48 -4.73 -84.08
N VAL OA 81 -29.68 -5.80 -83.96
CA VAL OA 81 -30.28 -7.10 -83.71
C VAL OA 81 -30.96 -7.13 -82.35
N LYS OA 82 -30.32 -6.54 -81.33
CA LYS OA 82 -30.97 -6.51 -80.03
C LYS OA 82 -32.24 -5.67 -80.06
N GLN OA 83 -32.22 -4.56 -80.81
CA GLN OA 83 -33.42 -3.73 -80.91
C GLN OA 83 -34.55 -4.50 -81.58
N LEU OA 84 -34.24 -5.22 -82.66
CA LEU OA 84 -35.27 -6.03 -83.31
C LEU OA 84 -35.81 -7.09 -82.36
N ALA OA 85 -34.92 -7.74 -81.60
CA ALA OA 85 -35.35 -8.78 -80.69
C ALA OA 85 -36.30 -8.21 -79.63
N GLU OA 86 -35.91 -7.10 -79.00
CA GLU OA 86 -36.77 -6.53 -77.96
C GLU OA 86 -38.05 -5.98 -78.55
N GLU OA 87 -37.99 -5.43 -79.77
CA GLU OA 87 -39.18 -4.92 -80.41
C GLU OA 87 -40.17 -6.03 -80.71
N GLN OA 88 -39.69 -7.17 -81.22
CA GLN OA 88 -40.60 -8.28 -81.49
C GLN OA 88 -41.11 -8.91 -80.20
N LYS OA 89 -40.31 -8.89 -79.14
CA LYS OA 89 -40.83 -9.33 -77.84
C LYS OA 89 -41.98 -8.44 -77.39
N ARG OA 90 -41.80 -7.12 -77.49
CA ARG OA 90 -42.86 -6.19 -77.13
C ARG OA 90 -44.04 -6.27 -78.11
N ARG OA 91 -43.81 -6.76 -79.32
CA ARG OA 91 -44.88 -6.97 -80.28
C ARG OA 91 -45.66 -8.25 -80.00
N GLU OA 92 -45.00 -9.26 -79.44
CA GLU OA 92 -45.70 -10.48 -79.03
C GLU OA 92 -46.37 -10.33 -77.67
N ARG OA 93 -45.93 -9.36 -76.86
CA ARG OA 93 -46.51 -9.19 -75.53
C ARG OA 93 -48.01 -8.92 -75.61
N GLU OA 94 -48.42 -8.05 -76.53
CA GLU OA 94 -49.83 -7.70 -76.66
C GLU OA 94 -50.60 -8.67 -77.55
N GLN OA 95 -49.95 -9.69 -78.09
CA GLN OA 95 -50.65 -10.73 -78.83
C GLN OA 95 -51.53 -11.59 -77.93
N HIS OA 96 -51.21 -11.65 -76.64
CA HIS OA 96 -51.94 -12.48 -75.69
C HIS OA 96 -53.08 -11.74 -75.01
N ILE OA 97 -53.63 -10.72 -75.67
CA ILE OA 97 -54.74 -9.94 -75.12
C ILE OA 97 -56.03 -10.41 -75.76
N ALA OA 98 -56.03 -10.51 -77.10
CA ALA OA 98 -57.23 -10.92 -77.82
C ALA OA 98 -57.53 -12.41 -77.68
N GLU OA 99 -56.57 -13.20 -77.22
CA GLU OA 99 -56.75 -14.64 -77.10
C GLU OA 99 -57.43 -15.04 -75.80
N CYS OA 100 -57.96 -14.08 -75.04
CA CYS OA 100 -58.59 -14.36 -73.76
C CYS OA 100 -60.10 -14.33 -73.79
N MET OA 101 -60.70 -13.36 -74.47
CA MET OA 101 -62.14 -13.31 -74.63
C MET OA 101 -62.50 -12.68 -75.97
N PRO PA 1 -66.28 39.45 68.71
CA PRO PA 1 -65.90 40.26 67.55
C PRO PA 1 -66.79 39.98 66.34
N LYS PA 2 -66.94 40.95 65.44
CA LYS PA 2 -67.77 40.82 64.25
C LYS PA 2 -67.11 41.56 63.09
N GLU PA 3 -67.86 41.66 61.98
CA GLU PA 3 -67.34 42.31 60.79
C GLU PA 3 -66.93 43.75 61.08
N SER PA 4 -65.79 44.15 60.56
CA SER PA 4 -65.41 45.55 60.63
C SER PA 4 -66.43 46.37 59.84
N PRO PA 5 -66.72 47.59 60.28
CA PRO PA 5 -67.89 48.30 59.74
C PRO PA 5 -67.65 48.99 58.41
N ASN PA 6 -66.59 48.61 57.68
CA ASN PA 6 -66.23 49.24 56.42
C ASN PA 6 -66.03 48.19 55.35
N PRO PA 7 -67.11 47.61 54.82
CA PRO PA 7 -66.98 46.61 53.77
C PRO PA 7 -66.82 47.27 52.41
N PRO PA 8 -65.75 46.96 51.67
CA PRO PA 8 -65.54 47.63 50.38
C PRO PA 8 -66.68 47.47 49.39
N ASN PA 9 -67.47 46.40 49.48
CA ASN PA 9 -68.63 46.25 48.60
C ASN PA 9 -69.62 45.28 49.24
N PRO PA 10 -70.56 45.80 50.05
CA PRO PA 10 -71.52 44.91 50.70
C PRO PA 10 -72.36 44.17 49.68
N SER PA 11 -73.25 43.30 50.16
CA SER PA 11 -74.00 42.42 49.28
C SER PA 11 -73.06 41.42 48.61
N GLY PA 12 -72.37 40.62 49.41
CA GLY PA 12 -71.51 39.58 48.91
C GLY PA 12 -71.63 38.29 49.72
N GLN PA 13 -71.83 37.16 49.03
CA GLN PA 13 -72.00 35.90 49.75
C GLN PA 13 -70.70 35.39 50.35
N CYS PA 14 -69.59 35.46 49.62
CA CYS PA 14 -68.33 34.96 50.17
C CYS PA 14 -67.57 36.09 50.86
N PRO PA 15 -67.32 35.99 52.16
CA PRO PA 15 -66.47 37.01 52.81
C PRO PA 15 -65.10 37.17 52.19
N ILE PA 16 -64.70 36.31 51.25
CA ILE PA 16 -63.47 36.55 50.52
C ILE PA 16 -63.71 37.55 49.40
N CYS PA 17 -64.97 37.71 48.98
CA CYS PA 17 -65.31 38.72 47.98
C CYS PA 17 -65.76 40.04 48.61
N ARG PA 18 -66.43 40.01 49.76
CA ARG PA 18 -66.88 41.23 50.40
C ARG PA 18 -65.75 42.23 50.62
N TRP PA 19 -64.50 41.81 50.53
CA TRP PA 19 -63.37 42.72 50.69
C TRP PA 19 -62.46 42.68 49.47
N ASN PA 20 -62.95 42.14 48.36
CA ASN PA 20 -62.21 42.16 47.10
C ASN PA 20 -60.86 41.46 47.24
N LEU PA 21 -60.92 40.14 47.45
CA LEU PA 21 -59.72 39.34 47.63
C LEU PA 21 -59.67 38.12 46.70
N LYS PA 22 -60.72 37.86 45.93
CA LYS PA 22 -60.99 36.49 45.50
C LYS PA 22 -59.82 35.86 44.77
N HIS PA 23 -58.97 36.66 44.12
CA HIS PA 23 -57.78 36.15 43.45
C HIS PA 23 -56.54 36.87 43.93
N LYS PA 24 -56.40 37.05 45.26
CA LYS PA 24 -55.47 38.06 45.77
C LYS PA 24 -54.70 37.68 47.03
N TYR PA 25 -54.85 36.48 47.58
CA TYR PA 25 -54.15 36.11 48.81
C TYR PA 25 -53.36 34.83 48.61
N ASN PA 26 -52.19 34.79 49.24
CA ASN PA 26 -51.23 33.70 49.14
C ASN PA 26 -51.23 32.90 50.44
N TYR PA 27 -50.33 31.92 50.53
CA TYR PA 27 -50.25 31.12 51.75
C TYR PA 27 -49.68 31.95 52.91
N ASP PA 28 -48.66 32.77 52.63
CA ASP PA 28 -48.00 33.49 53.71
C ASP PA 28 -48.84 34.62 54.28
N ASP PA 29 -50.01 34.92 53.71
CA ASP PA 29 -50.89 35.93 54.26
C ASP PA 29 -51.55 35.36 55.51
N VAL PA 30 -50.73 35.21 56.56
CA VAL PA 30 -51.17 34.53 57.75
C VAL PA 30 -52.29 35.27 58.44
N LEU PA 31 -52.32 36.61 58.33
CA LEU PA 31 -53.37 37.37 59.01
C LEU PA 31 -54.75 37.00 58.48
N LEU PA 32 -54.87 36.84 57.16
CA LEU PA 32 -56.15 36.49 56.57
C LEU PA 32 -56.58 35.09 56.98
N LEU PA 33 -55.63 34.15 57.01
CA LEU PA 33 -55.96 32.76 57.27
C LEU PA 33 -56.25 32.51 58.75
N SER PA 34 -55.57 33.20 59.64
CA SER PA 34 -55.61 32.89 61.06
C SER PA 34 -56.94 33.21 61.71
N GLN PA 35 -57.98 33.55 60.94
CA GLN PA 35 -59.31 33.77 61.48
C GLN PA 35 -60.34 32.87 60.84
N PHE PA 36 -59.91 31.89 60.05
CA PHE PA 36 -60.78 30.84 59.53
C PHE PA 36 -60.52 29.49 60.18
N ILE PA 37 -59.61 29.41 61.15
CA ILE PA 37 -59.17 28.15 61.71
C ILE PA 37 -59.49 28.12 63.20
N ARG PA 38 -59.73 26.91 63.70
CA ARG PA 38 -60.00 26.70 65.11
C ARG PA 38 -58.74 26.97 65.91
N PRO PA 39 -58.84 27.02 67.23
CA PRO PA 39 -57.63 27.20 68.04
C PRO PA 39 -56.69 26.00 68.01
N HIS PA 40 -57.02 24.95 67.25
CA HIS PA 40 -56.17 23.78 67.11
C HIS PA 40 -55.90 23.46 65.64
N GLY PA 41 -55.53 24.46 64.85
CA GLY PA 41 -55.01 24.25 63.53
C GLY PA 41 -56.00 23.79 62.48
N GLY PA 42 -57.20 23.37 62.86
CA GLY PA 42 -58.15 22.82 61.92
C GLY PA 42 -59.09 23.89 61.38
N MET PA 43 -59.49 23.71 60.13
CA MET PA 43 -60.36 24.68 59.48
C MET PA 43 -61.75 24.67 60.11
N LEU PA 44 -62.39 25.84 60.12
CA LEU PA 44 -63.77 25.92 60.57
C LEU PA 44 -64.70 25.35 59.50
N PRO PA 45 -65.88 24.87 59.88
CA PRO PA 45 -66.81 24.36 58.89
C PRO PA 45 -67.29 25.46 57.95
N ARG PA 46 -67.52 25.09 56.69
CA ARG PA 46 -67.95 26.08 55.72
C ARG PA 46 -69.28 26.70 56.12
N LYS PA 47 -70.21 25.88 56.62
CA LYS PA 47 -71.55 26.38 56.95
C LYS PA 47 -71.52 27.47 58.01
N ILE PA 48 -70.38 27.73 58.64
CA ILE PA 48 -70.24 28.82 59.58
C ILE PA 48 -69.41 29.95 59.00
N THR PA 49 -68.18 29.66 58.57
CA THR PA 49 -67.33 30.72 58.05
C THR PA 49 -67.90 31.32 56.77
N GLY PA 50 -68.80 30.63 56.09
CA GLY PA 50 -69.57 31.22 55.02
C GLY PA 50 -68.89 31.34 53.69
N LEU PA 51 -67.68 30.82 53.53
CA LEU PA 51 -67.03 30.92 52.23
C LEU PA 51 -67.73 30.03 51.21
N CYS PA 52 -67.47 30.31 49.94
CA CYS PA 52 -67.89 29.43 48.87
C CYS PA 52 -66.97 28.22 48.81
N GLN PA 53 -67.38 27.22 48.01
CA GLN PA 53 -66.56 26.03 47.88
C GLN PA 53 -65.18 26.37 47.34
N GLU PA 54 -65.13 27.14 46.24
CA GLU PA 54 -63.85 27.39 45.57
C GLU PA 54 -62.93 28.26 46.40
N GLU PA 55 -63.45 28.97 47.40
CA GLU PA 55 -62.62 29.73 48.31
C GLU PA 55 -62.36 28.99 49.60
N HIS PA 56 -63.32 28.19 50.06
CA HIS PA 56 -63.10 27.35 51.21
C HIS PA 56 -61.94 26.40 50.97
N ARG PA 57 -61.92 25.76 49.81
CA ARG PA 57 -60.85 24.81 49.54
C ARG PA 57 -59.50 25.52 49.41
N LYS PA 58 -59.49 26.70 48.80
CA LYS PA 58 -58.24 27.45 48.67
C LYS PA 58 -57.71 27.86 50.03
N ILE PA 59 -58.59 28.31 50.93
CA ILE PA 59 -58.14 28.64 52.29
C ILE PA 59 -57.63 27.39 52.98
N GLU PA 60 -58.29 26.25 52.76
CA GLU PA 60 -57.85 25.01 53.38
C GLU PA 60 -56.43 24.67 52.97
N GLU PA 61 -56.15 24.68 51.67
CA GLU PA 61 -54.80 24.37 51.23
C GLU PA 61 -53.80 25.43 51.67
N CYS PA 62 -54.24 26.69 51.72
CA CYS PA 62 -53.34 27.73 52.20
C CYS PA 62 -52.97 27.49 53.66
N VAL PA 63 -53.92 27.09 54.49
CA VAL PA 63 -53.61 26.89 55.90
C VAL PA 63 -52.74 25.66 56.07
N LYS PA 64 -52.97 24.61 55.27
CA LYS PA 64 -52.04 23.48 55.31
C LYS PA 64 -50.62 23.94 55.02
N MET PA 65 -50.44 24.64 53.90
CA MET PA 65 -49.09 25.07 53.52
C MET PA 65 -48.53 26.05 54.53
N ALA PA 66 -49.39 26.77 55.24
CA ALA PA 66 -48.92 27.68 56.27
C ALA PA 66 -48.40 26.92 57.48
N HIS PA 67 -49.15 25.92 57.94
CA HIS PA 67 -48.65 25.07 59.02
C HIS PA 67 -47.32 24.44 58.65
N ARG PA 68 -47.24 23.84 57.47
CA ARG PA 68 -46.04 23.11 57.10
C ARG PA 68 -44.80 23.99 56.98
N ALA PA 69 -44.95 25.30 56.92
CA ALA PA 69 -43.80 26.20 56.96
C ALA PA 69 -43.62 26.83 58.34
N GLY PA 70 -44.38 26.38 59.32
CA GLY PA 70 -44.24 26.91 60.67
C GLY PA 70 -44.64 28.36 60.80
N LEU PA 71 -45.75 28.75 60.20
CA LEU PA 71 -46.23 30.12 60.27
C LEU PA 71 -47.37 30.31 61.25
N LEU PA 72 -47.78 29.27 61.97
CA LEU PA 72 -48.82 29.36 63.00
C LEU PA 72 -48.38 28.59 64.24
N PRO PA 73 -47.32 29.05 64.91
CA PRO PA 73 -46.77 28.25 66.02
C PRO PA 73 -47.74 28.01 67.16
N ASN PA 74 -48.67 28.91 67.44
CA ASN PA 74 -49.51 28.83 68.62
C ASN PA 74 -50.87 28.21 68.30
N HIS PA 75 -50.88 27.24 67.38
CA HIS PA 75 -52.11 26.57 67.00
C HIS PA 75 -51.87 25.07 66.87
N ARG PA 76 -51.17 24.51 67.84
CA ARG PA 76 -50.91 23.08 67.94
C ARG PA 76 -51.99 22.42 68.79
N PRO PA 77 -52.07 21.09 68.79
CA PRO PA 77 -53.12 20.42 69.58
C PRO PA 77 -52.74 20.12 71.01
N ARG PA 78 -52.20 21.09 71.74
CA ARG PA 78 -51.93 20.92 73.17
C ARG PA 78 -52.74 21.91 73.99
N GLN PA 90 -36.43 20.19 62.11
CA GLN PA 90 -35.06 20.00 61.65
C GLN PA 90 -34.86 20.57 60.24
N LEU PA 91 -35.93 20.54 59.44
CA LEU PA 91 -35.85 20.91 58.03
C LEU PA 91 -36.82 22.06 57.77
N ASN PA 92 -36.31 23.13 57.16
CA ASN PA 92 -37.14 24.27 56.81
C ASN PA 92 -37.78 24.06 55.44
N ARG PA 93 -39.10 24.21 55.37
CA ARG PA 93 -39.82 23.97 54.15
C ARG PA 93 -40.89 25.03 53.98
N TYR PA 94 -41.22 25.32 52.73
CA TYR PA 94 -42.31 26.23 52.42
C TYR PA 94 -42.93 25.81 51.10
N LEU PA 95 -44.22 26.11 50.95
CA LEU PA 95 -44.96 25.79 49.73
C LEU PA 95 -45.02 24.29 49.50
N THR PA 96 -45.29 23.53 50.55
CA THR PA 96 -45.34 22.07 50.47
C THR PA 96 -46.77 21.65 50.26
N ARG PA 97 -47.05 20.99 49.15
CA ARG PA 97 -48.41 20.53 48.88
C ARG PA 97 -48.70 19.24 49.60
N TRP PA 98 -47.81 18.25 49.44
CA TRP PA 98 -48.00 16.96 50.06
C TRP PA 98 -47.54 16.99 51.51
N ALA PA 99 -48.19 16.18 52.34
CA ALA PA 99 -47.71 15.99 53.69
C ALA PA 99 -46.29 15.44 53.64
N PRO PA 100 -45.38 15.89 54.49
CA PRO PA 100 -43.98 15.54 54.32
C PRO PA 100 -43.71 14.05 54.46
N GLY PA 101 -44.59 13.31 55.10
CA GLY PA 101 -44.34 11.90 55.38
C GLY PA 101 -45.09 10.94 54.49
N SER PA 102 -45.44 11.34 53.28
CA SER PA 102 -46.18 10.48 52.36
C SER PA 102 -45.72 10.65 50.93
N VAL PA 103 -44.45 10.97 50.72
CA VAL PA 103 -43.90 11.20 49.39
C VAL PA 103 -42.71 10.29 49.18
N LYS PA 104 -42.70 9.57 48.07
CA LYS PA 104 -41.61 8.67 47.76
C LYS PA 104 -40.53 9.39 46.98
N PRO PA 105 -39.24 9.11 47.21
CA PRO PA 105 -38.20 9.82 46.48
C PRO PA 105 -38.29 9.55 44.99
N ILE PA 106 -37.74 10.49 44.22
CA ILE PA 106 -37.70 10.37 42.76
C ILE PA 106 -36.38 9.69 42.43
N TYR PA 107 -36.39 8.35 42.46
CA TYR PA 107 -35.18 7.62 42.11
C TYR PA 107 -34.97 7.61 40.61
N LYS PA 108 -36.05 7.60 39.84
CA LYS PA 108 -35.99 7.65 38.39
C LYS PA 108 -36.67 8.95 37.94
N LYS PA 109 -35.88 9.99 37.77
CA LYS PA 109 -36.32 11.20 37.09
C LYS PA 109 -36.04 10.97 35.61
N GLY PA 110 -37.10 10.76 34.84
CA GLY PA 110 -36.97 10.26 33.50
C GLY PA 110 -36.16 11.16 32.60
N PRO PA 111 -36.15 10.87 31.31
CA PRO PA 111 -35.40 11.71 30.38
C PRO PA 111 -36.05 13.08 30.24
N ARG PA 112 -35.53 13.91 29.34
CA ARG PA 112 -36.05 15.26 29.20
C ARG PA 112 -37.52 15.25 28.84
N TRP PA 113 -37.92 14.36 27.93
CA TRP PA 113 -39.28 14.41 27.41
C TRP PA 113 -40.28 13.61 28.23
N ASN PA 114 -39.84 12.95 29.31
CA ASN PA 114 -40.76 12.34 30.25
C ASN PA 114 -40.27 12.58 31.66
N ARG PA 115 -39.76 13.77 31.91
CA ARG PA 115 -39.22 14.12 33.22
C ARG PA 115 -40.32 13.99 34.26
N VAL PA 116 -39.95 13.52 35.43
CA VAL PA 116 -40.81 13.61 36.60
C VAL PA 116 -40.32 14.77 37.44
N ARG PA 117 -41.18 15.74 37.68
CA ARG PA 117 -40.77 16.96 38.34
C ARG PA 117 -41.50 17.09 39.66
N MET PA 118 -40.85 17.76 40.60
CA MET PA 118 -41.30 17.80 41.97
C MET PA 118 -42.37 18.87 42.14
N PRO PA 119 -43.56 18.55 42.62
CA PRO PA 119 -44.57 19.59 42.83
C PRO PA 119 -44.11 20.64 43.82
N VAL PA 120 -44.53 21.87 43.54
CA VAL PA 120 -44.24 23.02 44.39
C VAL PA 120 -45.49 23.88 44.41
N GLY PA 121 -45.84 24.38 45.57
CA GLY PA 121 -47.06 25.13 45.69
C GLY PA 121 -48.27 24.27 45.32
N SER PA 122 -49.44 24.88 45.40
CA SER PA 122 -50.68 24.18 45.12
C SER PA 122 -51.28 24.68 43.82
N PRO PA 123 -51.90 23.83 43.00
CA PRO PA 123 -52.55 24.32 41.78
C PRO PA 123 -53.93 24.91 42.01
N LEU PA 124 -54.45 24.86 43.23
CA LEU PA 124 -55.71 25.54 43.50
C LEU PA 124 -55.56 27.05 43.53
N LEU PA 125 -54.33 27.55 43.60
CA LEU PA 125 -54.05 28.97 43.47
C LEU PA 125 -53.55 29.34 42.10
N ARG PA 126 -54.00 28.63 41.07
CA ARG PA 126 -53.53 28.86 39.71
C ARG PA 126 -53.85 30.27 39.23
N ASP PA 127 -54.86 30.91 39.83
CA ASP PA 127 -55.40 32.17 39.33
C ASP PA 127 -55.15 33.34 40.27
N ASN PA 128 -53.98 33.42 40.89
CA ASN PA 128 -53.60 34.63 41.59
C ASN PA 128 -53.07 35.67 40.62
N VAL PA 129 -53.15 36.93 41.01
CA VAL PA 129 -52.72 38.01 40.13
C VAL PA 129 -51.24 37.89 39.88
N CYS PA 130 -50.87 37.52 38.67
CA CYS PA 130 -49.46 37.39 38.32
C CYS PA 130 -48.81 38.77 38.32
N TYR PA 131 -47.49 38.80 38.44
CA TYR PA 131 -46.74 40.04 38.38
C TYR PA 131 -45.42 39.91 37.62
N SER PA 132 -45.18 38.79 36.96
CA SER PA 132 -44.07 38.64 36.05
C SER PA 132 -44.58 37.97 34.78
N ARG PA 133 -43.91 38.24 33.66
CA ARG PA 133 -44.43 37.75 32.39
C ARG PA 133 -44.43 36.23 32.35
N THR PA 134 -43.35 35.60 32.78
CA THR PA 134 -43.31 34.15 32.81
C THR PA 134 -44.25 33.67 33.91
N PRO PA 135 -45.31 32.93 33.60
CA PRO PA 135 -46.20 32.48 34.66
C PRO PA 135 -45.45 31.59 35.65
N TRP PA 136 -45.86 31.65 36.90
CA TRP PA 136 -45.14 30.97 37.95
C TRP PA 136 -45.40 29.47 37.91
N LYS PA 137 -44.34 28.68 38.12
CA LYS PA 137 -44.41 27.25 37.90
C LYS PA 137 -44.99 26.53 39.10
N LEU PA 138 -45.88 25.59 38.83
CA LEU PA 138 -46.42 24.70 39.83
C LEU PA 138 -45.64 23.41 39.98
N TYR PA 139 -44.62 23.19 39.15
CA TYR PA 139 -43.83 21.97 39.19
C TYR PA 139 -42.41 22.30 38.79
N HIS PA 140 -41.47 22.08 39.69
CA HIS PA 140 -40.06 22.31 39.39
C HIS PA 140 -39.40 21.07 38.82
N VAL QA 1 45.27 -47.01 62.25
CA VAL QA 1 44.14 -47.62 61.56
C VAL QA 1 43.56 -46.61 60.57
N ALA QA 2 44.42 -46.08 59.72
CA ALA QA 2 44.03 -45.06 58.75
C ALA QA 2 43.65 -45.74 57.44
N ARG QA 3 42.39 -45.61 57.05
CA ARG QA 3 41.86 -46.17 55.81
C ARG QA 3 41.94 -45.08 54.75
N TYR QA 4 43.14 -44.78 54.29
CA TYR QA 4 43.29 -43.76 53.26
C TYR QA 4 42.89 -44.33 51.91
N PRO QA 5 41.94 -43.72 51.20
CA PRO QA 5 41.66 -44.16 49.85
C PRO QA 5 42.89 -44.03 48.98
N PRO QA 6 42.96 -44.79 47.89
CA PRO QA 6 44.18 -44.82 47.08
C PRO QA 6 44.43 -43.48 46.41
N ILE QA 7 45.65 -43.33 45.90
CA ILE QA 7 46.16 -42.06 45.41
C ILE QA 7 46.02 -41.99 43.90
N VAL QA 8 45.08 -42.74 43.34
CA VAL QA 8 44.92 -42.87 41.90
C VAL QA 8 44.09 -41.72 41.34
N ALA QA 9 44.14 -41.55 40.02
CA ALA QA 9 43.28 -40.62 39.32
C ALA QA 9 41.90 -41.23 39.12
N SER QA 10 40.99 -40.43 38.57
CA SER QA 10 39.60 -40.86 38.47
C SER QA 10 39.33 -41.53 37.13
N MET QA 11 38.24 -42.28 37.09
CA MET QA 11 37.93 -43.06 35.89
C MET QA 11 37.15 -42.25 34.88
N THR QA 12 36.05 -41.64 35.29
CA THR QA 12 35.13 -40.97 34.39
C THR QA 12 35.58 -39.56 34.01
N ALA QA 13 36.57 -39.00 34.69
CA ALA QA 13 36.96 -37.63 34.42
C ALA QA 13 37.53 -37.49 33.01
N ASP QA 14 37.55 -36.26 32.53
CA ASP QA 14 38.04 -35.94 31.19
C ASP QA 14 39.39 -35.24 31.34
N SER QA 15 40.44 -36.04 31.47
CA SER QA 15 41.79 -35.52 31.59
C SER QA 15 42.74 -36.53 30.96
N LYS QA 16 44.03 -36.37 31.23
CA LYS QA 16 45.00 -37.32 30.73
C LYS QA 16 45.15 -38.52 31.66
N ALA QA 17 45.16 -38.27 32.98
CA ALA QA 17 45.27 -39.36 33.92
C ALA QA 17 44.07 -40.28 33.85
N ALA QA 18 42.87 -39.72 33.69
CA ALA QA 18 41.69 -40.56 33.54
C ALA QA 18 41.80 -41.43 32.30
N ARG QA 19 42.31 -40.87 31.21
CA ARG QA 19 42.51 -41.65 30.00
C ARG QA 19 43.47 -42.81 30.25
N LEU QA 20 44.56 -42.55 30.95
CA LEU QA 20 45.49 -43.63 31.25
C LEU QA 20 44.83 -44.69 32.12
N ARG QA 21 44.00 -44.28 33.08
CA ARG QA 21 43.40 -45.30 33.95
C ARG QA 21 42.37 -46.13 33.19
N ARG QA 22 41.70 -45.54 32.20
CA ARG QA 22 40.79 -46.37 31.39
C ARG QA 22 41.56 -47.29 30.46
N ILE QA 23 42.73 -46.84 29.99
CA ILE QA 23 43.63 -47.75 29.29
C ILE QA 23 43.93 -48.95 30.17
N GLU QA 24 44.30 -48.69 31.41
CA GLU QA 24 44.58 -49.79 32.33
C GLU QA 24 43.35 -50.64 32.57
N ARG QA 25 42.16 -50.04 32.51
CA ARG QA 25 40.95 -50.84 32.72
C ARG QA 25 40.80 -51.90 31.64
N TRP QA 26 40.94 -51.51 30.37
CA TRP QA 26 40.79 -52.56 29.35
C TRP QA 26 41.99 -53.51 29.32
N GLN QA 27 43.19 -53.00 29.62
CA GLN QA 27 44.32 -53.92 29.72
C GLN QA 27 44.13 -54.92 30.84
N ALA QA 28 43.45 -54.53 31.92
CA ALA QA 28 43.16 -55.48 32.99
C ALA QA 28 41.97 -56.35 32.63
N THR QA 29 41.18 -55.94 31.64
CA THR QA 29 40.17 -56.84 31.10
C THR QA 29 40.83 -57.96 30.30
N VAL QA 30 41.95 -57.68 29.65
CA VAL QA 30 42.64 -58.74 28.92
C VAL QA 30 43.54 -59.58 29.83
N HIS QA 31 44.17 -58.97 30.84
CA HIS QA 31 44.95 -59.77 31.79
C HIS QA 31 44.09 -60.84 32.44
N ALA QA 32 42.84 -60.51 32.74
CA ALA QA 32 41.93 -61.43 33.42
C ALA QA 32 41.12 -62.27 32.45
N ALA QA 33 41.64 -62.50 31.25
CA ALA QA 33 41.02 -63.38 30.27
C ALA QA 33 41.87 -64.63 30.10
N GLU QA 34 41.23 -65.78 30.10
CA GLU QA 34 41.94 -67.05 30.19
C GLU QA 34 42.18 -67.69 28.83
N SER QA 35 41.20 -67.69 27.94
CA SER QA 35 41.37 -68.25 26.61
C SER QA 35 42.18 -67.30 25.76
N VAL QA 36 43.12 -67.84 25.00
CA VAL QA 36 43.88 -66.99 24.07
C VAL QA 36 42.95 -66.41 23.02
N ASP QA 37 41.86 -67.11 22.71
CA ASP QA 37 40.88 -66.57 21.78
C ASP QA 37 40.37 -65.22 22.25
N GLU QA 38 39.91 -65.14 23.49
CA GLU QA 38 39.36 -63.90 23.99
C GLU QA 38 40.44 -62.85 24.17
N LYS QA 39 41.65 -63.25 24.53
CA LYS QA 39 42.73 -62.27 24.63
C LYS QA 39 42.98 -61.60 23.29
N LEU QA 40 43.03 -62.39 22.21
CA LEU QA 40 43.26 -61.81 20.90
C LEU QA 40 42.04 -61.01 20.43
N ARG QA 41 40.84 -61.47 20.76
CA ARG QA 41 39.64 -60.70 20.43
C ARG QA 41 39.69 -59.32 21.06
N ILE QA 42 39.91 -59.27 22.37
CA ILE QA 42 39.87 -57.99 23.07
C ILE QA 42 41.07 -57.14 22.68
N LEU QA 43 42.19 -57.75 22.34
CA LEU QA 43 43.38 -56.99 22.04
C LEU QA 43 43.41 -56.47 20.60
N THR QA 44 42.40 -56.81 19.78
CA THR QA 44 42.36 -56.34 18.40
C THR QA 44 40.96 -55.96 17.91
N LYS QA 45 39.98 -55.78 18.79
CA LYS QA 45 38.62 -55.56 18.34
C LYS QA 45 38.36 -54.11 17.92
N MET QA 46 39.21 -53.17 18.31
CA MET QA 46 39.01 -51.76 17.99
C MET QA 46 39.78 -51.43 16.73
N GLN QA 47 39.07 -51.12 15.66
CA GLN QA 47 39.68 -50.84 14.37
C GLN QA 47 39.93 -49.35 14.24
N PHE QA 48 41.19 -48.97 14.08
CA PHE QA 48 41.56 -47.59 13.84
C PHE QA 48 42.55 -47.55 12.68
N MET QA 49 42.89 -46.35 12.27
CA MET QA 49 43.80 -46.17 11.15
C MET QA 49 45.18 -46.69 11.52
N LYS QA 50 45.69 -47.63 10.73
CA LYS QA 50 46.94 -48.30 11.02
C LYS QA 50 47.78 -48.38 9.76
N TYR QA 51 49.07 -48.15 9.92
CA TYR QA 51 49.98 -48.28 8.79
C TYR QA 51 50.00 -49.70 8.28
N MET QA 52 50.15 -49.83 6.98
CA MET QA 52 50.23 -51.11 6.29
C MET QA 52 51.68 -51.30 5.89
N VAL QA 53 52.40 -52.08 6.68
CA VAL QA 53 53.77 -52.42 6.37
C VAL QA 53 53.76 -53.58 5.38
N TYR QA 54 54.52 -53.44 4.31
CA TYR QA 54 54.58 -54.47 3.27
C TYR QA 54 55.94 -55.11 3.30
N PRO QA 55 56.05 -56.42 3.60
CA PRO QA 55 57.39 -57.02 3.70
C PRO QA 55 58.22 -56.88 2.45
N GLN QA 56 57.62 -57.08 1.29
CA GLN QA 56 58.32 -56.96 0.01
C GLN QA 56 58.07 -55.55 -0.49
N THR QA 57 59.09 -54.69 -0.36
CA THR QA 57 58.90 -53.27 -0.54
C THR QA 57 59.97 -52.67 -1.44
N PHE QA 58 59.52 -51.79 -2.34
CA PHE QA 58 60.36 -51.01 -3.22
C PHE QA 58 61.02 -49.83 -2.53
N ALA QA 59 60.50 -49.40 -1.37
CA ALA QA 59 60.96 -48.17 -0.75
C ALA QA 59 62.46 -48.24 -0.46
N LEU QA 60 63.12 -47.11 -0.59
CA LEU QA 60 64.56 -47.04 -0.40
C LEU QA 60 64.91 -47.19 1.07
N ASN QA 61 65.93 -47.99 1.36
CA ASN QA 61 66.44 -48.15 2.71
C ASN QA 61 65.32 -48.47 3.69
N ALA QA 62 64.33 -49.23 3.22
CA ALA QA 62 63.22 -49.61 4.09
C ALA QA 62 63.63 -50.57 5.18
N ASP QA 63 64.84 -51.13 5.10
CA ASP QA 63 65.28 -52.06 6.12
C ASP QA 63 65.41 -51.38 7.46
N ARG QA 64 66.06 -50.21 7.50
CA ARG QA 64 66.26 -49.56 8.78
C ARG QA 64 64.95 -49.00 9.31
N TRP QA 65 64.07 -48.54 8.42
CA TRP QA 65 62.75 -48.13 8.85
C TRP QA 65 62.00 -49.28 9.48
N TYR QA 66 62.12 -50.48 8.90
CA TYR QA 66 61.44 -51.63 9.49
C TYR QA 66 62.13 -52.08 10.76
N GLN QA 67 63.42 -51.80 10.90
CA GLN QA 67 64.07 -52.00 12.19
C GLN QA 67 63.42 -51.12 13.26
N TYR QA 68 63.25 -49.83 12.97
CA TYR QA 68 62.67 -48.95 13.97
C TYR QA 68 61.26 -49.38 14.35
N PHE QA 69 60.44 -49.76 13.37
CA PHE QA 69 59.08 -50.20 13.66
C PHE QA 69 59.05 -51.49 14.44
N THR QA 70 60.19 -52.16 14.58
CA THR QA 70 60.26 -53.51 15.10
C THR QA 70 61.19 -53.66 16.29
N LYS QA 71 62.02 -52.66 16.58
CA LYS QA 71 63.00 -52.73 17.65
C LYS QA 71 63.92 -53.92 17.42
N THR QA 72 64.41 -54.00 16.18
CA THR QA 72 65.22 -55.12 15.73
C THR QA 72 66.61 -54.64 15.36
N VAL QA 73 67.61 -55.34 15.85
CA VAL QA 73 68.99 -55.13 15.43
C VAL QA 73 69.30 -56.16 14.37
N PHE QA 74 70.32 -55.89 13.58
CA PHE QA 74 70.70 -56.77 12.47
C PHE QA 74 72.20 -57.05 12.53
N LEU QA 75 72.55 -58.33 12.61
CA LEU QA 75 73.95 -58.75 12.69
C LEU QA 75 74.34 -59.48 11.41
N SER QA 76 75.46 -59.06 10.83
CA SER QA 76 75.98 -59.66 9.61
C SER QA 76 76.94 -60.79 9.96
N GLY QA 77 76.56 -62.01 9.63
CA GLY QA 77 77.36 -63.17 9.96
C GLY QA 77 76.50 -64.38 10.24
N LEU QA 78 76.75 -65.07 11.35
CA LEU QA 78 75.92 -66.17 11.79
C LEU QA 78 75.80 -66.14 13.31
N PRO QA 79 74.74 -66.73 13.89
CA PRO QA 79 74.54 -66.72 15.33
C PRO QA 79 75.71 -67.33 16.11
N ALA QA 100 75.24 -88.13 -0.71
CA ALA QA 100 74.18 -87.13 -0.73
C ALA QA 100 73.91 -86.66 -2.15
N ALA QA 101 72.76 -87.08 -2.70
CA ALA QA 101 72.37 -86.71 -4.05
C ALA QA 101 71.28 -85.65 -4.05
N LEU QA 102 71.16 -84.89 -2.96
CA LEU QA 102 70.16 -83.83 -2.93
C LEU QA 102 70.43 -82.79 -4.00
N ARG QA 103 71.70 -82.57 -4.34
CA ARG QA 103 72.00 -81.66 -5.44
C ARG QA 103 71.36 -82.16 -6.73
N ALA QA 104 71.39 -83.48 -6.95
CA ALA QA 104 70.81 -84.04 -8.17
C ALA QA 104 69.32 -83.78 -8.22
N VAL QA 105 68.59 -84.08 -7.15
CA VAL QA 105 67.14 -83.93 -7.18
C VAL QA 105 66.75 -82.45 -7.24
N ALA QA 106 67.51 -81.60 -6.55
CA ALA QA 106 67.24 -80.17 -6.62
C ALA QA 106 67.42 -79.65 -8.04
N CYS QA 107 68.53 -80.03 -8.69
CA CYS QA 107 68.73 -79.59 -10.07
C CYS QA 107 67.70 -80.20 -11.00
N ASP QA 108 67.24 -81.42 -10.70
CA ASP QA 108 66.23 -82.04 -11.53
C ASP QA 108 64.90 -81.30 -11.44
N CYS QA 109 64.51 -80.88 -10.24
CA CYS QA 109 63.32 -80.05 -10.11
C CYS QA 109 63.51 -78.70 -10.79
N LEU QA 110 64.71 -78.11 -10.64
CA LEU QA 110 65.00 -76.84 -11.31
C LEU QA 110 64.81 -76.98 -12.82
N LEU QA 111 65.33 -78.05 -13.40
CA LEU QA 111 65.18 -78.26 -14.84
C LEU QA 111 63.73 -78.58 -15.20
N GLN QA 112 63.08 -79.45 -14.44
CA GLN QA 112 61.71 -79.84 -14.77
C GLN QA 112 60.72 -78.71 -14.59
N GLU QA 113 61.14 -77.61 -13.97
CA GLU QA 113 60.31 -76.40 -13.96
C GLU QA 113 60.79 -75.34 -14.95
N HIS QA 114 62.08 -75.30 -15.29
CA HIS QA 114 62.59 -74.27 -16.19
C HIS QA 114 62.56 -74.70 -17.65
N PHE QA 115 63.28 -75.75 -18.01
CA PHE QA 115 63.45 -76.13 -19.41
C PHE QA 115 62.79 -77.45 -19.75
N TYR QA 116 62.95 -78.46 -18.91
CA TYR QA 116 62.47 -79.80 -19.25
C TYR QA 116 60.97 -79.79 -19.53
N LEU QA 117 60.15 -79.48 -18.54
CA LEU QA 117 58.71 -79.49 -18.71
C LEU QA 117 58.29 -78.30 -19.55
N ARG QA 118 57.70 -78.56 -20.72
CA ARG QA 118 57.36 -77.53 -21.67
C ARG QA 118 55.89 -77.13 -21.54
N ARG QA 119 55.65 -75.83 -21.44
CA ARG QA 119 54.31 -75.30 -21.28
C ARG QA 119 53.59 -75.28 -22.61
N ARG QA 120 52.25 -75.21 -22.54
CA ARG QA 120 51.45 -75.07 -23.75
C ARG QA 120 51.51 -73.63 -24.26
N ARG QA 121 51.04 -72.69 -23.44
CA ARG QA 121 51.06 -71.28 -23.79
C ARG QA 121 52.44 -70.70 -23.53
N ARG QA 122 52.96 -69.91 -24.47
CA ARG QA 122 54.33 -69.42 -24.38
C ARG QA 122 54.53 -68.57 -23.13
N VAL QA 123 55.73 -68.65 -22.55
CA VAL QA 123 56.01 -67.94 -21.32
C VAL QA 123 56.15 -66.45 -21.60
N HIS QA 124 55.47 -65.63 -20.81
CA HIS QA 124 55.64 -64.19 -20.83
C HIS QA 124 56.36 -63.73 -19.57
N ARG QA 125 57.21 -62.71 -19.72
CA ARG QA 125 58.14 -62.33 -18.67
C ARG QA 125 57.50 -61.49 -17.56
N TYR QA 126 56.18 -61.43 -17.48
CA TYR QA 126 55.52 -60.78 -16.36
C TYR QA 126 54.89 -61.74 -15.37
N GLU QA 127 54.58 -62.96 -15.80
CA GLU QA 127 54.15 -64.02 -14.90
C GLU QA 127 55.23 -65.08 -14.73
N GLU QA 128 56.44 -64.84 -15.22
CA GLU QA 128 57.52 -65.81 -15.08
C GLU QA 128 57.84 -66.07 -13.62
N SER QA 129 57.63 -65.07 -12.75
CA SER QA 129 57.76 -65.28 -11.33
C SER QA 129 56.48 -65.79 -10.69
N GLU QA 130 55.59 -66.41 -11.48
CA GLU QA 130 54.38 -67.01 -10.95
C GLU QA 130 54.10 -68.39 -11.52
N VAL QA 131 54.71 -68.77 -12.65
CA VAL QA 131 54.51 -70.10 -13.21
C VAL QA 131 55.80 -70.80 -13.61
N ILE QA 132 56.98 -70.20 -13.44
CA ILE QA 132 58.22 -70.93 -13.67
C ILE QA 132 59.23 -70.67 -12.55
N SER QA 133 58.79 -70.04 -11.48
CA SER QA 133 59.68 -69.87 -10.34
C SER QA 133 58.99 -70.17 -9.01
N LEU QA 134 57.68 -70.10 -8.95
CA LEU QA 134 57.00 -70.46 -7.71
C LEU QA 134 56.81 -71.98 -7.63
N PRO QA 135 56.48 -72.67 -8.73
CA PRO QA 135 56.48 -74.13 -8.66
C PRO QA 135 57.86 -74.67 -8.36
N PHE QA 136 58.91 -73.95 -8.74
CA PHE QA 136 60.26 -74.36 -8.42
C PHE QA 136 60.45 -74.46 -6.91
N LEU QA 137 60.06 -73.41 -6.18
CA LEU QA 137 60.17 -73.45 -4.72
C LEU QA 137 59.22 -74.48 -4.13
N ASP QA 138 58.02 -74.60 -4.69
CA ASP QA 138 57.11 -75.63 -4.19
C ASP QA 138 57.75 -77.00 -4.27
N GLN QA 139 58.30 -77.36 -5.42
CA GLN QA 139 58.93 -78.66 -5.57
C GLN QA 139 60.14 -78.79 -4.66
N LEU QA 140 60.99 -77.77 -4.61
CA LEU QA 140 62.18 -77.85 -3.76
C LEU QA 140 61.81 -78.14 -2.33
N VAL QA 141 60.90 -77.34 -1.77
CA VAL QA 141 60.54 -77.50 -0.37
C VAL QA 141 59.85 -78.84 -0.14
N SER QA 142 58.93 -79.21 -1.03
CA SER QA 142 58.19 -80.45 -0.82
C SER QA 142 59.11 -81.65 -0.85
N THR QA 143 60.03 -81.71 -1.82
CA THR QA 143 60.95 -82.84 -1.91
C THR QA 143 61.91 -82.86 -0.73
N LEU QA 144 62.48 -81.71 -0.36
CA LEU QA 144 63.42 -81.70 0.74
C LEU QA 144 62.74 -82.12 2.04
N VAL QA 145 61.52 -81.64 2.28
CA VAL QA 145 60.80 -82.03 3.48
C VAL QA 145 60.45 -83.51 3.41
N GLY QA 146 60.09 -84.01 2.23
CA GLY QA 146 59.71 -85.40 2.11
C GLY QA 146 60.85 -86.36 2.39
N LEU QA 147 62.05 -86.02 1.91
CA LEU QA 147 63.17 -86.94 2.07
C LEU QA 147 63.98 -86.67 3.32
N LEU QA 148 63.83 -85.52 3.97
CA LEU QA 148 64.57 -85.21 5.18
C LEU QA 148 63.84 -85.64 6.44
N SER QA 149 62.62 -86.13 6.34
CA SER QA 149 61.93 -86.63 7.53
C SER QA 149 62.73 -87.68 8.27
N PRO QA 150 63.46 -88.60 7.62
CA PRO QA 150 64.39 -89.44 8.36
C PRO QA 150 65.26 -88.69 9.37
N HIS QA 151 65.96 -87.64 8.92
CA HIS QA 151 66.94 -86.98 9.78
C HIS QA 151 66.32 -86.03 10.80
N ASN QA 152 65.02 -85.80 10.76
CA ASN QA 152 64.35 -84.89 11.69
C ASN QA 152 62.90 -85.32 11.81
N PRO QA 153 62.54 -86.04 12.87
CA PRO QA 153 61.16 -86.51 12.98
C PRO QA 153 60.15 -85.39 13.09
N ALA QA 154 60.58 -84.18 13.44
CA ALA QA 154 59.64 -83.07 13.56
C ALA QA 154 58.92 -82.82 12.25
N LEU QA 155 59.67 -82.80 11.13
CA LEU QA 155 59.06 -82.53 9.84
C LEU QA 155 58.00 -83.55 9.51
N ALA QA 156 58.14 -84.78 10.00
CA ALA QA 156 57.20 -85.84 9.63
C ALA QA 156 55.77 -85.45 9.96
N ALA QA 157 55.47 -85.25 11.24
CA ALA QA 157 54.15 -84.81 11.65
C ALA QA 157 54.07 -83.30 11.70
N ALA QA 158 54.52 -82.65 10.63
CA ALA QA 158 54.58 -81.21 10.53
C ALA QA 158 53.30 -80.69 9.89
N ALA QA 159 53.33 -79.42 9.49
CA ALA QA 159 52.27 -78.81 8.70
C ALA QA 159 52.94 -77.98 7.63
N LEU QA 160 52.84 -78.41 6.39
CA LEU QA 160 53.36 -77.66 5.25
C LEU QA 160 52.22 -76.84 4.67
N ASP QA 161 52.44 -75.55 4.51
CA ASP QA 161 51.42 -74.64 4.02
C ASP QA 161 51.93 -73.94 2.76
N TYR QA 162 51.07 -73.92 1.75
CA TYR QA 162 51.35 -73.24 0.49
C TYR QA 162 50.54 -71.94 0.46
N ARG QA 163 51.23 -70.81 0.40
CA ARG QA 163 50.58 -69.51 0.30
C ARG QA 163 49.50 -69.36 1.37
N CYS QA 164 49.87 -69.64 2.61
CA CYS QA 164 48.92 -69.37 3.68
C CYS QA 164 49.23 -68.01 4.31
N PRO QA 165 48.22 -67.30 4.78
CA PRO QA 165 48.45 -65.91 5.21
C PRO QA 165 49.06 -65.80 6.60
N VAL QA 166 49.93 -64.81 6.75
CA VAL QA 166 50.58 -64.48 8.02
C VAL QA 166 50.25 -63.03 8.32
N HIS QA 167 49.66 -62.78 9.49
CA HIS QA 167 49.23 -61.44 9.87
C HIS QA 167 49.77 -61.12 11.25
N PHE QA 168 50.24 -59.88 11.44
CA PHE QA 168 50.57 -59.39 12.77
C PHE QA 168 50.13 -57.95 12.91
N TYR QA 169 49.75 -57.55 14.13
CA TYR QA 169 49.20 -56.24 14.43
C TYR QA 169 49.73 -55.75 15.75
N TRP QA 170 50.44 -54.64 15.73
CA TRP QA 170 51.06 -54.15 16.95
C TRP QA 170 51.06 -52.63 16.98
N VAL QA 171 51.55 -52.09 18.10
CA VAL QA 171 51.57 -50.67 18.38
C VAL QA 171 52.99 -50.29 18.77
N ARG QA 172 53.50 -49.21 18.19
CA ARG QA 172 54.83 -48.71 18.55
C ARG QA 172 54.87 -47.21 18.34
N GLY QA 173 54.72 -46.47 19.42
CA GLY QA 173 54.88 -45.04 19.41
C GLY QA 173 53.58 -44.30 19.64
N GLU QA 174 53.69 -42.99 19.74
CA GLU QA 174 52.54 -42.12 19.79
C GLU QA 174 52.82 -40.91 18.93
N GLU QA 175 51.78 -40.36 18.33
CA GLU QA 175 51.90 -39.11 17.60
C GLU QA 175 50.77 -38.19 18.00
N ILE QA 176 50.99 -36.90 17.82
CA ILE QA 176 49.99 -35.89 18.08
C ILE QA 176 49.32 -35.55 16.76
N ILE QA 177 48.01 -35.76 16.69
CA ILE QA 177 47.28 -35.64 15.43
C ILE QA 177 47.48 -34.22 14.93
N PRO QA 178 47.99 -34.01 13.71
CA PRO QA 178 48.38 -32.65 13.31
C PRO QA 178 47.27 -31.79 12.73
N ARG QA 179 46.08 -32.33 12.48
CA ARG QA 179 44.99 -31.54 11.93
C ARG QA 179 43.67 -32.23 12.22
N GLY QA 180 42.61 -31.44 12.24
CA GLY QA 180 41.27 -31.97 12.36
C GLY QA 180 40.60 -31.53 13.64
N HIS QA 181 39.50 -32.22 13.96
CA HIS QA 181 38.86 -31.97 15.24
C HIS QA 181 39.44 -32.80 16.35
N ARG QA 182 40.65 -33.31 16.16
CA ARG QA 182 41.38 -34.08 17.15
C ARG QA 182 42.82 -33.61 17.27
N ARG QA 183 43.09 -32.35 16.94
CA ARG QA 183 44.47 -31.90 16.92
C ARG QA 183 45.01 -31.83 18.34
N GLY QA 184 46.29 -32.14 18.48
CA GLY QA 184 46.95 -32.19 19.76
C GLY QA 184 46.80 -33.51 20.44
N ARG QA 185 45.58 -34.05 20.45
CA ARG QA 185 45.30 -35.28 21.17
C ARG QA 185 46.23 -36.38 20.71
N ILE QA 186 46.73 -37.14 21.67
CA ILE QA 186 47.78 -38.11 21.42
C ILE QA 186 47.14 -39.44 21.04
N ASP QA 187 47.63 -40.05 19.97
CA ASP QA 187 47.08 -41.31 19.51
C ASP QA 187 48.22 -42.24 19.11
N ASP QA 188 47.97 -43.53 19.29
CA ASP QA 188 48.98 -44.55 19.04
C ASP QA 188 49.28 -44.67 17.55
N LEU QA 189 50.45 -45.21 17.27
CA LEU QA 189 50.95 -45.37 15.90
C LEU QA 189 50.88 -46.85 15.56
N ARG QA 190 49.72 -47.29 15.10
CA ARG QA 190 49.48 -48.70 14.86
C ARG QA 190 50.10 -49.16 13.56
N TYR QA 191 50.47 -50.44 13.52
CA TYR QA 191 51.03 -51.05 12.33
C TYR QA 191 50.28 -52.34 12.03
N GLN QA 192 50.50 -52.86 10.84
CA GLN QA 192 49.88 -54.12 10.41
C GLN QA 192 50.70 -54.72 9.29
N ILE QA 193 51.09 -55.97 9.44
CA ILE QA 193 51.82 -56.71 8.42
C ILE QA 193 50.96 -57.86 7.96
N ASP QA 194 50.67 -57.88 6.67
CA ASP QA 194 50.05 -59.01 6.00
C ASP QA 194 51.07 -59.58 5.03
N ASP QA 195 51.13 -60.91 4.94
CA ASP QA 195 52.18 -61.53 4.18
C ASP QA 195 51.73 -62.88 3.67
N LYS QA 196 51.93 -63.09 2.38
CA LYS QA 196 51.65 -64.37 1.73
C LYS QA 196 53.00 -65.01 1.47
N PRO QA 197 53.57 -65.68 2.46
CA PRO QA 197 54.80 -66.42 2.21
C PRO QA 197 54.53 -67.55 1.25
N ASN QA 198 55.50 -67.80 0.37
CA ASN QA 198 55.26 -68.80 -0.67
C ASN QA 198 55.07 -70.18 -0.08
N ASN QA 199 56.02 -70.63 0.75
CA ASN QA 199 55.91 -71.91 1.41
C ASN QA 199 56.28 -71.75 2.87
N GLN QA 200 55.66 -72.53 3.75
CA GLN QA 200 56.11 -72.46 5.13
C GLN QA 200 55.92 -73.81 5.81
N ILE QA 201 56.75 -74.05 6.82
CA ILE QA 201 56.77 -75.29 7.58
C ILE QA 201 56.54 -74.93 9.03
N ARG QA 202 55.44 -75.42 9.58
CA ARG QA 202 55.08 -75.21 10.97
C ARG QA 202 55.19 -76.53 11.72
N ILE QA 203 55.68 -76.47 12.95
CA ILE QA 203 55.90 -77.65 13.77
C ILE QA 203 55.03 -77.55 15.02
N SER QA 204 55.15 -78.54 15.89
CA SER QA 204 54.35 -78.60 17.11
C SER QA 204 55.17 -78.42 18.38
N LYS QA 205 56.50 -78.41 18.29
CA LYS QA 205 57.36 -78.18 19.43
C LYS QA 205 58.34 -77.07 19.08
N GLN QA 206 58.48 -76.12 19.98
CA GLN QA 206 59.21 -74.90 19.67
C GLN QA 206 60.67 -75.20 19.36
N LEU QA 207 61.28 -74.36 18.54
CA LEU QA 207 62.69 -74.51 18.24
C LEU QA 207 63.52 -74.02 19.40
N ALA QA 208 64.83 -74.13 19.26
CA ALA QA 208 65.78 -73.76 20.30
C ALA QA 208 66.29 -72.37 20.04
N GLU QA 209 66.14 -71.49 21.02
CA GLU QA 209 66.56 -70.11 20.87
C GLU QA 209 68.03 -70.04 20.49
N PHE QA 210 68.39 -69.00 19.75
CA PHE QA 210 69.75 -68.88 19.22
C PHE QA 210 70.70 -68.33 20.26
N VAL QA 211 70.30 -67.27 20.95
CA VAL QA 211 71.12 -66.67 21.99
C VAL QA 211 70.18 -66.27 23.11
N PRO QA 212 70.62 -66.24 24.38
CA PRO QA 212 69.67 -66.06 25.48
C PRO QA 212 68.87 -64.76 25.41
N LEU QA 213 67.93 -64.62 26.34
CA LEU QA 213 66.90 -63.61 26.21
C LEU QA 213 67.38 -62.20 26.48
N ASP QA 214 68.60 -62.02 26.96
CA ASP QA 214 69.10 -60.70 27.35
C ASP QA 214 70.42 -60.40 26.64
N TYR QA 215 70.51 -60.77 25.37
CA TYR QA 215 71.75 -60.64 24.62
C TYR QA 215 71.96 -59.17 24.30
N SER QA 216 72.59 -58.44 25.21
CA SER QA 216 72.95 -57.05 24.94
C SER QA 216 74.02 -57.00 23.85
N VAL QA 217 73.89 -56.04 22.95
CA VAL QA 217 74.78 -55.91 21.79
C VAL QA 217 75.24 -54.47 21.69
N PRO QA 218 76.50 -54.20 21.29
CA PRO QA 218 76.91 -52.80 21.12
C PRO QA 218 76.11 -52.05 20.07
N ILE QA 219 75.67 -52.71 19.00
CA ILE QA 219 74.89 -52.04 17.97
C ILE QA 219 73.56 -51.60 18.57
N GLU QA 220 73.08 -50.44 18.14
CA GLU QA 220 71.83 -49.88 18.62
C GLU QA 220 70.87 -49.69 17.47
N ILE QA 221 69.59 -49.81 17.77
CA ILE QA 221 68.54 -49.70 16.75
C ILE QA 221 68.64 -48.32 16.11
N PRO QA 222 68.71 -48.21 14.78
CA PRO QA 222 68.77 -46.88 14.17
C PRO QA 222 67.50 -46.11 14.41
N THR QA 223 67.64 -44.80 14.56
CA THR QA 223 66.54 -43.92 14.89
C THR QA 223 66.12 -43.14 13.66
N ILE QA 224 64.82 -43.18 13.35
CA ILE QA 224 64.25 -42.43 12.25
C ILE QA 224 63.48 -41.27 12.84
N LYS QA 225 63.97 -40.06 12.61
CA LYS QA 225 63.37 -38.86 13.17
C LYS QA 225 62.15 -38.39 12.41
N CYS QA 226 62.11 -38.61 11.10
CA CYS QA 226 61.04 -38.16 10.25
C CYS QA 226 59.81 -39.03 10.42
N LYS QA 227 58.67 -38.54 9.92
CA LYS QA 227 57.43 -39.28 10.07
C LYS QA 227 57.48 -40.56 9.24
N PRO QA 228 56.66 -41.55 9.56
CA PRO QA 228 56.69 -42.80 8.78
C PRO QA 228 56.30 -42.61 7.33
N ASP QA 229 55.37 -41.70 7.04
CA ASP QA 229 54.88 -41.53 5.69
C ASP QA 229 55.97 -41.21 4.68
N LYS QA 230 57.03 -40.52 5.09
CA LYS QA 230 57.96 -39.97 4.11
C LYS QA 230 58.72 -41.07 3.39
N LEU QA 231 58.99 -42.17 4.07
CA LEU QA 231 59.18 -43.42 3.36
C LEU QA 231 57.81 -43.90 2.88
N PRO QA 232 57.65 -44.21 1.61
CA PRO QA 232 56.29 -44.47 1.13
C PRO QA 232 55.61 -45.52 1.98
N LEU QA 233 54.65 -45.08 2.78
CA LEU QA 233 53.96 -45.97 3.70
C LEU QA 233 52.63 -45.35 4.06
N PHE QA 234 51.54 -46.05 3.81
CA PHE QA 234 50.23 -45.44 3.78
C PHE QA 234 49.32 -46.11 4.78
N LYS QA 235 48.40 -45.34 5.33
CA LYS QA 235 47.49 -45.84 6.34
C LYS QA 235 46.26 -46.42 5.71
N ARG QA 236 45.45 -47.08 6.53
CA ARG QA 236 44.17 -47.64 6.13
C ARG QA 236 43.54 -48.23 7.37
N GLN QA 237 42.32 -48.72 7.24
CA GLN QA 237 41.63 -49.34 8.35
C GLN QA 237 40.83 -50.54 7.87
N TYR QA 238 41.25 -51.73 8.30
CA TYR QA 238 40.53 -52.97 8.04
C TYR QA 238 40.61 -53.79 9.32
N GLU QA 239 40.20 -55.05 9.24
CA GLU QA 239 40.24 -55.92 10.39
C GLU QA 239 41.66 -56.05 10.91
N ASN QA 240 41.80 -56.26 12.21
CA ASN QA 240 43.10 -56.52 12.80
C ASN QA 240 43.28 -58.02 12.99
N HIS QA 241 44.41 -58.55 12.54
CA HIS QA 241 44.60 -59.98 12.51
C HIS QA 241 45.97 -60.38 13.00
N ILE QA 242 45.99 -61.23 14.02
CA ILE QA 242 47.16 -62.04 14.36
C ILE QA 242 46.93 -63.40 13.75
N PHE QA 243 47.95 -63.93 13.08
CA PHE QA 243 47.78 -65.21 12.38
C PHE QA 243 49.14 -65.76 11.99
N VAL QA 244 49.42 -66.99 12.38
CA VAL QA 244 50.67 -67.66 12.02
C VAL QA 244 50.54 -68.53 10.79
N GLY QA 245 49.33 -68.86 10.37
CA GLY QA 245 49.13 -69.79 9.29
C GLY QA 245 47.90 -70.64 9.55
N SER QA 246 47.45 -70.68 10.79
CA SER QA 246 46.23 -71.38 11.14
C SER QA 246 45.72 -70.81 12.45
N LYS QA 247 44.46 -71.10 12.74
CA LYS QA 247 43.82 -70.51 13.90
C LYS QA 247 44.47 -71.03 15.18
N THR QA 248 43.94 -70.57 16.31
CA THR QA 248 44.49 -70.91 17.62
C THR QA 248 44.47 -72.41 17.87
N ALA QA 249 43.38 -73.09 17.53
CA ALA QA 249 43.22 -74.50 17.87
C ALA QA 249 44.25 -75.41 17.22
N ASP QA 250 44.95 -74.95 16.20
CA ASP QA 250 45.83 -75.84 15.46
C ASP QA 250 47.04 -76.21 16.33
N PRO QA 251 47.26 -77.50 16.60
CA PRO QA 251 48.39 -77.85 17.48
C PRO QA 251 49.72 -77.39 16.95
N CYS QA 252 49.92 -77.36 15.63
CA CYS QA 252 51.22 -76.97 15.07
C CYS QA 252 51.35 -75.45 15.08
N CYS QA 253 51.20 -74.89 16.28
CA CYS QA 253 51.11 -73.44 16.39
C CYS QA 253 52.48 -72.78 16.27
N TYR QA 254 53.53 -73.43 16.75
CA TYR QA 254 54.85 -72.86 16.61
C TYR QA 254 55.28 -72.90 15.16
N GLY QA 255 56.41 -72.27 14.86
CA GLY QA 255 56.83 -72.10 13.48
C GLY QA 255 58.28 -72.42 13.23
N HIS QA 256 58.58 -73.03 12.09
CA HIS QA 256 59.93 -73.47 11.77
C HIS QA 256 60.57 -72.68 10.62
N THR QA 257 59.93 -72.67 9.46
CA THR QA 257 60.63 -72.10 8.30
C THR QA 257 59.66 -71.46 7.32
N GLN QA 258 60.17 -70.52 6.55
CA GLN QA 258 59.41 -69.79 5.55
C GLN QA 258 60.28 -69.57 4.32
N PHE QA 259 59.71 -69.82 3.14
CA PHE QA 259 60.37 -69.59 1.87
C PHE QA 259 59.56 -68.55 1.11
N HIS QA 260 60.21 -67.44 0.77
CA HIS QA 260 59.59 -66.32 0.09
C HIS QA 260 60.14 -66.20 -1.32
N LEU QA 261 59.27 -65.78 -2.24
CA LEU QA 261 59.67 -65.48 -3.61
C LEU QA 261 59.29 -64.04 -3.92
N LEU QA 262 60.27 -63.23 -4.27
CA LEU QA 262 60.02 -61.83 -4.56
C LEU QA 262 59.25 -61.69 -5.88
N PRO QA 263 58.29 -60.77 -5.94
CA PRO QA 263 57.66 -60.48 -7.23
C PRO QA 263 58.67 -59.94 -8.23
N ASP QA 264 58.21 -59.75 -9.46
CA ASP QA 264 59.11 -59.25 -10.49
C ASP QA 264 59.38 -57.76 -10.34
N LYS QA 265 58.47 -57.01 -9.72
CA LYS QA 265 58.67 -55.57 -9.57
C LYS QA 265 60.00 -55.28 -8.90
N LEU QA 266 60.33 -56.04 -7.86
CA LEU QA 266 61.51 -55.80 -7.04
C LEU QA 266 62.71 -56.60 -7.51
N ARG QA 267 62.59 -57.33 -8.61
CA ARG QA 267 63.62 -58.27 -9.00
C ARG QA 267 64.91 -57.55 -9.33
N ARG QA 268 65.95 -58.34 -9.62
CA ARG QA 268 67.27 -57.78 -9.86
C ARG QA 268 67.28 -56.87 -11.08
N GLU QA 269 66.61 -57.27 -12.16
CA GLU QA 269 66.75 -56.56 -13.42
C GLU QA 269 66.09 -55.19 -13.37
N ARG QA 270 64.94 -55.08 -12.71
CA ARG QA 270 64.25 -53.79 -12.63
C ARG QA 270 65.14 -52.76 -11.95
N LEU QA 271 65.83 -53.15 -10.89
CA LEU QA 271 66.77 -52.28 -10.20
C LEU QA 271 68.16 -52.29 -10.83
N LEU QA 272 68.37 -53.09 -11.87
CA LEU QA 272 69.58 -52.96 -12.67
C LEU QA 272 69.49 -51.85 -13.71
N ARG QA 273 68.29 -51.58 -14.24
CA ARG QA 273 68.10 -50.33 -14.95
C ARG QA 273 68.41 -49.16 -14.03
N GLN QA 274 68.08 -49.31 -12.74
CA GLN QA 274 68.68 -48.46 -11.71
C GLN QA 274 70.14 -48.85 -11.54
N ASN QA 275 70.97 -47.88 -11.12
CA ASN QA 275 72.42 -48.02 -11.17
C ASN QA 275 73.07 -47.96 -9.79
N CYS QA 276 72.52 -48.69 -8.82
CA CYS QA 276 73.14 -48.86 -7.51
C CYS QA 276 73.22 -50.33 -7.15
N ALA QA 277 74.23 -50.67 -6.35
CA ALA QA 277 74.49 -52.06 -5.96
C ALA QA 277 74.20 -52.35 -4.49
N ASP QA 278 74.42 -51.40 -3.58
CA ASP QA 278 74.19 -51.62 -2.16
C ASP QA 278 72.74 -51.45 -1.76
N GLN QA 279 71.82 -51.51 -2.72
CA GLN QA 279 70.40 -51.46 -2.46
C GLN QA 279 69.70 -52.77 -2.78
N ILE QA 280 70.38 -53.70 -3.46
CA ILE QA 280 69.75 -54.98 -3.78
C ILE QA 280 69.47 -55.75 -2.51
N GLU QA 281 70.42 -55.77 -1.57
CA GLU QA 281 70.22 -56.48 -0.32
C GLU QA 281 69.21 -55.82 0.59
N VAL QA 282 68.88 -54.55 0.35
CA VAL QA 282 67.95 -53.86 1.22
C VAL QA 282 66.60 -54.53 1.19
N VAL QA 283 66.14 -54.90 0.00
CA VAL QA 283 64.82 -55.53 -0.10
C VAL QA 283 64.83 -56.88 0.59
N PHE QA 284 65.92 -57.63 0.44
CA PHE QA 284 66.03 -58.90 1.16
C PHE QA 284 65.90 -58.67 2.66
N ARG QA 285 66.70 -57.76 3.21
CA ARG QA 285 66.69 -57.55 4.65
C ARG QA 285 65.33 -57.09 5.11
N ALA QA 286 64.70 -56.21 4.37
CA ALA QA 286 63.39 -55.72 4.76
C ALA QA 286 62.37 -56.84 4.76
N ASN QA 287 62.39 -57.68 3.73
CA ASN QA 287 61.45 -58.80 3.69
C ASN QA 287 61.67 -59.72 4.88
N ALA QA 288 62.93 -60.02 5.17
CA ALA QA 288 63.23 -60.91 6.28
C ALA QA 288 62.74 -60.32 7.59
N ILE QA 289 63.23 -59.13 7.94
CA ILE QA 289 62.84 -58.51 9.19
C ILE QA 289 61.32 -58.49 9.32
N ALA QA 290 60.63 -57.92 8.35
CA ALA QA 290 59.19 -57.75 8.48
C ALA QA 290 58.49 -59.10 8.63
N SER QA 291 58.76 -60.04 7.72
CA SER QA 291 57.98 -61.26 7.71
C SER QA 291 58.28 -62.13 8.91
N LEU QA 292 59.55 -62.25 9.29
CA LEU QA 292 59.90 -63.07 10.43
C LEU QA 292 59.40 -62.46 11.72
N PHE QA 293 59.47 -61.14 11.84
CA PHE QA 293 58.89 -60.52 13.03
C PHE QA 293 57.41 -60.77 13.10
N ALA QA 294 56.71 -60.67 11.96
CA ALA QA 294 55.29 -60.95 11.97
C ALA QA 294 55.03 -62.37 12.44
N TRP QA 295 55.76 -63.33 11.87
CA TRP QA 295 55.52 -64.72 12.20
C TRP QA 295 55.81 -65.00 13.67
N THR QA 296 56.99 -64.58 14.13
CA THR QA 296 57.39 -64.85 15.50
C THR QA 296 56.46 -64.18 16.48
N GLY QA 297 56.08 -62.93 16.20
CA GLY QA 297 55.17 -62.24 17.09
C GLY QA 297 53.83 -62.93 17.15
N ALA QA 298 53.34 -63.41 16.01
CA ALA QA 298 52.07 -64.11 16.03
C ALA QA 298 52.19 -65.40 16.83
N GLN QA 299 53.30 -66.11 16.68
CA GLN QA 299 53.54 -67.28 17.50
C GLN QA 299 53.47 -66.91 18.98
N ALA QA 300 54.15 -65.85 19.36
CA ALA QA 300 54.17 -65.44 20.75
C ALA QA 300 52.76 -65.14 21.24
N MET QA 301 52.04 -64.30 20.51
CA MET QA 301 50.73 -63.91 20.97
C MET QA 301 49.72 -65.03 20.88
N TYR QA 302 50.08 -66.14 20.24
CA TYR QA 302 49.22 -67.32 20.31
C TYR QA 302 49.40 -68.07 21.63
N GLN QA 303 50.49 -67.82 22.35
CA GLN QA 303 50.75 -68.46 23.62
C GLN QA 303 50.24 -67.64 24.81
N GLY QA 304 49.56 -66.53 24.56
CA GLY QA 304 49.07 -65.68 25.62
C GLY QA 304 49.86 -64.41 25.85
N PHE QA 305 51.04 -64.28 25.28
CA PHE QA 305 51.89 -63.12 25.53
C PHE QA 305 51.44 -61.93 24.70
N TRP QA 306 51.88 -60.76 25.12
CA TRP QA 306 51.63 -59.51 24.42
C TRP QA 306 52.50 -58.43 25.04
N SER QA 307 52.25 -57.18 24.69
CA SER QA 307 53.14 -56.09 25.07
C SER QA 307 53.26 -55.94 26.58
N GLU QA 308 52.13 -55.95 27.29
CA GLU QA 308 52.16 -55.74 28.74
C GLU QA 308 52.40 -57.02 29.53
N ALA QA 309 52.51 -58.17 28.87
CA ALA QA 309 53.03 -59.39 29.48
C ALA QA 309 54.09 -59.91 28.52
N ASP QA 310 55.30 -59.39 28.66
CA ASP QA 310 56.35 -59.66 27.70
C ASP QA 310 56.72 -61.14 27.72
N VAL QA 311 57.10 -61.64 26.54
CA VAL QA 311 57.38 -63.06 26.38
C VAL QA 311 58.50 -63.46 27.33
N THR QA 312 58.40 -64.67 27.89
CA THR QA 312 59.40 -65.17 28.82
C THR QA 312 60.48 -65.99 28.15
N ARG QA 313 60.14 -66.75 27.11
CA ARG QA 313 61.09 -67.54 26.35
C ARG QA 313 61.25 -66.96 24.96
N PRO QA 314 62.47 -66.79 24.47
CA PRO QA 314 62.66 -66.26 23.12
C PRO QA 314 61.96 -67.13 22.10
N PHE QA 315 61.34 -66.48 21.13
CA PHE QA 315 60.76 -67.15 19.99
C PHE QA 315 61.71 -66.99 18.82
N VAL QA 316 61.73 -67.97 17.93
CA VAL QA 316 62.74 -68.02 16.89
C VAL QA 316 62.13 -68.59 15.63
N SER QA 317 62.65 -68.17 14.49
CA SER QA 317 62.23 -68.75 13.23
C SER QA 317 63.27 -68.46 12.18
N GLN QA 318 63.14 -69.14 11.04
CA GLN QA 318 64.08 -69.02 9.94
C GLN QA 318 63.33 -68.70 8.66
N ALA QA 319 64.00 -67.96 7.77
CA ALA QA 319 63.41 -67.62 6.49
C ALA QA 319 64.45 -67.75 5.39
N VAL QA 320 64.01 -68.19 4.22
CA VAL QA 320 64.82 -68.21 3.01
C VAL QA 320 64.13 -67.29 2.02
N ILE QA 321 64.84 -66.27 1.55
CA ILE QA 321 64.30 -65.29 0.63
C ILE QA 321 65.05 -65.41 -0.68
N THR QA 322 64.32 -65.58 -1.78
CA THR QA 322 64.94 -65.76 -3.07
C THR QA 322 64.14 -65.04 -4.13
N ASP QA 323 64.84 -64.59 -5.18
CA ASP QA 323 64.19 -64.03 -6.35
C ASP QA 323 64.01 -65.05 -7.46
N GLY QA 324 64.42 -66.29 -7.25
CA GLY QA 324 64.44 -67.32 -8.26
C GLY QA 324 65.82 -67.75 -8.66
N LYS QA 325 66.79 -66.85 -8.57
CA LYS QA 325 68.18 -67.14 -8.92
C LYS QA 325 69.13 -66.88 -7.77
N TYR QA 326 68.89 -65.84 -6.98
CA TYR QA 326 69.74 -65.48 -5.86
C TYR QA 326 69.01 -65.79 -4.55
N PHE QA 327 69.74 -66.34 -3.59
CA PHE QA 327 69.19 -66.82 -2.34
C PHE QA 327 69.82 -66.09 -1.16
N SER QA 328 69.05 -65.95 -0.07
CA SER QA 328 69.57 -65.43 1.18
C SER QA 328 68.82 -66.07 2.33
N PHE QA 329 69.46 -66.11 3.50
CA PHE QA 329 68.96 -66.84 4.66
C PHE QA 329 68.94 -65.93 5.87
N PHE QA 330 67.96 -66.13 6.75
CA PHE QA 330 67.78 -65.27 7.90
C PHE QA 330 67.30 -66.09 9.09
N CYS QA 331 67.81 -65.74 10.26
CA CYS QA 331 67.56 -66.47 11.51
C CYS QA 331 67.10 -65.47 12.56
N TYR QA 332 65.81 -65.27 12.66
CA TYR QA 332 65.29 -64.21 13.52
C TYR QA 332 64.91 -64.75 14.88
N GLN QA 333 65.14 -63.92 15.91
CA GLN QA 333 64.86 -64.27 17.30
C GLN QA 333 64.16 -63.10 17.97
N LEU QA 334 62.88 -63.27 18.27
CA LEU QA 334 62.10 -62.26 18.97
C LEU QA 334 62.25 -62.46 20.47
N ASN QA 335 62.59 -61.38 21.15
CA ASN QA 335 62.69 -61.34 22.59
C ASN QA 335 61.60 -60.53 23.26
N THR QA 336 61.08 -59.49 22.61
CA THR QA 336 60.19 -58.54 23.25
C THR QA 336 59.00 -58.24 22.38
N LEU QA 337 57.83 -58.19 23.01
CA LEU QA 337 56.63 -57.65 22.40
C LEU QA 337 56.23 -56.31 22.99
N ALA QA 338 56.87 -55.87 24.07
CA ALA QA 338 56.55 -54.60 24.69
C ALA QA 338 57.16 -53.52 23.83
N LEU QA 339 56.37 -53.00 22.90
CA LEU QA 339 56.81 -51.94 22.01
C LEU QA 339 56.01 -50.66 22.16
N THR QA 340 54.89 -50.68 22.88
CA THR QA 340 54.19 -49.45 23.17
C THR QA 340 55.13 -48.48 23.86
N THR QA 341 54.76 -47.20 23.86
CA THR QA 341 55.61 -46.21 24.49
C THR QA 341 55.67 -46.43 26.00
N GLN QA 342 54.57 -46.89 26.60
CA GLN QA 342 54.56 -47.09 28.05
C GLN QA 342 55.34 -48.34 28.44
N ALA QA 343 55.15 -49.44 27.72
CA ALA QA 343 55.80 -50.69 28.06
C ALA QA 343 57.24 -50.75 27.55
N ASP QA 344 57.62 -49.89 26.62
CA ASP QA 344 59.01 -49.75 26.18
C ASP QA 344 59.70 -48.62 26.92
N GLN QA 345 59.24 -48.31 28.14
CA GLN QA 345 59.81 -47.20 28.89
C GLN QA 345 61.31 -47.40 29.07
N ASN QA 346 61.71 -48.59 29.53
CA ASN QA 346 63.12 -48.91 29.68
C ASN QA 346 63.49 -50.32 29.26
N ASN QA 347 62.53 -51.14 28.82
CA ASN QA 347 62.82 -52.53 28.48
C ASN QA 347 63.99 -52.64 27.52
N PRO QA 348 65.14 -53.13 27.96
CA PRO QA 348 66.33 -53.16 27.10
C PRO QA 348 66.45 -54.38 26.21
N ARG QA 349 65.41 -55.22 26.15
CA ARG QA 349 65.41 -56.34 25.21
C ARG QA 349 65.37 -55.81 23.80
N LYS QA 350 66.10 -56.45 22.89
CA LYS QA 350 66.02 -56.17 21.47
C LYS QA 350 65.74 -57.47 20.72
N ASN QA 351 65.03 -57.35 19.60
CA ASN QA 351 64.95 -58.47 18.68
C ASN QA 351 66.20 -58.48 17.80
N ILE QA 352 66.57 -59.67 17.33
CA ILE QA 352 67.77 -59.85 16.52
C ILE QA 352 67.41 -60.61 15.26
N CYS QA 353 68.22 -60.39 14.21
CA CYS QA 353 67.88 -60.86 12.87
C CYS QA 353 68.84 -61.92 12.34
N TRP QA 354 70.15 -61.66 12.33
CA TRP QA 354 71.16 -62.64 11.92
C TRP QA 354 70.92 -63.12 10.48
N GLY QA 355 71.13 -62.21 9.55
CA GLY QA 355 71.01 -62.52 8.15
C GLY QA 355 72.36 -62.60 7.46
N THR QA 356 72.35 -63.10 6.24
CA THR QA 356 73.54 -63.18 5.42
C THR QA 356 73.36 -62.28 4.20
N GLN QA 357 74.37 -62.27 3.34
CA GLN QA 357 74.26 -61.60 2.06
C GLN QA 357 73.46 -62.49 1.12
N SER QA 358 73.44 -62.16 -0.16
CA SER QA 358 72.72 -62.92 -1.17
C SER QA 358 73.75 -63.52 -2.11
N LYS QA 359 73.62 -64.80 -2.39
CA LYS QA 359 74.53 -65.49 -3.29
C LYS QA 359 73.77 -66.11 -4.45
N PRO QA 360 74.45 -66.35 -5.58
CA PRO QA 360 73.78 -66.97 -6.72
C PRO QA 360 73.79 -68.49 -6.65
N LEU QA 361 72.60 -69.07 -6.79
CA LEU QA 361 72.47 -70.53 -6.77
C LEU QA 361 73.22 -71.17 -7.94
N TYR QA 362 73.11 -70.57 -9.13
CA TYR QA 362 73.76 -71.07 -10.33
C TYR QA 362 74.19 -69.88 -11.18
N GLU QA 363 74.55 -70.13 -12.43
CA GLU QA 363 74.90 -69.09 -13.38
C GLU QA 363 73.89 -68.92 -14.50
N THR QA 364 73.33 -70.01 -15.03
CA THR QA 364 72.38 -69.89 -16.13
C THR QA 364 71.78 -71.26 -16.42
N ILE QA 365 70.78 -71.26 -17.29
CA ILE QA 365 70.09 -72.47 -17.73
C ILE QA 365 70.09 -72.42 -19.25
N GLU QA 366 71.09 -73.02 -19.89
CA GLU QA 366 71.26 -72.80 -21.33
C GLU QA 366 70.33 -73.69 -22.16
N ASP QA 367 70.58 -74.99 -22.17
CA ASP QA 367 69.74 -75.93 -22.89
C ASP QA 367 69.17 -77.00 -21.97
N ASN QA 368 70.02 -77.78 -21.30
CA ASN QA 368 69.57 -78.83 -20.39
C ASN QA 368 70.40 -78.93 -19.13
N ASP QA 369 71.61 -78.37 -19.09
CA ASP QA 369 72.45 -78.39 -17.91
C ASP QA 369 72.27 -77.08 -17.14
N VAL QA 370 72.95 -77.00 -16.00
CA VAL QA 370 72.94 -75.79 -15.17
C VAL QA 370 74.41 -75.47 -14.89
N LYS QA 371 75.03 -74.70 -15.78
CA LYS QA 371 76.45 -74.41 -15.67
C LYS QA 371 76.71 -73.59 -14.41
N GLY QA 372 77.71 -74.00 -13.63
CA GLY QA 372 78.05 -73.29 -12.42
C GLY QA 372 77.12 -73.55 -11.25
N PHE QA 373 76.32 -74.61 -11.29
CA PHE QA 373 75.42 -74.91 -10.17
C PHE QA 373 76.22 -74.99 -8.89
N ASN QA 374 75.76 -74.28 -7.87
CA ASN QA 374 76.45 -74.18 -6.59
C ASN QA 374 75.80 -75.12 -5.60
N ASP QA 375 76.61 -75.62 -4.67
CA ASP QA 375 76.15 -76.51 -3.63
C ASP QA 375 76.16 -75.86 -2.25
N ASP QA 376 76.83 -74.72 -2.11
CA ASP QA 376 76.83 -74.03 -0.82
C ASP QA 376 75.42 -73.60 -0.46
N VAL QA 377 74.67 -73.07 -1.43
CA VAL QA 377 73.33 -72.58 -1.14
C VAL QA 377 72.40 -73.73 -0.77
N LEU QA 378 72.49 -74.83 -1.52
CA LEU QA 378 71.64 -75.98 -1.20
C LEU QA 378 72.01 -76.57 0.14
N LEU QA 379 73.31 -76.60 0.46
CA LEU QA 379 73.73 -77.06 1.77
C LEU QA 379 73.17 -76.18 2.88
N GLN QA 380 73.17 -74.87 2.67
CA GLN QA 380 72.60 -73.98 3.68
C GLN QA 380 71.09 -74.19 3.82
N ILE QA 381 70.41 -74.45 2.71
CA ILE QA 381 68.97 -74.70 2.79
C ILE QA 381 68.70 -75.94 3.62
N VAL QA 382 69.40 -77.04 3.33
CA VAL QA 382 69.15 -78.26 4.08
C VAL QA 382 69.55 -78.08 5.54
N HIS QA 383 70.64 -77.34 5.79
CA HIS QA 383 71.00 -76.99 7.15
C HIS QA 383 69.84 -76.36 7.88
N PHE QA 384 69.23 -75.34 7.28
CA PHE QA 384 68.10 -74.68 7.93
C PHE QA 384 66.92 -75.62 8.09
N LEU QA 385 66.80 -76.61 7.21
CA LEU QA 385 65.70 -77.55 7.34
C LEU QA 385 65.95 -78.65 8.37
N LEU QA 386 67.20 -78.83 8.80
CA LEU QA 386 67.58 -79.92 9.70
C LEU QA 386 67.36 -79.57 11.17
N ASN QA 387 66.99 -78.34 11.49
CA ASN QA 387 66.89 -77.94 12.88
C ASN QA 387 65.85 -78.78 13.60
N ARG QA 388 66.01 -78.91 14.91
CA ARG QA 388 65.19 -79.78 15.72
C ARG QA 388 64.72 -79.05 16.97
N PRO QA 389 63.55 -79.37 17.51
CA PRO QA 389 63.10 -78.73 18.74
C PRO QA 389 63.58 -79.44 19.99
N LYS QA 390 64.86 -79.33 20.33
CA LYS QA 390 65.40 -80.02 21.49
C LYS QA 390 65.16 -79.21 22.75
N LYS RA 1 -32.50 -36.27 94.31
CA LYS RA 1 -31.40 -36.77 93.50
C LYS RA 1 -31.88 -37.88 92.58
N PHE RA 2 -31.10 -38.19 91.55
CA PHE RA 2 -31.46 -39.17 90.54
C PHE RA 2 -30.83 -40.52 90.84
N ASP RA 3 -31.64 -41.56 90.76
CA ASP RA 3 -31.13 -42.93 90.89
C ASP RA 3 -32.13 -43.87 90.26
N ILE RA 4 -31.68 -45.10 90.02
CA ILE RA 4 -32.52 -46.07 89.32
C ILE RA 4 -33.81 -46.31 90.10
N ASP RA 5 -33.78 -46.15 91.42
CA ASP RA 5 -34.95 -46.48 92.23
C ASP RA 5 -36.16 -45.66 91.81
N MET RA 6 -36.01 -44.34 91.72
CA MET RA 6 -37.16 -43.50 91.45
C MET RA 6 -37.71 -43.75 90.06
N MET RA 7 -36.85 -43.89 89.06
CA MET RA 7 -37.35 -44.12 87.71
C MET RA 7 -38.01 -45.48 87.58
N VAL RA 8 -37.48 -46.50 88.27
CA VAL RA 8 -38.13 -47.80 88.25
C VAL RA 8 -39.49 -47.72 88.93
N SER RA 9 -39.58 -46.99 90.03
CA SER RA 9 -40.88 -46.81 90.68
C SER RA 9 -41.83 -46.05 89.77
N LEU RA 10 -41.32 -45.09 89.01
CA LEU RA 10 -42.12 -44.39 88.02
C LEU RA 10 -42.72 -45.37 87.02
N LEU RA 11 -41.86 -46.22 86.44
CA LEU RA 11 -42.34 -47.18 85.46
C LEU RA 11 -43.37 -48.13 86.05
N ARG RA 12 -43.09 -48.69 87.23
CA ARG RA 12 -44.03 -49.64 87.83
C ARG RA 12 -45.35 -48.97 88.17
N GLN RA 13 -45.30 -47.75 88.72
CA GLN RA 13 -46.52 -47.03 89.03
C GLN RA 13 -47.24 -46.58 87.76
N GLU RA 14 -46.50 -46.40 86.67
CA GLU RA 14 -47.11 -46.06 85.39
C GLU RA 14 -47.69 -47.28 84.67
N ASN RA 15 -47.61 -48.46 85.29
CA ASN RA 15 -48.23 -49.67 84.75
C ASN RA 15 -47.55 -50.11 83.46
N ALA RA 16 -46.22 -50.25 83.55
CA ALA RA 16 -45.41 -50.80 82.47
C ALA RA 16 -45.20 -52.29 82.73
N ARG RA 17 -45.60 -53.12 81.76
CA ARG RA 17 -45.77 -54.54 82.04
C ARG RA 17 -44.46 -55.20 82.48
N ASP RA 18 -43.39 -54.97 81.74
CA ASP RA 18 -42.13 -55.68 81.97
C ASP RA 18 -41.01 -54.70 82.22
N ILE RA 19 -40.12 -55.06 83.14
CA ILE RA 19 -38.93 -54.28 83.47
C ILE RA 19 -37.78 -55.25 83.63
N CYS RA 20 -36.60 -54.89 83.11
CA CYS RA 20 -35.40 -55.69 83.33
C CYS RA 20 -34.21 -54.74 83.30
N VAL RA 21 -33.54 -54.59 84.44
CA VAL RA 21 -32.43 -53.65 84.59
C VAL RA 21 -31.16 -54.47 84.82
N ILE RA 22 -30.13 -54.16 84.04
CA ILE RA 22 -28.84 -54.83 84.14
C ILE RA 22 -27.79 -53.77 84.45
N GLN RA 23 -26.99 -54.02 85.47
CA GLN RA 23 -25.92 -53.10 85.85
C GLN RA 23 -24.66 -53.43 85.08
N VAL RA 24 -24.06 -52.42 84.47
CA VAL RA 24 -22.92 -52.59 83.58
C VAL RA 24 -21.65 -52.32 84.40
N PRO RA 25 -20.66 -53.20 84.39
CA PRO RA 25 -19.47 -52.97 85.19
C PRO RA 25 -18.70 -51.77 84.67
N PRO RA 26 -17.99 -51.06 85.54
CA PRO RA 26 -17.15 -49.95 85.05
C PRO RA 26 -16.07 -50.38 84.07
N GLU RA 27 -15.73 -51.66 84.01
CA GLU RA 27 -14.75 -52.11 83.03
C GLU RA 27 -15.24 -51.88 81.61
N MET RA 28 -16.54 -51.78 81.41
CA MET RA 28 -17.12 -51.39 80.13
C MET RA 28 -17.01 -49.87 80.01
N ARG RA 29 -17.72 -49.28 79.06
CA ARG RA 29 -17.61 -47.86 78.77
C ARG RA 29 -18.94 -47.12 78.78
N TYR RA 30 -20.00 -47.79 78.33
CA TYR RA 30 -21.21 -47.06 77.95
C TYR RA 30 -21.84 -46.37 79.15
N THR RA 31 -22.24 -47.13 80.15
CA THR RA 31 -23.00 -46.57 81.26
C THR RA 31 -22.91 -47.51 82.45
N ASP RA 32 -23.78 -47.28 83.45
CA ASP RA 32 -23.86 -48.13 84.62
C ASP RA 32 -25.14 -48.95 84.64
N TYR RA 33 -26.31 -48.31 84.56
CA TYR RA 33 -27.60 -48.99 84.55
C TYR RA 33 -28.16 -48.99 83.13
N PHE RA 34 -28.66 -50.14 82.71
CA PHE RA 34 -29.16 -50.35 81.35
C PHE RA 34 -30.49 -51.07 81.48
N VAL RA 35 -31.58 -50.39 81.16
CA VAL RA 35 -32.92 -50.86 81.47
C VAL RA 35 -33.68 -51.14 80.19
N ILE RA 36 -34.41 -52.25 80.16
CA ILE RA 36 -35.25 -52.64 79.04
C ILE RA 36 -36.66 -52.83 79.57
N VAL RA 37 -37.62 -52.08 79.02
CA VAL RA 37 -38.99 -52.11 79.50
C VAL RA 37 -39.95 -52.17 78.32
N SER RA 38 -41.18 -52.58 78.59
CA SER RA 38 -42.19 -52.79 77.56
C SER RA 38 -43.33 -51.80 77.71
N GLY RA 39 -44.37 -51.97 76.89
CA GLY RA 39 -45.55 -51.14 76.95
C GLY RA 39 -46.60 -51.64 75.97
N THR RA 40 -47.80 -51.07 76.07
CA THR RA 40 -48.92 -51.58 75.28
C THR RA 40 -48.90 -51.06 73.85
N SER RA 41 -49.01 -49.75 73.68
CA SER RA 41 -49.10 -49.13 72.36
C SER RA 41 -48.05 -48.04 72.24
N THR RA 42 -47.72 -47.70 70.99
CA THR RA 42 -46.70 -46.70 70.72
C THR RA 42 -46.98 -45.40 71.47
N ARG RA 43 -48.26 -45.04 71.58
CA ARG RA 43 -48.60 -43.85 72.34
C ARG RA 43 -48.32 -44.05 73.83
N HIS RA 44 -48.47 -45.27 74.33
CA HIS RA 44 -48.14 -45.51 75.73
C HIS RA 44 -46.64 -45.42 75.97
N LEU RA 45 -45.83 -45.94 75.05
CA LEU RA 45 -44.38 -45.78 75.17
C LEU RA 45 -43.99 -44.32 75.10
N HIS RA 46 -44.62 -43.57 74.19
CA HIS RA 46 -44.39 -42.12 74.15
C HIS RA 46 -44.76 -41.47 75.48
N ALA RA 47 -45.84 -41.94 76.11
CA ALA RA 47 -46.24 -41.39 77.41
C ALA RA 47 -45.21 -41.70 78.49
N MET RA 48 -44.67 -42.92 78.48
CA MET RA 48 -43.65 -43.26 79.46
C MET RA 48 -42.44 -42.36 79.30
N ALA RA 49 -41.99 -42.17 78.05
CA ALA RA 49 -40.88 -41.27 77.81
C ALA RA 49 -41.22 -39.86 78.30
N PHE RA 50 -42.42 -39.39 77.96
CA PHE RA 50 -42.90 -38.09 78.42
C PHE RA 50 -42.70 -37.94 79.91
N TYR RA 51 -43.27 -38.87 80.69
CA TYR RA 51 -43.28 -38.71 82.13
C TYR RA 51 -41.87 -38.82 82.70
N VAL RA 52 -41.05 -39.74 82.17
CA VAL RA 52 -39.71 -39.92 82.69
C VAL RA 52 -38.89 -38.65 82.48
N VAL RA 53 -38.95 -38.08 81.27
CA VAL RA 53 -38.17 -36.86 81.07
C VAL RA 53 -38.79 -35.69 81.83
N LYS RA 54 -40.11 -35.71 82.03
CA LYS RA 54 -40.74 -34.64 82.81
C LYS RA 54 -40.19 -34.61 84.22
N MET RA 55 -40.15 -35.78 84.88
CA MET RA 55 -39.60 -35.82 86.22
C MET RA 55 -38.09 -35.52 86.20
N TYR RA 56 -37.37 -36.02 85.20
CA TYR RA 56 -35.94 -35.74 85.14
C TYR RA 56 -35.66 -34.27 84.93
N LYS RA 57 -36.58 -33.53 84.33
CA LYS RA 57 -36.40 -32.10 84.11
C LYS RA 57 -36.84 -31.26 85.29
N HIS RA 58 -37.90 -31.65 85.99
CA HIS RA 58 -38.38 -30.87 87.12
C HIS RA 58 -37.73 -31.27 88.44
N LEU RA 59 -36.90 -32.32 88.47
CA LEU RA 59 -36.28 -32.75 89.71
C LEU RA 59 -34.92 -32.07 89.94
N LYS RA 60 -33.95 -32.31 89.07
CA LYS RA 60 -32.59 -31.84 89.33
C LYS RA 60 -31.88 -31.66 88.00
N CYS RA 61 -30.54 -31.68 88.03
CA CYS RA 61 -29.69 -31.60 86.84
C CYS RA 61 -29.78 -30.24 86.18
N LYS RA 62 -29.67 -29.18 86.98
CA LYS RA 62 -29.37 -27.86 86.41
C LYS RA 62 -27.92 -27.77 85.99
N ARG RA 63 -27.03 -28.44 86.74
CA ARG RA 63 -25.62 -28.50 86.35
C ARG RA 63 -25.42 -29.39 85.13
N ASP RA 64 -26.13 -30.51 85.06
CA ASP RA 64 -25.85 -31.52 84.05
C ASP RA 64 -26.60 -31.22 82.74
N PRO RA 65 -26.07 -31.67 81.60
CA PRO RA 65 -26.71 -31.36 80.33
C PRO RA 65 -28.08 -32.02 80.21
N HIS RA 66 -28.92 -31.43 79.36
CA HIS RA 66 -30.27 -31.93 79.15
C HIS RA 66 -30.25 -33.25 78.38
N VAL RA 67 -31.38 -33.93 78.40
CA VAL RA 67 -31.52 -35.27 77.85
C VAL RA 67 -32.63 -35.25 76.80
N LYS RA 68 -32.30 -35.68 75.59
CA LYS RA 68 -33.25 -35.75 74.49
C LYS RA 68 -33.80 -37.16 74.35
N ILE RA 69 -35.05 -37.25 73.88
CA ILE RA 69 -35.70 -38.52 73.61
C ILE RA 69 -35.33 -38.93 72.20
N GLU RA 70 -34.78 -40.14 72.05
CA GLU RA 70 -34.30 -40.62 70.77
C GLU RA 70 -35.21 -41.75 70.27
N GLY RA 71 -35.71 -41.59 69.05
CA GLY RA 71 -36.57 -42.58 68.43
C GLY RA 71 -38.02 -42.14 68.23
N LYS RA 72 -38.35 -40.87 68.44
CA LYS RA 72 -39.74 -40.44 68.36
C LYS RA 72 -40.37 -40.79 67.03
N ASP RA 73 -39.63 -40.59 65.93
CA ASP RA 73 -40.18 -40.90 64.62
C ASP RA 73 -40.57 -42.37 64.52
N THR RA 74 -39.75 -43.27 65.05
CA THR RA 74 -40.12 -44.67 65.13
C THR RA 74 -41.39 -44.83 65.96
N ASP RA 75 -41.98 -46.02 65.90
CA ASP RA 75 -43.18 -46.32 66.66
C ASP RA 75 -43.04 -47.50 67.61
N ASP RA 76 -42.15 -48.45 67.32
CA ASP RA 76 -42.08 -49.68 68.10
C ASP RA 76 -40.86 -49.75 69.02
N TRP RA 77 -39.92 -48.82 68.90
CA TRP RA 77 -38.75 -48.79 69.78
C TRP RA 77 -38.40 -47.32 70.05
N LEU RA 78 -38.41 -46.94 71.32
CA LEU RA 78 -37.98 -45.64 71.77
C LEU RA 78 -36.90 -45.84 72.83
N CYS RA 79 -36.04 -44.85 73.02
CA CYS RA 79 -34.99 -45.00 74.01
C CYS RA 79 -34.53 -43.63 74.49
N VAL RA 80 -34.02 -43.61 75.72
CA VAL RA 80 -33.47 -42.41 76.34
C VAL RA 80 -32.13 -42.78 76.96
N ASP RA 81 -31.22 -41.83 77.02
CA ASP RA 81 -29.96 -42.01 77.73
C ASP RA 81 -29.72 -40.80 78.62
N PHE RA 82 -29.31 -41.08 79.85
CA PHE RA 82 -29.01 -40.04 80.83
C PHE RA 82 -27.50 -40.03 81.08
N GLY RA 83 -27.06 -39.23 82.05
CA GLY RA 83 -25.64 -39.17 82.33
C GLY RA 83 -25.05 -40.52 82.68
N SER RA 84 -25.80 -41.33 83.43
CA SER RA 84 -25.27 -42.59 83.95
C SER RA 84 -26.18 -43.78 83.77
N MET RA 85 -27.46 -43.61 83.44
CA MET RA 85 -28.36 -44.72 83.20
C MET RA 85 -29.14 -44.50 81.91
N VAL RA 86 -29.35 -45.59 81.17
CA VAL RA 86 -30.04 -45.55 79.89
C VAL RA 86 -31.23 -46.50 79.93
N ILE RA 87 -32.32 -46.08 79.27
CA ILE RA 87 -33.59 -46.79 79.30
C ILE RA 87 -34.02 -47.04 77.87
N HIS RA 88 -34.64 -48.20 77.63
CA HIS RA 88 -35.10 -48.58 76.30
C HIS RA 88 -36.54 -49.09 76.41
N LEU RA 89 -37.47 -48.29 75.90
CA LEU RA 89 -38.87 -48.67 75.79
C LEU RA 89 -39.05 -49.42 74.48
N MET RA 90 -39.61 -50.62 74.55
CA MET RA 90 -39.77 -51.44 73.35
C MET RA 90 -41.10 -52.16 73.39
N LEU RA 91 -41.70 -52.30 72.22
CA LEU RA 91 -42.81 -53.22 72.13
C LEU RA 91 -42.28 -54.64 72.33
N PRO RA 92 -43.11 -55.55 72.83
CA PRO RA 92 -42.60 -56.90 73.14
C PRO RA 92 -41.98 -57.58 71.94
N GLU RA 93 -42.50 -57.35 70.74
CA GLU RA 93 -42.02 -58.07 69.56
C GLU RA 93 -40.56 -57.71 69.27
N THR RA 94 -40.30 -56.45 68.98
CA THR RA 94 -38.92 -56.04 68.73
C THR RA 94 -38.04 -56.27 69.95
N ARG RA 95 -38.60 -56.23 71.16
CA ARG RA 95 -37.83 -56.50 72.35
C ARG RA 95 -37.29 -57.93 72.34
N GLU RA 96 -38.12 -58.89 71.93
CA GLU RA 96 -37.66 -60.27 71.82
C GLU RA 96 -36.92 -60.54 70.52
N ILE RA 97 -36.96 -59.62 69.56
CA ILE RA 97 -36.16 -59.80 68.35
C ILE RA 97 -34.71 -59.43 68.61
N TYR RA 98 -34.47 -58.27 69.23
CA TYR RA 98 -33.13 -57.91 69.70
C TYR RA 98 -32.97 -58.48 71.09
N GLU RA 99 -32.39 -59.67 71.19
CA GLU RA 99 -32.25 -60.34 72.48
C GLU RA 99 -31.17 -59.59 73.27
N LEU RA 100 -31.56 -58.43 73.78
CA LEU RA 100 -30.59 -57.52 74.40
C LEU RA 100 -30.05 -58.06 75.71
N GLU RA 101 -30.91 -58.69 76.51
CA GLU RA 101 -30.49 -59.13 77.84
C GLU RA 101 -29.34 -60.11 77.74
N LYS RA 102 -29.43 -61.06 76.81
CA LYS RA 102 -28.33 -61.99 76.61
C LYS RA 102 -27.04 -61.25 76.28
N LEU RA 103 -27.13 -60.20 75.45
CA LEU RA 103 -25.94 -59.48 75.06
C LEU RA 103 -25.33 -58.75 76.26
N TRP RA 104 -26.16 -58.02 77.00
CA TRP RA 104 -25.64 -57.20 78.09
C TRP RA 104 -25.33 -58.00 79.34
N THR RA 105 -25.62 -59.30 79.35
CA THR RA 105 -25.11 -60.19 80.39
C THR RA 105 -23.99 -61.10 79.90
N LEU RA 106 -23.77 -61.19 78.60
CA LEU RA 106 -22.80 -62.11 78.00
C LEU RA 106 -21.98 -61.39 76.94
N ARG RA 107 -21.41 -60.24 77.32
CA ARG RA 107 -20.80 -59.34 76.36
C ARG RA 107 -19.83 -60.01 75.42
N SER RA 108 -19.16 -61.08 75.87
CA SER RA 108 -18.00 -61.61 75.17
C SER RA 108 -18.36 -62.41 73.91
N TYR RA 109 -19.61 -62.43 73.47
CA TYR RA 109 -19.94 -63.11 72.23
C TYR RA 109 -21.28 -62.62 71.72
N ASP RA 110 -21.68 -63.14 70.56
CA ASP RA 110 -22.83 -62.66 69.80
C ASP RA 110 -23.95 -63.70 69.80
N ASP RA 111 -25.15 -63.23 69.47
CA ASP RA 111 -26.33 -64.09 69.37
C ASP RA 111 -27.26 -63.59 68.29
N ALA SA 1 -23.78 -86.32 76.83
CA ALA SA 1 -23.72 -85.18 75.92
C ALA SA 1 -23.20 -83.92 76.61
N PRO SA 2 -23.80 -83.50 77.72
CA PRO SA 2 -23.31 -82.31 78.41
C PRO SA 2 -22.04 -82.61 79.19
N TRP SA 3 -21.40 -81.54 79.67
CA TRP SA 3 -20.24 -81.69 80.53
C TRP SA 3 -20.56 -82.57 81.73
N SER SA 4 -21.80 -82.47 82.22
CA SER SA 4 -22.29 -83.37 83.27
C SER SA 4 -23.79 -83.22 83.34
N ARG SA 5 -24.50 -84.36 83.23
CA ARG SA 5 -25.96 -84.34 83.15
C ARG SA 5 -26.60 -83.69 84.37
N GLU SA 6 -25.89 -83.63 85.49
CA GLU SA 6 -26.43 -83.05 86.72
C GLU SA 6 -25.96 -81.63 86.96
N ALA SA 7 -24.92 -81.16 86.27
CA ALA SA 7 -24.46 -79.79 86.47
C ALA SA 7 -25.51 -78.77 86.05
N VAL SA 8 -26.24 -79.07 84.97
CA VAL SA 8 -27.31 -78.17 84.53
C VAL SA 8 -28.34 -78.00 85.62
N LEU SA 9 -28.63 -79.07 86.37
CA LEU SA 9 -29.60 -78.97 87.46
C LEU SA 9 -29.13 -77.99 88.52
N SER SA 10 -27.86 -78.08 88.93
CA SER SA 10 -27.32 -77.16 89.91
C SER SA 10 -27.34 -75.73 89.39
N LEU SA 11 -26.96 -75.55 88.12
CA LEU SA 11 -26.99 -74.21 87.54
C LEU SA 11 -28.39 -73.63 87.58
N TYR SA 12 -29.40 -74.43 87.21
CA TYR SA 12 -30.78 -73.97 87.23
C TYR SA 12 -31.22 -73.62 88.65
N ARG SA 13 -30.88 -74.46 89.62
CA ARG SA 13 -31.20 -74.17 91.01
C ARG SA 13 -30.64 -72.82 91.43
N ALA SA 14 -29.34 -72.62 91.17
CA ALA SA 14 -28.70 -71.38 91.59
C ALA SA 14 -29.31 -70.18 90.89
N LEU SA 15 -29.62 -70.33 89.60
CA LEU SA 15 -30.25 -69.24 88.86
C LEU SA 15 -31.58 -68.85 89.50
N LEU SA 16 -32.44 -69.83 89.76
CA LEU SA 16 -33.73 -69.52 90.37
C LEU SA 16 -33.56 -68.87 91.73
N ARG SA 17 -32.68 -69.43 92.56
CA ARG SA 17 -32.55 -68.91 93.93
C ARG SA 17 -31.97 -67.51 93.95
N GLN SA 18 -30.97 -67.24 93.11
CA GLN SA 18 -30.45 -65.87 93.06
C GLN SA 18 -31.46 -64.91 92.45
N GLY SA 19 -32.26 -65.37 91.48
CA GLY SA 19 -33.33 -64.53 90.98
C GLY SA 19 -34.40 -64.22 91.99
N ARG SA 20 -34.54 -65.08 93.01
CA ARG SA 20 -35.45 -64.77 94.11
C ARG SA 20 -35.06 -63.47 94.80
N GLN SA 21 -33.79 -63.09 94.71
CA GLN SA 21 -33.25 -61.96 95.48
C GLN SA 21 -33.13 -60.69 94.64
N LEU SA 22 -34.07 -60.44 93.72
CA LEU SA 22 -34.05 -59.22 92.94
C LEU SA 22 -34.73 -58.08 93.69
N ARG SA 23 -34.31 -56.86 93.38
CA ARG SA 23 -34.86 -55.65 93.98
C ARG SA 23 -35.63 -54.77 93.00
N TYR SA 24 -35.31 -54.82 91.71
CA TYR SA 24 -35.96 -53.98 90.72
C TYR SA 24 -36.80 -54.76 89.72
N THR SA 25 -36.22 -55.73 89.03
CA THR SA 25 -36.93 -56.43 87.98
C THR SA 25 -38.03 -57.30 88.57
N ASP SA 26 -39.08 -57.52 87.78
CA ASP SA 26 -40.12 -58.44 88.18
C ASP SA 26 -39.58 -59.86 88.18
N ARG SA 27 -39.97 -60.63 89.20
CA ARG SA 27 -39.52 -62.01 89.28
C ARG SA 27 -40.15 -62.90 88.23
N ASP SA 28 -41.39 -62.61 87.82
CA ASP SA 28 -42.09 -63.47 86.87
C ASP SA 28 -41.38 -63.50 85.52
N PHE SA 29 -41.08 -62.32 84.97
CA PHE SA 29 -40.46 -62.27 83.65
C PHE SA 29 -39.01 -62.72 83.70
N TYR SA 30 -38.32 -62.45 84.80
CA TYR SA 30 -37.00 -63.02 84.97
C TYR SA 30 -37.06 -64.55 84.95
N PHE SA 31 -38.02 -65.13 85.65
CA PHE SA 31 -38.16 -66.58 85.65
C PHE SA 31 -38.48 -67.10 84.25
N ALA SA 32 -39.36 -66.40 83.53
CA ALA SA 32 -39.71 -66.84 82.18
C ALA SA 32 -38.49 -66.81 81.27
N SER SA 33 -37.70 -65.74 81.35
CA SER SA 33 -36.49 -65.66 80.53
C SER SA 33 -35.49 -66.75 80.92
N ILE SA 34 -35.38 -67.04 82.21
CA ILE SA 34 -34.48 -68.11 82.64
C ILE SA 34 -34.95 -69.45 82.08
N ARG SA 35 -36.27 -69.68 82.08
CA ARG SA 35 -36.80 -70.90 81.46
C ARG SA 35 -36.42 -70.95 80.00
N ARG SA 36 -36.62 -69.84 79.27
CA ARG SA 36 -36.30 -69.81 77.86
C ARG SA 36 -34.81 -70.01 77.61
N GLU SA 37 -33.96 -69.58 78.54
CA GLU SA 37 -32.52 -69.63 78.31
C GLU SA 37 -32.00 -71.06 78.19
N PHE SA 38 -32.79 -72.06 78.59
CA PHE SA 38 -32.45 -73.46 78.40
C PHE SA 38 -33.48 -74.23 77.59
N ARG SA 39 -34.76 -73.84 77.65
CA ARG SA 39 -35.81 -74.64 77.03
C ARG SA 39 -35.67 -74.68 75.52
N LYS SA 40 -35.33 -73.56 74.89
CA LYS SA 40 -35.38 -73.47 73.44
C LYS SA 40 -34.12 -73.99 72.76
N ASN SA 41 -33.06 -74.29 73.51
CA ASN SA 41 -31.79 -74.70 72.90
C ASN SA 41 -31.10 -75.87 73.58
N GLN SA 42 -31.52 -76.26 74.79
CA GLN SA 42 -30.76 -77.23 75.57
C GLN SA 42 -31.56 -78.51 75.77
N LYS SA 43 -32.11 -79.06 74.69
CA LYS SA 43 -32.91 -80.29 74.76
C LYS SA 43 -32.17 -81.51 74.23
N LEU SA 44 -31.97 -81.58 72.90
CA LEU SA 44 -31.51 -82.79 72.25
C LEU SA 44 -30.43 -82.52 71.21
N GLU SA 45 -29.73 -81.40 71.32
CA GLU SA 45 -28.77 -80.99 70.32
C GLU SA 45 -27.52 -81.87 70.40
N ASP SA 46 -26.50 -81.55 69.60
CA ASP SA 46 -25.29 -82.34 69.50
C ASP SA 46 -24.44 -82.20 70.77
N ALA SA 47 -23.47 -83.10 70.92
CA ALA SA 47 -22.62 -83.15 72.10
C ALA SA 47 -21.42 -82.21 72.02
N GLU SA 48 -21.27 -81.46 70.93
CA GLU SA 48 -20.16 -80.52 70.82
C GLU SA 48 -20.49 -79.17 71.43
N ALA SA 49 -21.63 -78.59 71.06
CA ALA SA 49 -22.02 -77.28 71.57
C ALA SA 49 -22.42 -77.32 73.05
N ARG SA 50 -22.58 -78.50 73.63
CA ARG SA 50 -23.02 -78.60 75.01
C ARG SA 50 -22.06 -77.85 75.92
N GLU SA 51 -20.75 -78.00 75.68
CA GLU SA 51 -19.78 -77.33 76.53
C GLU SA 51 -19.93 -75.82 76.43
N ARG SA 52 -20.07 -75.30 75.22
CA ARG SA 52 -20.17 -73.85 75.03
C ARG SA 52 -21.43 -73.30 75.70
N GLN SA 53 -22.56 -74.00 75.56
CA GLN SA 53 -23.80 -73.47 76.14
C GLN SA 53 -23.83 -73.64 77.66
N LEU SA 54 -23.26 -74.71 78.20
CA LEU SA 54 -23.08 -74.76 79.65
C LEU SA 54 -22.18 -73.62 80.11
N GLU SA 55 -21.14 -73.33 79.35
CA GLU SA 55 -20.23 -72.24 79.72
C GLU SA 55 -20.97 -70.91 79.74
N LYS SA 56 -21.80 -70.65 78.74
CA LYS SA 56 -22.50 -69.36 78.69
C LYS SA 56 -23.52 -69.27 79.80
N GLY SA 57 -24.23 -70.36 80.10
CA GLY SA 57 -25.11 -70.34 81.26
C GLY SA 57 -24.36 -70.04 82.54
N LEU SA 58 -23.23 -70.71 82.76
CA LEU SA 58 -22.49 -70.55 84.00
C LEU SA 58 -21.87 -69.16 84.11
N VAL SA 59 -21.44 -68.57 82.99
CA VAL SA 59 -20.86 -67.24 83.07
C VAL SA 59 -21.96 -66.19 83.22
N PHE SA 60 -23.17 -66.46 82.72
CA PHE SA 60 -24.30 -65.61 83.06
C PHE SA 60 -24.57 -65.65 84.56
N LEU SA 61 -24.48 -66.84 85.15
CA LEU SA 61 -24.62 -66.94 86.60
C LEU SA 61 -23.53 -66.16 87.31
N ASN SA 62 -22.28 -66.32 86.88
CA ASN SA 62 -21.15 -65.62 87.48
C ASN SA 62 -21.40 -64.12 87.43
N GLY SA 63 -21.45 -63.56 86.23
CA GLY SA 63 -21.83 -62.17 86.06
C GLY SA 63 -20.72 -61.17 86.28
N LYS SA 64 -19.54 -61.45 85.74
CA LYS SA 64 -18.48 -60.44 85.66
C LYS SA 64 -18.72 -59.46 84.52
N LEU SA 65 -19.72 -59.71 83.69
CA LEU SA 65 -20.08 -58.87 82.55
C LEU SA 65 -21.51 -58.36 82.70
N GLY SA 66 -21.86 -57.97 83.92
CA GLY SA 66 -23.18 -57.42 84.19
C GLY SA 66 -24.05 -58.32 85.04
N ARG SA 67 -24.44 -57.83 86.21
CA ARG SA 67 -25.32 -58.56 87.12
C ARG SA 67 -26.74 -58.05 86.97
N ILE SA 68 -27.66 -58.94 86.61
CA ILE SA 68 -29.06 -58.56 86.48
C ILE SA 68 -29.62 -58.22 87.85
N ILE SA 69 -29.90 -56.94 88.07
CA ILE SA 69 -30.46 -56.47 89.34
C ILE SA 69 -31.80 -55.80 89.05
N LEU TA 1 -46.80 -77.96 114.44
CA LEU TA 1 -46.69 -78.52 113.10
C LEU TA 1 -47.45 -79.84 113.00
N THR TA 2 -48.41 -79.90 112.06
CA THR TA 2 -49.22 -81.08 111.84
C THR TA 2 -48.83 -81.72 110.51
N LEU TA 3 -48.53 -83.01 110.54
CA LEU TA 3 -48.15 -83.70 109.32
C LEU TA 3 -49.27 -83.68 108.30
N GLU TA 4 -50.51 -83.89 108.74
CA GLU TA 4 -51.65 -83.82 107.83
C GLU TA 4 -51.76 -82.43 107.22
N GLY TA 5 -51.61 -81.39 108.05
CA GLY TA 5 -51.61 -80.04 107.51
C GLY TA 5 -50.47 -79.80 106.55
N ILE TA 6 -49.30 -80.39 106.85
CA ILE TA 6 -48.13 -80.20 105.99
C ILE TA 6 -48.39 -80.80 104.61
N GLN TA 7 -48.87 -82.05 104.57
CA GLN TA 7 -49.16 -82.67 103.28
C GLN TA 7 -50.28 -81.93 102.57
N ASP TA 8 -51.27 -81.44 103.32
CA ASP TA 8 -52.35 -80.69 102.71
C ASP TA 8 -51.84 -79.42 102.04
N ARG TA 9 -50.94 -78.68 102.72
CA ARG TA 9 -50.47 -77.43 102.16
C ARG TA 9 -49.53 -77.65 100.98
N VAL TA 10 -48.67 -78.68 101.04
CA VAL TA 10 -47.82 -78.96 99.89
C VAL TA 10 -48.67 -79.38 98.69
N LEU TA 11 -49.71 -80.20 98.93
CA LEU TA 11 -50.63 -80.54 97.86
C LEU TA 11 -51.30 -79.29 97.30
N TYR TA 12 -51.72 -78.38 98.18
CA TYR TA 12 -52.38 -77.16 97.74
C TYR TA 12 -51.47 -76.35 96.82
N VAL TA 13 -50.24 -76.07 97.28
CA VAL TA 13 -49.33 -75.24 96.49
C VAL TA 13 -48.99 -75.95 95.18
N LEU TA 14 -48.91 -77.28 95.19
CA LEU TA 14 -48.74 -78.01 93.94
C LEU TA 14 -49.93 -77.77 93.01
N LYS TA 15 -51.14 -77.79 93.56
CA LYS TA 15 -52.33 -77.53 92.75
C LYS TA 15 -52.28 -76.14 92.14
N LEU TA 16 -51.71 -75.18 92.87
CA LEU TA 16 -51.60 -73.82 92.34
C LEU TA 16 -50.86 -73.80 91.00
N TYR TA 17 -49.90 -74.71 90.81
CA TYR TA 17 -49.18 -74.79 89.55
C TYR TA 17 -50.15 -75.04 88.41
N ASP TA 18 -49.98 -74.31 87.31
CA ASP TA 18 -51.00 -74.26 86.27
C ASP TA 18 -50.85 -75.39 85.25
N LYS TA 19 -49.63 -75.71 84.84
CA LYS TA 19 -49.45 -76.63 83.72
C LYS TA 19 -49.85 -78.06 84.09
N ILE TA 20 -49.72 -78.44 85.37
CA ILE TA 20 -49.99 -79.82 85.75
C ILE TA 20 -51.44 -80.16 85.45
N ASP TA 21 -51.65 -81.34 84.87
CA ASP TA 21 -53.00 -81.86 84.68
C ASP TA 21 -53.46 -82.53 85.97
N PRO TA 22 -54.59 -82.11 86.57
CA PRO TA 22 -54.99 -82.71 87.84
C PRO TA 22 -55.57 -84.11 87.67
N GLU TA 23 -54.78 -85.02 87.11
CA GLU TA 23 -55.25 -86.37 86.84
C GLU TA 23 -54.90 -87.32 87.99
N LYS TA 24 -53.60 -87.51 88.24
CA LYS TA 24 -53.11 -88.35 89.34
C LYS TA 24 -52.02 -87.57 90.06
N LEU TA 25 -52.44 -86.61 90.89
CA LEU TA 25 -51.52 -85.93 91.81
C LEU TA 25 -51.66 -86.53 93.20
N SER TA 26 -51.30 -87.81 93.31
CA SER TA 26 -51.48 -88.56 94.53
C SER TA 26 -50.32 -88.30 95.50
N VAL TA 27 -50.42 -88.90 96.69
CA VAL TA 27 -49.35 -88.76 97.67
C VAL TA 27 -48.05 -89.32 97.12
N ASN TA 28 -48.13 -90.30 96.23
CA ASN TA 28 -46.97 -90.91 95.58
C ASN TA 28 -46.92 -90.59 94.09
N SER TA 29 -47.33 -89.39 93.70
CA SER TA 29 -47.39 -89.02 92.28
C SER TA 29 -46.02 -89.07 91.66
N HIS TA 30 -45.85 -89.94 90.66
CA HIS TA 30 -44.62 -89.95 89.87
C HIS TA 30 -44.68 -88.84 88.81
N PHE TA 31 -43.52 -88.47 88.31
CA PHE TA 31 -43.39 -87.36 87.37
C PHE TA 31 -43.04 -87.79 85.96
N MET TA 32 -42.02 -88.64 85.80
CA MET TA 32 -41.55 -88.96 84.46
C MET TA 32 -42.60 -89.70 83.64
N LYS TA 33 -43.28 -90.66 84.25
CA LYS TA 33 -44.22 -91.52 83.54
C LYS TA 33 -45.68 -91.19 83.82
N ASP TA 34 -46.05 -91.01 85.09
CA ASP TA 34 -47.44 -90.75 85.41
C ASP TA 34 -47.93 -89.46 84.80
N LEU TA 35 -47.11 -88.41 84.85
CA LEU TA 35 -47.48 -87.09 84.33
C LEU TA 35 -46.75 -86.72 83.06
N GLY TA 36 -45.50 -87.17 82.90
CA GLY TA 36 -44.71 -86.83 81.74
C GLY TA 36 -43.72 -85.71 81.95
N LEU TA 37 -43.55 -85.22 83.18
CA LEU TA 37 -42.63 -84.14 83.47
C LEU TA 37 -41.18 -84.61 83.29
N ASP TA 38 -40.24 -83.68 83.47
CA ASP TA 38 -38.82 -83.95 83.28
C ASP TA 38 -38.03 -83.24 84.37
N SER TA 39 -36.70 -83.21 84.22
CA SER TA 39 -35.84 -82.71 85.28
C SER TA 39 -36.13 -81.23 85.57
N LEU TA 40 -36.27 -80.42 84.53
CA LEU TA 40 -36.52 -79.00 84.75
C LEU TA 40 -37.87 -78.80 85.45
N ASP TA 41 -38.88 -79.56 85.05
CA ASP TA 41 -40.19 -79.43 85.69
C ASP TA 41 -40.11 -79.75 87.18
N GLN TA 42 -39.43 -80.84 87.54
CA GLN TA 42 -39.38 -81.22 88.94
C GLN TA 42 -38.51 -80.29 89.76
N VAL TA 43 -37.41 -79.79 89.20
CA VAL TA 43 -36.58 -78.85 89.94
C VAL TA 43 -37.36 -77.56 90.19
N GLU TA 44 -38.11 -77.10 89.18
CA GLU TA 44 -38.96 -75.94 89.39
C GLU TA 44 -40.04 -76.21 90.43
N ILE TA 45 -40.63 -77.41 90.41
CA ILE TA 45 -41.67 -77.74 91.37
C ILE TA 45 -41.13 -77.74 92.78
N ILE TA 46 -39.92 -78.27 92.97
CA ILE TA 46 -39.33 -78.28 94.30
C ILE TA 46 -38.98 -76.84 94.74
N MET TA 47 -38.46 -76.04 93.81
CA MET TA 47 -38.22 -74.64 94.15
C MET TA 47 -39.51 -73.96 94.59
N ALA TA 48 -40.61 -74.26 93.91
CA ALA TA 48 -41.91 -73.74 94.33
C ALA TA 48 -42.27 -74.25 95.72
N MET TA 49 -41.96 -75.52 96.00
CA MET TA 49 -42.13 -76.03 97.35
C MET TA 49 -41.33 -75.20 98.34
N GLU TA 50 -40.25 -74.57 97.88
CA GLU TA 50 -39.44 -73.66 98.69
C GLU TA 50 -39.85 -72.20 98.48
N ASP TA 51 -41.13 -71.93 98.23
CA ASP TA 51 -41.61 -70.58 97.97
C ASP TA 51 -42.33 -69.96 99.16
N GLU TA 52 -43.00 -70.78 99.97
CA GLU TA 52 -43.72 -70.31 101.15
C GLU TA 52 -43.11 -70.82 102.44
N PHE TA 53 -42.93 -72.14 102.56
CA PHE TA 53 -42.33 -72.75 103.74
C PHE TA 53 -41.09 -73.54 103.34
N GLY TA 54 -40.09 -73.51 104.21
CA GLY TA 54 -38.83 -74.20 103.97
C GLY TA 54 -37.64 -73.26 103.99
N PHE TA 55 -36.98 -73.13 102.84
CA PHE TA 55 -35.81 -72.26 102.64
C PHE TA 55 -34.56 -72.79 103.31
N GLU TA 56 -34.61 -73.98 103.92
CA GLU TA 56 -33.44 -74.57 104.56
C GLU TA 56 -32.92 -75.81 103.87
N ILE TA 57 -33.73 -76.47 103.04
CA ILE TA 57 -33.33 -77.72 102.40
C ILE TA 57 -32.27 -77.42 101.36
N PRO TA 58 -31.06 -77.99 101.46
CA PRO TA 58 -30.06 -77.78 100.41
C PRO TA 58 -30.53 -78.36 99.09
N ASP TA 59 -30.04 -77.75 98.01
CA ASP TA 59 -30.43 -78.19 96.67
C ASP TA 59 -29.97 -79.61 96.39
N ILE TA 60 -28.80 -79.99 96.91
CA ILE TA 60 -28.23 -81.30 96.62
C ILE TA 60 -29.21 -82.41 97.03
N ASP TA 61 -29.85 -82.25 98.19
CA ASP TA 61 -30.73 -83.31 98.68
C ASP TA 61 -31.92 -83.51 97.74
N ALA TA 62 -32.46 -82.43 97.20
CA ALA TA 62 -33.72 -82.51 96.47
C ALA TA 62 -33.67 -83.47 95.29
N GLU TA 63 -32.48 -83.78 94.76
CA GLU TA 63 -32.37 -84.67 93.62
C GLU TA 63 -32.59 -86.14 93.97
N LYS TA 64 -32.46 -86.52 95.24
CA LYS TA 64 -32.65 -87.90 95.64
C LYS TA 64 -34.08 -88.21 96.06
N LEU TA 65 -34.96 -87.21 96.07
CA LEU TA 65 -36.35 -87.44 96.48
C LEU TA 65 -37.17 -87.97 95.31
N MET TA 66 -37.38 -87.15 94.29
CA MET TA 66 -38.07 -87.55 93.05
C MET TA 66 -39.40 -88.24 93.34
N CYS TA 67 -40.00 -87.94 94.49
CA CYS TA 67 -41.30 -88.50 94.84
C CYS TA 67 -41.93 -87.60 95.88
N PRO TA 68 -43.18 -87.17 95.72
CA PRO TA 68 -43.73 -86.16 96.62
C PRO TA 68 -43.74 -86.57 98.09
N GLN TA 69 -44.00 -87.84 98.42
CA GLN TA 69 -44.16 -88.20 99.82
C GLN TA 69 -42.83 -88.14 100.56
N GLU TA 70 -41.73 -88.50 99.91
CA GLU TA 70 -40.43 -88.33 100.55
C GLU TA 70 -40.15 -86.85 100.81
N ILE TA 71 -40.55 -85.99 99.87
CA ILE TA 71 -40.36 -84.55 100.06
C ILE TA 71 -41.17 -84.08 101.25
N VAL TA 72 -42.42 -84.54 101.36
CA VAL TA 72 -43.27 -84.17 102.50
C VAL TA 72 -42.62 -84.60 103.80
N ASP TA 73 -42.14 -85.84 103.86
CA ASP TA 73 -41.52 -86.32 105.09
C ASP TA 73 -40.27 -85.51 105.43
N TYR TA 74 -39.46 -85.21 104.42
CA TYR TA 74 -38.23 -84.47 104.66
C TYR TA 74 -38.53 -83.07 105.19
N ILE TA 75 -39.47 -82.36 104.55
CA ILE TA 75 -39.77 -81.01 104.99
C ILE TA 75 -40.49 -81.01 106.33
N ALA TA 76 -41.20 -82.09 106.66
CA ALA TA 76 -41.88 -82.16 107.95
C ALA TA 76 -40.88 -82.41 109.08
N ASP TA 77 -39.93 -83.32 108.87
CA ASP TA 77 -39.00 -83.70 109.93
C ASP TA 77 -37.72 -82.88 109.96
N LYS TA 78 -37.51 -81.99 108.98
CA LYS TA 78 -36.32 -81.16 108.97
C LYS TA 78 -36.47 -79.92 109.84
N LYS TA 79 -37.66 -79.32 109.89
CA LYS TA 79 -37.89 -78.13 110.69
C LYS TA 79 -37.93 -78.48 112.18
N PHE WA 1 -55.65 -6.69 52.32
CA PHE WA 1 -55.74 -5.75 51.22
C PHE WA 1 -55.73 -6.46 49.88
N LYS WA 2 -56.80 -6.29 49.12
CA LYS WA 2 -56.87 -6.70 47.73
C LYS WA 2 -56.63 -5.47 46.87
N ASN WA 3 -55.55 -5.47 46.09
CA ASN WA 3 -55.28 -4.36 45.20
C ASN WA 3 -56.37 -4.30 44.14
N LYS WA 4 -56.93 -3.10 43.95
CA LYS WA 4 -57.96 -2.89 42.94
C LYS WA 4 -57.74 -1.53 42.29
N THR WA 5 -58.21 -1.40 41.06
CA THR WA 5 -58.08 -0.16 40.30
C THR WA 5 -59.22 0.81 40.55
N VAL WA 6 -60.36 0.31 41.02
CA VAL WA 6 -61.47 1.16 41.46
C VAL WA 6 -61.97 0.63 42.80
N LEU WA 7 -61.87 1.47 43.83
CA LEU WA 7 -62.20 1.07 45.19
C LEU WA 7 -63.72 1.15 45.36
N LYS WA 8 -64.34 0.00 45.54
CA LYS WA 8 -65.78 -0.09 45.80
C LYS WA 8 -65.98 -0.65 47.19
N LYS WA 9 -66.61 0.13 48.06
CA LYS WA 9 -66.98 -0.39 49.36
C LYS WA 9 -68.10 -1.40 49.20
N ARG WA 10 -68.23 -2.29 50.19
CA ARG WA 10 -69.16 -3.41 50.11
C ARG WA 10 -70.28 -3.33 51.14
N CYS WA 11 -69.96 -3.21 52.43
CA CYS WA 11 -70.99 -3.06 53.45
C CYS WA 11 -71.02 -1.62 53.95
N LYS WA 12 -71.86 -1.37 54.95
CA LYS WA 12 -72.18 -0.01 55.35
C LYS WA 12 -71.36 0.51 56.51
N ASP WA 13 -70.36 -0.24 56.99
CA ASP WA 13 -69.52 0.21 58.09
C ASP WA 13 -68.06 0.43 57.67
N CYS WA 14 -67.76 0.27 56.38
CA CYS WA 14 -66.43 0.56 55.89
C CYS WA 14 -66.37 2.00 55.42
N TYR WA 15 -65.15 2.51 55.33
CA TYR WA 15 -64.94 3.90 54.94
C TYR WA 15 -63.73 4.04 54.07
N LEU WA 16 -63.87 4.88 53.03
CA LEU WA 16 -62.73 5.33 52.26
C LEU WA 16 -61.83 6.19 53.14
N VAL WA 17 -60.53 6.13 52.89
CA VAL WA 17 -59.59 6.99 53.56
C VAL WA 17 -58.40 7.21 52.64
N LYS WA 18 -57.63 8.24 52.94
CA LYS WA 18 -56.37 8.51 52.26
C LYS WA 18 -55.28 8.38 53.31
N ARG WA 19 -54.41 7.39 53.13
CA ARG WA 19 -53.29 7.17 54.04
C ARG WA 19 -52.03 6.98 53.24
N ARG WA 20 -50.92 7.51 53.75
CA ARG WA 20 -49.60 7.37 53.14
C ARG WA 20 -49.59 7.79 51.67
N GLY WA 21 -50.58 8.56 51.23
CA GLY WA 21 -50.61 9.01 49.86
C GLY WA 21 -51.40 8.15 48.91
N ARG WA 22 -52.24 7.26 49.41
CA ARG WA 22 -52.97 6.32 48.58
C ARG WA 22 -54.35 6.11 49.19
N TRP WA 23 -55.29 5.67 48.35
CA TRP WA 23 -56.68 5.52 48.76
C TRP WA 23 -56.94 4.10 49.23
N TYR WA 24 -57.34 3.95 50.49
CA TYR WA 24 -57.67 2.65 51.05
C TYR WA 24 -59.14 2.63 51.43
N VAL WA 25 -59.63 1.43 51.71
CA VAL WA 25 -61.02 1.22 52.13
C VAL WA 25 -60.97 0.32 53.36
N TYR WA 26 -61.03 0.92 54.53
CA TYR WA 26 -60.91 0.14 55.77
C TYR WA 26 -62.29 -0.26 56.26
N CYS WA 27 -62.30 -1.24 57.16
CA CYS WA 27 -63.53 -1.74 57.73
C CYS WA 27 -63.24 -2.33 59.10
N LYS WA 28 -64.13 -2.09 60.06
CA LYS WA 28 -63.94 -2.60 61.41
C LYS WA 28 -64.65 -3.94 61.58
N THR WA 29 -65.96 -3.96 61.38
CA THR WA 29 -66.71 -5.20 61.34
C THR WA 29 -66.76 -5.70 59.90
N HIS WA 30 -66.50 -6.99 59.73
CA HIS WA 30 -66.25 -7.59 58.42
C HIS WA 30 -64.93 -7.08 57.85
N PRO WA 31 -63.79 -7.37 58.47
CA PRO WA 31 -62.52 -6.87 57.93
C PRO WA 31 -62.08 -7.57 56.64
N ARG WA 32 -62.93 -8.44 56.10
CA ARG WA 32 -62.55 -9.23 54.94
C ARG WA 32 -62.42 -8.40 53.68
N HIS WA 33 -62.84 -7.13 53.69
CA HIS WA 33 -62.79 -6.33 52.48
C HIS WA 33 -62.05 -5.02 52.70
N LYS WA 34 -60.87 -5.09 53.31
CA LYS WA 34 -59.91 -4.02 53.13
C LYS WA 34 -59.52 -3.95 51.67
N GLN WA 35 -59.04 -2.79 51.23
CA GLN WA 35 -58.57 -2.64 49.87
C GLN WA 35 -57.42 -1.64 49.81
N ARG WA 36 -56.67 -1.73 48.72
CA ARG WA 36 -55.61 -0.78 48.41
C ARG WA 36 -55.73 -0.40 46.94
N GLN WA 37 -55.39 0.84 46.63
CA GLN WA 37 -55.37 1.28 45.25
C GLN WA 37 -54.34 0.51 44.45
MG MG XA . -0.93 -28.14 30.41
ZN ZN YA . 44.60 -0.11 47.72
ZN ZN ZA . -67.07 32.82 46.48
MG MG AB . -54.65 -0.65 -18.77
MG MG BB . -42.95 7.36 -30.25
MG MG CB . 0.44 -0.71 -58.17
MG MG DB . -15.07 -12.79 -27.80
MG MG EB . 15.96 17.22 9.96
MG MG FB . 20.85 1.83 -14.26
MG MG GB . 14.74 -42.36 -9.66
MG MG HB . 7.90 -8.95 -22.75
MG MG IB . -22.24 28.43 -9.04
MG MG JB . -25.87 38.65 1.57
MG MG KB . 42.40 -40.26 4.29
MG MG LB . 25.78 -24.63 28.02
MG MG MB . 20.41 -17.51 31.98
MG MG NB . 14.11 -13.94 27.72
MG MG OB . 2.33 5.77 -1.94
MG MG PB . -5.95 -4.07 -18.73
MG MG QB . 2.57 -2.19 31.15
MG MG RB . 19.44 -7.04 28.69
MG MG SB . -3.62 -43.87 49.93
MG MG TB . 37.53 -38.99 25.81
MG MG UB . -4.10 -39.55 46.54
MG MG VB . 5.87 -4.64 25.37
MG MG WB . -60.86 11.90 -52.38
MG MG XB . -31.13 -10.33 -28.03
MG MG YB . -0.96 -9.79 -16.72
MG MG ZB . -4.16 -0.43 7.12
MG MG AC . -22.70 4.02 24.63
MG MG BC . -22.59 -5.88 -16.37
MG MG CC . -24.61 -9.94 -18.53
MG MG DC . -34.29 -12.12 -25.79
MG MG EC . -37.79 -7.64 -24.99
MG MG FC . -13.10 4.66 17.17
MG MG GC . -44.62 1.42 -19.40
MG MG HC . 4.60 12.91 -15.88
MG MG IC . 19.07 -1.54 -14.54
MG MG JC . 20.59 -21.33 36.61
MG MG KC . -53.08 32.48 -23.19
MG MG LC . 9.21 33.62 -14.85
MG MG MC . 8.20 30.60 -21.08
MG MG NC . 49.31 -40.53 -6.47
MG MG OC . 46.85 -50.33 -7.41
MG MG PC . 1.08 -30.93 50.15
MG MG QC . 2.02 -30.66 49.56
MG MG RC . -25.95 39.43 15.80
MG MG SC . 14.65 2.09 -18.28
MG MG TC . -17.98 -18.50 -19.58
MG MG UC . -3.44 16.41 -25.05
MG MG VC . -2.74 -53.88 9.17
MG MG WC . -6.46 -51.05 12.33
ZN ZN XC . -67.17 -3.19 55.07
#